data_8W1S
#
_entry.id   8W1S
#
_cell.length_a   1.00
_cell.length_b   1.00
_cell.length_c   1.00
_cell.angle_alpha   90.00
_cell.angle_beta   90.00
_cell.angle_gamma   90.00
#
_symmetry.space_group_name_H-M   'P 1'
#
loop_
_entity.id
_entity.type
_entity.pdbx_description
1 polymer 'Core protein VP3'
2 polymer 'RNA-directed RNA polymerase'
#
loop_
_entity_poly.entity_id
_entity_poly.type
_entity_poly.pdbx_seq_one_letter_code
_entity_poly.pdbx_strand_id
1 'polypeptide(L)'
;MAAQNEQRPERIKTTPYLEGDVLSSDSGPLLSVFALQEIMQKVRQVQADYMTATREVDFTVPDVQKILDDIKALAAEQVY
KIVKVPSISFRHIVMQSRDRVLRVDTYYEEMSQVGDVITEDEPEKFYSTIIKKVRFIRGKGSFILHDIPTRDHRGMEVAE
PEVLGVEFKNVLPVLTAEHRAMIQNALDGSIIENGNVATRDVDVFIGACSEPVYRIYNRLQGYIEAVQLQELRNSIGWLE
RLGHRKRITYSQEVLTDFRRQDTIWVLALQLPVNPQVVWDVPRSSIANLIMNIATCLPTGEYIAPNPRISSITLTQRITT
TGPFAILTGSTPTAQQLNDVRKIYLALMFPGQIILDLKIDPGERMDPAVRMVAGVVGHLLFTAGGRFTNLTQNMARQLDI
ALNDYLLYMYNTRVQVNYGPTGEPLDFQIGRNQYDCNVFRADFATGTGYNGWATIDVEYREPAPYVHAQRYIRYCGIDSR
ELINPTTYGIGMTYHCYNEMLRMLVAAGKDSEAAYFRSMLPFHMVRFARINQIINEDLHSVFSLPDDMFNALLPDLIAGA
HQNADPVVLDVSWISLWFAFNRSFEPTHRNEMLEVAPLIESVYASELSVMKVDMRHLSLMQRRFPDVLIQARPSHFWKAV
LNDSPEAVKAVMNLSHSHNFINIRDMMRWVMLPSLQPSLKLALEEEAWAAANDFEDLMLTDQVYMHRDMLPEPRLDDIER
FRQEGFYYTNMLEAPPEIDRVVQYTYEIARLQANMGQFRAALRRIMDDDDWVRFGGVLRTVRVKFYDARPPDDVLQGLPF
SYDTNERGGLAYATIKYATETTIFYLIYNVEFSNTPDSLVLINPTYTMTKVFINKRIVERVRVGQILAVLNRRFVAYKGK
MRIMDITQSLKMGTKLAAPTV
;
A,B,C,D,E,F,G,H,I,J
2 'polypeptide(L)'
;MVAITVQGAQLIKRVVERFYPGIAFNINEGACYIYKFSDHIRRIRMKHGTKYRRQAEEIIRNISLRKERLYGIPVLDEVE
WKYVFDGQTFQSYAFEVYVNSILPWSELDPEEEFLRNYRVSREMTEVEKFIEFRAKNEMQIYGDIPIKVWCCFINELSAE
LKHVPLGMQVMADFVNRFDSPFHQGNRDLSNLEDFQVAYTTPLLFEMCCMESILEFNIKMRMREEEISALEFGDMKVDPV
GLLREFFILCLPHPKKINNVLRAPYSWFVKMWGVGADPIVVLQSTAGDDRNSKDVFYDKFRTEPNRYKALFRSSFYNESR
RMNEEKILEAVKYSQKLGSHDRRLPLFEKMLKTVYTTPFYPHKSSNMILASFLLSIQTITGYGRAWVKNVSTEFDKQLKP
NPSNLVQDVSDLTREFFKQAYVEAKERREEIVKPEDLYTSMLRLARNTSSGFSTEIYVKKRFGPRLRDKDLIKINSRIKA
LVIFTKGHTVFTDEELHKKYNSVELYQTKGSRDVPIKATRTIYSINLSVLVPQLIVTLPLNEYFSRVGGITSPDYKKIGG
KVIVGDLEATGSRVMDAADCFRNSADRDIFTIAIDYSEYDTHLTRHNFRTGMLQGIREAMAPYRDLRYEGYTLEQIIDFG
YGEGRVANTLWNGKRRLFKTTFDAYIRLDESERDKGSFKVPKGVLPVSSVDVANRIAVDKGFDTLIAATDGSDLALIDTH
LSGENSTLIANSMHNMAIGTLMQREVGREQPGVLTFLSEQYVGDDTLFYTKLHTTDTKVFDKVAASIFDTVAKCGHEASP
SKTMMTPYSVEKTQTHAKQGCYVPQDRMMIISSERRKDIEDVQGYVRSQVQTMITKVSRGFCHDLAQLILMLKTTFIGAW
KMKRTIKEDAMYRDRKFDSNDEDGFTLIQIRNPLALYVPIGWNGYGAHPAALNIVMTEEMYVDSIMISKLDEIMAPIRRI
VHDIPPCWNETQGDKRGLISATKMSFFSKMARPAVQAALSDPQIINLVEELPLGEFSPGRISRTMMHSALLKESSARTLL
SSGYELEYQKALNSWITQVSMRLGEESGVISTSYAKLFDVYFEGELDGAPHMFPDQNLSPQFYIQKMMIGPRVSSRVRNS
YVDRIDVILRKDVVMRGFITANTILNVIEKLGTNHSVGDLVTVFTLMNIETRVAEELAEYMTSEKIRFDALKLLKKGIAG
DEFTMSLNVATQDFIDTYLAYPYQLTKTEVDAISLYCTQMIMLRAALGLPKKKMKIVVTDDAKKRYKIRLQRFRTHVPKI
KVLKKLIDPNRMTVRNLENQFV
;
K
#
# COMPACT_ATOMS: atom_id res chain seq x y z
N ALA A 35 -11.47 28.89 -34.93
CA ALA A 35 -12.19 30.15 -34.93
C ALA A 35 -13.25 30.16 -33.83
N LEU A 36 -13.71 31.36 -33.47
CA LEU A 36 -14.64 31.49 -32.36
C LEU A 36 -16.09 31.27 -32.77
N GLN A 37 -16.41 31.28 -34.06
CA GLN A 37 -17.80 31.18 -34.48
C GLN A 37 -18.37 29.80 -34.19
N GLU A 38 -17.58 28.75 -34.42
CA GLU A 38 -18.06 27.41 -34.10
C GLU A 38 -18.26 27.23 -32.60
N ILE A 39 -17.49 27.95 -31.78
CA ILE A 39 -17.72 27.93 -30.35
C ILE A 39 -18.99 28.69 -30.01
N MET A 40 -19.22 29.84 -30.65
CA MET A 40 -20.37 30.68 -30.33
C MET A 40 -21.68 30.10 -30.82
N GLN A 41 -21.66 29.18 -31.78
CA GLN A 41 -22.91 28.61 -32.29
C GLN A 41 -23.70 27.92 -31.19
N LYS A 42 -23.06 27.03 -30.42
CA LYS A 42 -23.77 26.27 -29.40
C LYS A 42 -24.33 27.18 -28.32
N VAL A 43 -23.53 28.16 -27.89
CA VAL A 43 -23.99 29.15 -26.93
C VAL A 43 -25.15 29.94 -27.50
N ARG A 44 -25.21 30.10 -28.82
CA ARG A 44 -26.35 30.78 -29.42
C ARG A 44 -27.59 29.91 -29.38
N GLN A 45 -27.47 28.63 -29.71
CA GLN A 45 -28.68 27.80 -29.75
C GLN A 45 -29.24 27.57 -28.36
N VAL A 46 -28.40 27.53 -27.33
CA VAL A 46 -28.97 27.29 -26.00
C VAL A 46 -29.80 28.48 -25.54
N GLN A 47 -29.44 29.70 -25.96
CA GLN A 47 -30.29 30.84 -25.65
C GLN A 47 -31.65 30.72 -26.33
N ALA A 48 -31.68 30.25 -27.58
CA ALA A 48 -32.95 30.06 -28.26
C ALA A 48 -33.79 29.01 -27.55
N ASP A 49 -33.15 27.93 -27.10
CA ASP A 49 -33.88 26.93 -26.33
C ASP A 49 -34.43 27.52 -25.03
N TYR A 50 -33.64 28.37 -24.37
CA TYR A 50 -34.11 29.00 -23.14
C TYR A 50 -35.31 29.88 -23.39
N MET A 51 -35.28 30.65 -24.49
CA MET A 51 -36.42 31.48 -24.85
C MET A 51 -37.63 30.63 -25.19
N THR A 52 -37.42 29.48 -25.83
CA THR A 52 -38.52 28.59 -26.14
C THR A 52 -39.18 28.05 -24.89
N ALA A 53 -38.37 27.71 -23.87
CA ALA A 53 -38.90 27.09 -22.67
C ALA A 53 -39.84 28.01 -21.92
N THR A 54 -39.50 29.29 -21.83
CA THR A 54 -40.22 30.24 -20.99
C THR A 54 -41.28 31.03 -21.74
N ARG A 55 -41.74 30.54 -22.88
CA ARG A 55 -42.68 31.31 -23.68
C ARG A 55 -44.08 31.34 -23.07
N GLU A 56 -44.54 30.21 -22.55
CA GLU A 56 -45.91 30.07 -22.07
C GLU A 56 -45.96 30.08 -20.55
N VAL A 57 -46.92 30.81 -20.00
CA VAL A 57 -47.13 30.82 -18.56
C VAL A 57 -47.63 29.46 -18.11
N ASP A 58 -47.15 29.01 -16.96
CA ASP A 58 -47.39 27.65 -16.49
C ASP A 58 -48.29 27.67 -15.26
N PHE A 59 -49.17 26.66 -15.16
CA PHE A 59 -50.02 26.47 -13.99
C PHE A 59 -50.06 25.01 -13.57
N THR A 60 -49.06 24.22 -13.95
CA THR A 60 -49.08 22.78 -13.67
C THR A 60 -48.82 22.46 -12.22
N VAL A 61 -48.43 23.44 -11.40
CA VAL A 61 -48.20 23.18 -9.98
C VAL A 61 -49.09 24.12 -9.16
N PRO A 62 -49.82 23.60 -8.18
CA PRO A 62 -50.66 24.48 -7.35
C PRO A 62 -49.90 25.10 -6.20
N ASP A 63 -50.57 25.94 -5.43
CA ASP A 63 -49.98 26.62 -4.28
C ASP A 63 -50.78 26.23 -3.04
N VAL A 64 -50.36 25.14 -2.40
CA VAL A 64 -51.12 24.61 -1.27
C VAL A 64 -51.06 25.54 -0.07
N GLN A 65 -49.91 26.20 0.13
CA GLN A 65 -49.78 27.12 1.26
C GLN A 65 -50.77 28.27 1.15
N LYS A 66 -51.02 28.75 -0.06
CA LYS A 66 -52.01 29.81 -0.25
C LYS A 66 -53.40 29.32 0.14
N ILE A 67 -53.74 28.07 -0.23
CA ILE A 67 -55.03 27.51 0.14
C ILE A 67 -55.16 27.41 1.65
N LEU A 68 -54.12 26.92 2.32
CA LEU A 68 -54.17 26.77 3.77
C LEU A 68 -54.31 28.12 4.46
N ASP A 69 -53.58 29.13 3.97
CA ASP A 69 -53.70 30.47 4.55
C ASP A 69 -55.10 31.03 4.34
N ASP A 70 -55.68 30.79 3.16
CA ASP A 70 -57.02 31.29 2.88
C ASP A 70 -58.05 30.64 3.80
N ILE A 71 -57.93 29.33 4.03
CA ILE A 71 -58.87 28.66 4.93
C ILE A 71 -58.70 29.16 6.35
N LYS A 72 -57.45 29.37 6.78
CA LYS A 72 -57.21 29.89 8.12
C LYS A 72 -57.81 31.28 8.28
N ALA A 73 -57.68 32.12 7.25
CA ALA A 73 -58.28 33.45 7.31
C ALA A 73 -59.81 33.37 7.32
N LEU A 74 -60.37 32.43 6.55
CA LEU A 74 -61.82 32.29 6.49
C LEU A 74 -62.39 31.77 7.80
N ALA A 75 -61.58 31.08 8.60
CA ALA A 75 -62.06 30.58 9.88
C ALA A 75 -62.42 31.69 10.86
N ALA A 76 -61.94 32.91 10.63
CA ALA A 76 -62.17 34.02 11.55
C ALA A 76 -63.29 34.94 11.11
N GLU A 77 -64.06 34.56 10.10
CA GLU A 77 -65.19 35.37 9.65
C GLU A 77 -66.29 35.35 10.70
N GLN A 78 -66.93 36.50 10.90
CA GLN A 78 -67.99 36.64 11.89
C GLN A 78 -69.34 36.73 11.17
N VAL A 79 -70.31 35.95 11.65
CA VAL A 79 -71.61 35.84 11.00
C VAL A 79 -72.68 36.63 11.74
N TYR A 80 -72.81 36.40 13.04
CA TYR A 80 -73.84 37.03 13.84
C TYR A 80 -73.44 38.45 14.24
N LYS A 81 -74.36 39.15 14.89
CA LYS A 81 -74.11 40.48 15.45
C LYS A 81 -74.68 40.53 16.85
N ILE A 82 -74.15 41.45 17.66
CA ILE A 82 -74.65 41.69 19.01
C ILE A 82 -75.20 43.11 19.05
N VAL A 83 -76.48 43.24 19.33
CA VAL A 83 -77.16 44.53 19.29
C VAL A 83 -77.93 44.74 20.59
N LYS A 84 -78.22 46.02 20.86
CA LYS A 84 -79.03 46.37 22.02
C LYS A 84 -80.51 46.39 21.69
N VAL A 85 -80.87 46.82 20.49
CA VAL A 85 -82.26 47.01 20.09
C VAL A 85 -82.46 46.30 18.75
N PRO A 86 -83.49 45.47 18.60
CA PRO A 86 -83.74 44.85 17.30
C PRO A 86 -84.21 45.87 16.28
N SER A 87 -84.01 45.53 15.01
CA SER A 87 -84.40 46.41 13.92
C SER A 87 -85.91 46.51 13.82
N ILE A 88 -86.37 47.60 13.20
CA ILE A 88 -87.79 47.90 13.11
C ILE A 88 -88.44 46.98 12.08
N SER A 89 -89.56 46.36 12.45
CA SER A 89 -90.28 45.48 11.56
C SER A 89 -91.56 46.10 11.01
N PHE A 90 -92.28 46.88 11.80
CA PHE A 90 -93.50 47.54 11.38
C PHE A 90 -93.36 49.04 11.56
N ARG A 91 -93.81 49.81 10.57
CA ARG A 91 -93.87 51.25 10.70
C ARG A 91 -95.29 51.71 10.36
N HIS A 92 -95.56 52.99 10.61
CA HIS A 92 -96.90 53.51 10.49
C HIS A 92 -96.89 54.76 9.62
N ILE A 93 -97.87 54.84 8.71
CA ILE A 93 -98.09 56.00 7.88
C ILE A 93 -99.34 56.71 8.39
N VAL A 94 -99.21 58.01 8.64
CA VAL A 94 -100.28 58.83 9.19
C VAL A 94 -100.86 59.70 8.09
N MET A 95 -102.17 59.94 8.16
CA MET A 95 -102.88 60.82 7.27
C MET A 95 -103.54 61.94 8.05
N GLN A 96 -104.42 62.66 7.37
CA GLN A 96 -105.24 63.71 7.97
C GLN A 96 -106.22 63.18 9.01
N SER A 97 -106.27 61.89 9.28
CA SER A 97 -107.14 61.34 10.31
C SER A 97 -106.44 61.31 11.65
N ARG A 98 -107.24 61.19 12.71
CA ARG A 98 -106.73 61.16 14.08
C ARG A 98 -107.05 59.84 14.78
N ASP A 99 -107.65 58.88 14.09
CA ASP A 99 -108.02 57.61 14.71
C ASP A 99 -107.49 56.39 13.98
N ARG A 100 -107.10 56.50 12.72
CA ARG A 100 -106.65 55.35 11.94
C ARG A 100 -105.34 55.67 11.25
N VAL A 101 -104.48 54.65 11.12
CA VAL A 101 -103.21 54.77 10.44
C VAL A 101 -103.02 53.54 9.56
N LEU A 102 -101.93 53.53 8.79
CA LEU A 102 -101.56 52.37 7.98
C LEU A 102 -100.33 51.69 8.59
N ARG A 103 -100.49 50.42 8.94
CA ARG A 103 -99.41 49.57 9.38
C ARG A 103 -98.75 48.95 8.14
N VAL A 104 -97.45 49.16 8.01
CA VAL A 104 -96.67 48.69 6.87
C VAL A 104 -95.55 47.81 7.38
N ASP A 105 -95.43 46.62 6.81
CA ASP A 105 -94.36 45.69 7.13
C ASP A 105 -93.15 46.00 6.26
N THR A 106 -92.03 46.35 6.88
CA THR A 106 -90.87 46.79 6.14
C THR A 106 -90.12 45.64 5.48
N TYR A 107 -90.39 44.39 5.88
CA TYR A 107 -89.66 43.26 5.33
C TYR A 107 -89.90 43.13 3.83
N TYR A 108 -91.16 43.25 3.40
CA TYR A 108 -91.46 43.13 1.99
C TYR A 108 -90.94 44.34 1.20
N GLU A 109 -90.97 45.52 1.83
CA GLU A 109 -90.42 46.71 1.20
C GLU A 109 -88.93 46.55 0.92
N GLU A 110 -88.19 46.00 1.88
CA GLU A 110 -86.77 45.76 1.65
C GLU A 110 -86.54 44.58 0.72
N MET A 111 -87.46 43.62 0.72
CA MET A 111 -87.29 42.40 -0.07
C MET A 111 -87.49 42.65 -1.55
N SER A 112 -88.37 43.59 -1.90
CA SER A 112 -88.69 43.82 -3.30
C SER A 112 -87.53 44.41 -4.11
N GLN A 113 -86.47 44.88 -3.45
CA GLN A 113 -85.37 45.54 -4.15
C GLN A 113 -84.07 44.73 -4.07
N VAL A 114 -84.16 43.41 -4.00
CA VAL A 114 -82.99 42.54 -3.90
C VAL A 114 -82.99 41.61 -5.11
N GLY A 115 -81.89 41.60 -5.84
CA GLY A 115 -81.74 40.75 -7.00
C GLY A 115 -82.07 41.48 -8.29
N ASP A 116 -81.97 40.73 -9.38
CA ASP A 116 -82.25 41.24 -10.72
C ASP A 116 -83.60 40.75 -11.20
N VAL A 117 -84.05 41.33 -12.32
CA VAL A 117 -85.33 40.95 -12.90
C VAL A 117 -85.24 39.53 -13.45
N ILE A 118 -86.39 38.87 -13.55
CA ILE A 118 -86.47 37.49 -14.01
C ILE A 118 -86.78 37.48 -15.49
N THR A 119 -85.98 36.75 -16.25
CA THR A 119 -86.18 36.57 -17.68
C THR A 119 -86.06 35.09 -18.01
N GLU A 120 -86.85 34.64 -18.98
CA GLU A 120 -86.88 33.23 -19.35
C GLU A 120 -85.73 32.83 -20.28
N ASP A 121 -84.70 33.66 -20.41
CA ASP A 121 -83.58 33.34 -21.27
C ASP A 121 -82.27 33.16 -20.52
N GLU A 122 -82.23 33.44 -19.22
CA GLU A 122 -81.02 33.33 -18.42
C GLU A 122 -81.32 32.53 -17.16
N PRO A 123 -81.30 31.20 -17.24
CA PRO A 123 -81.53 30.39 -16.04
C PRO A 123 -80.50 30.62 -14.95
N GLU A 124 -79.25 30.87 -15.33
CA GLU A 124 -78.20 31.08 -14.35
C GLU A 124 -78.46 32.32 -13.51
N LYS A 125 -78.93 33.40 -14.14
CA LYS A 125 -79.27 34.59 -13.37
C LYS A 125 -80.44 34.33 -12.43
N PHE A 126 -81.39 33.50 -12.84
CA PHE A 126 -82.51 33.15 -11.96
C PHE A 126 -82.01 32.43 -10.71
N TYR A 127 -81.13 31.44 -10.92
CA TYR A 127 -80.58 30.72 -9.78
C TYR A 127 -79.77 31.63 -8.88
N SER A 128 -78.98 32.53 -9.48
CA SER A 128 -78.18 33.46 -8.68
C SER A 128 -79.07 34.40 -7.88
N THR A 129 -80.17 34.86 -8.47
CA THR A 129 -81.11 35.72 -7.75
C THR A 129 -81.71 34.99 -6.56
N ILE A 130 -82.10 33.73 -6.75
CA ILE A 130 -82.66 32.97 -5.63
C ILE A 130 -81.63 32.81 -4.52
N ILE A 131 -80.39 32.50 -4.89
CA ILE A 131 -79.33 32.33 -3.88
C ILE A 131 -79.12 33.62 -3.12
N LYS A 132 -79.09 34.76 -3.82
CA LYS A 132 -78.86 36.04 -3.18
C LYS A 132 -79.99 36.39 -2.22
N LYS A 133 -81.24 36.11 -2.62
CA LYS A 133 -82.37 36.40 -1.74
C LYS A 133 -82.31 35.55 -0.46
N VAL A 134 -82.01 34.26 -0.61
CA VAL A 134 -81.93 33.40 0.58
C VAL A 134 -80.81 33.86 1.50
N ARG A 135 -79.65 34.21 0.94
CA ARG A 135 -78.55 34.70 1.76
C ARG A 135 -78.89 36.01 2.43
N PHE A 136 -79.67 36.88 1.77
CA PHE A 136 -80.12 38.12 2.41
C PHE A 136 -80.99 37.82 3.62
N ILE A 137 -81.93 36.88 3.49
CA ILE A 137 -82.78 36.53 4.63
C ILE A 137 -81.93 36.00 5.77
N ARG A 138 -80.98 35.11 5.45
CA ARG A 138 -80.14 34.52 6.49
C ARG A 138 -79.31 35.58 7.19
N GLY A 139 -78.77 36.54 6.43
CA GLY A 139 -77.97 37.58 7.04
C GLY A 139 -78.78 38.51 7.91
N LYS A 140 -79.99 38.86 7.48
CA LYS A 140 -80.79 39.78 8.26
C LYS A 140 -81.35 39.12 9.52
N GLY A 141 -81.58 37.83 9.49
CA GLY A 141 -82.24 37.21 10.62
C GLY A 141 -81.40 36.82 11.82
N SER A 142 -80.08 37.07 11.80
CA SER A 142 -79.19 36.57 12.84
C SER A 142 -78.68 37.74 13.68
N PHE A 143 -79.13 37.82 14.92
CA PHE A 143 -78.62 38.81 15.87
C PHE A 143 -78.89 38.30 17.28
N ILE A 144 -78.14 38.86 18.23
CA ILE A 144 -78.26 38.51 19.64
C ILE A 144 -78.50 39.78 20.44
N LEU A 145 -79.53 39.77 21.27
CA LEU A 145 -79.86 40.92 22.12
C LEU A 145 -79.01 40.90 23.38
N HIS A 146 -78.63 42.10 23.84
CA HIS A 146 -77.77 42.23 25.00
C HIS A 146 -77.90 43.63 25.57
N ASP A 147 -78.19 43.71 26.87
CA ASP A 147 -78.27 44.99 27.60
C ASP A 147 -79.35 45.90 27.01
N ILE A 148 -80.60 45.45 27.12
CA ILE A 148 -81.74 46.20 26.61
C ILE A 148 -82.10 47.32 27.57
N PRO A 149 -82.67 48.42 27.09
CA PRO A 149 -83.16 49.46 28.00
C PRO A 149 -84.41 49.00 28.73
N THR A 150 -84.51 49.38 30.00
CA THR A 150 -85.62 48.98 30.86
C THR A 150 -86.18 50.18 31.61
N ARG A 151 -87.26 49.94 32.33
CA ARG A 151 -87.91 50.93 33.18
C ARG A 151 -88.57 50.18 34.32
N ASP A 152 -88.94 50.91 35.37
CA ASP A 152 -89.52 50.28 36.54
C ASP A 152 -90.88 50.89 36.87
N HIS A 153 -91.76 50.06 37.43
CA HIS A 153 -93.13 50.48 37.67
C HIS A 153 -93.74 49.56 38.71
N ARG A 154 -94.07 50.11 39.87
CA ARG A 154 -94.76 49.40 40.96
C ARG A 154 -94.02 48.13 41.36
N GLY A 155 -92.69 48.19 41.32
CA GLY A 155 -91.89 47.03 41.68
C GLY A 155 -91.74 45.98 40.62
N MET A 156 -92.05 46.31 39.36
CA MET A 156 -91.90 45.38 38.26
C MET A 156 -91.09 46.04 37.15
N GLU A 157 -90.44 45.21 36.33
CA GLU A 157 -89.66 45.69 35.21
C GLU A 157 -90.52 45.78 33.96
N VAL A 158 -90.30 46.82 33.16
CA VAL A 158 -91.07 47.07 31.96
C VAL A 158 -90.10 47.39 30.83
N ALA A 159 -90.30 46.77 29.68
CA ALA A 159 -89.48 47.07 28.52
C ALA A 159 -89.75 48.48 28.01
N GLU A 160 -88.70 49.14 27.56
CA GLU A 160 -88.83 50.48 26.99
C GLU A 160 -89.52 50.41 25.63
N PRO A 161 -90.16 51.50 25.20
CA PRO A 161 -90.83 51.47 23.89
C PRO A 161 -89.90 51.21 22.72
N GLU A 162 -88.64 51.63 22.79
CA GLU A 162 -87.77 51.50 21.63
C GLU A 162 -87.28 50.06 21.43
N VAL A 163 -87.20 49.25 22.49
CA VAL A 163 -86.71 47.89 22.31
C VAL A 163 -87.73 47.02 21.59
N LEU A 164 -89.01 47.39 21.62
CA LEU A 164 -90.01 46.68 20.85
C LEU A 164 -89.78 46.91 19.36
N GLY A 165 -90.20 45.95 18.55
CA GLY A 165 -89.92 46.01 17.13
C GLY A 165 -90.92 46.81 16.33
N VAL A 166 -91.50 47.84 16.92
CA VAL A 166 -92.48 48.70 16.25
C VAL A 166 -92.11 50.15 16.51
N GLU A 167 -92.32 50.98 15.51
CA GLU A 167 -92.04 52.41 15.60
C GLU A 167 -93.36 53.17 15.50
N PHE A 168 -93.66 53.96 16.53
CA PHE A 168 -94.87 54.77 16.51
C PHE A 168 -94.64 56.14 17.12
N LYS A 169 -93.42 56.68 16.97
CA LYS A 169 -93.13 58.00 17.53
C LYS A 169 -93.81 59.12 16.76
N ASN A 170 -94.17 58.90 15.50
CA ASN A 170 -94.77 59.94 14.68
C ASN A 170 -96.29 59.94 14.73
N VAL A 171 -96.90 59.05 15.52
CA VAL A 171 -98.34 59.03 15.67
C VAL A 171 -98.81 59.62 16.99
N LEU A 172 -97.92 59.74 17.98
CA LEU A 172 -98.29 60.35 19.25
C LEU A 172 -98.75 61.80 19.14
N PRO A 173 -98.09 62.70 18.39
CA PRO A 173 -98.54 64.10 18.39
C PRO A 173 -99.94 64.33 17.86
N VAL A 174 -100.47 63.42 17.06
CA VAL A 174 -101.80 63.61 16.47
C VAL A 174 -102.91 62.97 17.30
N LEU A 175 -102.56 62.20 18.34
CA LEU A 175 -103.55 61.51 19.13
C LEU A 175 -104.38 62.47 19.97
N THR A 176 -105.52 61.97 20.45
CA THR A 176 -106.35 62.70 21.39
C THR A 176 -105.93 62.33 22.82
N ALA A 177 -106.74 62.73 23.80
CA ALA A 177 -106.33 62.54 25.20
C ALA A 177 -106.50 61.10 25.64
N GLU A 178 -107.71 60.55 25.50
CA GLU A 178 -107.98 59.21 26.00
C GLU A 178 -107.20 58.15 25.24
N HIS A 179 -106.94 58.36 23.95
CA HIS A 179 -106.11 57.41 23.21
C HIS A 179 -104.67 57.44 23.73
N ARG A 180 -104.16 58.62 24.06
CA ARG A 180 -102.84 58.70 24.66
C ARG A 180 -102.81 57.97 26.00
N ALA A 181 -103.87 58.14 26.80
CA ALA A 181 -103.93 57.46 28.09
C ALA A 181 -103.93 55.94 27.93
N MET A 182 -104.74 55.43 26.99
CA MET A 182 -104.79 53.97 26.84
C MET A 182 -103.50 53.43 26.24
N ILE A 183 -102.84 54.20 25.37
CA ILE A 183 -101.55 53.76 24.86
C ILE A 183 -100.52 53.69 25.98
N GLN A 184 -100.53 54.68 26.87
CA GLN A 184 -99.61 54.65 28.01
C GLN A 184 -99.88 53.46 28.92
N ASN A 185 -101.16 53.19 29.21
CA ASN A 185 -101.49 52.05 30.06
C ASN A 185 -101.10 50.73 29.40
N ALA A 186 -101.32 50.61 28.09
CA ALA A 186 -100.93 49.39 27.40
C ALA A 186 -99.42 49.20 27.41
N LEU A 187 -98.66 50.29 27.22
CA LEU A 187 -97.21 50.18 27.28
C LEU A 187 -96.72 49.84 28.67
N ASP A 188 -97.47 50.21 29.70
CA ASP A 188 -97.07 49.86 31.06
C ASP A 188 -97.20 48.39 31.38
N GLY A 189 -97.83 47.59 30.50
CA GLY A 189 -98.06 46.19 30.75
C GLY A 189 -97.07 45.21 30.15
N SER A 190 -95.95 45.68 29.60
CA SER A 190 -94.96 44.79 29.02
C SER A 190 -93.99 44.35 30.10
N ILE A 191 -94.46 43.43 30.95
CA ILE A 191 -93.67 42.99 32.09
C ILE A 191 -92.54 42.09 31.62
N ILE A 192 -91.36 42.30 32.18
CA ILE A 192 -90.19 41.46 31.89
C ILE A 192 -90.23 40.25 32.81
N GLU A 193 -90.04 39.07 32.23
CA GLU A 193 -90.04 37.82 32.95
C GLU A 193 -88.60 37.37 33.14
N ASN A 194 -88.30 36.77 34.29
CA ASN A 194 -86.94 36.38 34.63
C ASN A 194 -86.82 34.87 34.48
N GLY A 195 -85.95 34.43 33.57
CA GLY A 195 -85.79 33.02 33.28
C GLY A 195 -84.33 32.61 33.32
N ASN A 196 -84.10 31.34 33.04
CA ASN A 196 -82.77 30.76 33.05
C ASN A 196 -82.47 29.99 31.77
N VAL A 197 -81.20 29.93 31.41
CA VAL A 197 -80.70 29.11 30.31
C VAL A 197 -79.32 28.61 30.70
N ALA A 198 -79.19 27.29 30.85
CA ALA A 198 -77.97 26.64 31.32
C ALA A 198 -77.49 27.26 32.63
N THR A 199 -78.45 27.44 33.54
CA THR A 199 -78.22 28.07 34.85
C THR A 199 -77.59 29.46 34.72
N ARG A 200 -78.10 30.27 33.79
CA ARG A 200 -77.70 31.67 33.65
C ARG A 200 -78.94 32.54 33.67
N ASP A 201 -78.85 33.68 34.35
CA ASP A 201 -80.00 34.56 34.53
C ASP A 201 -80.22 35.39 33.28
N VAL A 202 -81.43 35.33 32.71
CA VAL A 202 -81.75 36.05 31.48
C VAL A 202 -83.14 36.65 31.57
N ASP A 203 -83.40 37.61 30.69
CA ASP A 203 -84.70 38.27 30.57
C ASP A 203 -85.48 37.70 29.39
N VAL A 204 -86.80 37.64 29.55
CA VAL A 204 -87.71 37.22 28.50
C VAL A 204 -88.81 38.25 28.40
N PHE A 205 -89.06 38.77 27.19
CA PHE A 205 -90.13 39.72 26.98
C PHE A 205 -90.83 39.41 25.66
N ILE A 206 -91.79 40.25 25.31
CA ILE A 206 -92.64 40.03 24.14
C ILE A 206 -92.52 41.23 23.22
N GLY A 207 -92.10 40.98 21.99
CA GLY A 207 -91.97 42.03 20.98
C GLY A 207 -92.60 41.65 19.66
N ALA A 208 -92.30 42.40 18.61
CA ALA A 208 -92.89 42.19 17.29
C ALA A 208 -91.79 41.93 16.27
N CYS A 209 -92.04 40.96 15.38
CA CYS A 209 -91.06 40.60 14.38
C CYS A 209 -91.75 39.84 13.26
N SER A 210 -91.17 39.89 12.06
CA SER A 210 -91.71 39.18 10.92
C SER A 210 -91.33 37.70 10.98
N GLU A 211 -92.15 36.87 10.32
CA GLU A 211 -91.98 35.42 10.44
C GLU A 211 -90.64 34.91 9.89
N PRO A 212 -90.23 35.22 8.65
CA PRO A 212 -89.00 34.60 8.14
C PRO A 212 -87.74 34.98 8.91
N VAL A 213 -87.68 36.18 9.49
CA VAL A 213 -86.51 36.53 10.27
C VAL A 213 -86.64 36.05 11.71
N TYR A 214 -87.86 35.94 12.23
CA TYR A 214 -88.03 35.38 13.57
C TYR A 214 -87.64 33.91 13.61
N ARG A 215 -87.88 33.18 12.52
CA ARG A 215 -87.46 31.78 12.49
C ARG A 215 -85.95 31.66 12.63
N ILE A 216 -85.20 32.51 11.91
CA ILE A 216 -83.75 32.50 12.00
C ILE A 216 -83.30 32.87 13.42
N TYR A 217 -83.94 33.89 14.01
CA TYR A 217 -83.57 34.30 15.36
C TYR A 217 -83.79 33.17 16.35
N ASN A 218 -84.94 32.49 16.25
CA ASN A 218 -85.25 31.40 17.17
C ASN A 218 -84.27 30.24 17.01
N ARG A 219 -83.91 29.92 15.76
CA ARG A 219 -82.95 28.85 15.55
C ARG A 219 -81.58 29.21 16.12
N LEU A 220 -81.17 30.47 15.96
CA LEU A 220 -79.89 30.88 16.53
C LEU A 220 -79.90 30.80 18.05
N GLN A 221 -81.01 31.20 18.68
CA GLN A 221 -81.10 31.10 20.13
C GLN A 221 -81.03 29.64 20.59
N GLY A 222 -81.72 28.75 19.86
CA GLY A 222 -81.63 27.34 20.19
C GLY A 222 -80.22 26.80 20.07
N TYR A 223 -79.50 27.22 19.03
CA TYR A 223 -78.11 26.79 18.86
C TYR A 223 -77.24 27.28 20.00
N ILE A 224 -77.44 28.53 20.44
CA ILE A 224 -76.65 29.06 21.54
C ILE A 224 -76.90 28.27 22.81
N GLU A 225 -78.18 27.96 23.09
CA GLU A 225 -78.48 27.14 24.26
C GLU A 225 -77.83 25.77 24.16
N ALA A 226 -77.87 25.16 22.98
CA ALA A 226 -77.27 23.85 22.81
C ALA A 226 -75.77 23.88 23.04
N VAL A 227 -75.10 24.93 22.55
CA VAL A 227 -73.67 25.08 22.81
C VAL A 227 -73.40 25.23 24.30
N GLN A 228 -74.23 26.03 24.99
CA GLN A 228 -74.02 26.24 26.42
C GLN A 228 -74.24 24.96 27.22
N LEU A 229 -75.08 24.06 26.73
CA LEU A 229 -75.36 22.84 27.50
C LEU A 229 -74.21 21.83 27.40
N GLN A 230 -73.90 21.36 26.19
CA GLN A 230 -73.03 20.21 26.05
C GLN A 230 -71.95 20.32 24.97
N GLU A 231 -72.06 21.22 24.00
CA GLU A 231 -71.13 21.20 22.87
C GLU A 231 -69.71 21.56 23.31
N LEU A 232 -69.58 22.55 24.19
CA LEU A 232 -68.25 23.01 24.59
C LEU A 232 -67.48 21.91 25.31
N ARG A 233 -68.16 21.16 26.18
CA ARG A 233 -67.50 20.07 26.89
C ARG A 233 -67.02 18.99 25.92
N ASN A 234 -67.84 18.65 24.94
CA ASN A 234 -67.43 17.65 23.95
C ASN A 234 -66.22 18.13 23.15
N SER A 235 -66.23 19.39 22.74
CA SER A 235 -65.09 19.91 21.98
C SER A 235 -63.81 19.88 22.80
N ILE A 236 -63.87 20.30 24.06
CA ILE A 236 -62.67 20.32 24.89
C ILE A 236 -62.18 18.90 25.16
N GLY A 237 -63.10 17.97 25.42
CA GLY A 237 -62.70 16.59 25.63
C GLY A 237 -62.04 15.98 24.40
N TRP A 238 -62.58 16.27 23.22
CA TRP A 238 -61.97 15.74 22.01
C TRP A 238 -60.60 16.34 21.76
N LEU A 239 -60.42 17.63 22.06
CA LEU A 239 -59.09 18.22 21.96
C LEU A 239 -58.12 17.55 22.92
N GLU A 240 -58.58 17.24 24.14
CA GLU A 240 -57.72 16.56 25.10
C GLU A 240 -57.29 15.20 24.58
N ARG A 241 -58.23 14.42 24.02
CA ARG A 241 -57.88 13.10 23.51
C ARG A 241 -56.93 13.19 22.31
N LEU A 242 -57.18 14.15 21.41
CA LEU A 242 -56.28 14.30 20.26
C LEU A 242 -54.89 14.72 20.70
N GLY A 243 -54.79 15.62 21.67
CA GLY A 243 -53.49 16.02 22.17
C GLY A 243 -52.77 14.88 22.87
N HIS A 244 -53.52 14.01 23.55
CA HIS A 244 -52.93 12.81 24.10
C HIS A 244 -52.36 11.92 23.02
N ARG A 245 -53.09 11.79 21.91
CA ARG A 245 -52.67 10.90 20.84
C ARG A 245 -51.45 11.43 20.09
N LYS A 246 -51.46 12.72 19.74
CA LYS A 246 -50.46 13.27 18.84
C LYS A 246 -49.37 14.09 19.54
N ARG A 247 -49.29 14.00 20.87
CA ARG A 247 -48.24 14.67 21.65
C ARG A 247 -48.29 16.19 21.47
N ILE A 248 -49.44 16.78 21.74
CA ILE A 248 -49.65 18.22 21.70
C ILE A 248 -50.34 18.64 22.98
N THR A 249 -49.89 19.74 23.57
CA THR A 249 -50.50 20.27 24.79
C THR A 249 -51.37 21.47 24.43
N TYR A 250 -52.67 21.38 24.70
CA TYR A 250 -53.63 22.41 24.35
C TYR A 250 -53.99 23.22 25.58
N SER A 251 -53.97 24.54 25.43
CA SER A 251 -54.20 25.44 26.55
C SER A 251 -55.69 25.54 26.87
N GLN A 252 -55.98 25.91 28.12
CA GLN A 252 -57.32 26.18 28.59
C GLN A 252 -57.36 27.45 29.42
N GLU A 253 -56.56 28.44 29.02
CA GLU A 253 -56.47 29.67 29.79
C GLU A 253 -57.75 30.48 29.74
N VAL A 254 -58.52 30.35 28.65
CA VAL A 254 -59.68 31.21 28.46
C VAL A 254 -60.82 30.87 29.41
N LEU A 255 -60.85 29.65 29.93
CA LEU A 255 -61.96 29.21 30.77
C LEU A 255 -61.66 29.29 32.26
N THR A 256 -60.51 29.85 32.65
CA THR A 256 -60.08 29.82 34.04
C THR A 256 -59.80 31.20 34.61
N ASP A 257 -60.57 32.22 34.19
CA ASP A 257 -60.47 33.52 34.83
C ASP A 257 -61.49 33.62 35.96
N PHE A 258 -61.45 34.74 36.69
CA PHE A 258 -62.29 34.85 37.87
C PHE A 258 -63.71 35.32 37.55
N ARG A 259 -64.01 35.57 36.27
CA ARG A 259 -65.37 35.85 35.84
C ARG A 259 -65.95 34.72 35.01
N ARG A 260 -65.40 33.51 35.15
CA ARG A 260 -65.82 32.38 34.34
C ARG A 260 -67.22 31.90 34.66
N GLN A 261 -67.74 32.26 35.83
CA GLN A 261 -69.01 31.73 36.29
C GLN A 261 -70.20 32.50 35.75
N ASP A 262 -69.97 33.69 35.19
CA ASP A 262 -71.03 34.52 34.64
C ASP A 262 -70.74 34.89 33.19
N THR A 263 -70.35 33.90 32.39
CA THR A 263 -69.97 34.11 31.00
C THR A 263 -70.77 33.18 30.10
N ILE A 264 -71.17 33.71 28.94
CA ILE A 264 -71.85 32.94 27.90
C ILE A 264 -70.87 32.75 26.75
N TRP A 265 -70.63 31.50 26.37
CA TRP A 265 -69.68 31.17 25.32
C TRP A 265 -70.39 30.97 24.00
N VAL A 266 -69.78 31.46 22.93
CA VAL A 266 -70.28 31.25 21.57
C VAL A 266 -69.19 30.56 20.76
N LEU A 267 -69.58 29.50 20.05
CA LEU A 267 -68.66 28.72 19.23
C LEU A 267 -69.26 28.59 17.84
N ALA A 268 -68.54 29.09 16.84
CA ALA A 268 -69.01 28.97 15.46
C ALA A 268 -68.73 27.61 14.86
N LEU A 269 -67.83 26.83 15.44
CA LEU A 269 -67.42 25.54 14.88
C LEU A 269 -67.43 24.50 15.98
N GLN A 270 -67.48 23.24 15.56
CA GLN A 270 -67.43 22.09 16.46
C GLN A 270 -66.29 21.18 16.07
N LEU A 271 -65.62 20.60 17.07
CA LEU A 271 -64.39 19.84 16.83
C LEU A 271 -64.61 18.39 16.39
N PRO A 272 -65.52 17.60 16.99
CA PRO A 272 -65.64 16.21 16.53
C PRO A 272 -66.20 16.14 15.12
N VAL A 273 -65.35 16.46 14.15
CA VAL A 273 -65.79 16.54 12.76
C VAL A 273 -66.08 15.14 12.24
N ASN A 274 -67.18 15.00 11.53
CA ASN A 274 -67.53 13.73 10.93
C ASN A 274 -66.60 13.47 9.75
N PRO A 275 -65.77 12.43 9.76
CA PRO A 275 -64.86 12.20 8.63
C PRO A 275 -65.58 11.83 7.35
N GLN A 276 -66.79 11.29 7.45
CA GLN A 276 -67.49 10.77 6.27
C GLN A 276 -67.71 11.88 5.25
N VAL A 277 -68.07 13.07 5.71
CA VAL A 277 -68.33 14.18 4.78
C VAL A 277 -67.07 14.55 4.00
N VAL A 278 -65.90 14.27 4.56
CA VAL A 278 -64.67 14.53 3.81
C VAL A 278 -64.50 13.50 2.71
N TRP A 279 -64.88 12.26 2.96
CA TRP A 279 -64.64 11.17 2.02
C TRP A 279 -65.83 10.90 1.11
N ASP A 280 -66.89 11.68 1.19
CA ASP A 280 -68.00 11.54 0.27
C ASP A 280 -67.78 12.31 -1.03
N VAL A 281 -66.74 13.14 -1.10
CA VAL A 281 -66.43 13.87 -2.33
C VAL A 281 -66.05 12.86 -3.41
N PRO A 282 -66.59 12.97 -4.63
CA PRO A 282 -66.31 11.96 -5.66
C PRO A 282 -64.87 12.01 -6.12
N ARG A 283 -64.19 10.86 -6.03
CA ARG A 283 -62.81 10.68 -6.50
C ARG A 283 -61.88 11.70 -5.85
N SER A 284 -61.72 11.57 -4.54
CA SER A 284 -60.97 12.55 -3.75
C SER A 284 -59.80 11.94 -3.01
N SER A 285 -59.31 10.78 -3.43
CA SER A 285 -58.21 10.14 -2.72
C SER A 285 -56.91 10.94 -2.86
N ILE A 286 -56.60 11.40 -4.07
CA ILE A 286 -55.33 12.08 -4.31
C ILE A 286 -55.31 13.43 -3.60
N ALA A 287 -56.44 14.14 -3.58
CA ALA A 287 -56.48 15.42 -2.88
C ALA A 287 -56.30 15.25 -1.39
N ASN A 288 -56.92 14.21 -0.81
CA ASN A 288 -56.73 13.94 0.61
C ASN A 288 -55.29 13.60 0.92
N LEU A 289 -54.65 12.79 0.06
CA LEU A 289 -53.24 12.47 0.28
C LEU A 289 -52.36 13.71 0.22
N ILE A 290 -52.61 14.58 -0.76
CA ILE A 290 -51.81 15.80 -0.88
C ILE A 290 -52.01 16.70 0.34
N MET A 291 -53.25 16.83 0.81
CA MET A 291 -53.52 17.66 1.97
C MET A 291 -52.86 17.09 3.21
N ASN A 292 -52.90 15.77 3.39
CA ASN A 292 -52.24 15.16 4.53
C ASN A 292 -50.74 15.40 4.50
N ILE A 293 -50.12 15.27 3.33
CA ILE A 293 -48.68 15.53 3.21
C ILE A 293 -48.38 16.98 3.53
N ALA A 294 -49.17 17.90 3.00
CA ALA A 294 -48.90 19.32 3.18
C ALA A 294 -49.20 19.80 4.60
N THR A 295 -50.02 19.07 5.35
CA THR A 295 -50.38 19.50 6.69
C THR A 295 -49.55 18.84 7.78
N CYS A 296 -49.14 17.59 7.63
CA CYS A 296 -48.60 16.85 8.75
C CYS A 296 -47.17 16.32 8.59
N LEU A 297 -46.53 16.53 7.45
CA LEU A 297 -45.21 15.94 7.25
C LEU A 297 -44.14 16.75 7.97
N PRO A 298 -43.30 16.11 8.77
CA PRO A 298 -42.23 16.85 9.46
C PRO A 298 -41.01 17.02 8.57
N THR A 299 -40.05 17.79 9.07
CA THR A 299 -38.81 18.05 8.36
C THR A 299 -37.61 17.65 9.22
N GLY A 300 -36.57 17.16 8.57
CA GLY A 300 -35.36 16.75 9.26
C GLY A 300 -34.23 16.53 8.29
N GLU A 301 -33.12 16.02 8.82
CA GLU A 301 -31.95 15.72 8.02
C GLU A 301 -31.66 14.23 8.05
N TYR A 302 -30.69 13.82 7.23
CA TYR A 302 -30.33 12.41 7.08
C TYR A 302 -28.98 12.19 7.75
N ILE A 303 -28.97 11.38 8.79
CA ILE A 303 -27.75 11.07 9.51
C ILE A 303 -27.11 9.84 8.91
N ALA A 304 -25.82 9.66 9.19
CA ALA A 304 -25.04 8.56 8.65
C ALA A 304 -24.47 7.72 9.78
N PRO A 305 -24.26 6.42 9.55
CA PRO A 305 -23.76 5.56 10.63
C PRO A 305 -22.31 5.81 11.00
N ASN A 306 -21.84 5.11 12.01
CA ASN A 306 -20.47 5.25 12.45
C ASN A 306 -19.51 4.78 11.36
N PRO A 307 -18.47 5.55 11.03
CA PRO A 307 -17.53 5.10 9.99
C PRO A 307 -16.81 3.81 10.35
N ARG A 308 -16.77 3.42 11.62
CA ARG A 308 -16.05 2.22 12.02
C ARG A 308 -16.84 0.95 11.79
N ILE A 309 -18.10 1.04 11.35
CA ILE A 309 -18.87 -0.16 11.04
C ILE A 309 -18.23 -0.92 9.89
N SER A 310 -17.93 -0.23 8.80
CA SER A 310 -17.36 -0.86 7.62
C SER A 310 -15.84 -0.86 7.64
N SER A 311 -15.22 -0.04 8.50
CA SER A 311 -13.77 -0.02 8.56
C SER A 311 -13.21 -1.31 9.13
N ILE A 312 -14.00 -2.04 9.91
CA ILE A 312 -13.56 -3.30 10.51
C ILE A 312 -14.26 -4.51 9.92
N THR A 313 -15.31 -4.32 9.12
CA THR A 313 -16.08 -5.45 8.64
C THR A 313 -16.07 -5.60 7.13
N LEU A 314 -16.47 -4.56 6.39
CA LEU A 314 -16.54 -4.68 4.94
C LEU A 314 -15.16 -4.65 4.31
N THR A 315 -14.28 -3.79 4.80
CA THR A 315 -12.93 -3.65 4.28
C THR A 315 -11.90 -4.20 5.27
N GLN A 316 -12.24 -5.31 5.92
CA GLN A 316 -11.31 -5.93 6.86
C GLN A 316 -10.08 -6.46 6.14
N ARG A 317 -10.27 -7.18 5.05
CA ARG A 317 -9.17 -7.75 4.27
C ARG A 317 -8.78 -6.75 3.19
N ILE A 318 -7.58 -6.18 3.31
CA ILE A 318 -7.15 -5.15 2.37
C ILE A 318 -6.88 -5.76 1.00
N THR A 319 -6.27 -6.94 0.97
CA THR A 319 -5.81 -7.53 -0.28
C THR A 319 -6.94 -7.94 -1.21
N THR A 320 -8.16 -8.09 -0.72
CA THR A 320 -9.29 -8.50 -1.54
C THR A 320 -10.22 -7.33 -1.81
N THR A 321 -11.07 -7.50 -2.82
CA THR A 321 -12.05 -6.49 -3.19
C THR A 321 -13.32 -7.17 -3.65
N GLY A 322 -14.46 -6.73 -3.11
CA GLY A 322 -15.73 -7.32 -3.47
C GLY A 322 -16.72 -6.29 -3.93
N PRO A 323 -17.93 -6.73 -4.26
CA PRO A 323 -18.97 -5.78 -4.68
C PRO A 323 -19.33 -4.77 -3.62
N PHE A 324 -19.26 -5.14 -2.34
CA PHE A 324 -19.55 -4.19 -1.28
C PHE A 324 -18.41 -3.20 -1.10
N ALA A 325 -17.17 -3.67 -1.17
CA ALA A 325 -16.03 -2.80 -0.91
C ALA A 325 -15.85 -1.77 -2.01
N ILE A 326 -16.19 -2.10 -3.25
CA ILE A 326 -15.99 -1.16 -4.34
C ILE A 326 -16.93 0.03 -4.24
N LEU A 327 -18.13 -0.14 -3.69
CA LEU A 327 -19.08 0.95 -3.57
C LEU A 327 -19.28 1.45 -2.16
N THR A 328 -18.55 0.90 -1.18
CA THR A 328 -18.63 1.47 0.16
C THR A 328 -17.93 2.81 0.27
N GLY A 329 -17.10 3.18 -0.71
CA GLY A 329 -16.43 4.45 -0.73
C GLY A 329 -17.01 5.48 -1.66
N SER A 330 -18.20 5.24 -2.22
CA SER A 330 -18.80 6.18 -3.14
C SER A 330 -19.51 7.29 -2.37
N THR A 331 -19.74 8.41 -3.06
CA THR A 331 -20.42 9.56 -2.50
C THR A 331 -21.60 9.94 -3.38
N PRO A 332 -22.80 10.04 -2.84
CA PRO A 332 -23.98 10.23 -3.68
C PRO A 332 -23.99 11.59 -4.36
N THR A 333 -24.62 11.64 -5.53
CA THR A 333 -24.92 12.89 -6.19
C THR A 333 -26.22 13.45 -5.64
N ALA A 334 -26.65 14.59 -6.18
CA ALA A 334 -27.83 15.25 -5.63
C ALA A 334 -29.11 14.52 -6.05
N GLN A 335 -29.16 14.05 -7.30
CA GLN A 335 -30.34 13.33 -7.78
C GLN A 335 -30.55 12.04 -7.01
N GLN A 336 -29.46 11.39 -6.62
CA GLN A 336 -29.58 10.18 -5.82
C GLN A 336 -30.15 10.50 -4.43
N LEU A 337 -29.80 11.65 -3.87
CA LEU A 337 -30.43 12.09 -2.64
C LEU A 337 -31.93 12.32 -2.84
N ASN A 338 -32.30 12.87 -3.98
CA ASN A 338 -33.73 13.03 -4.29
C ASN A 338 -34.43 11.68 -4.32
N ASP A 339 -33.78 10.69 -4.92
CA ASP A 339 -34.36 9.34 -4.96
C ASP A 339 -34.48 8.76 -3.56
N VAL A 340 -33.51 9.02 -2.69
CA VAL A 340 -33.59 8.56 -1.31
C VAL A 340 -34.80 9.19 -0.60
N ARG A 341 -35.01 10.48 -0.82
CA ARG A 341 -36.18 11.14 -0.24
C ARG A 341 -37.47 10.52 -0.75
N LYS A 342 -37.50 10.18 -2.04
CA LYS A 342 -38.68 9.51 -2.60
C LYS A 342 -38.91 8.16 -1.93
N ILE A 343 -37.84 7.41 -1.67
CA ILE A 343 -37.98 6.10 -1.02
C ILE A 343 -38.56 6.26 0.37
N TYR A 344 -38.07 7.25 1.12
CA TYR A 344 -38.58 7.44 2.48
C TYR A 344 -40.04 7.89 2.46
N LEU A 345 -40.39 8.76 1.51
CA LEU A 345 -41.79 9.17 1.39
C LEU A 345 -42.69 7.98 1.06
N ALA A 346 -42.21 7.07 0.22
CA ALA A 346 -42.97 5.87 -0.08
C ALA A 346 -43.11 4.98 1.14
N LEU A 347 -42.07 4.91 1.98
CA LEU A 347 -42.16 4.11 3.20
C LEU A 347 -43.17 4.68 4.18
N MET A 348 -43.24 6.01 4.31
CA MET A 348 -44.09 6.60 5.34
C MET A 348 -45.58 6.42 5.06
N PHE A 349 -45.98 6.16 3.82
CA PHE A 349 -47.38 5.99 3.45
C PHE A 349 -47.57 4.56 2.94
N PRO A 350 -47.98 3.63 3.81
CA PRO A 350 -48.09 2.24 3.38
C PRO A 350 -49.28 2.05 2.43
N GLY A 351 -49.00 1.48 1.27
CA GLY A 351 -50.04 1.13 0.32
C GLY A 351 -50.40 2.23 -0.65
N GLN A 352 -50.54 3.46 -0.17
CA GLN A 352 -50.98 4.54 -1.04
C GLN A 352 -49.92 4.95 -2.04
N ILE A 353 -48.65 4.73 -1.73
CA ILE A 353 -47.54 5.04 -2.62
C ILE A 353 -46.65 3.82 -2.73
N ILE A 354 -46.32 3.42 -3.96
CA ILE A 354 -45.47 2.26 -4.20
C ILE A 354 -44.36 2.67 -5.16
N LEU A 355 -43.29 1.87 -5.16
CA LEU A 355 -42.06 2.19 -5.87
C LEU A 355 -41.88 1.32 -7.10
N ASP A 356 -40.98 1.77 -7.98
CA ASP A 356 -40.60 1.02 -9.16
C ASP A 356 -39.19 1.42 -9.57
N LEU A 357 -38.57 0.58 -10.39
CA LEU A 357 -37.19 0.77 -10.80
C LEU A 357 -37.11 1.38 -12.20
N LYS A 358 -36.19 2.33 -12.37
CA LYS A 358 -36.04 3.04 -13.63
C LYS A 358 -34.60 2.93 -14.10
N ILE A 359 -34.41 3.10 -15.40
CA ILE A 359 -33.09 3.07 -16.03
C ILE A 359 -32.92 4.36 -16.79
N ASP A 360 -31.93 5.16 -16.39
CA ASP A 360 -31.66 6.40 -17.09
C ASP A 360 -31.12 6.09 -18.48
N PRO A 361 -31.68 6.67 -19.54
CA PRO A 361 -31.18 6.39 -20.89
C PRO A 361 -29.72 6.77 -21.04
N GLY A 362 -28.98 5.95 -21.78
CA GLY A 362 -27.56 6.15 -21.97
C GLY A 362 -26.68 5.64 -20.85
N GLU A 363 -27.26 4.99 -19.85
CA GLU A 363 -26.51 4.52 -18.68
C GLU A 363 -26.36 3.00 -18.73
N ARG A 364 -25.14 2.54 -18.51
CA ARG A 364 -24.87 1.11 -18.42
C ARG A 364 -25.18 0.60 -17.02
N MET A 365 -25.18 -0.72 -16.89
CA MET A 365 -25.53 -1.38 -15.62
C MET A 365 -24.27 -1.84 -14.92
N ASP A 366 -24.15 -1.49 -13.64
CA ASP A 366 -23.05 -1.94 -12.81
C ASP A 366 -23.48 -3.19 -12.06
N PRO A 367 -22.81 -4.32 -12.24
CA PRO A 367 -23.24 -5.55 -11.55
C PRO A 367 -23.21 -5.45 -10.03
N ALA A 368 -22.20 -4.79 -9.47
CA ALA A 368 -22.09 -4.69 -8.01
C ALA A 368 -23.28 -3.95 -7.43
N VAL A 369 -23.73 -2.90 -8.11
CA VAL A 369 -24.93 -2.18 -7.68
C VAL A 369 -26.13 -3.10 -7.68
N ARG A 370 -26.24 -3.95 -8.71
CA ARG A 370 -27.36 -4.88 -8.78
C ARG A 370 -27.33 -5.86 -7.60
N MET A 371 -26.16 -6.41 -7.29
CA MET A 371 -26.08 -7.36 -6.17
C MET A 371 -26.41 -6.70 -4.84
N VAL A 372 -25.85 -5.52 -4.59
CA VAL A 372 -26.10 -4.89 -3.29
C VAL A 372 -27.56 -4.46 -3.17
N ALA A 373 -28.15 -4.00 -4.27
CA ALA A 373 -29.57 -3.63 -4.25
C ALA A 373 -30.44 -4.84 -3.99
N GLY A 374 -30.14 -5.96 -4.65
CA GLY A 374 -30.90 -7.17 -4.41
C GLY A 374 -30.78 -7.67 -2.98
N VAL A 375 -29.62 -7.51 -2.36
CA VAL A 375 -29.46 -7.92 -0.98
C VAL A 375 -30.23 -7.01 -0.03
N VAL A 376 -30.15 -5.69 -0.20
CA VAL A 376 -30.73 -4.80 0.80
C VAL A 376 -32.23 -4.61 0.59
N GLY A 377 -32.74 -4.91 -0.61
CA GLY A 377 -34.15 -4.72 -0.86
C GLY A 377 -35.03 -5.61 0.00
N HIS A 378 -34.57 -6.83 0.27
CA HIS A 378 -35.37 -7.75 1.07
C HIS A 378 -35.47 -7.29 2.52
N LEU A 379 -34.45 -6.62 3.02
CA LEU A 379 -34.46 -6.13 4.40
C LEU A 379 -35.04 -4.73 4.53
N LEU A 380 -35.21 -4.00 3.43
CA LEU A 380 -35.68 -2.63 3.53
C LEU A 380 -37.17 -2.46 3.28
N PHE A 381 -37.77 -3.24 2.37
CA PHE A 381 -39.15 -3.06 1.97
C PHE A 381 -40.04 -4.17 2.51
N THR A 382 -41.34 -4.02 2.28
CA THR A 382 -42.35 -4.98 2.70
C THR A 382 -43.26 -5.29 1.53
N ALA A 383 -43.54 -6.59 1.33
CA ALA A 383 -44.49 -7.04 0.33
C ALA A 383 -45.39 -8.10 0.92
N GLY A 384 -45.83 -7.89 2.15
CA GLY A 384 -46.47 -8.92 2.94
C GLY A 384 -47.92 -9.17 2.54
N GLY A 385 -48.63 -9.85 3.44
CA GLY A 385 -49.98 -10.28 3.21
C GLY A 385 -51.05 -9.28 3.59
N ARG A 386 -50.68 -8.06 3.94
CA ARG A 386 -51.64 -7.02 4.27
C ARG A 386 -51.45 -5.74 3.49
N PHE A 387 -50.21 -5.36 3.19
CA PHE A 387 -49.93 -4.21 2.35
C PHE A 387 -48.55 -4.39 1.73
N THR A 388 -48.29 -3.61 0.68
CA THR A 388 -47.03 -3.70 -0.04
C THR A 388 -46.47 -2.31 -0.31
N ASN A 389 -45.15 -2.25 -0.43
CA ASN A 389 -44.46 -1.03 -0.85
C ASN A 389 -43.93 -1.10 -2.27
N LEU A 390 -43.99 -2.27 -2.91
CA LEU A 390 -43.37 -2.48 -4.19
C LEU A 390 -44.38 -3.05 -5.17
N THR A 391 -44.15 -2.79 -6.45
CA THR A 391 -44.89 -3.46 -7.50
C THR A 391 -44.32 -4.87 -7.70
N GLN A 392 -45.05 -5.68 -8.47
CA GLN A 392 -44.63 -7.05 -8.68
C GLN A 392 -43.35 -7.12 -9.51
N ASN A 393 -43.20 -6.22 -10.47
CA ASN A 393 -42.02 -6.20 -11.32
C ASN A 393 -40.75 -5.93 -10.51
N MET A 394 -40.83 -4.96 -9.58
CA MET A 394 -39.67 -4.66 -8.75
C MET A 394 -39.30 -5.84 -7.87
N ALA A 395 -40.31 -6.53 -7.32
CA ALA A 395 -40.04 -7.70 -6.50
C ALA A 395 -39.34 -8.79 -7.32
N ARG A 396 -39.81 -9.02 -8.55
CA ARG A 396 -39.17 -10.04 -9.38
C ARG A 396 -37.73 -9.67 -9.71
N GLN A 397 -37.49 -8.41 -10.05
CA GLN A 397 -36.13 -7.98 -10.36
C GLN A 397 -35.21 -8.12 -9.15
N LEU A 398 -35.71 -7.77 -7.96
CA LEU A 398 -34.91 -7.91 -6.75
C LEU A 398 -34.60 -9.37 -6.46
N ASP A 399 -35.57 -10.26 -6.69
CA ASP A 399 -35.33 -11.70 -6.50
C ASP A 399 -34.25 -12.20 -7.44
N ILE A 400 -34.30 -11.77 -8.71
CA ILE A 400 -33.28 -12.19 -9.67
C ILE A 400 -31.91 -11.66 -9.25
N ALA A 401 -31.85 -10.42 -8.77
CA ALA A 401 -30.58 -9.86 -8.31
C ALA A 401 -30.02 -10.65 -7.13
N LEU A 402 -30.88 -11.04 -6.20
CA LEU A 402 -30.42 -11.85 -5.06
C LEU A 402 -29.88 -13.19 -5.54
N ASN A 403 -30.57 -13.82 -6.49
CA ASN A 403 -30.08 -15.08 -7.07
C ASN A 403 -28.71 -14.88 -7.69
N ASP A 404 -28.52 -13.78 -8.41
CA ASP A 404 -27.22 -13.53 -9.04
C ASP A 404 -26.14 -13.30 -7.99
N TYR A 405 -26.50 -12.72 -6.85
CA TYR A 405 -25.49 -12.46 -5.83
C TYR A 405 -25.07 -13.73 -5.10
N LEU A 406 -26.03 -14.61 -4.79
CA LEU A 406 -25.69 -15.79 -3.99
C LEU A 406 -24.73 -16.73 -4.73
N LEU A 407 -24.91 -16.91 -6.03
CA LEU A 407 -24.05 -17.78 -6.81
C LEU A 407 -22.79 -17.10 -7.31
N TYR A 408 -22.41 -15.98 -6.71
CA TYR A 408 -21.22 -15.25 -7.12
C TYR A 408 -20.03 -15.79 -6.33
N MET A 409 -19.11 -16.44 -7.03
CA MET A 409 -17.89 -17.01 -6.45
C MET A 409 -18.20 -18.00 -5.33
N TYR A 410 -18.85 -19.09 -5.71
CA TYR A 410 -18.97 -20.25 -4.85
C TYR A 410 -18.01 -21.33 -5.31
N ASN A 411 -17.74 -22.27 -4.43
CA ASN A 411 -16.82 -23.36 -4.72
C ASN A 411 -17.44 -24.66 -4.24
N THR A 412 -16.64 -25.73 -4.28
CA THR A 412 -17.15 -27.05 -3.94
C THR A 412 -17.41 -27.20 -2.44
N ARG A 413 -16.75 -26.38 -1.62
CA ARG A 413 -16.97 -26.44 -0.17
C ARG A 413 -18.44 -26.19 0.16
N VAL A 414 -19.02 -25.15 -0.41
CA VAL A 414 -20.44 -24.87 -0.25
C VAL A 414 -21.19 -25.68 -1.31
N GLN A 415 -21.84 -26.74 -0.89
CA GLN A 415 -22.55 -27.62 -1.81
C GLN A 415 -23.80 -26.92 -2.31
N VAL A 416 -23.99 -26.93 -3.63
CA VAL A 416 -25.16 -26.33 -4.25
C VAL A 416 -25.93 -27.45 -4.94
N ASN A 417 -27.20 -27.59 -4.56
CA ASN A 417 -28.06 -28.64 -5.10
C ASN A 417 -29.23 -27.95 -5.81
N TYR A 418 -29.26 -28.04 -7.13
CA TYR A 418 -30.28 -27.35 -7.91
C TYR A 418 -31.62 -28.08 -7.84
N GLY A 419 -32.68 -27.34 -8.14
CA GLY A 419 -34.00 -27.90 -8.18
C GLY A 419 -34.45 -28.17 -9.60
N PRO A 420 -35.67 -28.66 -9.77
CA PRO A 420 -36.15 -29.02 -11.10
C PRO A 420 -36.79 -27.89 -11.88
N THR A 421 -37.30 -26.87 -11.19
CA THR A 421 -38.14 -25.88 -11.86
C THR A 421 -37.30 -24.92 -12.72
N GLY A 422 -36.15 -24.50 -12.22
CA GLY A 422 -35.36 -23.52 -12.92
C GLY A 422 -35.69 -22.07 -12.60
N GLU A 423 -36.64 -21.83 -11.70
CA GLU A 423 -36.95 -20.48 -11.27
C GLU A 423 -35.80 -19.92 -10.45
N PRO A 424 -35.73 -18.59 -10.31
CA PRO A 424 -34.70 -18.00 -9.45
C PRO A 424 -34.84 -18.46 -8.01
N LEU A 425 -33.69 -18.65 -7.36
CA LEU A 425 -33.62 -19.11 -5.96
C LEU A 425 -34.35 -20.43 -5.77
N ASP A 426 -33.97 -21.42 -6.58
CA ASP A 426 -34.56 -22.75 -6.47
C ASP A 426 -33.47 -23.78 -6.17
N PHE A 427 -32.61 -23.48 -5.21
CA PHE A 427 -31.49 -24.35 -4.90
C PHE A 427 -31.35 -24.46 -3.38
N GLN A 428 -30.64 -25.51 -2.97
CA GLN A 428 -30.27 -25.73 -1.59
C GLN A 428 -28.77 -25.48 -1.45
N ILE A 429 -28.38 -24.71 -0.44
CA ILE A 429 -27.00 -24.29 -0.29
C ILE A 429 -26.52 -24.64 1.12
N GLY A 430 -25.21 -24.74 1.25
CA GLY A 430 -24.59 -24.98 2.54
C GLY A 430 -24.55 -26.45 2.92
N ARG A 431 -23.73 -26.75 3.92
CA ARG A 431 -23.63 -28.11 4.42
C ARG A 431 -24.91 -28.56 5.12
N ASN A 432 -25.62 -27.61 5.75
CA ASN A 432 -26.85 -27.94 6.45
C ASN A 432 -28.07 -27.93 5.55
N GLN A 433 -27.90 -27.65 4.25
CA GLN A 433 -28.97 -27.67 3.27
C GLN A 433 -30.08 -26.68 3.63
N TYR A 434 -29.70 -25.40 3.65
CA TYR A 434 -30.67 -24.34 3.90
C TYR A 434 -31.47 -24.09 2.63
N ASP A 435 -32.79 -24.20 2.72
CA ASP A 435 -33.65 -24.00 1.57
C ASP A 435 -33.79 -22.53 1.26
N CYS A 436 -33.55 -22.17 0.00
CA CYS A 436 -33.59 -20.77 -0.43
C CYS A 436 -34.85 -20.44 -1.23
N ASN A 437 -35.81 -21.36 -1.33
CA ASN A 437 -37.04 -21.06 -2.04
C ASN A 437 -37.92 -20.06 -1.30
N VAL A 438 -37.77 -19.96 0.02
CA VAL A 438 -38.64 -19.10 0.82
C VAL A 438 -38.39 -17.62 0.58
N PHE A 439 -37.32 -17.27 -0.12
CA PHE A 439 -37.03 -15.87 -0.39
C PHE A 439 -37.61 -15.38 -1.70
N ARG A 440 -38.28 -16.24 -2.46
CA ARG A 440 -38.96 -15.79 -3.66
C ARG A 440 -40.25 -15.06 -3.27
N ALA A 441 -40.58 -14.03 -4.04
CA ALA A 441 -41.71 -13.18 -3.69
C ALA A 441 -43.03 -13.92 -3.83
N ASP A 442 -43.92 -13.67 -2.88
CA ASP A 442 -45.28 -14.19 -2.93
C ASP A 442 -46.17 -13.18 -2.21
N PHE A 443 -47.23 -12.74 -2.88
CA PHE A 443 -48.06 -11.68 -2.31
C PHE A 443 -49.23 -12.22 -1.51
N ALA A 444 -49.61 -13.49 -1.72
CA ALA A 444 -50.69 -14.06 -0.92
C ALA A 444 -50.30 -14.13 0.55
N THR A 445 -49.06 -14.54 0.84
CA THR A 445 -48.54 -14.54 2.19
C THR A 445 -47.11 -14.01 2.16
N GLY A 446 -46.76 -13.22 3.17
CA GLY A 446 -45.45 -12.60 3.19
C GLY A 446 -44.32 -13.59 3.35
N THR A 447 -43.45 -13.69 2.35
CA THR A 447 -42.23 -14.49 2.43
C THR A 447 -41.09 -13.68 1.83
N GLY A 448 -39.94 -13.69 2.51
CA GLY A 448 -38.77 -13.02 2.00
C GLY A 448 -38.75 -11.52 2.21
N TYR A 449 -39.79 -10.94 2.79
CA TYR A 449 -39.86 -9.52 3.06
C TYR A 449 -40.43 -9.32 4.45
N ASN A 450 -40.38 -8.07 4.93
CA ASN A 450 -40.50 -7.78 6.36
C ASN A 450 -41.77 -8.32 6.99
N GLY A 451 -42.83 -8.54 6.21
CA GLY A 451 -44.02 -9.13 6.76
C GLY A 451 -44.10 -10.63 6.63
N TRP A 452 -43.04 -11.34 7.05
CA TRP A 452 -43.04 -12.79 6.93
C TRP A 452 -43.95 -13.43 7.97
N ALA A 453 -43.64 -13.25 9.25
CA ALA A 453 -44.43 -13.84 10.31
C ALA A 453 -44.85 -12.84 11.38
N THR A 454 -44.38 -11.60 11.30
CA THR A 454 -44.69 -10.62 12.31
C THR A 454 -46.07 -10.02 12.08
N ILE A 455 -46.69 -9.58 13.17
CA ILE A 455 -47.96 -8.85 13.09
C ILE A 455 -47.63 -7.38 12.84
N ASP A 456 -48.07 -6.86 11.70
CA ASP A 456 -47.69 -5.51 11.30
C ASP A 456 -48.82 -4.50 11.34
N VAL A 457 -50.06 -4.91 11.57
CA VAL A 457 -51.15 -3.99 11.89
C VAL A 457 -51.84 -4.50 13.15
N GLU A 458 -52.45 -3.57 13.89
CA GLU A 458 -53.02 -3.91 15.18
C GLU A 458 -54.23 -3.01 15.45
N TYR A 459 -55.08 -3.46 16.36
CA TYR A 459 -56.28 -2.73 16.74
C TYR A 459 -56.36 -2.64 18.26
N ARG A 460 -56.76 -1.47 18.75
CA ARG A 460 -56.82 -1.18 20.18
C ARG A 460 -58.08 -0.36 20.43
N GLU A 461 -58.14 0.31 21.59
CA GLU A 461 -59.26 1.20 21.86
C GLU A 461 -59.27 2.38 20.89
N PRO A 462 -60.46 2.96 20.63
CA PRO A 462 -60.63 3.82 19.46
C PRO A 462 -59.74 5.05 19.46
N ALA A 463 -59.31 5.43 18.26
CA ALA A 463 -58.52 6.62 18.02
C ALA A 463 -59.41 7.85 18.07
N PRO A 464 -58.83 9.05 18.13
CA PRO A 464 -59.67 10.26 18.02
C PRO A 464 -60.50 10.33 16.76
N TYR A 465 -60.01 9.81 15.65
CA TYR A 465 -60.78 9.72 14.42
C TYR A 465 -61.30 8.31 14.25
N VAL A 466 -62.62 8.17 14.12
CA VAL A 466 -63.23 6.85 14.17
C VAL A 466 -63.05 6.04 12.89
N HIS A 467 -62.69 6.68 11.78
CA HIS A 467 -62.61 5.98 10.51
C HIS A 467 -61.26 5.33 10.26
N ALA A 468 -60.28 5.56 11.12
CA ALA A 468 -58.94 4.98 10.94
C ALA A 468 -58.42 4.61 12.33
N GLN A 469 -58.50 3.32 12.66
CA GLN A 469 -58.16 2.84 13.99
C GLN A 469 -57.09 1.76 13.93
N ARG A 470 -56.09 1.97 13.09
CA ARG A 470 -55.04 0.98 12.86
C ARG A 470 -53.70 1.53 13.34
N TYR A 471 -52.86 0.65 13.86
CA TYR A 471 -51.49 0.99 14.25
C TYR A 471 -50.55 0.20 13.36
N ILE A 472 -49.59 0.89 12.75
CA ILE A 472 -48.63 0.28 11.85
C ILE A 472 -47.39 -0.12 12.63
N ARG A 473 -46.98 -1.39 12.51
CA ARG A 473 -45.85 -1.92 13.24
C ARG A 473 -44.86 -2.58 12.27
N TYR A 474 -43.90 -1.79 11.80
CA TYR A 474 -42.75 -2.35 11.08
C TYR A 474 -41.85 -3.08 12.07
N CYS A 475 -41.43 -4.28 11.72
CA CYS A 475 -40.47 -5.10 12.45
C CYS A 475 -40.94 -5.43 13.87
N GLY A 476 -42.22 -5.29 14.16
CA GLY A 476 -42.72 -5.58 15.49
C GLY A 476 -42.43 -4.52 16.53
N ILE A 477 -41.86 -3.39 16.13
CA ILE A 477 -41.52 -2.33 17.09
C ILE A 477 -42.78 -1.60 17.51
N ASP A 478 -42.94 -1.41 18.82
CA ASP A 478 -44.05 -0.66 19.37
C ASP A 478 -43.67 0.82 19.49
N SER A 479 -44.61 1.70 19.15
CA SER A 479 -44.35 3.13 19.13
C SER A 479 -44.87 3.85 20.38
N ARG A 480 -45.28 3.11 21.41
CA ARG A 480 -45.80 3.74 22.62
C ARG A 480 -44.73 4.47 23.41
N GLU A 481 -43.46 4.13 23.21
CA GLU A 481 -42.38 4.63 24.05
C GLU A 481 -41.39 5.47 23.26
N LEU A 482 -40.81 6.45 23.94
CA LEU A 482 -39.74 7.24 23.34
C LEU A 482 -38.47 6.41 23.28
N ILE A 483 -37.57 6.79 22.36
CA ILE A 483 -36.36 6.02 22.14
C ILE A 483 -35.14 6.92 22.34
N ASN A 484 -34.05 6.31 22.79
CA ASN A 484 -32.76 6.97 22.85
C ASN A 484 -31.92 6.48 21.69
N PRO A 485 -31.59 7.35 20.72
CA PRO A 485 -30.92 6.85 19.50
C PRO A 485 -29.55 6.27 19.73
N THR A 486 -28.87 6.62 20.83
CA THR A 486 -27.52 6.10 21.05
C THR A 486 -27.53 4.60 21.29
N THR A 487 -28.36 4.14 22.23
CA THR A 487 -28.41 2.72 22.60
C THR A 487 -29.87 2.28 22.64
N TYR A 488 -30.41 1.85 21.51
CA TYR A 488 -31.77 1.34 21.49
C TYR A 488 -31.86 -0.10 21.04
N GLY A 489 -31.35 -0.43 19.85
CA GLY A 489 -31.53 -1.77 19.31
C GLY A 489 -30.38 -2.70 19.61
N ILE A 490 -29.97 -2.77 20.88
CA ILE A 490 -28.81 -3.59 21.22
C ILE A 490 -29.14 -5.08 21.12
N GLY A 491 -30.30 -5.49 21.59
CA GLY A 491 -30.64 -6.90 21.57
C GLY A 491 -31.98 -7.21 20.95
N MET A 492 -32.35 -6.50 19.90
CA MET A 492 -33.66 -6.62 19.28
C MET A 492 -33.50 -7.14 17.86
N THR A 493 -34.19 -8.23 17.55
CA THR A 493 -34.20 -8.81 16.20
C THR A 493 -35.63 -9.13 15.80
N TYR A 494 -35.82 -9.40 14.51
CA TYR A 494 -37.08 -9.92 14.02
C TYR A 494 -36.79 -11.02 13.00
N HIS A 495 -37.87 -11.65 12.51
CA HIS A 495 -37.75 -12.94 11.84
C HIS A 495 -36.98 -12.84 10.52
N CYS A 496 -37.35 -11.86 9.68
CA CYS A 496 -36.78 -11.78 8.35
C CYS A 496 -35.28 -11.51 8.40
N TYR A 497 -34.87 -10.60 9.28
CA TYR A 497 -33.48 -10.23 9.41
C TYR A 497 -32.65 -11.43 9.85
N ASN A 498 -33.16 -12.18 10.83
CA ASN A 498 -32.45 -13.36 11.33
C ASN A 498 -32.35 -14.44 10.26
N GLU A 499 -33.42 -14.64 9.49
CA GLU A 499 -33.37 -15.61 8.41
C GLU A 499 -32.37 -15.21 7.34
N MET A 500 -32.32 -13.91 7.00
CA MET A 500 -31.35 -13.44 6.03
C MET A 500 -29.93 -13.65 6.51
N LEU A 501 -29.68 -13.38 7.80
CA LEU A 501 -28.35 -13.61 8.35
C LEU A 501 -27.97 -15.08 8.28
N ARG A 502 -28.91 -15.96 8.62
CA ARG A 502 -28.63 -17.40 8.56
C ARG A 502 -28.32 -17.84 7.14
N MET A 503 -29.08 -17.35 6.16
CA MET A 503 -28.85 -17.71 4.77
C MET A 503 -27.49 -17.19 4.29
N LEU A 504 -27.13 -15.97 4.68
CA LEU A 504 -25.85 -15.43 4.27
C LEU A 504 -24.70 -16.24 4.85
N VAL A 505 -24.80 -16.63 6.12
CA VAL A 505 -23.75 -17.44 6.72
C VAL A 505 -23.67 -18.80 6.04
N ALA A 506 -24.82 -19.42 5.76
CA ALA A 506 -24.81 -20.74 5.15
C ALA A 506 -24.26 -20.75 3.74
N ALA A 507 -24.20 -19.60 3.07
CA ALA A 507 -23.74 -19.51 1.70
C ALA A 507 -22.29 -19.10 1.59
N GLY A 508 -21.55 -19.07 2.69
CA GLY A 508 -20.15 -18.72 2.63
C GLY A 508 -19.86 -17.24 2.60
N LYS A 509 -20.85 -16.40 2.86
CA LYS A 509 -20.65 -14.95 2.92
C LYS A 509 -20.47 -14.59 4.38
N ASP A 510 -19.30 -14.03 4.71
CA ASP A 510 -18.95 -13.76 6.10
C ASP A 510 -18.82 -12.28 6.40
N SER A 511 -18.10 -11.55 5.55
CA SER A 511 -17.85 -10.14 5.81
C SER A 511 -19.14 -9.34 5.84
N GLU A 512 -19.97 -9.50 4.82
CA GLU A 512 -21.23 -8.76 4.80
C GLU A 512 -22.26 -9.33 5.76
N ALA A 513 -22.19 -10.61 6.11
CA ALA A 513 -23.04 -11.11 7.18
C ALA A 513 -22.73 -10.41 8.49
N ALA A 514 -21.44 -10.29 8.82
CA ALA A 514 -21.06 -9.56 10.03
C ALA A 514 -21.38 -8.07 9.90
N TYR A 515 -21.31 -7.53 8.68
CA TYR A 515 -21.64 -6.13 8.48
C TYR A 515 -23.10 -5.86 8.81
N PHE A 516 -23.99 -6.72 8.33
CA PHE A 516 -25.40 -6.57 8.67
C PHE A 516 -25.64 -6.79 10.15
N ARG A 517 -24.96 -7.77 10.74
CA ARG A 517 -25.15 -8.03 12.17
C ARG A 517 -24.72 -6.82 12.99
N SER A 518 -23.69 -6.10 12.54
CA SER A 518 -23.29 -4.88 13.24
C SER A 518 -24.22 -3.71 12.94
N MET A 519 -24.80 -3.67 11.74
CA MET A 519 -25.66 -2.55 11.35
C MET A 519 -27.10 -2.70 11.84
N LEU A 520 -27.45 -3.82 12.47
CA LEU A 520 -28.81 -4.02 12.97
C LEU A 520 -29.36 -2.89 13.86
N PRO A 521 -28.65 -2.39 14.88
CA PRO A 521 -29.27 -1.34 15.73
C PRO A 521 -29.64 -0.08 14.97
N PHE A 522 -28.83 0.31 13.98
CA PHE A 522 -29.16 1.43 13.12
C PHE A 522 -30.47 1.20 12.40
N HIS A 523 -30.65 -0.01 11.86
CA HIS A 523 -31.87 -0.38 11.17
C HIS A 523 -33.07 -0.28 12.10
N MET A 524 -32.92 -0.82 13.31
CA MET A 524 -34.03 -0.78 14.27
C MET A 524 -34.40 0.63 14.66
N VAL A 525 -33.41 1.49 14.87
CA VAL A 525 -33.69 2.87 15.25
C VAL A 525 -34.41 3.60 14.12
N ARG A 526 -33.95 3.39 12.88
CA ARG A 526 -34.60 4.04 11.75
C ARG A 526 -36.06 3.62 11.63
N PHE A 527 -36.33 2.33 11.77
CA PHE A 527 -37.71 1.88 11.61
C PHE A 527 -38.57 2.28 12.79
N ALA A 528 -37.99 2.42 13.99
CA ALA A 528 -38.73 2.96 15.11
C ALA A 528 -39.14 4.40 14.86
N ARG A 529 -38.23 5.20 14.29
CA ARG A 529 -38.58 6.58 13.94
C ARG A 529 -39.70 6.62 12.92
N ILE A 530 -39.64 5.75 11.92
CA ILE A 530 -40.69 5.71 10.90
C ILE A 530 -42.04 5.35 11.52
N ASN A 531 -42.06 4.34 12.39
CA ASN A 531 -43.29 3.95 13.06
C ASN A 531 -43.86 5.09 13.89
N GLN A 532 -42.99 5.80 14.61
CA GLN A 532 -43.45 6.91 15.42
C GLN A 532 -44.07 8.01 14.57
N ILE A 533 -43.42 8.35 13.45
CA ILE A 533 -43.95 9.39 12.57
C ILE A 533 -45.32 8.98 12.03
N ILE A 534 -45.44 7.75 11.54
CA ILE A 534 -46.70 7.31 10.94
C ILE A 534 -47.82 7.29 11.98
N ASN A 535 -47.53 6.80 13.18
CA ASN A 535 -48.59 6.63 14.16
C ASN A 535 -48.98 7.93 14.85
N GLU A 536 -48.06 8.87 15.05
CA GLU A 536 -48.35 10.03 15.86
C GLU A 536 -48.28 11.36 15.12
N ASP A 537 -48.05 11.37 13.81
CA ASP A 537 -48.05 12.62 13.07
C ASP A 537 -49.02 12.63 11.90
N LEU A 538 -49.21 11.50 11.23
CA LEU A 538 -50.01 11.45 10.01
C LEU A 538 -51.43 10.99 10.28
N HIS A 539 -51.98 11.36 11.43
CA HIS A 539 -53.32 10.98 11.84
C HIS A 539 -54.25 12.17 11.64
N SER A 540 -55.21 12.03 10.73
CA SER A 540 -56.14 13.10 10.39
C SER A 540 -57.34 12.48 9.68
N VAL A 541 -58.31 13.33 9.32
CA VAL A 541 -59.40 12.83 8.49
C VAL A 541 -58.92 12.54 7.09
N PHE A 542 -57.79 13.12 6.69
CA PHE A 542 -57.24 12.85 5.37
C PHE A 542 -56.58 11.48 5.28
N SER A 543 -56.40 10.80 6.41
CA SER A 543 -55.89 9.44 6.37
C SER A 543 -56.92 8.49 5.77
N LEU A 544 -56.43 7.49 5.07
CA LEU A 544 -57.32 6.58 4.36
C LEU A 544 -58.12 5.75 5.36
N PRO A 545 -59.41 5.52 5.09
CA PRO A 545 -60.21 4.68 5.98
C PRO A 545 -59.75 3.23 5.94
N ASP A 546 -60.15 2.49 6.98
CA ASP A 546 -59.70 1.10 7.12
C ASP A 546 -60.24 0.20 6.03
N ASP A 547 -61.51 0.40 5.65
CA ASP A 547 -62.14 -0.46 4.66
C ASP A 547 -61.47 -0.36 3.29
N MET A 548 -60.82 0.75 2.99
CA MET A 548 -60.06 0.88 1.76
C MET A 548 -58.62 0.43 1.92
N PHE A 549 -58.04 0.66 3.10
CA PHE A 549 -56.67 0.21 3.34
C PHE A 549 -56.56 -1.30 3.29
N ASN A 550 -57.56 -2.00 3.84
CA ASN A 550 -57.52 -3.46 3.77
C ASN A 550 -57.72 -3.97 2.35
N ALA A 551 -58.48 -3.25 1.53
CA ALA A 551 -58.81 -3.70 0.19
C ALA A 551 -57.82 -3.25 -0.87
N LEU A 552 -56.85 -2.40 -0.51
CA LEU A 552 -55.86 -1.97 -1.50
C LEU A 552 -55.06 -3.14 -2.04
N LEU A 553 -54.61 -4.05 -1.16
CA LEU A 553 -53.75 -5.13 -1.62
C LEU A 553 -54.44 -6.13 -2.54
N PRO A 554 -55.63 -6.66 -2.22
CA PRO A 554 -56.25 -7.61 -3.17
C PRO A 554 -56.58 -7.01 -4.52
N ASP A 555 -56.83 -5.70 -4.57
CA ASP A 555 -57.09 -5.06 -5.86
C ASP A 555 -55.84 -5.04 -6.72
N LEU A 556 -54.67 -4.88 -6.11
CA LEU A 556 -53.42 -4.87 -6.88
C LEU A 556 -53.15 -6.22 -7.51
N ILE A 557 -53.47 -7.31 -6.80
CA ILE A 557 -53.24 -8.64 -7.34
C ILE A 557 -54.19 -8.92 -8.49
N ALA A 558 -55.47 -8.62 -8.31
CA ALA A 558 -56.49 -8.96 -9.29
C ALA A 558 -56.56 -7.98 -10.45
N GLY A 559 -55.80 -6.89 -10.41
CA GLY A 559 -55.79 -5.92 -11.49
C GLY A 559 -57.10 -5.20 -11.72
N ALA A 560 -57.79 -4.82 -10.64
CA ALA A 560 -59.05 -4.09 -10.74
C ALA A 560 -58.81 -2.64 -10.40
N HIS A 561 -59.26 -1.74 -11.28
CA HIS A 561 -59.01 -0.31 -11.15
C HIS A 561 -60.29 0.45 -10.92
N GLN A 562 -61.22 -0.14 -10.17
CA GLN A 562 -62.50 0.50 -9.87
C GLN A 562 -62.44 1.34 -8.60
N ASN A 563 -61.32 1.35 -7.90
CA ASN A 563 -61.16 2.14 -6.68
C ASN A 563 -59.97 3.08 -6.83
N ALA A 564 -59.57 3.71 -5.73
CA ALA A 564 -58.41 4.59 -5.76
C ALA A 564 -57.15 3.81 -6.11
N ASP A 565 -56.36 4.35 -7.03
CA ASP A 565 -55.17 3.67 -7.53
C ASP A 565 -53.94 4.31 -6.93
N PRO A 566 -53.01 3.53 -6.39
CA PRO A 566 -51.85 4.12 -5.72
C PRO A 566 -50.91 4.84 -6.67
N VAL A 567 -50.20 5.81 -6.13
CA VAL A 567 -49.22 6.58 -6.88
C VAL A 567 -47.93 5.79 -6.97
N VAL A 568 -47.32 5.77 -8.15
CA VAL A 568 -46.11 5.01 -8.41
C VAL A 568 -44.96 5.96 -8.66
N LEU A 569 -43.84 5.73 -7.99
CA LEU A 569 -42.63 6.53 -8.13
C LEU A 569 -41.50 5.65 -8.63
N ASP A 570 -40.54 6.27 -9.34
CA ASP A 570 -39.42 5.57 -9.94
C ASP A 570 -38.12 5.99 -9.28
N VAL A 571 -37.30 5.01 -8.92
CA VAL A 571 -36.03 5.26 -8.23
C VAL A 571 -34.92 4.50 -8.93
N SER A 572 -33.69 4.95 -8.68
CA SER A 572 -32.51 4.33 -9.27
C SER A 572 -32.05 3.13 -8.45
N TRP A 573 -31.11 2.38 -9.01
CA TRP A 573 -30.64 1.17 -8.34
C TRP A 573 -29.77 1.50 -7.14
N ILE A 574 -28.84 2.44 -7.29
CA ILE A 574 -27.92 2.77 -6.21
C ILE A 574 -28.62 3.51 -5.07
N SER A 575 -29.80 4.06 -5.34
CA SER A 575 -30.55 4.74 -4.30
C SER A 575 -30.95 3.78 -3.19
N LEU A 576 -31.10 2.50 -3.49
CA LEU A 576 -31.44 1.53 -2.45
C LEU A 576 -30.31 1.42 -1.44
N TRP A 577 -29.08 1.28 -1.92
CA TRP A 577 -27.93 1.23 -1.01
C TRP A 577 -27.79 2.53 -0.25
N PHE A 578 -27.94 3.67 -0.94
CA PHE A 578 -27.81 4.95 -0.26
C PHE A 578 -28.86 5.12 0.83
N ALA A 579 -30.10 4.69 0.55
CA ALA A 579 -31.16 4.78 1.55
C ALA A 579 -30.92 3.83 2.70
N PHE A 580 -30.33 2.67 2.43
CA PHE A 580 -30.00 1.76 3.52
C PHE A 580 -28.92 2.34 4.42
N ASN A 581 -28.02 3.16 3.88
CA ASN A 581 -26.96 3.74 4.68
C ASN A 581 -27.30 5.14 5.21
N ARG A 582 -28.55 5.57 5.12
CA ARG A 582 -28.94 6.88 5.63
C ARG A 582 -30.27 6.73 6.37
N SER A 583 -30.30 7.17 7.64
CA SER A 583 -31.54 7.17 8.40
C SER A 583 -32.18 8.55 8.35
N PHE A 584 -33.41 8.63 8.82
CA PHE A 584 -34.18 9.87 8.83
C PHE A 584 -34.40 10.31 10.27
N GLU A 585 -34.00 11.53 10.59
CA GLU A 585 -34.13 12.08 11.92
C GLU A 585 -34.93 13.38 11.88
N PRO A 586 -36.20 13.38 12.28
CA PRO A 586 -36.97 14.62 12.24
C PRO A 586 -36.50 15.60 13.29
N THR A 587 -36.34 16.85 12.87
CA THR A 587 -35.86 17.90 13.76
C THR A 587 -36.77 19.12 13.81
N HIS A 588 -37.84 19.17 13.03
CA HIS A 588 -38.75 20.30 13.09
C HIS A 588 -40.11 19.82 12.61
N ARG A 589 -41.06 19.74 13.53
CA ARG A 589 -42.41 19.31 13.19
C ARG A 589 -43.14 20.40 12.42
N ASN A 590 -44.22 19.99 11.76
CA ASN A 590 -44.92 20.89 10.86
C ASN A 590 -45.55 22.06 11.62
N GLU A 591 -45.52 23.24 11.01
CA GLU A 591 -46.04 24.42 11.67
C GLU A 591 -47.56 24.43 11.76
N MET A 592 -48.24 23.63 10.94
CA MET A 592 -49.69 23.62 10.91
C MET A 592 -50.27 22.45 11.68
N LEU A 593 -49.47 21.76 12.50
CA LEU A 593 -49.92 20.54 13.14
C LEU A 593 -51.01 20.80 14.16
N GLU A 594 -50.87 21.87 14.95
CA GLU A 594 -51.86 22.17 15.98
C GLU A 594 -53.01 23.01 15.48
N VAL A 595 -52.93 23.51 14.24
CA VAL A 595 -54.00 24.31 13.66
C VAL A 595 -54.89 23.47 12.74
N ALA A 596 -54.50 22.24 12.45
CA ALA A 596 -55.20 21.42 11.46
C ALA A 596 -56.69 21.20 11.75
N PRO A 597 -57.11 20.79 12.97
CA PRO A 597 -58.53 20.47 13.15
C PRO A 597 -59.48 21.62 12.85
N LEU A 598 -59.06 22.85 13.09
CA LEU A 598 -59.89 23.99 12.71
C LEU A 598 -60.08 24.07 11.19
N ILE A 599 -59.02 23.82 10.44
CA ILE A 599 -59.10 23.80 8.98
C ILE A 599 -60.02 22.68 8.53
N GLU A 600 -59.90 21.50 9.14
CA GLU A 600 -60.76 20.38 8.82
C GLU A 600 -62.23 20.72 9.03
N SER A 601 -62.54 21.36 10.16
CA SER A 601 -63.92 21.72 10.46
C SER A 601 -64.45 22.75 9.48
N VAL A 602 -63.64 23.74 9.12
CA VAL A 602 -64.08 24.75 8.16
C VAL A 602 -64.38 24.11 6.81
N TYR A 603 -63.50 23.22 6.36
CA TYR A 603 -63.69 22.55 5.08
C TYR A 603 -64.97 21.73 5.07
N ALA A 604 -65.20 20.97 6.15
CA ALA A 604 -66.41 20.16 6.24
C ALA A 604 -67.67 21.02 6.25
N SER A 605 -67.64 22.14 6.98
CA SER A 605 -68.81 23.02 7.06
C SER A 605 -69.14 23.61 5.69
N GLU A 606 -68.12 24.06 4.95
CA GLU A 606 -68.39 24.63 3.64
C GLU A 606 -68.93 23.57 2.67
N LEU A 607 -68.41 22.34 2.75
CA LEU A 607 -68.96 21.28 1.91
C LEU A 607 -70.43 21.03 2.24
N SER A 608 -70.78 21.04 3.52
CA SER A 608 -72.17 20.83 3.91
C SER A 608 -73.07 21.94 3.37
N VAL A 609 -72.59 23.19 3.42
CA VAL A 609 -73.37 24.30 2.88
C VAL A 609 -73.60 24.11 1.38
N MET A 610 -72.55 23.72 0.66
CA MET A 610 -72.69 23.43 -0.78
C MET A 610 -73.77 22.38 -1.03
N LYS A 611 -73.72 21.29 -0.26
CA LYS A 611 -74.67 20.21 -0.46
C LYS A 611 -76.10 20.67 -0.23
N VAL A 612 -76.33 21.43 0.84
CA VAL A 612 -77.68 21.91 1.14
C VAL A 612 -78.19 22.81 0.02
N ASP A 613 -77.34 23.72 -0.46
CA ASP A 613 -77.75 24.63 -1.53
C ASP A 613 -78.14 23.86 -2.79
N MET A 614 -77.30 22.91 -3.21
CA MET A 614 -77.61 22.15 -4.42
C MET A 614 -78.88 21.32 -4.25
N ARG A 615 -79.03 20.71 -3.07
CA ARG A 615 -80.20 19.88 -2.81
C ARG A 615 -81.49 20.68 -2.91
N HIS A 616 -81.48 21.91 -2.38
CA HIS A 616 -82.69 22.72 -2.48
C HIS A 616 -82.90 23.31 -3.87
N LEU A 617 -81.82 23.61 -4.60
CA LEU A 617 -81.97 24.18 -5.93
C LEU A 617 -82.36 23.14 -6.98
N SER A 618 -82.20 21.86 -6.69
CA SER A 618 -82.48 20.84 -7.71
C SER A 618 -83.95 20.76 -8.12
N LEU A 619 -84.88 21.31 -7.35
CA LEU A 619 -86.30 21.10 -7.60
C LEU A 619 -86.97 22.25 -8.34
N MET A 620 -86.23 23.30 -8.68
CA MET A 620 -86.83 24.48 -9.29
C MET A 620 -87.44 24.18 -10.65
N GLN A 621 -86.76 23.35 -11.45
CA GLN A 621 -87.27 23.07 -12.80
C GLN A 621 -88.61 22.37 -12.74
N ARG A 622 -88.77 21.42 -11.81
CA ARG A 622 -90.05 20.76 -11.65
C ARG A 622 -91.09 21.70 -11.06
N ARG A 623 -90.67 22.64 -10.20
CA ARG A 623 -91.66 23.51 -9.57
C ARG A 623 -92.20 24.57 -10.53
N PHE A 624 -91.35 25.13 -11.38
CA PHE A 624 -91.73 26.22 -12.28
C PHE A 624 -91.35 25.85 -13.70
N PRO A 625 -92.22 25.15 -14.42
CA PRO A 625 -91.89 24.75 -15.80
C PRO A 625 -91.72 25.91 -16.75
N ASP A 626 -92.46 27.01 -16.55
CA ASP A 626 -92.50 28.08 -17.54
C ASP A 626 -91.20 28.88 -17.54
N VAL A 627 -90.69 29.22 -16.36
CA VAL A 627 -89.50 30.06 -16.28
C VAL A 627 -88.26 29.29 -16.70
N LEU A 628 -88.20 27.99 -16.42
CA LEU A 628 -86.99 27.20 -16.62
C LEU A 628 -87.19 26.12 -17.67
N ILE A 629 -87.81 26.48 -18.80
CA ILE A 629 -88.12 25.50 -19.84
C ILE A 629 -86.85 24.96 -20.48
N GLN A 630 -85.83 25.80 -20.64
CA GLN A 630 -84.60 25.41 -21.33
C GLN A 630 -83.40 25.32 -20.39
N ALA A 631 -83.64 25.05 -19.11
CA ALA A 631 -82.55 24.95 -18.15
C ALA A 631 -81.99 23.52 -18.12
N ARG A 632 -80.76 23.40 -17.65
CA ARG A 632 -80.06 22.14 -17.52
C ARG A 632 -79.40 22.09 -16.15
N PRO A 633 -79.10 20.88 -15.64
CA PRO A 633 -78.47 20.80 -14.31
C PRO A 633 -77.13 21.51 -14.20
N SER A 634 -76.37 21.56 -15.30
CA SER A 634 -75.10 22.27 -15.26
C SER A 634 -75.28 23.74 -14.93
N HIS A 635 -76.43 24.32 -15.27
CA HIS A 635 -76.69 25.72 -14.99
C HIS A 635 -76.68 25.98 -13.49
N PHE A 636 -77.47 25.22 -12.73
CA PHE A 636 -77.52 25.48 -11.29
C PHE A 636 -76.27 24.97 -10.59
N TRP A 637 -75.61 23.96 -11.15
CA TRP A 637 -74.29 23.57 -10.62
C TRP A 637 -73.31 24.74 -10.70
N LYS A 638 -73.23 25.37 -11.88
CA LYS A 638 -72.35 26.53 -12.05
C LYS A 638 -72.79 27.70 -11.19
N ALA A 639 -74.09 27.88 -11.01
CA ALA A 639 -74.58 28.96 -10.17
C ALA A 639 -74.16 28.78 -8.72
N VAL A 640 -74.24 27.55 -8.21
CA VAL A 640 -73.82 27.28 -6.84
C VAL A 640 -72.31 27.48 -6.70
N LEU A 641 -71.54 26.99 -7.67
CA LEU A 641 -70.08 27.14 -7.58
C LEU A 641 -69.61 28.57 -7.75
N ASN A 642 -70.46 29.49 -8.18
CA ASN A 642 -70.05 30.88 -8.33
C ASN A 642 -70.12 31.68 -7.04
N ASP A 643 -70.67 31.09 -5.97
CA ASP A 643 -70.83 31.80 -4.71
C ASP A 643 -70.05 31.18 -3.56
N SER A 644 -69.49 30.01 -3.74
CA SER A 644 -68.71 29.36 -2.71
C SER A 644 -67.33 29.99 -2.61
N PRO A 645 -66.66 29.85 -1.46
CA PRO A 645 -65.29 30.36 -1.35
C PRO A 645 -64.34 29.62 -2.27
N GLU A 646 -63.32 30.34 -2.74
CA GLU A 646 -62.39 29.76 -3.71
C GLU A 646 -61.46 28.73 -3.09
N ALA A 647 -61.27 28.74 -1.77
CA ALA A 647 -60.38 27.78 -1.13
C ALA A 647 -60.92 26.36 -1.23
N VAL A 648 -62.22 26.18 -0.97
CA VAL A 648 -62.83 24.87 -1.07
C VAL A 648 -62.82 24.38 -2.51
N LYS A 649 -63.06 25.29 -3.46
CA LYS A 649 -62.99 24.92 -4.86
C LYS A 649 -61.58 24.49 -5.25
N ALA A 650 -60.56 25.17 -4.71
CA ALA A 650 -59.18 24.77 -5.00
C ALA A 650 -58.87 23.39 -4.43
N VAL A 651 -59.35 23.12 -3.20
CA VAL A 651 -59.12 21.81 -2.61
C VAL A 651 -59.75 20.72 -3.45
N MET A 652 -60.98 20.97 -3.94
CA MET A 652 -61.61 20.00 -4.82
C MET A 652 -60.86 19.86 -6.15
N ASN A 653 -60.38 20.97 -6.70
CA ASN A 653 -59.69 20.94 -7.98
C ASN A 653 -58.34 20.25 -7.89
N LEU A 654 -57.77 20.11 -6.68
CA LEU A 654 -56.57 19.30 -6.54
C LEU A 654 -56.78 17.88 -7.04
N SER A 655 -58.00 17.35 -6.92
CA SER A 655 -58.32 16.02 -7.41
C SER A 655 -59.09 16.03 -8.72
N HIS A 656 -59.92 17.04 -8.94
CA HIS A 656 -60.75 17.06 -10.15
C HIS A 656 -60.00 17.58 -11.36
N SER A 657 -58.73 17.96 -11.21
CA SER A 657 -57.97 18.44 -12.36
C SER A 657 -57.58 17.31 -13.30
N HIS A 658 -57.45 16.08 -12.81
CA HIS A 658 -57.14 14.96 -13.69
C HIS A 658 -58.04 13.75 -13.49
N ASN A 659 -59.17 13.89 -12.80
CA ASN A 659 -60.19 12.86 -12.75
C ASN A 659 -61.51 13.48 -13.20
N PHE A 660 -62.19 12.82 -14.14
CA PHE A 660 -63.38 13.37 -14.75
C PHE A 660 -64.62 13.02 -13.94
N ILE A 661 -65.50 14.00 -13.76
CA ILE A 661 -66.77 13.81 -13.08
C ILE A 661 -67.86 14.51 -13.90
N ASN A 662 -69.09 14.08 -13.68
CA ASN A 662 -70.23 14.62 -14.43
C ASN A 662 -71.40 14.80 -13.47
N ILE A 663 -72.60 14.96 -14.03
CA ILE A 663 -73.77 15.32 -13.24
C ILE A 663 -74.15 14.19 -12.29
N ARG A 664 -74.00 12.93 -12.74
CA ARG A 664 -74.41 11.81 -11.92
C ARG A 664 -73.62 11.72 -10.62
N ASP A 665 -72.31 11.96 -10.71
CA ASP A 665 -71.48 11.94 -9.51
C ASP A 665 -71.92 13.01 -8.52
N MET A 666 -72.20 14.21 -9.00
CA MET A 666 -72.59 15.29 -8.10
C MET A 666 -73.97 15.06 -7.51
N MET A 667 -74.89 14.50 -8.29
CA MET A 667 -76.21 14.17 -7.75
C MET A 667 -76.10 13.10 -6.66
N ARG A 668 -75.29 12.07 -6.89
CA ARG A 668 -75.12 11.05 -5.86
C ARG A 668 -74.46 11.64 -4.61
N TRP A 669 -73.50 12.55 -4.79
CA TRP A 669 -72.86 13.17 -3.64
C TRP A 669 -73.84 14.02 -2.86
N VAL A 670 -74.72 14.74 -3.56
CA VAL A 670 -75.67 15.62 -2.88
C VAL A 670 -76.71 14.80 -2.12
N MET A 671 -77.18 13.71 -2.72
CA MET A 671 -78.15 12.85 -2.03
C MET A 671 -77.59 12.12 -0.82
N LEU A 672 -76.29 12.12 -0.60
CA LEU A 672 -75.72 11.33 0.49
C LEU A 672 -76.03 11.98 1.84
N PRO A 673 -76.51 11.22 2.82
CA PRO A 673 -76.96 11.78 4.12
C PRO A 673 -75.87 11.93 5.20
N SER A 674 -75.07 12.98 5.08
CA SER A 674 -74.07 13.27 6.09
C SER A 674 -73.76 14.76 6.04
N LEU A 675 -73.93 15.44 7.17
CA LEU A 675 -73.65 16.87 7.25
C LEU A 675 -72.86 17.16 8.52
N GLN A 676 -72.09 18.24 8.47
CA GLN A 676 -71.30 18.67 9.61
C GLN A 676 -72.01 19.84 10.27
N PRO A 677 -72.61 19.65 11.45
CA PRO A 677 -73.38 20.75 12.06
C PRO A 677 -72.49 21.91 12.44
N SER A 678 -73.00 23.11 12.18
CA SER A 678 -72.30 24.35 12.51
C SER A 678 -73.32 25.47 12.52
N LEU A 679 -72.86 26.67 12.86
CA LEU A 679 -73.76 27.82 12.90
C LEU A 679 -74.27 28.16 11.50
N LYS A 680 -73.35 28.29 10.54
CA LYS A 680 -73.73 28.72 9.21
C LYS A 680 -74.62 27.69 8.52
N LEU A 681 -74.34 26.40 8.72
CA LEU A 681 -75.15 25.36 8.11
C LEU A 681 -76.58 25.37 8.64
N ALA A 682 -76.73 25.45 9.96
CA ALA A 682 -78.06 25.46 10.55
C ALA A 682 -78.86 26.69 10.11
N LEU A 683 -78.21 27.85 10.09
CA LEU A 683 -78.92 29.05 9.66
C LEU A 683 -79.27 28.99 8.17
N GLU A 684 -78.41 28.39 7.35
CA GLU A 684 -78.75 28.25 5.94
C GLU A 684 -79.93 27.32 5.73
N GLU A 685 -79.98 26.20 6.47
CA GLU A 685 -81.11 25.29 6.35
C GLU A 685 -82.40 25.98 6.78
N GLU A 686 -82.34 26.74 7.88
CA GLU A 686 -83.54 27.46 8.31
C GLU A 686 -83.94 28.53 7.32
N ALA A 687 -82.97 29.18 6.68
CA ALA A 687 -83.30 30.18 5.67
C ALA A 687 -84.00 29.55 4.48
N TRP A 688 -83.52 28.40 4.03
CA TRP A 688 -84.21 27.71 2.93
C TRP A 688 -85.62 27.31 3.33
N ALA A 689 -85.78 26.80 4.56
CA ALA A 689 -87.11 26.42 5.03
C ALA A 689 -88.04 27.63 5.07
N ALA A 690 -87.54 28.79 5.51
CA ALA A 690 -88.36 29.99 5.55
C ALA A 690 -88.69 30.48 4.15
N ALA A 691 -87.77 30.35 3.21
CA ALA A 691 -87.98 30.79 1.85
C ALA A 691 -88.58 29.71 0.97
N ASN A 692 -89.11 28.64 1.56
CA ASN A 692 -89.79 27.60 0.79
C ASN A 692 -90.93 28.19 -0.05
N ASP A 693 -91.72 29.08 0.52
CA ASP A 693 -92.81 29.73 -0.20
C ASP A 693 -92.25 30.94 -0.94
N PHE A 694 -92.42 30.96 -2.26
CA PHE A 694 -91.86 32.06 -3.05
C PHE A 694 -92.65 33.34 -2.98
N GLU A 695 -93.88 33.31 -2.46
CA GLU A 695 -94.61 34.55 -2.25
C GLU A 695 -93.91 35.44 -1.24
N ASP A 696 -93.18 34.83 -0.30
CA ASP A 696 -92.37 35.58 0.65
C ASP A 696 -91.11 36.17 0.02
N LEU A 697 -90.78 35.78 -1.21
CA LEU A 697 -89.68 36.40 -1.94
C LEU A 697 -90.15 37.52 -2.85
N MET A 698 -91.45 37.85 -2.81
CA MET A 698 -92.03 38.98 -3.54
C MET A 698 -91.85 38.83 -5.05
N LEU A 699 -92.25 37.67 -5.56
CA LEU A 699 -92.36 37.48 -7.00
C LEU A 699 -93.42 36.42 -7.25
N THR A 700 -94.27 36.68 -8.25
CA THR A 700 -95.45 35.86 -8.47
C THR A 700 -95.84 35.90 -9.93
N ASP A 701 -96.89 35.16 -10.26
CA ASP A 701 -97.42 35.11 -11.61
C ASP A 701 -98.89 35.53 -11.72
N GLN A 702 -99.54 35.86 -10.61
CA GLN A 702 -100.96 36.20 -10.63
C GLN A 702 -101.12 37.69 -10.94
N VAL A 703 -100.86 38.03 -12.20
CA VAL A 703 -101.00 39.39 -12.70
C VAL A 703 -102.12 39.39 -13.75
N TYR A 704 -103.06 40.31 -13.60
CA TYR A 704 -104.24 40.34 -14.44
C TYR A 704 -104.41 41.71 -15.05
N MET A 705 -105.09 41.74 -16.20
CA MET A 705 -105.42 42.98 -16.90
C MET A 705 -106.92 43.14 -16.92
N HIS A 706 -107.40 44.31 -16.51
CA HIS A 706 -108.83 44.54 -16.34
C HIS A 706 -109.07 46.04 -16.31
N ARG A 707 -110.26 46.45 -16.73
CA ARG A 707 -110.62 47.85 -16.82
C ARG A 707 -111.39 48.26 -15.57
N ASP A 708 -110.85 49.20 -14.80
CA ASP A 708 -111.46 49.64 -13.56
C ASP A 708 -111.31 51.15 -13.41
N MET A 709 -112.12 51.72 -12.54
CA MET A 709 -112.24 53.16 -12.38
C MET A 709 -111.66 53.59 -11.04
N LEU A 710 -110.96 54.73 -11.04
CA LEU A 710 -110.52 55.30 -9.78
C LEU A 710 -111.72 55.84 -9.00
N PRO A 711 -111.76 55.64 -7.69
CA PRO A 711 -112.92 56.11 -6.91
C PRO A 711 -112.99 57.63 -6.88
N GLU A 712 -114.23 58.13 -6.80
CA GLU A 712 -114.51 59.56 -6.72
C GLU A 712 -115.47 59.77 -5.55
N PRO A 713 -114.96 59.81 -4.33
CA PRO A 713 -115.83 60.00 -3.17
C PRO A 713 -116.40 61.41 -3.12
N ARG A 714 -117.53 61.55 -2.45
CA ARG A 714 -118.19 62.84 -2.30
C ARG A 714 -117.87 63.44 -0.94
N LEU A 715 -117.46 64.70 -0.94
CA LEU A 715 -117.01 65.39 0.28
C LEU A 715 -118.15 66.21 0.88
N ASP A 716 -119.25 65.53 1.21
CA ASP A 716 -120.40 66.23 1.77
C ASP A 716 -120.07 66.84 3.13
N ASP A 717 -119.28 66.13 3.94
CA ASP A 717 -118.80 66.63 5.22
C ASP A 717 -117.30 66.44 5.23
N ILE A 718 -116.55 67.53 5.48
CA ILE A 718 -115.10 67.48 5.29
C ILE A 718 -114.43 66.70 6.41
N GLU A 719 -114.71 67.07 7.67
CA GLU A 719 -114.02 66.41 8.77
C GLU A 719 -114.48 64.96 8.94
N ARG A 720 -115.74 64.68 8.63
CA ARG A 720 -116.21 63.30 8.68
C ARG A 720 -115.47 62.44 7.66
N PHE A 721 -115.25 62.97 6.46
CA PHE A 721 -114.47 62.24 5.46
C PHE A 721 -113.02 62.11 5.89
N ARG A 722 -112.45 63.16 6.48
CA ARG A 722 -111.05 63.10 6.88
C ARG A 722 -110.83 62.10 7.99
N GLN A 723 -111.85 61.86 8.82
CA GLN A 723 -111.69 60.93 9.94
C GLN A 723 -111.45 59.51 9.45
N GLU A 724 -112.12 59.09 8.38
CA GLU A 724 -111.90 57.75 7.85
C GLU A 724 -110.70 57.76 6.90
N GLY A 725 -109.87 56.74 7.02
CA GLY A 725 -108.64 56.70 6.26
C GLY A 725 -108.81 56.18 4.85
N PHE A 726 -109.35 57.01 3.96
CA PHE A 726 -109.61 56.56 2.60
C PHE A 726 -108.31 56.36 1.85
N TYR A 727 -108.25 55.24 1.11
CA TYR A 727 -107.09 54.93 0.29
C TYR A 727 -107.53 53.93 -0.77
N TYR A 728 -106.74 53.83 -1.83
CA TYR A 728 -107.04 52.93 -2.93
C TYR A 728 -105.81 52.10 -3.26
N THR A 729 -106.04 50.88 -3.74
CA THR A 729 -104.94 50.03 -4.17
C THR A 729 -105.43 49.09 -5.26
N ASN A 730 -104.48 48.58 -6.04
CA ASN A 730 -104.76 47.57 -7.05
C ASN A 730 -104.48 46.16 -6.55
N MET A 731 -104.11 46.01 -5.29
CA MET A 731 -103.98 44.69 -4.70
C MET A 731 -105.35 44.02 -4.61
N LEU A 732 -105.41 42.75 -4.97
CA LEU A 732 -106.66 42.01 -5.05
C LEU A 732 -106.86 41.18 -3.78
N GLU A 733 -108.10 41.14 -3.30
CA GLU A 733 -108.41 40.29 -2.16
C GLU A 733 -108.33 38.81 -2.52
N ALA A 734 -108.91 38.44 -3.67
CA ALA A 734 -108.91 37.06 -4.12
C ALA A 734 -108.81 37.05 -5.63
N PRO A 735 -108.28 35.99 -6.23
CA PRO A 735 -108.23 35.92 -7.70
C PRO A 735 -109.63 35.85 -8.27
N PRO A 736 -109.83 36.29 -9.51
CA PRO A 736 -111.16 36.28 -10.10
C PRO A 736 -111.67 34.87 -10.32
N GLU A 737 -112.97 34.78 -10.58
CA GLU A 737 -113.60 33.50 -10.85
C GLU A 737 -113.02 32.90 -12.13
N ILE A 738 -112.91 31.57 -12.16
CA ILE A 738 -112.14 30.90 -13.19
C ILE A 738 -112.77 31.07 -14.58
N ASP A 739 -114.09 31.13 -14.66
CA ASP A 739 -114.74 31.19 -15.96
C ASP A 739 -114.83 32.62 -16.52
N ARG A 740 -114.33 33.61 -15.79
CA ARG A 740 -114.35 34.98 -16.25
C ARG A 740 -113.02 35.45 -16.84
N VAL A 741 -112.02 34.57 -16.91
CA VAL A 741 -110.70 34.97 -17.38
C VAL A 741 -110.44 34.30 -18.72
N VAL A 742 -109.57 34.94 -19.50
CA VAL A 742 -109.13 34.42 -20.80
C VAL A 742 -107.61 34.38 -20.77
N GLN A 743 -107.06 33.21 -21.07
CA GLN A 743 -105.63 32.97 -20.96
C GLN A 743 -105.01 33.03 -22.35
N TYR A 744 -104.06 33.94 -22.54
CA TYR A 744 -103.24 33.97 -23.75
C TYR A 744 -101.88 33.36 -23.52
N THR A 745 -101.34 32.77 -24.57
CA THR A 745 -99.95 32.38 -24.69
C THR A 745 -99.36 33.13 -25.87
N TYR A 746 -98.12 32.82 -26.23
CA TYR A 746 -97.52 33.46 -27.38
C TYR A 746 -98.17 32.98 -28.68
N GLU A 747 -98.56 31.70 -28.73
CA GLU A 747 -99.09 31.14 -29.96
C GLU A 747 -100.43 31.76 -30.34
N ILE A 748 -101.32 31.93 -29.37
CA ILE A 748 -102.63 32.50 -29.66
C ILE A 748 -102.49 33.94 -30.13
N ALA A 749 -101.63 34.71 -29.46
CA ALA A 749 -101.40 36.09 -29.86
C ALA A 749 -100.82 36.16 -31.26
N ARG A 750 -99.89 35.27 -31.58
CA ARG A 750 -99.30 35.26 -32.91
C ARG A 750 -100.33 34.91 -33.98
N LEU A 751 -101.19 33.93 -33.71
CA LEU A 751 -102.23 33.58 -34.69
C LEU A 751 -103.19 34.75 -34.90
N GLN A 752 -103.62 35.39 -33.82
CA GLN A 752 -104.55 36.51 -33.97
C GLN A 752 -103.91 37.69 -34.66
N ALA A 753 -102.61 37.93 -34.42
CA ALA A 753 -101.91 38.98 -35.14
C ALA A 753 -101.78 38.64 -36.62
N ASN A 754 -101.59 37.34 -36.94
CA ASN A 754 -101.53 36.93 -38.33
C ASN A 754 -102.84 37.19 -39.04
N MET A 755 -103.97 36.89 -38.38
CA MET A 755 -105.26 37.18 -38.97
C MET A 755 -105.67 38.64 -38.83
N GLY A 756 -104.90 39.44 -38.09
CA GLY A 756 -105.25 40.83 -37.87
C GLY A 756 -106.44 41.03 -36.95
N GLN A 757 -106.46 40.33 -35.82
CA GLN A 757 -107.57 40.42 -34.86
C GLN A 757 -107.12 40.58 -33.42
N PHE A 758 -105.84 40.86 -33.17
CA PHE A 758 -105.33 40.91 -31.81
C PHE A 758 -105.95 42.09 -31.04
N ARG A 759 -105.81 43.29 -31.59
CA ARG A 759 -106.34 44.48 -30.92
C ARG A 759 -107.86 44.42 -30.80
N ALA A 760 -108.53 43.94 -31.85
CA ALA A 760 -109.98 43.83 -31.80
C ALA A 760 -110.43 42.84 -30.74
N ALA A 761 -109.74 41.70 -30.63
CA ALA A 761 -110.09 40.73 -29.60
C ALA A 761 -109.87 41.29 -28.21
N LEU A 762 -108.77 41.99 -28.00
CA LEU A 762 -108.52 42.58 -26.69
C LEU A 762 -109.58 43.61 -26.33
N ARG A 763 -109.96 44.45 -27.29
CA ARG A 763 -111.00 45.45 -27.03
C ARG A 763 -112.34 44.77 -26.74
N ARG A 764 -112.66 43.71 -27.48
CA ARG A 764 -113.92 43.01 -27.25
C ARG A 764 -113.95 42.37 -25.87
N ILE A 765 -112.83 41.78 -25.45
CA ILE A 765 -112.79 41.16 -24.13
C ILE A 765 -112.90 42.22 -23.04
N MET A 766 -112.20 43.34 -23.18
CA MET A 766 -112.24 44.36 -22.14
C MET A 766 -113.60 45.03 -22.05
N ASP A 767 -114.30 45.19 -23.18
CA ASP A 767 -115.62 45.80 -23.14
C ASP A 767 -116.66 44.89 -22.50
N ASP A 768 -116.37 43.60 -22.36
CA ASP A 768 -117.30 42.66 -21.78
C ASP A 768 -117.10 42.46 -20.28
N ASP A 769 -116.22 43.25 -19.67
CA ASP A 769 -115.90 43.16 -18.24
C ASP A 769 -115.37 41.77 -17.90
N ASP A 770 -114.24 41.42 -18.51
CA ASP A 770 -113.56 40.16 -18.27
C ASP A 770 -112.12 40.44 -17.88
N TRP A 771 -111.34 39.37 -17.74
CA TRP A 771 -109.96 39.46 -17.28
C TRP A 771 -109.04 38.74 -18.25
N VAL A 772 -107.81 39.23 -18.37
CA VAL A 772 -106.83 38.69 -19.30
C VAL A 772 -105.53 38.44 -18.56
N ARG A 773 -104.98 37.25 -18.75
CA ARG A 773 -103.69 36.88 -18.18
C ARG A 773 -102.73 36.54 -19.30
N PHE A 774 -101.50 37.06 -19.23
CA PHE A 774 -100.50 36.87 -20.28
C PHE A 774 -99.45 35.90 -19.78
N GLY A 775 -99.43 34.70 -20.33
CA GLY A 775 -98.38 33.74 -20.01
C GLY A 775 -98.48 33.23 -18.59
N GLY A 776 -97.37 32.61 -18.16
CA GLY A 776 -97.29 32.06 -16.82
C GLY A 776 -95.94 32.22 -16.18
N VAL A 777 -95.18 33.21 -16.61
CA VAL A 777 -93.83 33.45 -16.12
C VAL A 777 -93.90 34.29 -14.85
N LEU A 778 -93.01 34.01 -13.91
CA LEU A 778 -92.93 34.80 -12.69
C LEU A 778 -92.51 36.23 -13.02
N ARG A 779 -93.03 37.18 -12.25
CA ARG A 779 -92.75 38.60 -12.46
C ARG A 779 -92.35 39.26 -11.15
N THR A 780 -91.28 40.04 -11.19
CA THR A 780 -90.87 40.79 -10.00
C THR A 780 -91.87 41.88 -9.69
N VAL A 781 -92.07 42.15 -8.41
CA VAL A 781 -93.08 43.09 -7.94
C VAL A 781 -92.41 44.22 -7.19
N ARG A 782 -92.79 45.45 -7.52
CA ARG A 782 -92.33 46.64 -6.83
C ARG A 782 -93.49 47.25 -6.04
N VAL A 783 -93.16 48.00 -5.00
CA VAL A 783 -94.14 48.64 -4.14
C VAL A 783 -93.85 50.13 -4.09
N LYS A 784 -94.84 50.96 -4.38
CA LYS A 784 -94.70 52.40 -4.36
C LYS A 784 -95.87 53.04 -3.63
N PHE A 785 -95.63 54.23 -3.07
CA PHE A 785 -96.65 54.99 -2.38
C PHE A 785 -96.79 56.37 -3.04
N TYR A 786 -98.03 56.83 -3.17
CA TYR A 786 -98.31 58.09 -3.83
C TYR A 786 -99.23 58.94 -2.97
N ASP A 787 -99.00 60.25 -2.96
CA ASP A 787 -99.85 61.18 -2.26
C ASP A 787 -100.67 62.07 -3.19
N ALA A 788 -100.46 61.97 -4.50
CA ALA A 788 -101.25 62.68 -5.48
C ALA A 788 -101.59 61.72 -6.61
N ARG A 789 -102.18 62.24 -7.67
CA ARG A 789 -102.55 61.40 -8.80
C ARG A 789 -101.29 60.85 -9.44
N PRO A 790 -101.17 59.53 -9.60
CA PRO A 790 -99.92 58.95 -10.09
C PRO A 790 -99.72 59.26 -11.56
N PRO A 791 -98.49 59.18 -12.05
CA PRO A 791 -98.24 59.48 -13.47
C PRO A 791 -98.87 58.43 -14.37
N ASP A 792 -98.95 58.78 -15.65
CA ASP A 792 -99.61 57.95 -16.64
C ASP A 792 -98.78 56.75 -17.07
N ASP A 793 -97.71 56.42 -16.37
CA ASP A 793 -96.94 55.22 -16.68
C ASP A 793 -97.43 54.04 -15.85
N VAL A 794 -97.37 54.15 -14.52
CA VAL A 794 -97.87 53.09 -13.66
C VAL A 794 -99.38 52.98 -13.77
N LEU A 795 -100.05 54.09 -14.07
CA LEU A 795 -101.48 54.10 -14.27
C LEU A 795 -101.77 54.11 -15.76
N GLN A 796 -102.58 53.16 -16.21
CA GLN A 796 -102.90 52.99 -17.63
C GLN A 796 -101.61 52.74 -18.42
N GLY A 797 -101.06 51.56 -18.18
CA GLY A 797 -99.86 51.12 -18.86
C GLY A 797 -99.98 49.68 -19.31
N LEU A 798 -99.86 49.44 -20.61
CA LEU A 798 -100.13 48.12 -21.13
C LEU A 798 -98.99 47.17 -20.75
N PRO A 799 -99.32 45.94 -20.40
CA PRO A 799 -98.28 44.98 -20.01
C PRO A 799 -97.69 44.23 -21.19
N PHE A 800 -97.85 44.75 -22.40
CA PHE A 800 -97.29 44.13 -23.59
C PHE A 800 -96.91 45.20 -24.60
N SER A 801 -96.12 44.81 -25.58
CA SER A 801 -95.73 45.65 -26.70
C SER A 801 -96.00 44.93 -28.01
N TYR A 802 -96.53 45.67 -28.97
CA TYR A 802 -96.94 45.12 -30.26
C TYR A 802 -96.49 46.07 -31.36
N ASP A 803 -95.49 45.66 -32.14
CA ASP A 803 -94.92 46.48 -33.19
C ASP A 803 -95.08 45.80 -34.55
N THR A 804 -95.11 46.62 -35.60
CA THR A 804 -95.28 46.13 -36.96
C THR A 804 -94.32 46.87 -37.89
N ASN A 805 -93.65 46.13 -38.77
CA ASN A 805 -92.75 46.72 -39.75
C ASN A 805 -93.00 46.09 -41.12
N GLU A 806 -92.40 46.70 -42.14
CA GLU A 806 -92.55 46.22 -43.51
C GLU A 806 -91.20 46.29 -44.20
N ARG A 807 -90.72 45.15 -44.69
CA ARG A 807 -89.47 45.09 -45.43
C ARG A 807 -89.68 44.28 -46.70
N GLY A 808 -89.29 44.86 -47.83
CA GLY A 808 -89.34 44.15 -49.10
C GLY A 808 -90.71 43.71 -49.51
N GLY A 809 -91.75 44.41 -49.07
CA GLY A 809 -93.11 44.02 -49.36
C GLY A 809 -93.68 42.99 -48.44
N LEU A 810 -92.95 42.58 -47.41
CA LEU A 810 -93.44 41.61 -46.44
C LEU A 810 -93.62 42.28 -45.09
N ALA A 811 -94.72 41.95 -44.41
CA ALA A 811 -95.05 42.54 -43.12
C ALA A 811 -94.59 41.62 -41.99
N TYR A 812 -93.98 42.22 -40.97
CA TYR A 812 -93.49 41.50 -39.81
C TYR A 812 -94.11 42.09 -38.56
N ALA A 813 -94.38 41.22 -37.58
CA ALA A 813 -94.99 41.61 -36.32
C ALA A 813 -94.13 41.14 -35.17
N THR A 814 -94.04 41.96 -34.12
CA THR A 814 -93.28 41.63 -32.92
C THR A 814 -94.18 41.82 -31.72
N ILE A 815 -94.34 40.77 -30.93
CA ILE A 815 -95.17 40.78 -29.72
C ILE A 815 -94.29 40.41 -28.55
N LYS A 816 -94.33 41.23 -27.49
CA LYS A 816 -93.45 41.00 -26.36
C LYS A 816 -94.21 41.26 -25.06
N TYR A 817 -93.97 40.42 -24.06
CA TYR A 817 -94.61 40.54 -22.75
C TYR A 817 -93.65 41.15 -21.75
N ALA A 818 -94.18 42.03 -20.89
CA ALA A 818 -93.34 42.68 -19.90
C ALA A 818 -92.99 41.72 -18.77
N THR A 819 -91.92 42.05 -18.06
CA THR A 819 -91.41 41.20 -16.98
C THR A 819 -91.41 41.90 -15.63
N GLU A 820 -92.12 43.01 -15.49
CA GLU A 820 -92.14 43.75 -14.23
C GLU A 820 -93.54 44.28 -13.99
N THR A 821 -93.88 44.48 -12.72
CA THR A 821 -95.19 44.97 -12.33
C THR A 821 -95.03 45.86 -11.10
N THR A 822 -96.10 46.56 -10.74
CA THR A 822 -96.07 47.52 -9.65
C THR A 822 -97.36 47.48 -8.87
N ILE A 823 -97.24 47.40 -7.53
CA ILE A 823 -98.37 47.56 -6.63
C ILE A 823 -98.27 48.93 -6.00
N PHE A 824 -99.31 49.73 -6.13
CA PHE A 824 -99.28 51.10 -5.64
C PHE A 824 -100.44 51.36 -4.70
N TYR A 825 -100.20 52.18 -3.69
CA TYR A 825 -101.21 52.62 -2.74
C TYR A 825 -101.39 54.12 -2.89
N LEU A 826 -102.62 54.55 -3.13
CA LEU A 826 -102.93 55.95 -3.39
C LEU A 826 -103.71 56.50 -2.21
N ILE A 827 -103.21 57.59 -1.64
CA ILE A 827 -103.78 58.21 -0.45
C ILE A 827 -104.40 59.54 -0.84
N TYR A 828 -105.58 59.81 -0.32
CA TYR A 828 -106.35 61.01 -0.66
C TYR A 828 -106.14 62.07 0.40
N ASN A 829 -105.77 63.28 -0.03
CA ASN A 829 -105.65 64.43 0.84
C ASN A 829 -106.59 65.51 0.36
N VAL A 830 -107.35 66.08 1.29
CA VAL A 830 -108.37 67.08 0.96
C VAL A 830 -108.11 68.33 1.80
N GLU A 831 -108.82 69.40 1.45
CA GLU A 831 -108.64 70.69 2.08
C GLU A 831 -110.00 71.27 2.43
N PHE A 832 -110.03 72.16 3.42
CA PHE A 832 -111.29 72.74 3.88
C PHE A 832 -111.97 73.59 2.83
N SER A 833 -111.26 74.04 1.81
CA SER A 833 -111.85 74.85 0.76
C SER A 833 -112.49 74.01 -0.34
N ASN A 834 -112.39 72.69 -0.28
CA ASN A 834 -112.94 71.85 -1.32
C ASN A 834 -114.46 71.84 -1.27
N THR A 835 -115.08 71.89 -2.44
CA THR A 835 -116.52 71.75 -2.56
C THR A 835 -116.93 70.29 -2.43
N PRO A 836 -118.19 70.01 -2.08
CA PRO A 836 -118.61 68.62 -1.92
C PRO A 836 -118.53 67.78 -3.18
N ASP A 837 -118.48 68.38 -4.36
CA ASP A 837 -118.37 67.65 -5.61
C ASP A 837 -117.11 68.05 -6.36
N SER A 838 -116.02 68.26 -5.62
CA SER A 838 -114.79 68.72 -6.25
C SER A 838 -114.05 67.59 -6.94
N LEU A 839 -114.13 66.37 -6.42
CA LEU A 839 -113.36 65.26 -6.96
C LEU A 839 -114.09 64.52 -8.08
N VAL A 840 -115.34 64.85 -8.36
CA VAL A 840 -116.10 64.15 -9.39
C VAL A 840 -115.73 64.71 -10.75
N LEU A 841 -115.42 63.83 -11.69
CA LEU A 841 -115.10 64.21 -13.06
C LEU A 841 -116.22 63.77 -14.00
N ILE A 842 -116.28 64.44 -15.15
CA ILE A 842 -117.33 64.12 -16.11
C ILE A 842 -117.09 62.76 -16.74
N ASN A 843 -115.83 62.35 -16.89
CA ASN A 843 -115.49 61.03 -17.40
C ASN A 843 -114.48 60.37 -16.49
N PRO A 844 -114.58 59.06 -16.29
CA PRO A 844 -113.68 58.39 -15.35
C PRO A 844 -112.29 58.20 -15.92
N THR A 845 -111.34 57.95 -15.02
CA THR A 845 -109.97 57.61 -15.36
C THR A 845 -109.78 56.12 -15.14
N TYR A 846 -109.18 55.44 -16.11
CA TYR A 846 -109.11 53.99 -16.12
C TYR A 846 -107.76 53.49 -15.61
N THR A 847 -107.81 52.40 -14.86
CA THR A 847 -106.62 51.68 -14.42
C THR A 847 -106.67 50.26 -14.98
N MET A 848 -105.49 49.72 -15.32
CA MET A 848 -105.43 48.50 -16.12
C MET A 848 -104.47 47.45 -15.56
N THR A 849 -104.37 47.31 -14.23
CA THR A 849 -103.47 46.32 -13.66
C THR A 849 -103.97 45.89 -12.28
N LYS A 850 -104.02 44.58 -12.05
CA LYS A 850 -104.37 44.01 -10.76
C LYS A 850 -103.41 42.89 -10.42
N VAL A 851 -102.94 42.87 -9.18
CA VAL A 851 -101.98 41.88 -8.71
C VAL A 851 -102.51 41.26 -7.42
N PHE A 852 -102.38 39.93 -7.30
CA PHE A 852 -102.87 39.20 -6.14
C PHE A 852 -101.69 38.63 -5.36
N ILE A 853 -101.50 39.12 -4.13
CA ILE A 853 -100.53 38.58 -3.19
C ILE A 853 -101.23 38.35 -1.87
N ASN A 854 -101.12 37.13 -1.34
CA ASN A 854 -101.81 36.76 -0.10
C ASN A 854 -100.93 37.05 1.12
N LYS A 855 -100.54 38.31 1.24
CA LYS A 855 -99.75 38.77 2.38
C LYS A 855 -100.33 40.07 2.90
N ARG A 856 -100.18 40.30 4.20
CA ARG A 856 -100.72 41.50 4.83
C ARG A 856 -99.63 42.57 4.87
N ILE A 857 -99.30 43.08 3.68
CA ILE A 857 -98.23 44.06 3.56
C ILE A 857 -98.65 45.40 4.18
N VAL A 858 -99.83 45.88 3.82
CA VAL A 858 -100.33 47.16 4.29
C VAL A 858 -101.74 46.96 4.84
N GLU A 859 -101.99 47.46 6.05
CA GLU A 859 -103.30 47.32 6.65
C GLU A 859 -103.71 48.64 7.29
N ARG A 860 -105.02 48.92 7.30
CA ARG A 860 -105.55 50.10 7.95
C ARG A 860 -106.03 49.70 9.34
N VAL A 861 -105.43 50.28 10.37
CA VAL A 861 -105.71 49.86 11.74
C VAL A 861 -106.04 51.08 12.59
N ARG A 862 -106.87 50.85 13.61
CA ARG A 862 -107.18 51.87 14.59
C ARG A 862 -106.01 52.04 15.55
N VAL A 863 -106.11 53.08 16.39
CA VAL A 863 -105.06 53.33 17.36
C VAL A 863 -105.03 52.27 18.45
N GLY A 864 -106.14 51.57 18.67
CA GLY A 864 -106.16 50.54 19.68
C GLY A 864 -105.48 49.25 19.28
N GLN A 865 -105.23 49.05 17.99
CA GLN A 865 -104.57 47.86 17.50
C GLN A 865 -103.10 48.08 17.17
N ILE A 866 -102.55 49.23 17.55
CA ILE A 866 -101.14 49.51 17.25
C ILE A 866 -100.26 48.53 17.98
N LEU A 867 -100.57 48.25 19.24
CA LEU A 867 -99.77 47.36 20.07
C LEU A 867 -100.24 45.92 20.00
N ALA A 868 -100.99 45.55 18.97
CA ALA A 868 -101.56 44.21 18.86
C ALA A 868 -100.68 43.24 18.08
N VAL A 869 -99.49 43.67 17.66
CA VAL A 869 -98.58 42.78 16.94
C VAL A 869 -97.47 42.25 17.84
N LEU A 870 -97.64 42.36 19.16
CA LEU A 870 -96.64 41.89 20.11
C LEU A 870 -96.95 40.44 20.46
N ASN A 871 -96.34 39.51 19.73
CA ASN A 871 -96.56 38.10 19.99
C ASN A 871 -95.29 37.26 19.81
N ARG A 872 -94.11 37.86 19.83
CA ARG A 872 -92.85 37.16 19.65
C ARG A 872 -92.11 37.10 20.98
N ARG A 873 -91.65 35.91 21.35
CA ARG A 873 -90.93 35.72 22.61
C ARG A 873 -89.45 35.99 22.38
N PHE A 874 -88.95 37.07 22.96
CA PHE A 874 -87.56 37.47 22.82
C PHE A 874 -86.80 37.20 24.11
N VAL A 875 -85.57 36.71 23.98
CA VAL A 875 -84.70 36.40 25.09
C VAL A 875 -83.49 37.33 25.04
N ALA A 876 -83.20 37.99 26.14
CA ALA A 876 -82.08 38.92 26.23
C ALA A 876 -81.19 38.53 27.40
N TYR A 877 -79.91 38.84 27.27
CA TYR A 877 -78.92 38.55 28.30
C TYR A 877 -78.65 39.79 29.12
N LYS A 878 -78.34 39.57 30.40
CA LYS A 878 -78.13 40.68 31.33
C LYS A 878 -76.91 41.51 30.91
N GLY A 879 -76.99 42.81 31.21
CA GLY A 879 -75.90 43.70 30.88
C GLY A 879 -74.66 43.51 31.74
N LYS A 880 -74.83 42.93 32.94
CA LYS A 880 -73.70 42.70 33.82
C LYS A 880 -72.93 41.43 33.49
N MET A 881 -73.50 40.54 32.68
CA MET A 881 -72.77 39.39 32.21
C MET A 881 -71.93 39.77 30.99
N ARG A 882 -71.16 38.81 30.48
CA ARG A 882 -70.34 39.05 29.30
C ARG A 882 -70.50 37.90 28.32
N ILE A 883 -70.38 38.23 27.03
CA ILE A 883 -70.42 37.27 25.95
C ILE A 883 -69.14 37.42 25.15
N MET A 884 -68.44 36.30 24.92
CA MET A 884 -67.17 36.36 24.21
C MET A 884 -67.03 35.13 23.32
N ASP A 885 -66.28 35.30 22.23
CA ASP A 885 -66.10 34.29 21.21
C ASP A 885 -64.78 33.57 21.42
N ILE A 886 -64.83 32.24 21.52
CA ILE A 886 -63.66 31.45 21.85
C ILE A 886 -63.32 30.45 20.74
N THR A 887 -63.71 30.74 19.49
CA THR A 887 -63.35 29.85 18.39
C THR A 887 -61.84 29.83 18.18
N GLN A 888 -61.21 31.01 18.18
CA GLN A 888 -59.79 31.10 17.94
C GLN A 888 -58.97 30.43 19.04
N SER A 889 -59.58 30.16 20.20
CA SER A 889 -58.88 29.46 21.27
C SER A 889 -58.74 27.97 20.98
N LEU A 890 -59.34 27.46 19.93
CA LEU A 890 -59.24 26.04 19.63
C LEU A 890 -57.96 25.67 18.90
N LYS A 891 -57.12 26.65 18.57
CA LYS A 891 -55.85 26.41 17.91
C LYS A 891 -54.66 26.81 18.76
N MET A 892 -54.88 27.15 20.03
CA MET A 892 -53.80 27.57 20.92
C MET A 892 -53.22 26.33 21.58
N GLY A 893 -52.05 25.89 21.09
CA GLY A 893 -51.40 24.72 21.63
C GLY A 893 -49.92 24.76 21.36
N THR A 894 -49.20 23.82 21.96
CA THR A 894 -47.77 23.70 21.79
C THR A 894 -47.39 22.26 21.48
N LYS A 895 -46.32 22.12 20.71
CA LYS A 895 -45.86 20.82 20.22
C LYS A 895 -44.74 20.32 21.09
N LEU A 896 -44.85 19.08 21.55
CA LEU A 896 -43.78 18.46 22.31
C LEU A 896 -42.67 18.01 21.37
N ALA A 897 -41.43 18.18 21.80
CA ALA A 897 -40.27 17.79 21.01
C ALA A 897 -39.67 16.52 21.60
N ALA A 898 -39.37 15.56 20.73
CA ALA A 898 -38.79 14.31 21.18
C ALA A 898 -37.35 14.54 21.64
N PRO A 899 -36.90 13.78 22.65
CA PRO A 899 -35.51 13.91 23.08
C PRO A 899 -34.55 13.43 22.00
N THR A 900 -33.38 14.06 21.97
CA THR A 900 -32.39 13.76 20.94
C THR A 900 -31.00 13.96 21.50
N VAL A 901 -30.01 13.57 20.71
CA VAL A 901 -28.61 13.70 21.09
C VAL A 901 -28.19 15.16 21.14
N GLN B 7 -34.83 31.95 69.94
CA GLN B 7 -35.64 31.89 71.15
C GLN B 7 -36.71 30.81 71.02
N ARG B 8 -36.96 30.37 69.79
CA ARG B 8 -37.94 29.33 69.52
C ARG B 8 -37.24 27.99 69.39
N PRO B 9 -37.68 26.95 70.11
CA PRO B 9 -36.96 25.67 70.09
C PRO B 9 -36.91 25.01 68.72
N GLU B 10 -37.92 25.21 67.88
CA GLU B 10 -37.95 24.53 66.59
C GLU B 10 -36.98 25.12 65.58
N ARG B 11 -36.42 26.30 65.85
CA ARG B 11 -35.46 26.92 64.96
C ARG B 11 -34.02 26.57 65.31
N ILE B 12 -33.80 25.74 66.33
CA ILE B 12 -32.45 25.35 66.72
C ILE B 12 -31.95 24.27 65.79
N LYS B 13 -30.80 24.49 65.17
CA LYS B 13 -30.19 23.55 64.26
C LYS B 13 -28.92 22.99 64.91
N THR B 14 -28.87 21.67 65.05
CA THR B 14 -27.73 21.00 65.67
C THR B 14 -26.85 20.27 64.67
N THR B 15 -27.34 20.02 63.47
CA THR B 15 -26.58 19.35 62.42
C THR B 15 -26.60 20.19 61.16
N PRO B 16 -25.57 20.11 60.34
CA PRO B 16 -25.51 20.92 59.11
C PRO B 16 -26.39 20.42 57.98
N TYR B 17 -27.31 19.48 58.24
CA TYR B 17 -28.17 18.99 57.16
C TYR B 17 -29.15 20.06 56.70
N LEU B 18 -29.68 20.85 57.63
CA LEU B 18 -30.72 21.83 57.32
C LEU B 18 -30.17 23.23 57.11
N GLU B 19 -28.85 23.38 57.05
CA GLU B 19 -28.23 24.68 56.87
C GLU B 19 -27.90 24.87 55.39
N GLY B 20 -28.29 26.02 54.84
CA GLY B 20 -28.07 26.26 53.42
C GLY B 20 -28.09 27.75 53.12
N ASP B 21 -27.89 28.05 51.84
CA ASP B 21 -27.78 29.42 51.39
C ASP B 21 -29.14 30.10 51.36
N VAL B 22 -29.12 31.43 51.42
CA VAL B 22 -30.33 32.24 51.33
C VAL B 22 -30.52 32.68 49.88
N LEU B 23 -31.70 32.41 49.34
CA LEU B 23 -32.00 32.74 47.95
C LEU B 23 -32.77 34.05 47.81
N SER B 24 -33.87 34.21 48.55
CA SER B 24 -34.70 35.39 48.46
C SER B 24 -35.53 35.51 49.73
N SER B 25 -36.41 36.50 49.75
CA SER B 25 -37.31 36.72 50.88
C SER B 25 -38.61 37.30 50.38
N ASP B 26 -39.66 37.12 51.18
CA ASP B 26 -40.96 37.68 50.87
C ASP B 26 -41.75 37.84 52.15
N SER B 27 -42.81 38.64 52.08
CA SER B 27 -43.62 38.95 53.24
C SER B 27 -45.07 39.15 52.80
N GLY B 28 -45.95 39.34 53.77
CA GLY B 28 -47.35 39.51 53.53
C GLY B 28 -47.73 40.75 52.70
N PRO B 29 -47.22 41.93 53.07
CA PRO B 29 -47.54 43.13 52.29
C PRO B 29 -47.06 43.08 50.85
N LEU B 30 -46.08 42.25 50.52
CA LEU B 30 -45.71 42.09 49.12
C LEU B 30 -46.54 41.04 48.41
N LEU B 31 -46.78 39.90 49.07
CA LEU B 31 -47.50 38.81 48.43
C LEU B 31 -48.97 39.15 48.19
N SER B 32 -49.58 39.96 49.06
CA SER B 32 -50.97 40.33 48.85
C SER B 32 -51.14 41.13 47.55
N VAL B 33 -50.33 42.17 47.38
CA VAL B 33 -50.43 42.98 46.17
C VAL B 33 -49.99 42.19 44.95
N PHE B 34 -49.05 41.25 45.13
CA PHE B 34 -48.66 40.39 44.00
C PHE B 34 -49.83 39.53 43.55
N ALA B 35 -50.56 38.94 44.50
CA ALA B 35 -51.71 38.09 44.14
C ALA B 35 -52.79 38.91 43.44
N LEU B 36 -53.08 40.11 43.96
CA LEU B 36 -54.06 40.96 43.29
C LEU B 36 -53.64 41.31 41.88
N GLN B 37 -52.36 41.65 41.69
CA GLN B 37 -51.88 42.01 40.36
C GLN B 37 -52.01 40.84 39.39
N GLU B 38 -51.67 39.63 39.85
CA GLU B 38 -51.80 38.47 38.97
C GLU B 38 -53.25 38.22 38.59
N ILE B 39 -54.16 38.33 39.57
CA ILE B 39 -55.57 38.06 39.29
C ILE B 39 -56.11 39.04 38.27
N MET B 40 -55.78 40.33 38.41
CA MET B 40 -56.31 41.30 37.46
C MET B 40 -55.64 41.18 36.10
N GLN B 41 -54.34 40.87 36.08
CA GLN B 41 -53.62 40.75 34.82
C GLN B 41 -54.18 39.62 33.97
N LYS B 42 -54.55 38.51 34.60
CA LYS B 42 -55.08 37.37 33.84
C LYS B 42 -56.36 37.77 33.10
N VAL B 43 -57.31 38.40 33.80
CA VAL B 43 -58.58 38.72 33.17
C VAL B 43 -58.41 39.82 32.13
N ARG B 44 -57.52 40.79 32.37
CA ARG B 44 -57.29 41.81 31.35
C ARG B 44 -56.69 41.21 30.08
N GLN B 45 -55.74 40.29 30.23
CA GLN B 45 -55.16 39.65 29.06
C GLN B 45 -56.19 38.83 28.29
N VAL B 46 -57.03 38.08 29.01
CA VAL B 46 -58.04 37.27 28.33
C VAL B 46 -59.02 38.15 27.59
N GLN B 47 -59.49 39.23 28.22
CA GLN B 47 -60.46 40.09 27.54
C GLN B 47 -59.82 40.86 26.39
N ALA B 48 -58.51 41.11 26.43
CA ALA B 48 -57.87 41.76 25.30
C ALA B 48 -57.65 40.80 24.13
N ASP B 49 -57.38 39.53 24.40
CA ASP B 49 -57.02 38.61 23.33
C ASP B 49 -58.20 38.15 22.49
N TYR B 50 -59.43 38.33 22.95
CA TYR B 50 -60.59 37.83 22.24
C TYR B 50 -61.69 38.89 22.21
N MET B 51 -62.59 38.75 21.24
CA MET B 51 -63.73 39.64 21.14
C MET B 51 -64.69 39.39 22.29
N THR B 52 -65.12 40.45 22.96
CA THR B 52 -66.01 40.34 24.10
C THR B 52 -66.97 41.52 24.11
N ALA B 53 -68.10 41.34 24.78
CA ALA B 53 -69.16 42.35 24.84
C ALA B 53 -69.65 42.47 26.27
N THR B 54 -69.25 43.54 26.95
CA THR B 54 -69.67 43.80 28.33
C THR B 54 -69.44 45.27 28.64
N ARG B 55 -69.93 45.68 29.80
CA ARG B 55 -69.73 47.04 30.27
C ARG B 55 -68.26 47.27 30.63
N GLU B 56 -67.79 48.50 30.38
CA GLU B 56 -66.39 48.82 30.59
C GLU B 56 -66.11 48.96 32.08
N VAL B 57 -65.15 48.17 32.57
CA VAL B 57 -64.71 48.21 33.95
C VAL B 57 -63.20 48.35 33.97
N ASP B 58 -62.70 49.32 34.72
CA ASP B 58 -61.27 49.57 34.82
C ASP B 58 -60.70 48.71 35.95
N PHE B 59 -59.89 47.72 35.58
CA PHE B 59 -59.36 46.77 36.56
C PHE B 59 -58.03 47.31 37.10
N THR B 60 -58.13 48.17 38.11
CA THR B 60 -56.96 48.68 38.79
C THR B 60 -56.71 47.89 40.07
N VAL B 61 -55.52 48.10 40.64
CA VAL B 61 -55.11 47.47 41.88
C VAL B 61 -54.81 48.56 42.90
N PRO B 62 -55.36 48.49 44.11
CA PRO B 62 -55.06 49.51 45.11
C PRO B 62 -53.89 49.10 45.99
N ASP B 63 -53.52 49.94 46.95
CA ASP B 63 -52.52 49.60 47.94
C ASP B 63 -53.23 49.26 49.24
N VAL B 64 -52.95 48.08 49.78
CA VAL B 64 -53.68 47.62 50.96
C VAL B 64 -53.16 48.22 52.25
N GLN B 65 -51.91 48.69 52.26
CA GLN B 65 -51.34 49.23 53.49
C GLN B 65 -52.06 50.50 53.91
N LYS B 66 -52.34 51.38 52.95
CA LYS B 66 -53.07 52.61 53.27
C LYS B 66 -54.49 52.30 53.74
N ILE B 67 -55.12 51.27 53.15
CA ILE B 67 -56.46 50.88 53.58
C ILE B 67 -56.44 50.41 55.02
N LEU B 68 -55.46 49.57 55.37
CA LEU B 68 -55.37 49.07 56.74
C LEU B 68 -55.08 50.20 57.73
N ASP B 69 -54.23 51.15 57.33
CA ASP B 69 -53.95 52.29 58.19
C ASP B 69 -55.21 53.13 58.42
N ASP B 70 -55.99 53.34 57.37
CA ASP B 70 -57.24 54.09 57.51
C ASP B 70 -58.23 53.37 58.41
N ILE B 71 -58.33 52.04 58.27
CA ILE B 71 -59.22 51.27 59.13
C ILE B 71 -58.79 51.39 60.58
N LYS B 72 -57.49 51.29 60.84
CA LYS B 72 -56.99 51.41 62.21
C LYS B 72 -57.27 52.80 62.76
N ALA B 73 -57.10 53.85 61.95
CA ALA B 73 -57.37 55.20 62.42
C ALA B 73 -58.85 55.42 62.69
N LEU B 74 -59.72 54.68 62.01
CA LEU B 74 -61.15 54.85 62.21
C LEU B 74 -61.59 54.47 63.61
N ALA B 75 -60.81 53.68 64.34
CA ALA B 75 -61.20 53.22 65.67
C ALA B 75 -61.10 54.30 66.73
N ALA B 76 -60.43 55.41 66.45
CA ALA B 76 -60.25 56.47 67.44
C ALA B 76 -61.37 57.50 67.43
N GLU B 77 -62.29 57.42 66.47
CA GLU B 77 -63.38 58.38 66.41
C GLU B 77 -64.35 58.16 67.56
N GLN B 78 -64.99 59.25 67.99
CA GLN B 78 -65.94 59.23 69.08
C GLN B 78 -67.30 59.65 68.58
N VAL B 79 -68.33 58.88 68.93
CA VAL B 79 -69.69 59.17 68.50
C VAL B 79 -70.45 60.01 69.52
N TYR B 80 -69.77 60.54 70.52
CA TYR B 80 -70.41 61.31 71.57
C TYR B 80 -69.59 62.58 71.82
N LYS B 81 -70.25 63.57 72.42
CA LYS B 81 -69.61 64.84 72.74
C LYS B 81 -69.91 65.19 74.19
N ILE B 82 -69.03 66.01 74.78
CA ILE B 82 -69.16 66.46 76.15
C ILE B 82 -69.43 67.96 76.14
N VAL B 83 -70.51 68.37 76.79
CA VAL B 83 -70.89 69.78 76.81
C VAL B 83 -71.18 70.21 78.24
N LYS B 84 -71.14 71.52 78.46
CA LYS B 84 -71.46 72.08 79.76
C LYS B 84 -72.94 72.34 79.94
N VAL B 85 -73.63 72.78 78.90
CA VAL B 85 -75.06 73.06 78.99
C VAL B 85 -75.77 72.45 77.79
N PRO B 86 -77.03 72.02 77.94
CA PRO B 86 -77.78 71.52 76.78
C PRO B 86 -78.16 72.64 75.83
N SER B 87 -78.42 72.26 74.59
CA SER B 87 -78.86 73.22 73.60
C SER B 87 -80.28 73.69 73.89
N ILE B 88 -80.61 74.88 73.39
CA ILE B 88 -81.91 75.48 73.65
C ILE B 88 -82.97 74.70 72.90
N SER B 89 -84.05 74.34 73.61
CA SER B 89 -85.12 73.55 73.03
C SER B 89 -86.44 74.31 72.87
N PHE B 90 -86.66 75.36 73.65
CA PHE B 90 -87.89 76.14 73.56
C PHE B 90 -87.54 77.62 73.51
N ARG B 91 -88.23 78.36 72.64
CA ARG B 91 -88.08 79.81 72.59
C ARG B 91 -89.46 80.44 72.65
N HIS B 92 -89.48 81.75 72.86
CA HIS B 92 -90.74 82.46 73.07
C HIS B 92 -90.83 83.64 72.11
N ILE B 93 -92.06 83.89 71.63
CA ILE B 93 -92.35 85.05 70.80
C ILE B 93 -93.38 85.89 71.55
N VAL B 94 -93.10 87.18 71.63
CA VAL B 94 -93.91 88.11 72.40
C VAL B 94 -94.71 88.98 71.44
N MET B 95 -96.00 89.09 71.70
CA MET B 95 -96.90 89.93 70.92
C MET B 95 -97.10 91.24 71.66
N GLN B 96 -98.04 92.06 71.18
CA GLN B 96 -98.30 93.32 71.86
C GLN B 96 -98.94 93.12 73.23
N SER B 97 -99.48 91.94 73.51
CA SER B 97 -100.08 91.68 74.81
C SER B 97 -99.01 91.56 75.88
N ARG B 98 -99.40 91.84 77.12
CA ARG B 98 -98.50 91.74 78.26
C ARG B 98 -98.91 90.64 79.24
N ASP B 99 -99.74 89.69 78.80
CA ASP B 99 -100.11 88.56 79.64
C ASP B 99 -99.93 87.23 78.94
N ARG B 100 -99.96 87.21 77.61
CA ARG B 100 -99.86 85.97 76.86
C ARG B 100 -98.73 86.07 75.85
N VAL B 101 -98.04 84.95 75.64
CA VAL B 101 -97.01 84.84 74.63
C VAL B 101 -97.26 83.56 73.85
N LEU B 102 -96.40 83.27 72.88
CA LEU B 102 -96.53 82.00 72.18
C LEU B 102 -95.17 81.33 72.09
N ARG B 103 -95.09 80.08 72.53
CA ARG B 103 -93.84 79.37 72.62
C ARG B 103 -93.68 78.39 71.47
N VAL B 104 -92.43 78.26 71.02
CA VAL B 104 -92.08 77.52 69.82
C VAL B 104 -91.02 76.49 70.19
N ASP B 105 -91.24 75.25 69.78
CA ASP B 105 -90.28 74.18 70.02
C ASP B 105 -89.28 74.21 68.87
N THR B 106 -88.02 74.45 69.20
CA THR B 106 -86.99 74.67 68.17
C THR B 106 -86.59 73.39 67.46
N TYR B 107 -86.91 72.21 68.00
CA TYR B 107 -86.50 70.98 67.35
C TYR B 107 -87.14 70.85 65.98
N TYR B 108 -88.42 71.15 65.86
CA TYR B 108 -89.10 71.05 64.57
C TYR B 108 -88.61 72.12 63.61
N GLU B 109 -88.32 73.32 64.12
CA GLU B 109 -87.79 74.38 63.26
C GLU B 109 -86.45 73.99 62.68
N GLU B 110 -85.57 73.39 63.48
CA GLU B 110 -84.30 72.94 62.95
C GLU B 110 -84.47 71.72 62.06
N MET B 111 -85.47 70.89 62.35
CA MET B 111 -85.65 69.63 61.64
C MET B 111 -86.22 69.84 60.25
N SER B 112 -86.97 70.93 60.05
CA SER B 112 -87.60 71.17 58.76
C SER B 112 -86.60 71.41 57.64
N GLN B 113 -85.36 71.81 57.95
CA GLN B 113 -84.40 72.22 56.93
C GLN B 113 -83.28 71.22 56.73
N VAL B 114 -83.40 70.01 57.26
CA VAL B 114 -82.25 69.09 57.25
C VAL B 114 -81.99 68.57 55.84
N GLY B 115 -83.03 68.11 55.14
CA GLY B 115 -82.86 67.44 53.87
C GLY B 115 -83.41 68.25 52.72
N ASP B 116 -83.30 67.65 51.53
CA ASP B 116 -83.84 68.27 50.32
C ASP B 116 -85.36 68.12 50.28
N VAL B 117 -85.97 68.86 49.36
CA VAL B 117 -87.41 68.79 49.20
C VAL B 117 -87.78 67.44 48.61
N ILE B 118 -88.75 66.76 49.22
CA ILE B 118 -89.19 65.47 48.73
C ILE B 118 -90.02 65.68 47.47
N THR B 119 -89.63 65.01 46.39
CA THR B 119 -90.30 65.13 45.11
C THR B 119 -90.82 63.76 44.67
N GLU B 120 -91.47 63.76 43.50
CA GLU B 120 -92.26 62.61 43.09
C GLU B 120 -91.42 61.50 42.46
N ASP B 121 -90.38 61.84 41.69
CA ASP B 121 -89.77 60.86 40.82
C ASP B 121 -88.25 60.79 40.95
N GLU B 122 -87.71 61.08 42.13
CA GLU B 122 -86.29 60.88 42.43
C GLU B 122 -86.19 60.05 43.69
N PRO B 123 -86.30 58.71 43.57
CA PRO B 123 -86.25 57.87 44.78
C PRO B 123 -84.93 57.93 45.53
N GLU B 124 -83.81 58.10 44.81
CA GLU B 124 -82.51 58.17 45.48
C GLU B 124 -82.43 59.38 46.39
N LYS B 125 -82.95 60.52 45.93
CA LYS B 125 -82.95 61.72 46.77
C LYS B 125 -83.84 61.53 47.99
N PHE B 126 -84.95 60.80 47.84
CA PHE B 126 -85.82 60.50 48.96
C PHE B 126 -85.08 59.70 50.02
N TYR B 127 -84.39 58.63 49.59
CA TYR B 127 -83.62 57.83 50.54
C TYR B 127 -82.52 58.64 51.20
N SER B 128 -81.84 59.49 50.42
CA SER B 128 -80.79 60.32 50.98
C SER B 128 -81.34 61.28 52.03
N THR B 129 -82.50 61.86 51.77
CA THR B 129 -83.10 62.76 52.74
C THR B 129 -83.44 62.04 54.04
N ILE B 130 -84.00 60.83 53.93
CA ILE B 130 -84.33 60.08 55.14
C ILE B 130 -83.08 59.76 55.94
N ILE B 131 -82.02 59.32 55.26
CA ILE B 131 -80.78 58.98 55.95
C ILE B 131 -80.19 60.20 56.64
N LYS B 132 -80.19 61.35 55.95
CA LYS B 132 -79.65 62.56 56.55
C LYS B 132 -80.43 62.97 57.78
N LYS B 133 -81.76 62.86 57.72
CA LYS B 133 -82.58 63.23 58.87
C LYS B 133 -82.29 62.32 60.07
N VAL B 134 -82.20 61.02 59.84
CA VAL B 134 -81.94 60.10 60.94
C VAL B 134 -80.56 60.36 61.55
N ARG B 135 -79.55 60.58 60.70
CA ARG B 135 -78.22 60.87 61.21
C ARG B 135 -78.20 62.18 62.00
N PHE B 136 -78.98 63.16 61.56
CA PHE B 136 -79.08 64.41 62.30
C PHE B 136 -79.67 64.19 63.69
N ILE B 137 -80.71 63.38 63.78
CA ILE B 137 -81.29 63.08 65.08
C ILE B 137 -80.26 62.40 65.98
N ARG B 138 -79.54 61.42 65.44
CA ARG B 138 -78.55 60.71 66.23
C ARG B 138 -77.45 61.65 66.72
N GLY B 139 -76.99 62.55 65.86
CA GLY B 139 -75.95 63.47 66.26
C GLY B 139 -76.43 64.48 67.30
N LYS B 140 -77.66 64.94 67.16
CA LYS B 140 -78.19 65.91 68.12
C LYS B 140 -78.43 65.30 69.49
N GLY B 141 -78.82 64.02 69.53
CA GLY B 141 -79.23 63.45 70.79
C GLY B 141 -78.17 62.91 71.72
N SER B 142 -76.94 62.73 71.24
CA SER B 142 -75.91 62.03 72.01
C SER B 142 -74.95 63.05 72.60
N PHE B 143 -75.07 63.31 73.90
CA PHE B 143 -74.20 64.25 74.60
C PHE B 143 -74.11 63.86 76.06
N ILE B 144 -73.03 64.30 76.70
CA ILE B 144 -72.79 64.06 78.12
C ILE B 144 -72.56 65.39 78.81
N LEU B 145 -73.27 65.63 79.90
CA LEU B 145 -73.09 66.83 80.69
C LEU B 145 -71.91 66.69 81.62
N HIS B 146 -71.26 67.81 81.91
CA HIS B 146 -70.04 67.81 82.71
C HIS B 146 -69.78 69.21 83.23
N ASP B 147 -69.71 69.35 84.55
CA ASP B 147 -69.36 70.60 85.23
C ASP B 147 -70.37 71.71 84.88
N ILE B 148 -71.60 71.51 85.31
CA ILE B 148 -72.66 72.49 85.11
C ILE B 148 -72.51 73.63 86.11
N PRO B 149 -72.99 74.83 85.81
CA PRO B 149 -72.94 75.91 86.80
C PRO B 149 -74.13 75.89 87.74
N THR B 150 -73.87 76.17 89.01
CA THR B 150 -74.90 76.17 90.04
C THR B 150 -74.78 77.45 90.86
N ARG B 151 -75.64 77.58 91.87
CA ARG B 151 -75.63 78.76 92.73
C ARG B 151 -76.16 78.35 94.09
N ASP B 152 -75.84 79.16 95.11
CA ASP B 152 -76.33 78.95 96.46
C ASP B 152 -77.42 79.95 96.77
N HIS B 153 -78.52 79.49 97.36
CA HIS B 153 -79.66 80.35 97.65
C HIS B 153 -80.46 79.74 98.78
N ARG B 154 -80.71 80.55 99.81
CA ARG B 154 -81.52 80.17 100.97
C ARG B 154 -81.00 78.86 101.56
N GLY B 155 -79.68 78.73 101.60
CA GLY B 155 -79.07 77.56 102.20
C GLY B 155 -79.22 76.28 101.41
N MET B 156 -79.44 76.35 100.10
CA MET B 156 -79.48 75.15 99.30
C MET B 156 -78.98 75.47 97.90
N GLU B 157 -78.63 74.41 97.15
CA GLU B 157 -78.02 74.56 95.84
C GLU B 157 -79.10 74.55 94.76
N VAL B 158 -79.08 75.56 93.90
CA VAL B 158 -80.08 75.72 92.86
C VAL B 158 -79.38 75.88 91.51
N ALA B 159 -80.00 75.33 90.47
CA ALA B 159 -79.44 75.39 89.13
C ALA B 159 -79.60 76.78 88.53
N GLU B 160 -78.60 77.18 87.76
CA GLU B 160 -78.66 78.47 87.09
C GLU B 160 -79.68 78.43 85.96
N PRO B 161 -80.28 79.56 85.61
CA PRO B 161 -81.24 79.57 84.50
C PRO B 161 -80.67 79.16 83.17
N GLU B 162 -79.37 79.38 82.95
CA GLU B 162 -78.78 79.12 81.64
C GLU B 162 -78.63 77.64 81.35
N VAL B 163 -78.60 76.78 82.36
CA VAL B 163 -78.43 75.35 82.09
C VAL B 163 -79.73 74.70 81.67
N LEU B 164 -80.87 75.31 81.98
CA LEU B 164 -82.14 74.77 81.55
C LEU B 164 -82.31 74.97 80.04
N GLY B 165 -83.30 74.29 79.49
CA GLY B 165 -83.51 74.34 78.05
C GLY B 165 -84.53 75.36 77.60
N VAL B 166 -84.73 76.41 78.40
CA VAL B 166 -85.75 77.42 78.11
C VAL B 166 -85.07 78.77 78.00
N GLU B 167 -85.42 79.53 76.96
CA GLU B 167 -84.92 80.89 76.76
C GLU B 167 -86.10 81.84 76.89
N PHE B 168 -86.08 82.69 77.91
CA PHE B 168 -87.21 83.58 78.16
C PHE B 168 -86.78 84.97 78.64
N LYS B 169 -85.56 85.41 78.33
CA LYS B 169 -85.07 86.67 78.87
C LYS B 169 -85.81 87.86 78.27
N ASN B 170 -86.31 87.74 77.04
CA ASN B 170 -86.97 88.87 76.40
C ASN B 170 -88.42 89.04 76.82
N VAL B 171 -88.97 88.11 77.59
CA VAL B 171 -90.36 88.24 78.03
C VAL B 171 -90.43 89.06 79.33
N LEU B 172 -89.36 89.06 80.11
CA LEU B 172 -89.37 89.77 81.39
C LEU B 172 -89.65 91.27 81.30
N PRO B 173 -89.01 92.04 80.40
CA PRO B 173 -89.20 93.50 80.47
C PRO B 173 -90.61 93.98 80.19
N VAL B 174 -91.46 93.17 79.56
CA VAL B 174 -92.76 93.66 79.14
C VAL B 174 -93.85 93.47 80.19
N LEU B 175 -93.66 92.56 81.14
CA LEU B 175 -94.72 92.17 82.04
C LEU B 175 -94.66 92.93 83.37
N THR B 176 -95.67 92.70 84.21
CA THR B 176 -95.92 93.52 85.38
C THR B 176 -95.12 93.03 86.58
N ALA B 177 -95.36 93.62 87.75
CA ALA B 177 -94.57 93.29 88.93
C ALA B 177 -94.94 91.92 89.49
N GLU B 178 -96.24 91.64 89.61
CA GLU B 178 -96.67 90.39 90.23
C GLU B 178 -96.20 89.19 89.45
N HIS B 179 -96.32 89.25 88.12
CA HIS B 179 -95.89 88.14 87.29
C HIS B 179 -94.38 87.97 87.34
N ARG B 180 -93.64 89.08 87.45
CA ARG B 180 -92.19 88.96 87.56
C ARG B 180 -91.80 88.30 88.87
N ALA B 181 -92.48 88.66 89.96
CA ALA B 181 -92.21 88.01 91.24
C ALA B 181 -92.53 86.51 91.18
N MET B 182 -93.66 86.16 90.57
CA MET B 182 -94.02 84.75 90.46
C MET B 182 -93.00 83.98 89.62
N ILE B 183 -92.55 84.59 88.51
CA ILE B 183 -91.58 83.94 87.65
C ILE B 183 -90.26 83.73 88.39
N GLN B 184 -89.83 84.74 89.14
CA GLN B 184 -88.57 84.61 89.88
C GLN B 184 -88.67 83.54 90.96
N ASN B 185 -89.80 83.48 91.67
CA ASN B 185 -89.97 82.45 92.68
C ASN B 185 -89.98 81.05 92.07
N ALA B 186 -90.68 80.88 90.96
CA ALA B 186 -90.71 79.59 90.29
C ALA B 186 -89.32 79.20 89.80
N LEU B 187 -88.56 80.17 89.29
CA LEU B 187 -87.20 79.90 88.84
C LEU B 187 -86.31 79.50 90.01
N ASP B 188 -86.44 80.18 91.14
CA ASP B 188 -85.66 79.82 92.31
C ASP B 188 -86.10 78.51 92.93
N GLY B 189 -87.25 77.99 92.54
CA GLY B 189 -87.67 76.70 93.05
C GLY B 189 -87.01 75.49 92.41
N SER B 190 -86.13 75.69 91.43
CA SER B 190 -85.46 74.57 90.77
C SER B 190 -84.21 74.21 91.57
N ILE B 191 -84.17 72.99 92.09
CA ILE B 191 -83.16 72.58 93.05
C ILE B 191 -82.40 71.37 92.54
N ILE B 192 -81.23 71.13 93.14
CA ILE B 192 -80.46 69.90 92.93
C ILE B 192 -80.73 68.98 94.11
N GLU B 193 -81.15 67.75 93.82
CA GLU B 193 -81.42 66.78 94.86
C GLU B 193 -80.13 66.39 95.57
N ASN B 194 -80.21 66.28 96.89
CA ASN B 194 -79.07 65.92 97.74
C ASN B 194 -77.91 66.88 97.55
N GLY B 195 -78.22 68.16 97.38
CA GLY B 195 -77.18 69.14 97.16
C GLY B 195 -76.48 69.63 98.41
N ASN B 196 -76.97 69.24 99.58
CA ASN B 196 -76.47 69.74 100.83
C ASN B 196 -75.50 68.75 101.47
N VAL B 197 -75.23 67.63 100.81
CA VAL B 197 -74.33 66.60 101.33
C VAL B 197 -73.05 66.62 100.52
N ALA B 198 -71.92 66.54 101.20
CA ALA B 198 -70.63 66.50 100.54
C ALA B 198 -70.33 65.09 100.06
N THR B 199 -69.17 64.91 99.43
CA THR B 199 -68.70 63.67 98.83
C THR B 199 -69.65 63.12 97.76
N ARG B 200 -70.58 63.94 97.30
CA ARG B 200 -71.48 63.53 96.24
C ARG B 200 -70.74 63.48 94.91
N ASP B 201 -71.11 62.52 94.06
CA ASP B 201 -70.38 62.28 92.82
C ASP B 201 -71.12 62.72 91.57
N VAL B 202 -72.33 63.26 91.68
CA VAL B 202 -73.14 63.58 90.51
C VAL B 202 -74.21 64.57 90.92
N ASP B 203 -74.69 65.35 89.95
CA ASP B 203 -75.72 66.35 90.19
C ASP B 203 -76.96 66.01 89.37
N VAL B 204 -78.12 66.01 90.02
CA VAL B 204 -79.38 65.64 89.40
C VAL B 204 -80.34 66.81 89.50
N PHE B 205 -80.93 67.20 88.37
CA PHE B 205 -81.88 68.32 88.37
C PHE B 205 -82.97 68.06 87.34
N ILE B 206 -83.83 69.05 87.17
CA ILE B 206 -84.98 68.98 86.26
C ILE B 206 -84.85 70.09 85.24
N GLY B 207 -84.86 69.71 83.96
CA GLY B 207 -84.80 70.67 82.87
C GLY B 207 -85.82 70.37 81.79
N ALA B 208 -85.66 70.98 80.62
CA ALA B 208 -86.58 70.82 79.51
C ALA B 208 -85.84 70.31 78.29
N CYS B 209 -86.45 69.36 77.59
CA CYS B 209 -85.84 68.77 76.40
C CYS B 209 -86.92 68.10 75.58
N SER B 210 -86.72 68.06 74.27
CA SER B 210 -87.69 67.41 73.39
C SER B 210 -87.50 65.90 73.40
N GLU B 211 -88.57 65.19 73.04
CA GLU B 211 -88.60 63.74 73.19
C GLU B 211 -87.55 63.00 72.35
N PRO B 212 -87.40 63.24 71.05
CA PRO B 212 -86.47 62.41 70.26
C PRO B 212 -85.03 62.48 70.71
N VAL B 213 -84.57 63.62 71.20
CA VAL B 213 -83.20 63.70 71.70
C VAL B 213 -83.10 63.19 73.12
N TYR B 214 -84.16 63.33 73.92
CA TYR B 214 -84.15 62.80 75.28
C TYR B 214 -84.05 61.28 75.28
N ARG B 215 -84.69 60.64 74.31
CA ARG B 215 -84.60 59.19 74.20
C ARG B 215 -83.16 58.74 73.98
N ILE B 216 -82.46 59.41 73.07
CA ILE B 216 -81.06 59.07 72.78
C ILE B 216 -80.19 59.34 73.99
N TYR B 217 -80.45 60.45 74.69
CA TYR B 217 -79.66 60.76 75.89
C TYR B 217 -79.82 59.69 76.95
N ASN B 218 -81.05 59.24 77.19
CA ASN B 218 -81.28 58.17 78.16
C ASN B 218 -80.58 56.89 77.74
N ARG B 219 -80.66 56.55 76.45
CA ARG B 219 -80.02 55.32 75.99
C ARG B 219 -78.51 55.37 76.19
N LEU B 220 -77.89 56.52 75.86
CA LEU B 220 -76.44 56.64 76.02
C LEU B 220 -76.03 56.55 77.48
N GLN B 221 -76.77 57.22 78.37
CA GLN B 221 -76.44 57.15 79.78
C GLN B 221 -76.57 55.74 80.32
N GLY B 222 -77.62 55.02 79.91
CA GLY B 222 -77.77 53.64 80.34
C GLY B 222 -76.66 52.75 79.84
N TYR B 223 -76.23 52.95 78.59
CA TYR B 223 -75.13 52.15 78.06
C TYR B 223 -73.83 52.44 78.80
N ILE B 224 -73.58 53.70 79.13
CA ILE B 224 -72.37 54.03 79.90
C ILE B 224 -72.41 53.35 81.27
N GLU B 225 -73.58 53.36 81.91
CA GLU B 225 -73.70 52.73 83.22
C GLU B 225 -73.51 51.22 83.12
N ALA B 226 -73.99 50.59 82.06
CA ALA B 226 -74.01 49.13 81.98
C ALA B 226 -72.63 48.55 81.70
N VAL B 227 -72.02 48.94 80.57
CA VAL B 227 -70.75 48.35 80.16
C VAL B 227 -69.64 48.86 81.06
N GLN B 228 -68.94 47.93 81.72
CA GLN B 228 -67.95 48.27 82.73
C GLN B 228 -66.88 47.18 82.73
N LEU B 229 -66.21 47.04 83.87
CA LEU B 229 -65.00 46.22 83.98
C LEU B 229 -65.20 44.78 83.49
N GLN B 230 -66.40 44.23 83.67
CA GLN B 230 -66.63 42.83 83.31
C GLN B 230 -66.44 42.59 81.81
N GLU B 231 -66.95 43.48 80.97
CA GLU B 231 -66.81 43.32 79.53
C GLU B 231 -65.36 43.44 79.10
N LEU B 232 -64.62 44.36 79.72
CA LEU B 232 -63.20 44.48 79.43
C LEU B 232 -62.46 43.21 79.80
N ARG B 233 -62.82 42.62 80.94
CA ARG B 233 -62.19 41.38 81.36
C ARG B 233 -62.49 40.25 80.37
N ASN B 234 -63.74 40.17 79.90
CA ASN B 234 -64.09 39.15 78.92
C ASN B 234 -63.29 39.31 77.62
N SER B 235 -63.17 40.55 77.15
CA SER B 235 -62.42 40.79 75.92
C SER B 235 -60.95 40.42 76.10
N ILE B 236 -60.35 40.81 77.23
CA ILE B 236 -58.95 40.49 77.46
C ILE B 236 -58.75 38.98 77.57
N GLY B 237 -59.72 38.27 78.18
CA GLY B 237 -59.61 36.83 78.26
C GLY B 237 -59.66 36.15 76.90
N TRP B 238 -60.56 36.62 76.03
CA TRP B 238 -60.59 36.08 74.68
C TRP B 238 -59.29 36.36 73.94
N LEU B 239 -58.73 37.55 74.12
CA LEU B 239 -57.46 37.86 73.49
C LEU B 239 -56.35 36.94 74.01
N GLU B 240 -56.38 36.64 75.30
CA GLU B 240 -55.40 35.71 75.86
C GLU B 240 -55.54 34.32 75.26
N ARG B 241 -56.78 33.86 75.06
CA ARG B 241 -56.97 32.55 74.45
C ARG B 241 -56.42 32.52 73.02
N LEU B 242 -56.70 33.57 72.26
CA LEU B 242 -56.17 33.63 70.89
C LEU B 242 -54.65 33.67 70.89
N GLY B 243 -54.05 34.44 71.79
CA GLY B 243 -52.61 34.47 71.90
C GLY B 243 -52.02 33.15 72.33
N HIS B 244 -52.75 32.42 73.19
CA HIS B 244 -52.31 31.09 73.60
C HIS B 244 -52.26 30.16 72.41
N ARG B 245 -53.26 30.22 71.53
CA ARG B 245 -53.18 29.42 70.30
C ARG B 245 -52.02 29.87 69.42
N LYS B 246 -51.84 31.18 69.26
CA LYS B 246 -50.76 31.69 68.42
C LYS B 246 -49.40 31.65 69.12
N ARG B 247 -49.37 31.32 70.41
CA ARG B 247 -48.15 31.12 71.19
C ARG B 247 -47.16 32.28 71.08
N ILE B 248 -47.70 33.49 71.22
CA ILE B 248 -46.89 34.70 71.32
C ILE B 248 -46.23 34.75 72.70
N THR B 249 -45.28 35.66 72.87
CA THR B 249 -44.54 35.81 74.12
C THR B 249 -45.07 36.99 74.91
N TYR B 250 -45.17 36.80 76.23
CA TYR B 250 -45.70 37.82 77.14
C TYR B 250 -44.58 38.37 78.01
N SER B 251 -44.68 39.65 78.34
CA SER B 251 -43.74 40.31 79.22
C SER B 251 -44.15 40.09 80.68
N GLN B 252 -43.42 40.74 81.59
CA GLN B 252 -43.69 40.58 83.02
C GLN B 252 -44.79 41.50 83.53
N GLU B 253 -45.25 42.44 82.71
CA GLU B 253 -46.24 43.41 83.14
C GLU B 253 -47.65 42.86 82.96
N VAL B 254 -48.50 43.03 83.97
CA VAL B 254 -49.86 42.51 83.95
C VAL B 254 -50.85 43.63 84.23
N LEU B 255 -52.09 43.40 83.84
CA LEU B 255 -53.16 44.38 84.00
C LEU B 255 -53.95 44.12 85.28
N THR B 256 -54.22 45.19 86.02
CA THR B 256 -54.87 45.11 87.31
C THR B 256 -56.27 45.70 87.21
N ASP B 257 -57.20 45.13 87.96
CA ASP B 257 -58.60 45.53 87.93
C ASP B 257 -58.88 46.82 88.70
N PHE B 258 -57.85 47.51 89.19
CA PHE B 258 -58.06 48.72 89.97
C PHE B 258 -58.57 49.85 89.08
N ARG B 259 -59.59 50.55 89.56
CA ARG B 259 -60.16 51.69 88.87
C ARG B 259 -60.27 52.86 89.84
N ARG B 260 -59.81 54.04 89.41
CA ARG B 260 -59.80 55.20 90.27
C ARG B 260 -61.23 55.67 90.57
N GLN B 261 -61.36 56.41 91.67
CA GLN B 261 -62.68 56.88 92.08
C GLN B 261 -63.15 58.08 91.27
N ASP B 262 -62.31 58.65 90.42
CA ASP B 262 -62.68 59.83 89.66
C ASP B 262 -62.63 59.59 88.15
N THR B 263 -62.77 58.36 87.70
CA THR B 263 -62.64 58.02 86.30
C THR B 263 -63.86 57.23 85.85
N ILE B 264 -64.39 57.57 84.68
CA ILE B 264 -65.49 56.85 84.05
C ILE B 264 -64.98 56.27 82.74
N TRP B 265 -65.08 54.96 82.59
CA TRP B 265 -64.60 54.28 81.40
C TRP B 265 -65.67 54.23 80.33
N VAL B 266 -65.27 54.42 79.08
CA VAL B 266 -66.16 54.29 77.93
C VAL B 266 -65.54 53.27 76.99
N LEU B 267 -66.27 52.20 76.71
CA LEU B 267 -65.81 51.14 75.83
C LEU B 267 -66.83 50.94 74.72
N ALA B 268 -66.35 50.91 73.48
CA ALA B 268 -67.24 50.93 72.33
C ALA B 268 -67.18 49.69 71.46
N LEU B 269 -66.24 48.77 71.69
CA LEU B 269 -66.08 47.60 70.86
C LEU B 269 -65.97 46.34 71.71
N GLN B 270 -66.33 45.21 71.12
CA GLN B 270 -66.20 43.90 71.75
C GLN B 270 -65.35 43.00 70.87
N LEU B 271 -64.56 42.13 71.50
CA LEU B 271 -63.62 41.27 70.77
C LEU B 271 -64.22 39.99 70.18
N PRO B 272 -65.11 39.25 70.86
CA PRO B 272 -65.62 38.02 70.22
C PRO B 272 -66.48 38.33 69.02
N VAL B 273 -65.84 38.66 67.91
CA VAL B 273 -66.54 39.07 66.69
C VAL B 273 -67.30 37.89 66.12
N ASN B 274 -68.57 38.11 65.77
CA ASN B 274 -69.34 37.10 65.08
C ASN B 274 -68.79 36.94 63.67
N PRO B 275 -68.29 35.76 63.30
CA PRO B 275 -67.64 35.62 61.99
C PRO B 275 -68.60 35.69 60.82
N GLN B 276 -69.87 35.31 61.02
CA GLN B 276 -70.81 35.25 59.90
C GLN B 276 -70.99 36.61 59.25
N VAL B 277 -70.94 37.68 60.05
CA VAL B 277 -71.09 39.04 59.52
C VAL B 277 -70.02 39.31 58.46
N VAL B 278 -68.81 38.81 58.68
CA VAL B 278 -67.75 39.00 57.70
C VAL B 278 -68.04 38.20 56.43
N TRP B 279 -68.60 37.01 56.57
CA TRP B 279 -68.74 36.10 55.44
C TRP B 279 -70.10 36.16 54.77
N ASP B 280 -70.96 37.09 55.17
CA ASP B 280 -72.27 37.23 54.55
C ASP B 280 -72.26 38.21 53.38
N VAL B 281 -71.17 38.94 53.17
CA VAL B 281 -71.10 39.92 52.09
C VAL B 281 -71.13 39.20 50.75
N PRO B 282 -71.94 39.65 49.78
CA PRO B 282 -72.00 38.96 48.50
C PRO B 282 -70.71 39.13 47.70
N ARG B 283 -70.18 38.01 47.21
CA ARG B 283 -68.98 37.98 46.37
C ARG B 283 -67.80 38.64 47.07
N SER B 284 -67.40 38.04 48.18
CA SER B 284 -66.35 38.63 49.02
C SER B 284 -65.25 37.65 49.38
N SER B 285 -65.16 36.51 48.71
CA SER B 285 -64.13 35.53 49.05
C SER B 285 -62.73 36.05 48.73
N ILE B 286 -62.57 36.69 47.57
CA ILE B 286 -61.25 37.18 47.17
C ILE B 286 -60.76 38.26 48.10
N ALA B 287 -61.64 39.18 48.49
CA ALA B 287 -61.24 40.24 49.42
C ALA B 287 -60.83 39.65 50.77
N ASN B 288 -61.56 38.64 51.24
CA ASN B 288 -61.21 38.00 52.49
C ASN B 288 -59.85 37.33 52.41
N LEU B 289 -59.57 36.64 51.29
CA LEU B 289 -58.26 36.01 51.11
C LEU B 289 -57.15 37.04 51.11
N ILE B 290 -57.34 38.15 50.41
CA ILE B 290 -56.31 39.18 50.32
C ILE B 290 -56.06 39.80 51.68
N MET B 291 -57.13 40.08 52.44
CA MET B 291 -56.94 40.66 53.77
C MET B 291 -56.26 39.68 54.71
N ASN B 292 -56.58 38.38 54.59
CA ASN B 292 -55.91 37.38 55.42
C ASN B 292 -54.42 37.33 55.14
N ILE B 293 -54.04 37.34 53.85
CA ILE B 293 -52.63 37.34 53.50
C ILE B 293 -51.96 38.61 54.00
N ALA B 294 -52.64 39.75 53.89
CA ALA B 294 -52.04 41.02 54.28
C ALA B 294 -51.83 41.12 55.78
N THR B 295 -52.73 40.53 56.57
CA THR B 295 -52.66 40.74 58.01
C THR B 295 -51.98 39.61 58.78
N CYS B 296 -51.93 38.39 58.26
CA CYS B 296 -51.48 37.27 59.08
C CYS B 296 -50.22 36.55 58.58
N LEU B 297 -49.80 36.77 57.36
CA LEU B 297 -48.65 36.00 56.85
C LEU B 297 -47.36 36.52 57.45
N PRO B 298 -46.49 35.65 57.97
CA PRO B 298 -45.22 36.09 58.54
C PRO B 298 -44.20 36.37 57.43
N THR B 299 -43.05 36.88 57.84
CA THR B 299 -41.97 37.18 56.90
C THR B 299 -40.78 36.27 57.15
N GLY B 300 -40.18 35.81 56.06
CA GLY B 300 -39.11 34.84 56.15
C GLY B 300 -38.25 34.82 54.91
N GLU B 301 -37.47 33.74 54.77
CA GLU B 301 -36.46 33.62 53.75
C GLU B 301 -36.54 32.25 53.08
N TYR B 302 -36.04 32.18 51.86
CA TYR B 302 -35.97 30.92 51.12
C TYR B 302 -34.58 30.33 51.27
N ILE B 303 -34.52 29.04 51.61
CA ILE B 303 -33.27 28.37 51.92
C ILE B 303 -33.09 27.19 50.98
N ALA B 304 -31.94 27.14 50.32
CA ALA B 304 -31.57 26.05 49.44
C ALA B 304 -31.09 24.85 50.24
N PRO B 305 -31.21 23.64 49.69
CA PRO B 305 -30.68 22.47 50.38
C PRO B 305 -29.16 22.47 50.39
N ASN B 306 -28.60 21.65 51.28
CA ASN B 306 -27.15 21.55 51.40
C ASN B 306 -26.55 20.97 50.13
N PRO B 307 -25.47 21.57 49.62
CA PRO B 307 -24.85 21.04 48.40
C PRO B 307 -24.22 19.67 48.58
N ARG B 308 -23.97 19.23 49.81
CA ARG B 308 -23.36 17.93 50.03
C ARG B 308 -24.36 16.79 49.96
N ILE B 309 -25.65 17.08 49.83
CA ILE B 309 -26.64 16.00 49.76
C ILE B 309 -26.55 15.25 48.44
N SER B 310 -26.34 15.96 47.35
CA SER B 310 -26.37 15.37 46.02
C SER B 310 -25.01 14.89 45.53
N SER B 311 -23.94 15.11 46.28
CA SER B 311 -22.62 14.70 45.83
C SER B 311 -21.72 14.44 47.03
N ILE B 312 -20.81 13.47 46.86
CA ILE B 312 -19.86 13.08 47.89
C ILE B 312 -18.47 13.15 47.28
N THR B 313 -17.54 13.77 47.98
CA THR B 313 -16.15 13.84 47.53
C THR B 313 -15.34 12.80 48.29
N LEU B 314 -14.58 11.99 47.56
CA LEU B 314 -13.74 10.96 48.15
C LEU B 314 -12.26 11.32 48.06
N THR B 315 -11.87 11.94 46.95
CA THR B 315 -10.49 12.34 46.71
C THR B 315 -10.57 13.63 45.89
N GLN B 316 -9.46 14.36 45.82
CA GLN B 316 -9.43 15.64 45.12
C GLN B 316 -9.83 15.48 43.65
N ARG B 317 -9.62 14.32 43.06
CA ARG B 317 -10.00 14.08 41.67
C ARG B 317 -11.29 13.31 41.51
N ILE B 318 -11.67 12.48 42.49
CA ILE B 318 -12.80 11.58 42.36
C ILE B 318 -13.97 12.11 43.17
N THR B 319 -15.08 12.39 42.50
CA THR B 319 -16.32 12.79 43.16
C THR B 319 -17.49 12.08 42.48
N THR B 320 -18.58 11.92 43.22
CA THR B 320 -19.78 11.35 42.65
C THR B 320 -20.64 12.44 42.01
N THR B 321 -21.40 12.05 41.00
CA THR B 321 -22.21 12.98 40.21
C THR B 321 -23.68 12.66 40.37
N GLY B 322 -24.48 13.70 40.62
CA GLY B 322 -25.91 13.56 40.70
C GLY B 322 -26.54 13.42 39.34
N PRO B 323 -27.75 12.85 39.29
CA PRO B 323 -28.39 12.65 37.99
C PRO B 323 -28.89 13.94 37.36
N PHE B 324 -29.36 14.88 38.16
CA PHE B 324 -29.96 16.12 37.65
C PHE B 324 -29.00 17.28 37.74
N ALA B 325 -27.71 17.04 37.47
CA ALA B 325 -26.72 18.10 37.63
C ALA B 325 -26.93 19.24 36.67
N ILE B 326 -27.48 18.97 35.48
CA ILE B 326 -27.69 20.04 34.51
C ILE B 326 -28.77 21.01 34.97
N LEU B 327 -29.82 20.50 35.62
CA LEU B 327 -30.88 21.38 36.10
C LEU B 327 -30.41 22.22 37.27
N THR B 328 -29.59 21.66 38.15
CA THR B 328 -29.15 22.38 39.34
C THR B 328 -28.25 23.57 38.99
N GLY B 329 -27.58 23.52 37.84
CA GLY B 329 -26.72 24.62 37.45
C GLY B 329 -27.48 25.84 36.96
N SER B 330 -28.74 25.69 36.60
CA SER B 330 -29.51 26.80 36.06
C SER B 330 -29.90 27.78 37.17
N THR B 331 -30.26 28.98 36.76
CA THR B 331 -30.74 30.01 37.66
C THR B 331 -32.06 30.58 37.13
N PRO B 332 -32.99 30.91 38.01
CA PRO B 332 -34.30 31.38 37.54
C PRO B 332 -34.24 32.81 37.03
N THR B 333 -35.16 33.12 36.12
CA THR B 333 -35.39 34.48 35.69
C THR B 333 -36.49 35.09 36.55
N ALA B 334 -37.04 36.23 36.13
CA ALA B 334 -38.07 36.87 36.92
C ALA B 334 -39.37 36.08 36.91
N GLN B 335 -39.80 35.64 35.71
CA GLN B 335 -41.08 34.96 35.58
C GLN B 335 -41.11 33.65 36.35
N GLN B 336 -40.00 32.90 36.29
CA GLN B 336 -39.95 31.62 36.98
C GLN B 336 -39.97 31.81 38.50
N LEU B 337 -39.31 32.86 38.99
CA LEU B 337 -39.39 33.16 40.42
C LEU B 337 -40.81 33.53 40.83
N ASN B 338 -41.50 34.31 39.99
CA ASN B 338 -42.89 34.63 40.28
C ASN B 338 -43.76 33.38 40.31
N ASP B 339 -43.47 32.44 39.42
CA ASP B 339 -44.22 31.18 39.41
C ASP B 339 -43.96 30.36 40.67
N VAL B 340 -42.72 30.38 41.17
CA VAL B 340 -42.42 29.70 42.43
C VAL B 340 -43.21 30.33 43.57
N ARG B 341 -43.28 31.66 43.59
CA ARG B 341 -44.09 32.34 44.61
C ARG B 341 -45.56 31.94 44.50
N LYS B 342 -46.06 31.79 43.27
CA LYS B 342 -47.42 31.32 43.07
C LYS B 342 -47.62 29.91 43.65
N ILE B 343 -46.64 29.03 43.44
CA ILE B 343 -46.77 27.66 43.92
C ILE B 343 -46.84 27.62 45.44
N TYR B 344 -45.97 28.36 46.12
CA TYR B 344 -46.06 28.36 47.58
C TYR B 344 -47.32 29.06 48.08
N LEU B 345 -47.79 30.09 47.37
CA LEU B 345 -49.03 30.73 47.77
C LEU B 345 -50.20 29.78 47.65
N ALA B 346 -50.20 28.92 46.62
CA ALA B 346 -51.24 27.91 46.49
C ALA B 346 -51.11 26.84 47.56
N LEU B 347 -49.86 26.50 47.94
CA LEU B 347 -49.67 25.48 48.98
C LEU B 347 -50.19 25.96 50.33
N MET B 348 -49.94 27.22 50.68
CA MET B 348 -50.29 27.68 52.02
C MET B 348 -51.78 27.89 52.23
N PHE B 349 -52.57 27.96 51.16
CA PHE B 349 -54.02 28.04 51.26
C PHE B 349 -54.63 26.85 50.54
N PRO B 350 -55.16 25.88 51.26
CA PRO B 350 -55.41 24.55 50.66
C PRO B 350 -56.39 24.53 49.50
N GLY B 351 -57.60 25.04 49.69
CA GLY B 351 -58.60 24.91 48.66
C GLY B 351 -58.98 26.19 47.95
N GLN B 352 -58.41 27.31 48.38
CA GLN B 352 -58.82 28.60 47.85
C GLN B 352 -58.02 29.04 46.64
N ILE B 353 -56.85 28.46 46.41
CA ILE B 353 -56.05 28.73 45.23
C ILE B 353 -55.72 27.42 44.55
N ILE B 354 -55.98 27.35 43.24
CA ILE B 354 -55.81 26.14 42.46
C ILE B 354 -54.86 26.43 41.31
N LEU B 355 -53.92 25.53 41.07
CA LEU B 355 -52.90 25.75 40.07
C LEU B 355 -53.33 25.17 38.71
N ASP B 356 -52.68 25.67 37.66
CA ASP B 356 -52.96 25.23 36.31
C ASP B 356 -51.71 25.43 35.46
N LEU B 357 -51.67 24.76 34.31
CA LEU B 357 -50.51 24.79 33.44
C LEU B 357 -50.53 26.03 32.54
N LYS B 358 -49.34 26.55 32.26
CA LYS B 358 -49.16 27.73 31.43
C LYS B 358 -48.57 27.32 30.09
N ILE B 359 -49.15 27.82 29.00
CA ILE B 359 -48.71 27.50 27.65
C ILE B 359 -48.10 28.76 27.03
N ASP B 360 -46.85 28.65 26.60
CA ASP B 360 -46.15 29.76 25.96
C ASP B 360 -45.39 29.22 24.76
N PRO B 361 -45.82 29.53 23.53
CA PRO B 361 -45.12 29.00 22.35
C PRO B 361 -43.69 29.49 22.22
N GLY B 362 -43.39 30.70 22.70
CA GLY B 362 -42.07 31.26 22.51
C GLY B 362 -40.99 30.61 23.36
N GLU B 363 -41.37 29.95 24.45
CA GLU B 363 -40.38 29.33 25.33
C GLU B 363 -39.80 28.09 24.66
N ARG B 364 -38.50 27.88 24.87
CA ARG B 364 -37.79 26.71 24.36
C ARG B 364 -37.05 26.07 25.52
N MET B 365 -37.38 24.83 25.83
CA MET B 365 -36.76 24.11 26.93
C MET B 365 -36.44 22.69 26.52
N ASP B 366 -35.53 22.07 27.27
CA ASP B 366 -35.18 20.68 27.03
C ASP B 366 -36.35 19.77 27.39
N PRO B 367 -36.56 18.70 26.62
CA PRO B 367 -37.69 17.80 26.93
C PRO B 367 -37.60 17.11 28.28
N ALA B 368 -36.41 16.99 28.88
CA ALA B 368 -36.28 16.28 30.14
C ALA B 368 -36.89 17.06 31.31
N VAL B 369 -37.06 18.37 31.16
CA VAL B 369 -37.61 19.19 32.24
C VAL B 369 -39.04 18.76 32.54
N ARG B 370 -39.84 18.56 31.51
CA ARG B 370 -41.22 18.14 31.70
C ARG B 370 -41.29 16.75 32.33
N MET B 371 -40.40 15.85 31.91
CA MET B 371 -40.40 14.49 32.44
C MET B 371 -40.04 14.48 33.92
N VAL B 372 -39.09 15.32 34.33
CA VAL B 372 -38.75 15.40 35.76
C VAL B 372 -39.88 16.06 36.54
N ALA B 373 -40.48 17.11 35.98
CA ALA B 373 -41.58 17.78 36.66
C ALA B 373 -42.76 16.85 36.86
N GLY B 374 -42.95 15.89 35.95
CA GLY B 374 -44.00 14.91 36.14
C GLY B 374 -43.83 14.11 37.42
N VAL B 375 -42.60 13.72 37.73
CA VAL B 375 -42.34 13.00 38.98
C VAL B 375 -42.49 13.95 40.16
N VAL B 376 -41.98 15.17 40.03
CA VAL B 376 -41.97 16.10 41.16
C VAL B 376 -43.38 16.46 41.58
N GLY B 377 -44.27 16.70 40.62
CA GLY B 377 -45.62 17.14 40.94
C GLY B 377 -46.41 16.13 41.75
N HIS B 378 -46.19 14.85 41.51
CA HIS B 378 -46.88 13.82 42.29
C HIS B 378 -46.48 13.87 43.75
N LEU B 379 -45.21 14.11 44.04
CA LEU B 379 -44.72 14.18 45.41
C LEU B 379 -44.97 15.54 46.06
N LEU B 380 -45.27 16.57 45.28
CA LEU B 380 -45.40 17.91 45.83
C LEU B 380 -46.84 18.29 46.17
N PHE B 381 -47.82 17.87 45.39
CA PHE B 381 -49.18 18.37 45.51
C PHE B 381 -50.11 17.33 46.11
N THR B 382 -51.36 17.74 46.28
CA THR B 382 -52.39 16.92 46.88
C THR B 382 -53.67 17.01 46.03
N ALA B 383 -54.22 15.85 45.69
CA ALA B 383 -55.49 15.77 44.96
C ALA B 383 -56.41 14.79 45.66
N GLY B 384 -56.33 14.75 46.99
CA GLY B 384 -56.96 13.73 47.78
C GLY B 384 -58.47 13.90 47.87
N GLY B 385 -59.05 13.14 48.79
CA GLY B 385 -60.48 13.08 48.93
C GLY B 385 -61.12 14.17 49.77
N ARG B 386 -60.33 15.12 50.28
CA ARG B 386 -60.88 16.20 51.09
C ARG B 386 -60.63 17.58 50.51
N PHE B 387 -59.47 17.80 49.89
CA PHE B 387 -59.20 19.06 49.22
C PHE B 387 -58.15 18.82 48.15
N THR B 388 -58.04 19.78 47.23
CA THR B 388 -57.13 19.67 46.11
C THR B 388 -56.35 20.97 45.94
N ASN B 389 -55.19 20.86 45.32
CA ASN B 389 -54.37 22.02 44.99
C ASN B 389 -54.34 22.31 43.50
N LEU B 390 -54.81 21.40 42.65
CA LEU B 390 -54.64 21.54 41.22
C LEU B 390 -55.89 21.11 40.49
N THR B 391 -56.10 21.69 39.31
CA THR B 391 -57.23 21.41 38.46
C THR B 391 -57.09 20.01 37.86
N GLN B 392 -58.22 19.46 37.40
CA GLN B 392 -58.20 18.13 36.79
C GLN B 392 -57.32 18.10 35.56
N ASN B 393 -57.30 19.19 34.79
CA ASN B 393 -56.47 19.24 33.59
C ASN B 393 -54.99 19.13 33.92
N MET B 394 -54.54 19.85 34.96
CA MET B 394 -53.15 19.77 35.35
C MET B 394 -52.80 18.37 35.87
N ALA B 395 -53.75 17.72 36.54
CA ALA B 395 -53.52 16.34 36.97
C ALA B 395 -53.34 15.42 35.78
N ARG B 396 -54.15 15.59 34.73
CA ARG B 396 -53.98 14.79 33.53
C ARG B 396 -52.63 15.04 32.87
N GLN B 397 -52.22 16.31 32.81
CA GLN B 397 -50.93 16.62 32.20
C GLN B 397 -49.78 16.01 32.99
N LEU B 398 -49.85 16.04 34.32
CA LEU B 398 -48.81 15.43 35.14
C LEU B 398 -48.78 13.93 34.95
N ASP B 399 -49.95 13.29 34.83
CA ASP B 399 -49.99 11.85 34.59
C ASP B 399 -49.35 11.50 33.26
N ILE B 400 -49.63 12.29 32.21
CA ILE B 400 -49.03 12.03 30.91
C ILE B 400 -47.51 12.21 30.98
N ALA B 401 -47.05 13.24 31.69
CA ALA B 401 -45.62 13.46 31.83
C ALA B 401 -44.95 12.30 32.57
N LEU B 402 -45.59 11.78 33.61
CA LEU B 402 -45.04 10.64 34.34
C LEU B 402 -44.99 9.41 33.46
N ASN B 403 -46.01 9.21 32.63
CA ASN B 403 -45.99 8.10 31.68
C ASN B 403 -44.80 8.20 30.74
N ASP B 404 -44.59 9.40 30.18
CA ASP B 404 -43.47 9.59 29.26
C ASP B 404 -42.13 9.37 29.95
N TYR B 405 -42.01 9.82 31.20
CA TYR B 405 -40.77 9.62 31.93
C TYR B 405 -40.52 8.14 32.21
N LEU B 406 -41.55 7.41 32.58
CA LEU B 406 -41.36 5.99 32.89
C LEU B 406 -41.02 5.20 31.64
N LEU B 407 -41.61 5.54 30.50
CA LEU B 407 -41.31 4.77 29.29
C LEU B 407 -39.99 5.17 28.62
N TYR B 408 -39.40 6.29 29.01
CA TYR B 408 -38.13 6.70 28.43
C TYR B 408 -36.99 5.98 29.13
N MET B 409 -36.19 5.23 28.37
CA MET B 409 -35.19 4.32 28.93
C MET B 409 -33.85 4.59 28.26
N TYR B 410 -33.01 5.40 28.90
CA TYR B 410 -31.67 5.66 28.37
C TYR B 410 -30.66 4.62 28.83
N ASN B 411 -31.08 3.64 29.62
CA ASN B 411 -30.25 2.51 30.03
C ASN B 411 -30.86 1.23 29.49
N THR B 412 -30.39 0.09 30.00
CA THR B 412 -30.89 -1.20 29.57
C THR B 412 -32.39 -1.29 29.80
N ARG B 413 -33.11 -1.73 28.77
CA ARG B 413 -34.56 -1.81 28.83
C ARG B 413 -35.01 -2.94 29.75
N VAL B 414 -36.23 -2.83 30.25
CA VAL B 414 -36.83 -3.87 31.08
C VAL B 414 -38.16 -4.26 30.48
N GLN B 415 -38.68 -5.39 30.95
CA GLN B 415 -39.95 -5.92 30.44
C GLN B 415 -41.11 -5.00 30.81
N VAL B 416 -42.03 -4.82 29.88
CA VAL B 416 -43.23 -4.01 30.08
C VAL B 416 -44.41 -4.72 29.46
N ASN B 417 -45.54 -4.75 30.17
CA ASN B 417 -46.78 -5.34 29.66
C ASN B 417 -47.87 -4.28 29.68
N TYR B 418 -48.47 -4.05 28.52
CA TYR B 418 -49.52 -3.03 28.40
C TYR B 418 -50.89 -3.63 28.72
N GLY B 419 -51.79 -2.77 29.17
CA GLY B 419 -53.10 -3.18 29.57
C GLY B 419 -54.13 -3.01 28.46
N PRO B 420 -55.35 -3.50 28.71
CA PRO B 420 -56.40 -3.39 27.68
C PRO B 420 -56.79 -1.96 27.34
N THR B 421 -56.74 -1.05 28.31
CA THR B 421 -57.20 0.31 28.08
C THR B 421 -56.05 1.19 27.60
N GLY B 422 -56.42 2.23 26.86
CA GLY B 422 -55.47 3.18 26.31
C GLY B 422 -55.14 4.34 27.22
N GLU B 423 -55.60 4.31 28.46
CA GLU B 423 -55.33 5.39 29.39
C GLU B 423 -53.84 5.41 29.75
N PRO B 424 -53.31 6.57 30.13
CA PRO B 424 -51.91 6.62 30.54
C PRO B 424 -51.66 5.86 31.83
N LEU B 425 -50.42 5.40 31.98
CA LEU B 425 -49.96 4.65 33.15
C LEU B 425 -50.73 3.35 33.34
N ASP B 426 -51.24 2.77 32.26
CA ASP B 426 -51.91 1.48 32.31
C ASP B 426 -50.98 0.40 31.80
N PHE B 427 -50.01 0.03 32.63
CA PHE B 427 -49.07 -1.03 32.28
C PHE B 427 -48.41 -1.55 33.54
N GLN B 428 -47.70 -2.67 33.39
CA GLN B 428 -46.92 -3.28 34.44
C GLN B 428 -45.46 -3.35 34.00
N ILE B 429 -44.55 -3.01 34.92
CA ILE B 429 -43.15 -2.82 34.57
C ILE B 429 -42.27 -3.62 35.53
N GLY B 430 -41.04 -3.88 35.09
CA GLY B 430 -40.03 -4.52 35.92
C GLY B 430 -40.09 -6.03 35.89
N ARG B 431 -39.04 -6.64 36.44
CA ARG B 431 -39.03 -8.10 36.58
C ARG B 431 -40.04 -8.55 37.63
N ASN B 432 -40.29 -7.72 38.64
CA ASN B 432 -41.44 -7.86 39.51
C ASN B 432 -42.50 -6.91 38.98
N GLN B 433 -43.58 -7.46 38.44
CA GLN B 433 -44.55 -6.66 37.72
C GLN B 433 -45.27 -5.73 38.70
N TYR B 434 -44.90 -4.46 38.68
CA TYR B 434 -45.47 -3.46 39.57
C TYR B 434 -46.59 -2.73 38.83
N ASP B 435 -47.80 -2.78 39.39
CA ASP B 435 -48.96 -2.18 38.75
C ASP B 435 -48.90 -0.67 38.90
N CYS B 436 -48.80 0.04 37.78
CA CYS B 436 -48.69 1.49 37.77
C CYS B 436 -50.03 2.18 37.64
N ASN B 437 -51.13 1.44 37.66
CA ASN B 437 -52.44 2.05 37.51
C ASN B 437 -52.86 2.86 38.72
N VAL B 438 -52.19 2.68 39.86
CA VAL B 438 -52.59 3.38 41.07
C VAL B 438 -52.12 4.82 41.07
N PHE B 439 -51.29 5.23 40.12
CA PHE B 439 -50.78 6.59 40.08
C PHE B 439 -51.62 7.52 39.21
N ARG B 440 -52.66 7.02 38.56
CA ARG B 440 -53.55 7.88 37.81
C ARG B 440 -54.50 8.60 38.76
N ALA B 441 -54.78 9.87 38.48
CA ALA B 441 -55.55 10.70 39.40
C ALA B 441 -56.99 10.22 39.51
N ASP B 442 -57.53 10.31 40.72
CA ASP B 442 -58.92 9.95 40.99
C ASP B 442 -59.37 10.80 42.17
N PHE B 443 -60.13 11.87 41.87
CA PHE B 443 -60.42 12.87 42.88
C PHE B 443 -61.37 12.36 43.97
N ALA B 444 -62.04 11.24 43.74
CA ALA B 444 -62.90 10.68 44.79
C ALA B 444 -62.10 10.01 45.89
N THR B 445 -60.89 9.56 45.60
CA THR B 445 -60.06 8.87 46.58
C THR B 445 -58.63 9.36 46.66
N GLY B 446 -58.12 10.08 45.67
CA GLY B 446 -56.81 10.68 45.73
C GLY B 446 -55.65 9.70 45.79
N THR B 447 -55.67 8.69 44.93
CA THR B 447 -54.64 7.66 44.99
C THR B 447 -53.28 8.18 44.58
N GLY B 448 -53.19 8.91 43.48
CA GLY B 448 -51.89 9.17 42.88
C GLY B 448 -51.03 10.21 43.57
N TYR B 449 -51.56 10.91 44.57
CA TYR B 449 -50.84 12.04 45.14
C TYR B 449 -50.79 11.95 46.65
N ASN B 450 -50.35 13.01 47.32
CA ASN B 450 -50.36 13.04 48.77
C ASN B 450 -51.80 12.94 49.27
N GLY B 451 -51.98 12.29 50.41
CA GLY B 451 -53.31 11.97 50.87
C GLY B 451 -53.84 10.66 50.36
N TRP B 452 -52.97 9.80 49.83
CA TRP B 452 -53.40 8.49 49.33
C TRP B 452 -53.99 7.64 50.45
N ALA B 453 -53.26 7.48 51.54
CA ALA B 453 -53.75 6.68 52.64
C ALA B 453 -53.51 7.38 53.98
N THR B 454 -53.49 8.70 53.97
CA THR B 454 -53.19 9.49 55.15
C THR B 454 -54.35 10.44 55.42
N ILE B 455 -54.63 10.64 56.70
CA ILE B 455 -55.65 11.60 57.13
C ILE B 455 -54.96 12.96 57.23
N ASP B 456 -55.36 13.88 56.36
CA ASP B 456 -54.71 15.18 56.26
C ASP B 456 -55.50 16.31 56.90
N VAL B 457 -56.73 16.05 57.34
CA VAL B 457 -57.56 17.04 58.02
C VAL B 457 -58.10 16.41 59.28
N GLU B 458 -57.91 17.07 60.42
CA GLU B 458 -58.39 16.52 61.69
C GLU B 458 -58.96 17.63 62.55
N TYR B 459 -59.46 17.24 63.73
CA TYR B 459 -60.05 18.16 64.68
C TYR B 459 -59.55 17.80 66.06
N ARG B 460 -59.03 18.79 66.81
CA ARG B 460 -58.41 18.54 68.09
C ARG B 460 -59.15 19.16 69.26
N GLU B 461 -59.32 20.47 69.27
CA GLU B 461 -59.88 21.18 70.41
C GLU B 461 -60.60 22.42 69.90
N PRO B 462 -61.57 22.94 70.66
CA PRO B 462 -62.34 24.10 70.18
C PRO B 462 -61.47 25.33 69.99
N ALA B 463 -61.41 25.81 68.76
CA ALA B 463 -60.57 26.94 68.39
C ALA B 463 -61.16 28.25 68.90
N PRO B 464 -60.32 29.29 69.06
CA PRO B 464 -60.86 30.61 69.44
C PRO B 464 -61.86 31.18 68.46
N TYR B 465 -61.67 30.98 67.16
CA TYR B 465 -62.68 31.37 66.17
C TYR B 465 -63.58 30.18 65.91
N VAL B 466 -64.87 30.32 66.21
CA VAL B 466 -65.79 29.19 66.23
C VAL B 466 -66.08 28.64 64.84
N HIS B 467 -65.77 29.37 63.79
CA HIS B 467 -66.11 28.95 62.44
C HIS B 467 -65.02 28.15 61.75
N ALA B 468 -63.83 28.02 62.37
CA ALA B 468 -62.71 27.31 61.75
C ALA B 468 -62.10 26.40 62.80
N GLN B 469 -62.42 25.11 62.72
CA GLN B 469 -61.96 24.14 63.71
C GLN B 469 -60.93 23.18 63.17
N ARG B 470 -60.68 23.17 61.86
CA ARG B 470 -59.87 22.14 61.25
C ARG B 470 -58.38 22.37 61.49
N TYR B 471 -57.63 21.26 61.50
CA TYR B 471 -56.19 21.27 61.49
C TYR B 471 -55.72 20.52 60.25
N ILE B 472 -54.77 21.11 59.53
CA ILE B 472 -54.27 20.55 58.29
C ILE B 472 -52.98 19.80 58.56
N ARG B 473 -52.89 18.56 58.07
CA ARG B 473 -51.69 17.75 58.21
C ARG B 473 -51.24 17.29 56.82
N TYR B 474 -50.41 18.10 56.17
CA TYR B 474 -49.81 17.69 54.91
C TYR B 474 -48.91 16.49 55.14
N CYS B 475 -49.00 15.51 54.22
CA CYS B 475 -48.19 14.29 54.20
C CYS B 475 -48.10 13.61 55.57
N GLY B 476 -49.16 13.74 56.38
CA GLY B 476 -49.26 13.02 57.62
C GLY B 476 -48.28 13.40 58.71
N ILE B 477 -47.53 14.48 58.53
CA ILE B 477 -46.54 14.89 59.51
C ILE B 477 -47.14 15.95 60.41
N ASP B 478 -46.73 15.95 61.68
CA ASP B 478 -47.14 16.95 62.64
C ASP B 478 -46.00 17.93 62.89
N SER B 479 -46.36 19.12 63.35
CA SER B 479 -45.35 20.12 63.69
C SER B 479 -44.51 19.67 64.87
N ARG B 480 -45.12 18.95 65.83
CA ARG B 480 -44.39 18.47 67.00
C ARG B 480 -43.31 17.46 66.64
N GLU B 481 -43.31 16.92 65.43
CA GLU B 481 -42.21 16.07 65.00
C GLU B 481 -40.90 16.83 64.94
N LEU B 482 -40.96 18.15 64.83
CA LEU B 482 -39.75 18.95 64.82
C LEU B 482 -39.14 19.09 66.20
N ILE B 483 -39.87 18.73 67.25
CA ILE B 483 -39.41 18.86 68.63
C ILE B 483 -39.22 17.50 69.29
N ASN B 484 -40.24 16.63 69.19
CA ASN B 484 -40.22 15.31 69.81
C ASN B 484 -40.45 14.26 68.73
N PRO B 485 -39.41 13.85 68.01
CA PRO B 485 -39.59 12.87 66.95
C PRO B 485 -40.07 11.53 67.50
N THR B 486 -40.87 10.84 66.70
CA THR B 486 -41.40 9.54 67.06
C THR B 486 -40.75 8.41 66.28
N THR B 487 -39.68 8.68 65.55
CA THR B 487 -38.99 7.65 64.79
C THR B 487 -37.57 8.10 64.55
N TYR B 488 -36.72 7.14 64.15
CA TYR B 488 -35.34 7.46 63.85
C TYR B 488 -35.25 8.27 62.56
N GLY B 489 -34.04 8.76 62.28
CA GLY B 489 -33.85 9.59 61.10
C GLY B 489 -34.09 8.84 59.81
N ILE B 490 -33.71 7.56 59.77
CA ILE B 490 -33.90 6.77 58.56
C ILE B 490 -35.33 6.24 58.45
N GLY B 491 -36.12 6.34 59.51
CA GLY B 491 -37.47 5.84 59.52
C GLY B 491 -38.54 6.82 59.11
N MET B 492 -38.17 8.01 58.63
CA MET B 492 -39.15 9.02 58.26
C MET B 492 -39.66 8.69 56.86
N THR B 493 -40.94 8.33 56.76
CA THR B 493 -41.51 7.93 55.49
C THR B 493 -43.02 8.16 55.51
N TYR B 494 -43.61 8.22 54.31
CA TYR B 494 -45.06 8.22 54.16
C TYR B 494 -45.40 7.58 52.82
N HIS B 495 -46.68 7.29 52.64
CA HIS B 495 -47.10 6.23 51.72
C HIS B 495 -46.76 6.57 50.27
N CYS B 496 -47.15 7.76 49.81
CA CYS B 496 -46.97 8.10 48.39
C CYS B 496 -45.50 8.14 48.00
N TYR B 497 -44.66 8.71 48.87
CA TYR B 497 -43.23 8.80 48.59
C TYR B 497 -42.62 7.40 48.49
N ASN B 498 -42.99 6.52 49.42
CA ASN B 498 -42.47 5.15 49.40
C ASN B 498 -42.89 4.41 48.14
N GLU B 499 -44.15 4.57 47.74
CA GLU B 499 -44.61 3.92 46.53
C GLU B 499 -43.89 4.47 45.30
N MET B 500 -43.62 5.77 45.28
CA MET B 500 -42.87 6.34 44.16
C MET B 500 -41.46 5.76 44.09
N LEU B 501 -40.79 5.61 45.23
CA LEU B 501 -39.46 5.01 45.22
C LEU B 501 -39.51 3.56 44.75
N ARG B 502 -40.51 2.80 45.18
CA ARG B 502 -40.62 1.42 44.71
C ARG B 502 -40.83 1.37 43.19
N MET B 503 -41.70 2.23 42.67
CA MET B 503 -41.92 2.27 41.22
C MET B 503 -40.65 2.65 40.49
N LEU B 504 -39.93 3.64 40.99
CA LEU B 504 -38.70 4.08 40.32
C LEU B 504 -37.65 2.99 40.31
N VAL B 505 -37.48 2.28 41.43
CA VAL B 505 -36.46 1.23 41.44
C VAL B 505 -36.90 0.04 40.61
N ALA B 506 -38.21 -0.14 40.42
CA ALA B 506 -38.67 -1.23 39.57
C ALA B 506 -38.39 -0.96 38.10
N ALA B 507 -38.39 0.30 37.69
CA ALA B 507 -38.25 0.66 36.28
C ALA B 507 -36.80 0.84 35.85
N GLY B 508 -35.83 0.66 36.74
CA GLY B 508 -34.44 0.75 36.36
C GLY B 508 -33.79 2.10 36.56
N LYS B 509 -34.44 3.02 37.26
CA LYS B 509 -33.87 4.34 37.53
C LYS B 509 -33.36 4.40 38.96
N ASP B 510 -32.21 3.75 39.18
CA ASP B 510 -31.71 3.59 40.54
C ASP B 510 -31.09 4.88 41.07
N SER B 511 -30.38 5.62 40.23
CA SER B 511 -29.71 6.83 40.69
C SER B 511 -30.74 7.88 41.13
N GLU B 512 -31.82 8.02 40.37
CA GLU B 512 -32.88 8.95 40.75
C GLU B 512 -33.54 8.54 42.05
N ALA B 513 -33.74 7.23 42.24
CA ALA B 513 -34.31 6.74 43.48
C ALA B 513 -33.40 7.06 44.66
N ALA B 514 -32.09 6.89 44.48
CA ALA B 514 -31.15 7.24 45.55
C ALA B 514 -31.19 8.73 45.87
N TYR B 515 -31.27 9.56 44.84
CA TYR B 515 -31.33 11.00 45.05
C TYR B 515 -32.57 11.39 45.85
N PHE B 516 -33.73 10.85 45.47
CA PHE B 516 -34.96 11.18 46.17
C PHE B 516 -34.96 10.64 47.60
N ARG B 517 -34.39 9.45 47.79
CA ARG B 517 -34.29 8.87 49.13
C ARG B 517 -33.41 9.73 50.03
N SER B 518 -32.34 10.29 49.48
CA SER B 518 -31.52 11.20 50.25
C SER B 518 -32.24 12.51 50.52
N MET B 519 -33.08 12.97 49.59
CA MET B 519 -33.71 14.27 49.71
C MET B 519 -34.96 14.28 50.58
N LEU B 520 -35.52 13.11 50.90
CA LEU B 520 -36.81 13.03 51.60
C LEU B 520 -36.92 13.83 52.91
N PRO B 521 -35.97 13.75 53.86
CA PRO B 521 -36.18 14.49 55.12
C PRO B 521 -36.29 16.00 54.94
N PHE B 522 -35.59 16.58 53.96
CA PHE B 522 -35.76 17.99 53.65
C PHE B 522 -37.19 18.29 53.24
N HIS B 523 -37.77 17.41 52.42
CA HIS B 523 -39.15 17.55 51.99
C HIS B 523 -40.11 17.54 53.17
N MET B 524 -39.95 16.56 54.08
CA MET B 524 -40.87 16.52 55.21
C MET B 524 -40.70 17.68 56.16
N VAL B 525 -39.47 18.15 56.37
CA VAL B 525 -39.29 19.30 57.26
C VAL B 525 -39.94 20.54 56.65
N ARG B 526 -39.82 20.71 55.34
CA ARG B 526 -40.50 21.81 54.68
C ARG B 526 -42.01 21.74 54.90
N PHE B 527 -42.59 20.56 54.72
CA PHE B 527 -44.04 20.46 54.88
C PHE B 527 -44.47 20.65 56.33
N ALA B 528 -43.65 20.20 57.29
CA ALA B 528 -43.98 20.44 58.69
C ALA B 528 -43.98 21.92 59.01
N ARG B 529 -43.01 22.67 58.48
CA ARG B 529 -43.01 24.11 58.68
C ARG B 529 -44.21 24.78 58.05
N ILE B 530 -44.61 24.32 56.86
CA ILE B 530 -45.81 24.89 56.21
C ILE B 530 -47.04 24.62 57.07
N ASN B 531 -47.13 23.41 57.65
CA ASN B 531 -48.22 23.08 58.55
C ASN B 531 -48.24 24.02 59.74
N GLN B 532 -47.09 24.28 60.34
CA GLN B 532 -47.03 25.15 61.50
C GLN B 532 -47.47 26.57 61.14
N ILE B 533 -47.07 27.04 59.97
CA ILE B 533 -47.50 28.37 59.53
C ILE B 533 -49.01 28.42 59.33
N ILE B 534 -49.58 27.39 58.70
CA ILE B 534 -51.00 27.40 58.38
C ILE B 534 -51.84 27.34 59.66
N ASN B 535 -51.47 26.45 60.58
CA ASN B 535 -52.34 26.21 61.74
C ASN B 535 -52.29 27.35 62.75
N GLU B 536 -51.16 28.04 62.88
CA GLU B 536 -51.01 29.06 63.91
C GLU B 536 -51.15 30.48 63.38
N ASP B 537 -50.33 30.86 62.40
CA ASP B 537 -50.27 32.26 61.99
C ASP B 537 -51.49 32.68 61.19
N LEU B 538 -52.01 31.81 60.32
CA LEU B 538 -53.08 32.20 59.41
C LEU B 538 -54.46 32.06 60.01
N HIS B 539 -54.58 31.71 61.28
CA HIS B 539 -55.87 31.59 61.93
C HIS B 539 -56.47 32.97 62.17
N SER B 540 -57.58 33.27 61.50
CA SER B 540 -58.21 34.58 61.60
C SER B 540 -59.67 34.44 61.16
N VAL B 541 -60.43 35.54 61.32
CA VAL B 541 -61.83 35.48 60.93
C VAL B 541 -61.96 35.44 59.41
N PHE B 542 -60.94 35.92 58.70
CA PHE B 542 -60.95 35.89 57.24
C PHE B 542 -60.69 34.50 56.69
N SER B 543 -60.33 33.54 57.52
CA SER B 543 -60.15 32.16 57.05
C SER B 543 -61.50 31.56 56.69
N LEU B 544 -61.46 30.60 55.76
CA LEU B 544 -62.69 30.02 55.25
C LEU B 544 -63.35 29.15 56.30
N PRO B 545 -64.67 29.25 56.46
CA PRO B 545 -65.37 28.39 57.43
C PRO B 545 -65.40 26.94 56.96
N ASP B 546 -65.71 26.06 57.91
CA ASP B 546 -65.56 24.62 57.67
C ASP B 546 -66.59 24.10 56.68
N ASP B 547 -67.81 24.64 56.71
CA ASP B 547 -68.86 24.14 55.82
C ASP B 547 -68.52 24.35 54.35
N MET B 548 -67.94 25.51 54.02
CA MET B 548 -67.53 25.76 52.64
C MET B 548 -66.30 24.95 52.26
N PHE B 549 -65.38 24.75 53.21
CA PHE B 549 -64.19 23.96 52.94
C PHE B 549 -64.55 22.51 52.64
N ASN B 550 -65.51 21.96 53.37
CA ASN B 550 -65.91 20.58 53.12
C ASN B 550 -66.73 20.42 51.86
N ALA B 551 -67.19 21.51 51.26
CA ALA B 551 -68.00 21.45 50.06
C ALA B 551 -67.27 21.92 48.80
N LEU B 552 -66.06 22.47 48.94
CA LEU B 552 -65.33 22.94 47.78
C LEU B 552 -65.07 21.82 46.77
N LEU B 553 -64.66 20.64 47.23
CA LEU B 553 -64.23 19.60 46.30
C LEU B 553 -65.38 18.84 45.63
N PRO B 554 -66.42 18.39 46.35
CA PRO B 554 -67.52 17.72 45.64
C PRO B 554 -68.19 18.60 44.59
N ASP B 555 -68.32 19.90 44.86
CA ASP B 555 -68.89 20.79 43.86
C ASP B 555 -67.95 20.96 42.68
N LEU B 556 -66.65 20.92 42.90
CA LEU B 556 -65.71 20.97 41.80
C LEU B 556 -65.82 19.73 40.92
N ILE B 557 -65.98 18.55 41.53
CA ILE B 557 -66.15 17.33 40.75
C ILE B 557 -67.46 17.38 39.98
N ALA B 558 -68.55 17.76 40.63
CA ALA B 558 -69.85 17.76 39.97
C ALA B 558 -70.00 18.93 39.00
N GLY B 559 -69.18 19.97 39.17
CA GLY B 559 -69.27 21.12 38.29
C GLY B 559 -70.44 22.04 38.55
N ALA B 560 -70.99 22.02 39.76
CA ALA B 560 -72.17 22.82 40.08
C ALA B 560 -71.76 24.26 40.41
N HIS B 561 -72.77 25.07 40.74
CA HIS B 561 -72.52 26.45 41.13
C HIS B 561 -71.81 26.51 42.47
N GLN B 562 -70.88 27.45 42.60
CA GLN B 562 -70.06 27.59 43.80
C GLN B 562 -70.14 29.02 44.30
N ASN B 563 -70.41 29.18 45.61
CA ASN B 563 -70.43 30.51 46.19
C ASN B 563 -69.01 31.06 46.32
N ALA B 564 -68.08 30.24 46.79
CA ALA B 564 -66.67 30.64 46.92
C ALA B 564 -65.87 29.95 45.83
N ASP B 565 -65.82 30.59 44.67
CA ASP B 565 -65.11 30.01 43.54
C ASP B 565 -63.60 30.13 43.76
N PRO B 566 -62.84 29.06 43.56
CA PRO B 566 -61.39 29.14 43.74
C PRO B 566 -60.74 30.01 42.68
N VAL B 567 -59.60 30.58 43.04
CA VAL B 567 -58.80 31.38 42.14
C VAL B 567 -57.81 30.48 41.44
N VAL B 568 -57.72 30.58 40.12
CA VAL B 568 -56.86 29.72 39.31
C VAL B 568 -55.66 30.53 38.85
N LEU B 569 -54.47 29.98 39.06
CA LEU B 569 -53.22 30.60 38.66
C LEU B 569 -52.45 29.66 37.76
N ASP B 570 -51.55 30.23 36.95
CA ASP B 570 -50.82 29.48 35.94
C ASP B 570 -49.34 29.42 36.28
N VAL B 571 -48.74 28.24 36.09
CA VAL B 571 -47.33 28.01 36.39
C VAL B 571 -46.70 27.24 35.24
N SER B 572 -45.38 27.29 35.18
CA SER B 572 -44.60 26.67 34.12
C SER B 572 -44.05 25.33 34.57
N TRP B 573 -43.40 24.62 33.64
CA TRP B 573 -42.88 23.29 33.95
C TRP B 573 -41.69 23.37 34.90
N ILE B 574 -40.73 24.24 34.60
CA ILE B 574 -39.50 24.29 35.39
C ILE B 574 -39.74 24.86 36.78
N SER B 575 -40.88 25.54 36.96
CA SER B 575 -41.22 26.08 38.28
C SER B 575 -41.41 24.97 39.30
N LEU B 576 -41.88 23.81 38.86
CA LEU B 576 -42.00 22.67 39.75
C LEU B 576 -40.64 22.25 40.31
N TRP B 577 -39.65 22.11 39.42
CA TRP B 577 -38.32 21.74 39.88
C TRP B 577 -37.72 22.82 40.78
N PHE B 578 -37.93 24.09 40.43
CA PHE B 578 -37.38 25.16 41.25
C PHE B 578 -38.03 25.18 42.64
N ALA B 579 -39.34 24.90 42.71
CA ALA B 579 -40.03 24.91 43.99
C ALA B 579 -39.71 23.69 44.83
N PHE B 580 -39.38 22.56 44.21
CA PHE B 580 -39.06 21.37 44.98
C PHE B 580 -37.74 21.50 45.71
N ASN B 581 -36.83 22.36 45.22
CA ASN B 581 -35.51 22.54 45.82
C ASN B 581 -35.44 23.80 46.67
N ARG B 582 -36.53 24.16 47.34
CA ARG B 582 -36.57 25.34 48.19
C ARG B 582 -37.44 25.06 49.41
N SER B 583 -37.27 25.89 50.43
CA SER B 583 -38.08 25.80 51.63
C SER B 583 -38.33 27.21 52.15
N PHE B 584 -39.36 27.34 52.97
CA PHE B 584 -39.75 28.63 53.54
C PHE B 584 -39.43 28.64 55.02
N GLU B 585 -38.55 29.56 55.42
CA GLU B 585 -38.09 29.72 56.80
C GLU B 585 -38.57 31.04 57.36
N PRO B 586 -39.65 31.06 58.14
CA PRO B 586 -40.10 32.34 58.72
C PRO B 586 -39.09 32.88 59.71
N THR B 587 -38.91 34.20 59.68
CA THR B 587 -37.96 34.88 60.57
C THR B 587 -38.63 35.83 61.54
N HIS B 588 -39.62 36.60 61.09
CA HIS B 588 -40.33 37.49 61.99
C HIS B 588 -41.82 37.35 61.75
N ARG B 589 -42.59 37.68 62.77
CA ARG B 589 -44.04 37.69 62.64
C ARG B 589 -44.49 38.93 61.88
N ASN B 590 -45.77 38.96 61.53
CA ASN B 590 -46.31 40.11 60.82
C ASN B 590 -46.30 41.34 61.71
N GLU B 591 -46.14 42.51 61.07
CA GLU B 591 -46.00 43.75 61.82
C GLU B 591 -47.28 44.08 62.60
N MET B 592 -48.44 43.79 62.03
CA MET B 592 -49.72 44.12 62.65
C MET B 592 -50.46 42.88 63.12
N LEU B 593 -49.73 41.88 63.62
CA LEU B 593 -50.38 40.70 64.17
C LEU B 593 -51.09 41.01 65.47
N GLU B 594 -50.56 41.95 66.25
CA GLU B 594 -51.13 42.29 67.54
C GLU B 594 -52.28 43.27 67.46
N VAL B 595 -52.57 43.81 66.28
CA VAL B 595 -53.61 44.82 66.13
C VAL B 595 -54.81 44.28 65.34
N ALA B 596 -54.65 43.19 64.61
CA ALA B 596 -55.69 42.73 63.68
C ALA B 596 -57.07 42.51 64.29
N PRO B 597 -57.24 41.93 65.49
CA PRO B 597 -58.61 41.76 66.01
C PRO B 597 -59.40 43.06 66.16
N LEU B 598 -58.73 44.16 66.51
CA LEU B 598 -59.43 45.44 66.57
C LEU B 598 -59.91 45.87 65.20
N ILE B 599 -59.06 45.69 64.18
CA ILE B 599 -59.46 45.99 62.81
C ILE B 599 -60.67 45.17 62.41
N GLU B 600 -60.65 43.88 62.74
CA GLU B 600 -61.76 42.99 62.43
C GLU B 600 -63.05 43.45 63.10
N SER B 601 -62.96 43.85 64.37
CA SER B 601 -64.14 44.29 65.10
C SER B 601 -64.71 45.58 64.50
N VAL B 602 -63.84 46.52 64.14
CA VAL B 602 -64.30 47.76 63.53
C VAL B 602 -65.01 47.48 62.21
N TYR B 603 -64.42 46.61 61.39
CA TYR B 603 -65.02 46.26 60.12
C TYR B 603 -66.40 45.65 60.30
N ALA B 604 -66.51 44.67 61.23
CA ALA B 604 -67.78 44.01 61.45
C ALA B 604 -68.84 44.99 61.96
N SER B 605 -68.46 45.90 62.84
CA SER B 605 -69.43 46.86 63.36
C SER B 605 -69.96 47.77 62.27
N GLU B 606 -69.06 48.23 61.38
CA GLU B 606 -69.52 49.11 60.30
C GLU B 606 -70.47 48.38 59.35
N LEU B 607 -70.14 47.13 59.00
CA LEU B 607 -71.07 46.36 58.17
C LEU B 607 -72.41 46.14 58.86
N SER B 608 -72.40 45.92 60.17
CA SER B 608 -73.66 45.74 60.89
C SER B 608 -74.53 46.98 60.82
N VAL B 609 -73.94 48.16 61.04
CA VAL B 609 -74.75 49.37 61.01
C VAL B 609 -75.28 49.66 59.61
N MET B 610 -74.46 49.36 58.58
CA MET B 610 -74.94 49.52 57.20
C MET B 610 -76.12 48.59 56.93
N LYS B 611 -76.04 47.34 57.39
CA LYS B 611 -77.12 46.40 57.18
C LYS B 611 -78.40 46.85 57.88
N VAL B 612 -78.27 47.38 59.09
CA VAL B 612 -79.46 47.86 59.82
C VAL B 612 -80.12 48.99 59.05
N ASP B 613 -79.33 49.94 58.56
CA ASP B 613 -79.91 51.05 57.80
C ASP B 613 -80.63 50.55 56.56
N MET B 614 -80.01 49.63 55.81
CA MET B 614 -80.63 49.13 54.60
C MET B 614 -81.93 48.40 54.90
N ARG B 615 -81.93 47.58 55.95
CA ARG B 615 -83.13 46.83 56.32
C ARG B 615 -84.26 47.78 56.69
N HIS B 616 -83.96 48.84 57.43
CA HIS B 616 -85.00 49.79 57.78
C HIS B 616 -85.50 50.55 56.57
N LEU B 617 -84.65 50.82 55.59
CA LEU B 617 -85.10 51.52 54.39
C LEU B 617 -85.90 50.62 53.45
N SER B 618 -85.74 49.30 53.53
CA SER B 618 -86.35 48.43 52.54
C SER B 618 -87.88 48.42 52.57
N LEU B 619 -88.51 48.84 53.66
CA LEU B 619 -89.96 48.74 53.80
C LEU B 619 -90.70 49.98 53.31
N MET B 620 -89.99 51.00 52.83
CA MET B 620 -90.63 52.24 52.42
C MET B 620 -91.58 52.03 51.26
N GLN B 621 -91.19 51.20 50.28
CA GLN B 621 -92.06 51.00 49.12
C GLN B 621 -93.37 50.34 49.51
N ARG B 622 -93.32 49.39 50.45
CA ARG B 622 -94.56 48.77 50.91
C ARG B 622 -95.39 49.73 51.76
N ARG B 623 -94.74 50.61 52.53
CA ARG B 623 -95.50 51.50 53.39
C ARG B 623 -96.20 52.59 52.59
N PHE B 624 -95.50 53.22 51.64
CA PHE B 624 -96.06 54.28 50.80
C PHE B 624 -95.81 53.97 49.34
N PRO B 625 -96.71 53.24 48.69
CA PRO B 625 -96.49 52.87 47.28
C PRO B 625 -96.42 54.05 46.34
N ASP B 626 -97.15 55.12 46.60
CA ASP B 626 -97.32 56.19 45.62
C ASP B 626 -96.13 57.13 45.53
N VAL B 627 -95.17 57.05 46.44
CA VAL B 627 -94.04 57.96 46.42
C VAL B 627 -92.84 57.24 45.81
N LEU B 628 -92.86 55.91 45.85
CA LEU B 628 -91.72 55.13 45.44
C LEU B 628 -92.04 54.27 44.22
N ILE B 629 -92.67 54.87 43.21
CA ILE B 629 -93.10 54.11 42.04
C ILE B 629 -91.90 53.56 41.28
N GLN B 630 -90.86 54.37 41.09
CA GLN B 630 -89.68 53.94 40.36
C GLN B 630 -88.56 53.45 41.27
N ALA B 631 -88.90 52.87 42.42
CA ALA B 631 -87.87 52.47 43.37
C ALA B 631 -87.19 51.17 42.95
N ARG B 632 -85.94 51.02 43.38
CA ARG B 632 -85.16 49.81 43.23
C ARG B 632 -84.40 49.56 44.52
N PRO B 633 -84.00 48.31 44.76
CA PRO B 633 -83.04 48.06 45.84
C PRO B 633 -81.70 48.76 45.63
N SER B 634 -81.25 48.89 44.38
CA SER B 634 -79.98 49.55 44.12
C SER B 634 -80.01 51.01 44.51
N HIS B 635 -81.18 51.64 44.47
CA HIS B 635 -81.28 53.04 44.83
C HIS B 635 -80.91 53.27 46.30
N PHE B 636 -81.54 52.53 47.21
CA PHE B 636 -81.16 52.73 48.60
C PHE B 636 -79.81 52.10 48.91
N TRP B 637 -79.38 51.10 48.12
CA TRP B 637 -78.03 50.59 48.29
C TRP B 637 -76.99 51.68 48.10
N LYS B 638 -77.05 52.39 46.97
CA LYS B 638 -76.07 53.45 46.75
C LYS B 638 -76.35 54.65 47.64
N ALA B 639 -77.60 54.85 48.06
CA ALA B 639 -77.90 55.92 49.00
C ALA B 639 -77.20 55.70 50.34
N VAL B 640 -77.21 54.46 50.82
CA VAL B 640 -76.52 54.16 52.07
C VAL B 640 -75.00 54.21 51.88
N LEU B 641 -74.50 53.63 50.79
CA LEU B 641 -73.05 53.65 50.58
C LEU B 641 -72.49 55.05 50.32
N ASN B 642 -73.32 56.03 49.95
CA ASN B 642 -72.82 57.38 49.85
C ASN B 642 -72.57 58.03 51.20
N ASP B 643 -73.02 57.43 52.30
CA ASP B 643 -72.91 58.00 53.63
C ASP B 643 -72.24 57.01 54.57
N SER B 644 -71.14 56.43 54.11
CA SER B 644 -70.39 55.43 54.86
C SER B 644 -68.91 55.74 54.74
N PRO B 645 -68.11 55.37 55.74
CA PRO B 645 -66.66 55.65 55.68
C PRO B 645 -66.00 54.97 54.50
N GLU B 646 -65.01 55.65 53.92
CA GLU B 646 -64.41 55.19 52.68
C GLU B 646 -63.56 53.94 52.87
N ALA B 647 -63.03 53.73 54.08
CA ALA B 647 -62.18 52.57 54.32
C ALA B 647 -62.95 51.26 54.14
N VAL B 648 -64.18 51.21 54.65
CA VAL B 648 -64.98 49.99 54.56
C VAL B 648 -65.31 49.68 53.10
N LYS B 649 -65.74 50.69 52.35
CA LYS B 649 -66.03 50.49 50.93
C LYS B 649 -64.77 50.06 50.18
N ALA B 650 -63.62 50.63 50.55
CA ALA B 650 -62.37 50.25 49.92
C ALA B 650 -62.06 48.79 50.18
N VAL B 651 -62.35 48.32 51.41
CA VAL B 651 -62.16 46.90 51.70
C VAL B 651 -63.10 46.04 50.85
N MET B 652 -64.34 46.47 50.70
CA MET B 652 -65.31 45.67 49.94
C MET B 652 -65.02 45.64 48.44
N ASN B 653 -64.32 46.65 47.91
CA ASN B 653 -63.96 46.71 46.49
C ASN B 653 -62.52 46.27 46.23
N LEU B 654 -62.03 45.29 46.99
CA LEU B 654 -60.70 44.77 46.69
C LEU B 654 -60.68 44.00 45.39
N SER B 655 -61.82 43.54 44.90
CA SER B 655 -61.91 42.78 43.66
C SER B 655 -62.99 43.32 42.73
N HIS B 656 -63.41 44.57 42.94
CA HIS B 656 -64.44 45.22 42.13
C HIS B 656 -65.74 44.43 42.14
N SER B 657 -66.25 44.16 43.35
CA SER B 657 -67.45 43.35 43.50
C SER B 657 -68.71 44.14 43.17
N HIS B 658 -68.77 45.42 43.54
CA HIS B 658 -70.00 46.19 43.37
C HIS B 658 -70.33 46.48 41.91
N ASN B 659 -69.43 46.20 40.98
CA ASN B 659 -69.79 46.34 39.57
C ASN B 659 -70.58 45.16 39.03
N PHE B 660 -70.74 44.07 39.80
CA PHE B 660 -71.37 42.87 39.31
C PHE B 660 -72.53 42.36 40.13
N ILE B 661 -72.74 42.85 41.35
CA ILE B 661 -73.83 42.37 42.17
C ILE B 661 -75.17 42.81 41.58
N ASN B 662 -76.19 41.98 41.75
CA ASN B 662 -77.51 42.24 41.20
C ASN B 662 -78.51 42.42 42.35
N ILE B 663 -79.79 42.52 41.99
CA ILE B 663 -80.84 42.82 42.95
C ILE B 663 -81.00 41.68 43.94
N ARG B 664 -80.94 40.44 43.46
CA ARG B 664 -81.20 39.29 44.31
C ARG B 664 -80.16 39.16 45.42
N ASP B 665 -78.89 39.39 45.10
CA ASP B 665 -77.85 39.31 46.12
C ASP B 665 -78.04 40.40 47.18
N MET B 666 -78.39 41.61 46.76
CA MET B 666 -78.69 42.67 47.70
C MET B 666 -79.81 42.26 48.64
N MET B 667 -80.90 41.74 48.08
CA MET B 667 -82.06 41.40 48.90
C MET B 667 -81.79 40.22 49.81
N ARG B 668 -80.98 39.24 49.38
CA ARG B 668 -80.67 38.14 50.29
C ARG B 668 -79.75 38.62 51.41
N TRP B 669 -78.86 39.56 51.13
CA TRP B 669 -77.99 40.07 52.19
C TRP B 669 -78.76 40.93 53.18
N VAL B 670 -79.81 41.61 52.73
CA VAL B 670 -80.59 42.44 53.65
C VAL B 670 -81.28 41.58 54.71
N MET B 671 -81.86 40.44 54.31
CA MET B 671 -82.66 39.64 55.22
C MET B 671 -81.85 38.67 56.08
N LEU B 672 -80.54 38.61 55.93
CA LEU B 672 -79.75 37.75 56.78
C LEU B 672 -79.68 38.33 58.19
N PRO B 673 -79.81 37.51 59.23
CA PRO B 673 -80.04 38.02 60.58
C PRO B 673 -78.81 38.21 61.46
N SER B 674 -77.60 38.09 60.94
CA SER B 674 -76.41 38.21 61.78
C SER B 674 -76.04 39.67 62.00
N LEU B 675 -75.88 40.05 63.27
CA LEU B 675 -75.47 41.40 63.64
C LEU B 675 -74.35 41.33 64.66
N GLN B 676 -73.52 42.39 64.68
CA GLN B 676 -72.43 42.53 65.66
C GLN B 676 -72.70 43.73 66.52
N PRO B 677 -72.96 43.57 67.82
CA PRO B 677 -73.35 44.71 68.65
C PRO B 677 -72.18 45.65 68.92
N SER B 678 -72.52 46.92 69.12
CA SER B 678 -71.55 47.97 69.45
C SER B 678 -72.35 49.18 69.91
N LEU B 679 -71.62 50.18 70.41
CA LEU B 679 -72.28 51.41 70.87
C LEU B 679 -72.94 52.15 69.72
N LYS B 680 -72.25 52.24 68.59
CA LYS B 680 -72.79 52.95 67.43
C LYS B 680 -74.07 52.29 66.93
N LEU B 681 -74.09 50.96 66.93
CA LEU B 681 -75.29 50.25 66.49
C LEU B 681 -76.46 50.50 67.44
N ALA B 682 -76.20 50.52 68.75
CA ALA B 682 -77.27 50.79 69.70
C ALA B 682 -77.85 52.18 69.51
N LEU B 683 -76.98 53.18 69.34
CA LEU B 683 -77.47 54.53 69.12
C LEU B 683 -78.24 54.64 67.80
N GLU B 684 -77.74 54.01 66.74
CA GLU B 684 -78.42 54.07 65.45
C GLU B 684 -79.79 53.39 65.51
N GLU B 685 -79.86 52.24 66.18
CA GLU B 685 -81.14 51.55 66.32
C GLU B 685 -82.14 52.39 67.09
N GLU B 686 -81.68 53.04 68.17
CA GLU B 686 -82.60 53.91 68.92
C GLU B 686 -83.05 55.09 68.08
N ALA B 687 -82.15 55.67 67.28
CA ALA B 687 -82.52 56.78 66.41
C ALA B 687 -83.57 56.34 65.40
N TRP B 688 -83.38 55.16 64.80
CA TRP B 688 -84.36 54.65 63.84
C TRP B 688 -85.71 54.41 64.51
N ALA B 689 -85.70 53.86 65.73
CA ALA B 689 -86.94 53.64 66.45
C ALA B 689 -87.65 54.95 66.74
N ALA B 690 -86.90 55.99 67.10
CA ALA B 690 -87.50 57.30 67.31
C ALA B 690 -88.07 57.86 66.02
N ALA B 691 -87.37 57.65 64.90
CA ALA B 691 -87.79 58.20 63.62
C ALA B 691 -88.82 57.34 62.91
N ASN B 692 -89.23 56.22 63.50
CA ASN B 692 -90.24 55.36 62.90
C ASN B 692 -91.55 56.12 62.69
N ASP B 693 -91.86 57.07 63.56
CA ASP B 693 -92.98 57.99 63.34
C ASP B 693 -92.53 59.09 62.39
N PHE B 694 -93.11 59.12 61.19
CA PHE B 694 -92.69 60.10 60.19
C PHE B 694 -93.11 61.51 60.55
N GLU B 695 -94.10 61.66 61.43
CA GLU B 695 -94.48 62.98 61.89
C GLU B 695 -93.33 63.68 62.61
N ASP B 696 -92.45 62.91 63.26
CA ASP B 696 -91.28 63.48 63.91
C ASP B 696 -90.24 63.96 62.91
N LEU B 697 -90.35 63.58 61.64
CA LEU B 697 -89.42 64.05 60.63
C LEU B 697 -89.97 65.20 59.81
N MET B 698 -91.09 65.79 60.25
CA MET B 698 -91.75 66.88 59.54
C MET B 698 -92.13 66.48 58.11
N LEU B 699 -92.57 65.25 57.95
CA LEU B 699 -93.14 64.76 56.69
C LEU B 699 -94.52 64.22 56.99
N THR B 700 -95.51 64.62 56.19
CA THR B 700 -96.89 64.27 56.49
C THR B 700 -97.68 64.15 55.21
N ASP B 701 -98.90 63.63 55.35
CA ASP B 701 -99.86 63.53 54.25
C ASP B 701 -101.24 64.05 54.62
N GLN B 702 -101.36 64.79 55.72
CA GLN B 702 -102.65 65.31 56.18
C GLN B 702 -102.80 66.76 55.71
N VAL B 703 -102.99 66.93 54.41
CA VAL B 703 -103.14 68.24 53.78
C VAL B 703 -104.54 68.35 53.20
N TYR B 704 -105.18 69.49 53.40
CA TYR B 704 -106.56 69.71 53.03
C TYR B 704 -106.71 71.03 52.28
N MET B 705 -107.79 71.12 51.52
CA MET B 705 -108.21 72.36 50.87
C MET B 705 -109.61 72.73 51.36
N HIS B 706 -109.77 74.02 51.70
CA HIS B 706 -111.05 74.51 52.20
C HIS B 706 -111.06 76.02 52.08
N ARG B 707 -112.11 76.56 51.49
CA ARG B 707 -112.20 77.99 51.25
C ARG B 707 -112.63 78.70 52.53
N ASP B 708 -111.73 79.51 53.09
CA ASP B 708 -112.04 80.27 54.30
C ASP B 708 -111.49 81.68 54.17
N MET B 709 -112.20 82.63 54.76
CA MET B 709 -111.83 84.03 54.68
C MET B 709 -110.82 84.38 55.75
N LEU B 710 -109.98 85.35 55.43
CA LEU B 710 -109.02 85.87 56.41
C LEU B 710 -109.78 86.59 57.52
N PRO B 711 -109.32 86.51 58.77
CA PRO B 711 -110.01 87.19 59.86
C PRO B 711 -110.00 88.70 59.66
N GLU B 712 -111.06 89.34 60.13
CA GLU B 712 -111.33 90.75 59.83
C GLU B 712 -112.02 91.36 61.04
N PRO B 713 -111.30 91.55 62.14
CA PRO B 713 -111.94 91.96 63.39
C PRO B 713 -112.25 93.44 63.42
N ARG B 714 -113.18 93.79 64.31
CA ARG B 714 -113.54 95.19 64.57
C ARG B 714 -112.84 95.62 65.85
N LEU B 715 -112.00 96.67 65.72
CA LEU B 715 -111.19 97.14 66.88
C LEU B 715 -111.87 98.34 67.54
N ASP B 716 -112.84 98.09 68.41
CA ASP B 716 -113.52 99.15 69.15
C ASP B 716 -112.62 99.72 70.23
N ASP B 717 -111.91 98.86 70.97
CA ASP B 717 -111.02 99.28 72.04
C ASP B 717 -109.63 98.75 71.74
N ILE B 718 -108.66 99.66 71.70
CA ILE B 718 -107.30 99.26 71.32
C ILE B 718 -106.66 98.45 72.43
N GLU B 719 -106.78 98.91 73.68
CA GLU B 719 -106.10 98.23 74.78
C GLU B 719 -106.64 96.83 74.98
N ARG B 720 -107.96 96.66 74.94
CA ARG B 720 -108.54 95.33 75.13
C ARG B 720 -108.13 94.37 74.03
N PHE B 721 -108.19 94.83 72.77
CA PHE B 721 -107.79 93.97 71.66
C PHE B 721 -106.33 93.60 71.75
N ARG B 722 -105.48 94.55 72.15
CA ARG B 722 -104.07 94.24 72.34
C ARG B 722 -103.88 93.20 73.44
N GLN B 723 -104.65 93.33 74.52
CA GLN B 723 -104.47 92.43 75.65
C GLN B 723 -104.94 91.02 75.34
N GLU B 724 -105.98 90.88 74.53
CA GLU B 724 -106.51 89.55 74.23
C GLU B 724 -105.49 88.68 73.51
N GLY B 725 -104.72 89.28 72.62
CA GLY B 725 -103.78 88.50 71.83
C GLY B 725 -104.49 87.84 70.67
N PHE B 726 -103.97 88.03 69.46
CA PHE B 726 -104.67 87.58 68.27
C PHE B 726 -103.67 87.10 67.24
N TYR B 727 -104.00 85.98 66.60
CA TYR B 727 -103.14 85.43 65.56
C TYR B 727 -103.99 84.54 64.67
N TYR B 728 -103.46 84.26 63.48
CA TYR B 728 -104.14 83.38 62.54
C TYR B 728 -103.16 82.36 61.99
N THR B 729 -103.66 81.16 61.71
CA THR B 729 -102.83 80.10 61.17
C THR B 729 -103.70 79.11 60.41
N ASN B 730 -103.05 78.37 59.51
CA ASN B 730 -103.70 77.27 58.82
C ASN B 730 -103.48 75.93 59.48
N MET B 731 -102.79 75.91 60.62
CA MET B 731 -102.66 74.70 61.42
C MET B 731 -104.01 74.33 62.02
N LEU B 732 -104.42 73.09 61.84
CA LEU B 732 -105.68 72.62 62.41
C LEU B 732 -105.44 71.94 63.75
N GLU B 733 -106.31 72.23 64.71
CA GLU B 733 -106.24 71.59 66.01
C GLU B 733 -106.99 70.27 66.06
N ALA B 734 -107.83 69.97 65.06
CA ALA B 734 -108.55 68.72 64.99
C ALA B 734 -108.96 68.49 63.55
N PRO B 735 -108.76 67.28 63.03
CA PRO B 735 -109.14 67.01 61.64
C PRO B 735 -110.65 67.08 61.48
N PRO B 736 -111.14 67.39 60.28
CA PRO B 736 -112.58 67.54 60.09
C PRO B 736 -113.31 66.22 60.20
N GLU B 737 -114.63 66.30 60.18
CA GLU B 737 -115.46 65.11 60.28
C GLU B 737 -115.34 64.26 59.02
N ILE B 738 -115.68 62.98 59.18
CA ILE B 738 -115.54 62.03 58.07
C ILE B 738 -116.57 62.33 56.99
N ASP B 739 -117.79 62.69 57.37
CA ASP B 739 -118.85 62.89 56.39
C ASP B 739 -118.67 64.15 55.56
N ARG B 740 -117.73 65.03 55.92
CA ARG B 740 -117.57 66.30 55.23
C ARG B 740 -116.32 66.34 54.36
N VAL B 741 -115.62 65.23 54.20
CA VAL B 741 -114.35 65.20 53.49
C VAL B 741 -114.42 64.17 52.37
N VAL B 742 -113.91 64.55 51.20
CA VAL B 742 -113.80 63.64 50.06
C VAL B 742 -112.34 63.27 49.89
N GLN B 743 -112.08 61.99 49.67
CA GLN B 743 -110.72 61.47 49.63
C GLN B 743 -110.27 61.36 48.18
N TYR B 744 -109.10 61.92 47.88
CA TYR B 744 -108.51 61.80 46.57
C TYR B 744 -107.30 60.86 46.63
N THR B 745 -106.77 60.55 45.45
CA THR B 745 -105.66 59.62 45.33
C THR B 745 -104.80 60.10 44.16
N TYR B 746 -103.54 59.69 44.16
CA TYR B 746 -102.63 60.11 43.11
C TYR B 746 -103.13 59.65 41.74
N GLU B 747 -103.58 58.40 41.65
CA GLU B 747 -104.04 57.86 40.38
C GLU B 747 -105.32 58.56 39.91
N ILE B 748 -106.27 58.76 40.81
CA ILE B 748 -107.51 59.43 40.45
C ILE B 748 -107.24 60.86 39.98
N ALA B 749 -106.39 61.57 40.71
CA ALA B 749 -106.06 62.95 40.35
C ALA B 749 -105.37 63.00 39.00
N ARG B 750 -104.42 62.09 38.75
CA ARG B 750 -103.73 62.09 37.47
C ARG B 750 -104.69 61.79 36.32
N LEU B 751 -105.58 60.82 36.50
CA LEU B 751 -106.53 60.47 35.44
C LEU B 751 -107.48 61.63 35.16
N GLN B 752 -107.98 62.28 36.22
CA GLN B 752 -108.89 63.40 36.01
C GLN B 752 -108.19 64.60 35.41
N ALA B 753 -106.92 64.81 35.74
CA ALA B 753 -106.19 65.93 35.16
C ALA B 753 -105.85 65.69 33.70
N ASN B 754 -105.60 64.44 33.32
CA ASN B 754 -105.31 64.16 31.91
C ASN B 754 -106.51 64.45 31.03
N MET B 755 -107.71 64.14 31.50
CA MET B 755 -108.92 64.37 30.72
C MET B 755 -109.43 65.80 30.83
N GLY B 756 -108.78 66.65 31.61
CA GLY B 756 -109.21 68.03 31.72
C GLY B 756 -110.46 68.26 32.52
N GLN B 757 -110.66 67.52 33.61
CA GLN B 757 -111.84 67.67 34.46
C GLN B 757 -111.48 67.95 35.92
N PHE B 758 -110.20 68.15 36.22
CA PHE B 758 -109.78 68.29 37.61
C PHE B 758 -110.21 69.63 38.19
N ARG B 759 -109.97 70.71 37.46
CA ARG B 759 -110.24 72.05 37.97
C ARG B 759 -111.73 72.26 38.23
N ALA B 760 -112.58 71.79 37.32
CA ALA B 760 -114.01 71.94 37.51
C ALA B 760 -114.49 71.16 38.73
N ALA B 761 -113.97 69.95 38.92
CA ALA B 761 -114.37 69.16 40.09
C ALA B 761 -113.94 69.83 41.38
N LEU B 762 -112.71 70.35 41.43
CA LEU B 762 -112.25 71.02 42.63
C LEU B 762 -113.09 72.26 42.92
N ARG B 763 -113.42 73.04 41.89
CA ARG B 763 -114.15 74.28 42.13
C ARG B 763 -115.58 73.96 42.56
N ARG B 764 -116.16 72.89 42.02
CA ARG B 764 -117.46 72.43 42.46
C ARG B 764 -117.44 72.01 43.93
N ILE B 765 -116.38 71.30 44.34
CA ILE B 765 -116.27 70.87 45.73
C ILE B 765 -116.16 72.09 46.64
N MET B 766 -115.34 73.06 46.26
CA MET B 766 -115.16 74.25 47.10
C MET B 766 -116.45 75.05 47.21
N ASP B 767 -117.20 75.17 46.12
CA ASP B 767 -118.44 75.95 46.17
C ASP B 767 -119.50 75.32 47.06
N ASP B 768 -119.38 74.03 47.37
CA ASP B 768 -120.34 73.35 48.23
C ASP B 768 -119.95 73.43 49.70
N ASP B 769 -118.88 74.13 50.04
CA ASP B 769 -118.36 74.24 51.40
C ASP B 769 -118.03 72.86 51.98
N ASP B 770 -117.05 72.22 51.36
CA ASP B 770 -116.64 70.88 51.76
C ASP B 770 -115.13 70.79 51.76
N TRP B 771 -114.62 69.75 52.41
CA TRP B 771 -113.19 69.51 52.52
C TRP B 771 -112.74 68.45 51.54
N VAL B 772 -111.49 68.54 51.10
CA VAL B 772 -110.89 67.53 50.24
C VAL B 772 -109.48 67.27 50.73
N ARG B 773 -109.09 66.00 50.78
CA ARG B 773 -107.81 65.58 51.33
C ARG B 773 -106.97 64.91 50.24
N PHE B 774 -105.73 65.36 50.11
CA PHE B 774 -104.80 64.81 49.12
C PHE B 774 -103.87 63.78 49.78
N GLY B 775 -104.45 62.68 50.24
CA GLY B 775 -103.68 61.68 50.94
C GLY B 775 -102.86 60.80 50.02
N GLY B 776 -102.01 60.00 50.64
CA GLY B 776 -101.25 58.98 49.95
C GLY B 776 -99.81 59.36 49.62
N VAL B 777 -99.47 60.64 49.64
CA VAL B 777 -98.15 61.10 49.23
C VAL B 777 -97.58 61.99 50.32
N LEU B 778 -96.34 61.72 50.73
CA LEU B 778 -95.68 62.54 51.74
C LEU B 778 -95.24 63.88 51.15
N ARG B 779 -95.15 64.88 52.01
CA ARG B 779 -94.78 66.23 51.63
C ARG B 779 -93.79 66.82 52.62
N THR B 780 -93.01 67.78 52.14
CA THR B 780 -92.13 68.55 53.01
C THR B 780 -92.87 69.76 53.55
N VAL B 781 -92.70 70.03 54.84
CA VAL B 781 -93.43 71.08 55.53
C VAL B 781 -92.42 72.09 56.08
N ARG B 782 -92.68 73.37 55.82
CA ARG B 782 -91.90 74.46 56.39
C ARG B 782 -92.77 75.27 57.33
N VAL B 783 -92.14 76.05 58.21
CA VAL B 783 -92.83 76.88 59.19
C VAL B 783 -92.36 78.32 59.04
N LYS B 784 -93.29 79.25 58.97
CA LYS B 784 -92.96 80.66 58.79
C LYS B 784 -93.79 81.52 59.74
N PHE B 785 -93.23 82.69 60.09
CA PHE B 785 -93.89 83.66 60.94
C PHE B 785 -93.97 85.00 60.22
N TYR B 786 -95.08 85.71 60.40
CA TYR B 786 -95.29 86.98 59.71
C TYR B 786 -95.90 88.01 60.65
N ASP B 787 -95.44 89.25 60.50
CA ASP B 787 -95.98 90.37 61.25
C ASP B 787 -96.92 91.24 60.43
N ALA B 788 -96.81 91.21 59.11
CA ALA B 788 -97.74 91.90 58.24
C ALA B 788 -98.32 90.91 57.23
N ARG B 789 -99.06 91.40 56.26
CA ARG B 789 -99.70 90.51 55.30
C ARG B 789 -98.63 89.85 54.41
N PRO B 790 -98.61 88.53 54.31
CA PRO B 790 -97.55 87.84 53.59
C PRO B 790 -97.74 87.98 52.09
N PRO B 791 -96.76 87.54 51.30
CA PRO B 791 -96.92 87.57 49.84
C PRO B 791 -98.06 86.67 49.38
N ASP B 792 -98.62 87.02 48.22
CA ASP B 792 -99.78 86.30 47.70
C ASP B 792 -99.44 84.87 47.30
N ASP B 793 -98.16 84.57 47.06
CA ASP B 793 -97.79 83.21 46.69
C ASP B 793 -97.84 82.25 47.88
N VAL B 794 -98.02 82.75 49.09
CA VAL B 794 -98.12 81.90 50.27
C VAL B 794 -99.57 81.70 50.68
N LEU B 795 -100.37 82.77 50.72
CA LEU B 795 -101.77 82.64 51.10
C LEU B 795 -102.54 81.77 50.12
N GLN B 796 -102.29 81.92 48.84
CA GLN B 796 -103.01 81.19 47.81
C GLN B 796 -102.14 80.11 47.19
N GLY B 797 -101.32 79.45 48.00
CA GLY B 797 -100.49 78.36 47.51
C GLY B 797 -101.28 77.07 47.46
N LEU B 798 -101.28 76.45 46.35
CA LEU B 798 -102.04 75.23 46.15
C LEU B 798 -101.19 74.02 46.54
N PRO B 799 -101.83 72.90 46.92
CA PRO B 799 -101.07 71.68 47.21
C PRO B 799 -100.49 71.01 45.98
N PHE B 800 -100.80 71.48 44.78
CA PHE B 800 -100.34 70.88 43.54
C PHE B 800 -99.88 71.97 42.60
N SER B 801 -99.28 71.57 41.49
CA SER B 801 -98.79 72.52 40.50
C SER B 801 -98.70 71.86 39.14
N TYR B 802 -98.99 72.63 38.10
CA TYR B 802 -98.83 72.15 36.74
C TYR B 802 -97.39 72.34 36.29
N ASP B 803 -96.99 71.55 35.29
CA ASP B 803 -95.63 71.63 34.78
C ASP B 803 -95.41 72.92 33.99
N THR B 814 -100.11 65.43 33.90
CA THR B 814 -99.42 66.68 33.63
C THR B 814 -99.44 67.57 34.86
N ILE B 815 -99.56 66.97 36.04
CA ILE B 815 -99.54 67.71 37.30
C ILE B 815 -98.50 67.08 38.21
N LYS B 816 -98.06 67.89 39.18
CA LYS B 816 -97.14 67.43 40.22
C LYS B 816 -97.93 67.31 41.51
N TYR B 817 -98.12 66.08 41.98
CA TYR B 817 -98.97 65.85 43.13
C TYR B 817 -98.29 66.25 44.43
N ALA B 818 -96.97 66.11 44.50
CA ALA B 818 -96.22 66.45 45.70
C ALA B 818 -95.57 67.82 45.54
N THR B 819 -95.83 68.71 46.49
CA THR B 819 -95.28 70.05 46.47
C THR B 819 -95.10 70.52 47.91
N GLU B 820 -93.98 71.17 48.18
CA GLU B 820 -93.71 71.63 49.53
C GLU B 820 -94.73 72.69 49.94
N THR B 821 -95.10 72.67 51.22
CA THR B 821 -96.10 73.58 51.75
C THR B 821 -95.58 74.24 53.01
N THR B 822 -96.13 75.40 53.32
CA THR B 822 -95.67 76.23 54.43
C THR B 822 -96.83 76.47 55.39
N ILE B 823 -96.59 76.22 56.66
CA ILE B 823 -97.52 76.63 57.72
C ILE B 823 -97.10 78.00 58.20
N PHE B 824 -98.00 78.98 58.08
CA PHE B 824 -97.69 80.36 58.40
C PHE B 824 -98.48 80.79 59.63
N TYR B 825 -97.82 81.54 60.50
CA TYR B 825 -98.46 82.17 61.65
C TYR B 825 -98.44 83.68 61.46
N LEU B 826 -99.60 84.28 61.27
CA LEU B 826 -99.72 85.71 61.07
C LEU B 826 -100.12 86.36 62.39
N ILE B 827 -99.38 87.38 62.79
CA ILE B 827 -99.64 88.10 64.04
C ILE B 827 -100.19 89.47 63.69
N TYR B 828 -101.30 89.84 64.30
CA TYR B 828 -101.93 91.14 64.07
C TYR B 828 -101.31 92.19 64.98
N ASN B 829 -100.85 93.29 64.38
CA ASN B 829 -100.33 94.43 65.13
C ASN B 829 -101.18 95.66 64.82
N VAL B 830 -101.53 96.39 65.85
CA VAL B 830 -102.42 97.54 65.72
C VAL B 830 -101.79 98.74 66.43
N GLU B 831 -102.07 99.92 65.91
CA GLU B 831 -101.59 101.17 66.47
C GLU B 831 -102.78 101.99 66.96
N PHE B 832 -102.48 103.07 67.68
CA PHE B 832 -103.54 103.93 68.19
C PHE B 832 -104.18 104.79 67.10
N SER B 833 -103.63 104.79 65.88
CA SER B 833 -104.15 105.61 64.80
C SER B 833 -105.22 104.90 63.98
N ASN B 834 -105.63 103.70 64.37
CA ASN B 834 -106.55 102.91 63.55
C ASN B 834 -107.99 103.26 63.88
N THR B 835 -108.73 103.69 62.87
CA THR B 835 -110.17 103.86 62.97
C THR B 835 -110.80 102.49 63.21
N PRO B 836 -111.88 102.42 64.01
CA PRO B 836 -112.44 101.11 64.40
C PRO B 836 -112.82 100.17 63.25
N ASP B 837 -112.76 100.61 61.99
CA ASP B 837 -112.99 99.71 60.87
C ASP B 837 -111.90 99.85 59.81
N SER B 838 -110.66 100.12 60.24
CA SER B 838 -109.59 100.40 59.30
C SER B 838 -109.20 99.22 58.45
N LEU B 839 -109.43 98.00 58.93
CA LEU B 839 -108.96 96.80 58.25
C LEU B 839 -110.11 96.00 57.65
N VAL B 840 -111.19 96.68 57.29
CA VAL B 840 -112.34 96.07 56.64
C VAL B 840 -112.29 96.42 55.15
N LEU B 841 -112.24 95.39 54.31
CA LEU B 841 -112.21 95.56 52.87
C LEU B 841 -113.58 95.29 52.27
N ILE B 842 -113.74 95.63 51.00
CA ILE B 842 -115.02 95.43 50.33
C ILE B 842 -115.16 94.02 49.78
N ASN B 843 -114.06 93.31 49.54
CA ASN B 843 -114.11 91.94 49.05
C ASN B 843 -113.20 91.07 49.90
N PRO B 844 -113.58 89.83 50.14
CA PRO B 844 -112.79 88.96 51.01
C PRO B 844 -111.51 88.48 50.34
N THR B 845 -110.56 88.08 51.17
CA THR B 845 -109.36 87.40 50.73
C THR B 845 -109.40 85.94 51.17
N TYR B 846 -109.03 85.05 50.26
CA TYR B 846 -109.25 83.63 50.46
C TYR B 846 -107.94 82.88 50.64
N THR B 847 -107.94 81.93 51.56
CA THR B 847 -106.84 80.99 51.76
C THR B 847 -107.38 79.58 51.66
N MET B 848 -106.57 78.67 51.13
CA MET B 848 -107.02 77.32 50.80
C MET B 848 -106.36 76.23 51.63
N THR B 849 -105.03 76.17 51.64
CA THR B 849 -104.32 75.02 52.18
C THR B 849 -104.36 74.99 53.70
N LYS B 850 -104.71 73.84 54.26
CA LYS B 850 -104.64 73.57 55.69
C LYS B 850 -103.83 72.30 55.93
N VAL B 851 -103.16 72.24 57.08
CA VAL B 851 -102.32 71.11 57.45
C VAL B 851 -102.62 70.73 58.89
N PHE B 852 -102.74 69.44 59.15
CA PHE B 852 -102.95 68.93 60.50
C PHE B 852 -101.75 68.10 60.93
N ILE B 853 -101.16 68.45 62.06
CA ILE B 853 -100.05 67.73 62.67
C ILE B 853 -100.38 67.51 64.14
N ASN B 854 -100.30 66.25 64.59
CA ASN B 854 -100.64 65.92 65.96
C ASN B 854 -99.47 66.19 66.90
N LYS B 855 -98.93 67.41 66.85
CA LYS B 855 -97.81 67.81 67.69
C LYS B 855 -98.04 69.25 68.11
N ARG B 856 -97.43 69.62 69.24
CA ARG B 856 -97.55 70.99 69.74
C ARG B 856 -96.32 71.81 69.34
N ILE B 857 -96.28 72.15 68.05
CA ILE B 857 -95.15 72.91 67.53
C ILE B 857 -95.15 74.32 68.07
N VAL B 858 -96.29 75.01 67.96
CA VAL B 858 -96.44 76.39 68.41
C VAL B 858 -97.67 76.46 69.29
N GLU B 859 -97.51 77.00 70.50
CA GLU B 859 -98.63 77.04 71.42
C GLU B 859 -98.74 78.41 72.08
N ARG B 860 -99.93 78.98 72.09
CA ARG B 860 -100.18 80.25 72.76
C ARG B 860 -100.48 79.98 74.22
N VAL B 861 -99.64 80.51 75.11
CA VAL B 861 -99.73 80.21 76.53
C VAL B 861 -99.69 81.49 77.36
N ARG B 862 -100.33 81.41 78.52
CA ARG B 862 -100.30 82.47 79.50
C ARG B 862 -98.90 82.57 80.11
N VAL B 863 -98.64 83.70 80.77
CA VAL B 863 -97.33 83.93 81.36
C VAL B 863 -97.07 82.96 82.50
N GLY B 864 -98.09 82.71 83.33
CA GLY B 864 -97.94 81.84 84.49
C GLY B 864 -97.60 80.40 84.16
N GLN B 865 -97.79 79.99 82.92
CA GLN B 865 -97.45 78.64 82.48
C GLN B 865 -96.13 78.58 81.74
N ILE B 866 -95.37 79.69 81.73
CA ILE B 866 -94.14 79.74 80.95
C ILE B 866 -93.15 78.68 81.41
N LEU B 867 -93.02 78.51 82.73
CA LEU B 867 -92.13 77.51 83.29
C LEU B 867 -92.80 76.16 83.48
N ALA B 868 -93.87 75.89 82.74
CA ALA B 868 -94.55 74.60 82.86
C ALA B 868 -93.91 73.53 81.99
N VAL B 869 -92.78 73.81 81.36
CA VAL B 869 -92.17 72.85 80.45
C VAL B 869 -90.98 72.13 81.07
N LEU B 870 -90.50 72.57 82.23
CA LEU B 870 -89.37 71.92 82.90
C LEU B 870 -89.80 70.63 83.56
N ASN B 871 -89.76 69.51 82.82
CA ASN B 871 -90.31 68.28 83.37
C ASN B 871 -89.49 67.05 82.99
N ARG B 872 -88.17 67.16 82.87
CA ARG B 872 -87.38 65.99 82.52
C ARG B 872 -86.09 65.94 83.32
N ARG B 873 -85.79 64.75 83.85
CA ARG B 873 -84.65 64.56 84.72
C ARG B 873 -83.34 64.63 83.94
N PHE B 874 -82.33 65.26 84.54
CA PHE B 874 -81.00 65.37 83.97
C PHE B 874 -79.96 65.01 85.02
N VAL B 875 -78.93 64.30 84.58
CA VAL B 875 -77.85 63.80 85.44
C VAL B 875 -76.52 64.26 84.86
N ALA B 876 -75.70 64.91 85.67
CA ALA B 876 -74.47 65.53 85.21
C ALA B 876 -73.32 65.21 86.14
N TYR B 877 -72.20 64.77 85.58
CA TYR B 877 -71.02 64.50 86.39
C TYR B 877 -70.40 65.81 86.89
N LYS B 878 -69.79 65.74 88.06
CA LYS B 878 -69.13 66.91 88.65
C LYS B 878 -67.82 67.18 87.92
N GLY B 879 -67.23 68.34 88.22
CA GLY B 879 -66.06 68.79 87.51
C GLY B 879 -64.79 68.03 87.83
N LYS B 880 -64.78 67.29 88.94
CA LYS B 880 -63.57 66.58 89.35
C LYS B 880 -63.37 65.27 88.61
N MET B 881 -64.38 64.78 87.90
CA MET B 881 -64.29 63.48 87.25
C MET B 881 -63.64 63.60 85.88
N ARG B 882 -63.17 62.47 85.38
CA ARG B 882 -62.55 62.37 84.07
C ARG B 882 -63.28 61.33 83.23
N ILE B 883 -63.45 61.64 81.94
CA ILE B 883 -64.05 60.71 81.00
C ILE B 883 -62.98 60.29 80.02
N MET B 884 -62.62 59.01 80.04
CA MET B 884 -61.54 58.49 79.22
C MET B 884 -62.05 57.32 78.39
N ASP B 885 -61.47 57.16 77.20
CA ASP B 885 -61.83 56.08 76.30
C ASP B 885 -60.71 55.04 76.33
N ILE B 886 -61.10 53.78 76.50
CA ILE B 886 -60.13 52.69 76.66
C ILE B 886 -60.25 51.67 75.54
N THR B 887 -60.71 52.09 74.36
CA THR B 887 -60.87 51.14 73.27
C THR B 887 -59.53 50.72 72.67
N GLN B 888 -58.59 51.65 72.58
CA GLN B 888 -57.31 51.37 71.94
C GLN B 888 -56.43 50.43 72.77
N SER B 889 -56.78 50.16 74.01
CA SER B 889 -56.01 49.25 74.85
C SER B 889 -56.39 47.80 74.63
N LEU B 890 -57.06 47.48 73.54
CA LEU B 890 -57.50 46.11 73.26
C LEU B 890 -56.49 45.41 72.34
N LYS B 891 -55.26 45.36 72.80
CA LYS B 891 -54.16 44.77 72.04
C LYS B 891 -53.91 43.33 72.47
N MET B 892 -53.12 42.63 71.67
CA MET B 892 -52.93 41.20 71.85
C MET B 892 -51.98 40.87 72.99
N GLY B 893 -51.02 41.74 73.29
CA GLY B 893 -49.95 41.39 74.20
C GLY B 893 -50.25 41.54 75.67
N THR B 894 -51.48 41.87 76.06
CA THR B 894 -51.79 42.17 77.44
C THR B 894 -52.32 40.93 78.15
N LYS B 895 -51.76 40.65 79.33
CA LYS B 895 -52.20 39.57 80.19
C LYS B 895 -52.71 40.16 81.50
N LEU B 896 -53.90 39.74 81.93
CA LEU B 896 -54.44 40.34 83.14
C LEU B 896 -54.08 39.51 84.37
N ALA B 897 -54.12 40.16 85.53
CA ALA B 897 -53.61 39.57 86.75
C ALA B 897 -54.46 38.38 87.19
N ALA B 898 -55.71 38.63 87.55
CA ALA B 898 -56.60 37.55 87.93
C ALA B 898 -57.18 36.91 86.67
N PRO B 899 -56.90 35.64 86.41
CA PRO B 899 -57.40 35.02 85.18
C PRO B 899 -58.91 34.83 85.21
N THR B 900 -59.48 34.73 84.02
CA THR B 900 -60.91 34.56 83.86
C THR B 900 -61.22 33.18 83.30
N VAL B 901 -62.41 32.70 83.59
CA VAL B 901 -62.85 31.40 83.09
C VAL B 901 -63.28 31.50 81.64
N PHE C 34 14.11 -4.90 16.17
CA PHE C 34 14.80 -4.95 17.45
C PHE C 34 15.42 -3.60 17.77
N ALA C 35 15.98 -2.95 16.75
CA ALA C 35 16.63 -1.66 16.94
C ALA C 35 15.65 -0.54 17.28
N LEU C 36 14.35 -0.76 17.05
CA LEU C 36 13.37 0.28 17.33
C LEU C 36 12.96 0.28 18.80
N GLN C 37 12.42 -0.84 19.29
CA GLN C 37 11.91 -0.87 20.65
C GLN C 37 13.00 -0.65 21.69
N GLU C 38 14.26 -0.92 21.34
CA GLU C 38 15.37 -0.58 22.22
C GLU C 38 15.38 0.91 22.55
N ILE C 39 14.93 1.74 21.63
CA ILE C 39 14.88 3.19 21.84
C ILE C 39 13.52 3.58 22.38
N MET C 40 12.47 2.88 21.93
CA MET C 40 11.11 3.22 22.35
C MET C 40 10.92 3.00 23.84
N GLN C 41 11.44 1.89 24.37
CA GLN C 41 11.32 1.64 25.81
C GLN C 41 12.05 2.70 26.60
N LYS C 42 13.24 3.09 26.15
CA LYS C 42 14.01 4.12 26.85
C LYS C 42 13.27 5.45 26.86
N VAL C 43 12.72 5.86 25.71
CA VAL C 43 12.04 7.15 25.67
C VAL C 43 10.73 7.11 26.47
N ARG C 44 10.05 5.96 26.49
CA ARG C 44 8.86 5.85 27.32
C ARG C 44 9.20 5.97 28.81
N GLN C 45 10.27 5.30 29.24
CA GLN C 45 10.69 5.41 30.63
C GLN C 45 11.13 6.83 30.96
N VAL C 46 11.80 7.50 30.01
CA VAL C 46 12.23 8.88 30.24
C VAL C 46 11.03 9.80 30.38
N GLN C 47 10.02 9.63 29.54
CA GLN C 47 8.80 10.43 29.66
C GLN C 47 8.11 10.19 30.99
N ALA C 48 8.04 8.92 31.42
CA ALA C 48 7.45 8.59 32.71
C ALA C 48 8.18 9.30 33.84
N ASP C 49 9.51 9.13 33.90
CA ASP C 49 10.32 9.79 34.91
C ASP C 49 10.24 11.30 34.81
N TYR C 50 9.89 11.83 33.64
CA TYR C 50 9.77 13.28 33.50
C TYR C 50 8.49 13.80 34.11
N MET C 51 7.36 13.18 33.76
CA MET C 51 6.05 13.62 34.31
C MET C 51 6.06 13.43 35.83
N THR C 52 6.68 12.36 36.31
CA THR C 52 6.67 12.09 37.76
C THR C 52 7.30 13.24 38.53
N ALA C 53 8.40 13.80 38.01
CA ALA C 53 9.11 14.87 38.68
C ALA C 53 8.41 16.21 38.56
N THR C 54 7.35 16.31 37.76
CA THR C 54 6.63 17.56 37.59
C THR C 54 5.17 17.42 37.99
N PHE C 59 -4.01 13.93 45.38
CA PHE C 59 -3.85 13.77 46.82
C PHE C 59 -5.14 14.08 47.57
N THR C 60 -5.05 14.11 48.90
CA THR C 60 -6.23 14.27 49.73
C THR C 60 -6.75 15.70 49.69
N VAL C 61 -8.06 15.82 49.82
CA VAL C 61 -8.72 17.14 49.84
C VAL C 61 -8.25 17.93 51.06
N PRO C 62 -7.99 19.23 50.92
CA PRO C 62 -7.33 19.97 52.01
C PRO C 62 -8.06 19.98 53.34
N ASP C 63 -9.38 20.00 53.36
CA ASP C 63 -10.08 20.13 54.64
C ASP C 63 -9.85 18.92 55.53
N VAL C 64 -9.81 17.72 54.94
CA VAL C 64 -9.52 16.52 55.74
C VAL C 64 -8.08 16.56 56.24
N GLN C 65 -7.16 17.09 55.43
CA GLN C 65 -5.79 17.24 55.90
C GLN C 65 -5.72 18.17 57.10
N LYS C 66 -6.49 19.26 57.06
CA LYS C 66 -6.55 20.17 58.20
C LYS C 66 -7.15 19.47 59.42
N ILE C 67 -8.13 18.61 59.20
CA ILE C 67 -8.75 17.87 60.31
C ILE C 67 -7.72 16.98 60.99
N LEU C 68 -6.97 16.21 60.20
CA LEU C 68 -5.96 15.33 60.79
C LEU C 68 -4.84 16.13 61.45
N ASP C 69 -4.47 17.27 60.88
CA ASP C 69 -3.48 18.12 61.54
C ASP C 69 -3.97 18.60 62.89
N ASP C 70 -5.24 18.99 62.96
CA ASP C 70 -5.80 19.45 64.23
C ASP C 70 -5.86 18.34 65.26
N ILE C 71 -6.21 17.12 64.85
CA ILE C 71 -6.23 16.00 65.79
C ILE C 71 -4.83 15.69 66.28
N LYS C 72 -3.84 15.72 65.38
CA LYS C 72 -2.46 15.48 65.80
C LYS C 72 -2.00 16.55 66.77
N ALA C 73 -2.38 17.79 66.56
CA ALA C 73 -2.05 18.85 67.50
C ALA C 73 -2.72 18.62 68.85
N LEU C 74 -3.99 18.20 68.84
CA LEU C 74 -4.72 18.00 70.08
C LEU C 74 -4.17 16.83 70.87
N ALA C 75 -3.51 15.89 70.20
CA ALA C 75 -2.97 14.73 70.91
C ALA C 75 -1.87 15.10 71.91
N ALA C 76 -1.30 16.30 71.82
CA ALA C 76 -0.19 16.70 72.67
C ALA C 76 -0.62 17.63 73.80
N GLU C 77 -1.91 17.78 74.05
CA GLU C 77 -2.37 18.65 75.13
C GLU C 77 -2.06 17.99 76.47
N GLN C 78 -1.64 18.79 77.44
CA GLN C 78 -1.23 18.29 78.75
C GLN C 78 -2.29 18.61 79.79
N VAL C 79 -2.73 17.58 80.51
CA VAL C 79 -3.85 17.71 81.44
C VAL C 79 -3.38 17.87 82.88
N TYR C 80 -2.49 17.00 83.33
CA TYR C 80 -2.04 17.02 84.72
C TYR C 80 -0.95 18.07 84.93
N LYS C 81 -0.54 18.22 86.18
CA LYS C 81 0.57 19.08 86.55
C LYS C 81 1.47 18.34 87.54
N ILE C 82 2.72 18.78 87.62
CA ILE C 82 3.68 18.24 88.59
C ILE C 82 4.09 19.38 89.50
N VAL C 83 3.81 19.23 90.80
CA VAL C 83 4.07 20.29 91.76
C VAL C 83 4.85 19.72 92.93
N LYS C 84 5.47 20.62 93.69
CA LYS C 84 6.18 20.22 94.90
C LYS C 84 5.27 20.20 96.12
N VAL C 85 4.37 21.17 96.24
CA VAL C 85 3.46 21.26 97.38
C VAL C 85 2.04 21.43 96.86
N PRO C 86 1.04 20.86 97.53
CA PRO C 86 -0.35 21.07 97.10
C PRO C 86 -0.84 22.48 97.43
N SER C 87 -1.88 22.89 96.73
CA SER C 87 -2.47 24.19 96.98
C SER C 87 -3.18 24.21 98.33
N ILE C 88 -3.34 25.41 98.86
CA ILE C 88 -3.91 25.58 100.20
C ILE C 88 -5.41 25.34 100.13
N SER C 89 -5.91 24.49 101.04
CA SER C 89 -7.33 24.18 101.10
C SER C 89 -8.04 24.85 102.27
N PHE C 90 -7.35 25.09 103.37
CA PHE C 90 -7.92 25.74 104.53
C PHE C 90 -7.05 26.93 104.92
N ARG C 91 -7.68 28.08 105.16
CA ARG C 91 -6.96 29.22 105.70
C ARG C 91 -7.63 29.66 107.00
N HIS C 92 -7.01 30.63 107.66
CA HIS C 92 -7.44 31.03 108.99
C HIS C 92 -7.55 32.54 109.08
N ILE C 93 -8.59 32.99 109.77
CA ILE C 93 -8.84 34.40 110.02
C ILE C 93 -8.64 34.66 111.51
N VAL C 94 -7.86 35.70 111.81
CA VAL C 94 -7.49 36.05 113.17
C VAL C 94 -8.32 37.23 113.64
N MET C 95 -8.72 37.20 114.89
CA MET C 95 -9.43 38.31 115.54
C MET C 95 -8.55 38.88 116.63
N GLN C 96 -9.16 39.71 117.48
CA GLN C 96 -8.48 40.22 118.65
C GLN C 96 -8.18 39.15 119.69
N SER C 97 -8.76 37.96 119.54
CA SER C 97 -8.54 36.87 120.48
C SER C 97 -7.18 36.23 120.27
N ARG C 98 -6.79 35.40 121.23
CA ARG C 98 -5.54 34.65 121.16
C ARG C 98 -5.72 33.14 121.24
N ASP C 99 -6.94 32.66 121.47
CA ASP C 99 -7.20 31.23 121.60
C ASP C 99 -8.10 30.65 120.53
N ARG C 100 -8.88 31.46 119.83
CA ARG C 100 -9.84 30.98 118.87
C ARG C 100 -9.67 31.72 117.55
N VAL C 101 -9.78 30.98 116.45
CA VAL C 101 -9.64 31.55 115.10
C VAL C 101 -10.76 31.03 114.23
N LEU C 102 -10.87 31.59 113.03
CA LEU C 102 -11.83 31.12 112.05
C LEU C 102 -11.14 30.23 111.02
N ARG C 103 -11.62 29.00 110.89
CA ARG C 103 -11.18 28.11 109.83
C ARG C 103 -12.12 28.28 108.64
N VAL C 104 -11.55 28.64 107.50
CA VAL C 104 -12.30 28.92 106.29
C VAL C 104 -11.83 27.98 105.20
N ASP C 105 -12.77 27.30 104.55
CA ASP C 105 -12.47 26.41 103.44
C ASP C 105 -12.46 27.21 102.15
N THR C 106 -11.32 27.21 101.46
CA THR C 106 -11.17 28.06 100.28
C THR C 106 -11.87 27.51 99.06
N TYR C 107 -12.28 26.23 99.08
CA TYR C 107 -12.89 25.64 97.90
C TYR C 107 -14.22 26.30 97.57
N TYR C 108 -15.08 26.46 98.57
CA TYR C 108 -16.38 27.09 98.33
C TYR C 108 -16.21 28.56 97.98
N GLU C 109 -15.25 29.23 98.61
CA GLU C 109 -15.00 30.64 98.31
C GLU C 109 -14.57 30.83 96.86
N GLU C 110 -13.72 29.94 96.35
CA GLU C 110 -13.32 30.03 94.94
C GLU C 110 -14.42 29.53 94.02
N MET C 111 -15.27 28.61 94.50
CA MET C 111 -16.29 28.01 93.65
C MET C 111 -17.46 28.96 93.41
N SER C 112 -17.74 29.83 94.37
CA SER C 112 -18.89 30.72 94.23
C SER C 112 -18.72 31.76 93.13
N GLN C 113 -17.52 31.93 92.58
CA GLN C 113 -17.26 32.95 91.57
C GLN C 113 -17.09 32.38 90.17
N VAL C 114 -17.63 31.19 89.91
CA VAL C 114 -17.44 30.51 88.63
C VAL C 114 -18.79 30.38 87.95
N GLY C 115 -18.87 30.81 86.70
CA GLY C 115 -20.09 30.72 85.92
C GLY C 115 -20.92 31.99 86.00
N ASP C 116 -22.08 31.92 85.36
CA ASP C 116 -23.00 33.04 85.30
C ASP C 116 -24.19 32.80 86.21
N VAL C 117 -24.98 33.85 86.41
CA VAL C 117 -26.18 33.72 87.22
C VAL C 117 -27.20 32.86 86.52
N ILE C 118 -28.01 32.15 87.29
CA ILE C 118 -29.00 31.23 86.74
C ILE C 118 -30.32 31.97 86.56
N THR C 119 -30.87 31.90 85.35
CA THR C 119 -32.14 32.52 85.03
C THR C 119 -33.04 31.45 84.42
N GLU C 120 -34.35 31.57 84.66
CA GLU C 120 -35.28 30.49 84.38
C GLU C 120 -35.72 30.43 82.92
N ASP C 121 -35.23 31.30 82.04
CA ASP C 121 -35.59 31.23 80.64
C ASP C 121 -34.42 31.24 79.67
N GLU C 122 -33.21 30.86 80.11
CA GLU C 122 -32.10 30.55 79.21
C GLU C 122 -31.55 29.19 79.62
N PRO C 123 -32.17 28.10 79.15
CA PRO C 123 -31.66 26.77 79.51
C PRO C 123 -30.23 26.50 79.04
N GLU C 124 -29.86 27.05 77.88
CA GLU C 124 -28.51 26.83 77.35
C GLU C 124 -27.45 27.41 78.28
N LYS C 125 -27.71 28.59 78.84
CA LYS C 125 -26.76 29.18 79.78
C LYS C 125 -26.64 28.34 81.03
N PHE C 126 -27.75 27.76 81.49
CA PHE C 126 -27.70 26.89 82.68
C PHE C 126 -26.84 25.67 82.41
N TYR C 127 -27.04 25.02 81.26
CA TYR C 127 -26.25 23.84 80.93
C TYR C 127 -24.78 24.19 80.79
N SER C 128 -24.49 25.33 80.15
CA SER C 128 -23.10 25.76 80.00
C SER C 128 -22.46 26.03 81.35
N THR C 129 -23.22 26.63 82.27
CA THR C 129 -22.69 26.91 83.60
C THR C 129 -22.34 25.63 84.33
N ILE C 130 -23.22 24.62 84.25
CA ILE C 130 -22.93 23.36 84.91
C ILE C 130 -21.70 22.69 84.31
N ILE C 131 -21.59 22.72 82.98
CA ILE C 131 -20.44 22.13 82.31
C ILE C 131 -19.15 22.82 82.76
N LYS C 132 -19.17 24.16 82.80
CA LYS C 132 -17.97 24.90 83.18
C LYS C 132 -17.57 24.62 84.61
N LYS C 133 -18.55 24.52 85.52
CA LYS C 133 -18.23 24.21 86.90
C LYS C 133 -17.59 22.82 87.05
N VAL C 134 -18.15 21.83 86.35
CA VAL C 134 -17.59 20.48 86.41
C VAL C 134 -16.17 20.47 85.86
N ARG C 135 -15.94 21.17 84.75
CA ARG C 135 -14.60 21.22 84.17
C ARG C 135 -13.63 21.92 85.11
N PHE C 136 -14.09 22.95 85.82
CA PHE C 136 -13.22 23.61 86.78
C PHE C 136 -12.80 22.67 87.90
N ILE C 137 -13.75 21.88 88.41
CA ILE C 137 -13.41 20.92 89.45
C ILE C 137 -12.38 19.92 88.94
N ARG C 138 -12.61 19.39 87.73
CA ARG C 138 -11.70 18.41 87.16
C ARG C 138 -10.31 18.99 86.95
N GLY C 139 -10.23 20.23 86.49
CA GLY C 139 -8.94 20.85 86.27
C GLY C 139 -8.19 21.12 87.56
N LYS C 140 -8.91 21.54 88.60
CA LYS C 140 -8.23 21.84 89.86
C LYS C 140 -7.78 20.58 90.57
N GLY C 141 -8.48 19.47 90.39
CA GLY C 141 -8.15 18.30 91.19
C GLY C 141 -7.05 17.40 90.70
N SER C 142 -6.38 17.70 89.59
CA SER C 142 -5.43 16.77 88.97
C SER C 142 -4.01 17.32 89.12
N PHE C 143 -3.22 16.68 89.97
CA PHE C 143 -1.82 17.04 90.13
C PHE C 143 -1.06 15.86 90.72
N ILE C 144 0.26 15.90 90.55
CA ILE C 144 1.16 14.87 91.06
C ILE C 144 2.22 15.55 91.92
N LEU C 145 2.62 14.88 93.00
CA LEU C 145 3.62 15.40 93.92
C LEU C 145 4.99 14.81 93.60
N HIS C 146 6.03 15.62 93.75
CA HIS C 146 7.38 15.20 93.43
C HIS C 146 8.37 16.09 94.17
N ASP C 147 9.30 15.47 94.89
CA ASP C 147 10.38 16.17 95.61
C ASP C 147 9.82 17.15 96.65
N ILE C 148 9.13 16.60 97.63
CA ILE C 148 8.52 17.41 98.69
C ILE C 148 9.59 17.82 99.70
N PRO C 149 9.42 18.94 100.39
CA PRO C 149 10.36 19.30 101.46
C PRO C 149 10.26 18.33 102.62
N THR C 150 11.39 18.13 103.31
CA THR C 150 11.49 17.13 104.36
C THR C 150 12.46 17.62 105.42
N ARG C 151 12.24 17.17 106.66
CA ARG C 151 13.12 17.47 107.78
C ARG C 151 13.38 16.16 108.51
N ASP C 152 14.40 16.15 109.36
CA ASP C 152 14.78 14.95 110.09
C ASP C 152 14.68 15.18 111.58
N HIS C 153 14.29 14.14 112.31
CA HIS C 153 14.05 14.26 113.76
C HIS C 153 14.16 12.89 114.39
N ARG C 154 15.18 12.70 115.24
CA ARG C 154 15.38 11.48 116.01
C ARG C 154 15.38 10.23 115.12
N GLY C 155 16.03 10.34 113.97
CA GLY C 155 16.11 9.21 113.06
C GLY C 155 14.88 8.95 112.22
N MET C 156 13.93 9.88 112.20
CA MET C 156 12.74 9.74 111.39
C MET C 156 12.61 10.95 110.47
N GLU C 157 11.79 10.78 109.43
CA GLU C 157 11.55 11.85 108.48
C GLU C 157 10.19 12.50 108.75
N VAL C 158 10.17 13.83 108.71
CA VAL C 158 8.99 14.62 109.05
C VAL C 158 8.70 15.57 107.90
N ALA C 159 7.43 15.64 107.49
CA ALA C 159 7.03 16.59 106.46
C ALA C 159 7.10 18.01 107.00
N GLU C 160 7.58 18.92 106.16
CA GLU C 160 7.65 20.32 106.53
C GLU C 160 6.23 20.89 106.60
N PRO C 161 5.98 21.92 107.41
CA PRO C 161 4.61 22.46 107.50
C PRO C 161 4.11 23.06 106.20
N GLU C 162 4.98 23.44 105.27
CA GLU C 162 4.50 24.05 104.04
C GLU C 162 3.93 23.05 103.05
N VAL C 163 4.23 21.75 103.21
CA VAL C 163 3.66 20.77 102.29
C VAL C 163 2.27 20.32 102.74
N LEU C 164 1.94 20.49 104.02
CA LEU C 164 0.58 20.23 104.46
C LEU C 164 -0.38 21.22 103.84
N GLY C 165 -1.61 20.79 103.64
CA GLY C 165 -2.57 21.62 102.93
C GLY C 165 -3.28 22.64 103.78
N VAL C 166 -2.60 23.18 104.80
CA VAL C 166 -3.17 24.22 105.66
C VAL C 166 -2.16 25.36 105.76
N GLU C 167 -2.67 26.56 105.96
CA GLU C 167 -1.86 27.76 106.10
C GLU C 167 -2.12 28.37 107.45
N PHE C 168 -1.10 28.42 108.31
CA PHE C 168 -1.25 29.02 109.62
C PHE C 168 -0.02 29.82 110.03
N LYS C 169 0.68 30.42 109.05
CA LYS C 169 1.84 31.22 109.37
C LYS C 169 1.48 32.53 110.05
N ASN C 170 0.25 33.01 109.89
CA ASN C 170 -0.15 34.28 110.46
C ASN C 170 -0.83 34.14 111.82
N VAL C 171 -0.97 32.92 112.33
CA VAL C 171 -1.56 32.72 113.66
C VAL C 171 -0.48 32.49 114.72
N LEU C 172 0.74 32.15 114.32
CA LEU C 172 1.83 31.99 115.29
C LEU C 172 2.15 33.25 116.08
N PRO C 173 2.24 34.45 115.51
CA PRO C 173 2.67 35.61 116.31
C PRO C 173 1.73 35.96 117.46
N VAL C 174 0.46 35.54 117.40
CA VAL C 174 -0.51 35.92 118.43
C VAL C 174 -0.58 34.88 119.55
N LEU C 175 0.05 33.71 119.38
CA LEU C 175 -0.09 32.63 120.33
C LEU C 175 0.69 32.91 121.61
N THR C 176 0.38 32.13 122.64
CA THR C 176 1.11 32.17 123.90
C THR C 176 2.16 31.06 123.93
N ALA C 177 2.88 30.95 125.05
CA ALA C 177 4.00 30.03 125.12
C ALA C 177 3.55 28.58 125.10
N GLU C 178 2.57 28.23 125.94
CA GLU C 178 2.11 26.85 126.04
C GLU C 178 1.57 26.37 124.71
N HIS C 179 0.76 27.20 124.05
CA HIS C 179 0.18 26.79 122.77
C HIS C 179 1.24 26.69 121.68
N ARG C 180 2.26 27.55 121.73
CA ARG C 180 3.33 27.44 120.75
C ARG C 180 4.10 26.13 120.91
N ALA C 181 4.41 25.77 122.17
CA ALA C 181 5.08 24.50 122.41
C ALA C 181 4.21 23.32 121.97
N MET C 182 2.90 23.39 122.25
CA MET C 182 2.00 22.32 121.85
C MET C 182 1.95 22.18 120.33
N ILE C 183 1.88 23.29 119.62
CA ILE C 183 1.83 23.25 118.16
C ILE C 183 3.11 22.66 117.60
N GLN C 184 4.27 23.07 118.15
CA GLN C 184 5.53 22.53 117.66
C GLN C 184 5.62 21.03 117.90
N ASN C 185 5.23 20.57 119.08
CA ASN C 185 5.27 19.13 119.36
C ASN C 185 4.32 18.36 118.45
N ALA C 186 3.13 18.92 118.20
CA ALA C 186 2.19 18.26 117.30
C ALA C 186 2.74 18.19 115.88
N LEU C 187 3.38 19.26 115.42
CA LEU C 187 3.96 19.24 114.07
C LEU C 187 5.12 18.26 113.97
N ASP C 188 5.80 17.98 115.08
CA ASP C 188 6.89 17.02 115.04
C ASP C 188 6.41 15.58 114.83
N GLY C 189 5.12 15.32 114.87
CA GLY C 189 4.58 13.98 114.76
C GLY C 189 4.05 13.56 113.41
N SER C 190 4.47 14.21 112.32
CA SER C 190 4.02 13.82 110.98
C SER C 190 5.08 12.94 110.34
N ILE C 191 5.07 11.66 110.70
CA ILE C 191 6.10 10.73 110.26
C ILE C 191 5.84 10.32 108.82
N ILE C 192 6.89 10.37 107.99
CA ILE C 192 6.84 9.88 106.62
C ILE C 192 7.03 8.38 106.62
N GLU C 193 6.25 7.69 105.78
CA GLU C 193 6.33 6.24 105.65
C GLU C 193 6.86 5.87 104.28
N ASN C 194 7.67 4.82 104.21
CA ASN C 194 8.19 4.33 102.95
C ASN C 194 7.27 3.25 102.40
N GLY C 195 6.78 3.45 101.18
CA GLY C 195 5.89 2.49 100.56
C GLY C 195 6.37 2.11 99.17
N ASN C 196 5.70 1.13 98.58
CA ASN C 196 6.06 0.61 97.28
C ASN C 196 4.89 0.79 96.32
N VAL C 197 5.19 1.26 95.11
CA VAL C 197 4.21 1.37 94.03
C VAL C 197 4.85 0.71 92.82
N ALA C 198 4.46 -0.53 92.54
CA ALA C 198 5.03 -1.34 91.46
C ALA C 198 6.55 -1.41 91.59
N THR C 199 7.00 -1.86 92.76
CA THR C 199 8.40 -2.01 93.12
C THR C 199 9.19 -0.71 93.00
N ARG C 200 8.57 0.44 93.28
CA ARG C 200 9.24 1.73 93.31
C ARG C 200 9.03 2.36 94.68
N ASP C 201 10.09 2.92 95.24
CA ASP C 201 10.03 3.52 96.57
C ASP C 201 9.33 4.87 96.49
N VAL C 202 8.35 5.08 97.36
CA VAL C 202 7.61 6.34 97.43
C VAL C 202 7.43 6.74 98.89
N ASP C 203 7.14 8.02 99.10
CA ASP C 203 6.83 8.55 100.42
C ASP C 203 5.32 8.64 100.60
N VAL C 204 4.85 8.32 101.80
CA VAL C 204 3.44 8.37 102.14
C VAL C 204 3.30 9.19 103.41
N PHE C 205 2.42 10.20 103.38
CA PHE C 205 2.20 11.02 104.56
C PHE C 205 0.72 11.39 104.63
N ILE C 206 0.37 12.19 105.63
CA ILE C 206 -1.01 12.55 105.92
C ILE C 206 -1.13 14.07 105.89
N GLY C 207 -2.01 14.58 105.04
CA GLY C 207 -2.25 16.00 104.91
C GLY C 207 -3.72 16.34 104.88
N ALA C 208 -4.05 17.58 104.51
CA ALA C 208 -5.42 18.06 104.49
C ALA C 208 -5.80 18.50 103.09
N CYS C 209 -7.02 18.16 102.68
CA CYS C 209 -7.51 18.52 101.36
C CYS C 209 -9.03 18.43 101.35
N SER C 210 -9.66 19.20 100.48
CA SER C 210 -11.11 19.17 100.36
C SER C 210 -11.56 17.90 99.66
N GLU C 211 -12.78 17.47 99.96
CA GLU C 211 -13.27 16.18 99.46
C GLU C 211 -13.40 16.11 97.95
N PRO C 212 -14.09 17.05 97.25
CA PRO C 212 -14.25 16.89 95.80
C PRO C 212 -12.95 16.88 95.02
N VAL C 213 -11.94 17.65 95.44
CA VAL C 213 -10.67 17.60 94.74
C VAL C 213 -9.86 16.40 95.15
N TYR C 214 -10.03 15.92 96.39
CA TYR C 214 -9.32 14.74 96.83
C TYR C 214 -9.78 13.50 96.07
N ARG C 215 -11.07 13.43 95.70
CA ARG C 215 -11.52 12.30 94.91
C ARG C 215 -10.82 12.25 93.56
N ILE C 216 -10.67 13.40 92.90
CA ILE C 216 -9.98 13.45 91.61
C ILE C 216 -8.52 13.06 91.78
N TYR C 217 -7.87 13.57 92.83
CA TYR C 217 -6.47 13.23 93.06
C TYR C 217 -6.29 11.73 93.29
N ASN C 218 -7.17 11.13 94.08
CA ASN C 218 -7.08 9.71 94.36
C ASN C 218 -7.28 8.88 93.09
N ARG C 219 -8.24 9.28 92.26
CA ARG C 219 -8.45 8.57 90.99
C ARG C 219 -7.24 8.69 90.08
N LEU C 220 -6.62 9.86 90.04
CA LEU C 220 -5.42 10.03 89.21
C LEU C 220 -4.28 9.15 89.70
N GLN C 221 -4.11 9.05 91.03
CA GLN C 221 -3.07 8.19 91.57
C GLN C 221 -3.34 6.73 91.22
N GLY C 222 -4.60 6.30 91.32
CA GLY C 222 -4.94 4.95 90.92
C GLY C 222 -4.64 4.68 89.46
N TYR C 223 -4.92 5.65 88.59
CA TYR C 223 -4.63 5.48 87.17
C TYR C 223 -3.13 5.37 86.93
N ILE C 224 -2.34 6.17 87.63
CA ILE C 224 -0.89 6.11 87.46
C ILE C 224 -0.36 4.74 87.90
N GLU C 225 -0.87 4.23 89.02
CA GLU C 225 -0.46 2.89 89.45
C GLU C 225 -0.85 1.84 88.42
N ALA C 226 -2.05 1.94 87.87
CA ALA C 226 -2.51 0.97 86.88
C ALA C 226 -1.65 0.99 85.63
N VAL C 227 -1.30 2.18 85.14
CA VAL C 227 -0.50 2.25 83.92
C VAL C 227 0.93 1.80 84.20
N GLN C 228 1.38 1.95 85.45
CA GLN C 228 2.68 1.40 85.82
C GLN C 228 2.67 -0.12 85.85
N LEU C 229 1.55 -0.72 86.23
CA LEU C 229 1.52 -2.17 86.40
C LEU C 229 1.49 -2.91 85.07
N GLN C 230 0.46 -2.68 84.26
CA GLN C 230 0.24 -3.52 83.09
C GLN C 230 -0.10 -2.80 81.79
N GLU C 231 -0.50 -1.52 81.84
CA GLU C 231 -1.00 -0.88 80.63
C GLU C 231 0.10 -0.61 79.61
N LEU C 232 1.28 -0.21 80.09
CA LEU C 232 2.39 0.08 79.18
C LEU C 232 2.80 -1.15 78.40
N ARG C 233 2.88 -2.30 79.08
CA ARG C 233 3.25 -3.54 78.41
C ARG C 233 2.22 -3.92 77.36
N ASN C 234 0.93 -3.76 77.67
CA ASN C 234 -0.11 -4.07 76.70
C ASN C 234 -0.01 -3.17 75.47
N SER C 235 0.21 -1.88 75.69
CA SER C 235 0.33 -0.96 74.56
C SER C 235 1.51 -1.31 73.69
N ILE C 236 2.66 -1.60 74.31
CA ILE C 236 3.85 -1.92 73.52
C ILE C 236 3.66 -3.22 72.75
N GLY C 237 3.07 -4.24 73.38
CA GLY C 237 2.83 -5.49 72.68
C GLY C 237 1.88 -5.33 71.51
N TRP C 238 0.81 -4.55 71.69
CA TRP C 238 -0.11 -4.34 70.59
C TRP C 238 0.57 -3.58 69.45
N LEU C 239 1.42 -2.61 69.79
CA LEU C 239 2.17 -1.90 68.74
C LEU C 239 3.07 -2.84 67.97
N GLU C 240 3.72 -3.77 68.68
CA GLU C 240 4.57 -4.75 68.00
C GLU C 240 3.77 -5.63 67.05
N ARG C 241 2.60 -6.09 67.50
CA ARG C 241 1.78 -6.93 66.62
C ARG C 241 1.28 -6.15 65.41
N LEU C 242 0.87 -4.90 65.60
CA LEU C 242 0.42 -4.08 64.48
C LEU C 242 1.54 -3.83 63.48
N GLY C 243 2.75 -3.55 63.98
CA GLY C 243 3.87 -3.34 63.09
C GLY C 243 4.25 -4.62 62.33
N HIS C 244 4.13 -5.76 62.99
CA HIS C 244 4.34 -7.04 62.30
C HIS C 244 3.33 -7.23 61.20
N ARG C 245 2.07 -6.85 61.44
CA ARG C 245 1.03 -7.04 60.43
C ARG C 245 1.22 -6.10 59.24
N LYS C 246 1.49 -4.82 59.51
CA LYS C 246 1.48 -3.79 58.47
C LYS C 246 2.88 -3.40 57.98
N ARG C 247 3.91 -4.15 58.37
CA ARG C 247 5.28 -3.91 57.93
C ARG C 247 5.77 -2.52 58.32
N ILE C 248 5.76 -2.26 59.63
CA ILE C 248 6.28 -1.03 60.21
C ILE C 248 7.16 -1.40 61.38
N THR C 249 8.34 -0.78 61.48
CA THR C 249 9.25 -1.02 62.58
C THR C 249 9.12 0.11 63.58
N TYR C 250 8.74 -0.21 64.81
CA TYR C 250 8.52 0.77 65.85
C TYR C 250 9.70 0.81 66.81
N SER C 251 10.11 2.02 67.18
CA SER C 251 11.27 2.20 68.04
C SER C 251 10.91 2.01 69.50
N GLN C 252 11.88 1.54 70.27
CA GLN C 252 11.75 1.41 71.72
C GLN C 252 12.95 2.01 72.41
N GLU C 253 13.52 3.07 71.84
CA GLU C 253 14.73 3.68 72.39
C GLU C 253 14.46 4.36 73.72
N VAL C 254 13.23 4.87 73.92
CA VAL C 254 12.94 5.65 75.12
C VAL C 254 12.94 4.78 76.37
N LEU C 255 12.76 3.47 76.24
CA LEU C 255 12.68 2.58 77.38
C LEU C 255 13.99 1.86 77.67
N THR C 256 15.08 2.20 76.98
CA THR C 256 16.31 1.42 77.07
C THR C 256 17.53 2.28 77.35
N ASP C 257 17.41 3.23 78.27
CA ASP C 257 18.58 3.97 78.72
C ASP C 257 19.08 3.39 80.06
N PHE C 258 20.14 3.97 80.60
CA PHE C 258 20.75 3.41 81.80
C PHE C 258 20.08 3.90 83.08
N ARG C 259 19.05 4.74 82.97
CA ARG C 259 18.28 5.20 84.12
C ARG C 259 16.86 4.68 84.07
N ARG C 260 16.67 3.46 83.56
CA ARG C 260 15.33 2.94 83.33
C ARG C 260 14.76 2.16 84.49
N GLN C 261 15.55 1.86 85.52
CA GLN C 261 15.06 1.15 86.68
C GLN C 261 14.55 2.08 87.77
N ASP C 262 14.62 3.39 87.55
CA ASP C 262 14.12 4.38 88.50
C ASP C 262 13.33 5.46 87.78
N THR C 263 12.42 5.04 86.91
CA THR C 263 11.59 5.94 86.14
C THR C 263 10.13 5.55 86.31
N ILE C 264 9.27 6.56 86.42
CA ILE C 264 7.82 6.37 86.49
C ILE C 264 7.24 6.86 85.18
N TRP C 265 6.52 5.99 84.47
CA TRP C 265 6.08 6.26 83.12
C TRP C 265 4.62 6.69 83.15
N VAL C 266 4.30 7.78 82.45
CA VAL C 266 2.92 8.26 82.38
C VAL C 266 2.48 8.28 80.93
N LEU C 267 1.29 7.73 80.67
CA LEU C 267 0.71 7.67 79.34
C LEU C 267 -0.69 8.27 79.39
N ALA C 268 -0.97 9.18 78.48
CA ALA C 268 -2.30 9.79 78.41
C ALA C 268 -3.28 8.99 77.56
N LEU C 269 -2.80 8.02 76.78
CA LEU C 269 -3.67 7.26 75.89
C LEU C 269 -3.22 5.80 75.87
N GLN C 270 -4.16 4.93 75.50
CA GLN C 270 -3.91 3.50 75.43
C GLN C 270 -4.06 3.03 73.99
N LEU C 271 -3.28 2.02 73.61
CA LEU C 271 -3.22 1.59 72.22
C LEU C 271 -4.33 0.64 71.80
N PRO C 272 -4.64 -0.44 72.55
CA PRO C 272 -5.70 -1.35 72.06
C PRO C 272 -7.07 -0.69 72.10
N VAL C 273 -7.31 0.21 71.14
CA VAL C 273 -8.52 1.01 71.14
C VAL C 273 -9.71 0.11 70.76
N ASN C 274 -10.81 0.29 71.48
CA ASN C 274 -12.01 -0.49 71.20
C ASN C 274 -12.62 0.01 69.90
N PRO C 275 -12.73 -0.83 68.87
CA PRO C 275 -13.30 -0.35 67.61
C PRO C 275 -14.79 -0.09 67.68
N GLN C 276 -15.49 -0.71 68.63
CA GLN C 276 -16.94 -0.59 68.69
C GLN C 276 -17.37 0.86 68.90
N VAL C 277 -16.66 1.60 69.76
CA VAL C 277 -17.00 2.98 70.02
C VAL C 277 -16.88 3.83 68.77
N VAL C 278 -16.03 3.41 67.82
CA VAL C 278 -15.95 4.13 66.55
C VAL C 278 -17.20 3.88 65.72
N TRP C 279 -17.70 2.65 65.73
CA TRP C 279 -18.80 2.27 64.85
C TRP C 279 -20.17 2.41 65.49
N ASP C 280 -20.25 2.93 66.71
CA ASP C 280 -21.53 3.18 67.33
C ASP C 280 -22.11 4.54 66.97
N VAL C 281 -21.34 5.39 66.31
CA VAL C 281 -21.83 6.71 65.89
C VAL C 281 -22.93 6.50 64.85
N PRO C 282 -24.08 7.17 64.97
CA PRO C 282 -25.20 6.88 64.07
C PRO C 282 -24.90 7.30 62.63
N ARG C 283 -25.06 6.36 61.70
CA ARG C 283 -24.91 6.60 60.26
C ARG C 283 -23.53 7.17 59.93
N SER C 284 -22.50 6.38 60.22
CA SER C 284 -21.12 6.85 60.11
C SER C 284 -20.29 6.04 59.13
N SER C 285 -20.92 5.31 58.22
CA SER C 285 -20.16 4.48 57.29
C SER C 285 -19.33 5.33 56.33
N ILE C 286 -19.93 6.39 55.78
CA ILE C 286 -19.24 7.19 54.77
C ILE C 286 -18.07 7.95 55.39
N ALA C 287 -18.24 8.45 56.61
CA ALA C 287 -17.14 9.14 57.27
C ALA C 287 -15.98 8.20 57.55
N ASN C 288 -16.28 6.98 57.99
CA ASN C 288 -15.23 6.00 58.22
C ASN C 288 -14.50 5.65 56.93
N LEU C 289 -15.24 5.51 55.83
CA LEU C 289 -14.61 5.23 54.54
C LEU C 289 -13.69 6.36 54.12
N ILE C 290 -14.14 7.61 54.26
CA ILE C 290 -13.33 8.74 53.87
C ILE C 290 -12.08 8.84 54.74
N MET C 291 -12.22 8.60 56.05
CA MET C 291 -11.07 8.64 56.94
C MET C 291 -10.06 7.55 56.58
N ASN C 292 -10.55 6.35 56.26
CA ASN C 292 -9.66 5.27 55.88
C ASN C 292 -8.89 5.61 54.61
N ILE C 293 -9.58 6.18 53.62
CA ILE C 293 -8.92 6.56 52.38
C ILE C 293 -7.87 7.64 52.65
N ALA C 294 -8.22 8.64 53.45
CA ALA C 294 -7.31 9.74 53.71
C ALA C 294 -6.13 9.34 54.57
N THR C 295 -6.25 8.26 55.34
CA THR C 295 -5.18 7.86 56.24
C THR C 295 -4.25 6.80 55.66
N CYS C 296 -4.77 5.85 54.88
CA CYS C 296 -3.98 4.68 54.52
C CYS C 296 -3.79 4.44 53.04
N LEU C 297 -4.32 5.28 52.17
CA LEU C 297 -4.18 5.02 50.73
C LEU C 297 -2.81 5.50 50.24
N PRO C 298 -2.04 4.65 49.55
CA PRO C 298 -0.74 5.05 49.05
C PRO C 298 -0.83 5.77 47.71
N THR C 299 0.32 6.24 47.24
CA THR C 299 0.42 6.93 45.96
C THR C 299 1.40 6.19 45.06
N GLY C 300 1.08 6.14 43.77
CA GLY C 300 1.92 5.45 42.83
C GLY C 300 1.67 5.92 41.41
N GLU C 301 2.33 5.24 40.48
CA GLU C 301 2.20 5.52 39.06
C GLU C 301 1.62 4.31 38.34
N TYR C 302 1.46 4.43 37.03
CA TYR C 302 0.83 3.40 36.20
C TYR C 302 1.84 2.91 35.17
N ILE C 303 2.17 1.63 35.23
CA ILE C 303 3.11 1.03 34.30
C ILE C 303 2.35 0.45 33.11
N ALA C 304 3.06 0.20 32.02
CA ALA C 304 2.48 -0.34 30.80
C ALA C 304 3.19 -1.64 30.42
N PRO C 305 2.51 -2.56 29.74
CA PRO C 305 3.14 -3.83 29.40
C PRO C 305 4.20 -3.67 28.32
N ASN C 306 4.89 -4.77 28.07
CA ASN C 306 5.90 -4.81 27.01
C ASN C 306 5.21 -4.63 25.66
N PRO C 307 5.70 -3.73 24.80
CA PRO C 307 5.07 -3.56 23.49
C PRO C 307 5.08 -4.80 22.62
N ARG C 308 6.03 -5.71 22.84
CA ARG C 308 6.15 -6.89 21.99
C ARG C 308 4.90 -7.75 22.03
N ILE C 309 4.15 -7.70 23.14
CA ILE C 309 2.91 -8.46 23.23
C ILE C 309 1.97 -8.07 22.10
N SER C 310 1.87 -6.77 21.82
CA SER C 310 1.02 -6.32 20.73
C SER C 310 1.67 -6.51 19.37
N SER C 311 2.98 -6.76 19.33
CA SER C 311 3.66 -6.88 18.04
C SER C 311 3.73 -8.30 17.54
N ILE C 312 3.64 -9.29 18.42
CA ILE C 312 3.67 -10.69 17.99
C ILE C 312 2.28 -11.29 17.88
N THR C 313 1.28 -10.70 18.53
CA THR C 313 -0.02 -11.36 18.61
C THR C 313 -1.15 -10.55 17.98
N LEU C 314 -1.37 -9.32 18.42
CA LEU C 314 -2.54 -8.57 17.95
C LEU C 314 -2.33 -8.05 16.53
N THR C 315 -1.12 -7.63 16.21
CA THR C 315 -0.78 -7.15 14.87
C THR C 315 0.13 -8.13 14.15
N GLN C 316 -0.12 -9.42 14.35
CA GLN C 316 0.68 -10.44 13.69
C GLN C 316 0.48 -10.42 12.18
N ARG C 317 -0.77 -10.40 11.74
CA ARG C 317 -1.09 -10.36 10.32
C ARG C 317 -1.32 -8.91 9.90
N ILE C 318 -0.53 -8.44 8.93
CA ILE C 318 -0.61 -7.05 8.51
C ILE C 318 -1.68 -6.82 7.46
N THR C 319 -2.23 -7.87 6.87
CA THR C 319 -3.23 -7.74 5.83
C THR C 319 -4.66 -7.81 6.35
N THR C 320 -4.86 -7.93 7.65
CA THR C 320 -6.19 -8.04 8.23
C THR C 320 -6.29 -7.12 9.44
N THR C 321 -7.52 -6.83 9.83
CA THR C 321 -7.79 -5.97 10.97
C THR C 321 -8.98 -6.52 11.75
N GLY C 322 -9.16 -5.99 12.95
CA GLY C 322 -10.24 -6.41 13.81
C GLY C 322 -10.53 -5.40 14.90
N PRO C 323 -11.50 -5.71 15.76
CA PRO C 323 -11.81 -4.79 16.86
C PRO C 323 -10.65 -4.58 17.81
N PHE C 324 -9.82 -5.59 18.03
CA PHE C 324 -8.70 -5.44 18.95
C PHE C 324 -7.56 -4.64 18.33
N ALA C 325 -7.31 -4.83 17.03
CA ALA C 325 -6.20 -4.15 16.40
C ALA C 325 -6.52 -2.70 16.05
N ILE C 326 -7.80 -2.33 16.01
CA ILE C 326 -8.16 -0.99 15.60
C ILE C 326 -7.93 0.01 16.73
N LEU C 327 -7.93 -0.44 17.97
CA LEU C 327 -7.76 0.44 19.11
C LEU C 327 -6.51 0.13 19.91
N THR C 328 -5.63 -0.71 19.39
CA THR C 328 -4.37 -0.99 20.09
C THR C 328 -3.41 0.19 20.05
N GLY C 329 -3.67 1.19 19.21
CA GLY C 329 -2.84 2.37 19.14
C GLY C 329 -3.41 3.59 19.83
N SER C 330 -4.65 3.53 20.32
CA SER C 330 -5.27 4.68 20.93
C SER C 330 -4.58 5.05 22.25
N THR C 331 -4.62 6.33 22.57
CA THR C 331 -4.01 6.85 23.78
C THR C 331 -5.05 7.57 24.63
N PRO C 332 -4.98 7.46 25.96
CA PRO C 332 -6.03 8.03 26.81
C PRO C 332 -5.96 9.55 26.89
N THR C 333 -7.13 10.13 27.08
CA THR C 333 -7.26 11.57 27.28
C THR C 333 -7.21 11.87 28.78
N ALA C 334 -7.56 13.10 29.16
CA ALA C 334 -7.46 13.49 30.56
C ALA C 334 -8.53 12.81 31.40
N GLN C 335 -9.76 12.73 30.90
CA GLN C 335 -10.84 12.16 31.70
C GLN C 335 -10.76 10.64 31.79
N GLN C 336 -10.23 9.98 30.76
CA GLN C 336 -10.17 8.53 30.77
C GLN C 336 -9.17 8.02 31.80
N LEU C 337 -8.09 8.75 32.04
CA LEU C 337 -7.16 8.39 33.10
C LEU C 337 -7.83 8.50 34.47
N ASN C 338 -8.66 9.53 34.65
CA ASN C 338 -9.43 9.65 35.88
C ASN C 338 -10.40 8.50 36.05
N ASP C 339 -11.01 8.06 34.94
CA ASP C 339 -11.89 6.89 35.00
C ASP C 339 -11.13 5.64 35.41
N VAL C 340 -9.90 5.48 34.91
CA VAL C 340 -9.06 4.35 35.32
C VAL C 340 -8.77 4.41 36.81
N ARG C 341 -8.47 5.62 37.31
CA ARG C 341 -8.26 5.81 38.75
C ARG C 341 -9.50 5.41 39.53
N LYS C 342 -10.68 5.77 39.03
CA LYS C 342 -11.92 5.38 39.70
C LYS C 342 -12.09 3.87 39.72
N ILE C 343 -11.75 3.20 38.63
CA ILE C 343 -11.87 1.74 38.57
C ILE C 343 -10.98 1.10 39.62
N TYR C 344 -9.73 1.57 39.72
CA TYR C 344 -8.82 0.98 40.68
C TYR C 344 -9.26 1.27 42.12
N LEU C 345 -9.77 2.48 42.37
CA LEU C 345 -10.28 2.80 43.70
C LEU C 345 -11.45 1.90 44.07
N ALA C 346 -12.32 1.61 43.10
CA ALA C 346 -13.42 0.67 43.36
C ALA C 346 -12.89 -0.72 43.64
N LEU C 347 -11.83 -1.13 42.95
CA LEU C 347 -11.25 -2.45 43.20
C LEU C 347 -10.67 -2.55 44.61
N MET C 348 -10.01 -1.50 45.08
CA MET C 348 -9.29 -1.59 46.35
C MET C 348 -10.21 -1.66 47.56
N PHE C 349 -11.50 -1.36 47.42
CA PHE C 349 -12.45 -1.39 48.53
C PHE C 349 -13.62 -2.28 48.13
N PRO C 350 -13.51 -3.59 48.35
CA PRO C 350 -14.56 -4.50 47.86
C PRO C 350 -15.87 -4.30 48.59
N GLY C 351 -16.95 -4.24 47.82
CA GLY C 351 -18.28 -4.16 48.38
C GLY C 351 -18.74 -2.75 48.69
N GLN C 352 -17.85 -1.94 49.26
CA GLN C 352 -18.24 -0.60 49.69
C GLN C 352 -18.40 0.34 48.51
N ILE C 353 -17.68 0.11 47.43
CA ILE C 353 -17.78 0.93 46.22
C ILE C 353 -18.08 0.00 45.05
N ILE C 354 -19.12 0.33 44.28
CA ILE C 354 -19.50 -0.44 43.10
C ILE C 354 -19.51 0.49 41.90
N LEU C 355 -19.41 -0.11 40.73
CA LEU C 355 -19.25 0.62 39.48
C LEU C 355 -20.52 0.58 38.65
N ASP C 356 -20.59 1.48 37.67
CA ASP C 356 -21.71 1.52 36.75
C ASP C 356 -21.25 2.14 35.43
N LEU C 357 -21.99 1.85 34.36
CA LEU C 357 -21.63 2.32 33.04
C LEU C 357 -22.37 3.61 32.70
N LYS C 358 -21.71 4.47 31.93
CA LYS C 358 -22.27 5.75 31.55
C LYS C 358 -21.83 6.09 30.13
N ILE C 359 -22.60 6.95 29.50
CA ILE C 359 -22.27 7.49 28.19
C ILE C 359 -22.48 8.99 28.21
N ASP C 360 -21.47 9.74 27.77
CA ASP C 360 -21.58 11.19 27.78
C ASP C 360 -22.58 11.65 26.72
N PRO C 361 -23.26 12.77 26.96
CA PRO C 361 -24.23 13.27 25.98
C PRO C 361 -23.55 13.78 24.72
N GLY C 362 -24.05 13.33 23.58
CA GLY C 362 -23.54 13.79 22.29
C GLY C 362 -22.49 12.91 21.66
N GLU C 363 -22.03 11.86 22.33
CA GLU C 363 -21.04 10.95 21.77
C GLU C 363 -21.73 9.68 21.28
N ARG C 364 -21.32 9.22 20.10
CA ARG C 364 -21.89 8.03 19.51
C ARG C 364 -21.38 6.78 20.23
N MET C 365 -21.94 5.64 19.87
CA MET C 365 -21.53 4.36 20.41
C MET C 365 -20.62 3.66 19.39
N ASP C 366 -19.38 3.43 19.77
CA ASP C 366 -18.44 2.72 18.92
C ASP C 366 -18.57 1.23 19.16
N PRO C 367 -18.78 0.41 18.14
CA PRO C 367 -18.91 -1.03 18.37
C PRO C 367 -17.66 -1.69 18.90
N ALA C 368 -16.49 -1.32 18.39
CA ALA C 368 -15.25 -2.05 18.72
C ALA C 368 -14.94 -1.97 20.21
N VAL C 369 -15.10 -0.79 20.81
CA VAL C 369 -14.82 -0.67 22.24
C VAL C 369 -15.80 -1.50 23.04
N ARG C 370 -17.06 -1.60 22.60
CA ARG C 370 -18.01 -2.47 23.27
C ARG C 370 -17.58 -3.94 23.16
N MET C 371 -17.11 -4.32 21.97
CA MET C 371 -16.67 -5.70 21.74
C MET C 371 -15.52 -6.04 22.66
N VAL C 372 -14.57 -5.12 22.82
CA VAL C 372 -13.41 -5.35 23.67
C VAL C 372 -13.80 -5.36 25.14
N ALA C 373 -14.66 -4.42 25.54
CA ALA C 373 -15.05 -4.31 26.94
C ALA C 373 -15.79 -5.55 27.41
N GLY C 374 -16.65 -6.10 26.56
CA GLY C 374 -17.34 -7.32 26.92
C GLY C 374 -16.42 -8.49 27.20
N VAL C 375 -15.20 -8.45 26.67
CA VAL C 375 -14.23 -9.51 26.93
C VAL C 375 -13.40 -9.22 28.16
N VAL C 376 -12.93 -7.97 28.31
CA VAL C 376 -12.04 -7.68 29.43
C VAL C 376 -12.78 -7.55 30.75
N GLY C 377 -14.07 -7.22 30.74
CA GLY C 377 -14.79 -7.05 31.98
C GLY C 377 -14.95 -8.34 32.76
N HIS C 378 -15.12 -9.46 32.07
CA HIS C 378 -15.26 -10.74 32.76
C HIS C 378 -13.98 -11.16 33.46
N LEU C 379 -12.83 -10.67 33.01
CA LEU C 379 -11.57 -10.99 33.65
C LEU C 379 -11.14 -9.96 34.67
N LEU C 380 -11.63 -8.73 34.57
CA LEU C 380 -11.18 -7.68 35.48
C LEU C 380 -11.99 -7.61 36.78
N PHE C 381 -13.29 -7.89 36.72
CA PHE C 381 -14.18 -7.64 37.85
C PHE C 381 -14.64 -8.94 38.50
N THR C 382 -15.30 -8.79 39.64
CA THR C 382 -15.83 -9.90 40.43
C THR C 382 -17.29 -9.66 40.74
N ALA C 383 -18.12 -10.68 40.53
CA ALA C 383 -19.53 -10.63 40.88
C ALA C 383 -19.92 -11.90 41.60
N GLY C 384 -19.04 -12.40 42.47
CA GLY C 384 -19.16 -13.73 43.03
C GLY C 384 -20.21 -13.82 44.11
N GLY C 385 -20.16 -14.94 44.82
CA GLY C 385 -21.14 -15.27 45.84
C GLY C 385 -20.87 -14.75 47.22
N ARG C 386 -19.83 -13.95 47.40
CA ARG C 386 -19.49 -13.39 48.71
C ARG C 386 -19.41 -11.87 48.70
N PHE C 387 -18.94 -11.28 47.61
CA PHE C 387 -19.03 -9.83 47.43
C PHE C 387 -19.02 -9.52 45.95
N THR C 388 -19.32 -8.28 45.61
CA THR C 388 -19.39 -7.84 44.22
C THR C 388 -18.71 -6.50 44.04
N ASN C 389 -18.29 -6.24 42.80
CA ASN C 389 -17.75 -4.95 42.40
C ASN C 389 -18.66 -4.21 41.43
N LEU C 390 -19.70 -4.85 40.93
CA LEU C 390 -20.54 -4.30 39.88
C LEU C 390 -22.00 -4.36 40.29
N THR C 391 -22.79 -3.48 39.68
CA THR C 391 -24.24 -3.55 39.78
C THR C 391 -24.77 -4.58 38.79
N GLN C 392 -26.07 -4.88 38.92
CA GLN C 392 -26.67 -5.89 38.05
C GLN C 392 -26.77 -5.41 36.61
N ASN C 393 -27.04 -4.11 36.42
CA ASN C 393 -27.15 -3.56 35.08
C ASN C 393 -25.83 -3.67 34.32
N MET C 394 -24.71 -3.37 35.01
CA MET C 394 -23.40 -3.48 34.38
C MET C 394 -23.12 -4.92 33.97
N ALA C 395 -23.46 -5.88 34.82
CA ALA C 395 -23.25 -7.28 34.49
C ALA C 395 -24.05 -7.70 33.28
N ARG C 396 -25.32 -7.27 33.21
CA ARG C 396 -26.13 -7.61 32.04
C ARG C 396 -25.56 -7.00 30.77
N GLN C 397 -25.12 -5.74 30.84
CA GLN C 397 -24.55 -5.11 29.66
C GLN C 397 -23.27 -5.80 29.20
N LEU C 398 -22.41 -6.19 30.13
CA LEU C 398 -21.19 -6.88 29.76
C LEU C 398 -21.49 -8.25 29.16
N ASP C 399 -22.52 -8.94 29.69
CA ASP C 399 -22.91 -10.22 29.10
C ASP C 399 -23.39 -10.05 27.66
N ILE C 400 -24.19 -9.02 27.41
CA ILE C 400 -24.67 -8.76 26.06
C ILE C 400 -23.49 -8.44 25.13
N ALA C 401 -22.53 -7.65 25.62
CA ALA C 401 -21.38 -7.31 24.80
C ALA C 401 -20.55 -8.56 24.46
N LEU C 402 -20.37 -9.45 25.43
CA LEU C 402 -19.64 -10.69 25.14
C LEU C 402 -20.38 -11.55 24.12
N ASN C 403 -21.71 -11.61 24.25
CA ASN C 403 -22.51 -12.35 23.27
C ASN C 403 -22.33 -11.77 21.87
N ASP C 404 -22.32 -10.45 21.76
CA ASP C 404 -22.09 -9.84 20.45
C ASP C 404 -20.68 -10.13 19.94
N TYR C 405 -19.71 -10.25 20.84
CA TYR C 405 -18.35 -10.49 20.38
C TYR C 405 -18.18 -11.91 19.86
N LEU C 406 -18.77 -12.89 20.54
CA LEU C 406 -18.54 -14.28 20.13
C LEU C 406 -19.16 -14.60 18.77
N LEU C 407 -20.17 -13.85 18.35
CA LEU C 407 -20.82 -14.09 17.06
C LEU C 407 -20.34 -13.11 15.99
N TYR C 408 -19.15 -12.57 16.15
CA TYR C 408 -18.57 -11.66 15.17
C TYR C 408 -17.65 -12.44 14.25
N MET C 409 -17.97 -12.43 12.96
CA MET C 409 -17.13 -13.03 11.92
C MET C 409 -16.95 -14.53 12.18
N TYR C 410 -18.07 -15.24 12.16
CA TYR C 410 -18.06 -16.69 12.31
C TYR C 410 -18.59 -17.35 11.05
N ASN C 411 -18.04 -18.52 10.73
CA ASN C 411 -18.36 -19.23 9.51
C ASN C 411 -18.92 -20.61 9.84
N THR C 412 -19.16 -21.40 8.80
CA THR C 412 -19.78 -22.71 8.98
C THR C 412 -18.81 -23.70 9.61
N ARG C 413 -17.51 -23.48 9.45
CA ARG C 413 -16.52 -24.39 10.00
C ARG C 413 -16.64 -24.50 11.51
N VAL C 414 -16.80 -23.38 12.20
CA VAL C 414 -17.11 -23.40 13.62
C VAL C 414 -18.61 -23.60 13.77
N GLN C 415 -19.00 -24.65 14.48
CA GLN C 415 -20.41 -24.99 14.58
C GLN C 415 -21.08 -24.17 15.67
N VAL C 416 -22.28 -23.68 15.40
CA VAL C 416 -23.07 -22.93 16.37
C VAL C 416 -24.42 -23.61 16.50
N ASN C 417 -24.80 -23.93 17.74
CA ASN C 417 -26.08 -24.57 18.01
C ASN C 417 -26.81 -23.74 19.04
N TYR C 418 -27.94 -23.15 18.64
CA TYR C 418 -28.67 -22.27 19.52
C TYR C 418 -29.53 -23.05 20.51
N GLY C 419 -29.98 -22.36 21.55
CA GLY C 419 -30.84 -22.94 22.54
C GLY C 419 -32.26 -22.44 22.42
N PRO C 420 -33.14 -22.89 23.31
CA PRO C 420 -34.56 -22.54 23.19
C PRO C 420 -34.95 -21.23 23.86
N THR C 421 -34.15 -20.75 24.82
CA THR C 421 -34.59 -19.63 25.64
C THR C 421 -34.50 -18.31 24.89
N GLY C 422 -33.47 -18.13 24.07
CA GLY C 422 -33.26 -16.87 23.40
C GLY C 422 -32.52 -15.84 24.22
N GLU C 423 -32.09 -16.18 25.43
CA GLU C 423 -31.30 -15.30 26.26
C GLU C 423 -29.90 -15.14 25.67
N PRO C 424 -29.19 -14.07 26.04
CA PRO C 424 -27.79 -13.95 25.61
C PRO C 424 -26.94 -15.08 26.17
N LEU C 425 -25.95 -15.48 25.36
CA LEU C 425 -25.01 -16.55 25.71
C LEU C 425 -25.74 -17.85 26.01
N ASP C 426 -26.52 -18.31 25.03
CA ASP C 426 -27.32 -19.52 25.16
C ASP C 426 -27.09 -20.43 23.97
N PHE C 427 -25.82 -20.67 23.65
CA PHE C 427 -25.48 -21.50 22.51
C PHE C 427 -24.29 -22.38 22.83
N GLN C 428 -24.15 -23.44 22.04
CA GLN C 428 -23.01 -24.33 22.09
C GLN C 428 -22.15 -24.07 20.86
N ILE C 429 -20.85 -23.88 21.06
CA ILE C 429 -19.96 -23.46 19.98
C ILE C 429 -18.78 -24.41 19.89
N GLY C 430 -18.30 -24.60 18.67
CA GLY C 430 -17.13 -25.42 18.42
C GLY C 430 -17.47 -26.88 18.18
N ARG C 431 -16.47 -27.62 17.69
CA ARG C 431 -16.65 -29.05 17.45
C ARG C 431 -16.88 -29.80 18.75
N ASN C 432 -16.22 -29.37 19.81
CA ASN C 432 -16.39 -30.01 21.10
C ASN C 432 -17.62 -29.55 21.84
N GLN C 433 -18.34 -28.56 21.30
CA GLN C 433 -19.60 -28.05 21.87
C GLN C 433 -19.39 -27.52 23.29
N TYR C 434 -18.58 -26.48 23.39
CA TYR C 434 -18.34 -25.82 24.67
C TYR C 434 -19.56 -25.00 25.05
N ASP C 435 -20.18 -25.34 26.18
CA ASP C 435 -21.39 -24.67 26.62
C ASP C 435 -21.05 -23.29 27.15
N CYS C 436 -21.69 -22.26 26.59
CA CYS C 436 -21.41 -20.88 26.94
C CYS C 436 -22.38 -20.30 27.95
N ASN C 437 -23.33 -21.10 28.46
CA ASN C 437 -24.28 -20.59 29.43
C ASN C 437 -23.63 -20.25 30.76
N VAL C 438 -22.44 -20.79 31.03
CA VAL C 438 -21.80 -20.57 32.31
C VAL C 438 -21.32 -19.13 32.46
N PHE C 439 -21.21 -18.38 31.37
CA PHE C 439 -20.69 -17.02 31.43
C PHE C 439 -21.76 -15.98 31.70
N ARG C 440 -23.02 -16.38 31.80
CA ARG C 440 -24.07 -15.44 32.16
C ARG C 440 -24.00 -15.14 33.66
N ALA C 441 -24.27 -13.89 34.01
CA ALA C 441 -24.13 -13.45 35.38
C ALA C 441 -25.17 -14.13 36.29
N ASP C 442 -24.73 -14.48 37.49
CA ASP C 442 -25.61 -15.03 38.51
C ASP C 442 -25.01 -14.68 39.86
N PHE C 443 -25.75 -13.93 40.68
CA PHE C 443 -25.17 -13.44 41.91
C PHE C 443 -25.29 -14.42 43.07
N ALA C 444 -26.12 -15.46 42.95
CA ALA C 444 -26.20 -16.45 44.01
C ALA C 444 -24.90 -17.22 44.16
N THR C 445 -24.31 -17.62 43.04
CA THR C 445 -23.01 -18.28 43.04
C THR C 445 -22.18 -17.72 41.91
N GLY C 446 -20.89 -17.56 42.16
CA GLY C 446 -20.01 -16.96 41.17
C GLY C 446 -19.84 -17.80 39.92
N THR C 447 -20.32 -17.29 38.79
CA THR C 447 -20.09 -17.93 37.50
C THR C 447 -19.70 -16.86 36.50
N GLY C 448 -18.71 -17.17 35.67
CA GLY C 448 -18.31 -16.27 34.62
C GLY C 448 -17.52 -15.06 35.07
N TYR C 449 -17.11 -14.99 36.33
CA TYR C 449 -16.31 -13.88 36.82
C TYR C 449 -15.21 -14.44 37.70
N ASN C 450 -14.48 -13.56 38.39
CA ASN C 450 -13.26 -13.96 39.06
C ASN C 450 -13.52 -14.95 40.18
N GLY C 451 -14.61 -14.77 40.92
CA GLY C 451 -14.92 -15.69 42.00
C GLY C 451 -15.76 -16.86 41.56
N TRP C 452 -15.30 -17.61 40.55
CA TRP C 452 -16.07 -18.74 40.06
C TRP C 452 -15.99 -19.92 41.03
N ALA C 453 -14.80 -20.46 41.23
CA ALA C 453 -14.64 -21.63 42.07
C ALA C 453 -13.54 -21.45 43.12
N THR C 454 -13.05 -20.23 43.29
CA THR C 454 -11.97 -19.99 44.23
C THR C 454 -12.51 -19.68 45.62
N ILE C 455 -11.60 -19.50 46.56
CA ILE C 455 -11.92 -19.06 47.91
C ILE C 455 -11.30 -17.69 48.06
N ASP C 456 -12.07 -16.64 47.79
CA ASP C 456 -11.51 -15.28 47.74
C ASP C 456 -11.48 -14.59 49.09
N VAL C 457 -12.12 -15.13 50.11
CA VAL C 457 -11.99 -14.63 51.48
C VAL C 457 -11.64 -15.78 52.39
N GLU C 458 -10.89 -15.48 53.46
CA GLU C 458 -10.37 -16.52 54.34
C GLU C 458 -10.25 -15.96 55.75
N TYR C 459 -10.24 -16.85 56.73
CA TYR C 459 -10.08 -16.50 58.12
C TYR C 459 -8.90 -17.24 58.72
N ARG C 460 -8.11 -16.52 59.51
CA ARG C 460 -6.83 -17.02 60.00
C ARG C 460 -6.66 -16.56 61.44
N GLU C 461 -5.41 -16.56 61.91
CA GLU C 461 -5.05 -16.13 63.26
C GLU C 461 -5.62 -14.75 63.57
N PRO C 462 -5.79 -14.42 64.86
CA PRO C 462 -6.38 -13.13 65.23
C PRO C 462 -5.61 -11.93 64.69
N ALA C 463 -6.36 -10.92 64.26
CA ALA C 463 -5.81 -9.70 63.68
C ALA C 463 -5.54 -8.67 64.75
N PRO C 464 -4.74 -7.64 64.44
CA PRO C 464 -4.58 -6.53 65.40
C PRO C 464 -5.88 -5.85 65.78
N TYR C 465 -6.80 -5.67 64.84
CA TYR C 465 -8.11 -5.12 65.13
C TYR C 465 -9.13 -6.25 65.11
N VAL C 466 -9.81 -6.46 66.24
CA VAL C 466 -10.65 -7.64 66.42
C VAL C 466 -11.96 -7.60 65.65
N HIS C 467 -12.35 -6.43 65.15
CA HIS C 467 -13.63 -6.36 64.43
C HIS C 467 -13.50 -6.75 62.97
N ALA C 468 -12.28 -6.85 62.44
CA ALA C 468 -12.06 -7.24 61.05
C ALA C 468 -11.01 -8.34 61.03
N GLN C 469 -11.40 -9.52 60.53
CA GLN C 469 -10.52 -10.68 60.52
C GLN C 469 -10.35 -11.25 59.12
N ARG C 470 -11.02 -10.70 58.12
CA ARG C 470 -11.05 -11.28 56.80
C ARG C 470 -9.73 -11.08 56.07
N TYR C 471 -9.50 -11.90 55.05
CA TYR C 471 -8.33 -11.81 54.19
C TYR C 471 -8.80 -11.89 52.74
N ILE C 472 -8.61 -10.82 51.97
CA ILE C 472 -9.00 -10.83 50.58
C ILE C 472 -7.97 -11.60 49.76
N ARG C 473 -8.45 -12.51 48.91
CA ARG C 473 -7.58 -13.43 48.17
C ARG C 473 -7.98 -13.46 46.69
N TYR C 474 -8.03 -12.28 46.08
CA TYR C 474 -8.27 -12.16 44.64
C TYR C 474 -7.42 -13.15 43.86
N CYS C 475 -8.08 -13.92 42.99
CA CYS C 475 -7.44 -14.91 42.11
C CYS C 475 -6.66 -15.97 42.86
N GLY C 476 -6.95 -16.16 44.16
CA GLY C 476 -6.25 -17.17 44.92
C GLY C 476 -4.79 -16.86 45.19
N ILE C 477 -4.40 -15.60 45.17
CA ILE C 477 -3.02 -15.21 45.42
C ILE C 477 -2.85 -14.94 46.90
N ASP C 478 -1.83 -15.55 47.50
CA ASP C 478 -1.52 -15.34 48.91
C ASP C 478 -0.65 -14.10 49.06
N SER C 479 -0.98 -13.26 50.04
CA SER C 479 -0.32 -11.97 50.22
C SER C 479 0.83 -12.03 51.22
N ARG C 480 1.17 -13.21 51.72
CA ARG C 480 2.23 -13.31 52.73
C ARG C 480 3.59 -12.99 52.15
N GLU C 481 3.85 -13.37 50.90
CA GLU C 481 5.18 -13.32 50.32
C GLU C 481 5.37 -12.10 49.44
N LEU C 482 6.58 -11.55 49.46
CA LEU C 482 6.95 -10.48 48.55
C LEU C 482 7.11 -11.01 47.14
N ILE C 483 6.94 -10.14 46.16
CA ILE C 483 6.98 -10.54 44.75
C ILE C 483 8.05 -9.75 44.02
N ASN C 484 8.59 -10.38 42.97
CA ASN C 484 9.49 -9.70 42.06
C ASN C 484 8.74 -9.41 40.76
N PRO C 485 8.48 -8.16 40.42
CA PRO C 485 7.66 -7.87 39.24
C PRO C 485 8.25 -8.34 37.93
N THR C 486 9.57 -8.53 37.85
CA THR C 486 10.18 -8.98 36.61
C THR C 486 9.73 -10.39 36.25
N THR C 487 9.63 -11.28 37.23
CA THR C 487 9.23 -12.66 36.96
C THR C 487 8.47 -13.22 38.16
N TYR C 488 7.14 -13.06 38.12
CA TYR C 488 6.29 -13.61 39.17
C TYR C 488 5.29 -14.63 38.64
N GLY C 489 4.46 -14.24 37.67
CA GLY C 489 3.39 -15.09 37.22
C GLY C 489 3.70 -15.94 36.00
N ILE C 490 4.84 -16.63 36.03
CA ILE C 490 5.26 -17.39 34.85
C ILE C 490 4.37 -18.62 34.64
N GLY C 491 4.06 -19.33 35.71
CA GLY C 491 3.29 -20.55 35.56
C GLY C 491 2.07 -20.67 36.45
N MET C 492 1.38 -19.56 36.71
CA MET C 492 0.23 -19.54 37.60
C MET C 492 -1.02 -19.16 36.84
N THR C 493 -2.09 -19.93 37.03
CA THR C 493 -3.39 -19.64 36.44
C THR C 493 -4.47 -19.80 37.50
N TYR C 494 -5.70 -19.42 37.15
CA TYR C 494 -6.88 -19.73 37.93
C TYR C 494 -8.02 -20.09 37.00
N HIS C 495 -9.18 -20.36 37.60
CA HIS C 495 -10.25 -21.08 36.89
C HIS C 495 -10.87 -20.25 35.78
N CYS C 496 -11.29 -19.02 36.09
CA CYS C 496 -12.01 -18.22 35.12
C CYS C 496 -11.16 -17.91 33.90
N TYR C 497 -9.87 -17.66 34.10
CA TYR C 497 -9.00 -17.34 32.99
C TYR C 497 -8.87 -18.53 32.05
N ASN C 498 -8.74 -19.74 32.62
CA ASN C 498 -8.67 -20.94 31.78
C ASN C 498 -9.96 -21.17 31.02
N GLU C 499 -11.11 -20.98 31.67
CA GLU C 499 -12.37 -21.15 30.95
C GLU C 499 -12.51 -20.15 29.81
N MET C 500 -12.11 -18.89 30.05
CA MET C 500 -12.20 -17.89 29.00
C MET C 500 -11.27 -18.23 27.84
N LEU C 501 -10.05 -18.68 28.14
CA LEU C 501 -9.12 -19.07 27.09
C LEU C 501 -9.67 -20.24 26.27
N ARG C 502 -10.24 -21.23 26.95
CA ARG C 502 -10.80 -22.38 26.25
C ARG C 502 -11.96 -21.98 25.35
N MET C 503 -12.83 -21.10 25.85
CA MET C 503 -13.94 -20.64 25.03
C MET C 503 -13.46 -19.84 23.83
N LEU C 504 -12.46 -18.98 24.02
CA LEU C 504 -11.95 -18.19 22.91
C LEU C 504 -11.31 -19.07 21.85
N VAL C 505 -10.58 -20.10 22.27
CA VAL C 505 -10.01 -21.03 21.29
C VAL C 505 -11.12 -21.78 20.57
N ALA C 506 -12.14 -22.21 21.29
CA ALA C 506 -13.23 -22.95 20.66
C ALA C 506 -14.05 -22.08 19.72
N ALA C 507 -13.97 -20.76 19.84
CA ALA C 507 -14.76 -19.86 19.02
C ALA C 507 -14.02 -19.36 17.79
N GLY C 508 -12.79 -19.78 17.58
CA GLY C 508 -12.05 -19.36 16.41
C GLY C 508 -11.29 -18.05 16.53
N LYS C 509 -11.17 -17.50 17.73
CA LYS C 509 -10.40 -16.27 17.94
C LYS C 509 -9.02 -16.67 18.48
N ASP C 510 -8.12 -17.02 17.55
CA ASP C 510 -6.80 -17.50 17.95
C ASP C 510 -5.91 -16.36 18.43
N SER C 511 -5.93 -15.23 17.72
CA SER C 511 -5.05 -14.12 18.08
C SER C 511 -5.38 -13.58 19.46
N GLU C 512 -6.68 -13.42 19.77
CA GLU C 512 -7.06 -12.92 21.08
C GLU C 512 -6.68 -13.88 22.19
N ALA C 513 -6.85 -15.18 21.95
CA ALA C 513 -6.46 -16.17 22.95
C ALA C 513 -4.97 -16.13 23.22
N ALA C 514 -4.17 -16.02 22.16
CA ALA C 514 -2.73 -15.92 22.36
C ALA C 514 -2.34 -14.64 23.08
N TYR C 515 -3.05 -13.54 22.79
CA TYR C 515 -2.77 -12.28 23.46
C TYR C 515 -3.03 -12.37 24.95
N PHE C 516 -4.16 -12.97 25.32
CA PHE C 516 -4.47 -13.11 26.75
C PHE C 516 -3.50 -14.06 27.43
N ARG C 517 -3.12 -15.14 26.75
CA ARG C 517 -2.15 -16.07 27.33
C ARG C 517 -0.80 -15.38 27.55
N SER C 518 -0.44 -14.46 26.67
CA SER C 518 0.80 -13.72 26.88
C SER C 518 0.68 -12.67 27.97
N MET C 519 -0.50 -12.06 28.11
CA MET C 519 -0.70 -11.02 29.11
C MET C 519 -1.02 -11.54 30.50
N LEU C 520 -1.19 -12.86 30.66
CA LEU C 520 -1.50 -13.43 31.98
C LEU C 520 -0.55 -13.02 33.10
N PRO C 521 0.78 -13.05 32.96
CA PRO C 521 1.64 -12.64 34.10
C PRO C 521 1.43 -11.20 34.54
N PHE C 522 1.15 -10.29 33.61
CA PHE C 522 0.81 -8.92 33.97
C PHE C 522 -0.42 -8.87 34.86
N HIS C 523 -1.45 -9.65 34.49
CA HIS C 523 -2.67 -9.74 35.29
C HIS C 523 -2.36 -10.24 36.69
N MET C 524 -1.54 -11.30 36.78
CA MET C 524 -1.24 -11.90 38.07
C MET C 524 -0.48 -10.93 38.97
N VAL C 525 0.52 -10.24 38.43
CA VAL C 525 1.29 -9.32 39.27
C VAL C 525 0.43 -8.13 39.70
N ARG C 526 -0.45 -7.65 38.81
CA ARG C 526 -1.33 -6.55 39.20
C ARG C 526 -2.25 -6.96 40.34
N PHE C 527 -2.84 -8.15 40.26
CA PHE C 527 -3.74 -8.54 41.33
C PHE C 527 -3.01 -8.88 42.61
N ALA C 528 -1.76 -9.35 42.51
CA ALA C 528 -0.95 -9.53 43.71
C ALA C 528 -0.70 -8.21 44.41
N ARG C 529 -0.39 -7.17 43.64
CA ARG C 529 -0.18 -5.85 44.23
C ARG C 529 -1.46 -5.35 44.90
N ILE C 530 -2.61 -5.56 44.25
CA ILE C 530 -3.87 -5.12 44.83
C ILE C 530 -4.16 -5.86 46.13
N ASN C 531 -3.92 -7.17 46.16
CA ASN C 531 -4.13 -7.94 47.39
C ASN C 531 -3.23 -7.43 48.51
N GLN C 532 -1.96 -7.14 48.19
CA GLN C 532 -1.04 -6.65 49.20
C GLN C 532 -1.51 -5.32 49.76
N ILE C 533 -1.95 -4.40 48.89
CA ILE C 533 -2.42 -3.10 49.36
C ILE C 533 -3.65 -3.26 50.24
N ILE C 534 -4.57 -4.14 49.85
CA ILE C 534 -5.80 -4.31 50.64
C ILE C 534 -5.49 -4.89 52.01
N ASN C 535 -4.69 -5.94 52.06
CA ASN C 535 -4.50 -6.66 53.32
C ASN C 535 -3.48 -6.03 54.25
N GLU C 536 -2.48 -5.32 53.73
CA GLU C 536 -1.40 -4.85 54.59
C GLU C 536 -1.33 -3.35 54.75
N ASP C 537 -2.16 -2.59 54.05
CA ASP C 537 -2.16 -1.15 54.18
C ASP C 537 -3.48 -0.57 54.64
N LEU C 538 -4.61 -1.16 54.24
CA LEU C 538 -5.93 -0.62 54.54
C LEU C 538 -6.56 -1.27 55.76
N HIS C 539 -5.77 -1.63 56.75
CA HIS C 539 -6.25 -2.23 57.98
C HIS C 539 -6.29 -1.17 59.07
N SER C 540 -7.49 -0.88 59.58
CA SER C 540 -7.67 0.19 60.55
C SER C 540 -9.00 -0.02 61.26
N VAL C 541 -9.25 0.82 62.28
CA VAL C 541 -10.55 0.80 62.94
C VAL C 541 -11.64 1.31 62.01
N PHE C 542 -11.28 2.06 60.97
CA PHE C 542 -12.26 2.55 60.03
C PHE C 542 -12.67 1.50 59.02
N SER C 543 -12.03 0.34 59.02
CA SER C 543 -12.41 -0.74 58.12
C SER C 543 -13.74 -1.34 58.55
N LEU C 544 -14.50 -1.79 57.57
CA LEU C 544 -15.85 -2.28 57.82
C LEU C 544 -15.81 -3.57 58.62
N PRO C 545 -16.70 -3.74 59.60
CA PRO C 545 -16.75 -4.99 60.37
C PRO C 545 -17.22 -6.15 59.51
N ASP C 546 -16.89 -7.35 59.97
CA ASP C 546 -17.17 -8.56 59.19
C ASP C 546 -18.67 -8.83 59.08
N ASP C 547 -19.42 -8.60 60.16
CA ASP C 547 -20.83 -8.93 60.15
C ASP C 547 -21.63 -8.05 59.21
N MET C 548 -21.10 -6.89 58.83
CA MET C 548 -21.74 -6.06 57.81
C MET C 548 -21.18 -6.32 56.42
N PHE C 549 -19.90 -6.67 56.33
CA PHE C 549 -19.32 -7.03 55.04
C PHE C 549 -19.98 -8.27 54.46
N ASN C 550 -20.28 -9.25 55.31
CA ASN C 550 -20.96 -10.45 54.82
C ASN C 550 -22.39 -10.16 54.42
N ALA C 551 -23.02 -9.15 55.03
CA ALA C 551 -24.41 -8.85 54.74
C ALA C 551 -24.60 -7.83 53.62
N LEU C 552 -23.50 -7.23 53.13
CA LEU C 552 -23.63 -6.28 52.02
C LEU C 552 -24.24 -6.94 50.79
N LEU C 553 -23.77 -8.13 50.43
CA LEU C 553 -24.23 -8.75 49.18
C LEU C 553 -25.70 -9.15 49.20
N PRO C 554 -26.22 -9.85 50.22
CA PRO C 554 -27.65 -10.22 50.18
C PRO C 554 -28.59 -9.03 50.16
N ASP C 555 -28.17 -7.88 50.69
CA ASP C 555 -29.03 -6.71 50.66
C ASP C 555 -29.17 -6.14 49.25
N LEU C 556 -28.09 -6.18 48.47
CA LEU C 556 -28.14 -5.67 47.10
C LEU C 556 -29.06 -6.52 46.23
N ILE C 557 -29.03 -7.84 46.41
CA ILE C 557 -29.84 -8.73 45.59
C ILE C 557 -31.31 -8.69 45.97
N ALA C 558 -31.65 -8.14 47.13
CA ALA C 558 -33.04 -8.09 47.59
C ALA C 558 -33.60 -6.68 47.63
N GLY C 559 -32.81 -5.67 47.30
CA GLY C 559 -33.30 -4.31 47.27
C GLY C 559 -33.69 -3.74 48.62
N ALA C 560 -32.91 -4.00 49.66
CA ALA C 560 -33.16 -3.49 51.00
C ALA C 560 -32.19 -2.37 51.30
N HIS C 561 -32.71 -1.23 51.78
CA HIS C 561 -31.91 -0.04 52.01
C HIS C 561 -31.96 0.39 53.47
N GLN C 562 -32.01 -0.56 54.38
CA GLN C 562 -32.01 -0.26 55.81
C GLN C 562 -30.62 -0.27 56.42
N ASN C 563 -29.58 -0.46 55.61
CA ASN C 563 -28.20 -0.47 56.08
C ASN C 563 -27.39 0.54 55.28
N ALA C 564 -26.07 0.46 55.40
CA ALA C 564 -25.18 1.35 54.65
C ALA C 564 -25.32 1.09 53.16
N ASP C 565 -25.46 2.18 52.40
CA ASP C 565 -25.64 2.10 50.95
C ASP C 565 -24.29 2.21 50.27
N PRO C 566 -23.88 1.23 49.47
CA PRO C 566 -22.60 1.36 48.75
C PRO C 566 -22.60 2.55 47.80
N VAL C 567 -21.44 3.16 47.67
CA VAL C 567 -21.26 4.31 46.80
C VAL C 567 -21.10 3.82 45.36
N VAL C 568 -21.77 4.48 44.42
CA VAL C 568 -21.78 4.08 43.02
C VAL C 568 -21.00 5.11 42.22
N LEU C 569 -20.09 4.64 41.37
CA LEU C 569 -19.31 5.49 40.49
C LEU C 569 -19.56 5.08 39.04
N ASP C 570 -19.41 6.05 38.13
CA ASP C 570 -19.72 5.84 36.72
C ASP C 570 -18.45 5.98 35.89
N VAL C 571 -18.25 5.03 34.97
CA VAL C 571 -17.06 4.97 34.15
C VAL C 571 -17.46 4.76 32.70
N SER C 572 -16.53 5.06 31.79
CA SER C 572 -16.76 4.94 30.36
C SER C 572 -16.38 3.55 29.86
N TRP C 573 -16.72 3.27 28.60
CA TRP C 573 -16.46 1.95 28.05
C TRP C 573 -14.98 1.74 27.75
N ILE C 574 -14.31 2.73 27.16
CA ILE C 574 -12.90 2.56 26.82
C ILE C 574 -12.02 2.55 28.06
N SER C 575 -12.54 3.03 29.19
CA SER C 575 -11.78 3.00 30.43
C SER C 575 -11.49 1.58 30.87
N LEU C 576 -12.35 0.62 30.51
CA LEU C 576 -12.09 -0.77 30.88
C LEU C 576 -10.86 -1.30 30.16
N TRP C 577 -10.75 -1.06 28.86
CA TRP C 577 -9.56 -1.47 28.12
C TRP C 577 -8.32 -0.76 28.64
N PHE C 578 -8.43 0.54 28.89
CA PHE C 578 -7.28 1.28 29.38
C PHE C 578 -6.84 0.77 30.76
N ALA C 579 -7.80 0.41 31.62
CA ALA C 579 -7.46 -0.13 32.93
C ALA C 579 -6.85 -1.51 32.81
N PHE C 580 -7.30 -2.31 31.85
CA PHE C 580 -6.68 -3.61 31.64
C PHE C 580 -5.25 -3.47 31.15
N ASN C 581 -4.94 -2.39 30.43
CA ASN C 581 -3.59 -2.20 29.92
C ASN C 581 -2.72 -1.30 30.80
N ARG C 582 -3.14 -1.02 32.03
CA ARG C 582 -2.36 -0.18 32.94
C ARG C 582 -2.42 -0.80 34.33
N SER C 583 -1.26 -1.18 34.87
CA SER C 583 -1.19 -1.69 36.23
C SER C 583 -0.84 -0.57 37.19
N PHE C 584 -1.17 -0.78 38.46
CA PHE C 584 -0.94 0.22 39.50
C PHE C 584 0.20 -0.24 40.39
N GLU C 585 1.23 0.59 40.48
CA GLU C 585 2.45 0.28 41.21
C GLU C 585 2.68 1.32 42.30
N PRO C 586 2.56 0.97 43.59
CA PRO C 586 2.75 1.98 44.63
C PRO C 586 4.21 2.38 44.76
N THR C 587 4.44 3.69 44.84
CA THR C 587 5.79 4.23 44.97
C THR C 587 6.04 4.99 46.26
N HIS C 588 5.01 5.56 46.87
CA HIS C 588 5.15 6.25 48.14
C HIS C 588 3.99 5.87 49.04
N ARG C 589 4.28 5.20 50.15
CA ARG C 589 3.24 4.89 51.11
C ARG C 589 2.80 6.17 51.83
N ASN C 590 1.61 6.09 52.43
CA ASN C 590 1.01 7.27 53.03
C ASN C 590 1.86 7.80 54.17
N GLU C 591 2.01 9.13 54.22
CA GLU C 591 2.87 9.74 55.23
C GLU C 591 2.31 9.59 56.63
N MET C 592 1.00 9.41 56.78
CA MET C 592 0.38 9.28 58.09
C MET C 592 0.03 7.84 58.43
N LEU C 593 0.72 6.88 57.81
CA LEU C 593 0.41 5.47 58.07
C LEU C 593 0.76 5.08 59.49
N GLU C 594 1.91 5.53 60.00
CA GLU C 594 2.35 5.13 61.33
C GLU C 594 1.81 6.01 62.44
N VAL C 595 1.17 7.13 62.11
CA VAL C 595 0.62 8.02 63.13
C VAL C 595 -0.86 7.70 63.39
N ALA C 596 -1.45 6.82 62.59
CA ALA C 596 -2.90 6.56 62.68
C ALA C 596 -3.38 6.07 64.04
N PRO C 597 -2.72 5.11 64.72
CA PRO C 597 -3.28 4.63 66.00
C PRO C 597 -3.45 5.71 67.06
N LEU C 598 -2.52 6.67 67.14
CA LEU C 598 -2.67 7.76 68.10
C LEU C 598 -3.89 8.61 67.77
N ILE C 599 -4.10 8.88 66.49
CA ILE C 599 -5.27 9.65 66.04
C ILE C 599 -6.56 8.91 66.42
N GLU C 600 -6.58 7.60 66.18
CA GLU C 600 -7.74 6.80 66.50
C GLU C 600 -8.04 6.82 68.00
N SER C 601 -7.00 6.71 68.82
CA SER C 601 -7.19 6.74 70.27
C SER C 601 -7.74 8.09 70.73
N VAL C 602 -7.21 9.18 70.18
CA VAL C 602 -7.69 10.51 70.56
C VAL C 602 -9.16 10.67 70.18
N TYR C 603 -9.52 10.24 68.96
CA TYR C 603 -10.90 10.33 68.50
C TYR C 603 -11.85 9.55 69.41
N ALA C 604 -11.46 8.32 69.77
CA ALA C 604 -12.29 7.50 70.64
C ALA C 604 -12.45 8.14 72.02
N SER C 605 -11.36 8.70 72.57
CA SER C 605 -11.44 9.33 73.88
C SER C 605 -12.38 10.52 73.87
N GLU C 606 -12.31 11.36 72.83
CA GLU C 606 -13.20 12.51 72.76
C GLU C 606 -14.65 12.09 72.64
N LEU C 607 -14.93 11.05 71.82
CA LEU C 607 -16.29 10.57 71.72
C LEU C 607 -16.81 10.05 73.06
N SER C 608 -15.95 9.35 73.80
CA SER C 608 -16.36 8.83 75.12
C SER C 608 -16.67 9.97 76.08
N VAL C 609 -15.85 11.03 76.06
CA VAL C 609 -16.11 12.18 76.93
C VAL C 609 -17.45 12.81 76.60
N MET C 610 -17.74 12.97 75.30
CA MET C 610 -19.03 13.53 74.90
C MET C 610 -20.19 12.66 75.38
N LYS C 611 -20.05 11.34 75.25
CA LYS C 611 -21.11 10.44 75.71
C LYS C 611 -21.36 10.58 77.20
N VAL C 612 -20.29 10.64 78.00
CA VAL C 612 -20.46 10.74 79.45
C VAL C 612 -21.13 12.06 79.82
N ASP C 613 -20.72 13.15 79.18
CA ASP C 613 -21.33 14.45 79.48
C ASP C 613 -22.82 14.45 79.15
N MET C 614 -23.18 13.92 77.99
CA MET C 614 -24.60 13.90 77.60
C MET C 614 -25.41 13.01 78.54
N ARG C 615 -24.85 11.87 78.91
CA ARG C 615 -25.54 10.94 79.80
C ARG C 615 -25.82 11.59 81.15
N HIS C 616 -24.87 12.35 81.67
CA HIS C 616 -25.11 13.00 82.95
C HIS C 616 -26.02 14.22 82.84
N LEU C 617 -25.96 14.94 81.71
CA LEU C 617 -26.81 16.11 81.57
C LEU C 617 -28.26 15.76 81.27
N SER C 618 -28.54 14.53 80.83
CA SER C 618 -29.90 14.19 80.44
C SER C 618 -30.91 14.23 81.58
N LEU C 619 -30.48 14.13 82.83
CA LEU C 619 -31.39 14.00 83.96
C LEU C 619 -31.74 15.32 84.62
N MET C 620 -31.18 16.43 84.14
CA MET C 620 -31.34 17.71 84.82
C MET C 620 -32.80 18.17 84.84
N GLN C 621 -33.52 17.98 83.74
CA GLN C 621 -34.90 18.45 83.67
C GLN C 621 -35.78 17.70 84.67
N ARG C 622 -35.57 16.40 84.82
CA ARG C 622 -36.31 15.66 85.83
C ARG C 622 -35.89 16.07 87.24
N ARG C 623 -34.62 16.42 87.44
CA ARG C 623 -34.18 16.75 88.79
C ARG C 623 -34.72 18.09 89.27
N PHE C 624 -34.77 19.09 88.39
CA PHE C 624 -35.21 20.44 88.76
C PHE C 624 -36.30 20.92 87.80
N PRO C 625 -37.56 20.59 88.06
CA PRO C 625 -38.63 21.05 87.17
C PRO C 625 -38.81 22.55 87.14
N ASP C 626 -38.49 23.24 88.24
CA ASP C 626 -38.83 24.66 88.34
C ASP C 626 -37.93 25.53 87.48
N VAL C 627 -36.71 25.09 87.21
CA VAL C 627 -35.77 25.90 86.43
C VAL C 627 -35.85 25.55 84.94
N LEU C 628 -36.00 24.28 84.61
CA LEU C 628 -35.93 23.81 83.23
C LEU C 628 -37.32 23.50 82.69
N ILE C 629 -38.32 24.32 83.02
CA ILE C 629 -39.70 24.01 82.68
C ILE C 629 -39.92 24.07 81.17
N GLN C 630 -39.20 24.93 80.46
CA GLN C 630 -39.38 25.09 79.02
C GLN C 630 -38.19 24.58 78.23
N ALA C 631 -37.46 23.59 78.75
CA ALA C 631 -36.29 23.06 78.08
C ALA C 631 -36.67 21.90 77.17
N ARG C 632 -35.83 21.66 76.18
CA ARG C 632 -35.94 20.58 75.22
C ARG C 632 -34.60 19.89 75.10
N PRO C 633 -34.57 18.63 74.65
CA PRO C 633 -33.28 17.91 74.53
C PRO C 633 -32.28 18.59 73.61
N SER C 634 -32.78 19.28 72.57
CA SER C 634 -31.87 19.97 71.66
C SER C 634 -31.05 21.03 72.37
N HIS C 635 -31.58 21.58 73.47
CA HIS C 635 -30.84 22.60 74.21
C HIS C 635 -29.55 22.04 74.79
N PHE C 636 -29.63 20.92 75.52
CA PHE C 636 -28.41 20.37 76.10
C PHE C 636 -27.55 19.69 75.04
N TRP C 637 -28.16 19.22 73.96
CA TRP C 637 -27.35 18.77 72.82
C TRP C 637 -26.46 19.88 72.29
N LYS C 638 -27.04 21.06 72.03
CA LYS C 638 -26.27 22.19 71.54
C LYS C 638 -25.27 22.67 72.58
N ALA C 639 -25.63 22.58 73.87
CA ALA C 639 -24.72 23.00 74.92
C ALA C 639 -23.49 22.12 74.98
N VAL C 640 -23.67 20.80 74.84
CA VAL C 640 -22.52 19.90 74.84
C VAL C 640 -21.66 20.13 73.59
N LEU C 641 -22.31 20.30 72.43
CA LEU C 641 -21.53 20.53 71.22
C LEU C 641 -20.77 21.85 71.22
N ASN C 642 -21.13 22.80 72.09
CA ASN C 642 -20.41 24.06 72.14
C ASN C 642 -19.08 23.95 72.88
N ASP C 643 -18.84 22.86 73.58
CA ASP C 643 -17.60 22.67 74.34
C ASP C 643 -16.70 21.58 73.78
N SER C 644 -17.19 20.80 72.81
CA SER C 644 -16.37 19.76 72.21
C SER C 644 -15.32 20.39 71.29
N PRO C 645 -14.21 19.68 71.05
CA PRO C 645 -13.24 20.17 70.07
C PRO C 645 -13.83 20.18 68.67
N GLU C 646 -13.36 21.12 67.85
CA GLU C 646 -13.91 21.26 66.51
C GLU C 646 -13.52 20.12 65.58
N ALA C 647 -12.42 19.42 65.87
CA ALA C 647 -11.97 18.35 64.99
C ALA C 647 -12.95 17.18 64.99
N VAL C 648 -13.41 16.78 66.18
CA VAL C 648 -14.35 15.67 66.27
C VAL C 648 -15.68 16.04 65.64
N LYS C 649 -16.12 17.28 65.85
CA LYS C 649 -17.34 17.74 65.21
C LYS C 649 -17.21 17.71 63.69
N ALA C 650 -16.04 18.10 63.17
CA ALA C 650 -15.82 18.04 61.73
C ALA C 650 -15.86 16.60 61.23
N VAL C 651 -15.23 15.68 61.96
CA VAL C 651 -15.21 14.28 61.54
C VAL C 651 -16.63 13.73 61.48
N MET C 652 -17.46 14.06 62.47
CA MET C 652 -18.85 13.64 62.42
C MET C 652 -19.61 14.32 61.29
N ASN C 653 -19.29 15.59 61.00
CA ASN C 653 -20.00 16.31 59.95
C ASN C 653 -19.66 15.79 58.56
N LEU C 654 -18.53 15.10 58.40
CA LEU C 654 -18.29 14.42 57.13
C LEU C 654 -19.40 13.45 56.77
N SER C 655 -20.04 12.84 57.76
CA SER C 655 -21.15 11.92 57.51
C SER C 655 -22.50 12.57 57.71
N HIS C 656 -22.63 13.49 58.67
CA HIS C 656 -23.91 14.08 58.98
C HIS C 656 -24.29 15.22 58.04
N SER C 657 -23.44 15.55 57.08
CA SER C 657 -23.78 16.61 56.14
C SER C 657 -24.80 16.16 55.10
N HIS C 658 -24.95 14.86 54.87
CA HIS C 658 -25.99 14.39 53.96
C HIS C 658 -26.77 13.19 54.49
N ASN C 659 -26.64 12.84 55.76
CA ASN C 659 -27.50 11.87 56.41
C ASN C 659 -28.14 12.52 57.62
N PHE C 660 -29.44 12.34 57.78
CA PHE C 660 -30.20 13.05 58.79
C PHE C 660 -30.31 12.23 60.06
N ILE C 661 -30.10 12.89 61.21
CA ILE C 661 -30.27 12.30 62.52
C ILE C 661 -31.07 13.26 63.37
N ASN C 662 -31.66 12.72 64.44
CA ASN C 662 -32.49 13.52 65.34
C ASN C 662 -32.22 13.08 66.77
N ILE C 663 -33.11 13.44 67.68
CA ILE C 663 -32.90 13.22 69.10
C ILE C 663 -32.85 11.73 69.42
N ARG C 664 -33.67 10.92 68.74
CA ARG C 664 -33.73 9.50 69.04
C ARG C 664 -32.41 8.81 68.75
N ASP C 665 -31.77 9.15 67.63
CA ASP C 665 -30.47 8.57 67.30
C ASP C 665 -29.44 8.94 68.35
N MET C 666 -29.43 10.20 68.77
CA MET C 666 -28.46 10.64 69.77
C MET C 666 -28.67 9.96 71.11
N MET C 667 -29.92 9.81 71.53
CA MET C 667 -30.18 9.13 72.80
C MET C 667 -29.79 7.67 72.73
N ARG C 668 -30.09 7.00 71.61
CA ARG C 668 -29.71 5.59 71.49
C ARG C 668 -28.21 5.44 71.50
N TRP C 669 -27.48 6.38 70.87
CA TRP C 669 -26.03 6.31 70.91
C TRP C 669 -25.50 6.57 72.30
N VAL C 670 -26.12 7.49 73.04
CA VAL C 670 -25.68 7.79 74.39
C VAL C 670 -25.85 6.59 75.31
N MET C 671 -26.99 5.90 75.21
CA MET C 671 -27.26 4.81 76.13
C MET C 671 -26.42 3.56 75.88
N LEU C 672 -25.67 3.49 74.77
CA LEU C 672 -24.91 2.30 74.47
C LEU C 672 -23.71 2.17 75.42
N PRO C 673 -23.46 0.97 75.95
CA PRO C 673 -22.39 0.75 76.94
C PRO C 673 -21.02 0.42 76.36
N SER C 674 -20.32 1.45 75.90
CA SER C 674 -18.98 1.25 75.34
C SER C 674 -18.20 2.55 75.50
N LEU C 675 -17.07 2.49 76.19
CA LEU C 675 -16.22 3.65 76.40
C LEU C 675 -14.76 3.26 76.20
N GLN C 676 -13.96 4.24 75.81
CA GLN C 676 -12.53 4.04 75.63
C GLN C 676 -11.80 4.62 76.84
N PRO C 677 -11.25 3.80 77.73
CA PRO C 677 -10.64 4.34 78.94
C PRO C 677 -9.41 5.18 78.64
N SER C 678 -9.27 6.27 79.38
CA SER C 678 -8.14 7.18 79.24
C SER C 678 -8.07 8.03 80.49
N LEU C 679 -7.07 8.91 80.53
CA LEU C 679 -6.92 9.78 81.69
C LEU C 679 -8.07 10.79 81.77
N LYS C 680 -8.35 11.46 80.65
CA LYS C 680 -9.38 12.49 80.65
C LYS C 680 -10.77 11.90 80.93
N LEU C 681 -11.05 10.73 80.37
CA LEU C 681 -12.35 10.11 80.59
C LEU C 681 -12.57 9.74 82.05
N ALA C 682 -11.58 9.11 82.67
CA ALA C 682 -11.70 8.73 84.08
C ALA C 682 -11.83 9.97 84.96
N LEU C 683 -11.04 11.01 84.67
CA LEU C 683 -11.13 12.23 85.44
C LEU C 683 -12.49 12.89 85.30
N GLU C 684 -13.06 12.89 84.09
CA GLU C 684 -14.37 13.49 83.88
C GLU C 684 -15.46 12.70 84.60
N GLU C 685 -15.40 11.38 84.56
CA GLU C 685 -16.38 10.57 85.27
C GLU C 685 -16.32 10.83 86.77
N GLU C 686 -15.11 10.88 87.33
CA GLU C 686 -14.99 11.16 88.75
C GLU C 686 -15.45 12.58 89.09
N ALA C 687 -15.23 13.53 88.17
CA ALA C 687 -15.71 14.89 88.41
C ALA C 687 -17.22 14.93 88.48
N TRP C 688 -17.91 14.23 87.57
CA TRP C 688 -19.36 14.20 87.61
C TRP C 688 -19.85 13.52 88.89
N ALA C 689 -19.20 12.43 89.28
CA ALA C 689 -19.59 11.74 90.51
C ALA C 689 -19.42 12.64 91.73
N ALA C 690 -18.33 13.42 91.76
CA ALA C 690 -18.11 14.32 92.88
C ALA C 690 -19.10 15.47 92.88
N ALA C 691 -19.48 15.95 91.71
CA ALA C 691 -20.42 17.05 91.59
C ALA C 691 -21.87 16.59 91.53
N ASN C 692 -22.14 15.32 91.85
CA ASN C 692 -23.51 14.82 91.90
C ASN C 692 -24.39 15.67 92.81
N ASP C 693 -23.87 16.07 93.96
CA ASP C 693 -24.60 16.93 94.88
C ASP C 693 -24.39 18.39 94.51
N PHE C 694 -25.49 19.10 94.23
CA PHE C 694 -25.35 20.48 93.78
C PHE C 694 -25.07 21.46 94.89
N GLU C 695 -25.21 21.05 96.15
CA GLU C 695 -24.78 21.92 97.24
C GLU C 695 -23.28 22.15 97.19
N ASP C 696 -22.53 21.21 96.62
CA ASP C 696 -21.11 21.39 96.41
C ASP C 696 -20.80 22.36 95.27
N LEU C 697 -21.78 22.68 94.44
CA LEU C 697 -21.59 23.68 93.39
C LEU C 697 -22.03 25.07 93.83
N MET C 698 -22.41 25.23 95.09
CA MET C 698 -22.74 26.53 95.69
C MET C 698 -23.91 27.20 94.98
N LEU C 699 -25.01 26.46 94.82
CA LEU C 699 -26.27 27.06 94.39
C LEU C 699 -27.40 26.22 94.96
N THR C 700 -28.41 26.90 95.50
CA THR C 700 -29.47 26.22 96.22
C THR C 700 -30.75 27.05 96.14
N ASP C 701 -31.82 26.48 96.68
CA ASP C 701 -33.12 27.15 96.72
C ASP C 701 -33.64 27.40 98.13
N GLN C 702 -32.85 27.10 99.16
CA GLN C 702 -33.27 27.28 100.55
C GLN C 702 -32.93 28.71 100.99
N VAL C 703 -33.75 29.65 100.52
CA VAL C 703 -33.60 31.06 100.86
C VAL C 703 -34.91 31.54 101.47
N TYR C 704 -34.82 32.20 102.63
CA TYR C 704 -35.99 32.61 103.38
C TYR C 704 -35.90 34.07 103.78
N MET C 705 -37.07 34.68 103.96
CA MET C 705 -37.19 36.05 104.42
C MET C 705 -37.78 36.06 105.81
N HIS C 706 -37.12 36.75 106.75
CA HIS C 706 -37.51 36.70 108.14
C HIS C 706 -36.93 37.91 108.85
N ARG C 707 -37.67 38.46 109.80
CA ARG C 707 -37.26 39.64 110.53
C ARG C 707 -36.43 39.24 111.74
N ASP C 708 -35.15 39.65 111.76
CA ASP C 708 -34.24 39.28 112.84
C ASP C 708 -33.41 40.51 113.19
N MET C 709 -32.87 40.50 114.40
CA MET C 709 -32.13 41.62 114.96
C MET C 709 -30.64 41.30 115.02
N LEU C 710 -29.81 42.29 114.72
CA LEU C 710 -28.38 42.13 114.93
C LEU C 710 -28.09 42.09 116.43
N PRO C 711 -27.13 41.27 116.85
CA PRO C 711 -26.83 41.17 118.29
C PRO C 711 -26.23 42.45 118.84
N GLU C 712 -26.47 42.68 120.12
CA GLU C 712 -25.93 43.83 120.84
C GLU C 712 -25.32 43.33 122.14
N PRO C 713 -24.11 42.77 122.09
CA PRO C 713 -23.50 42.22 123.30
C PRO C 713 -23.06 43.32 124.26
N ARG C 714 -22.91 42.94 125.52
CA ARG C 714 -22.52 43.88 126.57
C ARG C 714 -21.03 43.75 126.85
N LEU C 715 -20.33 44.88 126.84
CA LEU C 715 -18.88 44.93 127.05
C LEU C 715 -18.55 45.16 128.52
N ASP C 716 -19.09 44.33 129.42
CA ASP C 716 -18.85 44.54 130.84
C ASP C 716 -17.39 44.33 131.20
N ASP C 717 -16.73 43.36 130.55
CA ASP C 717 -15.31 43.13 130.71
C ASP C 717 -14.73 43.07 129.31
N ILE C 718 -13.65 43.82 129.07
CA ILE C 718 -13.16 43.98 127.71
C ILE C 718 -12.34 42.76 127.29
N GLU C 719 -11.33 42.40 128.07
CA GLU C 719 -10.46 41.29 127.66
C GLU C 719 -11.18 39.96 127.66
N ARG C 720 -12.12 39.76 128.60
CA ARG C 720 -12.92 38.54 128.58
C ARG C 720 -13.76 38.45 127.31
N PHE C 721 -14.36 39.57 126.90
CA PHE C 721 -15.12 39.58 125.66
C PHE C 721 -14.22 39.34 124.46
N ARG C 722 -13.03 39.94 124.46
CA ARG C 722 -12.11 39.77 123.34
C ARG C 722 -11.61 38.34 123.24
N GLN C 723 -11.56 37.63 124.36
CA GLN C 723 -11.07 36.25 124.34
C GLN C 723 -11.96 35.35 123.51
N GLU C 724 -13.27 35.49 123.62
CA GLU C 724 -14.19 34.71 122.81
C GLU C 724 -14.37 35.37 121.45
N GLY C 725 -14.37 34.55 120.41
CA GLY C 725 -14.46 35.06 119.06
C GLY C 725 -15.86 35.34 118.60
N PHE C 726 -16.44 36.44 119.07
CA PHE C 726 -17.82 36.76 118.75
C PHE C 726 -17.97 37.13 117.28
N TYR C 727 -18.99 36.57 116.64
CA TYR C 727 -19.26 36.85 115.24
C TYR C 727 -20.72 36.51 114.97
N TYR C 728 -21.22 37.03 113.85
CA TYR C 728 -22.61 36.83 113.47
C TYR C 728 -22.68 36.39 112.01
N THR C 729 -23.71 35.61 111.70
CA THR C 729 -23.94 35.16 110.33
C THR C 729 -25.42 34.95 110.12
N ASN C 730 -25.82 34.98 108.84
CA ASN C 730 -27.19 34.68 108.47
C ASN C 730 -27.37 33.24 108.03
N MET C 731 -26.32 32.43 108.11
CA MET C 731 -26.44 31.00 107.85
C MET C 731 -27.32 30.35 108.91
N LEU C 732 -28.18 29.44 108.47
CA LEU C 732 -29.11 28.76 109.35
C LEU C 732 -28.60 27.36 109.66
N GLU C 733 -28.70 26.97 110.94
CA GLU C 733 -28.30 25.62 111.32
C GLU C 733 -29.21 24.58 110.69
N ALA C 734 -30.52 24.83 110.69
CA ALA C 734 -31.49 23.91 110.11
C ALA C 734 -32.63 24.71 109.51
N PRO C 735 -33.32 24.18 108.51
CA PRO C 735 -34.47 24.89 107.97
C PRO C 735 -35.56 25.00 109.01
N PRO C 736 -36.42 26.00 108.91
CA PRO C 736 -37.47 26.20 109.91
C PRO C 736 -38.51 25.09 109.83
N GLU C 737 -39.43 25.12 110.79
CA GLU C 737 -40.52 24.16 110.81
C GLU C 737 -41.43 24.37 109.60
N ILE C 738 -42.00 23.26 109.12
CA ILE C 738 -42.80 23.31 107.91
C ILE C 738 -44.11 24.05 108.12
N ASP C 739 -44.61 24.11 109.36
CA ASP C 739 -45.88 24.76 109.64
C ASP C 739 -45.72 26.23 110.00
N ARG C 740 -44.53 26.78 109.90
CA ARG C 740 -44.29 28.20 110.18
C ARG C 740 -43.78 28.95 108.95
N VAL C 741 -43.87 28.36 107.77
CA VAL C 741 -43.39 28.99 106.55
C VAL C 741 -44.56 29.10 105.58
N VAL C 742 -44.63 30.23 104.87
CA VAL C 742 -45.67 30.50 103.90
C VAL C 742 -45.02 30.56 102.53
N GLN C 743 -45.51 29.75 101.60
CA GLN C 743 -44.90 29.58 100.29
C GLN C 743 -45.65 30.44 99.28
N TYR C 744 -44.95 31.39 98.67
CA TYR C 744 -45.52 32.18 97.59
C TYR C 744 -45.12 31.67 96.22
N THR C 745 -45.96 31.97 95.24
CA THR C 745 -45.74 31.67 93.85
C THR C 745 -46.17 32.92 93.09
N TYR C 746 -45.85 32.98 91.79
CA TYR C 746 -46.18 34.17 91.01
C TYR C 746 -47.69 34.41 90.98
N GLU C 747 -48.48 33.32 90.90
CA GLU C 747 -49.93 33.48 90.81
C GLU C 747 -50.52 34.09 92.08
N ILE C 748 -50.07 33.63 93.24
CA ILE C 748 -50.59 34.17 94.50
C ILE C 748 -50.25 35.65 94.64
N ALA C 749 -49.02 36.01 94.31
CA ALA C 749 -48.61 37.40 94.38
C ALA C 749 -49.41 38.26 93.42
N ARG C 750 -49.65 37.76 92.21
CA ARG C 750 -50.43 38.52 91.24
C ARG C 750 -51.87 38.71 91.69
N LEU C 751 -52.48 37.67 92.27
CA LEU C 751 -53.84 37.81 92.78
C LEU C 751 -53.91 38.84 93.90
N GLN C 752 -52.97 38.76 94.85
CA GLN C 752 -52.98 39.71 95.96
C GLN C 752 -52.70 41.12 95.49
N ALA C 753 -51.88 41.29 94.44
CA ALA C 753 -51.66 42.61 93.87
C ALA C 753 -52.91 43.12 93.18
N ASN C 754 -53.65 42.23 92.53
CA ASN C 754 -54.91 42.62 91.90
C ASN C 754 -55.91 43.12 92.94
N MET C 755 -55.99 42.44 94.06
CA MET C 755 -56.90 42.90 95.12
C MET C 755 -56.29 43.99 95.99
N GLY C 756 -55.05 44.38 95.75
CA GLY C 756 -54.39 45.37 96.58
C GLY C 756 -54.11 44.94 98.00
N GLN C 757 -53.60 43.72 98.19
CA GLN C 757 -53.31 43.21 99.52
C GLN C 757 -51.90 42.63 99.66
N PHE C 758 -51.02 42.85 98.68
CA PHE C 758 -49.70 42.24 98.72
C PHE C 758 -48.87 42.76 99.89
N ARG C 759 -48.73 44.09 99.96
CA ARG C 759 -47.92 44.70 101.01
C ARG C 759 -48.50 44.44 102.38
N ALA C 760 -49.83 44.53 102.51
CA ALA C 760 -50.47 44.28 103.80
C ALA C 760 -50.26 42.84 104.25
N ALA C 761 -50.38 41.90 103.34
CA ALA C 761 -50.18 40.50 103.69
C ALA C 761 -48.74 40.23 104.11
N LEU C 762 -47.78 40.80 103.38
CA LEU C 762 -46.38 40.61 103.76
C LEU C 762 -46.10 41.22 105.14
N ARG C 763 -46.64 42.41 105.40
CA ARG C 763 -46.47 43.03 106.70
C ARG C 763 -47.07 42.18 107.81
N ARG C 764 -48.26 41.63 107.58
CA ARG C 764 -48.91 40.81 108.59
C ARG C 764 -48.12 39.53 108.85
N ILE C 765 -47.58 38.91 107.80
CA ILE C 765 -46.80 37.69 108.01
C ILE C 765 -45.52 37.99 108.77
N MET C 766 -44.83 39.08 108.42
CA MET C 766 -43.59 39.41 109.14
C MET C 766 -43.87 39.77 110.59
N ASP C 767 -44.99 40.44 110.87
CA ASP C 767 -45.29 40.83 112.23
C ASP C 767 -45.71 39.66 113.12
N ASP C 768 -46.01 38.51 112.53
CA ASP C 768 -46.40 37.33 113.28
C ASP C 768 -45.24 36.38 113.54
N ASP C 769 -44.02 36.81 113.20
CA ASP C 769 -42.81 35.98 113.36
C ASP C 769 -42.91 34.68 112.58
N ASP C 770 -43.06 34.81 111.27
CA ASP C 770 -43.15 33.67 110.36
C ASP C 770 -42.03 33.78 109.32
N TRP C 771 -42.09 32.90 108.32
CA TRP C 771 -41.08 32.83 107.28
C TRP C 771 -41.77 32.82 105.92
N VAL C 772 -41.10 33.39 104.93
CA VAL C 772 -41.63 33.50 103.57
C VAL C 772 -40.60 32.97 102.60
N ARG C 773 -41.03 32.10 101.69
CA ARG C 773 -40.18 31.58 100.63
C ARG C 773 -40.77 31.97 99.29
N PHE C 774 -39.94 32.50 98.39
CA PHE C 774 -40.38 32.98 97.09
C PHE C 774 -39.94 31.99 96.01
N GLY C 775 -40.90 31.28 95.44
CA GLY C 775 -40.61 30.39 94.34
C GLY C 775 -39.80 29.18 94.74
N GLY C 776 -39.28 28.51 93.73
CA GLY C 776 -38.45 27.34 93.93
C GLY C 776 -37.29 27.24 92.97
N VAL C 777 -36.84 28.38 92.48
CA VAL C 777 -35.77 28.44 91.49
C VAL C 777 -34.43 28.49 92.20
N LEU C 778 -33.44 27.76 91.67
CA LEU C 778 -32.11 27.78 92.22
C LEU C 778 -31.50 29.17 92.14
N ARG C 779 -30.71 29.53 93.15
CA ARG C 779 -30.11 30.85 93.24
C ARG C 779 -28.61 30.73 93.49
N THR C 780 -27.83 31.55 92.79
CA THR C 780 -26.40 31.61 93.04
C THR C 780 -26.12 32.25 94.38
N VAL C 781 -25.07 31.78 95.06
CA VAL C 781 -24.74 32.22 96.41
C VAL C 781 -23.34 32.83 96.39
N ARG C 782 -23.21 34.02 97.00
CA ARG C 782 -21.95 34.69 97.19
C ARG C 782 -21.56 34.69 98.66
N VAL C 783 -20.27 34.84 98.91
CA VAL C 783 -19.72 34.83 100.27
C VAL C 783 -18.92 36.11 100.48
N LYS C 784 -19.17 36.80 101.59
CA LYS C 784 -18.51 38.06 101.89
C LYS C 784 -18.10 38.08 103.36
N PHE C 785 -17.07 38.88 103.66
CA PHE C 785 -16.59 39.05 105.03
C PHE C 785 -16.50 40.54 105.34
N TYR C 786 -16.95 40.92 106.53
CA TYR C 786 -16.99 42.31 106.94
C TYR C 786 -16.38 42.45 108.34
N ASP C 787 -15.81 43.61 108.60
CA ASP C 787 -15.27 43.93 109.92
C ASP C 787 -15.96 45.13 110.56
N ALA C 788 -16.92 45.75 109.88
CA ALA C 788 -17.70 46.84 110.42
C ALA C 788 -19.16 46.61 110.02
N ARG C 789 -19.99 47.60 110.26
CA ARG C 789 -21.40 47.48 109.89
C ARG C 789 -21.53 47.40 108.38
N PRO C 790 -22.20 46.40 107.84
CA PRO C 790 -22.27 46.22 106.40
C PRO C 790 -23.14 47.29 105.75
N PRO C 791 -22.98 47.51 104.45
CA PRO C 791 -23.84 48.47 103.75
C PRO C 791 -25.28 48.01 103.71
N ASP C 792 -26.18 48.97 103.55
CA ASP C 792 -27.61 48.74 103.63
C ASP C 792 -28.19 48.05 102.40
N ASP C 793 -27.35 47.53 101.52
CA ASP C 793 -27.83 46.74 100.39
C ASP C 793 -27.91 45.27 100.78
N VAL C 794 -26.80 44.72 101.26
CA VAL C 794 -26.81 43.32 101.71
C VAL C 794 -27.66 43.15 102.95
N LEU C 795 -27.67 44.13 103.83
CA LEU C 795 -28.49 44.12 105.03
C LEU C 795 -29.73 44.95 104.77
N GLN C 796 -30.89 44.39 105.11
CA GLN C 796 -32.19 45.05 104.91
C GLN C 796 -32.40 45.38 103.44
N GLY C 797 -32.43 44.33 102.62
CA GLY C 797 -32.70 44.46 101.21
C GLY C 797 -33.68 43.41 100.75
N LEU C 798 -34.84 43.86 100.27
CA LEU C 798 -35.91 42.93 99.98
C LEU C 798 -35.58 42.10 98.74
N PRO C 799 -35.93 40.82 98.73
CA PRO C 799 -35.58 39.94 97.60
C PRO C 799 -36.55 39.98 96.43
N PHE C 800 -37.42 40.99 96.35
CA PHE C 800 -38.37 41.10 95.24
C PHE C 800 -38.51 42.57 94.87
N SER C 801 -39.06 42.81 93.68
CA SER C 801 -39.35 44.15 93.21
C SER C 801 -40.81 44.22 92.79
N TYR C 802 -41.50 45.27 93.23
CA TYR C 802 -42.93 45.46 92.97
C TYR C 802 -43.15 46.90 92.53
N ASP C 803 -43.63 47.08 91.30
CA ASP C 803 -43.82 48.40 90.72
C ASP C 803 -45.22 48.53 90.13
N THR C 804 -45.70 49.77 90.08
CA THR C 804 -47.03 50.07 89.58
C THR C 804 -46.98 51.25 88.62
N ASN C 805 -47.61 51.10 87.46
CA ASN C 805 -47.68 52.15 86.45
C ASN C 805 -49.12 52.40 86.07
N GLU C 806 -49.36 53.54 85.43
CA GLU C 806 -50.68 53.89 84.91
C GLU C 806 -50.53 54.38 83.49
N ARG C 807 -51.27 53.76 82.57
CA ARG C 807 -51.28 54.15 81.17
C ARG C 807 -52.71 54.21 80.67
N GLY C 808 -53.11 55.35 80.12
CA GLY C 808 -54.40 55.47 79.49
C GLY C 808 -55.59 55.19 80.39
N GLY C 809 -55.44 55.44 81.68
CA GLY C 809 -56.50 55.14 82.63
C GLY C 809 -56.53 53.72 83.14
N LEU C 810 -55.55 52.89 82.78
CA LEU C 810 -55.47 51.52 83.27
C LEU C 810 -54.21 51.33 84.10
N ALA C 811 -54.33 50.56 85.17
CA ALA C 811 -53.22 50.30 86.08
C ALA C 811 -52.54 48.99 85.75
N TYR C 812 -51.22 49.01 85.75
CA TYR C 812 -50.41 47.82 85.51
C TYR C 812 -49.47 47.59 86.67
N ALA C 813 -49.18 46.32 86.93
CA ALA C 813 -48.32 45.92 88.03
C ALA C 813 -47.21 45.01 87.52
N THR C 814 -46.02 45.14 88.10
CA THR C 814 -44.87 44.34 87.72
C THR C 814 -44.22 43.77 88.96
N ILE C 815 -44.04 42.46 89.00
CA ILE C 815 -43.44 41.76 90.14
C ILE C 815 -42.30 40.89 89.63
N LYS C 816 -41.13 41.04 90.24
CA LYS C 816 -39.96 40.24 89.87
C LYS C 816 -39.29 39.68 91.11
N TYR C 817 -38.77 38.46 90.98
CA TYR C 817 -38.01 37.81 92.04
C TYR C 817 -36.53 37.88 91.74
N ALA C 818 -35.73 38.14 92.77
CA ALA C 818 -34.28 38.18 92.60
C ALA C 818 -33.73 36.78 92.39
N THR C 819 -32.57 36.72 91.72
CA THR C 819 -31.92 35.45 91.42
C THR C 819 -30.54 35.33 92.03
N GLU C 820 -30.21 36.16 93.01
CA GLU C 820 -28.89 36.15 93.63
C GLU C 820 -29.03 36.43 95.11
N THR C 821 -28.21 35.75 95.92
CA THR C 821 -28.27 35.90 97.36
C THR C 821 -26.84 35.97 97.90
N THR C 822 -26.73 36.43 99.14
CA THR C 822 -25.43 36.67 99.75
C THR C 822 -25.40 36.15 101.18
N ILE C 823 -24.39 35.36 101.50
CA ILE C 823 -24.10 34.94 102.87
C ILE C 823 -22.96 35.80 103.38
N PHE C 824 -23.16 36.46 104.52
CA PHE C 824 -22.17 37.37 105.07
C PHE C 824 -21.82 36.98 106.50
N TYR C 825 -20.54 37.10 106.83
CA TYR C 825 -20.05 36.89 108.18
C TYR C 825 -19.56 38.23 108.72
N LEU C 826 -20.02 38.58 109.92
CA LEU C 826 -19.70 39.85 110.54
C LEU C 826 -18.88 39.61 111.80
N ILE C 827 -17.73 40.29 111.88
CA ILE C 827 -16.79 40.13 113.00
C ILE C 827 -16.77 41.42 113.80
N TYR C 828 -16.87 41.30 115.12
CA TYR C 828 -16.95 42.46 116.00
C TYR C 828 -15.56 42.81 116.51
N ASN C 829 -15.20 44.08 116.42
CA ASN C 829 -13.95 44.59 116.96
C ASN C 829 -14.24 45.69 117.97
N VAL C 830 -13.54 45.66 119.09
CA VAL C 830 -13.76 46.59 120.18
C VAL C 830 -12.42 47.20 120.58
N GLU C 831 -12.50 48.33 121.29
CA GLU C 831 -11.33 49.04 121.76
C GLU C 831 -11.42 49.20 123.27
N PHE C 832 -10.26 49.46 123.89
CA PHE C 832 -10.20 49.58 125.34
C PHE C 832 -10.95 50.79 125.88
N SER C 833 -11.23 51.77 125.03
CA SER C 833 -11.96 52.96 125.47
C SER C 833 -13.46 52.78 125.41
N ASN C 834 -13.95 51.64 124.95
CA ASN C 834 -15.38 51.42 124.82
C ASN C 834 -16.03 51.25 126.19
N THR C 835 -17.18 51.89 126.35
CA THR C 835 -17.98 51.74 127.56
C THR C 835 -18.75 50.42 127.52
N PRO C 836 -19.15 49.90 128.68
CA PRO C 836 -19.87 48.62 128.68
C PRO C 836 -21.19 48.62 127.96
N ASP C 837 -21.81 49.77 127.75
CA ASP C 837 -23.09 49.86 127.05
C ASP C 837 -22.96 50.63 125.74
N SER C 838 -21.80 50.53 125.09
CA SER C 838 -21.55 51.31 123.89
C SER C 838 -22.26 50.75 122.66
N LEU C 839 -22.43 49.43 122.58
CA LEU C 839 -22.99 48.82 121.39
C LEU C 839 -24.51 48.73 121.41
N VAL C 840 -25.15 49.12 122.51
CA VAL C 840 -26.59 49.02 122.61
C VAL C 840 -27.25 50.24 122.00
N LEU C 841 -28.26 50.02 121.17
CA LEU C 841 -29.03 51.09 120.55
C LEU C 841 -30.43 51.14 121.15
N ILE C 842 -31.07 52.30 121.01
CA ILE C 842 -32.44 52.45 121.49
C ILE C 842 -33.38 51.56 120.67
N ASN C 843 -33.22 51.55 119.35
CA ASN C 843 -34.04 50.70 118.50
C ASN C 843 -33.16 49.77 117.68
N PRO C 844 -33.55 48.52 117.51
CA PRO C 844 -32.69 47.56 116.82
C PRO C 844 -32.64 47.78 115.32
N THR C 845 -31.61 47.22 114.71
CA THR C 845 -31.46 47.20 113.26
C THR C 845 -31.85 45.82 112.74
N TYR C 846 -32.71 45.79 111.74
CA TYR C 846 -33.30 44.56 111.27
C TYR C 846 -32.54 43.99 110.07
N THR C 847 -32.56 42.67 109.96
CA THR C 847 -32.02 41.97 108.81
C THR C 847 -33.10 41.03 108.26
N MET C 848 -33.09 40.83 106.94
CA MET C 848 -34.22 40.21 106.26
C MET C 848 -33.81 39.11 105.28
N THR C 849 -32.80 38.30 105.60
CA THR C 849 -32.38 37.24 104.70
C THR C 849 -31.77 36.09 105.48
N LYS C 850 -32.17 34.86 105.16
CA LYS C 850 -31.58 33.66 105.74
C LYS C 850 -31.33 32.64 104.65
N VAL C 851 -30.16 31.99 104.71
CA VAL C 851 -29.75 31.00 103.72
C VAL C 851 -29.29 29.75 104.46
N PHE C 852 -29.70 28.59 103.97
CA PHE C 852 -29.34 27.31 104.57
C PHE C 852 -28.52 26.49 103.59
N ILE C 853 -27.28 26.19 103.95
CA ILE C 853 -26.41 25.29 103.20
C ILE C 853 -25.77 24.34 104.19
N ASN C 854 -25.88 23.04 103.92
CA ASN C 854 -25.40 22.02 104.85
C ASN C 854 -23.93 21.68 104.60
N LYS C 855 -23.09 22.70 104.71
CA LYS C 855 -21.66 22.54 104.55
C LYS C 855 -20.94 23.35 105.63
N ARG C 856 -19.74 22.92 105.97
CA ARG C 856 -18.92 23.61 106.97
C ARG C 856 -17.97 24.58 106.28
N ILE C 857 -18.54 25.66 105.75
CA ILE C 857 -17.74 26.65 105.04
C ILE C 857 -16.84 27.41 106.01
N VAL C 858 -17.40 27.88 107.12
CA VAL C 858 -16.66 28.67 108.10
C VAL C 858 -16.95 28.12 109.48
N GLU C 859 -15.90 27.90 110.28
CA GLU C 859 -16.09 27.43 111.63
C GLU C 859 -15.17 28.17 112.59
N ARG C 860 -15.52 28.16 113.86
CA ARG C 860 -14.70 28.74 114.92
C ARG C 860 -14.00 27.61 115.66
N VAL C 861 -12.68 27.65 115.71
CA VAL C 861 -11.89 26.54 116.26
C VAL C 861 -10.86 27.08 117.22
N ARG C 862 -10.62 26.32 118.29
CA ARG C 862 -9.51 26.60 119.19
C ARG C 862 -8.20 26.26 118.49
N VAL C 863 -7.10 26.73 119.08
CA VAL C 863 -5.79 26.51 118.47
C VAL C 863 -5.38 25.05 118.55
N GLY C 864 -5.99 24.27 119.43
CA GLY C 864 -5.70 22.85 119.48
C GLY C 864 -6.33 22.04 118.38
N GLN C 865 -7.26 22.61 117.63
CA GLN C 865 -7.93 21.93 116.53
C GLN C 865 -7.37 22.34 115.17
N ILE C 866 -6.31 23.14 115.13
CA ILE C 866 -5.79 23.61 113.85
C ILE C 866 -5.28 22.45 113.03
N LEU C 867 -4.54 21.53 113.66
CA LEU C 867 -3.99 20.37 112.98
C LEU C 867 -4.89 19.16 113.05
N ALA C 868 -6.19 19.35 113.26
CA ALA C 868 -7.15 18.25 113.35
C ALA C 868 -7.79 17.93 112.01
N VAL C 869 -7.37 18.60 110.93
CA VAL C 869 -7.93 18.34 109.60
C VAL C 869 -7.01 17.47 108.76
N LEU C 870 -6.00 16.86 109.37
CA LEU C 870 -5.04 16.03 108.65
C LEU C 870 -5.56 14.60 108.61
N ASN C 871 -6.30 14.27 107.56
CA ASN C 871 -6.83 12.92 107.42
C ASN C 871 -6.84 12.44 105.97
N ARG C 872 -5.94 12.93 105.13
CA ARG C 872 -5.86 12.51 103.74
C ARG C 872 -4.51 11.85 103.48
N ARG C 873 -4.53 10.69 102.81
CA ARG C 873 -3.31 9.94 102.53
C ARG C 873 -2.72 10.43 101.22
N PHE C 874 -1.54 11.06 101.30
CA PHE C 874 -0.86 11.60 100.15
C PHE C 874 0.37 10.76 99.82
N VAL C 875 0.58 10.50 98.53
CA VAL C 875 1.70 9.73 98.04
C VAL C 875 2.57 10.64 97.17
N ALA C 876 3.85 10.73 97.50
CA ALA C 876 4.81 11.53 96.76
C ALA C 876 5.92 10.64 96.23
N TYR C 877 6.48 11.04 95.10
CA TYR C 877 7.57 10.30 94.48
C TYR C 877 8.90 10.92 94.86
N LYS C 878 9.92 10.07 94.95
CA LYS C 878 11.22 10.50 95.44
C LYS C 878 11.85 11.51 94.49
N GLY C 879 12.63 12.43 95.06
CA GLY C 879 13.26 13.47 94.26
C GLY C 879 14.37 12.97 93.37
N LYS C 880 14.98 11.83 93.70
CA LYS C 880 16.06 11.30 92.89
C LYS C 880 15.57 10.47 91.71
N MET C 881 14.30 10.12 91.67
CA MET C 881 13.72 9.45 90.51
C MET C 881 13.21 10.47 89.51
N ARG C 882 12.79 9.99 88.34
CA ARG C 882 12.34 10.86 87.28
C ARG C 882 11.01 10.38 86.71
N ILE C 883 10.23 11.35 86.22
CA ILE C 883 8.94 11.09 85.60
C ILE C 883 8.94 11.76 84.24
N MET C 884 8.55 11.01 83.19
CA MET C 884 8.42 11.60 81.88
C MET C 884 7.22 11.02 81.15
N ASP C 885 6.67 11.81 80.24
CA ASP C 885 5.50 11.46 79.46
C ASP C 885 5.97 10.97 78.10
N ILE C 886 5.53 9.77 77.72
CA ILE C 886 6.02 9.15 76.50
C ILE C 886 4.87 8.84 75.54
N THR C 887 3.81 9.65 75.60
CA THR C 887 2.72 9.49 74.65
C THR C 887 3.19 9.73 73.22
N GLN C 888 3.95 10.82 73.02
CA GLN C 888 4.48 11.13 71.69
C GLN C 888 5.43 10.07 71.18
N SER C 889 5.94 9.20 72.06
CA SER C 889 6.80 8.11 71.63
C SER C 889 6.04 6.98 70.95
N LEU C 890 4.72 7.02 70.97
CA LEU C 890 3.96 5.94 70.35
C LEU C 890 3.80 6.10 68.85
N LYS C 891 4.30 7.19 68.27
CA LYS C 891 4.22 7.42 66.84
C LYS C 891 5.57 7.36 66.15
N MET C 892 6.64 7.03 66.87
CA MET C 892 7.98 7.02 66.30
C MET C 892 8.23 5.64 65.67
N GLY C 893 8.20 5.59 64.34
CA GLY C 893 8.44 4.35 63.64
C GLY C 893 8.86 4.64 62.21
N THR C 894 9.23 3.59 61.51
CA THR C 894 9.64 3.69 60.12
C THR C 894 8.90 2.67 59.28
N LYS C 895 8.67 3.03 58.01
CA LYS C 895 7.88 2.22 57.09
C LYS C 895 8.81 1.45 56.16
N LEU C 896 8.63 0.14 56.10
CA LEU C 896 9.42 -0.69 55.20
C LEU C 896 8.93 -0.50 53.78
N ALA C 897 9.87 -0.44 52.84
CA ALA C 897 9.56 -0.25 51.43
C ALA C 897 9.71 -1.56 50.69
N ALA C 898 8.71 -1.89 49.86
CA ALA C 898 8.77 -3.11 49.09
C ALA C 898 9.85 -3.02 48.01
N PRO C 899 10.52 -4.13 47.70
CA PRO C 899 11.51 -4.10 46.63
C PRO C 899 10.86 -3.87 45.28
N THR C 900 11.63 -3.25 44.38
CA THR C 900 11.12 -2.91 43.06
C THR C 900 12.25 -2.97 42.06
N VAL C 901 11.88 -2.91 40.79
CA VAL C 901 12.85 -2.93 39.70
C VAL C 901 13.66 -1.63 39.69
N GLN D 7 56.39 -13.79 67.12
CA GLN D 7 56.96 -14.63 68.17
C GLN D 7 55.90 -15.56 68.76
N ARG D 8 54.65 -15.34 68.39
CA ARG D 8 53.64 -16.28 68.86
C ARG D 8 53.24 -17.23 67.73
N PRO D 9 53.11 -18.52 68.03
CA PRO D 9 52.74 -19.49 66.99
C PRO D 9 51.35 -19.26 66.41
N GLU D 10 50.47 -18.58 67.13
CA GLU D 10 49.13 -18.32 66.62
C GLU D 10 49.12 -17.31 65.49
N ARG D 11 50.12 -16.44 65.42
CA ARG D 11 50.15 -15.37 64.43
C ARG D 11 50.91 -15.76 63.17
N ILE D 12 51.39 -17.00 63.07
CA ILE D 12 52.10 -17.45 61.89
C ILE D 12 51.08 -17.80 60.80
N LYS D 13 51.22 -17.17 59.65
CA LYS D 13 50.35 -17.41 58.51
C LYS D 13 51.15 -18.08 57.41
N THR D 14 50.65 -19.20 56.91
CA THR D 14 51.32 -19.98 55.89
C THR D 14 50.55 -20.06 54.59
N THR D 15 49.30 -19.66 54.57
CA THR D 15 48.43 -19.68 53.40
C THR D 15 47.81 -18.31 53.23
N PRO D 16 47.67 -17.82 52.02
CA PRO D 16 47.11 -16.47 51.83
C PRO D 16 45.61 -16.37 52.08
N TYR D 17 44.99 -17.42 52.63
CA TYR D 17 43.56 -17.37 52.92
C TYR D 17 43.27 -16.35 54.01
N LEU D 18 44.12 -16.26 55.03
CA LEU D 18 43.89 -15.37 56.15
C LEU D 18 44.58 -14.01 55.99
N GLU D 19 45.20 -13.75 54.85
CA GLU D 19 45.90 -12.50 54.61
C GLU D 19 44.98 -11.56 53.83
N GLY D 20 44.85 -10.32 54.31
CA GLY D 20 43.97 -9.38 53.68
C GLY D 20 44.36 -7.95 54.01
N ASP D 21 43.56 -7.01 53.52
CA ASP D 21 43.86 -5.60 53.70
C ASP D 21 43.62 -5.17 55.14
N VAL D 22 44.17 -4.01 55.48
CA VAL D 22 44.00 -3.41 56.80
C VAL D 22 43.03 -2.25 56.67
N LEU D 23 42.00 -2.23 57.52
CA LEU D 23 40.96 -1.22 57.42
C LEU D 23 41.08 -0.13 58.47
N SER D 24 41.18 -0.49 59.74
CA SER D 24 41.25 0.48 60.81
C SER D 24 41.93 -0.16 62.02
N SER D 25 42.10 0.64 63.07
CA SER D 25 42.72 0.17 64.30
C SER D 25 42.03 0.81 65.48
N ASP D 26 42.12 0.15 66.63
CA ASP D 26 41.56 0.68 67.87
C ASP D 26 42.26 0.05 69.06
N SER D 27 42.12 0.68 70.22
CA SER D 27 42.79 0.24 71.43
C SER D 27 41.89 0.53 72.63
N GLY D 28 42.37 0.14 73.81
CA GLY D 28 41.63 0.32 75.03
C GLY D 28 41.32 1.76 75.42
N PRO D 29 42.34 2.62 75.48
CA PRO D 29 42.09 4.02 75.87
C PRO D 29 41.16 4.76 74.94
N LEU D 30 41.00 4.32 73.69
CA LEU D 30 40.00 4.94 72.82
C LEU D 30 38.62 4.34 73.02
N LEU D 31 38.53 3.01 73.14
CA LEU D 31 37.24 2.36 73.24
C LEU D 31 36.53 2.67 74.55
N SER D 32 37.28 2.83 75.65
CA SER D 32 36.64 3.15 76.92
C SER D 32 35.93 4.50 76.87
N VAL D 33 36.63 5.53 76.39
CA VAL D 33 36.02 6.84 76.31
C VAL D 33 34.91 6.86 75.27
N PHE D 34 35.04 6.05 74.21
CA PHE D 34 33.95 5.94 73.24
C PHE D 34 32.69 5.38 73.88
N ALA D 35 32.83 4.32 74.69
CA ALA D 35 31.68 3.72 75.35
C ALA D 35 31.04 4.70 76.31
N LEU D 36 31.84 5.43 77.08
CA LEU D 36 31.28 6.41 78.00
C LEU D 36 30.52 7.50 77.25
N GLN D 37 31.10 7.99 76.14
CA GLN D 37 30.44 9.02 75.36
C GLN D 37 29.09 8.54 74.84
N GLU D 38 29.04 7.32 74.31
CA GLU D 38 27.77 6.83 73.77
C GLU D 38 26.73 6.65 74.87
N ILE D 39 27.15 6.12 76.02
CA ILE D 39 26.21 5.90 77.11
C ILE D 39 25.61 7.22 77.58
N MET D 40 26.44 8.25 77.73
CA MET D 40 25.91 9.52 78.22
C MET D 40 25.09 10.23 77.14
N GLN D 41 25.50 10.11 75.88
CA GLN D 41 24.78 10.78 74.80
C GLN D 41 23.38 10.24 74.65
N LYS D 42 23.20 8.93 74.83
CA LYS D 42 21.87 8.36 74.69
C LYS D 42 20.90 8.95 75.71
N VAL D 43 21.30 9.03 76.98
CA VAL D 43 20.39 9.52 78.00
C VAL D 43 20.16 11.01 77.84
N ARG D 44 21.18 11.76 77.42
CA ARG D 44 20.95 13.19 77.19
C ARG D 44 19.96 13.41 76.05
N GLN D 45 20.07 12.63 74.97
CA GLN D 45 19.11 12.76 73.88
C GLN D 45 17.70 12.41 74.31
N VAL D 46 17.55 11.32 75.07
CA VAL D 46 16.21 10.91 75.50
C VAL D 46 15.60 11.97 76.41
N GLN D 47 16.37 12.50 77.36
CA GLN D 47 15.82 13.52 78.25
C GLN D 47 15.55 14.82 77.51
N ALA D 48 16.26 15.08 76.42
CA ALA D 48 15.97 16.29 75.65
C ALA D 48 14.71 16.15 74.79
N ASP D 49 14.43 14.96 74.28
CA ASP D 49 13.33 14.80 73.35
C ASP D 49 11.96 14.83 74.01
N TYR D 50 11.86 14.56 75.31
CA TYR D 50 10.57 14.44 75.97
C TYR D 50 10.57 15.25 77.26
N MET D 51 9.37 15.62 77.70
CA MET D 51 9.23 16.37 78.93
C MET D 51 9.47 15.47 80.12
N THR D 52 10.40 15.87 80.99
CA THR D 52 10.76 15.07 82.15
C THR D 52 10.90 15.98 83.36
N ALA D 53 10.77 15.40 84.55
CA ALA D 53 10.83 16.13 85.81
C ALA D 53 11.80 15.44 86.74
N THR D 54 12.97 16.04 86.95
CA THR D 54 13.99 15.49 87.82
C THR D 54 14.99 16.59 88.15
N ARG D 55 15.88 16.28 89.10
CA ARG D 55 16.93 17.21 89.45
C ARG D 55 17.95 17.34 88.32
N GLU D 56 18.52 18.53 88.19
CA GLU D 56 19.46 18.78 87.10
C GLU D 56 20.80 18.13 87.41
N VAL D 57 21.25 17.25 86.52
CA VAL D 57 22.55 16.61 86.61
C VAL D 57 23.24 16.79 85.27
N ASP D 58 24.47 17.28 85.30
CA ASP D 58 25.21 17.56 84.08
C ASP D 58 26.01 16.31 83.75
N PHE D 59 25.75 15.74 82.57
CA PHE D 59 26.39 14.49 82.17
C PHE D 59 27.64 14.78 81.36
N THR D 60 28.77 14.77 82.04
CA THR D 60 30.06 14.93 81.39
C THR D 60 30.75 13.58 81.25
N VAL D 61 31.83 13.58 80.46
CA VAL D 61 32.72 12.44 80.35
C VAL D 61 34.12 12.91 80.76
N PRO D 62 34.79 12.20 81.65
CA PRO D 62 36.17 12.59 81.99
C PRO D 62 37.19 11.85 81.15
N ASP D 63 38.47 12.12 81.35
CA ASP D 63 39.54 11.37 80.70
C ASP D 63 40.08 10.35 81.69
N VAL D 64 40.04 9.07 81.32
CA VAL D 64 40.44 8.03 82.25
C VAL D 64 41.95 7.90 82.37
N GLN D 65 42.71 8.43 81.40
CA GLN D 65 44.16 8.31 81.47
C GLN D 65 44.74 9.09 82.63
N LYS D 66 44.24 10.31 82.86
CA LYS D 66 44.68 11.09 84.02
C LYS D 66 44.30 10.39 85.31
N ILE D 67 43.12 9.76 85.35
CA ILE D 67 42.69 9.07 86.55
C ILE D 67 43.62 7.91 86.85
N LEU D 68 43.98 7.13 85.83
CA LEU D 68 44.88 6.01 86.04
C LEU D 68 46.26 6.49 86.46
N ASP D 69 46.74 7.58 85.86
CA ASP D 69 48.04 8.12 86.25
C ASP D 69 48.03 8.58 87.70
N ASP D 70 46.94 9.22 88.14
CA ASP D 70 46.84 9.67 89.52
C ASP D 70 46.80 8.48 90.47
N ILE D 71 46.06 7.42 90.11
CA ILE D 71 46.00 6.24 90.96
C ILE D 71 47.38 5.61 91.08
N LYS D 72 48.11 5.51 89.97
CA LYS D 72 49.45 4.95 90.03
C LYS D 72 50.38 5.80 90.88
N ALA D 73 50.26 7.13 90.77
CA ALA D 73 51.09 8.01 91.58
C ALA D 73 50.75 7.91 93.05
N LEU D 74 49.51 7.54 93.37
CA LEU D 74 49.10 7.43 94.78
C LEU D 74 49.84 6.32 95.52
N ALA D 75 50.45 5.38 94.81
CA ALA D 75 51.12 4.25 95.46
C ALA D 75 52.49 4.59 96.01
N ALA D 76 53.03 5.77 95.69
CA ALA D 76 54.35 6.16 96.15
C ALA D 76 54.32 6.97 97.44
N GLU D 77 53.14 7.23 97.99
CA GLU D 77 53.06 8.01 99.22
C GLU D 77 53.48 7.18 100.42
N GLN D 78 53.95 7.86 101.46
CA GLN D 78 54.38 7.23 102.70
C GLN D 78 53.55 7.77 103.85
N VAL D 79 53.01 6.86 104.67
CA VAL D 79 52.21 7.24 105.82
C VAL D 79 53.04 7.29 107.10
N TYR D 80 54.36 7.33 106.98
CA TYR D 80 55.26 7.35 108.12
C TYR D 80 56.40 8.30 107.84
N LYS D 81 57.06 8.74 108.90
CA LYS D 81 58.18 9.66 108.76
C LYS D 81 59.32 9.21 109.67
N ILE D 82 60.53 9.62 109.33
CA ILE D 82 61.74 9.24 110.04
C ILE D 82 62.32 10.47 110.70
N VAL D 83 62.53 10.40 112.02
CA VAL D 83 62.98 11.55 112.78
C VAL D 83 64.16 11.15 113.66
N LYS D 84 64.89 12.18 114.11
CA LYS D 84 66.04 11.95 114.97
C LYS D 84 65.68 11.99 116.45
N VAL D 85 64.79 12.88 116.86
CA VAL D 85 64.34 12.95 118.24
C VAL D 85 62.81 12.96 118.28
N PRO D 86 62.20 12.41 119.33
CA PRO D 86 60.74 12.49 119.45
C PRO D 86 60.29 13.90 119.80
N SER D 87 59.02 14.17 119.51
CA SER D 87 58.45 15.45 119.86
C SER D 87 58.30 15.59 121.37
N ILE D 88 58.34 16.82 121.86
CA ILE D 88 58.24 17.07 123.29
C ILE D 88 56.82 16.75 123.74
N SER D 89 56.72 15.98 124.82
CA SER D 89 55.43 15.56 125.35
C SER D 89 55.09 16.17 126.71
N PHE D 90 56.07 16.65 127.46
CA PHE D 90 55.82 17.24 128.77
C PHE D 90 56.58 18.55 128.88
N ARG D 91 55.91 19.57 129.45
CA ARG D 91 56.53 20.85 129.71
C ARG D 91 56.25 21.26 131.14
N HIS D 92 57.02 22.23 131.62
CA HIS D 92 56.94 22.64 133.01
C HIS D 92 56.70 24.13 133.12
N ILE D 93 55.97 24.52 134.15
CA ILE D 93 55.72 25.92 134.47
C ILE D 93 56.21 26.16 135.89
N VAL D 94 56.98 27.24 136.06
CA VAL D 94 57.61 27.57 137.33
C VAL D 94 56.84 28.75 137.95
N MET D 95 56.56 28.63 139.23
CA MET D 95 55.92 29.69 140.01
C MET D 95 57.00 30.40 140.82
N GLN D 96 56.58 31.27 141.73
CA GLN D 96 57.54 31.94 142.58
C GLN D 96 58.22 30.99 143.56
N SER D 97 57.64 29.82 143.80
CA SER D 97 58.28 28.84 144.66
C SER D 97 59.46 28.20 143.94
N ARG D 98 60.53 27.93 144.71
CA ARG D 98 61.70 27.25 144.17
C ARG D 98 61.76 25.79 144.63
N ASP D 99 60.66 25.25 145.14
CA ASP D 99 60.60 23.85 145.56
C ASP D 99 59.64 23.03 144.72
N ARG D 100 58.50 23.59 144.33
CA ARG D 100 57.50 22.89 143.55
C ARG D 100 57.25 23.61 142.24
N VAL D 101 56.94 22.84 141.19
CA VAL D 101 56.54 23.38 139.91
C VAL D 101 55.25 22.68 139.48
N LEU D 102 54.75 23.03 138.30
CA LEU D 102 53.58 22.32 137.81
C LEU D 102 53.80 21.90 136.37
N ARG D 103 53.55 20.63 136.08
CA ARG D 103 53.85 20.06 134.78
C ARG D 103 52.58 19.84 133.97
N VAL D 104 52.72 20.02 132.66
CA VAL D 104 51.62 19.99 131.71
C VAL D 104 51.95 18.97 130.63
N ASP D 105 50.97 18.14 130.28
CA ASP D 105 51.06 17.22 129.16
C ASP D 105 50.58 17.96 127.91
N THR D 106 51.50 18.23 126.99
CA THR D 106 51.20 19.08 125.84
C THR D 106 50.28 18.43 124.83
N TYR D 107 50.05 17.12 124.93
CA TYR D 107 49.18 16.44 123.96
C TYR D 107 47.76 16.98 124.04
N TYR D 108 47.26 17.20 125.25
CA TYR D 108 45.90 17.70 125.40
C TYR D 108 45.79 19.14 124.92
N GLU D 109 46.82 19.95 125.17
CA GLU D 109 46.80 21.32 124.66
C GLU D 109 46.79 21.34 123.14
N GLU D 110 47.56 20.45 122.50
CA GLU D 110 47.50 20.38 121.05
C GLU D 110 46.16 19.84 120.56
N MET D 111 45.57 18.91 121.30
CA MET D 111 44.30 18.32 120.89
C MET D 111 43.15 19.32 120.97
N SER D 112 43.19 20.23 121.94
CA SER D 112 42.08 21.15 122.15
C SER D 112 41.87 22.12 121.00
N GLN D 113 42.82 22.24 120.08
CA GLN D 113 42.71 23.19 118.97
C GLN D 113 42.61 22.52 117.61
N VAL D 114 42.29 21.24 117.56
CA VAL D 114 42.39 20.49 116.31
C VAL D 114 41.26 20.87 115.35
N GLY D 115 40.02 20.85 115.83
CA GLY D 115 38.90 21.05 114.94
C GLY D 115 38.01 22.21 115.28
N ASP D 116 36.86 22.29 114.63
CA ASP D 116 35.88 23.33 114.91
C ASP D 116 35.16 23.06 116.21
N VAL D 117 34.48 24.09 116.71
CA VAL D 117 33.74 23.98 117.96
C VAL D 117 32.47 23.19 117.72
N ILE D 118 32.20 22.22 118.58
CA ILE D 118 31.01 21.39 118.45
C ILE D 118 29.78 22.19 118.82
N THR D 119 28.80 22.20 117.93
CA THR D 119 27.53 22.89 118.15
C THR D 119 26.39 21.90 118.01
N GLU D 120 25.19 22.36 118.39
CA GLU D 120 24.05 21.47 118.49
C GLU D 120 23.47 21.08 117.13
N ASP D 121 23.35 22.02 116.20
CA ASP D 121 22.55 21.83 115.00
C ASP D 121 23.36 21.81 113.71
N GLU D 122 24.60 21.32 113.76
CA GLU D 122 25.44 21.14 112.57
C GLU D 122 26.08 19.77 112.63
N PRO D 123 25.34 18.71 112.26
CA PRO D 123 25.91 17.35 112.35
C PRO D 123 27.11 17.13 111.45
N GLU D 124 27.12 17.74 110.26
CA GLU D 124 28.23 17.53 109.34
C GLU D 124 29.53 18.06 109.90
N LYS D 125 29.49 19.24 110.55
CA LYS D 125 30.68 19.76 111.20
C LYS D 125 31.13 18.88 112.35
N PHE D 126 30.18 18.26 113.07
CA PHE D 126 30.54 17.34 114.14
C PHE D 126 31.31 16.15 113.60
N TYR D 127 30.80 15.56 112.52
CA TYR D 127 31.50 14.42 111.92
C TYR D 127 32.85 14.83 111.39
N SER D 128 32.95 16.01 110.77
CA SER D 128 34.23 16.48 110.25
C SER D 128 35.24 16.68 111.37
N THR D 129 34.79 17.23 112.49
CA THR D 129 35.70 17.44 113.62
C THR D 129 36.21 16.12 114.16
N ILE D 130 35.32 15.12 114.29
CA ILE D 130 35.76 13.81 114.77
C ILE D 130 36.79 13.20 113.82
N ILE D 131 36.53 13.28 112.52
CA ILE D 131 37.45 12.71 111.53
C ILE D 131 38.80 13.40 111.60
N LYS D 132 38.80 14.73 111.71
CA LYS D 132 40.07 15.45 111.75
C LYS D 132 40.86 15.11 113.00
N LYS D 133 40.18 14.95 114.14
CA LYS D 133 40.89 14.58 115.36
C LYS D 133 41.52 13.19 115.24
N VAL D 134 40.79 12.24 114.67
CA VAL D 134 41.34 10.89 114.51
C VAL D 134 42.54 10.91 113.57
N ARG D 135 42.44 11.63 112.47
CA ARG D 135 43.57 11.72 111.54
C ARG D 135 44.76 12.42 112.18
N PHE D 136 44.51 13.40 113.05
CA PHE D 136 45.61 14.05 113.76
C PHE D 136 46.32 13.07 114.66
N ILE D 137 45.57 12.22 115.37
CA ILE D 137 46.21 11.21 116.21
C ILE D 137 47.07 10.27 115.37
N ARG D 138 46.52 9.83 114.23
CA ARG D 138 47.26 8.90 113.39
C ARG D 138 48.55 9.53 112.86
N GLY D 139 48.47 10.80 112.43
CA GLY D 139 49.66 11.46 111.93
C GLY D 139 50.70 11.70 113.01
N LYS D 140 50.25 12.05 114.21
CA LYS D 140 51.19 12.31 115.29
C LYS D 140 51.87 11.03 115.77
N GLY D 141 51.19 9.89 115.65
CA GLY D 141 51.71 8.69 116.26
C GLY D 141 52.69 7.85 115.47
N SER D 142 52.72 8.01 114.15
CA SER D 142 53.48 7.11 113.28
C SER D 142 54.82 7.76 112.94
N PHE D 143 55.88 7.31 113.58
CA PHE D 143 57.23 7.81 113.31
C PHE D 143 58.25 6.73 113.64
N ILE D 144 59.42 6.85 113.05
CA ILE D 144 60.53 5.92 113.27
C ILE D 144 61.74 6.71 113.72
N LEU D 145 62.33 6.30 114.84
CA LEU D 145 63.55 6.92 115.33
C LEU D 145 64.75 6.39 114.57
N HIS D 146 65.77 7.23 114.42
CA HIS D 146 66.93 6.89 113.62
C HIS D 146 68.06 7.85 113.95
N ASP D 147 69.22 7.30 114.33
CA ASP D 147 70.45 8.06 114.56
C ASP D 147 70.28 9.09 115.69
N ILE D 148 69.98 8.57 116.88
CA ILE D 148 69.80 9.42 118.06
C ILE D 148 71.16 9.84 118.61
N PRO D 149 71.26 10.96 119.30
CA PRO D 149 72.53 11.34 119.92
C PRO D 149 72.75 10.68 121.27
N THR D 150 74.00 10.26 121.51
CA THR D 150 74.40 9.61 122.74
C THR D 150 75.66 10.26 123.27
N ARG D 151 76.10 9.80 124.44
CA ARG D 151 77.30 10.33 125.07
C ARG D 151 77.97 9.21 125.86
N ASP D 152 79.26 9.35 126.11
CA ASP D 152 80.02 8.41 126.92
C ASP D 152 80.25 9.00 128.30
N HIS D 153 79.98 8.19 129.33
CA HIS D 153 80.09 8.66 130.71
C HIS D 153 80.33 7.47 131.62
N ARG D 154 81.33 7.59 132.50
CA ARG D 154 81.65 6.57 133.49
C ARG D 154 81.88 5.21 132.86
N GLY D 155 82.38 5.19 131.63
CA GLY D 155 82.61 3.93 130.95
C GLY D 155 81.37 3.25 130.42
N MET D 156 80.33 4.01 130.10
CA MET D 156 79.13 3.40 129.51
C MET D 156 78.35 4.48 128.77
N GLU D 157 77.41 4.03 127.94
CA GLU D 157 76.65 4.93 127.07
C GLU D 157 75.46 5.51 127.81
N VAL D 158 75.22 6.80 127.61
CA VAL D 158 74.14 7.55 128.25
C VAL D 158 73.41 8.34 127.18
N ALA D 159 72.08 8.27 127.20
CA ALA D 159 71.28 9.02 126.24
C ALA D 159 71.32 10.50 126.56
N GLU D 160 71.33 11.33 125.51
CA GLU D 160 71.34 12.76 125.69
C GLU D 160 69.98 13.24 126.20
N PRO D 161 69.95 14.35 126.94
CA PRO D 161 68.65 14.88 127.41
C PRO D 161 67.72 15.31 126.30
N GLU D 162 68.25 15.57 125.11
CA GLU D 162 67.39 16.03 124.02
C GLU D 162 66.47 14.94 123.50
N VAL D 163 66.93 13.69 123.50
CA VAL D 163 66.13 12.61 122.92
C VAL D 163 64.96 12.24 123.83
N LEU D 164 65.06 12.55 125.13
CA LEU D 164 63.92 12.34 126.02
C LEU D 164 62.81 13.33 125.68
N GLY D 165 61.58 12.92 125.93
CA GLY D 165 60.44 13.75 125.59
C GLY D 165 60.05 14.74 126.67
N VAL D 166 61.02 15.18 127.46
CA VAL D 166 60.76 16.09 128.58
C VAL D 166 61.62 17.33 128.39
N GLU D 167 61.02 18.49 128.63
CA GLU D 167 61.72 19.77 128.55
C GLU D 167 61.70 20.40 129.93
N PHE D 168 62.88 20.59 130.53
CA PHE D 168 62.97 21.13 131.88
C PHE D 168 64.16 22.07 132.03
N LYS D 169 64.58 22.73 130.95
CA LYS D 169 65.77 23.56 131.03
C LYS D 169 65.55 24.79 131.90
N ASN D 170 64.36 25.38 131.84
CA ASN D 170 64.12 26.62 132.58
C ASN D 170 63.88 26.39 134.06
N VAL D 171 63.72 25.15 134.49
CA VAL D 171 63.51 24.89 135.91
C VAL D 171 64.84 24.95 136.67
N LEU D 172 65.95 24.65 136.01
CA LEU D 172 67.25 24.55 136.68
C LEU D 172 67.70 25.83 137.39
N PRO D 173 67.65 27.02 136.79
CA PRO D 173 68.28 28.18 137.43
C PRO D 173 67.65 28.61 138.75
N VAL D 174 66.43 28.18 139.06
CA VAL D 174 65.79 28.69 140.28
C VAL D 174 66.09 27.82 141.49
N LEU D 175 66.33 26.53 141.30
CA LEU D 175 66.45 25.62 142.43
C LEU D 175 67.86 25.65 143.02
N THR D 176 68.00 25.02 144.19
CA THR D 176 69.20 25.15 144.99
C THR D 176 70.25 24.11 144.58
N ALA D 177 71.29 23.96 145.41
CA ALA D 177 72.44 23.15 145.01
C ALA D 177 72.16 21.66 145.14
N GLU D 178 71.60 21.24 146.28
CA GLU D 178 71.38 19.82 146.53
C GLU D 178 70.41 19.23 145.51
N HIS D 179 69.33 19.95 145.21
CA HIS D 179 68.41 19.48 144.20
C HIS D 179 69.05 19.45 142.82
N ARG D 180 69.96 20.38 142.54
CA ARG D 180 70.64 20.34 141.24
C ARG D 180 71.54 19.12 141.13
N ALA D 181 72.24 18.77 142.19
CA ALA D 181 73.06 17.55 142.17
C ALA D 181 72.19 16.32 141.99
N MET D 182 71.06 16.26 142.71
CA MET D 182 70.17 15.10 142.58
C MET D 182 69.60 14.98 141.18
N ILE D 183 69.17 16.10 140.59
CA ILE D 183 68.58 16.02 139.26
C ILE D 183 69.65 15.71 138.23
N GLN D 184 70.90 16.15 138.44
CA GLN D 184 71.96 15.81 137.51
C GLN D 184 72.27 14.31 137.56
N ASN D 185 72.32 13.74 138.77
CA ASN D 185 72.53 12.29 138.86
C ASN D 185 71.38 11.51 138.23
N ALA D 186 70.15 11.96 138.46
CA ALA D 186 69.01 11.28 137.85
C ALA D 186 69.06 11.36 136.33
N LEU D 187 69.47 12.52 135.80
CA LEU D 187 69.62 12.66 134.35
C LEU D 187 70.70 11.74 133.82
N ASP D 188 71.82 11.63 134.54
CA ASP D 188 72.89 10.73 134.13
C ASP D 188 72.51 9.27 134.29
N GLY D 189 71.44 8.97 135.02
CA GLY D 189 71.02 7.60 135.18
C GLY D 189 70.33 6.96 133.99
N SER D 190 70.04 7.72 132.94
CA SER D 190 69.39 7.17 131.74
C SER D 190 70.46 6.51 130.88
N ILE D 191 70.28 5.23 130.59
CA ILE D 191 71.33 4.42 130.00
C ILE D 191 70.80 3.74 128.73
N ILE D 192 71.74 3.24 127.93
CA ILE D 192 71.43 2.39 126.78
C ILE D 192 71.79 0.97 127.13
N GLU D 193 70.83 0.06 126.99
CA GLU D 193 71.09 -1.34 127.29
C GLU D 193 72.03 -1.95 126.25
N ASN D 194 72.93 -2.81 126.71
CA ASN D 194 73.94 -3.46 125.87
C ASN D 194 74.79 -2.43 125.13
N GLY D 195 75.21 -1.39 125.84
CA GLY D 195 75.97 -0.33 125.20
C GLY D 195 77.44 -0.63 124.98
N ASN D 196 77.99 -1.59 125.72
CA ASN D 196 79.41 -1.89 125.65
C ASN D 196 79.74 -3.02 124.68
N VAL D 197 78.76 -3.54 123.95
CA VAL D 197 78.98 -4.63 123.01
C VAL D 197 78.95 -4.06 121.59
N ALA D 198 79.90 -4.48 120.78
CA ALA D 198 79.95 -4.07 119.39
C ALA D 198 78.98 -4.92 118.58
N THR D 199 78.89 -4.63 117.28
CA THR D 199 78.03 -5.30 116.32
C THR D 199 76.55 -5.18 116.66
N ARG D 200 76.21 -4.36 117.64
CA ARG D 200 74.80 -4.10 117.96
C ARG D 200 74.20 -3.23 116.88
N ASP D 201 72.93 -3.49 116.55
CA ASP D 201 72.28 -2.78 115.46
C ASP D 201 71.13 -1.88 115.90
N VAL D 202 70.70 -1.95 117.16
CA VAL D 202 69.62 -1.11 117.66
C VAL D 202 70.02 -0.52 118.99
N ASP D 203 69.48 0.66 119.30
CA ASP D 203 69.69 1.32 120.58
C ASP D 203 68.35 1.41 121.31
N VAL D 204 68.31 0.90 122.52
CA VAL D 204 67.07 0.85 123.31
C VAL D 204 67.27 1.66 124.58
N PHE D 205 66.29 2.50 124.91
CA PHE D 205 66.39 3.35 126.07
C PHE D 205 64.99 3.63 126.62
N ILE D 206 64.93 4.46 127.67
CA ILE D 206 63.70 4.77 128.39
C ILE D 206 63.46 6.26 128.32
N GLY D 207 62.28 6.65 127.84
CA GLY D 207 61.89 8.03 127.77
C GLY D 207 60.43 8.25 128.16
N ALA D 208 59.88 9.40 127.81
CA ALA D 208 58.52 9.76 128.17
C ALA D 208 57.69 10.02 126.92
N CYS D 209 56.45 9.53 126.93
CA CYS D 209 55.53 9.74 125.83
C CYS D 209 54.12 9.54 126.34
N SER D 210 53.15 10.09 125.60
CA SER D 210 51.75 9.95 125.96
C SER D 210 51.14 8.72 125.31
N GLU D 211 50.08 8.21 125.92
CA GLU D 211 49.51 6.92 125.53
C GLU D 211 49.00 6.86 124.10
N PRO D 212 48.17 7.80 123.62
CA PRO D 212 47.60 7.64 122.27
C PRO D 212 48.63 7.58 121.16
N VAL D 213 49.77 8.25 121.30
CA VAL D 213 50.79 8.16 120.27
C VAL D 213 51.73 6.98 120.51
N TYR D 214 51.96 6.60 121.77
CA TYR D 214 52.77 5.43 122.07
C TYR D 214 52.14 4.17 121.51
N ARG D 215 50.82 4.09 121.56
CA ARG D 215 50.12 2.93 121.01
C ARG D 215 50.37 2.78 119.51
N ILE D 216 50.26 3.88 118.77
CA ILE D 216 50.49 3.85 117.33
C ILE D 216 51.94 3.51 117.03
N TYR D 217 52.87 4.05 117.83
CA TYR D 217 54.28 3.74 117.62
C TYR D 217 54.58 2.26 117.81
N ASN D 218 54.01 1.66 118.86
CA ASN D 218 54.19 0.23 119.08
C ASN D 218 53.61 -0.59 117.94
N ARG D 219 52.43 -0.21 117.46
CA ARG D 219 51.81 -0.96 116.37
C ARG D 219 52.65 -0.89 115.10
N LEU D 220 53.17 0.29 114.78
CA LEU D 220 54.00 0.43 113.58
C LEU D 220 55.29 -0.38 113.71
N GLN D 221 55.92 -0.35 114.89
CA GLN D 221 57.15 -1.11 115.06
C GLN D 221 56.91 -2.61 114.91
N GLY D 222 55.81 -3.10 115.50
CA GLY D 222 55.49 -4.51 115.33
C GLY D 222 55.21 -4.89 113.90
N TYR D 223 54.48 -4.03 113.17
CA TYR D 223 54.19 -4.31 111.77
C TYR D 223 55.47 -4.37 110.96
N ILE D 224 56.41 -3.46 111.21
CA ILE D 224 57.69 -3.50 110.49
C ILE D 224 58.44 -4.78 110.83
N GLU D 225 58.42 -5.19 112.10
CA GLU D 225 59.16 -6.38 112.49
C GLU D 225 58.58 -7.65 111.88
N ALA D 226 57.26 -7.71 111.68
CA ALA D 226 56.66 -8.94 111.15
C ALA D 226 56.63 -8.96 109.63
N VAL D 227 56.27 -7.86 109.00
CA VAL D 227 56.15 -7.76 107.54
C VAL D 227 57.55 -7.79 106.92
N GLN D 228 57.85 -8.89 106.23
CA GLN D 228 59.22 -9.20 105.82
C GLN D 228 59.18 -10.04 104.53
N LEU D 229 60.26 -10.81 104.31
CA LEU D 229 60.50 -11.50 103.04
C LEU D 229 59.35 -12.42 102.63
N GLN D 230 58.66 -13.06 103.59
CA GLN D 230 57.77 -14.16 103.27
C GLN D 230 56.59 -13.73 102.41
N GLU D 231 55.88 -12.68 102.81
CA GLU D 231 54.73 -12.24 102.03
C GLU D 231 55.16 -11.56 100.74
N LEU D 232 56.39 -11.03 100.69
CA LEU D 232 56.94 -10.61 99.41
C LEU D 232 57.03 -11.79 98.45
N ARG D 233 57.52 -12.93 98.95
CA ARG D 233 57.56 -14.13 98.13
C ARG D 233 56.17 -14.58 97.72
N ASN D 234 55.21 -14.50 98.64
CA ASN D 234 53.83 -14.90 98.31
C ASN D 234 53.24 -14.01 97.22
N SER D 235 53.46 -12.70 97.33
CA SER D 235 52.93 -11.78 96.32
C SER D 235 53.56 -12.04 94.96
N ILE D 236 54.88 -12.25 94.94
CA ILE D 236 55.53 -12.53 93.66
C ILE D 236 55.05 -13.85 93.07
N GLY D 237 54.78 -14.85 93.93
CA GLY D 237 54.25 -16.11 93.43
C GLY D 237 52.87 -15.97 92.82
N TRP D 238 52.00 -15.19 93.46
CA TRP D 238 50.69 -14.93 92.87
C TRP D 238 50.81 -14.21 91.54
N LEU D 239 51.73 -13.23 91.46
CA LEU D 239 51.94 -12.54 90.19
C LEU D 239 52.46 -13.50 89.13
N GLU D 240 53.29 -14.46 89.53
CA GLU D 240 53.76 -15.47 88.59
C GLU D 240 52.60 -16.30 88.06
N ARG D 241 51.68 -16.69 88.93
CA ARG D 241 50.52 -17.46 88.47
C ARG D 241 49.67 -16.66 87.50
N LEU D 242 49.43 -15.39 87.81
CA LEU D 242 48.64 -14.55 86.91
C LEU D 242 49.33 -14.40 85.56
N GLY D 243 50.64 -14.18 85.56
CA GLY D 243 51.38 -14.09 84.31
C GLY D 243 51.37 -15.40 83.53
N HIS D 244 51.41 -16.52 84.24
CA HIS D 244 51.33 -17.82 83.59
C HIS D 244 50.01 -17.99 82.86
N ARG D 245 48.91 -17.54 83.48
CA ARG D 245 47.63 -17.60 82.79
C ARG D 245 47.59 -16.63 81.61
N LYS D 246 48.00 -15.38 81.82
CA LYS D 246 47.94 -14.38 80.76
C LYS D 246 48.95 -14.62 79.65
N ARG D 247 49.88 -15.55 79.83
CA ARG D 247 50.82 -15.99 78.80
C ARG D 247 51.70 -14.81 78.33
N ILE D 248 52.51 -14.34 79.27
CA ILE D 248 53.49 -13.31 78.99
C ILE D 248 54.87 -13.95 78.90
N THR D 249 55.85 -13.16 78.48
CA THR D 249 57.21 -13.65 78.28
C THR D 249 58.13 -13.07 79.34
N TYR D 250 58.96 -13.92 79.94
CA TYR D 250 59.89 -13.52 80.98
C TYR D 250 61.30 -13.41 80.41
N SER D 251 62.13 -12.61 81.07
CA SER D 251 63.52 -12.45 80.69
C SER D 251 64.37 -13.48 81.41
N GLN D 252 65.69 -13.37 81.28
CA GLN D 252 66.60 -14.27 81.98
C GLN D 252 66.94 -13.78 83.39
N GLU D 253 66.45 -12.61 83.78
CA GLU D 253 66.76 -12.04 85.08
C GLU D 253 65.77 -12.55 86.13
N VAL D 254 66.31 -13.01 87.26
CA VAL D 254 65.48 -13.58 88.32
C VAL D 254 65.80 -12.90 89.64
N LEU D 255 64.87 -13.01 90.58
CA LEU D 255 64.96 -12.33 91.86
C LEU D 255 65.44 -13.27 92.95
N THR D 256 66.37 -12.79 93.77
CA THR D 256 66.98 -13.57 94.84
C THR D 256 66.59 -12.98 96.19
N ASP D 257 66.39 -13.85 97.18
CA ASP D 257 65.94 -13.42 98.50
C ASP D 257 67.06 -12.88 99.38
N PHE D 258 68.23 -12.60 98.80
CA PHE D 258 69.34 -12.10 99.60
C PHE D 258 69.04 -10.69 100.09
N ARG D 259 69.21 -10.47 101.39
CA ARG D 259 68.94 -9.17 102.00
C ARG D 259 70.18 -8.70 102.73
N ARG D 260 70.56 -7.45 102.51
CA ARG D 260 71.76 -6.92 103.13
C ARG D 260 71.57 -6.77 104.63
N GLN D 261 72.69 -6.80 105.35
CA GLN D 261 72.66 -6.72 106.80
C GLN D 261 72.33 -5.32 107.31
N ASP D 262 72.29 -4.32 106.44
CA ASP D 262 72.01 -2.94 106.85
C ASP D 262 70.74 -2.39 106.21
N THR D 263 69.83 -3.25 105.78
CA THR D 263 68.63 -2.83 105.07
C THR D 263 67.40 -3.38 105.77
N ILE D 264 66.41 -2.50 105.99
CA ILE D 264 65.12 -2.88 106.53
C ILE D 264 64.06 -2.58 105.49
N TRP D 265 63.28 -3.58 105.13
CA TRP D 265 62.25 -3.44 104.10
C TRP D 265 60.93 -2.98 104.72
N VAL D 266 60.23 -2.11 104.01
CA VAL D 266 58.90 -1.66 104.39
C VAL D 266 57.96 -1.95 103.22
N LEU D 267 57.02 -2.87 103.43
CA LEU D 267 56.07 -3.26 102.40
C LEU D 267 54.68 -2.92 102.90
N ALA D 268 53.91 -2.21 102.09
CA ALA D 268 52.64 -1.66 102.54
C ALA D 268 51.42 -2.22 101.82
N LEU D 269 51.61 -3.03 100.78
CA LEU D 269 50.49 -3.56 100.01
C LEU D 269 50.58 -5.07 99.89
N GLN D 270 49.48 -5.69 99.49
CA GLN D 270 49.41 -7.13 99.24
C GLN D 270 48.75 -7.37 97.90
N LEU D 271 49.20 -8.39 97.18
CA LEU D 271 48.70 -8.67 95.84
C LEU D 271 47.42 -9.51 95.77
N PRO D 272 47.22 -10.55 96.59
CA PRO D 272 45.95 -11.29 96.48
C PRO D 272 44.78 -10.44 96.96
N VAL D 273 44.30 -9.56 96.07
CA VAL D 273 43.23 -8.63 96.42
C VAL D 273 41.92 -9.39 96.55
N ASN D 274 41.19 -9.11 97.62
CA ASN D 274 39.85 -9.67 97.78
C ASN D 274 38.92 -8.98 96.78
N PRO D 275 38.31 -9.72 95.85
CA PRO D 275 37.52 -9.04 94.80
C PRO D 275 36.19 -8.51 95.30
N GLN D 276 35.66 -9.05 96.39
CA GLN D 276 34.35 -8.62 96.86
C GLN D 276 34.33 -7.14 97.18
N VAL D 277 35.43 -6.63 97.74
CA VAL D 277 35.52 -5.21 98.07
C VAL D 277 35.29 -4.34 96.85
N VAL D 278 35.73 -4.81 95.68
CA VAL D 278 35.51 -4.03 94.47
C VAL D 278 34.04 -4.06 94.07
N TRP D 279 33.38 -5.20 94.24
CA TRP D 279 32.02 -5.37 93.73
C TRP D 279 30.95 -5.08 94.75
N ASP D 280 31.30 -4.62 95.94
CA ASP D 280 30.32 -4.25 96.94
C ASP D 280 29.87 -2.80 96.84
N VAL D 281 30.52 -2.01 96.00
CA VAL D 281 30.17 -0.59 95.86
C VAL D 281 28.80 -0.47 95.24
N PRO D 282 27.92 0.39 95.75
CA PRO D 282 26.58 0.52 95.16
C PRO D 282 26.63 1.14 93.78
N ARG D 283 25.98 0.48 92.83
CA ARG D 283 25.84 0.97 91.45
C ARG D 283 27.20 1.24 90.81
N SER D 284 27.98 0.18 90.66
CA SER D 284 29.35 0.30 90.17
C SER D 284 29.65 -0.63 89.00
N SER D 285 28.62 -1.16 88.34
CA SER D 285 28.86 -2.07 87.23
C SER D 285 29.47 -1.34 86.04
N ILE D 286 28.96 -0.15 85.72
CA ILE D 286 29.44 0.60 84.57
C ILE D 286 30.89 1.03 84.77
N ALA D 287 31.21 1.52 85.97
CA ALA D 287 32.58 1.93 86.25
C ALA D 287 33.54 0.75 86.17
N ASN D 288 33.12 -0.41 86.67
CA ASN D 288 33.97 -1.60 86.58
C ASN D 288 34.20 -2.00 85.13
N LEU D 289 33.15 -1.94 84.31
CA LEU D 289 33.31 -2.27 82.91
C LEU D 289 34.27 -1.31 82.21
N ILE D 290 34.14 -0.01 82.49
CA ILE D 290 35.00 0.98 81.87
C ILE D 290 36.45 0.78 82.29
N MET D 291 36.68 0.53 83.58
CA MET D 291 38.05 0.31 84.05
C MET D 291 38.65 -0.96 83.45
N ASN D 292 37.84 -2.01 83.31
CA ASN D 292 38.33 -3.23 82.68
C ASN D 292 38.76 -2.98 81.25
N ILE D 293 37.93 -2.26 80.48
CA ILE D 293 38.28 -1.94 79.10
C ILE D 293 39.55 -1.10 79.07
N ALA D 294 39.66 -0.11 79.96
CA ALA D 294 40.79 0.80 79.94
C ALA D 294 42.10 0.11 80.32
N THR D 295 42.05 -0.90 81.18
CA THR D 295 43.27 -1.49 81.68
C THR D 295 43.71 -2.75 80.95
N CYS D 296 42.78 -3.61 80.51
CA CYS D 296 43.19 -4.93 80.04
C CYS D 296 42.98 -5.18 78.56
N LEU D 297 42.36 -4.27 77.82
CA LEU D 297 42.10 -4.52 76.40
C LEU D 297 43.37 -4.36 75.59
N PRO D 298 43.69 -5.30 74.71
CA PRO D 298 44.89 -5.16 73.86
C PRO D 298 44.62 -4.20 72.71
N THR D 299 45.64 -4.02 71.87
CA THR D 299 45.54 -3.16 70.71
C THR D 299 45.85 -3.93 69.44
N GLY D 300 45.07 -3.66 68.40
CA GLY D 300 45.20 -4.37 67.15
C GLY D 300 44.60 -3.60 66.00
N GLU D 301 44.16 -4.33 64.98
CA GLU D 301 43.65 -3.72 63.77
C GLU D 301 42.63 -4.63 63.11
N TYR D 302 41.84 -4.06 62.22
CA TYR D 302 40.77 -4.78 61.52
C TYR D 302 41.27 -5.24 60.16
N ILE D 303 41.02 -6.51 59.84
CA ILE D 303 41.51 -7.13 58.62
C ILE D 303 40.31 -7.59 57.79
N ALA D 304 40.29 -7.19 56.53
CA ALA D 304 39.25 -7.60 55.60
C ALA D 304 39.55 -9.00 55.05
N PRO D 305 38.53 -9.72 54.61
CA PRO D 305 38.78 -11.04 54.01
C PRO D 305 39.43 -10.91 52.65
N ASN D 306 40.01 -12.02 52.19
CA ASN D 306 40.70 -12.05 50.91
C ASN D 306 39.72 -11.79 49.78
N PRO D 307 40.04 -10.92 48.82
CA PRO D 307 39.11 -10.66 47.71
C PRO D 307 38.88 -11.86 46.81
N ARG D 308 39.76 -12.86 46.84
CA ARG D 308 39.61 -14.01 45.97
C ARG D 308 38.65 -15.05 46.51
N ILE D 309 38.12 -14.85 47.72
CA ILE D 309 37.19 -15.83 48.29
C ILE D 309 35.88 -15.84 47.51
N SER D 310 35.40 -14.66 47.12
CA SER D 310 34.09 -14.54 46.49
C SER D 310 34.15 -14.50 44.97
N SER D 311 35.32 -14.65 44.35
CA SER D 311 35.41 -14.57 42.91
C SER D 311 36.62 -15.34 42.41
N ILE D 312 36.45 -16.02 41.28
CA ILE D 312 37.51 -16.75 40.60
C ILE D 312 37.58 -16.26 39.16
N THR D 313 38.79 -15.97 38.69
CA THR D 313 39.00 -15.51 37.32
C THR D 313 39.54 -16.66 36.50
N LEU D 314 38.67 -17.26 35.68
CA LEU D 314 39.08 -18.39 34.86
C LEU D 314 40.01 -17.94 33.73
N THR D 315 39.71 -16.80 33.11
CA THR D 315 40.54 -16.27 32.05
C THR D 315 40.45 -14.76 32.07
N GLN D 316 40.91 -14.12 30.99
CA GLN D 316 41.02 -12.67 30.97
C GLN D 316 39.66 -12.00 31.05
N ARG D 317 38.66 -12.54 30.37
CA ARG D 317 37.34 -11.93 30.30
C ARG D 317 36.32 -12.57 31.22
N ILE D 318 36.44 -13.87 31.49
CA ILE D 318 35.41 -14.61 32.22
C ILE D 318 35.76 -14.64 33.69
N THR D 319 34.88 -14.07 34.52
CA THR D 319 35.02 -14.12 35.97
C THR D 319 33.68 -14.44 36.59
N THR D 320 33.71 -15.15 37.72
CA THR D 320 32.49 -15.44 38.45
C THR D 320 32.03 -14.20 39.21
N THR D 321 30.72 -14.13 39.44
CA THR D 321 30.09 -12.97 40.08
C THR D 321 29.47 -13.40 41.40
N GLY D 322 29.73 -12.61 42.44
CA GLY D 322 29.15 -12.87 43.74
C GLY D 322 27.74 -12.33 43.86
N PRO D 323 26.95 -12.92 44.76
CA PRO D 323 25.57 -12.45 44.91
C PRO D 323 25.47 -11.06 45.52
N PHE D 324 26.31 -10.76 46.50
CA PHE D 324 26.25 -9.50 47.24
C PHE D 324 27.28 -8.50 46.74
N ALA D 325 27.53 -8.46 45.44
CA ALA D 325 28.55 -7.55 44.91
C ALA D 325 28.16 -6.09 45.11
N ILE D 326 26.86 -5.79 45.17
CA ILE D 326 26.44 -4.41 45.38
C ILE D 326 26.80 -3.94 46.80
N LEU D 327 26.71 -4.84 47.78
CA LEU D 327 27.03 -4.48 49.15
C LEU D 327 28.54 -4.40 49.37
N THR D 328 29.30 -5.30 48.75
CA THR D 328 30.75 -5.32 48.96
C THR D 328 31.44 -4.10 48.38
N GLY D 329 30.80 -3.39 47.45
CA GLY D 329 31.40 -2.18 46.93
C GLY D 329 31.19 -0.95 47.79
N SER D 330 30.32 -1.03 48.78
CA SER D 330 30.02 0.13 49.61
C SER D 330 31.16 0.43 50.56
N THR D 331 31.21 1.68 51.01
CA THR D 331 32.20 2.15 51.96
C THR D 331 31.52 2.77 53.17
N PRO D 332 31.84 2.37 54.38
CA PRO D 332 31.15 2.90 55.56
C PRO D 332 31.46 4.38 55.79
N THR D 333 30.50 5.06 56.39
CA THR D 333 30.69 6.43 56.84
C THR D 333 31.16 6.43 58.29
N ALA D 334 31.07 7.57 58.96
CA ALA D 334 31.50 7.64 60.35
C ALA D 334 30.56 6.87 61.28
N GLN D 335 29.25 7.10 61.12
CA GLN D 335 28.29 6.49 62.03
C GLN D 335 28.26 4.97 61.91
N GLN D 336 28.37 4.47 60.68
CA GLN D 336 28.37 3.02 60.48
C GLN D 336 29.60 2.38 61.10
N LEU D 337 30.76 3.05 60.99
CA LEU D 337 31.97 2.53 61.63
C LEU D 337 31.83 2.53 63.15
N ASN D 338 31.20 3.57 63.71
CA ASN D 338 30.96 3.59 65.15
C ASN D 338 30.05 2.45 65.57
N ASP D 339 29.03 2.15 64.75
CA ASP D 339 28.15 1.03 65.04
C ASP D 339 28.90 -0.31 64.99
N VAL D 340 29.84 -0.43 64.04
CA VAL D 340 30.65 -1.65 63.98
C VAL D 340 31.47 -1.82 65.26
N ARG D 341 32.07 -0.72 65.73
CA ARG D 341 32.80 -0.79 66.98
C ARG D 341 31.90 -1.18 68.14
N LYS D 342 30.66 -0.67 68.15
CA LYS D 342 29.70 -1.07 69.18
C LYS D 342 29.43 -2.56 69.12
N ILE D 343 29.25 -3.11 67.92
CA ILE D 343 28.95 -4.54 67.79
C ILE D 343 30.09 -5.38 68.34
N TYR D 344 31.33 -5.01 68.01
CA TYR D 344 32.46 -5.80 68.51
C TYR D 344 32.60 -5.65 70.02
N LEU D 345 32.35 -4.45 70.55
CA LEU D 345 32.40 -4.26 71.99
C LEU D 345 31.35 -5.11 72.70
N ALA D 346 30.16 -5.22 72.11
CA ALA D 346 29.13 -6.07 72.70
C ALA D 346 29.52 -7.54 72.62
N LEU D 347 30.19 -7.94 71.54
CA LEU D 347 30.62 -9.34 71.43
C LEU D 347 31.67 -9.69 72.47
N MET D 348 32.61 -8.77 72.73
CA MET D 348 33.74 -9.10 73.60
C MET D 348 33.36 -9.15 75.07
N PHE D 349 32.22 -8.58 75.45
CA PHE D 349 31.70 -8.66 76.82
C PHE D 349 30.33 -9.30 76.76
N PRO D 350 30.21 -10.57 77.11
CA PRO D 350 28.99 -11.34 76.75
C PRO D 350 27.70 -10.83 77.34
N GLY D 351 27.62 -10.71 78.66
CA GLY D 351 26.37 -10.37 79.30
C GLY D 351 26.22 -8.94 79.74
N GLN D 352 27.25 -8.12 79.61
CA GLN D 352 27.23 -6.78 80.18
C GLN D 352 26.81 -5.71 79.18
N ILE D 353 26.88 -6.00 77.88
CA ILE D 353 26.43 -5.07 76.85
C ILE D 353 25.48 -5.81 75.92
N ILE D 354 24.32 -5.21 75.67
CA ILE D 354 23.25 -5.82 74.89
C ILE D 354 22.89 -4.88 73.75
N LEU D 355 22.72 -5.44 72.55
CA LEU D 355 22.45 -4.63 71.37
C LEU D 355 20.96 -4.41 71.17
N ASP D 356 20.64 -3.43 70.33
CA ASP D 356 19.26 -3.09 70.01
C ASP D 356 19.25 -2.37 68.67
N LEU D 357 18.06 -2.24 68.09
CA LEU D 357 17.90 -1.67 66.76
C LEU D 357 17.64 -0.18 66.84
N LYS D 358 18.16 0.57 65.87
CA LYS D 358 18.04 2.01 65.81
C LYS D 358 17.20 2.42 64.61
N ILE D 359 16.34 3.41 64.81
CA ILE D 359 15.42 3.89 63.78
C ILE D 359 15.77 5.33 63.47
N ASP D 360 16.06 5.61 62.20
CA ASP D 360 16.30 6.98 61.74
C ASP D 360 15.42 7.23 60.52
N PRO D 361 14.42 8.13 60.63
CA PRO D 361 13.48 8.30 59.52
C PRO D 361 14.11 8.81 58.23
N GLY D 362 15.12 9.67 58.32
CA GLY D 362 15.69 10.24 57.10
C GLY D 362 16.58 9.25 56.36
N GLU D 363 17.09 8.24 57.07
CA GLU D 363 18.10 7.36 56.51
C GLU D 363 17.46 6.43 55.48
N ARG D 364 18.18 6.18 54.38
CA ARG D 364 17.61 5.51 53.21
C ARG D 364 18.56 4.48 52.63
N MET D 365 18.10 3.23 52.55
CA MET D 365 18.80 2.14 51.89
C MET D 365 17.85 1.28 51.08
N ASP D 366 18.47 0.48 50.19
CA ASP D 366 17.68 -0.47 49.37
C ASP D 366 17.24 -1.61 50.29
N PRO D 367 15.99 -2.10 50.16
CA PRO D 367 15.44 -3.10 51.09
C PRO D 367 16.24 -4.40 51.18
N ALA D 368 17.13 -4.68 50.24
CA ALA D 368 17.92 -5.90 50.30
C ALA D 368 18.81 -5.96 51.54
N VAL D 369 19.23 -4.80 52.06
CA VAL D 369 20.14 -4.76 53.19
C VAL D 369 19.50 -5.39 54.42
N ARG D 370 18.22 -5.11 54.65
CA ARG D 370 17.55 -5.63 55.84
C ARG D 370 17.45 -7.15 55.79
N MET D 371 17.06 -7.70 54.64
CA MET D 371 16.91 -9.15 54.58
C MET D 371 18.24 -9.87 54.56
N VAL D 372 19.31 -9.21 54.09
CA VAL D 372 20.63 -9.83 54.23
C VAL D 372 21.08 -9.82 55.68
N ALA D 373 20.87 -8.70 56.37
CA ALA D 373 21.24 -8.62 57.79
C ALA D 373 20.44 -9.60 58.62
N GLY D 374 19.22 -9.93 58.19
CA GLY D 374 18.46 -10.95 58.89
C GLY D 374 19.16 -12.30 58.91
N VAL D 375 19.76 -12.68 57.78
CA VAL D 375 20.51 -13.93 57.74
C VAL D 375 21.80 -13.80 58.53
N VAL D 376 22.46 -12.64 58.43
CA VAL D 376 23.76 -12.47 59.08
C VAL D 376 23.63 -12.55 60.59
N GLY D 377 22.59 -11.91 61.16
CA GLY D 377 22.46 -11.83 62.60
C GLY D 377 22.28 -13.17 63.27
N HIS D 378 21.60 -14.10 62.61
CA HIS D 378 21.42 -15.43 63.19
C HIS D 378 22.74 -16.17 63.32
N LEU D 379 23.70 -15.87 62.46
CA LEU D 379 25.01 -16.51 62.52
C LEU D 379 26.01 -15.74 63.37
N LEU D 380 25.78 -14.46 63.59
CA LEU D 380 26.76 -13.65 64.33
C LEU D 380 26.53 -13.60 65.83
N PHE D 381 25.28 -13.63 66.29
CA PHE D 381 24.98 -13.39 67.69
C PHE D 381 24.56 -14.67 68.40
N THR D 382 24.39 -14.55 69.71
CA THR D 382 24.02 -15.67 70.58
C THR D 382 22.86 -15.24 71.46
N ALA D 383 21.82 -16.06 71.51
CA ALA D 383 20.70 -15.87 72.42
C ALA D 383 20.38 -17.16 73.14
N GLY D 384 21.42 -17.89 73.53
CA GLY D 384 21.28 -19.24 74.02
C GLY D 384 20.80 -19.30 75.46
N GLY D 385 20.99 -20.47 76.05
CA GLY D 385 20.50 -20.75 77.39
C GLY D 385 21.41 -20.33 78.52
N ARG D 386 22.56 -19.72 78.23
CA ARG D 386 23.48 -19.28 79.26
C ARG D 386 23.61 -17.77 79.34
N PHE D 387 23.66 -17.09 78.19
CA PHE D 387 23.74 -15.64 78.16
C PHE D 387 23.22 -15.18 76.81
N THR D 388 23.05 -13.87 76.67
CA THR D 388 22.52 -13.28 75.45
C THR D 388 23.37 -12.08 75.04
N ASN D 389 23.31 -11.75 73.76
CA ASN D 389 23.94 -10.55 73.24
C ASN D 389 22.95 -9.51 72.75
N LEU D 390 21.68 -9.87 72.60
CA LEU D 390 20.71 -8.97 72.01
C LEU D 390 19.40 -9.04 72.79
N THR D 391 18.66 -7.93 72.74
CA THR D 391 17.38 -7.83 73.43
C THR D 391 16.34 -8.67 72.71
N GLN D 392 15.23 -8.96 73.41
CA GLN D 392 14.15 -9.74 72.81
C GLN D 392 13.57 -9.04 71.58
N ASN D 393 13.46 -7.71 71.63
CA ASN D 393 12.91 -6.97 70.51
C ASN D 393 13.77 -7.12 69.26
N MET D 394 15.10 -7.03 69.41
CA MET D 394 15.96 -7.20 68.26
C MET D 394 15.91 -8.63 67.73
N ALA D 395 15.71 -9.60 68.62
CA ALA D 395 15.52 -10.98 68.17
C ALA D 395 14.27 -11.10 67.32
N ARG D 396 13.17 -10.47 67.74
CA ARG D 396 11.95 -10.50 66.93
C ARG D 396 12.16 -9.84 65.58
N GLN D 397 12.86 -8.70 65.56
CA GLN D 397 13.12 -8.02 64.30
C GLN D 397 13.96 -8.87 63.36
N LEU D 398 14.96 -9.57 63.91
CA LEU D 398 15.78 -10.45 63.08
C LEU D 398 14.97 -11.61 62.53
N ASP D 399 14.07 -12.17 63.34
CA ASP D 399 13.22 -13.26 62.86
C ASP D 399 12.31 -12.78 61.73
N ILE D 400 11.74 -11.59 61.87
CA ILE D 400 10.88 -11.05 60.82
C ILE D 400 11.69 -10.82 59.54
N ALA D 401 12.90 -10.30 59.68
CA ALA D 401 13.75 -10.07 58.52
C ALA D 401 14.09 -11.39 57.81
N LEU D 402 14.39 -12.43 58.59
CA LEU D 402 14.68 -13.73 57.99
C LEU D 402 13.46 -14.30 57.28
N ASN D 403 12.27 -14.10 57.86
CA ASN D 403 11.04 -14.54 57.20
C ASN D 403 10.87 -13.85 55.86
N ASP D 404 11.06 -12.53 55.83
CA ASP D 404 10.91 -11.79 54.58
C ASP D 404 11.96 -12.22 53.56
N TYR D 405 13.17 -12.51 54.00
CA TYR D 405 14.20 -12.97 53.07
C TYR D 405 13.85 -14.33 52.47
N LEU D 406 13.37 -15.25 53.30
CA LEU D 406 13.06 -16.58 52.80
C LEU D 406 11.85 -16.58 51.87
N LEU D 407 10.87 -15.71 52.12
CA LEU D 407 9.70 -15.69 51.26
C LEU D 407 9.90 -14.89 49.99
N TYR D 408 11.02 -14.19 49.85
CA TYR D 408 11.32 -13.40 48.65
C TYR D 408 12.04 -14.29 47.66
N MET D 409 11.36 -14.65 46.58
CA MET D 409 11.88 -15.60 45.59
C MET D 409 12.02 -14.89 44.26
N TYR D 410 13.22 -14.42 43.96
CA TYR D 410 13.51 -13.77 42.69
C TYR D 410 13.97 -14.76 41.63
N ASN D 411 13.80 -16.06 41.90
CA ASN D 411 14.06 -17.10 40.91
C ASN D 411 12.81 -17.97 40.82
N THR D 412 12.93 -19.15 40.23
CA THR D 412 11.80 -20.06 40.13
C THR D 412 11.26 -20.38 41.52
N ARG D 413 9.95 -20.26 41.68
CA ARG D 413 9.33 -20.43 42.98
C ARG D 413 9.32 -21.89 43.41
N VAL D 414 9.22 -22.10 44.72
CA VAL D 414 9.22 -23.43 45.30
C VAL D 414 7.98 -23.57 46.18
N GLN D 415 7.65 -24.82 46.50
CA GLN D 415 6.46 -25.10 47.29
C GLN D 415 6.66 -24.64 48.73
N VAL D 416 5.60 -24.10 49.32
CA VAL D 416 5.60 -23.67 50.72
C VAL D 416 4.26 -24.04 51.34
N ASN D 417 4.30 -24.53 52.58
CA ASN D 417 3.11 -24.89 53.34
C ASN D 417 3.10 -24.12 54.64
N TYR D 418 2.04 -23.36 54.87
CA TYR D 418 1.96 -22.51 56.05
C TYR D 418 1.37 -23.29 57.23
N GLY D 419 1.66 -22.80 58.43
CA GLY D 419 1.23 -23.44 59.65
C GLY D 419 -0.03 -22.84 60.23
N PRO D 420 -0.55 -23.45 61.29
CA PRO D 420 -1.79 -22.94 61.89
C PRO D 420 -1.65 -21.59 62.56
N THR D 421 -0.48 -21.28 63.11
CA THR D 421 -0.29 -20.03 63.84
C THR D 421 0.25 -18.94 62.92
N GLY D 422 0.08 -17.70 63.35
CA GLY D 422 0.51 -16.55 62.60
C GLY D 422 1.91 -16.06 62.89
N GLU D 423 2.69 -16.79 63.70
CA GLU D 423 4.02 -16.36 64.05
C GLU D 423 4.94 -16.40 62.82
N PRO D 424 5.97 -15.57 62.81
CA PRO D 424 6.93 -15.62 61.70
C PRO D 424 7.69 -16.94 61.68
N LEU D 425 8.13 -17.31 60.48
CA LEU D 425 8.88 -18.56 60.24
C LEU D 425 8.09 -19.79 60.64
N ASP D 426 6.76 -19.72 60.56
CA ASP D 426 5.91 -20.89 60.79
C ASP D 426 5.46 -21.44 59.45
N PHE D 427 6.38 -22.12 58.77
CA PHE D 427 6.07 -22.73 57.48
C PHE D 427 7.11 -23.80 57.17
N GLN D 428 6.81 -24.57 56.13
CA GLN D 428 7.70 -25.59 55.60
C GLN D 428 7.98 -25.28 54.14
N ILE D 429 9.25 -25.42 53.74
CA ILE D 429 9.73 -24.94 52.46
C ILE D 429 10.44 -26.07 51.73
N GLY D 430 10.51 -25.95 50.40
CA GLY D 430 11.30 -26.83 49.57
C GLY D 430 10.58 -28.12 49.19
N ARG D 431 11.20 -28.85 48.25
CA ARG D 431 10.69 -30.16 47.87
C ARG D 431 10.75 -31.14 49.03
N ASN D 432 11.86 -31.15 49.74
CA ASN D 432 11.94 -31.79 51.05
C ASN D 432 11.47 -30.77 52.07
N GLN D 433 10.31 -31.03 52.68
CA GLN D 433 9.73 -30.07 53.60
C GLN D 433 10.64 -29.84 54.80
N TYR D 434 11.25 -28.66 54.86
CA TYR D 434 12.17 -28.31 55.94
C TYR D 434 11.42 -27.42 56.92
N ASP D 435 11.37 -27.84 58.18
CA ASP D 435 10.64 -27.09 59.20
C ASP D 435 11.49 -25.91 59.65
N CYS D 436 10.96 -24.70 59.47
CA CYS D 436 11.67 -23.49 59.85
C CYS D 436 11.20 -22.92 61.18
N ASN D 437 10.42 -23.67 61.94
CA ASN D 437 10.04 -23.23 63.28
C ASN D 437 11.22 -23.20 64.23
N VAL D 438 12.30 -23.91 63.91
CA VAL D 438 13.43 -24.00 64.82
C VAL D 438 14.24 -22.71 64.86
N PHE D 439 14.07 -21.82 63.89
CA PHE D 439 14.84 -20.60 63.84
C PHE D 439 14.20 -19.44 64.58
N ARG D 440 13.01 -19.62 65.14
CA ARG D 440 12.40 -18.58 65.95
C ARG D 440 13.03 -18.55 67.33
N ALA D 441 13.27 -17.35 67.85
CA ALA D 441 14.02 -17.20 69.08
C ALA D 441 13.27 -17.77 70.28
N ASP D 442 14.01 -18.45 71.16
CA ASP D 442 13.46 -18.99 72.39
C ASP D 442 14.58 -18.96 73.43
N PHE D 443 14.50 -17.99 74.33
CA PHE D 443 15.62 -17.72 75.24
C PHE D 443 15.85 -18.84 76.24
N ALA D 444 14.84 -19.69 76.49
CA ALA D 444 15.03 -20.78 77.42
C ALA D 444 15.90 -21.89 76.87
N THR D 445 16.03 -21.99 75.55
CA THR D 445 16.83 -23.04 74.92
C THR D 445 17.74 -22.54 73.80
N GLY D 446 17.51 -21.35 73.24
CA GLY D 446 18.41 -20.78 72.27
C GLY D 446 18.54 -21.54 70.96
N THR D 447 17.41 -21.93 70.37
CA THR D 447 17.47 -22.72 69.14
C THR D 447 17.95 -21.92 67.96
N GLY D 448 17.46 -20.69 67.80
CA GLY D 448 17.66 -20.00 66.53
C GLY D 448 19.04 -19.44 66.28
N TYR D 449 19.92 -19.42 67.28
CA TYR D 449 21.18 -18.70 67.16
C TYR D 449 22.35 -19.58 67.57
N ASN D 450 23.54 -19.00 67.72
CA ASN D 450 24.68 -19.75 68.22
C ASN D 450 24.38 -20.25 69.64
N GLY D 451 24.93 -21.40 69.97
CA GLY D 451 24.59 -22.05 71.21
C GLY D 451 23.36 -22.93 71.14
N TRP D 452 22.98 -23.35 69.94
CA TRP D 452 21.80 -24.19 69.77
C TRP D 452 21.97 -25.53 70.48
N ALA D 453 23.06 -26.23 70.19
CA ALA D 453 23.34 -27.51 70.83
C ALA D 453 24.80 -27.59 71.23
N THR D 454 25.37 -26.46 71.62
CA THR D 454 26.78 -26.40 71.97
C THR D 454 26.93 -25.81 73.36
N ILE D 455 27.84 -26.38 74.15
CA ILE D 455 28.16 -25.86 75.46
C ILE D 455 29.17 -24.74 75.28
N ASP D 456 28.75 -23.51 75.60
CA ASP D 456 29.57 -22.33 75.36
C ASP D 456 30.21 -21.75 76.62
N VAL D 457 29.93 -22.31 77.79
CA VAL D 457 30.56 -21.90 79.03
C VAL D 457 31.05 -23.14 79.76
N GLU D 458 32.33 -23.16 80.12
CA GLU D 458 32.90 -24.33 80.78
C GLU D 458 33.79 -23.89 81.93
N TYR D 459 34.32 -24.89 82.65
CA TYR D 459 35.21 -24.67 83.78
C TYR D 459 36.33 -25.69 83.70
N ARG D 460 37.59 -25.22 83.77
CA ARG D 460 38.73 -26.11 83.60
C ARG D 460 39.59 -26.22 84.86
N GLU D 461 40.15 -25.13 85.34
CA GLU D 461 41.11 -25.15 86.44
C GLU D 461 40.95 -23.87 87.24
N PRO D 462 41.29 -23.89 88.52
CA PRO D 462 41.06 -22.72 89.38
C PRO D 462 41.86 -21.50 88.93
N ALA D 463 41.13 -20.44 88.58
CA ALA D 463 41.74 -19.23 88.06
C ALA D 463 42.46 -18.46 89.17
N PRO D 464 43.41 -17.59 88.81
CA PRO D 464 44.04 -16.73 89.83
C PRO D 464 43.06 -15.81 90.54
N TYR D 465 42.05 -15.30 89.87
CA TYR D 465 41.00 -14.52 90.52
C TYR D 465 39.86 -15.46 90.90
N VAL D 466 39.58 -15.56 92.19
CA VAL D 466 38.69 -16.60 92.69
C VAL D 466 37.23 -16.36 92.39
N HIS D 467 36.87 -15.18 91.88
CA HIS D 467 35.47 -14.88 91.64
C HIS D 467 35.03 -15.10 90.20
N ALA D 468 35.96 -15.42 89.29
CA ALA D 468 35.62 -15.58 87.87
C ALA D 468 36.35 -16.83 87.36
N GLN D 469 35.68 -17.97 87.45
CA GLN D 469 36.25 -19.24 87.05
C GLN D 469 35.88 -19.67 85.64
N ARG D 470 34.98 -18.96 84.98
CA ARG D 470 34.36 -19.44 83.76
C ARG D 470 35.30 -19.27 82.56
N TYR D 471 35.04 -20.09 81.54
CA TYR D 471 35.68 -19.98 80.24
C TYR D 471 34.60 -19.91 79.17
N ILE D 472 34.74 -18.96 78.25
CA ILE D 472 33.77 -18.73 77.20
C ILE D 472 34.24 -19.40 75.92
N ARG D 473 33.34 -20.14 75.28
CA ARG D 473 33.64 -20.84 74.02
C ARG D 473 32.53 -20.50 73.02
N TYR D 474 32.71 -19.41 72.29
CA TYR D 474 31.76 -19.07 71.24
C TYR D 474 31.76 -20.13 70.15
N CYS D 475 30.55 -20.50 69.71
CA CYS D 475 30.32 -21.43 68.60
C CYS D 475 31.14 -22.72 68.72
N GLY D 476 31.41 -23.14 69.95
CA GLY D 476 32.03 -24.43 70.20
C GLY D 476 33.48 -24.56 69.78
N ILE D 477 34.13 -23.49 69.37
CA ILE D 477 35.52 -23.55 68.92
C ILE D 477 36.41 -23.18 70.09
N ASP D 478 37.61 -23.75 70.10
CA ASP D 478 38.61 -23.48 71.12
C ASP D 478 39.80 -22.78 70.50
N SER D 479 40.55 -22.06 71.34
CA SER D 479 41.72 -21.33 70.86
C SER D 479 42.79 -22.28 70.34
N ARG D 480 42.96 -23.43 71.01
CA ARG D 480 44.02 -24.36 70.64
C ARG D 480 43.84 -24.96 69.26
N GLU D 481 42.67 -24.82 68.65
CA GLU D 481 42.48 -25.25 67.27
C GLU D 481 43.34 -24.45 66.31
N LEU D 482 43.81 -23.27 66.71
CA LEU D 482 44.72 -22.53 65.85
C LEU D 482 46.14 -23.10 65.88
N ILE D 483 46.43 -24.00 66.80
CA ILE D 483 47.74 -24.62 66.93
C ILE D 483 47.69 -26.11 66.63
N ASN D 484 46.72 -26.81 67.21
CA ASN D 484 46.56 -28.25 67.02
C ASN D 484 45.12 -28.51 66.58
N PRO D 485 44.82 -28.34 65.30
CA PRO D 485 43.45 -28.57 64.82
C PRO D 485 43.07 -30.05 64.93
N THR D 486 41.77 -30.28 65.13
CA THR D 486 41.25 -31.62 65.32
C THR D 486 40.46 -32.13 64.12
N THR D 487 40.48 -31.41 63.00
CA THR D 487 39.75 -31.83 61.82
C THR D 487 40.36 -31.17 60.60
N TYR D 488 39.99 -31.67 59.43
CA TYR D 488 40.47 -31.11 58.18
C TYR D 488 39.83 -29.75 57.94
N GLY D 489 40.37 -29.03 56.95
CA GLY D 489 39.86 -27.70 56.66
C GLY D 489 38.43 -27.71 56.15
N ILE D 490 38.08 -28.72 55.35
CA ILE D 490 36.72 -28.80 54.84
C ILE D 490 35.74 -29.30 55.89
N GLY D 491 36.22 -29.98 56.92
CA GLY D 491 35.36 -30.54 57.94
C GLY D 491 35.00 -29.60 59.07
N MET D 492 35.49 -28.37 59.05
CA MET D 492 35.17 -27.43 60.12
C MET D 492 33.73 -26.94 59.99
N THR D 493 32.94 -27.12 61.04
CA THR D 493 31.56 -26.69 61.05
C THR D 493 31.03 -26.72 62.49
N TYR D 494 29.85 -26.13 62.67
CA TYR D 494 29.09 -26.29 63.90
C TYR D 494 27.61 -26.23 63.55
N HIS D 495 26.77 -26.47 64.55
CA HIS D 495 25.40 -26.90 64.30
C HIS D 495 24.57 -25.82 63.61
N CYS D 496 24.57 -24.60 64.15
CA CYS D 496 23.69 -23.56 63.62
C CYS D 496 24.05 -23.20 62.19
N TYR D 497 25.35 -23.10 61.91
CA TYR D 497 25.80 -22.74 60.56
C TYR D 497 25.41 -23.81 59.55
N ASN D 498 25.55 -25.08 59.95
CA ASN D 498 25.16 -26.19 59.09
C ASN D 498 23.66 -26.18 58.80
N GLU D 499 22.84 -25.95 59.83
CA GLU D 499 21.40 -25.89 59.63
C GLU D 499 21.01 -24.72 58.75
N MET D 500 21.70 -23.58 58.90
CA MET D 500 21.42 -22.43 58.05
C MET D 500 21.71 -22.73 56.60
N LEU D 501 22.83 -23.38 56.31
CA LEU D 501 23.13 -23.77 54.93
C LEU D 501 22.11 -24.76 54.38
N ARG D 502 21.69 -25.72 55.20
CA ARG D 502 20.69 -26.68 54.72
C ARG D 502 19.38 -25.98 54.39
N MET D 503 18.94 -25.06 55.25
CA MET D 503 17.69 -24.36 54.99
C MET D 503 17.79 -23.45 53.77
N LEU D 504 18.95 -22.80 53.59
CA LEU D 504 19.13 -21.98 52.40
C LEU D 504 19.10 -22.81 51.12
N VAL D 505 19.73 -23.99 51.15
CA VAL D 505 19.70 -24.87 49.98
C VAL D 505 18.28 -25.33 49.69
N ALA D 506 17.53 -25.68 50.74
CA ALA D 506 16.15 -26.12 50.53
C ALA D 506 15.28 -25.02 49.95
N ALA D 507 15.63 -23.76 50.19
CA ALA D 507 14.83 -22.65 49.72
C ALA D 507 15.18 -22.21 48.31
N GLY D 508 16.17 -22.82 47.69
CA GLY D 508 16.53 -22.48 46.32
C GLY D 508 17.55 -21.39 46.16
N LYS D 509 18.18 -20.94 47.23
CA LYS D 509 19.22 -19.90 47.14
C LYS D 509 20.59 -20.56 47.21
N ASP D 510 21.01 -21.12 46.08
CA ASP D 510 22.24 -21.90 46.05
C ASP D 510 23.48 -21.02 46.07
N SER D 511 23.44 -19.88 45.37
CA SER D 511 24.61 -19.02 45.29
C SER D 511 25.00 -18.47 46.66
N GLU D 512 24.00 -18.03 47.44
CA GLU D 512 24.27 -17.52 48.77
C GLU D 512 24.81 -18.61 49.68
N ALA D 513 24.26 -19.82 49.55
CA ALA D 513 24.78 -20.95 50.32
C ALA D 513 26.23 -21.22 49.99
N ALA D 514 26.59 -21.16 48.71
CA ALA D 514 27.98 -21.35 48.32
C ALA D 514 28.87 -20.27 48.91
N TYR D 515 28.41 -19.02 48.89
CA TYR D 515 29.20 -17.93 49.46
C TYR D 515 29.45 -18.15 50.94
N PHE D 516 28.40 -18.51 51.69
CA PHE D 516 28.56 -18.71 53.13
C PHE D 516 29.43 -19.91 53.43
N ARG D 517 29.31 -20.98 52.64
CA ARG D 517 30.15 -22.15 52.83
C ARG D 517 31.61 -21.81 52.59
N SER D 518 31.88 -20.95 51.60
CA SER D 518 33.26 -20.53 51.37
C SER D 518 33.76 -19.67 52.52
N MET D 519 32.90 -18.82 53.08
CA MET D 519 33.35 -17.86 54.09
C MET D 519 33.38 -18.43 55.51
N LEU D 520 32.87 -19.64 55.73
CA LEU D 520 32.79 -20.20 57.08
C LEU D 520 34.11 -20.26 57.86
N PRO D 521 35.23 -20.77 57.32
CA PRO D 521 36.44 -20.84 58.15
C PRO D 521 36.95 -19.51 58.65
N PHE D 522 36.81 -18.44 57.85
CA PHE D 522 37.18 -17.10 58.30
C PHE D 522 36.34 -16.69 59.50
N HIS D 523 35.04 -16.98 59.45
CA HIS D 523 34.15 -16.69 60.56
C HIS D 523 34.58 -17.42 61.83
N MET D 524 34.89 -18.70 61.71
CA MET D 524 35.27 -19.46 62.91
C MET D 524 36.63 -19.04 63.45
N VAL D 525 37.57 -18.70 62.58
CA VAL D 525 38.86 -18.21 63.05
C VAL D 525 38.69 -16.89 63.80
N ARG D 526 37.82 -16.02 63.29
CA ARG D 526 37.53 -14.77 64.00
C ARG D 526 36.98 -15.05 65.39
N PHE D 527 36.02 -15.97 65.49
CA PHE D 527 35.44 -16.24 66.81
C PHE D 527 36.44 -16.89 67.75
N ALA D 528 37.35 -17.73 67.22
CA ALA D 528 38.39 -18.31 68.07
C ALA D 528 39.32 -17.23 68.60
N ARG D 529 39.68 -16.26 67.76
CA ARG D 529 40.51 -15.16 68.24
C ARG D 529 39.79 -14.35 69.32
N ILE D 530 38.49 -14.14 69.14
CA ILE D 530 37.72 -13.43 70.17
C ILE D 530 37.72 -14.20 71.48
N ASN D 531 37.56 -15.53 71.41
CA ASN D 531 37.62 -16.35 72.61
C ASN D 531 38.96 -16.22 73.30
N GLN D 532 40.04 -16.25 72.53
CA GLN D 532 41.38 -16.13 73.12
C GLN D 532 41.56 -14.78 73.79
N ILE D 533 41.04 -13.71 73.19
CA ILE D 533 41.14 -12.39 73.81
C ILE D 533 40.36 -12.34 75.11
N ILE D 534 39.14 -12.90 75.11
CA ILE D 534 38.29 -12.83 76.31
C ILE D 534 38.91 -13.63 77.46
N ASN D 535 39.36 -14.85 77.18
CA ASN D 535 39.76 -15.74 78.26
C ASN D 535 41.11 -15.35 78.85
N GLU D 536 41.99 -14.72 78.08
CA GLU D 536 43.34 -14.42 78.54
C GLU D 536 43.53 -12.97 78.96
N ASP D 537 43.27 -12.03 78.05
CA ASP D 537 43.65 -10.64 78.32
C ASP D 537 42.69 -9.96 79.29
N LEU D 538 41.40 -10.25 79.18
CA LEU D 538 40.40 -9.51 79.94
C LEU D 538 40.20 -10.03 81.35
N HIS D 539 40.95 -11.04 81.77
CA HIS D 539 40.83 -11.60 83.11
C HIS D 539 41.35 -10.58 84.13
N SER D 540 40.46 -10.05 84.96
CA SER D 540 40.84 -9.01 85.91
C SER D 540 39.85 -9.01 87.07
N VAL D 541 40.14 -8.19 88.07
CA VAL D 541 39.23 -8.07 89.21
C VAL D 541 37.95 -7.38 88.79
N PHE D 542 37.98 -6.60 87.71
CA PHE D 542 36.81 -5.87 87.27
C PHE D 542 35.87 -6.74 86.43
N SER D 543 36.26 -7.97 86.12
CA SER D 543 35.38 -8.87 85.41
C SER D 543 34.23 -9.31 86.31
N LEU D 544 33.10 -9.61 85.69
CA LEU D 544 31.89 -9.90 86.44
C LEU D 544 32.02 -11.24 87.17
N PRO D 545 31.61 -11.33 88.42
CA PRO D 545 31.66 -12.61 89.12
C PRO D 545 30.64 -13.60 88.58
N ASP D 546 30.82 -14.87 88.97
CA ASP D 546 30.09 -15.96 88.33
C ASP D 546 28.61 -15.94 88.64
N ASP D 547 28.25 -15.60 89.89
CA ASP D 547 26.84 -15.66 90.28
C ASP D 547 26.00 -14.65 89.51
N MET D 548 26.48 -13.42 89.37
CA MET D 548 25.76 -12.43 88.59
C MET D 548 25.71 -12.79 87.11
N PHE D 549 26.79 -13.38 86.58
CA PHE D 549 26.78 -13.83 85.21
C PHE D 549 25.72 -14.89 84.98
N ASN D 550 25.57 -15.82 85.93
CA ASN D 550 24.54 -16.84 85.80
C ASN D 550 23.15 -16.26 85.96
N ALA D 551 22.99 -15.25 86.82
CA ALA D 551 21.67 -14.69 87.08
C ALA D 551 21.24 -13.63 86.09
N LEU D 552 22.12 -13.20 85.17
CA LEU D 552 21.75 -12.16 84.23
C LEU D 552 20.57 -12.56 83.33
N LEU D 553 20.58 -13.78 82.82
CA LEU D 553 19.59 -14.16 81.80
C LEU D 553 18.20 -14.47 82.38
N PRO D 554 18.07 -15.28 83.44
CA PRO D 554 16.72 -15.49 83.99
C PRO D 554 16.05 -14.21 84.47
N ASP D 555 16.82 -13.27 85.01
CA ASP D 555 16.26 -11.99 85.40
C ASP D 555 15.75 -11.21 84.20
N LEU D 556 16.47 -11.26 83.08
CA LEU D 556 16.02 -10.59 81.87
C LEU D 556 14.74 -11.23 81.33
N ILE D 557 14.65 -12.56 81.41
CA ILE D 557 13.43 -13.23 80.96
C ILE D 557 12.26 -12.86 81.84
N ALA D 558 12.43 -12.95 83.16
CA ALA D 558 11.32 -12.69 84.07
C ALA D 558 11.04 -11.20 84.25
N GLY D 559 11.98 -10.35 83.90
CA GLY D 559 11.79 -8.92 84.06
C GLY D 559 11.94 -8.42 85.48
N ALA D 560 12.62 -9.17 86.34
CA ALA D 560 12.77 -8.79 87.74
C ALA D 560 13.81 -7.68 87.88
N HIS D 561 13.97 -7.22 89.12
CA HIS D 561 14.98 -6.20 89.40
C HIS D 561 16.38 -6.78 89.26
N GLN D 562 17.30 -5.95 88.77
CA GLN D 562 18.66 -6.38 88.48
C GLN D 562 19.65 -5.48 89.21
N ASN D 563 20.62 -6.10 89.88
CA ASN D 563 21.68 -5.33 90.52
C ASN D 563 22.67 -4.80 89.49
N ALA D 564 23.00 -5.61 88.49
CA ALA D 564 23.92 -5.21 87.42
C ALA D 564 23.15 -5.19 86.11
N ASP D 565 22.52 -4.06 85.83
CA ASP D 565 21.70 -3.94 84.63
C ASP D 565 22.60 -3.83 83.40
N PRO D 566 22.34 -4.60 82.35
CA PRO D 566 23.16 -4.49 81.13
C PRO D 566 22.96 -3.15 80.44
N VAL D 567 24.00 -2.72 79.74
CA VAL D 567 23.96 -1.46 79.00
C VAL D 567 23.50 -1.75 77.58
N VAL D 568 22.52 -0.98 77.10
CA VAL D 568 21.90 -1.20 75.81
C VAL D 568 22.43 -0.18 74.82
N LEU D 569 22.88 -0.66 73.65
CA LEU D 569 23.38 0.19 72.59
C LEU D 569 22.63 -0.09 71.30
N ASP D 570 22.55 0.90 70.43
CA ASP D 570 21.74 0.85 69.23
C ASP D 570 22.61 0.79 67.98
N VAL D 571 22.24 -0.08 67.04
CA VAL D 571 22.99 -0.28 65.80
C VAL D 571 22.04 -0.25 64.62
N SER D 572 22.62 -0.16 63.43
CA SER D 572 21.86 -0.07 62.18
C SER D 572 21.85 -1.41 61.47
N TRP D 573 21.10 -1.48 60.37
CA TRP D 573 20.99 -2.73 59.62
C TRP D 573 22.30 -3.05 58.89
N ILE D 574 22.87 -2.07 58.19
CA ILE D 574 24.05 -2.31 57.37
C ILE D 574 25.29 -2.55 58.24
N SER D 575 25.23 -2.15 59.51
CA SER D 575 26.36 -2.41 60.40
C SER D 575 26.56 -3.89 60.62
N LEU D 576 25.48 -4.68 60.56
CA LEU D 576 25.61 -6.12 60.66
C LEU D 576 26.45 -6.68 59.52
N TRP D 577 26.16 -6.26 58.28
CA TRP D 577 26.92 -6.73 57.14
C TRP D 577 28.36 -6.25 57.21
N PHE D 578 28.59 -5.01 57.64
CA PHE D 578 29.95 -4.52 57.73
C PHE D 578 30.74 -5.27 58.81
N ALA D 579 30.08 -5.64 59.91
CA ALA D 579 30.76 -6.35 60.97
C ALA D 579 31.01 -7.81 60.63
N PHE D 580 30.17 -8.39 59.77
CA PHE D 580 30.38 -9.79 59.38
C PHE D 580 31.63 -9.95 58.53
N ASN D 581 32.05 -8.91 57.80
CA ASN D 581 33.18 -8.98 56.90
C ASN D 581 34.44 -8.36 57.48
N ARG D 582 34.65 -8.50 58.79
CA ARG D 582 35.83 -7.98 59.45
C ARG D 582 36.27 -8.94 60.53
N SER D 583 37.54 -8.84 60.90
CA SER D 583 38.09 -9.63 62.00
C SER D 583 39.01 -8.74 62.82
N PHE D 584 39.08 -9.03 64.11
CA PHE D 584 39.90 -8.25 65.03
C PHE D 584 41.19 -9.01 65.31
N GLU D 585 42.32 -8.43 64.88
CA GLU D 585 43.62 -9.07 65.02
C GLU D 585 44.48 -8.27 65.99
N PRO D 586 44.68 -8.72 67.21
CA PRO D 586 45.53 -7.98 68.15
C PRO D 586 46.97 -7.97 67.70
N THR D 587 47.65 -6.87 68.01
CA THR D 587 49.07 -6.70 67.66
C THR D 587 49.96 -6.49 68.87
N HIS D 588 49.53 -5.69 69.84
CA HIS D 588 50.33 -5.48 71.04
C HIS D 588 49.44 -5.57 72.26
N ARG D 589 50.04 -5.92 73.39
CA ARG D 589 49.33 -5.90 74.65
C ARG D 589 49.08 -4.47 75.10
N ASN D 590 48.23 -4.31 76.10
CA ASN D 590 47.95 -3.00 76.65
C ASN D 590 49.21 -2.42 77.29
N GLU D 591 49.28 -1.08 77.31
CA GLU D 591 50.48 -0.41 77.80
C GLU D 591 50.71 -0.64 79.28
N MET D 592 49.64 -0.75 80.06
CA MET D 592 49.74 -0.89 81.51
C MET D 592 49.18 -2.22 81.99
N LEU D 593 49.37 -3.27 81.19
CA LEU D 593 48.93 -4.60 81.60
C LEU D 593 49.76 -5.13 82.76
N GLU D 594 51.04 -4.77 82.81
CA GLU D 594 51.92 -5.27 83.87
C GLU D 594 51.85 -4.42 85.14
N VAL D 595 51.13 -3.31 85.13
CA VAL D 595 51.05 -2.44 86.29
C VAL D 595 49.70 -2.55 86.98
N ALA D 596 48.68 -3.08 86.31
CA ALA D 596 47.31 -3.05 86.82
C ALA D 596 47.11 -3.61 88.22
N PRO D 597 47.67 -4.78 88.61
CA PRO D 597 47.36 -5.31 89.95
C PRO D 597 47.71 -4.37 91.09
N LEU D 598 48.76 -3.56 90.95
CA LEU D 598 49.06 -2.57 91.97
C LEU D 598 47.94 -1.53 92.06
N ILE D 599 47.39 -1.13 90.91
CA ILE D 599 46.27 -0.21 90.89
C ILE D 599 45.06 -0.81 91.60
N GLU D 600 44.77 -2.08 91.31
CA GLU D 600 43.69 -2.78 91.99
C GLU D 600 43.89 -2.79 93.50
N SER D 601 45.10 -3.09 93.95
CA SER D 601 45.36 -3.16 95.38
C SER D 601 45.20 -1.80 96.05
N VAL D 602 45.71 -0.75 95.42
CA VAL D 602 45.58 0.59 95.99
C VAL D 602 44.11 0.99 96.11
N TYR D 603 43.35 0.74 95.05
CA TYR D 603 41.92 1.07 95.05
C TYR D 603 41.19 0.32 96.16
N ALA D 604 41.45 -0.99 96.28
CA ALA D 604 40.78 -1.78 97.30
C ALA D 604 41.14 -1.30 98.70
N SER D 605 42.40 -0.96 98.94
CA SER D 605 42.81 -0.51 100.26
C SER D 605 42.13 0.80 100.63
N GLU D 606 42.04 1.74 99.69
CA GLU D 606 41.38 3.00 100.01
C GLU D 606 39.90 2.82 100.29
N LEU D 607 39.21 1.99 99.51
CA LEU D 607 37.82 1.72 99.82
C LEU D 607 37.65 1.03 101.16
N SER D 608 38.58 0.15 101.53
CA SER D 608 38.49 -0.48 102.84
C SER D 608 38.61 0.52 103.96
N VAL D 609 39.55 1.47 103.85
CA VAL D 609 39.70 2.43 104.94
C VAL D 609 38.49 3.36 105.01
N MET D 610 37.89 3.71 103.86
CA MET D 610 36.66 4.51 103.89
C MET D 610 35.53 3.75 104.57
N LYS D 611 35.39 2.46 104.27
CA LYS D 611 34.36 1.64 104.92
C LYS D 611 34.57 1.62 106.42
N VAL D 612 35.81 1.48 106.87
CA VAL D 612 36.08 1.41 108.30
C VAL D 612 35.69 2.71 108.99
N ASP D 613 36.05 3.85 108.38
CA ASP D 613 35.70 5.13 108.97
C ASP D 613 34.19 5.31 109.06
N MET D 614 33.47 4.96 108.00
CA MET D 614 32.02 5.12 108.01
C MET D 614 31.37 4.21 109.04
N ARG D 615 31.86 2.98 109.16
CA ARG D 615 31.32 2.06 110.15
C ARG D 615 31.51 2.56 111.56
N HIS D 616 32.68 3.14 111.84
CA HIS D 616 32.91 3.67 113.18
C HIS D 616 32.06 4.91 113.44
N LEU D 617 31.81 5.73 112.42
CA LEU D 617 30.99 6.92 112.64
C LEU D 617 29.51 6.62 112.73
N SER D 618 29.06 5.46 112.25
CA SER D 618 27.62 5.20 112.18
C SER D 618 26.97 5.02 113.55
N LEU D 619 27.74 4.80 114.62
CA LEU D 619 27.16 4.52 115.92
C LEU D 619 27.04 5.76 116.81
N MET D 620 27.45 6.93 116.31
CA MET D 620 27.48 8.12 117.15
C MET D 620 26.08 8.53 117.58
N GLN D 621 25.09 8.38 116.70
CA GLN D 621 23.73 8.78 117.05
C GLN D 621 23.17 7.92 118.17
N ARG D 622 23.41 6.61 118.11
CA ARG D 622 22.93 5.74 119.17
C ARG D 622 23.70 5.95 120.47
N ARG D 623 24.97 6.33 120.38
CA ARG D 623 25.74 6.57 121.60
C ARG D 623 25.32 7.87 122.28
N PHE D 624 25.13 8.94 121.52
CA PHE D 624 24.77 10.25 122.06
C PHE D 624 23.60 10.83 121.29
N PRO D 625 22.37 10.50 121.69
CA PRO D 625 21.20 10.95 120.92
C PRO D 625 20.99 12.45 120.92
N ASP D 626 21.33 13.15 122.00
CA ASP D 626 20.95 14.54 122.14
C ASP D 626 21.81 15.48 121.30
N VAL D 627 22.93 15.02 120.79
CA VAL D 627 23.79 15.88 119.97
C VAL D 627 23.48 15.73 118.49
N LEU D 628 23.00 14.56 118.08
CA LEU D 628 22.83 14.27 116.66
C LEU D 628 21.36 14.11 116.31
N ILE D 629 20.53 15.04 116.79
CA ILE D 629 19.08 14.95 116.58
C ILE D 629 18.76 14.99 115.09
N GLN D 630 19.39 15.90 114.35
CA GLN D 630 19.09 16.11 112.94
C GLN D 630 20.03 15.34 112.01
N ALA D 631 20.54 14.20 112.45
CA ALA D 631 21.55 13.50 111.68
C ALA D 631 20.92 12.55 110.66
N ARG D 632 21.60 12.40 109.53
CA ARG D 632 21.28 11.44 108.49
C ARG D 632 22.55 10.71 108.10
N PRO D 633 22.42 9.50 107.54
CA PRO D 633 23.63 8.81 107.05
C PRO D 633 24.38 9.56 105.97
N SER D 634 23.66 10.31 105.13
CA SER D 634 24.33 11.07 104.07
C SER D 634 25.28 12.11 104.64
N HIS D 635 25.03 12.57 105.86
CA HIS D 635 25.92 13.55 106.48
C HIS D 635 27.31 12.98 106.70
N PHE D 636 27.40 11.83 107.35
CA PHE D 636 28.74 11.26 107.52
C PHE D 636 29.27 10.67 106.23
N TRP D 637 28.39 10.31 105.29
CA TRP D 637 28.88 9.94 103.96
C TRP D 637 29.67 11.08 103.34
N LYS D 638 29.08 12.28 103.31
CA LYS D 638 29.79 13.45 102.77
C LYS D 638 31.01 13.79 103.60
N ALA D 639 30.91 13.62 104.93
CA ALA D 639 32.04 13.93 105.80
C ALA D 639 33.24 13.05 105.50
N VAL D 640 33.00 11.76 105.27
CA VAL D 640 34.11 10.87 104.93
C VAL D 640 34.63 11.15 103.53
N LEU D 641 33.73 11.39 102.56
CA LEU D 641 34.20 11.62 101.20
C LEU D 641 34.97 12.92 101.07
N ASN D 642 34.74 13.90 101.95
CA ASN D 642 35.49 15.15 101.86
C ASN D 642 36.93 15.01 102.33
N ASP D 643 37.33 13.87 102.89
CA ASP D 643 38.68 13.68 103.39
C ASP D 643 39.29 12.42 102.80
N SER D 644 39.16 12.26 101.48
CA SER D 644 39.65 11.12 100.75
C SER D 644 40.38 11.60 99.50
N PRO D 645 41.30 10.79 98.97
CA PRO D 645 42.00 11.20 97.75
C PRO D 645 41.06 11.35 96.57
N GLU D 646 41.39 12.29 95.68
CA GLU D 646 40.50 12.62 94.58
C GLU D 646 40.45 11.53 93.53
N ALA D 647 41.52 10.75 93.38
CA ALA D 647 41.54 9.72 92.36
C ALA D 647 40.51 8.63 92.65
N VAL D 648 40.36 8.24 93.91
CA VAL D 648 39.40 7.20 94.26
C VAL D 648 37.97 7.68 93.99
N LYS D 649 37.67 8.92 94.38
CA LYS D 649 36.34 9.46 94.11
C LYS D 649 36.10 9.59 92.61
N ALA D 650 37.13 9.94 91.85
CA ALA D 650 36.99 10.04 90.41
C ALA D 650 36.68 8.68 89.79
N VAL D 651 37.33 7.62 90.28
CA VAL D 651 37.00 6.29 89.81
C VAL D 651 35.56 5.94 90.17
N MET D 652 35.14 6.28 91.39
CA MET D 652 33.79 5.95 91.84
C MET D 652 32.73 6.82 91.17
N ASN D 653 33.14 7.87 90.46
CA ASN D 653 32.22 8.80 89.82
C ASN D 653 32.25 8.67 88.31
N LEU D 654 32.47 7.48 87.78
CA LEU D 654 32.59 7.35 86.34
C LEU D 654 31.24 7.50 85.67
N SER D 655 30.16 7.10 86.35
CA SER D 655 28.82 7.18 85.79
C SER D 655 27.92 8.11 86.58
N HIS D 656 28.50 9.01 87.39
CA HIS D 656 27.74 9.93 88.24
C HIS D 656 26.76 9.19 89.14
N SER D 657 27.25 8.13 89.79
CA SER D 657 26.37 7.31 90.61
C SER D 657 26.00 7.96 91.94
N HIS D 658 26.82 8.87 92.45
CA HIS D 658 26.54 9.48 93.74
C HIS D 658 25.45 10.53 93.69
N ASN D 659 24.93 10.87 92.52
CA ASN D 659 23.74 11.70 92.44
C ASN D 659 22.47 10.90 92.59
N PHE D 660 22.56 9.57 92.69
CA PHE D 660 21.38 8.72 92.68
C PHE D 660 21.29 7.74 93.84
N ILE D 661 22.36 7.54 94.61
CA ILE D 661 22.31 6.62 95.73
C ILE D 661 21.46 7.21 96.85
N ASN D 662 20.82 6.33 97.62
CA ASN D 662 19.95 6.75 98.70
C ASN D 662 20.47 6.22 100.03
N ILE D 663 19.68 6.44 101.09
CA ILE D 663 20.12 6.11 102.44
C ILE D 663 20.30 4.60 102.61
N ARG D 664 19.37 3.82 102.07
CA ARG D 664 19.41 2.38 102.24
C ARG D 664 20.65 1.77 101.61
N ASP D 665 21.09 2.32 100.47
CA ASP D 665 22.29 1.81 99.81
C ASP D 665 23.52 2.02 100.68
N MET D 666 23.67 3.21 101.26
CA MET D 666 24.81 3.48 102.12
C MET D 666 24.77 2.60 103.37
N MET D 667 23.59 2.46 103.98
CA MET D 667 23.49 1.64 105.18
C MET D 667 23.70 0.16 104.88
N ARG D 668 23.41 -0.28 103.66
CA ARG D 668 23.73 -1.65 103.29
C ARG D 668 25.22 -1.83 103.04
N TRP D 669 25.85 -0.86 102.38
CA TRP D 669 27.28 -0.99 102.09
C TRP D 669 28.12 -0.93 103.35
N VAL D 670 27.70 -0.14 104.34
CA VAL D 670 28.51 0.03 105.55
C VAL D 670 28.47 -1.20 106.45
N MET D 671 27.52 -2.11 106.23
CA MET D 671 27.38 -3.29 107.09
C MET D 671 28.01 -4.55 106.50
N LEU D 672 28.48 -4.52 105.27
CA LEU D 672 29.11 -5.69 104.69
C LEU D 672 30.48 -5.91 105.32
N PRO D 673 30.89 -7.16 105.51
CA PRO D 673 32.09 -7.46 106.31
C PRO D 673 33.38 -7.61 105.54
N SER D 674 33.40 -7.45 104.22
CA SER D 674 34.62 -7.64 103.47
C SER D 674 35.58 -6.47 103.69
N LEU D 675 36.86 -6.79 103.87
CA LEU D 675 37.89 -5.78 104.06
C LEU D 675 39.21 -6.26 103.46
N GLN D 676 40.03 -5.30 103.06
CA GLN D 676 41.33 -5.58 102.46
C GLN D 676 42.44 -5.07 103.38
N PRO D 677 43.26 -5.94 103.95
CA PRO D 677 44.28 -5.46 104.90
C PRO D 677 45.38 -4.68 104.22
N SER D 678 45.95 -3.73 104.98
CA SER D 678 47.04 -2.89 104.51
C SER D 678 47.65 -2.20 105.73
N LEU D 679 48.80 -1.57 105.52
CA LEU D 679 49.44 -0.83 106.60
C LEU D 679 48.60 0.37 107.02
N LYS D 680 48.03 1.08 106.05
CA LYS D 680 47.20 2.24 106.35
C LYS D 680 45.99 1.84 107.18
N LEU D 681 45.34 0.73 106.82
CA LEU D 681 44.21 0.25 107.61
C LEU D 681 44.64 -0.22 108.98
N ALA D 682 45.82 -0.84 109.08
CA ALA D 682 46.32 -1.30 110.37
C ALA D 682 46.56 -0.12 111.32
N LEU D 683 47.01 1.00 110.78
CA LEU D 683 47.19 2.18 111.62
C LEU D 683 45.85 2.85 111.95
N GLU D 684 44.93 2.87 110.98
CA GLU D 684 43.65 3.53 111.20
C GLU D 684 42.82 2.81 112.26
N GLU D 685 42.84 1.48 112.25
CA GLU D 685 42.14 0.72 113.29
C GLU D 685 42.64 1.10 114.67
N GLU D 686 43.96 1.19 114.84
CA GLU D 686 44.51 1.47 116.15
C GLU D 686 44.21 2.91 116.57
N ALA D 687 44.23 3.84 115.61
CA ALA D 687 43.86 5.21 115.93
C ALA D 687 42.42 5.31 116.38
N TRP D 688 41.50 4.62 115.70
CA TRP D 688 40.11 4.62 116.12
C TRP D 688 39.94 3.98 117.48
N ALA D 689 40.66 2.89 117.74
CA ALA D 689 40.56 2.24 119.04
C ALA D 689 41.04 3.16 120.15
N ALA D 690 42.12 3.90 119.90
CA ALA D 690 42.58 4.88 120.88
C ALA D 690 41.55 5.99 121.08
N ALA D 691 40.90 6.41 119.99
CA ALA D 691 39.93 7.49 120.07
C ALA D 691 38.58 7.05 120.60
N ASN D 692 38.38 5.74 120.83
CA ASN D 692 37.09 5.27 121.34
C ASN D 692 36.76 5.84 122.72
N ASP D 693 37.77 6.27 123.47
CA ASP D 693 37.57 7.00 124.72
C ASP D 693 37.51 8.48 124.38
N PHE D 694 36.39 9.13 124.69
CA PHE D 694 36.20 10.51 124.26
C PHE D 694 37.03 11.50 125.05
N GLU D 695 37.51 11.12 126.23
CA GLU D 695 38.39 12.01 126.98
C GLU D 695 39.68 12.27 126.22
N ASP D 696 40.11 11.33 125.38
CA ASP D 696 41.28 11.54 124.56
C ASP D 696 41.04 12.54 123.43
N LEU D 697 39.78 12.86 123.14
CA LEU D 697 39.46 13.86 122.13
C LEU D 697 39.11 15.20 122.74
N MET D 698 39.31 15.37 124.04
CA MET D 698 39.00 16.61 124.76
C MET D 698 37.53 17.01 124.59
N LEU D 699 36.65 16.02 124.61
CA LEU D 699 35.22 16.23 124.62
C LEU D 699 34.62 15.51 125.81
N THR D 700 33.67 16.15 126.47
CA THR D 700 33.14 15.60 127.71
C THR D 700 31.71 16.08 127.92
N ASP D 701 31.06 15.47 128.92
CA ASP D 701 29.73 15.88 129.34
C ASP D 701 29.64 16.09 130.85
N GLN D 702 30.77 16.16 131.54
CA GLN D 702 30.80 16.33 133.00
C GLN D 702 31.03 17.81 133.34
N VAL D 703 29.96 18.58 133.23
CA VAL D 703 29.97 20.00 133.55
C VAL D 703 29.03 20.24 134.73
N TYR D 704 29.45 21.08 135.66
CA TYR D 704 28.67 21.35 136.86
C TYR D 704 28.64 22.84 137.12
N MET D 705 27.59 23.28 137.83
CA MET D 705 27.51 24.62 138.38
C MET D 705 27.44 24.54 139.89
N HIS D 706 28.23 25.38 140.55
CA HIS D 706 28.26 25.41 142.01
C HIS D 706 28.85 26.74 142.44
N ARG D 707 28.12 27.48 143.27
CA ARG D 707 28.59 28.80 143.69
C ARG D 707 29.75 28.65 144.65
N ASP D 708 30.91 29.14 144.24
CA ASP D 708 32.13 29.07 145.05
C ASP D 708 32.85 30.41 145.00
N MET D 709 33.50 30.74 146.11
CA MET D 709 34.21 32.01 146.23
C MET D 709 35.66 31.86 145.77
N LEU D 710 36.15 32.85 145.06
CA LEU D 710 37.56 32.90 144.69
C LEU D 710 38.38 33.11 145.95
N PRO D 711 39.44 32.33 146.18
CA PRO D 711 40.14 32.39 147.47
C PRO D 711 40.84 33.72 147.71
N GLU D 712 40.89 34.12 148.97
CA GLU D 712 41.50 35.38 149.40
C GLU D 712 42.37 35.10 150.61
N PRO D 713 43.55 34.52 150.44
CA PRO D 713 44.35 34.10 151.58
C PRO D 713 44.99 35.28 152.29
N ARG D 714 45.45 35.01 153.51
CA ARG D 714 46.12 36.02 154.32
C ARG D 714 47.62 35.81 154.21
N LEU D 715 48.31 36.83 153.68
CA LEU D 715 49.78 36.74 153.43
C LEU D 715 50.57 37.27 154.63
N ASP D 716 50.45 36.61 155.78
CA ASP D 716 51.15 37.02 156.98
C ASP D 716 52.66 36.96 156.80
N ASP D 717 53.16 35.91 156.17
CA ASP D 717 54.59 35.76 155.89
C ASP D 717 54.77 35.57 154.40
N ILE D 718 55.59 36.44 153.79
CA ILE D 718 55.75 36.41 152.34
C ILE D 718 56.52 35.17 151.90
N GLU D 719 57.62 34.87 152.59
CA GLU D 719 58.49 33.80 152.13
C GLU D 719 57.82 32.44 152.26
N ARG D 720 57.15 32.19 153.38
CA ARG D 720 56.47 30.91 153.57
C ARG D 720 55.35 30.73 152.55
N PHE D 721 54.58 31.79 152.29
CA PHE D 721 53.51 31.70 151.31
C PHE D 721 54.07 31.46 149.92
N ARG D 722 55.20 32.11 149.60
CA ARG D 722 55.83 31.89 148.30
C ARG D 722 56.30 30.45 148.16
N GLN D 723 56.92 29.90 149.20
CA GLN D 723 57.45 28.54 149.11
C GLN D 723 56.34 27.51 149.09
N GLU D 724 55.18 27.82 149.66
CA GLU D 724 54.09 26.87 149.68
C GLU D 724 53.61 26.53 148.28
N GLY D 725 53.55 27.52 147.41
CA GLY D 725 53.00 27.31 146.08
C GLY D 725 51.50 27.35 146.12
N PHE D 726 50.88 28.18 145.29
CA PHE D 726 49.45 28.41 145.40
C PHE D 726 48.87 28.62 144.01
N TYR D 727 47.72 28.00 143.77
CA TYR D 727 47.05 28.11 142.48
C TYR D 727 45.59 27.78 142.68
N TYR D 728 44.77 28.23 141.74
CA TYR D 728 43.35 27.94 141.77
C TYR D 728 42.89 27.43 140.42
N THR D 729 41.89 26.56 140.43
CA THR D 729 41.35 26.02 139.19
C THR D 729 39.92 25.54 139.43
N ASN D 730 39.15 25.51 138.35
CA ASN D 730 37.83 24.89 138.37
C ASN D 730 37.88 23.42 138.03
N MET D 731 39.08 22.88 137.81
CA MET D 731 39.26 21.45 137.60
C MET D 731 38.92 20.69 138.88
N LEU D 732 38.17 19.60 138.76
CA LEU D 732 37.79 18.79 139.91
C LEU D 732 38.61 17.51 139.92
N GLU D 733 39.12 17.17 141.10
CA GLU D 733 39.85 15.92 141.27
C GLU D 733 38.92 14.74 141.56
N ALA D 734 37.66 14.99 141.89
CA ALA D 734 36.70 13.91 142.15
C ALA D 734 35.29 14.47 141.98
N PRO D 735 34.40 13.76 141.29
CA PRO D 735 33.04 14.26 141.12
C PRO D 735 32.31 14.26 142.45
N PRO D 736 31.30 15.11 142.62
CA PRO D 736 30.61 15.21 143.90
C PRO D 736 29.77 13.96 144.17
N GLU D 737 29.21 13.92 145.37
CA GLU D 737 28.37 12.80 145.77
C GLU D 737 27.05 12.81 144.99
N ILE D 738 26.42 11.64 144.93
CA ILE D 738 25.18 11.50 144.17
C ILE D 738 24.03 12.22 144.86
N ASP D 739 23.93 12.11 146.18
CA ASP D 739 22.79 12.67 146.90
C ASP D 739 22.75 14.19 146.89
N ARG D 740 23.83 14.85 146.48
CA ARG D 740 23.91 16.29 146.52
C ARG D 740 23.69 16.92 145.14
N VAL D 741 23.71 16.12 144.08
CA VAL D 741 23.66 16.62 142.71
C VAL D 741 22.29 16.34 142.11
N VAL D 742 21.78 17.26 141.32
CA VAL D 742 20.57 17.07 140.54
C VAL D 742 20.95 16.94 139.08
N GLN D 743 20.12 16.24 138.32
CA GLN D 743 20.42 15.89 136.93
C GLN D 743 19.46 16.61 135.99
N TYR D 744 20.00 17.23 134.95
CA TYR D 744 19.19 17.80 133.89
C TYR D 744 19.40 17.03 132.60
N THR D 745 18.63 17.44 131.58
CA THR D 745 18.63 16.81 130.27
C THR D 745 18.26 17.90 129.29
N TYR D 746 18.64 17.70 128.02
CA TYR D 746 18.40 18.74 127.01
C TYR D 746 16.91 19.05 126.87
N GLU D 747 16.07 18.02 126.86
CA GLU D 747 14.63 18.23 126.68
C GLU D 747 14.03 18.96 127.87
N ILE D 748 14.38 18.56 129.10
CA ILE D 748 13.83 19.21 130.28
C ILE D 748 14.26 20.66 130.35
N ALA D 749 15.53 20.92 130.08
CA ALA D 749 16.03 22.30 130.11
C ALA D 749 15.34 23.14 129.04
N ARG D 750 15.16 22.60 127.84
CA ARG D 750 14.50 23.36 126.79
C ARG D 750 13.05 23.66 127.15
N LEU D 751 12.33 22.67 127.69
CA LEU D 751 10.93 22.89 128.06
C LEU D 751 10.81 23.90 129.18
N GLN D 752 11.69 23.84 130.17
CA GLN D 752 11.64 24.83 131.25
C GLN D 752 12.03 26.22 130.73
N ALA D 753 12.92 26.29 129.75
CA ALA D 753 13.32 27.59 129.23
C ALA D 753 12.22 28.23 128.40
N ASN D 754 11.45 27.43 127.66
CA ASN D 754 10.38 27.98 126.85
C ASN D 754 9.30 28.61 127.71
N MET D 755 8.97 27.99 128.84
CA MET D 755 7.92 28.50 129.71
C MET D 755 8.39 29.60 130.64
N GLY D 756 9.68 29.86 130.72
CA GLY D 756 10.17 30.94 131.54
C GLY D 756 10.35 30.61 133.01
N GLN D 757 10.87 29.42 133.33
CA GLN D 757 11.11 29.04 134.71
C GLN D 757 12.54 28.54 134.94
N PHE D 758 13.42 28.69 133.95
CA PHE D 758 14.77 28.14 134.08
C PHE D 758 15.62 28.92 135.06
N ARG D 759 15.60 30.25 134.96
CA ARG D 759 16.44 31.08 135.82
C ARG D 759 16.06 30.93 137.28
N ALA D 760 14.75 30.90 137.57
CA ALA D 760 14.30 30.77 138.95
C ALA D 760 14.72 29.43 139.54
N ALA D 761 14.57 28.34 138.76
CA ALA D 761 14.96 27.03 139.25
C ALA D 761 16.46 26.96 139.50
N LEU D 762 17.25 27.52 138.57
CA LEU D 762 18.70 27.50 138.75
C LEU D 762 19.11 28.28 140.00
N ARG D 763 18.52 29.46 140.22
CA ARG D 763 18.89 30.23 141.39
C ARG D 763 18.44 29.54 142.67
N ARG D 764 17.28 28.87 142.63
CA ARG D 764 16.83 28.14 143.80
C ARG D 764 17.78 27.01 144.15
N ILE D 765 18.26 26.29 143.13
CA ILE D 765 19.22 25.21 143.39
C ILE D 765 20.53 25.78 143.92
N MET D 766 21.01 26.87 143.33
CA MET D 766 22.29 27.43 143.74
C MET D 766 22.25 27.97 145.16
N ASP D 767 21.13 28.60 145.55
CA ASP D 767 21.03 29.16 146.88
C ASP D 767 20.97 28.09 147.97
N ASP D 768 20.70 26.85 147.60
CA ASP D 768 20.64 25.75 148.56
C ASP D 768 21.97 25.05 148.74
N ASP D 769 23.04 25.56 148.10
CA ASP D 769 24.37 24.97 148.16
C ASP D 769 24.37 23.52 147.64
N ASP D 770 23.78 23.34 146.46
CA ASP D 770 23.75 22.05 145.79
C ASP D 770 24.43 22.15 144.43
N TRP D 771 24.55 21.01 143.77
CA TRP D 771 25.19 20.90 142.47
C TRP D 771 24.15 20.58 141.40
N VAL D 772 24.47 20.93 140.16
CA VAL D 772 23.64 20.60 139.01
C VAL D 772 24.55 20.17 137.86
N ARG D 773 24.14 19.14 137.14
CA ARG D 773 24.94 18.57 136.05
C ARG D 773 24.18 18.67 134.74
N PHE D 774 24.83 19.24 133.73
CA PHE D 774 24.24 19.39 132.40
C PHE D 774 24.75 18.28 131.47
N GLY D 775 24.37 17.05 131.77
CA GLY D 775 24.87 15.91 131.03
C GLY D 775 24.13 15.68 129.72
N GLY D 776 24.62 14.69 128.98
CA GLY D 776 23.98 14.24 127.76
C GLY D 776 24.45 14.90 126.49
N VAL D 777 25.26 15.96 126.58
CA VAL D 777 25.73 16.68 125.40
C VAL D 777 27.23 16.86 125.50
N LEU D 778 27.94 16.56 124.42
CA LEU D 778 29.38 16.75 124.36
C LEU D 778 29.72 18.21 124.09
N ARG D 779 30.73 18.72 124.78
CA ARG D 779 31.17 20.11 124.63
C ARG D 779 32.67 20.17 124.37
N THR D 780 33.08 21.17 123.61
CA THR D 780 34.49 21.44 123.41
C THR D 780 35.07 22.10 124.65
N VAL D 781 36.27 21.67 125.04
CA VAL D 781 36.93 22.16 126.24
C VAL D 781 38.26 22.76 125.86
N ARG D 782 38.52 23.98 126.34
CA ARG D 782 39.79 24.65 126.15
C ARG D 782 40.52 24.75 127.48
N VAL D 783 41.82 25.02 127.42
CA VAL D 783 42.66 25.15 128.61
C VAL D 783 43.39 26.48 128.55
N LYS D 784 43.35 27.23 129.65
CA LYS D 784 44.01 28.53 129.71
C LYS D 784 44.79 28.67 131.01
N PHE D 785 45.83 29.50 130.96
CA PHE D 785 46.67 29.81 132.10
C PHE D 785 46.67 31.32 132.33
N TYR D 786 46.68 31.72 133.60
CA TYR D 786 46.62 33.13 133.93
C TYR D 786 47.58 33.45 135.08
N ASP D 787 48.29 34.57 134.94
CA ASP D 787 49.18 35.07 135.96
C ASP D 787 48.57 36.19 136.79
N ALA D 788 47.54 36.85 136.28
CA ALA D 788 46.79 37.86 137.01
C ALA D 788 45.31 37.53 136.93
N ARG D 789 44.48 38.45 137.40
CA ARG D 789 43.04 38.21 137.39
C ARG D 789 42.52 38.17 135.96
N PRO D 790 41.74 37.16 135.59
CA PRO D 790 41.34 36.99 134.20
C PRO D 790 40.19 37.91 133.83
N PRO D 791 39.82 37.98 132.56
CA PRO D 791 38.65 38.78 132.19
C PRO D 791 37.37 38.23 132.83
N ASP D 792 36.41 39.13 133.02
CA ASP D 792 35.22 38.80 133.77
C ASP D 792 34.35 37.77 133.05
N ASP D 793 34.44 37.70 131.72
CA ASP D 793 33.60 36.76 130.99
C ASP D 793 34.03 35.31 131.16
N VAL D 794 35.18 35.06 131.76
CA VAL D 794 35.67 33.71 131.98
C VAL D 794 35.34 33.22 133.38
N LEU D 795 35.53 34.06 134.40
CA LEU D 795 35.17 33.67 135.76
C LEU D 795 33.67 33.42 135.89
N GLN D 796 32.87 34.26 135.27
CA GLN D 796 31.42 34.16 135.35
C GLN D 796 30.81 33.60 134.07
N GLY D 797 31.51 32.66 133.43
CA GLY D 797 31.00 32.04 132.23
C GLY D 797 29.90 31.05 132.56
N LEU D 798 28.96 30.91 131.67
CA LEU D 798 27.87 30.00 131.93
C LEU D 798 27.92 28.82 130.96
N PRO D 799 27.47 27.63 131.39
CA PRO D 799 27.44 26.48 130.48
C PRO D 799 26.44 26.61 129.35
N PHE D 800 25.52 27.56 129.42
CA PHE D 800 24.48 27.75 128.40
C PHE D 800 24.47 29.21 127.99
N SER D 801 23.73 29.49 126.92
CA SER D 801 23.62 30.86 126.43
C SER D 801 22.27 31.06 125.76
N TYR D 802 21.70 32.24 125.96
CA TYR D 802 20.46 32.59 125.30
C TYR D 802 20.73 33.07 123.88
N ASP D 803 19.70 33.02 123.05
CA ASP D 803 19.83 33.42 121.65
C ASP D 803 19.93 34.93 121.51
N THR D 814 14.49 28.35 123.47
CA THR D 814 15.17 29.53 122.95
C THR D 814 16.55 29.68 123.55
N ILE D 815 17.17 28.56 123.91
CA ILE D 815 18.52 28.55 124.47
C ILE D 815 19.38 27.58 123.66
N LYS D 816 20.69 27.77 123.77
CA LYS D 816 21.66 26.88 123.16
C LYS D 816 22.34 26.08 124.26
N TYR D 817 22.12 24.76 124.25
CA TYR D 817 22.60 23.92 125.34
C TYR D 817 24.11 23.71 125.26
N ALA D 818 24.64 23.56 124.05
CA ALA D 818 26.06 23.32 123.86
C ALA D 818 26.80 24.64 123.71
N THR D 819 27.88 24.80 124.47
CA THR D 819 28.68 26.01 124.44
C THR D 819 30.08 25.65 124.92
N GLU D 820 31.09 26.17 124.21
CA GLU D 820 32.46 25.87 124.58
C GLU D 820 32.76 26.41 125.98
N THR D 821 33.60 25.68 126.71
CA THR D 821 33.95 26.03 128.07
C THR D 821 35.46 25.92 128.25
N THR D 822 35.98 26.70 129.21
CA THR D 822 37.41 26.81 129.43
C THR D 822 37.74 26.38 130.85
N ILE D 823 38.76 25.53 130.98
CA ILE D 823 39.37 25.23 132.26
C ILE D 823 40.55 26.17 132.43
N PHE D 824 40.51 26.98 133.49
CA PHE D 824 41.54 27.99 133.71
C PHE D 824 42.34 27.63 134.96
N TYR D 825 43.65 27.79 134.85
CA TYR D 825 44.54 27.67 136.00
C TYR D 825 45.11 29.05 136.29
N LEU D 826 44.91 29.53 137.51
CA LEU D 826 45.30 30.87 137.89
C LEU D 826 46.37 30.79 138.96
N ILE D 827 47.46 31.53 138.77
CA ILE D 827 48.62 31.50 139.66
C ILE D 827 48.66 32.78 140.47
N TYR D 828 48.82 32.65 141.79
CA TYR D 828 48.91 33.79 142.68
C TYR D 828 50.35 34.30 142.72
N ASN D 829 50.52 35.61 142.56
CA ASN D 829 51.81 36.25 142.73
C ASN D 829 51.73 37.29 143.83
N VAL D 830 52.87 37.55 144.48
CA VAL D 830 52.92 38.44 145.62
C VAL D 830 54.28 39.13 145.64
N GLU D 831 54.29 40.38 146.08
CA GLU D 831 55.49 41.17 146.22
C GLU D 831 55.73 41.51 147.68
N PHE D 832 56.90 42.06 147.96
CA PHE D 832 57.22 42.45 149.33
C PHE D 832 56.48 43.71 149.75
N SER D 833 55.85 44.41 148.81
CA SER D 833 55.11 45.61 149.14
C SER D 833 53.68 45.33 149.55
N ASN D 834 53.25 44.07 149.56
CA ASN D 834 51.87 43.76 149.90
C ASN D 834 51.68 43.73 151.42
N THR D 835 50.74 44.52 151.91
CA THR D 835 50.35 44.46 153.30
C THR D 835 49.59 43.16 153.55
N PRO D 836 49.58 42.67 154.80
CA PRO D 836 48.97 41.35 155.05
C PRO D 836 47.50 41.23 154.71
N ASP D 837 46.81 42.32 154.41
CA ASP D 837 45.40 42.26 154.03
C ASP D 837 45.18 42.96 152.69
N SER D 838 46.15 42.84 151.79
CA SER D 838 46.12 43.62 150.56
C SER D 838 45.19 43.05 149.50
N LEU D 839 44.74 41.81 149.64
CA LEU D 839 43.94 41.19 148.60
C LEU D 839 42.61 40.69 149.12
N VAL D 840 42.13 41.25 150.22
CA VAL D 840 40.80 40.97 150.75
C VAL D 840 39.86 42.07 150.31
N LEU D 841 38.65 41.71 149.91
CA LEU D 841 37.66 42.66 149.44
C LEU D 841 36.43 42.64 150.35
N ILE D 842 35.55 43.60 150.14
CA ILE D 842 34.35 43.70 150.99
C ILE D 842 33.25 42.78 150.48
N ASN D 843 33.23 42.48 149.18
CA ASN D 843 32.24 41.61 148.59
C ASN D 843 32.92 40.51 147.79
N PRO D 844 32.56 39.25 148.01
CA PRO D 844 33.24 38.16 147.33
C PRO D 844 32.93 38.11 145.85
N THR D 845 33.87 37.54 145.10
CA THR D 845 33.67 37.23 143.69
C THR D 845 33.29 35.77 143.54
N TYR D 846 32.47 35.47 142.54
CA TYR D 846 31.86 34.16 142.40
C TYR D 846 32.28 33.50 141.10
N THR D 847 32.43 32.18 141.15
CA THR D 847 32.73 31.35 139.99
C THR D 847 31.80 30.15 140.00
N MET D 848 31.29 29.77 138.82
CA MET D 848 30.24 28.77 138.73
C MET D 848 30.68 27.48 138.07
N THR D 849 31.22 27.54 136.85
CA THR D 849 31.41 26.36 136.04
C THR D 849 32.59 25.51 136.55
N LYS D 850 32.36 24.20 136.68
CA LYS D 850 33.39 23.24 137.02
C LYS D 850 33.35 22.08 136.03
N VAL D 851 34.52 21.53 135.73
CA VAL D 851 34.65 20.45 134.75
C VAL D 851 35.50 19.35 135.36
N PHE D 852 35.07 18.10 135.18
CA PHE D 852 35.81 16.94 135.65
C PHE D 852 36.26 16.09 134.47
N ILE D 853 37.57 15.84 134.39
CA ILE D 853 38.16 14.96 133.39
C ILE D 853 39.00 13.93 134.11
N ASN D 854 38.84 12.66 133.75
CA ASN D 854 39.58 11.60 134.41
C ASN D 854 40.95 11.41 133.77
N LYS D 855 41.69 12.51 133.63
CA LYS D 855 43.05 12.49 133.10
C LYS D 855 43.89 13.44 133.94
N ARG D 856 45.19 13.22 133.96
CA ARG D 856 46.10 14.08 134.71
C ARG D 856 46.77 15.04 133.73
N ILE D 857 46.06 16.12 133.42
CA ILE D 857 46.58 17.09 132.46
C ILE D 857 47.62 17.99 133.10
N VAL D 858 47.25 18.67 134.18
CA VAL D 858 48.15 19.57 134.89
C VAL D 858 48.33 19.03 136.30
N GLU D 859 49.59 18.88 136.72
CA GLU D 859 49.83 18.32 138.04
C GLU D 859 50.91 19.13 138.76
N ARG D 860 50.66 19.45 140.02
CA ARG D 860 51.61 20.19 140.84
C ARG D 860 52.56 19.20 141.49
N VAL D 861 53.82 19.24 141.09
CA VAL D 861 54.78 18.22 141.50
C VAL D 861 55.99 18.87 142.17
N ARG D 862 56.53 18.15 143.14
CA ARG D 862 57.79 18.53 143.77
C ARG D 862 58.94 18.32 142.78
N VAL D 863 60.07 18.95 143.08
CA VAL D 863 61.22 18.89 142.17
C VAL D 863 61.76 17.47 142.05
N GLY D 864 61.78 16.74 143.17
CA GLY D 864 62.35 15.41 143.19
C GLY D 864 61.64 14.41 142.29
N GLN D 865 60.45 14.74 141.82
CA GLN D 865 59.70 13.85 140.95
C GLN D 865 59.65 14.32 139.50
N ILE D 866 60.42 15.35 139.15
CA ILE D 866 60.39 15.83 137.75
C ILE D 866 60.77 14.72 136.79
N LEU D 867 61.77 13.92 137.14
CA LEU D 867 62.19 12.84 136.28
C LEU D 867 61.39 11.56 136.50
N ALA D 868 60.25 11.64 137.17
CA ALA D 868 59.43 10.46 137.41
C ALA D 868 58.59 10.06 136.22
N VAL D 869 58.64 10.82 135.13
CA VAL D 869 57.78 10.55 133.98
C VAL D 869 58.44 9.66 132.95
N LEU D 870 59.75 9.44 133.03
CA LEU D 870 60.45 8.58 132.07
C LEU D 870 60.13 7.12 132.38
N ASN D 871 59.13 6.57 131.68
CA ASN D 871 58.75 5.19 131.96
C ASN D 871 58.31 4.41 130.73
N ARG D 872 58.81 4.72 129.53
CA ARG D 872 58.39 4.00 128.34
C ARG D 872 59.57 3.67 127.44
N ARG D 873 59.57 2.46 126.89
CA ARG D 873 60.67 1.95 126.10
C ARG D 873 60.68 2.57 124.71
N PHE D 874 61.88 2.78 124.18
CA PHE D 874 62.08 3.22 122.81
C PHE D 874 63.21 2.42 122.19
N VAL D 875 62.99 1.96 120.96
CA VAL D 875 63.99 1.23 120.18
C VAL D 875 64.24 2.00 118.89
N ALA D 876 65.51 2.30 118.62
CA ALA D 876 65.88 3.10 117.46
C ALA D 876 66.96 2.38 116.66
N TYR D 877 66.98 2.65 115.36
CA TYR D 877 68.00 2.08 114.50
C TYR D 877 69.26 2.93 114.52
N LYS D 878 70.41 2.29 114.33
CA LYS D 878 71.66 3.01 114.31
C LYS D 878 71.86 3.72 112.97
N GLY D 879 72.93 4.50 112.88
CA GLY D 879 73.13 5.33 111.71
C GLY D 879 73.48 4.57 110.45
N LYS D 880 74.05 3.37 110.60
CA LYS D 880 74.49 2.62 109.43
C LYS D 880 73.34 1.97 108.68
N MET D 881 72.17 1.85 109.29
CA MET D 881 71.05 1.17 108.66
C MET D 881 70.40 2.04 107.60
N ARG D 882 69.62 1.41 106.73
CA ARG D 882 68.85 2.09 105.71
C ARG D 882 67.41 1.58 105.76
N ILE D 883 66.46 2.49 105.59
CA ILE D 883 65.05 2.16 105.54
C ILE D 883 64.56 2.48 104.14
N MET D 884 64.15 1.46 103.39
CA MET D 884 63.67 1.64 102.03
C MET D 884 62.32 0.99 101.85
N ASP D 885 61.52 1.61 100.97
CA ASP D 885 60.19 1.06 100.65
C ASP D 885 60.33 0.28 99.34
N ILE D 886 59.72 -0.89 99.27
CA ILE D 886 59.84 -1.77 98.12
C ILE D 886 58.47 -2.11 97.51
N THR D 887 57.48 -1.22 97.70
CA THR D 887 56.15 -1.49 97.15
C THR D 887 56.16 -1.41 95.63
N GLN D 888 56.99 -0.54 95.06
CA GLN D 888 57.00 -0.34 93.62
C GLN D 888 57.57 -1.52 92.86
N SER D 889 58.17 -2.49 93.53
CA SER D 889 58.77 -3.64 92.85
C SER D 889 57.75 -4.71 92.49
N LEU D 890 56.49 -4.55 92.88
CA LEU D 890 55.46 -5.56 92.62
C LEU D 890 54.93 -5.37 91.20
N LYS D 891 55.74 -5.79 90.23
CA LYS D 891 55.37 -5.75 88.83
C LYS D 891 55.13 -7.16 88.31
N MET D 892 54.46 -7.24 87.16
CA MET D 892 54.05 -8.54 86.63
C MET D 892 55.18 -9.31 85.99
N GLY D 893 56.15 -8.62 85.39
CA GLY D 893 57.16 -9.30 84.61
C GLY D 893 58.25 -10.01 85.37
N THR D 894 58.31 -9.87 86.69
CA THR D 894 59.40 -10.45 87.44
C THR D 894 59.16 -11.93 87.70
N LYS D 895 60.25 -12.62 88.07
CA LYS D 895 60.22 -14.05 88.34
C LYS D 895 61.29 -14.35 89.38
N LEU D 896 60.94 -15.12 90.40
CA LEU D 896 61.86 -15.37 91.50
C LEU D 896 62.56 -16.71 91.32
N ALA D 897 63.73 -16.84 91.96
CA ALA D 897 64.61 -17.96 91.70
C ALA D 897 64.00 -19.27 92.17
N ALA D 898 63.81 -19.42 93.47
CA ALA D 898 63.18 -20.62 94.00
C ALA D 898 61.66 -20.44 94.00
N PRO D 899 60.91 -21.23 93.26
CA PRO D 899 59.46 -21.04 93.20
C PRO D 899 58.80 -21.38 94.52
N THR D 900 57.62 -20.81 94.71
CA THR D 900 56.84 -21.01 95.93
C THR D 900 55.66 -21.93 95.63
N VAL D 901 55.18 -22.58 96.68
CA VAL D 901 54.04 -23.48 96.55
C VAL D 901 52.75 -22.68 96.49
N LEU E 30 18.12 -3.58 -16.20
CA LEU E 30 17.78 -4.97 -15.95
C LEU E 30 17.98 -5.32 -14.49
N LEU E 31 16.90 -5.58 -13.78
CA LEU E 31 17.02 -5.97 -12.38
C LEU E 31 15.75 -6.72 -11.96
N SER E 32 15.89 -7.51 -10.91
CA SER E 32 14.79 -8.23 -10.31
C SER E 32 14.69 -7.88 -8.83
N VAL E 33 13.47 -7.93 -8.30
CA VAL E 33 13.25 -7.54 -6.91
C VAL E 33 13.87 -8.54 -5.94
N PHE E 34 14.12 -9.77 -6.36
CA PHE E 34 14.72 -10.75 -5.46
C PHE E 34 16.20 -10.48 -5.24
N ALA E 35 16.90 -10.03 -6.27
CA ALA E 35 18.30 -9.63 -6.11
C ALA E 35 18.42 -8.37 -5.27
N LEU E 36 17.35 -7.57 -5.19
CA LEU E 36 17.39 -6.34 -4.39
C LEU E 36 17.59 -6.65 -2.92
N GLN E 37 16.93 -7.71 -2.41
CA GLN E 37 17.14 -8.09 -1.02
C GLN E 37 18.57 -8.53 -0.77
N GLU E 38 19.14 -9.31 -1.69
CA GLU E 38 20.49 -9.82 -1.50
C GLU E 38 21.51 -8.70 -1.52
N ILE E 39 21.41 -7.77 -2.48
CA ILE E 39 22.36 -6.68 -2.54
C ILE E 39 22.10 -5.69 -1.40
N MET E 40 20.86 -5.63 -0.92
CA MET E 40 20.48 -4.66 0.10
C MET E 40 20.93 -5.05 1.50
N GLN E 41 21.04 -6.35 1.79
CA GLN E 41 21.27 -6.80 3.15
C GLN E 41 22.70 -6.55 3.65
N LYS E 42 23.57 -5.97 2.82
CA LYS E 42 24.91 -5.61 3.24
C LYS E 42 24.87 -4.55 4.33
N PHE E 59 42.60 -13.64 25.89
CA PHE E 59 43.89 -14.30 26.09
C PHE E 59 43.92 -15.05 27.41
N THR E 60 44.96 -14.80 28.20
CA THR E 60 45.11 -15.43 29.50
C THR E 60 45.57 -14.40 30.50
N VAL E 61 45.37 -14.71 31.78
CA VAL E 61 45.76 -13.77 32.84
C VAL E 61 47.27 -13.62 32.84
N PRO E 62 47.81 -12.40 32.87
CA PRO E 62 49.27 -12.22 32.82
C PRO E 62 50.00 -12.86 33.99
N ASP E 63 49.35 -13.00 35.15
CA ASP E 63 50.00 -13.67 36.27
C ASP E 63 50.29 -15.13 35.97
N VAL E 64 49.34 -15.82 35.34
CA VAL E 64 49.55 -17.22 35.00
C VAL E 64 50.65 -17.34 33.93
N GLN E 65 50.68 -16.41 32.99
CA GLN E 65 51.74 -16.41 31.99
C GLN E 65 53.11 -16.22 32.63
N LYS E 66 53.18 -15.33 33.63
CA LYS E 66 54.42 -15.15 34.37
C LYS E 66 54.83 -16.42 35.09
N ILE E 67 53.86 -17.12 35.68
CA ILE E 67 54.14 -18.38 36.37
C ILE E 67 54.71 -19.40 35.39
N LEU E 68 54.09 -19.53 34.23
CA LEU E 68 54.57 -20.50 33.24
C LEU E 68 55.95 -20.14 32.72
N ASP E 69 56.21 -18.85 32.52
CA ASP E 69 57.55 -18.43 32.11
C ASP E 69 58.58 -18.78 33.17
N ASP E 70 58.24 -18.58 34.44
CA ASP E 70 59.17 -18.91 35.51
C ASP E 70 59.47 -20.40 35.56
N ILE E 71 58.43 -21.23 35.37
CA ILE E 71 58.65 -22.68 35.36
C ILE E 71 59.53 -23.08 34.19
N LYS E 72 59.28 -22.50 33.02
CA LYS E 72 60.10 -22.81 31.85
C LYS E 72 61.55 -22.41 32.08
N ALA E 73 61.77 -21.27 32.72
CA ALA E 73 63.14 -20.86 33.05
C ALA E 73 63.78 -21.83 34.04
N LEU E 74 63.02 -22.27 35.04
CA LEU E 74 63.56 -23.18 36.04
C LEU E 74 63.89 -24.54 35.45
N ALA E 75 63.24 -24.90 34.35
CA ALA E 75 63.49 -26.21 33.74
C ALA E 75 64.92 -26.36 33.24
N ALA E 76 65.67 -25.27 33.04
CA ALA E 76 67.01 -25.32 32.49
C ALA E 76 68.11 -25.17 33.54
N GLU E 77 67.77 -25.27 34.82
CA GLU E 77 68.77 -25.10 35.86
C GLU E 77 69.69 -26.31 35.88
N GLN E 78 70.99 -26.08 36.05
CA GLN E 78 71.99 -27.15 35.95
C GLN E 78 72.46 -27.56 37.35
N VAL E 79 72.37 -28.85 37.63
CA VAL E 79 72.61 -29.38 38.98
C VAL E 79 74.01 -29.96 39.10
N TYR E 80 74.41 -30.84 38.20
CA TYR E 80 75.69 -31.51 38.28
C TYR E 80 76.79 -30.67 37.65
N LYS E 81 78.03 -31.15 37.79
CA LYS E 81 79.19 -30.55 37.14
C LYS E 81 80.01 -31.65 36.48
N ILE E 82 80.80 -31.25 35.49
CA ILE E 82 81.71 -32.15 34.79
C ILE E 82 83.12 -31.66 35.04
N VAL E 83 83.94 -32.50 35.69
CA VAL E 83 85.28 -32.11 36.10
C VAL E 83 86.29 -33.13 35.61
N LYS E 84 87.55 -32.71 35.56
CA LYS E 84 88.64 -33.61 35.20
C LYS E 84 89.20 -34.33 36.41
N VAL E 85 89.27 -33.67 37.55
CA VAL E 85 89.78 -34.28 38.78
C VAL E 85 88.82 -34.02 39.92
N PRO E 86 88.68 -34.92 40.88
CA PRO E 86 87.83 -34.66 42.04
C PRO E 86 88.50 -33.68 42.99
N SER E 87 87.67 -33.07 43.84
CA SER E 87 88.17 -32.13 44.82
C SER E 87 88.95 -32.86 45.92
N ILE E 88 89.83 -32.12 46.58
CA ILE E 88 90.70 -32.69 47.60
C ILE E 88 89.87 -33.04 48.84
N SER E 89 90.01 -34.26 49.33
CA SER E 89 89.29 -34.72 50.50
C SER E 89 90.16 -34.87 51.74
N PHE E 90 91.46 -35.15 51.57
CA PHE E 90 92.39 -35.23 52.68
C PHE E 90 93.60 -34.36 52.41
N ARG E 91 94.05 -33.64 53.43
CA ARG E 91 95.28 -32.87 53.33
C ARG E 91 96.19 -33.23 54.49
N HIS E 92 97.43 -32.77 54.42
CA HIS E 92 98.45 -33.17 55.36
C HIS E 92 99.16 -31.94 55.93
N ILE E 93 99.42 -31.99 57.23
CA ILE E 93 100.16 -30.96 57.94
C ILE E 93 101.52 -31.52 58.32
N VAL E 94 102.57 -30.77 58.01
CA VAL E 94 103.95 -31.19 58.20
C VAL E 94 104.53 -30.45 59.39
N MET E 95 105.26 -31.16 60.23
CA MET E 95 105.94 -30.60 61.40
C MET E 95 107.44 -30.77 61.19
N GLN E 96 108.19 -30.55 62.27
CA GLN E 96 109.63 -30.74 62.23
C GLN E 96 110.04 -32.20 62.01
N SER E 97 109.12 -33.13 62.14
CA SER E 97 109.43 -34.54 61.90
C SER E 97 109.60 -34.83 60.41
N ARG E 98 110.36 -35.88 60.13
CA ARG E 98 110.58 -36.35 58.76
C ARG E 98 109.95 -37.71 58.49
N ASP E 99 109.16 -38.23 59.44
CA ASP E 99 108.57 -39.55 59.29
C ASP E 99 107.08 -39.61 59.53
N ARG E 100 106.50 -38.69 60.31
CA ARG E 100 105.09 -38.71 60.65
C ARG E 100 104.48 -37.35 60.34
N VAL E 101 103.24 -37.36 59.87
CA VAL E 101 102.51 -36.15 59.52
C VAL E 101 101.11 -36.22 60.13
N LEU E 102 100.37 -35.12 59.99
CA LEU E 102 98.97 -35.09 60.41
C LEU E 102 98.07 -35.16 59.19
N ARG E 103 97.14 -36.11 59.20
CA ARG E 103 96.12 -36.25 58.17
C ARG E 103 94.84 -35.57 58.65
N VAL E 104 94.32 -34.66 57.83
CA VAL E 104 93.15 -33.86 58.16
C VAL E 104 92.11 -34.04 57.05
N ASP E 105 90.88 -34.32 57.44
CA ASP E 105 89.76 -34.39 56.51
C ASP E 105 89.16 -33.00 56.32
N THR E 106 89.12 -32.53 55.08
CA THR E 106 88.65 -31.18 54.82
C THR E 106 87.14 -31.05 54.89
N TYR E 107 86.41 -32.16 54.82
CA TYR E 107 84.96 -32.09 54.81
C TYR E 107 84.43 -31.52 56.13
N TYR E 108 85.00 -31.93 57.25
CA TYR E 108 84.54 -31.43 58.54
C TYR E 108 84.88 -29.96 58.73
N GLU E 109 86.06 -29.55 58.25
CA GLU E 109 86.42 -28.14 58.32
C GLU E 109 85.46 -27.30 57.50
N GLU E 110 85.08 -27.78 56.31
CA GLU E 110 84.14 -27.04 55.49
C GLU E 110 82.74 -27.03 56.12
N MET E 111 82.35 -28.14 56.74
CA MET E 111 81.01 -28.24 57.31
C MET E 111 80.86 -27.37 58.55
N SER E 112 81.94 -27.18 59.32
CA SER E 112 81.84 -26.43 60.56
C SER E 112 81.52 -24.96 60.34
N GLN E 113 81.61 -24.46 59.11
CA GLN E 113 81.36 -23.04 58.83
C GLN E 113 80.17 -22.84 57.92
N VAL E 114 79.12 -23.64 58.07
CA VAL E 114 77.91 -23.53 57.27
C VAL E 114 76.73 -23.35 58.21
N GLY E 115 75.92 -22.33 57.97
CA GLY E 115 74.76 -22.07 58.79
C GLY E 115 75.05 -21.14 59.96
N ASP E 116 74.01 -20.90 60.74
CA ASP E 116 74.08 -19.98 61.87
C ASP E 116 74.18 -20.74 63.17
N VAL E 117 74.47 -20.01 64.24
CA VAL E 117 74.55 -20.62 65.56
C VAL E 117 73.17 -21.06 66.01
N ILE E 118 73.13 -22.10 66.82
CA ILE E 118 71.87 -22.73 67.20
C ILE E 118 71.47 -22.21 68.57
N THR E 119 70.25 -21.71 68.67
CA THR E 119 69.71 -21.18 69.92
C THR E 119 68.33 -21.78 70.15
N GLU E 120 68.01 -22.01 71.42
CA GLU E 120 66.83 -22.80 71.77
C GLU E 120 65.50 -22.07 71.57
N ASP E 121 65.51 -20.76 71.31
CA ASP E 121 64.25 -20.04 71.13
C ASP E 121 64.03 -19.49 69.73
N GLU E 122 64.71 -20.02 68.72
CA GLU E 122 64.37 -19.77 67.32
C GLU E 122 64.27 -21.12 66.61
N PRO E 123 63.12 -21.78 66.68
CA PRO E 123 62.96 -23.05 65.95
C PRO E 123 63.14 -22.92 64.44
N GLU E 124 62.66 -21.81 63.86
CA GLU E 124 62.76 -21.63 62.42
C GLU E 124 64.21 -21.54 61.98
N LYS E 125 65.06 -20.90 62.77
CA LYS E 125 66.47 -20.83 62.43
C LYS E 125 67.12 -22.21 62.48
N PHE E 126 66.71 -23.04 63.44
CA PHE E 126 67.22 -24.42 63.50
C PHE E 126 66.85 -25.18 62.23
N TYR E 127 65.57 -25.09 61.83
CA TYR E 127 65.13 -25.80 60.64
C TYR E 127 65.85 -25.29 59.39
N SER E 128 66.03 -23.98 59.28
CA SER E 128 66.72 -23.42 58.13
C SER E 128 68.17 -23.86 58.09
N THR E 129 68.84 -23.91 59.25
CA THR E 129 70.22 -24.37 59.29
C THR E 129 70.33 -25.81 58.83
N ILE E 130 69.41 -26.66 59.28
CA ILE E 130 69.45 -28.07 58.86
C ILE E 130 69.25 -28.19 57.36
N ILE E 131 68.28 -27.44 56.81
CA ILE E 131 68.03 -27.49 55.37
C ILE E 131 69.26 -27.03 54.60
N LYS E 132 69.90 -25.95 55.05
CA LYS E 132 71.06 -25.42 54.35
C LYS E 132 72.21 -26.42 54.37
N LYS E 133 72.43 -27.08 55.51
CA LYS E 133 73.52 -28.06 55.58
C LYS E 133 73.26 -29.25 54.65
N VAL E 134 72.01 -29.74 54.61
CA VAL E 134 71.69 -30.85 53.72
C VAL E 134 71.89 -30.47 52.27
N ARG E 135 71.44 -29.27 51.89
CA ARG E 135 71.63 -28.81 50.52
C ARG E 135 73.10 -28.62 50.19
N PHE E 136 73.91 -28.19 51.16
CA PHE E 136 75.34 -28.08 50.92
C PHE E 136 75.95 -29.45 50.63
N ILE E 137 75.56 -30.47 51.39
CA ILE E 137 76.07 -31.81 51.13
C ILE E 137 75.69 -32.26 49.73
N ARG E 138 74.42 -32.06 49.36
CA ARG E 138 73.95 -32.49 48.05
C ARG E 138 74.69 -31.78 46.93
N GLY E 139 74.93 -30.48 47.09
CA GLY E 139 75.67 -29.75 46.07
C GLY E 139 77.13 -30.17 45.96
N LYS E 140 77.76 -30.44 47.10
CA LYS E 140 79.17 -30.84 47.08
C LYS E 140 79.35 -32.22 46.47
N GLY E 141 78.40 -33.12 46.66
CA GLY E 141 78.64 -34.49 46.26
C GLY E 141 78.31 -34.89 44.83
N SER E 142 77.95 -33.97 43.95
CA SER E 142 77.49 -34.32 42.61
C SER E 142 78.49 -33.81 41.57
N PHE E 143 79.18 -34.75 40.92
CA PHE E 143 80.09 -34.42 39.83
C PHE E 143 80.32 -35.66 38.98
N ILE E 144 80.77 -35.44 37.76
CA ILE E 144 81.06 -36.51 36.80
C ILE E 144 82.48 -36.32 36.28
N LEU E 145 83.25 -37.41 36.30
CA LEU E 145 84.64 -37.38 35.85
C LEU E 145 84.69 -37.57 34.33
N HIS E 146 85.67 -36.92 33.70
CA HIS E 146 85.80 -36.97 32.25
C HIS E 146 87.23 -36.59 31.88
N ASP E 147 87.89 -37.45 31.09
CA ASP E 147 89.26 -37.14 30.60
C ASP E 147 90.19 -36.92 31.80
N ILE E 148 90.49 -37.99 32.55
CA ILE E 148 91.41 -37.88 33.67
C ILE E 148 92.85 -37.96 33.17
N PRO E 149 93.82 -37.36 33.85
CA PRO E 149 95.21 -37.54 33.45
C PRO E 149 95.69 -38.96 33.71
N THR E 150 96.48 -39.49 32.78
CA THR E 150 96.95 -40.87 32.84
C THR E 150 98.45 -40.92 32.57
N ARG E 151 99.01 -42.12 32.65
CA ARG E 151 100.42 -42.36 32.39
C ARG E 151 100.57 -43.82 32.02
N ASP E 152 101.70 -44.16 31.40
CA ASP E 152 101.96 -45.51 30.95
C ASP E 152 103.14 -46.11 31.69
N HIS E 153 103.07 -47.41 31.96
CA HIS E 153 104.12 -48.08 32.73
C HIS E 153 104.07 -49.57 32.43
N ARG E 154 105.10 -50.08 31.76
CA ARG E 154 105.26 -51.51 31.47
C ARG E 154 104.04 -52.08 30.78
N GLY E 155 103.48 -51.32 29.85
CA GLY E 155 102.32 -51.78 29.11
C GLY E 155 101.00 -51.67 29.85
N MET E 156 100.96 -50.98 30.98
CA MET E 156 99.74 -50.79 31.74
C MET E 156 99.47 -49.30 31.90
N GLU E 157 98.22 -48.98 32.20
CA GLU E 157 97.78 -47.60 32.37
C GLU E 157 97.66 -47.28 33.85
N VAL E 158 98.27 -46.17 34.27
CA VAL E 158 98.37 -45.79 35.67
C VAL E 158 97.82 -44.39 35.85
N ALA E 159 97.00 -44.20 36.87
CA ALA E 159 96.45 -42.88 37.15
C ALA E 159 97.51 -41.95 37.73
N GLU E 160 97.42 -40.67 37.38
CA GLU E 160 98.33 -39.67 37.89
C GLU E 160 98.00 -39.34 39.33
N PRO E 161 98.97 -38.84 40.11
CA PRO E 161 98.67 -38.47 41.50
C PRO E 161 97.67 -37.33 41.64
N GLU E 162 97.45 -36.54 40.60
CA GLU E 162 96.50 -35.43 40.71
C GLU E 162 95.07 -35.93 40.83
N VAL E 163 94.72 -36.98 40.09
CA VAL E 163 93.33 -37.44 40.06
C VAL E 163 92.95 -38.12 41.36
N LEU E 164 93.91 -38.62 42.12
CA LEU E 164 93.61 -39.19 43.43
C LEU E 164 93.15 -38.09 44.38
N GLY E 165 92.27 -38.47 45.31
CA GLY E 165 91.66 -37.47 46.18
C GLY E 165 92.48 -37.09 47.39
N VAL E 166 93.81 -37.12 47.26
CA VAL E 166 94.71 -36.73 48.34
C VAL E 166 95.71 -35.73 47.80
N GLU E 167 96.30 -34.95 48.70
CA GLU E 167 97.30 -33.95 48.36
C GLU E 167 98.50 -34.16 49.26
N PHE E 168 99.65 -34.47 48.66
CA PHE E 168 100.87 -34.67 49.43
C PHE E 168 102.09 -34.09 48.73
N LYS E 169 101.90 -33.00 47.99
CA LYS E 169 103.02 -32.39 47.27
C LYS E 169 104.00 -31.71 48.22
N ASN E 170 103.53 -31.27 49.38
CA ASN E 170 104.40 -30.60 50.34
C ASN E 170 105.01 -31.55 51.36
N VAL E 171 104.76 -32.85 51.24
CA VAL E 171 105.35 -33.83 52.15
C VAL E 171 106.61 -34.39 51.53
N LEU E 172 106.66 -34.40 50.19
CA LEU E 172 107.83 -34.94 49.50
C LEU E 172 109.15 -34.25 49.81
N PRO E 173 109.26 -32.92 49.90
CA PRO E 173 110.59 -32.32 50.10
C PRO E 173 111.28 -32.69 51.40
N VAL E 174 110.54 -33.12 52.42
CA VAL E 174 111.13 -33.44 53.71
C VAL E 174 111.38 -34.94 53.88
N LEU E 175 111.09 -35.72 52.85
CA LEU E 175 111.26 -37.18 52.95
C LEU E 175 112.72 -37.56 52.82
N THR E 176 113.02 -38.78 53.26
CA THR E 176 114.33 -39.37 53.05
C THR E 176 114.33 -40.16 51.74
N ALA E 177 115.46 -40.80 51.43
CA ALA E 177 115.60 -41.47 50.13
C ALA E 177 114.72 -42.70 50.03
N GLU E 178 114.78 -43.58 51.03
CA GLU E 178 114.06 -44.84 50.93
C GLU E 178 112.56 -44.64 51.03
N HIS E 179 112.12 -43.66 51.81
CA HIS E 179 110.69 -43.36 51.86
C HIS E 179 110.20 -42.80 50.52
N ARG E 180 111.04 -42.01 49.85
CA ARG E 180 110.67 -41.52 48.53
C ARG E 180 110.57 -42.65 47.53
N ALA E 181 111.50 -43.61 47.59
CA ALA E 181 111.41 -44.79 46.73
C ALA E 181 110.15 -45.59 47.03
N MET E 182 109.82 -45.74 48.31
CA MET E 182 108.61 -46.46 48.70
C MET E 182 107.36 -45.79 48.13
N ILE E 183 107.29 -44.46 48.24
CA ILE E 183 106.10 -43.75 47.75
C ILE E 183 106.02 -43.88 46.22
N GLN E 184 107.15 -43.79 45.53
CA GLN E 184 107.13 -43.93 44.08
C GLN E 184 106.66 -45.32 43.67
N ASN E 185 107.17 -46.36 44.33
CA ASN E 185 106.76 -47.71 43.98
C ASN E 185 105.29 -47.95 44.32
N ALA E 186 104.80 -47.36 45.40
CA ALA E 186 103.38 -47.50 45.73
C ALA E 186 102.51 -46.81 44.69
N LEU E 187 102.91 -45.61 44.24
CA LEU E 187 102.14 -44.91 43.23
C LEU E 187 102.19 -45.60 41.88
N ASP E 188 103.24 -46.38 41.61
CA ASP E 188 103.31 -47.10 40.34
C ASP E 188 102.33 -48.26 40.24
N GLY E 189 101.65 -48.62 41.34
CA GLY E 189 100.76 -49.75 41.34
C GLY E 189 99.29 -49.48 41.20
N SER E 190 98.88 -48.24 40.92
CA SER E 190 97.47 -47.89 40.78
C SER E 190 97.07 -48.02 39.32
N ILE E 191 96.68 -49.24 38.95
CA ILE E 191 96.37 -49.54 37.55
C ILE E 191 94.95 -49.13 37.23
N ILE E 192 94.66 -48.99 35.94
CA ILE E 192 93.34 -48.62 35.44
C ILE E 192 92.69 -49.85 34.82
N GLU E 193 91.43 -50.08 35.15
CA GLU E 193 90.68 -51.23 34.65
C GLU E 193 89.71 -50.76 33.58
N ASN E 194 89.54 -51.56 32.54
CA ASN E 194 88.65 -51.22 31.44
C ASN E 194 87.30 -51.90 31.67
N GLY E 195 86.30 -51.12 32.08
CA GLY E 195 84.99 -51.63 32.38
C GLY E 195 83.97 -51.22 31.33
N ASN E 196 82.79 -51.82 31.43
CA ASN E 196 81.73 -51.62 30.46
C ASN E 196 80.50 -51.06 31.15
N VAL E 197 79.92 -50.00 30.57
CA VAL E 197 78.69 -49.38 31.08
C VAL E 197 77.76 -49.24 29.89
N ALA E 198 76.80 -50.16 29.76
CA ALA E 198 75.80 -50.15 28.70
C ALA E 198 76.43 -50.08 27.32
N THR E 199 77.29 -51.07 27.05
CA THR E 199 78.03 -51.20 25.79
C THR E 199 78.87 -49.95 25.48
N ARG E 200 79.45 -49.35 26.52
CA ARG E 200 80.43 -48.28 26.36
C ARG E 200 81.62 -48.55 27.26
N ASP E 201 82.81 -48.19 26.78
CA ASP E 201 84.04 -48.48 27.50
C ASP E 201 84.39 -47.32 28.42
N VAL E 202 84.71 -47.64 29.68
CA VAL E 202 85.03 -46.64 30.69
C VAL E 202 86.25 -47.11 31.48
N ASP E 203 86.85 -46.16 32.19
CA ASP E 203 87.96 -46.43 33.08
C ASP E 203 87.46 -46.56 34.51
N VAL E 204 88.01 -47.52 35.24
CA VAL E 204 87.68 -47.73 36.64
C VAL E 204 88.98 -47.74 37.44
N PHE E 205 89.04 -46.93 38.48
CA PHE E 205 90.24 -46.87 39.31
C PHE E 205 89.83 -46.69 40.76
N ILE E 206 90.81 -46.48 41.62
CA ILE E 206 90.60 -46.43 43.07
C ILE E 206 91.16 -45.12 43.60
N GLY E 207 90.32 -44.36 44.30
CA GLY E 207 90.71 -43.10 44.89
C GLY E 207 90.23 -42.95 46.32
N ALA E 208 90.33 -41.75 46.87
CA ALA E 208 89.97 -41.48 48.26
C ALA E 208 88.88 -40.42 48.31
N CYS E 209 87.89 -40.62 49.18
CA CYS E 209 86.77 -39.72 49.29
C CYS E 209 86.06 -39.94 50.62
N SER E 210 85.40 -38.90 51.11
CA SER E 210 84.65 -38.97 52.35
C SER E 210 83.29 -39.64 52.13
N GLU E 211 82.76 -40.24 53.19
CA GLU E 211 81.53 -41.04 53.07
C GLU E 211 80.31 -40.25 52.61
N PRO E 212 79.94 -39.12 53.24
CA PRO E 212 78.68 -38.47 52.83
C PRO E 212 78.69 -37.99 51.39
N VAL E 213 79.83 -37.56 50.87
CA VAL E 213 79.86 -37.12 49.47
C VAL E 213 80.05 -38.31 48.53
N TYR E 214 80.71 -39.38 48.99
CA TYR E 214 80.83 -40.56 48.15
C TYR E 214 79.49 -41.23 47.92
N ARG E 215 78.59 -41.19 48.91
CA ARG E 215 77.26 -41.76 48.70
C ARG E 215 76.51 -41.02 47.60
N ILE E 216 76.59 -39.69 47.60
CA ILE E 216 75.96 -38.90 46.55
C ILE E 216 76.56 -39.21 45.20
N TYR E 217 77.89 -39.32 45.13
CA TYR E 217 78.54 -39.63 43.86
C TYR E 217 78.12 -40.99 43.33
N ASN E 218 78.07 -42.00 44.21
CA ASN E 218 77.67 -43.34 43.79
C ASN E 218 76.22 -43.36 43.31
N ARG E 219 75.34 -42.65 44.01
CA ARG E 219 73.94 -42.59 43.58
C ARG E 219 73.81 -41.92 42.21
N LEU E 220 74.57 -40.85 41.98
CA LEU E 220 74.52 -40.18 40.68
C LEU E 220 75.02 -41.10 39.57
N GLN E 221 76.09 -41.85 39.84
CA GLN E 221 76.59 -42.79 38.84
C GLN E 221 75.56 -43.86 38.52
N GLY E 222 74.91 -44.39 39.55
CA GLY E 222 73.84 -45.36 39.31
C GLY E 222 72.71 -44.80 38.49
N TYR E 223 72.33 -43.55 38.77
CA TYR E 223 71.26 -42.91 38.00
C TYR E 223 71.65 -42.72 36.54
N ILE E 224 72.90 -42.33 36.29
CA ILE E 224 73.35 -42.15 34.91
C ILE E 224 73.33 -43.47 34.17
N GLU E 225 73.79 -44.54 34.82
CA GLU E 225 73.77 -45.86 34.18
C GLU E 225 72.33 -46.28 33.88
N ALA E 226 71.42 -46.08 34.83
CA ALA E 226 70.03 -46.46 34.62
C ALA E 226 69.40 -45.67 33.48
N VAL E 227 69.74 -44.39 33.36
CA VAL E 227 69.26 -43.60 32.23
C VAL E 227 69.78 -44.16 30.93
N GLN E 228 71.07 -44.52 30.90
CA GLN E 228 71.65 -45.05 29.68
C GLN E 228 71.04 -46.40 29.30
N LEU E 229 70.50 -47.14 30.27
CA LEU E 229 69.94 -48.44 29.96
C LEU E 229 68.54 -48.33 29.34
N GLN E 230 67.59 -47.73 30.07
CA GLN E 230 66.18 -47.85 29.68
C GLN E 230 65.36 -46.58 29.78
N GLU E 231 65.83 -45.51 30.42
CA GLU E 231 64.97 -44.35 30.64
C GLU E 231 64.76 -43.54 29.36
N LEU E 232 65.83 -43.34 28.59
CA LEU E 232 65.73 -42.52 27.39
C LEU E 232 64.76 -43.12 26.38
N ARG E 233 64.82 -44.44 26.19
CA ARG E 233 63.91 -45.10 25.27
C ARG E 233 62.45 -44.93 25.72
N ASN E 234 62.20 -45.06 27.02
CA ASN E 234 60.85 -44.90 27.53
C ASN E 234 60.34 -43.48 27.29
N SER E 235 61.18 -42.48 27.55
CA SER E 235 60.78 -41.09 27.34
C SER E 235 60.47 -40.83 25.87
N ILE E 236 61.32 -41.31 24.97
CA ILE E 236 61.10 -41.07 23.55
C ILE E 236 59.82 -41.76 23.07
N GLY E 237 59.59 -43.01 23.52
CA GLY E 237 58.38 -43.70 23.13
C GLY E 237 57.13 -43.02 23.63
N TRP E 238 57.16 -42.51 24.87
CA TRP E 238 56.00 -41.82 25.39
C TRP E 238 55.74 -40.53 24.64
N LEU E 239 56.81 -39.81 24.25
CA LEU E 239 56.62 -38.63 23.42
C LEU E 239 55.99 -39.00 22.08
N GLU E 240 56.41 -40.11 21.48
CA GLU E 240 55.81 -40.52 20.21
C GLU E 240 54.32 -40.81 20.37
N ARG E 241 53.94 -41.51 21.44
CA ARG E 241 52.52 -41.81 21.64
C ARG E 241 51.71 -40.53 21.91
N LEU E 242 52.26 -39.62 22.70
CA LEU E 242 51.55 -38.37 22.97
C LEU E 242 51.39 -37.54 21.71
N GLY E 243 52.42 -37.47 20.87
CA GLY E 243 52.31 -36.76 19.62
C GLY E 243 51.32 -37.40 18.68
N HIS E 244 51.23 -38.73 18.69
CA HIS E 244 50.19 -39.41 17.94
C HIS E 244 48.82 -38.97 18.43
N ARG E 245 48.62 -38.90 19.74
CA ARG E 245 47.31 -38.59 20.29
C ARG E 245 46.91 -37.14 20.03
N LYS E 246 47.82 -36.19 20.23
CA LYS E 246 47.48 -34.78 20.22
C LYS E 246 47.86 -34.06 18.93
N ARG E 247 48.27 -34.80 17.89
CA ARG E 247 48.65 -34.24 16.60
C ARG E 247 49.79 -33.24 16.73
N ILE E 248 50.91 -33.73 17.24
CA ILE E 248 52.16 -32.98 17.30
C ILE E 248 53.27 -33.87 16.77
N THR E 249 54.16 -33.30 15.96
CA THR E 249 55.31 -34.03 15.45
C THR E 249 56.54 -33.64 16.25
N TYR E 250 57.18 -34.61 16.88
CA TYR E 250 58.34 -34.37 17.73
C TYR E 250 59.62 -34.78 17.00
N SER E 251 60.62 -33.92 17.06
CA SER E 251 61.86 -34.14 16.34
C SER E 251 62.78 -35.11 17.08
N GLN E 252 63.66 -35.76 16.32
CA GLN E 252 64.67 -36.66 16.86
C GLN E 252 66.02 -36.41 16.20
N GLU E 253 66.28 -35.18 15.78
CA GLU E 253 67.53 -34.86 15.10
C GLU E 253 68.74 -34.96 16.03
N VAL E 254 68.53 -34.90 17.34
CA VAL E 254 69.66 -34.91 18.27
C VAL E 254 70.26 -36.31 18.39
N LEU E 255 69.53 -37.35 18.00
CA LEU E 255 69.99 -38.72 18.16
C LEU E 255 70.45 -39.36 16.86
N THR E 256 70.57 -38.58 15.77
CA THR E 256 70.83 -39.16 14.47
C THR E 256 72.09 -38.60 13.80
N ASP E 257 73.01 -38.02 14.56
CA ASP E 257 74.26 -37.60 13.97
C ASP E 257 75.20 -38.80 13.84
N PHE E 258 76.34 -38.58 13.17
CA PHE E 258 77.23 -39.70 12.88
C PHE E 258 78.17 -40.02 14.03
N ARG E 259 78.08 -39.30 15.15
CA ARG E 259 78.83 -39.61 16.35
C ARG E 259 77.94 -40.19 17.45
N ARG E 260 76.79 -40.75 17.07
CA ARG E 260 75.81 -41.20 18.05
C ARG E 260 76.23 -42.45 18.79
N GLN E 261 77.10 -43.26 18.22
CA GLN E 261 77.52 -44.51 18.85
C GLN E 261 78.59 -44.30 19.91
N ASP E 262 79.09 -43.08 20.08
CA ASP E 262 80.09 -42.80 21.10
C ASP E 262 79.64 -41.64 21.97
N THR E 263 78.39 -41.69 22.45
CA THR E 263 77.81 -40.61 23.22
C THR E 263 77.15 -41.17 24.47
N ILE E 264 77.27 -40.43 25.57
CA ILE E 264 76.58 -40.72 26.81
C ILE E 264 75.54 -39.63 27.03
N TRP E 265 74.28 -40.01 27.13
CA TRP E 265 73.20 -39.05 27.29
C TRP E 265 72.88 -38.86 28.76
N VAL E 266 72.53 -37.63 29.14
CA VAL E 266 72.09 -37.30 30.48
C VAL E 266 70.75 -36.59 30.40
N LEU E 267 69.81 -37.01 31.22
CA LEU E 267 68.47 -36.42 31.27
C LEU E 267 68.15 -36.07 32.71
N ALA E 268 67.75 -34.82 32.94
CA ALA E 268 67.39 -34.39 34.28
C ALA E 268 65.93 -34.64 34.61
N LEU E 269 65.12 -35.06 33.64
CA LEU E 269 63.70 -35.27 33.84
C LEU E 269 63.24 -36.50 33.07
N GLN E 270 62.11 -37.06 33.50
CA GLN E 270 61.50 -38.22 32.86
C GLN E 270 60.10 -37.85 32.41
N LEU E 271 59.71 -38.36 31.24
CA LEU E 271 58.45 -37.95 30.62
C LEU E 271 57.20 -38.66 31.15
N PRO E 272 57.19 -40.00 31.35
CA PRO E 272 55.96 -40.62 31.84
C PRO E 272 55.66 -40.19 33.26
N VAL E 273 55.17 -38.96 33.42
CA VAL E 273 54.97 -38.37 34.73
C VAL E 273 53.77 -39.03 35.40
N ASN E 274 53.91 -39.32 36.69
CA ASN E 274 52.83 -39.93 37.43
C ASN E 274 51.76 -38.88 37.71
N PRO E 275 50.53 -39.04 37.23
CA PRO E 275 49.50 -38.02 37.48
C PRO E 275 49.07 -37.96 38.93
N GLN E 276 49.21 -39.06 39.68
CA GLN E 276 48.70 -39.09 41.06
C GLN E 276 49.37 -38.04 41.92
N VAL E 277 50.67 -37.84 41.76
CA VAL E 277 51.39 -36.86 42.57
C VAL E 277 50.88 -35.45 42.29
N VAL E 278 50.30 -35.22 41.11
CA VAL E 278 49.70 -33.92 40.85
C VAL E 278 48.38 -33.79 41.60
N TRP E 279 47.61 -34.87 41.69
CA TRP E 279 46.26 -34.81 42.25
C TRP E 279 46.21 -35.12 43.73
N ASP E 280 47.34 -35.32 44.38
CA ASP E 280 47.34 -35.50 45.83
C ASP E 280 47.46 -34.17 46.58
N VAL E 281 47.68 -33.07 45.88
CA VAL E 281 47.71 -31.76 46.54
C VAL E 281 46.34 -31.48 47.13
N PRO E 282 46.24 -31.06 48.40
CA PRO E 282 44.92 -30.92 49.04
C PRO E 282 44.09 -29.82 48.41
N ARG E 283 42.91 -30.20 47.92
CA ARG E 283 41.93 -29.26 47.34
C ARG E 283 42.55 -28.48 46.18
N SER E 284 42.89 -29.21 45.12
CA SER E 284 43.62 -28.64 44.00
C SER E 284 42.84 -28.68 42.69
N SER E 285 41.52 -28.88 42.75
CA SER E 285 40.74 -28.98 41.53
C SER E 285 40.73 -27.67 40.75
N ILE E 286 40.57 -26.55 41.44
CA ILE E 286 40.47 -25.26 40.78
C ILE E 286 41.78 -24.90 40.11
N ALA E 287 42.91 -25.14 40.79
CA ALA E 287 44.21 -24.83 40.22
C ALA E 287 44.47 -25.69 38.98
N ASN E 288 44.10 -26.96 39.04
CA ASN E 288 44.27 -27.83 37.89
C ASN E 288 43.43 -27.37 36.71
N LEU E 289 42.20 -26.95 36.97
CA LEU E 289 41.35 -26.44 35.90
C LEU E 289 41.94 -25.18 35.27
N ILE E 290 42.43 -24.26 36.12
CA ILE E 290 43.00 -23.02 35.60
C ILE E 290 44.24 -23.30 34.77
N MET E 291 45.10 -24.20 35.24
CA MET E 291 46.32 -24.52 34.48
C MET E 291 45.98 -25.20 33.17
N ASN E 292 44.98 -26.09 33.17
CA ASN E 292 44.56 -26.72 31.93
C ASN E 292 44.07 -25.70 30.92
N ILE E 293 43.24 -24.75 31.36
CA ILE E 293 42.75 -23.72 30.47
C ILE E 293 43.91 -22.88 29.93
N ALA E 294 44.83 -22.49 30.81
CA ALA E 294 45.90 -21.61 30.40
C ALA E 294 46.95 -22.31 29.54
N THR E 295 46.99 -23.65 29.57
CA THR E 295 48.00 -24.37 28.82
C THR E 295 47.50 -24.91 27.49
N CYS E 296 46.23 -25.33 27.39
CA CYS E 296 45.79 -26.07 26.22
C CYS E 296 44.66 -25.44 25.42
N LEU E 297 44.12 -24.31 25.84
CA LEU E 297 42.98 -23.75 25.13
C LEU E 297 43.43 -23.00 23.88
N PRO E 298 42.83 -23.25 22.73
CA PRO E 298 43.19 -22.53 21.51
C PRO E 298 42.41 -21.23 21.36
N THR E 299 42.75 -20.48 20.32
CA THR E 299 42.08 -19.23 20.01
C THR E 299 41.49 -19.29 18.60
N GLY E 300 40.35 -18.63 18.43
CA GLY E 300 39.65 -18.68 17.16
C GLY E 300 38.69 -17.52 17.01
N GLU E 301 37.91 -17.57 15.94
CA GLU E 301 36.94 -16.55 15.61
C GLU E 301 35.58 -17.19 15.37
N TYR E 302 34.52 -16.45 15.67
CA TYR E 302 33.15 -16.95 15.60
C TYR E 302 32.61 -16.71 14.19
N ILE E 303 32.34 -17.80 13.47
CA ILE E 303 31.79 -17.71 12.12
C ILE E 303 30.27 -17.70 12.19
N ALA E 304 29.63 -17.33 11.08
CA ALA E 304 28.19 -17.17 11.00
C ALA E 304 27.64 -18.01 9.85
N PRO E 305 26.38 -18.44 9.95
CA PRO E 305 25.83 -19.29 8.89
C PRO E 305 25.52 -18.52 7.62
N ASN E 306 25.06 -19.22 6.60
CA ASN E 306 24.68 -18.59 5.34
C ASN E 306 23.48 -17.68 5.56
N PRO E 307 23.53 -16.42 5.11
CA PRO E 307 22.37 -15.54 5.28
C PRO E 307 21.13 -16.02 4.55
N ARG E 308 21.27 -16.90 3.57
CA ARG E 308 20.13 -17.38 2.80
C ARG E 308 19.31 -18.43 3.55
N ILE E 309 19.78 -18.93 4.68
CA ILE E 309 19.01 -19.92 5.43
C ILE E 309 17.72 -19.31 5.95
N SER E 310 17.80 -18.16 6.61
CA SER E 310 16.61 -17.54 7.16
C SER E 310 15.85 -16.72 6.13
N SER E 311 16.48 -16.41 4.99
CA SER E 311 15.80 -15.63 3.97
C SER E 311 14.66 -16.41 3.32
N ILE E 312 14.79 -17.74 3.26
CA ILE E 312 13.76 -18.56 2.63
C ILE E 312 12.94 -19.35 3.64
N THR E 313 13.29 -19.31 4.93
CA THR E 313 12.56 -20.09 5.91
C THR E 313 11.90 -19.23 6.99
N LEU E 314 12.67 -18.43 7.72
CA LEU E 314 12.09 -17.66 8.81
C LEU E 314 11.27 -16.49 8.30
N THR E 315 11.78 -15.77 7.32
CA THR E 315 11.07 -14.66 6.69
C THR E 315 10.47 -15.06 5.36
N GLN E 316 10.00 -16.31 5.26
CA GLN E 316 9.43 -16.80 4.00
C GLN E 316 8.15 -16.06 3.65
N ARG E 317 7.30 -15.79 4.64
CA ARG E 317 6.05 -15.08 4.42
C ARG E 317 6.21 -13.64 4.86
N ILE E 318 6.02 -12.71 3.91
CA ILE E 318 6.25 -11.30 4.19
C ILE E 318 5.19 -10.75 5.15
N THR E 319 3.94 -11.18 4.99
CA THR E 319 2.82 -10.53 5.67
C THR E 319 2.68 -10.94 7.13
N THR E 320 3.45 -11.91 7.62
CA THR E 320 3.31 -12.37 8.99
C THR E 320 4.55 -12.03 9.80
N THR E 321 4.44 -12.16 11.11
CA THR E 321 5.53 -11.86 12.02
C THR E 321 5.40 -12.74 13.26
N GLY E 322 6.48 -13.42 13.62
CA GLY E 322 6.47 -14.29 14.77
C GLY E 322 7.60 -13.98 15.72
N PRO E 323 7.74 -14.80 16.78
CA PRO E 323 8.84 -14.59 17.72
C PRO E 323 10.21 -14.72 17.10
N PHE E 324 10.37 -15.61 16.11
CA PHE E 324 11.66 -15.76 15.47
C PHE E 324 11.97 -14.64 14.50
N ALA E 325 10.95 -14.10 13.84
CA ALA E 325 11.17 -13.12 12.79
C ALA E 325 11.68 -11.79 13.34
N ILE E 326 11.27 -11.44 14.56
CA ILE E 326 11.72 -10.17 15.12
C ILE E 326 13.19 -10.23 15.48
N LEU E 327 13.61 -11.30 16.14
CA LEU E 327 14.98 -11.40 16.64
C LEU E 327 15.93 -12.08 15.66
N THR E 328 15.47 -12.44 14.46
CA THR E 328 16.42 -12.84 13.44
C THR E 328 17.20 -11.67 12.87
N GLY E 329 16.75 -10.44 13.12
CA GLY E 329 17.45 -9.25 12.66
C GLY E 329 18.18 -8.47 13.72
N SER E 330 18.35 -9.00 14.92
CA SER E 330 19.02 -8.29 15.99
C SER E 330 20.53 -8.43 15.89
N THR E 331 21.24 -7.60 16.65
CA THR E 331 22.69 -7.58 16.70
C THR E 331 23.15 -7.62 18.15
N PRO E 332 24.27 -8.28 18.44
CA PRO E 332 24.71 -8.41 19.83
C PRO E 332 25.56 -7.25 20.30
N THR E 333 25.54 -7.03 21.61
CA THR E 333 26.40 -6.06 22.25
C THR E 333 27.66 -6.77 22.77
N ALA E 334 28.45 -6.04 23.56
CA ALA E 334 29.70 -6.61 24.08
C ALA E 334 29.43 -7.68 25.13
N GLN E 335 28.57 -7.38 26.08
CA GLN E 335 28.30 -8.32 27.16
C GLN E 335 27.65 -9.60 26.64
N GLN E 336 26.86 -9.49 25.58
CA GLN E 336 26.24 -10.68 25.00
C GLN E 336 27.27 -11.58 24.34
N LEU E 337 28.27 -10.99 23.67
CA LEU E 337 29.37 -11.79 23.16
C LEU E 337 30.15 -12.45 24.29
N ASN E 338 30.33 -11.73 25.40
CA ASN E 338 31.00 -12.33 26.55
C ASN E 338 30.21 -13.53 27.07
N ASP E 339 28.89 -13.42 27.10
CA ASP E 339 28.06 -14.54 27.54
C ASP E 339 28.16 -15.71 26.57
N VAL E 340 28.27 -15.43 25.27
CA VAL E 340 28.48 -16.50 24.30
C VAL E 340 29.80 -17.23 24.57
N ARG E 341 30.84 -16.46 24.88
CA ARG E 341 32.12 -17.05 25.25
C ARG E 341 31.98 -17.92 26.49
N LYS E 342 31.20 -17.47 27.47
CA LYS E 342 30.96 -18.27 28.67
C LYS E 342 30.27 -19.59 28.32
N ILE E 343 29.29 -19.54 27.42
CA ILE E 343 28.56 -20.74 27.03
C ILE E 343 29.52 -21.74 26.39
N TYR E 344 30.36 -21.27 25.48
CA TYR E 344 31.27 -22.19 24.81
C TYR E 344 32.32 -22.75 25.77
N LEU E 345 32.81 -21.93 26.70
CA LEU E 345 33.76 -22.42 27.68
C LEU E 345 33.13 -23.48 28.57
N ALA E 346 31.85 -23.31 28.93
CA ALA E 346 31.15 -24.34 29.68
C ALA E 346 30.96 -25.61 28.86
N LEU E 347 30.73 -25.47 27.56
CA LEU E 347 30.59 -26.64 26.71
C LEU E 347 31.88 -27.44 26.63
N MET E 348 33.02 -26.75 26.55
CA MET E 348 34.29 -27.44 26.34
C MET E 348 34.76 -28.24 27.56
N PHE E 349 34.22 -27.97 28.74
CA PHE E 349 34.61 -28.67 29.97
C PHE E 349 33.37 -29.33 30.56
N PRO E 350 33.08 -30.57 30.18
CA PRO E 350 31.85 -31.21 30.67
C PRO E 350 31.93 -31.51 32.15
N GLY E 351 30.89 -31.08 32.87
CA GLY E 351 30.77 -31.41 34.29
C GLY E 351 31.48 -30.44 35.22
N GLN E 352 32.66 -29.97 34.83
CA GLN E 352 33.42 -29.10 35.71
C GLN E 352 32.84 -27.69 35.76
N ILE E 353 32.21 -27.23 34.69
CA ILE E 353 31.58 -25.92 34.64
C ILE E 353 30.14 -26.09 34.23
N ILE E 354 29.23 -25.47 34.97
CA ILE E 354 27.80 -25.53 34.68
C ILE E 354 27.26 -24.10 34.58
N LEU E 355 26.13 -23.97 33.90
CA LEU E 355 25.55 -22.67 33.60
C LEU E 355 24.35 -22.37 34.46
N ASP E 356 23.95 -21.09 34.47
CA ASP E 356 22.76 -20.64 35.15
C ASP E 356 22.27 -19.36 34.48
N LEU E 357 21.00 -19.03 34.73
CA LEU E 357 20.36 -17.89 34.10
C LEU E 357 20.26 -16.72 35.07
N LYS E 358 20.41 -15.51 34.55
CA LYS E 358 20.37 -14.29 35.36
C LYS E 358 19.53 -13.24 34.65
N ILE E 359 18.98 -12.33 35.45
CA ILE E 359 18.26 -11.16 34.95
C ILE E 359 18.93 -9.93 35.54
N ASP E 360 19.44 -9.06 34.67
CA ASP E 360 20.08 -7.84 35.13
C ASP E 360 19.00 -6.92 35.72
N PRO E 361 19.23 -6.34 36.89
CA PRO E 361 18.19 -5.48 37.48
C PRO E 361 17.97 -4.22 36.66
N GLY E 362 16.71 -3.95 36.35
CA GLY E 362 16.32 -2.76 35.63
C GLY E 362 15.83 -2.99 34.21
N GLU E 363 15.98 -4.18 33.67
CA GLU E 363 15.49 -4.48 32.33
C GLU E 363 14.35 -5.49 32.41
N ARG E 364 13.34 -5.32 31.56
CA ARG E 364 12.16 -6.15 31.57
C ARG E 364 12.43 -7.47 30.84
N MET E 365 11.43 -8.33 30.84
CA MET E 365 11.51 -9.64 30.21
C MET E 365 10.62 -9.69 28.98
N ASP E 366 11.20 -10.14 27.86
CA ASP E 366 10.43 -10.29 26.63
C ASP E 366 9.99 -11.73 26.47
N PRO E 367 8.77 -12.00 25.99
CA PRO E 367 8.37 -13.39 25.79
C PRO E 367 8.96 -14.02 24.54
N ALA E 368 9.31 -13.22 23.54
CA ALA E 368 9.89 -13.77 22.32
C ALA E 368 11.21 -14.45 22.59
N VAL E 369 12.08 -13.81 23.36
CA VAL E 369 13.37 -14.41 23.68
C VAL E 369 13.20 -15.65 24.55
N ARG E 370 12.21 -15.65 25.45
CA ARG E 370 11.94 -16.85 26.23
C ARG E 370 11.50 -18.00 25.36
N MET E 371 10.60 -17.73 24.41
CA MET E 371 10.11 -18.79 23.54
C MET E 371 11.22 -19.35 22.65
N VAL E 372 12.11 -18.47 22.16
CA VAL E 372 13.21 -18.94 21.33
C VAL E 372 14.22 -19.72 22.15
N ALA E 373 14.54 -19.24 23.35
CA ALA E 373 15.51 -19.91 24.20
C ALA E 373 15.02 -21.29 24.64
N GLY E 374 13.72 -21.41 24.95
CA GLY E 374 13.18 -22.69 25.35
C GLY E 374 13.27 -23.75 24.27
N VAL E 375 13.41 -23.34 23.01
CA VAL E 375 13.56 -24.28 21.92
C VAL E 375 15.03 -24.57 21.65
N VAL E 376 15.87 -23.54 21.63
CA VAL E 376 17.27 -23.78 21.28
C VAL E 376 18.02 -24.47 22.41
N GLY E 377 17.56 -24.32 23.66
CA GLY E 377 18.28 -24.91 24.77
C GLY E 377 18.24 -26.42 24.77
N HIS E 378 17.12 -27.00 24.37
CA HIS E 378 17.01 -28.46 24.38
C HIS E 378 17.91 -29.11 23.35
N LEU E 379 18.27 -28.38 22.30
CA LEU E 379 19.18 -28.88 21.29
C LEU E 379 20.62 -28.49 21.53
N LEU E 380 20.88 -27.48 22.36
CA LEU E 380 22.23 -27.00 22.55
C LEU E 380 22.94 -27.60 23.74
N PHE E 381 22.23 -28.01 24.78
CA PHE E 381 22.86 -28.45 26.02
C PHE E 381 22.57 -29.92 26.29
N THR E 382 23.17 -30.43 27.37
CA THR E 382 23.08 -31.82 27.77
C THR E 382 22.78 -31.90 29.26
N ALA E 383 21.83 -32.75 29.63
CA ALA E 383 21.52 -33.04 31.03
C ALA E 383 21.33 -34.53 31.22
N GLY E 384 22.18 -35.33 30.59
CA GLY E 384 21.97 -36.75 30.47
C GLY E 384 22.33 -37.53 31.71
N GLY E 385 22.47 -38.83 31.53
CA GLY E 385 22.74 -39.77 32.60
C GLY E 385 24.20 -39.98 32.95
N ARG E 386 25.11 -39.25 32.32
CA ARG E 386 26.53 -39.31 32.63
C ARG E 386 27.11 -38.00 33.09
N PHE E 387 26.72 -36.88 32.48
CA PHE E 387 27.18 -35.57 32.90
C PHE E 387 26.15 -34.54 32.48
N THR E 388 26.27 -33.35 33.05
CA THR E 388 25.33 -32.28 32.78
C THR E 388 26.07 -30.97 32.52
N ASN E 389 25.44 -30.09 31.76
CA ASN E 389 25.93 -28.74 31.54
C ASN E 389 25.11 -27.68 32.25
N LEU E 390 23.96 -28.04 32.80
CA LEU E 390 23.05 -27.08 33.39
C LEU E 390 22.69 -27.49 34.82
N THR E 391 22.36 -26.50 35.62
CA THR E 391 21.76 -26.75 36.92
C THR E 391 20.30 -27.14 36.75
N GLN E 392 19.68 -27.61 37.83
CA GLN E 392 18.30 -28.05 37.76
C GLN E 392 17.35 -26.87 37.50
N ASN E 393 17.67 -25.71 38.07
CA ASN E 393 16.81 -24.54 37.89
C ASN E 393 16.74 -24.12 36.43
N MET E 394 17.88 -24.13 35.73
CA MET E 394 17.88 -23.78 34.32
C MET E 394 17.06 -24.76 33.51
N ALA E 395 17.14 -26.05 33.85
CA ALA E 395 16.35 -27.05 33.15
C ALA E 395 14.86 -26.80 33.34
N ARG E 396 14.44 -26.49 34.56
CA ARG E 396 13.03 -26.21 34.81
C ARG E 396 12.56 -24.98 34.04
N GLN E 397 13.37 -23.92 34.04
CA GLN E 397 12.99 -22.71 33.32
C GLN E 397 12.88 -22.97 31.81
N LEU E 398 13.82 -23.74 31.26
CA LEU E 398 13.77 -24.06 29.84
C LEU E 398 12.54 -24.91 29.50
N ASP E 399 12.19 -25.85 30.37
CA ASP E 399 10.99 -26.65 30.13
C ASP E 399 9.74 -25.78 30.14
N ILE E 400 9.66 -24.84 31.09
CA ILE E 400 8.49 -23.94 31.15
C ILE E 400 8.44 -23.08 29.90
N ALA E 401 9.59 -22.59 29.43
CA ALA E 401 9.61 -21.77 28.23
C ALA E 401 9.15 -22.56 27.00
N LEU E 402 9.58 -23.82 26.91
CA LEU E 402 9.14 -24.66 25.80
C LEU E 402 7.63 -24.88 25.85
N ASN E 403 7.10 -25.11 27.06
CA ASN E 403 5.65 -25.27 27.22
C ASN E 403 4.92 -24.01 26.77
N ASP E 404 5.43 -22.83 27.13
CA ASP E 404 4.79 -21.60 26.71
C ASP E 404 4.87 -21.41 25.20
N TYR E 405 5.96 -21.85 24.57
CA TYR E 405 6.06 -21.67 23.12
C TYR E 405 5.14 -22.61 22.36
N LEU E 406 4.99 -23.85 22.82
CA LEU E 406 4.19 -24.81 22.07
C LEU E 406 2.72 -24.44 22.02
N LEU E 407 2.21 -23.76 23.05
CA LEU E 407 0.80 -23.38 23.12
C LEU E 407 0.56 -21.95 22.66
N TYR E 408 1.33 -21.47 21.69
CA TYR E 408 1.23 -20.11 21.20
C TYR E 408 0.56 -20.13 19.83
N MET E 409 -0.57 -19.43 19.72
CA MET E 409 -1.36 -19.35 18.49
C MET E 409 -1.76 -20.73 17.98
N TYR E 410 -2.27 -21.55 18.88
CA TYR E 410 -2.78 -22.86 18.50
C TYR E 410 -4.29 -22.82 18.37
N ASN E 411 -4.81 -23.63 17.46
CA ASN E 411 -6.24 -23.62 17.17
C ASN E 411 -6.84 -25.01 17.28
N THR E 412 -8.11 -25.14 16.88
CA THR E 412 -8.82 -26.41 17.01
C THR E 412 -8.27 -27.49 16.09
N ARG E 413 -7.63 -27.10 14.98
CA ARG E 413 -7.09 -28.08 14.05
C ARG E 413 -6.06 -28.97 14.72
N VAL E 414 -5.11 -28.38 15.46
CA VAL E 414 -4.15 -29.15 16.24
C VAL E 414 -4.82 -29.49 17.57
N GLN E 415 -5.22 -30.75 17.72
CA GLN E 415 -5.94 -31.16 18.91
C GLN E 415 -5.00 -31.26 20.09
N VAL E 416 -5.41 -30.70 21.22
CA VAL E 416 -4.63 -30.71 22.44
C VAL E 416 -5.42 -31.45 23.50
N ASN E 417 -4.83 -32.50 24.06
CA ASN E 417 -5.47 -33.31 25.09
C ASN E 417 -4.62 -33.18 26.35
N TYR E 418 -5.16 -32.50 27.36
CA TYR E 418 -4.39 -32.25 28.57
C TYR E 418 -4.35 -33.48 29.46
N GLY E 419 -3.35 -33.51 30.35
CA GLY E 419 -3.23 -34.55 31.33
C GLY E 419 -3.75 -34.10 32.68
N PRO E 420 -3.68 -34.98 33.67
CA PRO E 420 -4.27 -34.65 34.97
C PRO E 420 -3.32 -33.90 35.91
N THR E 421 -2.02 -34.04 35.74
CA THR E 421 -1.09 -33.56 36.75
C THR E 421 -0.98 -32.04 36.77
N GLY E 422 -1.09 -31.41 35.60
CA GLY E 422 -0.91 -29.97 35.53
C GLY E 422 0.53 -29.52 35.47
N GLU E 423 1.48 -30.45 35.51
CA GLU E 423 2.88 -30.15 35.37
C GLU E 423 3.12 -29.68 33.93
N PRO E 424 4.10 -28.81 33.68
CA PRO E 424 4.35 -28.37 32.31
C PRO E 424 4.76 -29.51 31.39
N LEU E 425 4.37 -29.37 30.12
CA LEU E 425 4.55 -30.40 29.09
C LEU E 425 3.90 -31.73 29.51
N ASP E 426 2.63 -31.65 29.90
CA ASP E 426 1.88 -32.86 30.25
C ASP E 426 0.64 -32.98 29.37
N PHE E 427 0.82 -32.83 28.07
CA PHE E 427 -0.30 -32.90 27.14
C PHE E 427 0.10 -33.66 25.89
N GLN E 428 -0.90 -34.14 25.17
CA GLN E 428 -0.73 -34.81 23.90
C GLN E 428 -1.21 -33.90 22.79
N ILE E 429 -0.40 -33.74 21.74
CA ILE E 429 -0.67 -32.77 20.70
C ILE E 429 -0.64 -33.45 19.34
N GLY E 430 -1.29 -32.82 18.37
CA GLY E 430 -1.28 -33.29 17.00
C GLY E 430 -2.37 -34.28 16.69
N ARG E 431 -2.56 -34.52 15.39
CA ARG E 431 -3.54 -35.51 14.95
C ARG E 431 -3.09 -36.93 15.29
N ASN E 432 -1.79 -37.18 15.33
CA ASN E 432 -1.27 -38.49 15.68
C ASN E 432 -1.06 -38.66 17.18
N GLN E 433 -1.36 -37.63 17.98
CA GLN E 433 -1.24 -37.68 19.44
C GLN E 433 0.20 -37.99 19.86
N TYR E 434 1.10 -37.08 19.51
CA TYR E 434 2.50 -37.19 19.91
C TYR E 434 2.63 -36.78 21.37
N ASP E 435 3.09 -37.70 22.21
CA ASP E 435 3.24 -37.41 23.62
C ASP E 435 4.40 -36.46 23.85
N CYS E 436 4.19 -35.46 24.70
CA CYS E 436 5.19 -34.43 24.96
C CYS E 436 5.80 -34.53 26.36
N ASN E 437 5.47 -35.57 27.12
CA ASN E 437 6.04 -35.72 28.45
C ASN E 437 7.53 -36.06 28.40
N VAL E 438 8.03 -36.55 27.27
CA VAL E 438 9.41 -36.97 27.19
C VAL E 438 10.37 -35.80 27.23
N PHE E 439 9.89 -34.59 26.99
CA PHE E 439 10.76 -33.42 26.97
C PHE E 439 10.96 -32.78 28.34
N ARG E 440 10.31 -33.30 29.37
CA ARG E 440 10.55 -32.81 30.72
C ARG E 440 11.89 -33.30 31.22
N ALA E 441 12.59 -32.45 31.98
CA ALA E 441 13.92 -32.78 32.43
C ALA E 441 13.89 -33.93 33.45
N ASP E 442 14.86 -34.82 33.33
CA ASP E 442 15.01 -35.94 34.25
C ASP E 442 16.49 -36.29 34.31
N PHE E 443 17.10 -36.15 35.48
CA PHE E 443 18.53 -36.36 35.57
C PHE E 443 18.90 -37.81 35.81
N ALA E 444 17.96 -38.66 36.17
CA ALA E 444 18.27 -40.08 36.31
C ALA E 444 18.62 -40.71 34.98
N THR E 445 17.85 -40.38 33.94
CA THR E 445 18.16 -40.80 32.58
C THR E 445 17.86 -39.65 31.64
N GLY E 446 18.75 -39.41 30.69
CA GLY E 446 18.61 -38.25 29.83
C GLY E 446 17.40 -38.32 28.92
N THR E 447 16.50 -37.35 29.07
CA THR E 447 15.35 -37.21 28.19
C THR E 447 15.19 -35.75 27.82
N GLY E 448 14.86 -35.49 26.56
CA GLY E 448 14.64 -34.14 26.11
C GLY E 448 15.88 -33.34 25.83
N TYR E 449 17.07 -33.94 25.90
CA TYR E 449 18.32 -33.24 25.64
C TYR E 449 19.21 -34.13 24.79
N ASN E 450 20.47 -33.72 24.63
CA ASN E 450 21.36 -34.39 23.69
C ASN E 450 21.63 -35.83 24.11
N GLY E 451 21.77 -36.09 25.40
CA GLY E 451 22.05 -37.44 25.86
C GLY E 451 20.81 -38.26 26.08
N TRP E 452 19.95 -38.38 25.07
CA TRP E 452 18.72 -39.15 25.23
C TRP E 452 18.98 -40.64 25.12
N ALA E 453 19.44 -41.09 23.95
CA ALA E 453 19.69 -42.51 23.73
C ALA E 453 21.06 -42.76 23.11
N THR E 454 21.99 -41.83 23.26
CA THR E 454 23.32 -41.97 22.69
C THR E 454 24.31 -42.48 23.72
N ILE E 455 25.45 -42.95 23.23
CA ILE E 455 26.58 -43.32 24.07
C ILE E 455 27.61 -42.22 23.92
N ASP E 456 27.56 -41.23 24.81
CA ASP E 456 28.41 -40.05 24.69
C ASP E 456 29.74 -40.17 25.43
N VAL E 457 29.96 -41.26 26.17
CA VAL E 457 31.25 -41.55 26.79
C VAL E 457 31.56 -43.02 26.56
N GLU E 458 32.72 -43.31 25.96
CA GLU E 458 33.17 -44.68 25.82
C GLU E 458 34.63 -44.79 26.24
N TYR E 459 35.08 -46.03 26.37
CA TYR E 459 36.44 -46.36 26.75
C TYR E 459 37.10 -47.19 25.67
N ARG E 460 38.39 -46.97 25.45
CA ARG E 460 39.10 -47.53 24.30
C ARG E 460 40.49 -47.94 24.76
N GLU E 461 41.39 -48.08 23.78
CA GLU E 461 42.77 -48.47 24.05
C GLU E 461 43.45 -47.43 24.94
N PRO E 462 44.46 -47.84 25.73
CA PRO E 462 44.98 -46.97 26.79
C PRO E 462 45.54 -45.64 26.27
N ALA E 463 45.27 -44.59 27.02
CA ALA E 463 45.66 -43.23 26.69
C ALA E 463 47.07 -42.93 27.17
N PRO E 464 47.70 -41.86 26.65
CA PRO E 464 49.01 -41.46 27.18
C PRO E 464 49.01 -41.17 28.67
N TYR E 465 47.96 -40.54 29.19
CA TYR E 465 47.81 -40.33 30.63
C TYR E 465 46.84 -41.35 31.17
N VAL E 466 47.31 -42.17 32.12
CA VAL E 466 46.52 -43.32 32.55
C VAL E 466 45.36 -42.94 33.46
N HIS E 467 45.37 -41.74 34.06
CA HIS E 467 44.31 -41.40 35.00
C HIS E 467 43.02 -41.02 34.28
N ALA E 468 43.10 -40.52 33.05
CA ALA E 468 41.92 -40.16 32.27
C ALA E 468 41.97 -40.89 30.94
N GLN E 469 41.03 -41.80 30.71
CA GLN E 469 41.01 -42.64 29.52
C GLN E 469 39.62 -42.66 28.91
N ARG E 470 39.02 -41.49 28.77
CA ARG E 470 37.65 -41.38 28.31
C ARG E 470 37.59 -40.53 27.05
N TYR E 471 36.66 -40.84 26.17
CA TYR E 471 36.40 -40.07 24.96
C TYR E 471 35.01 -39.46 25.06
N ILE E 472 34.92 -38.17 24.81
CA ILE E 472 33.63 -37.46 24.84
C ILE E 472 33.08 -37.42 23.42
N ARG E 473 31.86 -37.93 23.24
CA ARG E 473 31.23 -37.99 21.92
C ARG E 473 29.90 -37.27 21.97
N TYR E 474 29.92 -35.97 21.68
CA TYR E 474 28.68 -35.22 21.57
C TYR E 474 27.93 -35.63 20.32
N CYS E 475 26.65 -35.96 20.47
CA CYS E 475 25.76 -36.32 19.38
C CYS E 475 26.26 -37.53 18.59
N GLY E 476 27.06 -38.39 19.22
CA GLY E 476 27.53 -39.59 18.56
C GLY E 476 28.55 -39.36 17.46
N ILE E 477 29.23 -38.23 17.46
CA ILE E 477 30.23 -37.92 16.45
C ILE E 477 31.56 -38.53 16.87
N ASP E 478 32.21 -39.23 15.94
CA ASP E 478 33.54 -39.76 16.19
C ASP E 478 34.59 -38.70 15.85
N SER E 479 35.54 -38.51 16.75
CA SER E 479 36.54 -37.45 16.62
C SER E 479 37.80 -37.92 15.92
N ARG E 480 37.83 -39.17 15.44
CA ARG E 480 39.04 -39.70 14.83
C ARG E 480 39.38 -39.01 13.52
N GLU E 481 38.39 -38.68 12.70
CA GLU E 481 38.60 -38.22 11.34
C GLU E 481 38.53 -36.71 11.26
N LEU E 482 39.32 -36.15 10.34
CA LEU E 482 39.22 -34.72 10.05
C LEU E 482 37.96 -34.45 9.24
N ILE E 483 37.52 -33.19 9.26
CA ILE E 483 36.27 -32.81 8.61
C ILE E 483 36.53 -31.69 7.62
N ASN E 484 35.64 -31.59 6.63
CA ASN E 484 35.62 -30.47 5.72
C ASN E 484 34.42 -29.60 6.04
N PRO E 485 34.61 -28.36 6.52
CA PRO E 485 33.47 -27.56 6.96
C PRO E 485 32.48 -27.21 5.87
N THR E 486 32.89 -27.26 4.60
CA THR E 486 31.96 -26.92 3.52
C THR E 486 30.85 -27.96 3.41
N THR E 487 31.17 -29.24 3.57
CA THR E 487 30.17 -30.29 3.41
C THR E 487 30.52 -31.47 4.33
N TYR E 488 30.00 -31.41 5.55
CA TYR E 488 30.19 -32.51 6.50
C TYR E 488 28.88 -33.14 6.94
N GLY E 489 27.94 -32.36 7.45
CA GLY E 489 26.73 -32.93 8.00
C GLY E 489 25.55 -32.96 7.05
N ILE E 490 25.77 -33.47 5.84
CA ILE E 490 24.70 -33.47 4.84
C ILE E 490 23.61 -34.47 5.20
N GLY E 491 23.99 -35.68 5.61
CA GLY E 491 22.99 -36.70 5.87
C GLY E 491 23.11 -37.38 7.22
N MET E 492 23.49 -36.63 8.25
CA MET E 492 23.69 -37.18 9.58
C MET E 492 22.70 -36.56 10.55
N THR E 493 21.99 -37.40 11.30
CA THR E 493 21.09 -36.96 12.35
C THR E 493 21.32 -37.79 13.60
N TYR E 494 20.85 -37.28 14.74
CA TYR E 494 20.81 -38.05 15.97
C TYR E 494 19.40 -37.95 16.56
N HIS E 495 19.23 -38.55 17.74
CA HIS E 495 17.89 -38.89 18.24
C HIS E 495 17.13 -37.64 18.66
N CYS E 496 17.73 -36.82 19.52
CA CYS E 496 17.00 -35.69 20.11
C CYS E 496 16.57 -34.68 19.06
N TYR E 497 17.44 -34.39 18.10
CA TYR E 497 17.11 -33.44 17.05
C TYR E 497 15.94 -33.94 16.21
N ASN E 498 15.94 -35.23 15.90
CA ASN E 498 14.85 -35.82 15.12
C ASN E 498 13.53 -35.76 15.88
N GLU E 499 13.54 -36.09 17.18
CA GLU E 499 12.32 -36.01 17.96
C GLU E 499 11.83 -34.58 18.07
N MET E 500 12.74 -33.62 18.21
CA MET E 500 12.32 -32.23 18.29
C MET E 500 11.69 -31.77 16.98
N LEU E 501 12.25 -32.18 15.85
CA LEU E 501 11.65 -31.86 14.56
C LEU E 501 10.26 -32.46 14.44
N ARG E 502 10.10 -33.73 14.85
CA ARG E 502 8.80 -34.38 14.78
C ARG E 502 7.78 -33.67 15.64
N MET E 503 8.17 -33.29 16.86
CA MET E 503 7.26 -32.57 17.75
C MET E 503 6.87 -31.23 17.19
N LEU E 504 7.82 -30.50 16.59
CA LEU E 504 7.49 -29.21 16.01
C LEU E 504 6.53 -29.35 14.84
N VAL E 505 6.72 -30.38 14.01
CA VAL E 505 5.81 -30.59 12.90
C VAL E 505 4.42 -30.94 13.40
N ALA E 506 4.34 -31.76 14.45
CA ALA E 506 3.03 -32.15 14.97
C ALA E 506 2.26 -30.98 15.58
N ALA E 507 2.94 -29.90 15.95
CA ALA E 507 2.30 -28.76 16.58
C ALA E 507 1.97 -27.64 15.61
N GLY E 508 2.22 -27.82 14.32
CA GLY E 508 1.91 -26.81 13.33
C GLY E 508 2.97 -25.75 13.12
N LYS E 509 4.15 -25.89 13.72
CA LYS E 509 5.24 -24.94 13.51
C LYS E 509 6.08 -25.43 12.34
N ASP E 510 5.58 -25.17 11.13
CA ASP E 510 6.26 -25.65 9.93
C ASP E 510 7.52 -24.86 9.62
N SER E 511 7.46 -23.53 9.75
CA SER E 511 8.60 -22.69 9.41
C SER E 511 9.79 -22.96 10.31
N GLU E 512 9.55 -23.09 11.62
CA GLU E 512 10.64 -23.38 12.54
C GLU E 512 11.23 -24.76 12.29
N ALA E 513 10.38 -25.74 11.98
CA ALA E 513 10.87 -27.08 11.67
C ALA E 513 11.77 -27.06 10.43
N ALA E 514 11.35 -26.32 9.40
CA ALA E 514 12.18 -26.22 8.21
C ALA E 514 13.49 -25.51 8.51
N TYR E 515 13.45 -24.49 9.38
CA TYR E 515 14.67 -23.76 9.73
C TYR E 515 15.66 -24.68 10.44
N PHE E 516 15.18 -25.48 11.37
CA PHE E 516 16.08 -26.38 12.09
C PHE E 516 16.59 -27.49 11.17
N ARG E 517 15.74 -27.99 10.28
CA ARG E 517 16.19 -29.01 9.33
C ARG E 517 17.25 -28.47 8.40
N SER E 518 17.17 -27.19 8.03
CA SER E 518 18.21 -26.60 7.21
C SER E 518 19.48 -26.28 8.01
N MET E 519 19.34 -25.92 9.28
CA MET E 519 20.51 -25.58 10.09
C MET E 519 21.20 -26.79 10.70
N LEU E 520 20.66 -28.00 10.52
CA LEU E 520 21.30 -29.19 11.05
C LEU E 520 22.78 -29.37 10.70
N PRO E 521 23.23 -29.17 9.44
CA PRO E 521 24.67 -29.33 9.18
C PRO E 521 25.56 -28.37 9.95
N PHE E 522 25.08 -27.14 10.19
CA PHE E 522 25.83 -26.19 11.01
C PHE E 522 26.01 -26.73 12.41
N HIS E 523 24.94 -27.29 12.98
CA HIS E 523 25.00 -27.92 14.30
C HIS E 523 26.01 -29.05 14.32
N MET E 524 25.98 -29.89 13.29
CA MET E 524 26.88 -31.04 13.23
C MET E 524 28.34 -30.60 13.17
N VAL E 525 28.63 -29.59 12.36
CA VAL E 525 30.00 -29.09 12.22
C VAL E 525 30.48 -28.49 13.54
N ARG E 526 29.62 -27.70 14.19
CA ARG E 526 30.01 -27.09 15.46
C ARG E 526 30.34 -28.14 16.50
N PHE E 527 29.51 -29.17 16.62
CA PHE E 527 29.78 -30.14 17.67
C PHE E 527 30.95 -31.05 17.31
N ALA E 528 31.21 -31.26 16.01
CA ALA E 528 32.42 -31.97 15.62
C ALA E 528 33.66 -31.21 16.04
N ARG E 529 33.67 -29.89 15.82
CA ARG E 529 34.79 -29.08 16.28
C ARG E 529 34.96 -29.15 17.78
N ILE E 530 33.85 -29.10 18.53
CA ILE E 530 33.95 -29.15 19.99
C ILE E 530 34.52 -30.48 20.45
N ASN E 531 34.07 -31.59 19.86
CA ASN E 531 34.61 -32.89 20.23
C ASN E 531 36.10 -32.99 19.92
N GLN E 532 36.51 -32.48 18.76
CA GLN E 532 37.92 -32.53 18.40
C GLN E 532 38.77 -31.72 19.38
N ILE E 533 38.29 -30.53 19.76
CA ILE E 533 39.01 -29.71 20.74
C ILE E 533 39.11 -30.41 22.08
N ILE E 534 38.02 -31.03 22.53
CA ILE E 534 38.03 -31.68 23.83
C ILE E 534 38.99 -32.88 23.84
N ASN E 535 38.97 -33.69 22.79
CA ASN E 535 39.73 -34.93 22.82
C ASN E 535 41.19 -34.78 22.43
N GLU E 536 41.55 -33.89 21.52
CA GLU E 536 42.93 -33.82 21.07
C GLU E 536 43.70 -32.64 21.62
N ASP E 537 43.09 -31.77 22.37
CA ASP E 537 43.82 -30.61 22.87
C ASP E 537 43.82 -30.50 24.39
N LEU E 538 42.69 -30.79 25.05
CA LEU E 538 42.55 -30.61 26.48
C LEU E 538 42.90 -31.88 27.26
N HIS E 539 43.81 -32.70 26.75
CA HIS E 539 44.21 -33.94 27.39
C HIS E 539 45.55 -33.71 28.08
N SER E 540 45.56 -33.76 29.41
CA SER E 540 46.74 -33.49 30.20
C SER E 540 46.54 -34.08 31.59
N VAL E 541 47.57 -33.98 32.43
CA VAL E 541 47.41 -34.42 33.81
C VAL E 541 46.46 -33.51 34.56
N PHE E 542 46.27 -32.28 34.09
CA PHE E 542 45.34 -31.38 34.75
C PHE E 542 43.88 -31.73 34.45
N SER E 543 43.64 -32.64 33.52
CA SER E 543 42.29 -33.12 33.29
C SER E 543 41.82 -33.97 34.46
N LEU E 544 40.51 -33.95 34.70
CA LEU E 544 39.95 -34.61 35.87
C LEU E 544 40.09 -36.12 35.75
N PRO E 545 40.38 -36.83 36.84
CA PRO E 545 40.42 -38.29 36.80
C PRO E 545 39.06 -38.88 36.52
N ASP E 546 39.07 -40.13 36.04
CA ASP E 546 37.84 -40.76 35.57
C ASP E 546 36.83 -40.97 36.69
N ASP E 547 37.30 -41.41 37.87
CA ASP E 547 36.36 -41.71 38.95
C ASP E 547 35.66 -40.45 39.46
N MET E 548 36.38 -39.33 39.61
CA MET E 548 35.72 -38.09 39.97
C MET E 548 34.75 -37.63 38.90
N PHE E 549 35.11 -37.81 37.62
CA PHE E 549 34.20 -37.44 36.54
C PHE E 549 32.92 -38.25 36.61
N ASN E 550 33.02 -39.54 36.92
CA ASN E 550 31.82 -40.35 37.07
C ASN E 550 31.03 -39.96 38.30
N ALA E 551 31.69 -39.55 39.37
CA ALA E 551 31.00 -39.22 40.60
C ALA E 551 30.46 -37.79 40.64
N LEU E 552 30.78 -36.96 39.65
CA LEU E 552 30.27 -35.59 39.64
C LEU E 552 28.75 -35.55 39.60
N LEU E 553 28.13 -36.30 38.68
CA LEU E 553 26.69 -36.18 38.49
C LEU E 553 25.88 -36.67 39.69
N PRO E 554 26.12 -37.84 40.28
CA PRO E 554 25.31 -38.24 41.44
C PRO E 554 25.42 -37.30 42.62
N ASP E 555 26.56 -36.62 42.78
CA ASP E 555 26.70 -35.66 43.88
C ASP E 555 25.83 -34.44 43.66
N LEU E 556 25.63 -34.02 42.42
CA LEU E 556 24.77 -32.86 42.15
C LEU E 556 23.32 -33.14 42.54
N ILE E 557 22.83 -34.35 42.25
CA ILE E 557 21.46 -34.70 42.61
C ILE E 557 21.30 -34.79 44.11
N ALA E 558 22.23 -35.45 44.80
CA ALA E 558 22.10 -35.66 46.24
C ALA E 558 22.46 -34.43 47.05
N GLY E 559 23.04 -33.41 46.44
CA GLY E 559 23.40 -32.20 47.17
C GLY E 559 24.50 -32.37 48.19
N ALA E 560 25.53 -33.14 47.85
CA ALA E 560 26.67 -33.37 48.74
C ALA E 560 27.85 -32.52 48.28
N HIS E 561 28.44 -31.79 49.21
CA HIS E 561 29.54 -30.86 48.90
C HIS E 561 30.84 -31.29 49.57
N GLN E 562 31.08 -32.59 49.64
CA GLN E 562 32.30 -33.12 50.22
C GLN E 562 33.40 -33.34 49.20
N ASN E 563 33.14 -33.05 47.93
CA ASN E 563 34.12 -33.20 46.87
C ASN E 563 34.28 -31.89 46.12
N ALA E 564 34.95 -31.93 44.97
CA ALA E 564 35.13 -30.73 44.15
C ALA E 564 33.78 -30.16 43.73
N ASP E 565 33.63 -28.85 43.93
CA ASP E 565 32.38 -28.17 43.61
C ASP E 565 32.51 -27.52 42.24
N PRO E 566 31.66 -27.85 41.27
CA PRO E 566 31.78 -27.23 39.95
C PRO E 566 31.51 -25.73 39.99
N VAL E 567 32.14 -25.02 39.07
CA VAL E 567 32.02 -23.57 38.98
C VAL E 567 30.75 -23.24 38.20
N VAL E 568 30.00 -22.25 38.70
CA VAL E 568 28.72 -21.85 38.09
C VAL E 568 28.90 -20.49 37.42
N LEU E 569 28.45 -20.38 36.18
CA LEU E 569 28.50 -19.14 35.43
C LEU E 569 27.09 -18.72 35.05
N ASP E 570 26.90 -17.41 34.90
CA ASP E 570 25.59 -16.82 34.65
C ASP E 570 25.55 -16.23 33.24
N VAL E 571 24.47 -16.52 32.51
CA VAL E 571 24.27 -16.03 31.15
C VAL E 571 22.87 -15.44 31.04
N SER E 572 22.68 -14.66 29.99
CA SER E 572 21.39 -14.04 29.71
C SER E 572 20.58 -14.89 28.73
N TRP E 573 19.33 -14.48 28.53
CA TRP E 573 18.42 -15.28 27.71
C TRP E 573 18.76 -15.18 26.23
N ILE E 574 19.03 -13.98 25.74
CA ILE E 574 19.32 -13.80 24.32
C ILE E 574 20.66 -14.39 23.93
N SER E 575 21.53 -14.62 24.91
CA SER E 575 22.82 -15.24 24.64
C SER E 575 22.66 -16.64 24.09
N LEU E 576 21.58 -17.34 24.44
CA LEU E 576 21.38 -18.68 23.91
C LEU E 576 21.15 -18.65 22.40
N TRP E 577 20.28 -17.74 21.93
CA TRP E 577 20.07 -17.60 20.49
C TRP E 577 21.33 -17.13 19.79
N PHE E 578 22.04 -16.17 20.38
CA PHE E 578 23.27 -15.68 19.77
C PHE E 578 24.31 -16.79 19.66
N ALA E 579 24.42 -17.63 20.70
CA ALA E 579 25.37 -18.73 20.66
C ALA E 579 24.95 -19.79 19.67
N PHE E 580 23.64 -20.01 19.50
CA PHE E 580 23.19 -20.97 18.51
C PHE E 580 23.52 -20.52 17.10
N ASN E 581 23.48 -19.21 16.84
CA ASN E 581 23.77 -18.71 15.50
C ASN E 581 25.24 -18.37 15.29
N ARG E 582 26.14 -18.78 16.19
CA ARG E 582 27.57 -18.52 16.05
C ARG E 582 28.32 -19.80 16.37
N SER E 583 29.15 -20.27 15.43
CA SER E 583 30.00 -21.41 15.68
C SER E 583 31.41 -20.97 16.06
N PHE E 584 32.19 -21.89 16.61
CA PHE E 584 33.55 -21.60 17.05
C PHE E 584 34.53 -22.36 16.16
N GLU E 585 35.41 -21.62 15.51
CA GLU E 585 36.39 -22.19 14.60
C GLU E 585 37.80 -21.87 15.08
N PRO E 586 38.56 -22.84 15.57
CA PRO E 586 39.91 -22.53 16.06
C PRO E 586 40.85 -22.16 14.92
N THR E 587 41.53 -21.04 15.07
CA THR E 587 42.44 -20.54 14.05
C THR E 587 43.88 -20.45 14.51
N HIS E 588 44.16 -20.58 15.80
CA HIS E 588 45.53 -20.55 16.30
C HIS E 588 45.59 -21.45 17.52
N ARG E 589 46.31 -22.57 17.42
CA ARG E 589 46.49 -23.43 18.56
C ARG E 589 47.45 -22.77 19.56
N ASN E 590 47.37 -23.22 20.80
CA ASN E 590 48.13 -22.60 21.88
C ASN E 590 49.62 -22.80 21.67
N GLU E 591 50.41 -21.81 22.09
CA GLU E 591 51.85 -21.86 21.92
C GLU E 591 52.54 -22.79 22.92
N MET E 592 51.82 -23.31 23.90
CA MET E 592 52.41 -24.11 24.96
C MET E 592 52.04 -25.58 24.87
N LEU E 593 51.47 -26.03 23.76
CA LEU E 593 51.07 -27.44 23.65
C LEU E 593 52.28 -28.36 23.67
N GLU E 594 53.32 -28.05 22.91
CA GLU E 594 54.47 -28.93 22.84
C GLU E 594 55.43 -28.74 24.00
N VAL E 595 55.26 -27.68 24.80
CA VAL E 595 56.13 -27.43 25.95
C VAL E 595 55.51 -27.94 27.24
N ALA E 596 54.22 -28.28 27.23
CA ALA E 596 53.51 -28.66 28.46
C ALA E 596 54.14 -29.84 29.20
N PRO E 597 54.55 -30.95 28.55
CA PRO E 597 55.10 -32.07 29.34
C PRO E 597 56.32 -31.73 30.18
N LEU E 598 57.21 -30.87 29.68
CA LEU E 598 58.37 -30.49 30.46
C LEU E 598 57.97 -29.72 31.72
N ILE E 599 57.02 -28.79 31.59
CA ILE E 599 56.49 -28.06 32.74
C ILE E 599 55.85 -29.02 33.72
N GLU E 600 55.12 -30.00 33.20
CA GLU E 600 54.47 -31.02 34.00
C GLU E 600 55.48 -31.77 34.86
N SER E 601 56.57 -32.22 34.22
CA SER E 601 57.60 -32.96 34.93
C SER E 601 58.31 -32.10 35.97
N VAL E 602 58.59 -30.83 35.64
CA VAL E 602 59.24 -29.95 36.59
C VAL E 602 58.37 -29.73 37.82
N TYR E 603 57.08 -29.51 37.60
CA TYR E 603 56.14 -29.31 38.71
C TYR E 603 56.09 -30.55 39.60
N ALA E 604 56.00 -31.74 39.00
CA ALA E 604 55.95 -32.96 39.80
C ALA E 604 57.22 -33.16 40.60
N SER E 605 58.38 -32.89 39.99
CA SER E 605 59.66 -33.08 40.68
C SER E 605 59.77 -32.13 41.88
N GLU E 606 59.38 -30.87 41.70
CA GLU E 606 59.45 -29.93 42.81
C GLU E 606 58.53 -30.34 43.95
N LEU E 607 57.32 -30.81 43.61
CA LEU E 607 56.41 -31.28 44.66
C LEU E 607 57.01 -32.47 45.42
N SER E 608 57.65 -33.39 44.70
CA SER E 608 58.25 -34.55 45.36
C SER E 608 59.38 -34.13 46.29
N VAL E 609 60.20 -33.16 45.86
CA VAL E 609 61.30 -32.70 46.71
C VAL E 609 60.75 -32.08 47.99
N MET E 610 59.70 -31.26 47.86
CA MET E 610 59.08 -30.66 49.06
C MET E 610 58.55 -31.73 49.99
N LYS E 611 57.89 -32.76 49.43
CA LYS E 611 57.35 -33.84 50.25
C LYS E 611 58.45 -34.55 51.03
N VAL E 612 59.55 -34.87 50.37
CA VAL E 612 60.64 -35.58 51.04
C VAL E 612 61.23 -34.71 52.15
N ASP E 613 61.43 -33.42 51.89
CA ASP E 613 62.00 -32.54 52.90
C ASP E 613 61.12 -32.48 54.13
N MET E 614 59.80 -32.33 53.94
CA MET E 614 58.91 -32.30 55.10
C MET E 614 58.90 -33.64 55.83
N ARG E 615 58.90 -34.74 55.08
CA ARG E 615 58.85 -36.05 55.69
C ARG E 615 60.04 -36.29 56.60
N HIS E 616 61.22 -35.81 56.18
CA HIS E 616 62.39 -35.97 57.03
C HIS E 616 62.45 -34.94 58.17
N LEU E 617 61.93 -33.73 57.96
CA LEU E 617 61.98 -32.72 59.00
C LEU E 617 60.95 -32.93 60.10
N SER E 618 59.94 -33.78 59.86
CA SER E 618 58.86 -33.91 60.82
C SER E 618 59.26 -34.59 62.13
N LEU E 619 60.45 -35.20 62.21
CA LEU E 619 60.83 -36.00 63.37
C LEU E 619 61.80 -35.30 64.31
N MET E 620 62.18 -34.06 64.01
CA MET E 620 63.22 -33.40 64.80
C MET E 620 62.76 -33.11 66.21
N GLN E 621 61.48 -32.78 66.38
CA GLN E 621 60.97 -32.49 67.72
C GLN E 621 61.06 -33.69 68.64
N ARG E 622 60.74 -34.88 68.11
CA ARG E 622 60.88 -36.09 68.90
C ARG E 622 62.34 -36.45 69.11
N ARG E 623 63.20 -36.18 68.14
CA ARG E 623 64.60 -36.56 68.28
C ARG E 623 65.32 -35.70 69.31
N PHE E 624 65.05 -34.40 69.34
CA PHE E 624 65.76 -33.46 70.22
C PHE E 624 64.75 -32.64 71.02
N PRO E 625 64.27 -33.16 72.16
CA PRO E 625 63.31 -32.39 72.96
C PRO E 625 63.87 -31.09 73.51
N ASP E 626 65.16 -31.04 73.82
CA ASP E 626 65.72 -29.89 74.51
C ASP E 626 65.75 -28.64 73.62
N VAL E 627 66.13 -28.81 72.36
CA VAL E 627 66.27 -27.65 71.48
C VAL E 627 64.91 -27.17 71.00
N LEU E 628 63.98 -28.08 70.74
CA LEU E 628 62.70 -27.78 70.11
C LEU E 628 61.54 -27.92 71.09
N ILE E 629 61.74 -27.48 72.33
CA ILE E 629 60.72 -27.64 73.37
C ILE E 629 59.47 -26.82 73.05
N GLN E 630 59.64 -25.65 72.44
CA GLN E 630 58.51 -24.78 72.11
C GLN E 630 58.27 -24.68 70.62
N ALA E 631 58.54 -25.75 69.88
CA ALA E 631 58.34 -25.76 68.44
C ALA E 631 56.95 -26.31 68.10
N ARG E 632 56.44 -25.88 66.95
CA ARG E 632 55.14 -26.26 66.45
C ARG E 632 55.27 -26.65 64.99
N PRO E 633 54.34 -27.47 64.46
CA PRO E 633 54.47 -27.91 63.06
C PRO E 633 54.48 -26.78 62.04
N SER E 634 53.77 -25.69 62.32
CA SER E 634 53.77 -24.56 61.41
C SER E 634 55.16 -23.98 61.23
N HIS E 635 56.03 -24.12 62.25
CA HIS E 635 57.39 -23.60 62.15
C HIS E 635 58.16 -24.30 61.03
N PHE E 636 58.18 -25.63 61.02
CA PHE E 636 58.92 -26.32 59.97
C PHE E 636 58.18 -26.24 58.65
N TRP E 637 56.85 -26.07 58.67
CA TRP E 637 56.13 -25.84 57.42
C TRP E 637 56.63 -24.55 56.77
N LYS E 638 56.68 -23.47 57.54
CA LYS E 638 57.14 -22.18 57.03
C LYS E 638 58.60 -22.25 56.64
N ALA E 639 59.41 -23.01 57.38
CA ALA E 639 60.82 -23.15 57.03
C ALA E 639 60.99 -23.85 55.68
N VAL E 640 60.21 -24.90 55.43
CA VAL E 640 60.30 -25.59 54.15
C VAL E 640 59.82 -24.70 53.02
N LEU E 641 58.74 -23.93 53.25
CA LEU E 641 58.23 -23.06 52.20
C LEU E 641 59.18 -21.93 51.84
N ASN E 642 60.13 -21.59 52.71
CA ASN E 642 61.04 -20.49 52.43
C ASN E 642 62.16 -20.87 51.48
N ASP E 643 62.31 -22.15 51.14
CA ASP E 643 63.34 -22.59 50.21
C ASP E 643 62.80 -23.16 48.92
N SER E 644 61.49 -23.35 48.81
CA SER E 644 60.90 -23.83 47.57
C SER E 644 60.90 -22.72 46.53
N PRO E 645 60.85 -23.08 45.24
CA PRO E 645 60.75 -22.05 44.21
C PRO E 645 59.42 -21.31 44.28
N GLU E 646 59.43 -20.07 43.78
CA GLU E 646 58.24 -19.23 43.84
C GLU E 646 57.13 -19.74 42.93
N ALA E 647 57.49 -20.36 41.81
CA ALA E 647 56.49 -20.76 40.82
C ALA E 647 55.57 -21.84 41.37
N VAL E 648 56.13 -22.84 42.05
CA VAL E 648 55.31 -23.91 42.60
C VAL E 648 54.40 -23.37 43.69
N LYS E 649 54.92 -22.45 44.52
CA LYS E 649 54.10 -21.81 45.53
C LYS E 649 52.95 -21.04 44.90
N ALA E 650 53.20 -20.35 43.79
CA ALA E 650 52.13 -19.61 43.12
C ALA E 650 51.09 -20.55 42.54
N VAL E 651 51.52 -21.68 41.96
CA VAL E 651 50.57 -22.63 41.40
C VAL E 651 49.67 -23.19 42.51
N MET E 652 50.26 -23.52 43.66
CA MET E 652 49.44 -23.99 44.78
C MET E 652 48.53 -22.88 45.32
N ASN E 653 49.02 -21.64 45.35
CA ASN E 653 48.21 -20.53 45.85
C ASN E 653 47.06 -20.19 44.94
N LEU E 654 47.12 -20.59 43.66
CA LEU E 654 45.96 -20.42 42.78
C LEU E 654 44.72 -21.12 43.34
N SER E 655 44.90 -22.22 44.06
CA SER E 655 43.79 -22.93 44.68
C SER E 655 43.66 -22.64 46.17
N HIS E 656 44.77 -22.44 46.87
CA HIS E 656 44.71 -22.21 48.30
C HIS E 656 44.32 -20.77 48.64
N SER E 657 44.05 -19.93 47.65
CA SER E 657 43.63 -18.56 47.95
C SER E 657 42.23 -18.51 48.52
N HIS E 658 41.33 -19.38 48.05
CA HIS E 658 39.96 -19.38 48.57
C HIS E 658 39.53 -20.72 49.15
N ASN E 659 40.45 -21.64 49.40
CA ASN E 659 40.15 -22.89 50.10
C ASN E 659 41.13 -23.04 51.26
N PHE E 660 40.59 -23.33 52.44
CA PHE E 660 41.39 -23.33 53.66
C PHE E 660 41.95 -24.72 53.94
N ILE E 661 43.23 -24.76 54.30
CA ILE E 661 43.89 -25.99 54.70
C ILE E 661 44.65 -25.72 56.00
N ASN E 662 44.94 -26.81 56.72
CA ASN E 662 45.64 -26.72 57.99
C ASN E 662 46.67 -27.85 58.06
N ILE E 663 47.15 -28.13 59.27
CA ILE E 663 48.25 -29.07 59.45
C ILE E 663 47.83 -30.49 59.09
N ARG E 664 46.60 -30.87 59.42
CA ARG E 664 46.17 -32.25 59.20
C ARG E 664 46.13 -32.59 57.71
N ASP E 665 45.63 -31.66 56.89
CA ASP E 665 45.54 -31.91 55.45
C ASP E 665 46.93 -32.17 54.86
N MET E 666 47.90 -31.36 55.23
CA MET E 666 49.22 -31.46 54.61
C MET E 666 50.03 -32.59 55.23
N MET E 667 49.75 -32.96 56.48
CA MET E 667 50.35 -34.17 57.03
C MET E 667 49.85 -35.41 56.29
N ARG E 668 48.55 -35.44 55.99
CA ARG E 668 48.02 -36.51 55.16
C ARG E 668 48.66 -36.49 53.78
N TRP E 669 48.88 -35.30 53.22
CA TRP E 669 49.51 -35.19 51.90
C TRP E 669 50.93 -35.72 51.91
N VAL E 670 51.70 -35.39 52.94
CA VAL E 670 53.10 -35.80 52.96
C VAL E 670 53.25 -37.27 53.34
N MET E 671 52.28 -37.87 54.02
CA MET E 671 52.33 -39.31 54.26
C MET E 671 51.93 -40.15 53.05
N LEU E 672 51.44 -39.55 51.97
CA LEU E 672 50.99 -40.34 50.83
C LEU E 672 52.19 -40.89 50.06
N PRO E 673 52.13 -42.16 49.64
CA PRO E 673 53.26 -42.81 48.95
C PRO E 673 53.28 -42.63 47.42
N SER E 674 53.75 -41.47 46.97
CA SER E 674 53.85 -41.23 45.54
C SER E 674 54.91 -40.16 45.31
N LEU E 675 55.93 -40.49 44.53
CA LEU E 675 56.99 -39.55 44.18
C LEU E 675 57.28 -39.66 42.70
N GLN E 676 57.70 -38.54 42.11
CA GLN E 676 58.10 -38.52 40.72
C GLN E 676 59.62 -38.58 40.66
N PRO E 677 60.20 -39.70 40.22
CA PRO E 677 61.66 -39.81 40.24
C PRO E 677 62.32 -38.84 39.28
N SER E 678 63.46 -38.31 39.71
CA SER E 678 64.25 -37.38 38.93
C SER E 678 65.65 -37.33 39.53
N LEU E 679 66.52 -36.53 38.92
CA LEU E 679 67.88 -36.41 39.43
C LEU E 679 67.89 -35.70 40.79
N LYS E 680 67.22 -34.55 40.87
CA LYS E 680 67.25 -33.76 42.10
C LYS E 680 66.60 -34.51 43.24
N LEU E 681 65.50 -35.22 42.98
CA LEU E 681 64.82 -35.96 44.04
C LEU E 681 65.70 -37.08 44.59
N ALA E 682 66.33 -37.85 43.71
CA ALA E 682 67.17 -38.95 44.16
C ALA E 682 68.36 -38.44 44.96
N LEU E 683 68.99 -37.36 44.47
CA LEU E 683 70.11 -36.81 45.21
C LEU E 683 69.68 -36.22 46.55
N GLU E 684 68.49 -35.64 46.62
CA GLU E 684 68.00 -35.12 47.90
C GLU E 684 67.73 -36.24 48.89
N GLU E 685 67.12 -37.34 48.43
CA GLU E 685 66.88 -38.47 49.30
C GLU E 685 68.19 -39.04 49.83
N GLU E 686 69.18 -39.18 48.95
CA GLU E 686 70.48 -39.68 49.40
C GLU E 686 71.16 -38.70 50.34
N ALA E 687 70.98 -37.40 50.15
CA ALA E 687 71.56 -36.43 51.04
C ALA E 687 70.96 -36.54 52.44
N TRP E 688 69.65 -36.69 52.53
CA TRP E 688 69.02 -36.88 53.84
C TRP E 688 69.50 -38.16 54.50
N ALA E 689 69.61 -39.23 53.70
CA ALA E 689 70.11 -40.49 54.26
C ALA E 689 71.52 -40.35 54.79
N ALA E 690 72.37 -39.62 54.08
CA ALA E 690 73.74 -39.39 54.55
C ALA E 690 73.77 -38.53 55.80
N ALA E 691 72.90 -37.53 55.87
CA ALA E 691 72.83 -36.64 57.02
C ALA E 691 71.91 -37.16 58.12
N ASN E 692 71.56 -38.45 58.09
CA ASN E 692 70.82 -39.06 59.20
C ASN E 692 71.49 -38.80 60.53
N ASP E 693 72.79 -39.06 60.63
CA ASP E 693 73.52 -38.82 61.86
C ASP E 693 73.92 -37.35 61.93
N PHE E 694 73.47 -36.67 62.98
CA PHE E 694 73.83 -35.26 63.16
C PHE E 694 75.29 -35.06 63.50
N GLU E 695 76.01 -36.13 63.87
CA GLU E 695 77.41 -35.98 64.18
C GLU E 695 78.21 -35.60 62.94
N ASP E 696 77.72 -35.98 61.76
CA ASP E 696 78.33 -35.56 60.50
C ASP E 696 78.05 -34.12 60.17
N LEU E 697 77.06 -33.50 60.82
CA LEU E 697 76.77 -32.09 60.62
C LEU E 697 77.56 -31.20 61.57
N MET E 698 78.43 -31.79 62.38
CA MET E 698 79.34 -31.06 63.25
C MET E 698 78.60 -30.20 64.27
N LEU E 699 77.70 -30.85 65.02
CA LEU E 699 77.09 -30.23 66.18
C LEU E 699 76.64 -31.33 67.12
N THR E 700 76.91 -31.14 68.42
CA THR E 700 76.68 -32.18 69.41
C THR E 700 76.45 -31.54 70.76
N ASP E 701 76.16 -32.38 71.76
CA ASP E 701 75.92 -31.93 73.12
C ASP E 701 76.92 -32.51 74.12
N GLN E 702 77.92 -33.25 73.66
CA GLN E 702 78.90 -33.87 74.56
C GLN E 702 80.03 -32.89 74.84
N VAL E 703 79.71 -31.90 75.68
CA VAL E 703 80.67 -30.88 76.09
C VAL E 703 80.79 -30.93 77.61
N TYR E 704 82.03 -30.96 78.11
CA TYR E 704 82.28 -31.10 79.52
C TYR E 704 83.29 -30.06 80.00
N MET E 705 83.18 -29.73 81.28
CA MET E 705 84.11 -28.82 81.96
C MET E 705 84.94 -29.63 82.94
N HIS E 706 86.27 -29.53 82.82
CA HIS E 706 87.16 -30.33 83.62
C HIS E 706 88.50 -29.61 83.72
N ARG E 707 89.16 -29.77 84.86
CA ARG E 707 90.44 -29.12 85.10
C ARG E 707 91.57 -30.03 84.62
N ASP E 708 92.31 -29.57 83.61
CA ASP E 708 93.37 -30.36 83.01
C ASP E 708 94.57 -29.45 82.76
N MET E 709 95.74 -30.06 82.67
CA MET E 709 97.01 -29.35 82.56
C MET E 709 97.60 -29.52 81.16
N LEU E 710 98.17 -28.45 80.63
CA LEU E 710 98.88 -28.56 79.37
C LEU E 710 100.17 -29.37 79.56
N PRO E 711 100.54 -30.21 78.60
CA PRO E 711 101.72 -31.05 78.76
C PRO E 711 103.00 -30.23 78.77
N GLU E 712 104.01 -30.75 79.46
CA GLU E 712 105.32 -30.13 79.55
C GLU E 712 106.38 -31.19 79.30
N PRO E 713 106.63 -31.53 78.03
CA PRO E 713 107.61 -32.57 77.73
C PRO E 713 109.03 -32.10 78.00
N ARG E 714 109.92 -33.06 78.18
CA ARG E 714 111.32 -32.79 78.45
C ARG E 714 112.14 -33.00 77.18
N LEU E 715 112.92 -32.00 76.82
CA LEU E 715 113.73 -32.04 75.60
C LEU E 715 115.15 -32.50 75.90
N ASP E 716 115.26 -33.71 76.45
CA ASP E 716 116.57 -34.24 76.79
C ASP E 716 117.40 -34.52 75.54
N ASP E 717 116.76 -34.92 74.44
CA ASP E 717 117.43 -35.12 73.16
C ASP E 717 116.56 -34.44 72.11
N ILE E 718 117.12 -33.46 71.41
CA ILE E 718 116.31 -32.58 70.58
C ILE E 718 115.79 -33.32 69.35
N GLU E 719 116.67 -33.99 68.62
CA GLU E 719 116.26 -34.60 67.36
C GLU E 719 115.34 -35.80 67.58
N ARG E 720 115.54 -36.55 68.66
CA ARG E 720 114.62 -37.63 68.97
C ARG E 720 113.22 -37.10 69.27
N PHE E 721 113.13 -35.99 70.01
CA PHE E 721 111.83 -35.38 70.26
C PHE E 721 111.21 -34.86 68.99
N ARG E 722 112.01 -34.24 68.13
CA ARG E 722 111.48 -33.69 66.88
C ARG E 722 111.02 -34.80 65.95
N GLN E 723 111.60 -35.99 66.09
CA GLN E 723 111.20 -37.10 65.22
C GLN E 723 109.75 -37.51 65.45
N GLU E 724 109.32 -37.55 66.71
CA GLU E 724 107.92 -37.86 66.99
C GLU E 724 107.08 -36.60 66.92
N GLY E 725 105.92 -36.71 66.29
CA GLY E 725 105.07 -35.56 66.06
C GLY E 725 104.22 -35.22 67.26
N PHE E 726 104.82 -34.63 68.28
CA PHE E 726 104.09 -34.31 69.50
C PHE E 726 103.04 -33.25 69.24
N TYR E 727 101.84 -33.47 69.79
CA TYR E 727 100.74 -32.53 69.63
C TYR E 727 99.74 -32.78 70.75
N TYR E 728 98.90 -31.78 71.00
CA TYR E 728 97.91 -31.85 72.05
C TYR E 728 96.54 -31.46 71.50
N THR E 729 95.50 -32.03 72.10
CA THR E 729 94.14 -31.72 71.70
C THR E 729 93.22 -31.90 72.89
N ASN E 730 92.05 -31.26 72.83
CA ASN E 730 91.03 -31.44 73.85
C ASN E 730 89.92 -32.38 73.39
N MET E 731 90.10 -33.05 72.25
CA MET E 731 89.19 -34.11 71.85
C MET E 731 89.28 -35.27 72.82
N LEU E 732 88.13 -35.82 73.20
CA LEU E 732 88.07 -36.93 74.13
C LEU E 732 87.94 -38.24 73.36
N GLU E 733 88.75 -39.23 73.73
CA GLU E 733 88.63 -40.54 73.11
C GLU E 733 87.29 -41.19 73.42
N ALA E 734 86.85 -41.11 74.67
CA ALA E 734 85.58 -41.66 75.08
C ALA E 734 84.95 -40.73 76.12
N PRO E 735 83.64 -40.72 76.24
CA PRO E 735 83.01 -39.89 77.27
C PRO E 735 83.41 -40.37 78.66
N PRO E 736 83.40 -39.49 79.65
CA PRO E 736 83.82 -39.89 80.99
C PRO E 736 82.86 -40.90 81.61
N GLU E 737 83.32 -41.53 82.68
CA GLU E 737 82.51 -42.49 83.39
C GLU E 737 81.29 -41.80 84.01
N ILE E 738 80.17 -42.51 84.03
CA ILE E 738 78.88 -41.87 84.33
C ILE E 738 78.81 -41.43 85.79
N ASP E 739 79.48 -42.12 86.70
CA ASP E 739 79.36 -41.83 88.11
C ASP E 739 80.32 -40.74 88.58
N ARG E 740 81.00 -40.06 87.66
CA ARG E 740 81.90 -38.97 88.01
C ARG E 740 81.49 -37.65 87.38
N VAL E 741 80.33 -37.59 86.73
CA VAL E 741 79.87 -36.37 86.06
C VAL E 741 78.60 -35.89 86.77
N VAL E 742 78.55 -34.58 87.03
CA VAL E 742 77.41 -33.94 87.67
C VAL E 742 76.68 -33.10 86.62
N GLN E 743 75.39 -33.32 86.49
CA GLN E 743 74.58 -32.68 85.47
C GLN E 743 73.84 -31.49 86.07
N TYR E 744 74.07 -30.30 85.53
CA TYR E 744 73.32 -29.13 85.91
C TYR E 744 72.25 -28.80 84.88
N THR E 745 71.17 -28.22 85.37
CA THR E 745 70.15 -27.57 84.56
C THR E 745 70.03 -26.13 84.99
N TYR E 746 69.05 -25.41 84.42
CA TYR E 746 68.85 -24.02 84.82
C TYR E 746 68.31 -23.93 86.25
N GLU E 747 67.42 -24.84 86.63
CA GLU E 747 66.77 -24.74 87.93
C GLU E 747 67.75 -24.99 89.08
N ILE E 748 68.63 -25.99 88.94
CA ILE E 748 69.59 -26.26 90.00
C ILE E 748 70.53 -25.07 90.18
N ALA E 749 71.00 -24.50 89.08
CA ALA E 749 71.87 -23.33 89.15
C ALA E 749 71.15 -22.16 89.78
N ARG E 750 69.87 -21.97 89.45
CA ARG E 750 69.11 -20.88 90.04
C ARG E 750 68.93 -21.05 91.54
N LEU E 751 68.63 -22.27 91.99
CA LEU E 751 68.51 -22.51 93.44
C LEU E 751 69.83 -22.26 94.15
N GLN E 752 70.93 -22.75 93.57
CA GLN E 752 72.22 -22.57 94.22
C GLN E 752 72.63 -21.10 94.23
N ALA E 753 72.24 -20.33 93.22
CA ALA E 753 72.50 -18.90 93.25
C ALA E 753 71.60 -18.20 94.27
N ASN E 754 70.38 -18.72 94.46
CA ASN E 754 69.50 -18.16 95.47
C ASN E 754 70.08 -18.32 96.87
N MET E 755 70.63 -19.50 97.16
CA MET E 755 71.22 -19.71 98.47
C MET E 755 72.65 -19.19 98.57
N GLY E 756 73.20 -18.64 97.49
CA GLY E 756 74.59 -18.19 97.47
C GLY E 756 75.61 -19.31 97.57
N GLN E 757 75.43 -20.38 96.80
CA GLN E 757 76.34 -21.53 96.84
C GLN E 757 76.78 -21.98 95.46
N PHE E 758 76.48 -21.23 94.39
CA PHE E 758 76.79 -21.69 93.04
C PHE E 758 78.30 -21.79 92.83
N ARG E 759 79.02 -20.69 93.11
CA ARG E 759 80.45 -20.66 92.86
C ARG E 759 81.19 -21.63 93.78
N ALA E 760 80.78 -21.72 95.04
CA ALA E 760 81.40 -22.64 95.97
C ALA E 760 81.20 -24.08 95.52
N ALA E 761 80.00 -24.41 95.04
CA ALA E 761 79.75 -25.77 94.57
C ALA E 761 80.60 -26.09 93.34
N LEU E 762 80.71 -25.15 92.41
CA LEU E 762 81.53 -25.40 91.23
C LEU E 762 82.99 -25.60 91.62
N ARG E 763 83.50 -24.77 92.54
CA ARG E 763 84.88 -24.93 93.00
C ARG E 763 85.09 -26.27 93.69
N ARG E 764 84.12 -26.69 94.51
CA ARG E 764 84.22 -27.97 95.19
C ARG E 764 84.26 -29.12 94.18
N ILE E 765 83.42 -29.06 93.15
CA ILE E 765 83.42 -30.12 92.15
C ILE E 765 84.75 -30.13 91.39
N MET E 766 85.26 -28.96 91.02
CA MET E 766 86.52 -28.91 90.28
C MET E 766 87.67 -29.46 91.11
N ASP E 767 87.71 -29.15 92.41
CA ASP E 767 88.81 -29.62 93.23
C ASP E 767 88.76 -31.12 93.49
N ASP E 768 87.63 -31.76 93.21
CA ASP E 768 87.48 -33.20 93.43
C ASP E 768 87.78 -34.01 92.18
N ASP E 769 88.26 -33.37 91.11
CA ASP E 769 88.58 -34.03 89.85
C ASP E 769 87.35 -34.72 89.26
N ASP E 770 86.26 -33.96 89.11
CA ASP E 770 85.04 -34.46 88.51
C ASP E 770 84.74 -33.69 87.24
N TRP E 771 83.58 -33.96 86.66
CA TRP E 771 83.18 -33.37 85.39
C TRP E 771 81.81 -32.74 85.54
N VAL E 772 81.57 -31.67 84.78
CA VAL E 772 80.30 -30.94 84.84
C VAL E 772 79.78 -30.75 83.42
N ARG E 773 78.51 -31.08 83.20
CA ARG E 773 77.84 -30.84 81.93
C ARG E 773 76.70 -29.87 82.15
N PHE E 774 76.62 -28.86 81.28
CA PHE E 774 75.61 -27.80 81.39
C PHE E 774 74.53 -28.04 80.35
N GLY E 775 73.36 -28.46 80.79
CA GLY E 775 72.23 -28.62 79.90
C GLY E 775 72.38 -29.78 78.94
N GLY E 776 71.52 -29.77 77.93
CA GLY E 776 71.55 -30.78 76.90
C GLY E 776 71.27 -30.24 75.52
N VAL E 777 71.53 -28.96 75.32
CA VAL E 777 71.26 -28.29 74.05
C VAL E 777 72.39 -28.58 73.09
N LEU E 778 72.06 -28.74 71.81
CA LEU E 778 73.08 -28.91 70.78
C LEU E 778 73.92 -27.65 70.66
N ARG E 779 75.21 -27.83 70.40
CA ARG E 779 76.14 -26.72 70.29
C ARG E 779 76.96 -26.84 69.02
N THR E 780 77.14 -25.70 68.34
CA THR E 780 77.99 -25.68 67.16
C THR E 780 79.45 -25.85 67.54
N VAL E 781 80.23 -26.45 66.64
CA VAL E 781 81.62 -26.79 66.90
C VAL E 781 82.49 -26.12 65.85
N ARG E 782 83.57 -25.49 66.30
CA ARG E 782 84.58 -24.90 65.44
C ARG E 782 85.91 -25.60 65.65
N VAL E 783 86.74 -25.61 64.59
CA VAL E 783 88.03 -26.28 64.61
C VAL E 783 89.10 -25.25 64.29
N LYS E 784 90.14 -25.20 65.12
CA LYS E 784 91.24 -24.25 64.95
C LYS E 784 92.57 -24.98 65.09
N PHE E 785 93.60 -24.44 64.44
CA PHE E 785 94.95 -24.97 64.51
C PHE E 785 95.89 -23.87 64.98
N TYR E 786 96.73 -24.19 65.96
CA TYR E 786 97.67 -23.23 66.53
C TYR E 786 99.08 -23.82 66.50
N ASP E 787 100.07 -22.96 66.29
CA ASP E 787 101.46 -23.36 66.34
C ASP E 787 102.22 -22.75 67.52
N ALA E 788 101.55 -21.92 68.31
CA ALA E 788 102.15 -21.38 69.53
C ALA E 788 101.10 -21.48 70.64
N ARG E 789 101.38 -20.89 71.78
CA ARG E 789 100.45 -20.95 72.89
C ARG E 789 99.18 -20.19 72.52
N PRO E 790 98.00 -20.79 72.70
CA PRO E 790 96.76 -20.16 72.27
C PRO E 790 96.41 -18.97 73.13
N PRO E 791 95.55 -18.08 72.65
CA PRO E 791 95.11 -16.95 73.49
C PRO E 791 94.26 -17.43 74.65
N ASP E 792 94.18 -16.58 75.67
CA ASP E 792 93.46 -16.90 76.89
C ASP E 792 91.94 -16.84 76.74
N ASP E 793 91.43 -16.74 75.51
CA ASP E 793 90.00 -16.80 75.28
C ASP E 793 89.54 -18.23 75.03
N VAL E 794 90.14 -18.89 74.03
CA VAL E 794 89.83 -20.29 73.78
C VAL E 794 90.35 -21.16 74.92
N LEU E 795 91.42 -20.72 75.58
CA LEU E 795 91.97 -21.41 76.72
C LEU E 795 91.36 -20.83 77.99
N GLN E 796 91.08 -21.70 78.96
CA GLN E 796 90.48 -21.38 80.26
C GLN E 796 89.35 -20.35 80.18
N GLY E 797 88.50 -20.47 79.18
CA GLY E 797 87.32 -19.65 79.07
C GLY E 797 86.09 -20.42 79.53
N LEU E 798 85.45 -19.91 80.57
CA LEU E 798 84.33 -20.62 81.17
C LEU E 798 83.13 -20.63 80.22
N PRO E 799 82.36 -21.71 80.21
CA PRO E 799 81.21 -21.81 79.29
C PRO E 799 79.91 -21.25 79.81
N PHE E 800 79.92 -20.44 80.88
CA PHE E 800 78.70 -19.86 81.40
C PHE E 800 78.97 -18.44 81.84
N SER E 801 77.90 -17.65 81.96
CA SER E 801 77.97 -16.27 82.41
C SER E 801 77.08 -16.10 83.63
N TYR E 802 77.61 -15.44 84.66
CA TYR E 802 76.91 -15.24 85.92
C TYR E 802 77.11 -13.80 86.36
N ASP E 803 76.03 -13.03 86.46
CA ASP E 803 76.08 -11.63 86.82
C ASP E 803 75.09 -11.34 87.94
N THR E 804 75.41 -10.34 88.74
CA THR E 804 74.56 -9.93 89.86
C THR E 804 74.41 -8.42 89.86
N ASN E 805 73.19 -7.95 90.12
CA ASN E 805 72.92 -6.52 90.21
C ASN E 805 72.03 -6.25 91.41
N GLU E 806 72.01 -4.99 91.83
CA GLU E 806 71.16 -4.55 92.93
C GLU E 806 70.32 -3.38 92.44
N ARG E 807 69.00 -3.49 92.61
CA ARG E 807 68.09 -2.47 92.15
C ARG E 807 66.95 -2.32 93.15
N GLY E 808 66.70 -1.09 93.59
CA GLY E 808 65.61 -0.83 94.51
C GLY E 808 65.73 -1.52 95.84
N GLY E 809 66.92 -1.93 96.23
CA GLY E 809 67.11 -2.70 97.44
C GLY E 809 66.94 -4.20 97.29
N LEU E 810 66.68 -4.68 96.08
CA LEU E 810 66.55 -6.11 95.83
C LEU E 810 67.68 -6.59 94.93
N ALA E 811 68.13 -7.82 95.16
CA ALA E 811 69.23 -8.41 94.41
C ALA E 811 68.69 -9.29 93.29
N TYR E 812 69.28 -9.14 92.10
CA TYR E 812 68.92 -9.93 90.94
C TYR E 812 70.15 -10.65 90.40
N ALA E 813 69.93 -11.84 89.86
CA ALA E 813 70.99 -12.66 89.29
C ALA E 813 70.62 -13.10 87.89
N THR E 814 71.61 -13.11 87.00
CA THR E 814 71.42 -13.54 85.62
C THR E 814 72.43 -14.64 85.31
N ILE E 815 71.95 -15.79 84.85
CA ILE E 815 72.79 -16.93 84.51
C ILE E 815 72.48 -17.33 83.07
N LYS E 816 73.51 -17.44 82.25
CA LYS E 816 73.36 -17.78 80.84
C LYS E 816 74.36 -18.86 80.45
N TYR E 817 73.96 -19.70 79.50
CA TYR E 817 74.79 -20.79 79.00
C TYR E 817 75.25 -20.49 77.59
N ALA E 818 76.51 -20.80 77.31
CA ALA E 818 77.07 -20.53 75.99
C ALA E 818 76.51 -21.52 74.97
N THR E 819 76.57 -21.09 73.70
CA THR E 819 76.04 -21.89 72.60
C THR E 819 77.12 -22.22 71.56
N GLU E 820 78.38 -22.08 71.92
CA GLU E 820 79.48 -22.35 71.01
C GLU E 820 80.60 -23.07 71.75
N THR E 821 81.39 -23.82 71.00
CA THR E 821 82.56 -24.48 71.55
C THR E 821 83.62 -24.57 70.46
N THR E 822 84.86 -24.81 70.88
CA THR E 822 85.99 -24.84 69.96
C THR E 822 86.89 -26.02 70.28
N ILE E 823 87.19 -26.83 69.27
CA ILE E 823 88.18 -27.90 69.37
C ILE E 823 89.46 -27.38 68.76
N PHE E 824 90.55 -27.42 69.52
CA PHE E 824 91.82 -26.87 69.07
C PHE E 824 92.91 -27.94 69.12
N TYR E 825 93.77 -27.93 68.11
CA TYR E 825 94.95 -28.78 68.06
C TYR E 825 96.19 -27.92 68.18
N LEU E 826 97.06 -28.26 69.11
CA LEU E 826 98.25 -27.49 69.42
C LEU E 826 99.48 -28.29 69.03
N ILE E 827 100.33 -27.70 68.19
CA ILE E 827 101.54 -28.34 67.69
C ILE E 827 102.73 -27.67 68.35
N TYR E 828 103.64 -28.48 68.87
CA TYR E 828 104.81 -27.99 69.59
C TYR E 828 105.98 -27.82 68.64
N ASN E 829 106.65 -26.67 68.71
CA ASN E 829 107.85 -26.41 67.94
C ASN E 829 108.99 -26.06 68.88
N VAL E 830 110.15 -26.68 68.67
CA VAL E 830 111.32 -26.45 69.48
C VAL E 830 112.50 -26.13 68.57
N GLU E 831 113.52 -25.50 69.14
CA GLU E 831 114.73 -25.12 68.43
C GLU E 831 115.93 -25.79 69.08
N PHE E 832 117.07 -25.74 68.39
CA PHE E 832 118.27 -26.38 68.90
C PHE E 832 118.86 -25.66 70.10
N SER E 833 118.50 -24.40 70.31
CA SER E 833 119.01 -23.66 71.45
C SER E 833 118.26 -23.95 72.75
N ASN E 834 117.19 -24.73 72.69
CA ASN E 834 116.39 -25.00 73.87
C ASN E 834 117.14 -25.91 74.84
N THR E 835 117.08 -25.56 76.11
CA THR E 835 117.61 -26.40 77.18
C THR E 835 116.64 -27.56 77.46
N PRO E 836 117.11 -28.64 78.07
CA PRO E 836 116.22 -29.78 78.32
C PRO E 836 115.03 -29.48 79.22
N ASP E 837 115.10 -28.45 80.06
CA ASP E 837 113.99 -28.11 80.95
C ASP E 837 113.42 -26.74 80.65
N SER E 838 113.39 -26.36 79.37
CA SER E 838 112.90 -25.02 79.02
C SER E 838 111.39 -24.93 79.08
N LEU E 839 110.68 -26.01 78.77
CA LEU E 839 109.23 -25.97 78.70
C LEU E 839 108.55 -26.16 80.04
N VAL E 840 109.30 -26.49 81.09
CA VAL E 840 108.71 -26.76 82.39
C VAL E 840 108.50 -25.45 83.13
N LEU E 841 107.34 -25.32 83.77
CA LEU E 841 106.99 -24.14 84.55
C LEU E 841 106.77 -24.53 85.99
N ILE E 842 106.90 -23.55 86.89
CA ILE E 842 106.69 -23.79 88.30
C ILE E 842 105.23 -24.13 88.56
N ASN E 843 104.31 -23.39 87.95
CA ASN E 843 102.89 -23.66 88.14
C ASN E 843 102.25 -23.99 86.80
N PRO E 844 101.41 -25.02 86.74
CA PRO E 844 100.82 -25.42 85.46
C PRO E 844 99.79 -24.44 84.97
N THR E 845 99.57 -24.47 83.66
CA THR E 845 98.51 -23.70 83.02
C THR E 845 97.31 -24.62 82.80
N TYR E 846 96.13 -24.17 83.22
CA TYR E 846 94.95 -25.01 83.22
C TYR E 846 94.11 -24.79 81.97
N THR E 847 93.43 -25.84 81.55
CA THR E 847 92.44 -25.79 80.48
C THR E 847 91.12 -26.35 81.00
N MET E 848 90.01 -25.80 80.52
CA MET E 848 88.71 -26.07 81.10
C MET E 848 87.64 -26.41 80.07
N THR E 849 87.95 -27.24 79.08
CA THR E 849 86.95 -27.61 78.08
C THR E 849 87.33 -28.95 77.44
N LYS E 850 86.35 -29.85 77.34
CA LYS E 850 86.53 -31.10 76.62
C LYS E 850 85.31 -31.36 75.75
N VAL E 851 85.55 -31.84 74.54
CA VAL E 851 84.49 -32.15 73.59
C VAL E 851 84.72 -33.56 73.06
N PHE E 852 83.66 -34.35 72.98
CA PHE E 852 83.73 -35.72 72.47
C PHE E 852 83.01 -35.80 71.13
N ILE E 853 83.76 -36.15 70.08
CA ILE E 853 83.21 -36.42 68.76
C ILE E 853 83.81 -37.72 68.26
N ASN E 854 82.94 -38.66 67.86
CA ASN E 854 83.39 -39.96 67.38
C ASN E 854 83.67 -39.95 65.88
N LYS E 855 84.53 -39.03 65.44
CA LYS E 855 84.95 -38.96 64.06
C LYS E 855 86.46 -38.79 64.00
N ARG E 856 87.06 -39.30 62.93
CA ARG E 856 88.50 -39.20 62.73
C ARG E 856 88.83 -37.95 61.92
N ILE E 857 88.69 -36.80 62.59
CA ILE E 857 88.94 -35.53 61.92
C ILE E 857 90.43 -35.34 61.68
N VAL E 858 91.25 -35.54 62.71
CA VAL E 858 92.68 -35.35 62.62
C VAL E 858 93.39 -36.57 63.18
N GLU E 859 94.34 -37.12 62.43
CA GLU E 859 95.11 -38.27 62.89
C GLU E 859 96.59 -38.05 62.64
N ARG E 860 97.41 -38.81 63.35
CA ARG E 860 98.86 -38.82 63.14
C ARG E 860 99.22 -40.10 62.42
N VAL E 861 99.83 -39.98 61.25
CA VAL E 861 100.08 -41.12 60.39
C VAL E 861 101.54 -41.13 59.95
N ARG E 862 102.11 -42.32 59.85
CA ARG E 862 103.42 -42.49 59.25
C ARG E 862 103.34 -42.27 57.75
N VAL E 863 104.51 -42.12 57.13
CA VAL E 863 104.56 -41.87 55.69
C VAL E 863 104.07 -43.08 54.91
N GLY E 864 104.20 -44.29 55.47
CA GLY E 864 103.70 -45.46 54.79
C GLY E 864 102.20 -45.56 54.74
N GLN E 865 101.50 -44.86 55.63
CA GLN E 865 100.04 -44.88 55.67
C GLN E 865 99.42 -43.74 54.88
N ILE E 866 100.23 -42.93 54.19
CA ILE E 866 99.68 -41.82 53.42
C ILE E 866 98.77 -42.34 52.32
N LEU E 867 99.21 -43.38 51.62
CA LEU E 867 98.44 -43.95 50.52
C LEU E 867 97.51 -45.07 50.98
N ALA E 868 97.12 -45.07 52.24
CA ALA E 868 96.26 -46.12 52.79
C ALA E 868 94.79 -45.75 52.78
N VAL E 869 94.42 -44.61 52.21
CA VAL E 869 93.03 -44.19 52.16
C VAL E 869 92.41 -44.43 50.79
N LEU E 870 93.10 -45.13 49.90
CA LEU E 870 92.59 -45.41 48.56
C LEU E 870 91.72 -46.65 48.62
N ASN E 871 90.41 -46.45 48.87
CA ASN E 871 89.49 -47.58 48.87
C ASN E 871 88.12 -47.22 48.28
N ARG E 872 88.06 -46.24 47.39
CA ARG E 872 86.82 -45.85 46.73
C ARG E 872 86.89 -46.18 45.26
N ARG E 873 85.83 -46.77 44.72
CA ARG E 873 85.78 -47.14 43.31
C ARG E 873 85.26 -45.96 42.50
N PHE E 874 86.09 -45.45 41.60
CA PHE E 874 85.74 -44.31 40.77
C PHE E 874 85.66 -44.73 39.31
N VAL E 875 84.67 -44.19 38.60
CA VAL E 875 84.42 -44.48 37.20
C VAL E 875 84.55 -43.20 36.39
N ALA E 876 85.37 -43.24 35.35
CA ALA E 876 85.60 -42.11 34.48
C ALA E 876 85.32 -42.50 33.04
N TYR E 877 84.94 -41.51 32.24
CA TYR E 877 84.61 -41.72 30.84
C TYR E 877 85.78 -41.27 29.96
N LYS E 878 85.91 -41.93 28.82
CA LYS E 878 87.01 -41.64 27.90
C LYS E 878 86.90 -40.23 27.34
N GLY E 879 88.06 -39.62 27.09
CA GLY E 879 88.07 -38.28 26.53
C GLY E 879 87.66 -38.24 25.07
N LYS E 880 87.81 -39.35 24.35
CA LYS E 880 87.41 -39.39 22.96
C LYS E 880 85.91 -39.45 22.79
N MET E 881 85.18 -39.99 23.75
CA MET E 881 83.73 -39.96 23.73
C MET E 881 83.23 -38.60 24.20
N ARG E 882 81.94 -38.38 24.08
CA ARG E 882 81.35 -37.10 24.45
C ARG E 882 80.13 -37.30 25.34
N ILE E 883 79.87 -36.31 26.18
CA ILE E 883 78.71 -36.26 27.05
C ILE E 883 77.95 -34.98 26.75
N MET E 884 76.65 -35.10 26.49
CA MET E 884 75.84 -33.92 26.21
C MET E 884 74.48 -34.06 26.86
N ASP E 885 73.90 -32.92 27.22
CA ASP E 885 72.61 -32.84 27.89
C ASP E 885 71.52 -32.61 26.85
N ILE E 886 70.47 -33.44 26.88
CA ILE E 886 69.45 -33.38 25.85
C ILE E 886 68.07 -33.20 26.48
N THR E 887 68.03 -32.58 27.66
CA THR E 887 66.74 -32.29 28.29
C THR E 887 65.93 -31.30 27.47
N GLN E 888 66.58 -30.22 27.01
CA GLN E 888 65.88 -29.19 26.24
C GLN E 888 65.36 -29.72 24.93
N SER E 889 65.84 -30.87 24.46
CA SER E 889 65.34 -31.47 23.25
C SER E 889 63.98 -32.13 23.42
N LEU E 890 63.46 -32.20 24.65
CA LEU E 890 62.17 -32.82 24.86
C LEU E 890 61.00 -31.88 24.56
N LYS E 891 61.26 -30.63 24.21
CA LYS E 891 60.22 -29.67 23.90
C LYS E 891 60.27 -29.19 22.46
N MET E 892 61.04 -29.84 21.60
CA MET E 892 61.16 -29.44 20.20
C MET E 892 60.12 -30.19 19.40
N GLY E 893 59.14 -29.46 18.85
CA GLY E 893 58.09 -30.10 18.09
C GLY E 893 57.33 -29.07 17.26
N THR E 894 56.41 -29.59 16.45
CA THR E 894 55.59 -28.77 15.58
C THR E 894 54.13 -29.21 15.66
N LYS E 895 53.24 -28.24 15.80
CA LYS E 895 51.81 -28.47 15.90
C LYS E 895 51.21 -28.56 14.50
N LEU E 896 50.49 -29.64 14.23
CA LEU E 896 49.81 -29.80 12.96
C LEU E 896 48.57 -28.93 12.92
N ALA E 897 48.30 -28.34 11.76
CA ALA E 897 47.16 -27.45 11.58
C ALA E 897 46.05 -28.19 10.84
N ALA E 898 44.83 -28.10 11.36
CA ALA E 898 43.71 -28.77 10.73
C ALA E 898 43.35 -28.08 9.42
N PRO E 899 42.91 -28.82 8.41
CA PRO E 899 42.51 -28.18 7.15
C PRO E 899 41.26 -27.33 7.33
N THR E 900 41.19 -26.26 6.54
CA THR E 900 40.08 -25.32 6.63
C THR E 900 39.88 -24.66 5.28
N VAL E 901 38.89 -23.78 5.22
CA VAL E 901 38.57 -23.05 4.01
C VAL E 901 39.67 -22.05 3.67
N GLN F 7 73.79 -43.56 -29.16
CA GLN F 7 74.48 -44.81 -29.47
C GLN F 7 74.03 -45.93 -28.53
N ARG F 8 73.44 -45.56 -27.40
CA ARG F 8 72.92 -46.55 -26.46
C ARG F 8 71.47 -46.87 -26.81
N PRO F 9 71.12 -48.14 -27.00
CA PRO F 9 69.74 -48.48 -27.39
C PRO F 9 68.71 -48.09 -26.35
N GLU F 10 69.07 -48.05 -25.07
CA GLU F 10 68.12 -47.69 -24.03
C GLU F 10 67.74 -46.22 -24.08
N ARG F 11 68.52 -45.40 -24.78
CA ARG F 11 68.28 -43.97 -24.84
C ARG F 11 67.41 -43.56 -26.02
N ILE F 12 67.01 -44.50 -26.87
CA ILE F 12 66.20 -44.19 -28.04
C ILE F 12 64.75 -43.97 -27.60
N LYS F 13 64.18 -42.83 -27.99
CA LYS F 13 62.82 -42.47 -27.65
C LYS F 13 61.99 -42.45 -28.92
N THR F 14 60.90 -43.22 -28.94
CA THR F 14 60.05 -43.33 -30.11
C THR F 14 58.67 -42.73 -29.92
N THR F 15 58.25 -42.47 -28.69
CA THR F 15 56.98 -41.83 -28.40
C THR F 15 57.21 -40.68 -27.44
N PRO F 16 56.40 -39.63 -27.52
CA PRO F 16 56.59 -38.46 -26.65
C PRO F 16 56.19 -38.66 -25.20
N TYR F 17 55.91 -39.89 -24.76
CA TYR F 17 55.55 -40.10 -23.36
C TYR F 17 56.72 -39.80 -22.43
N LEU F 18 57.93 -40.19 -22.82
CA LEU F 18 59.10 -40.05 -21.98
C LEU F 18 59.89 -38.77 -22.24
N GLU F 19 59.38 -37.90 -23.11
CA GLU F 19 60.06 -36.65 -23.45
C GLU F 19 59.52 -35.54 -22.58
N GLY F 20 60.41 -34.76 -21.98
CA GLY F 20 60.00 -33.70 -21.08
C GLY F 20 61.08 -32.65 -20.96
N ASP F 21 60.79 -31.65 -20.13
CA ASP F 21 61.69 -30.53 -19.94
C ASP F 21 62.87 -30.91 -19.03
N VAL F 22 63.95 -30.16 -19.17
CA VAL F 22 65.14 -30.33 -18.33
C VAL F 22 65.06 -29.35 -17.18
N LEU F 23 65.24 -29.84 -15.96
CA LEU F 23 65.13 -28.99 -14.78
C LEU F 23 66.48 -28.60 -14.19
N SER F 24 67.38 -29.56 -14.03
CA SER F 24 68.68 -29.28 -13.43
C SER F 24 69.65 -30.39 -13.84
N SER F 25 70.86 -30.35 -13.28
CA SER F 25 71.86 -31.34 -13.58
C SER F 25 72.80 -31.48 -12.39
N ASP F 26 73.47 -32.61 -12.31
CA ASP F 26 74.45 -32.86 -11.25
C ASP F 26 75.40 -33.96 -11.69
N SER F 27 76.48 -34.11 -10.93
CA SER F 27 77.53 -35.07 -11.26
C SER F 27 78.21 -35.51 -9.98
N GLY F 28 79.15 -36.43 -10.13
CA GLY F 28 79.88 -36.99 -9.00
C GLY F 28 80.71 -36.01 -8.18
N PRO F 29 81.57 -35.23 -8.85
CA PRO F 29 82.40 -34.27 -8.10
C PRO F 29 81.62 -33.22 -7.35
N LEU F 30 80.36 -32.95 -7.72
CA LEU F 30 79.54 -32.07 -6.91
C LEU F 30 78.84 -32.81 -5.77
N LEU F 31 78.30 -33.99 -6.05
CA LEU F 31 77.51 -34.68 -5.05
C LEU F 31 78.37 -35.19 -3.89
N SER F 32 79.63 -35.57 -4.17
CA SER F 32 80.49 -36.03 -3.08
C SER F 32 80.73 -34.94 -2.05
N VAL F 33 81.15 -33.76 -2.53
CA VAL F 33 81.42 -32.66 -1.61
C VAL F 33 80.12 -32.18 -0.96
N PHE F 34 78.99 -32.28 -1.67
CA PHE F 34 77.72 -31.93 -1.05
C PHE F 34 77.38 -32.85 0.11
N ALA F 35 77.58 -34.16 -0.06
CA ALA F 35 77.30 -35.11 1.00
C ALA F 35 78.21 -34.84 2.21
N LEU F 36 79.49 -34.58 1.95
CA LEU F 36 80.39 -34.28 3.06
C LEU F 36 79.95 -33.03 3.81
N GLN F 37 79.56 -31.98 3.07
CA GLN F 37 79.11 -30.75 3.72
C GLN F 37 77.89 -31.01 4.58
N GLU F 38 76.93 -31.78 4.07
CA GLU F 38 75.73 -32.05 4.86
C GLU F 38 76.05 -32.81 6.13
N ILE F 39 76.91 -33.83 6.03
CA ILE F 39 77.26 -34.63 7.19
C ILE F 39 77.94 -33.76 8.26
N MET F 40 78.88 -32.92 7.84
CA MET F 40 79.58 -32.09 8.82
C MET F 40 78.68 -31.00 9.41
N GLN F 41 77.80 -30.44 8.58
CA GLN F 41 76.93 -29.37 9.06
C GLN F 41 75.98 -29.88 10.12
N LYS F 42 75.48 -31.10 9.95
CA LYS F 42 74.56 -31.66 10.95
C LYS F 42 75.22 -31.74 12.33
N VAL F 43 76.46 -32.26 12.38
CA VAL F 43 77.10 -32.44 13.67
C VAL F 43 77.50 -31.10 14.28
N ARG F 44 77.96 -30.15 13.47
CA ARG F 44 78.27 -28.83 14.05
C ARG F 44 77.02 -28.17 14.60
N GLN F 45 75.89 -28.28 13.90
CA GLN F 45 74.65 -27.69 14.40
C GLN F 45 74.20 -28.33 15.70
N VAL F 46 74.24 -29.68 15.77
CA VAL F 46 73.74 -30.34 16.98
C VAL F 46 74.65 -30.05 18.17
N GLN F 47 75.97 -29.97 17.94
CA GLN F 47 76.86 -29.63 19.04
C GLN F 47 76.73 -28.18 19.46
N ALA F 48 76.37 -27.28 18.53
CA ALA F 48 76.18 -25.89 18.92
C ALA F 48 74.88 -25.67 19.68
N ASP F 49 73.83 -26.42 19.38
CA ASP F 49 72.54 -26.15 20.00
C ASP F 49 72.45 -26.58 21.45
N TYR F 50 73.29 -27.50 21.90
CA TYR F 50 73.17 -28.07 23.23
C TYR F 50 74.51 -28.08 23.93
N MET F 51 74.46 -28.16 25.27
CA MET F 51 75.68 -28.23 26.06
C MET F 51 76.33 -29.59 25.87
N THR F 52 77.65 -29.59 25.67
CA THR F 52 78.37 -30.83 25.43
C THR F 52 79.79 -30.68 25.98
N ALA F 53 80.42 -31.83 26.22
CA ALA F 53 81.78 -31.87 26.78
C ALA F 53 82.61 -32.87 26.00
N THR F 54 83.53 -32.37 25.17
CA THR F 54 84.38 -33.22 24.36
C THR F 54 85.60 -32.40 23.93
N ARG F 55 86.58 -33.10 23.35
CA ARG F 55 87.76 -32.44 22.84
C ARG F 55 87.44 -31.63 21.58
N GLU F 56 88.14 -30.52 21.42
CA GLU F 56 87.86 -29.61 20.31
C GLU F 56 88.39 -30.19 19.01
N VAL F 57 87.49 -30.42 18.06
CA VAL F 57 87.82 -30.91 16.74
C VAL F 57 87.22 -29.97 15.71
N ASP F 58 88.01 -29.59 14.71
CA ASP F 58 87.55 -28.70 13.65
C ASP F 58 86.99 -29.54 12.51
N PHE F 59 85.70 -29.35 12.21
CA PHE F 59 85.01 -30.15 11.20
C PHE F 59 85.03 -29.41 9.86
N THR F 60 86.15 -29.53 9.16
CA THR F 60 86.29 -28.93 7.84
C THR F 60 86.03 -29.97 6.76
N VAL F 61 85.81 -29.49 5.54
CA VAL F 61 85.57 -30.34 4.38
C VAL F 61 86.69 -30.12 3.39
N PRO F 62 87.35 -31.17 2.90
CA PRO F 62 88.39 -30.98 1.89
C PRO F 62 87.82 -31.10 0.48
N ASP F 63 88.66 -30.86 -0.53
CA ASP F 63 88.25 -31.04 -1.91
C ASP F 63 88.79 -32.38 -2.41
N VAL F 64 87.88 -33.24 -2.87
CA VAL F 64 88.28 -34.59 -3.24
C VAL F 64 89.03 -34.64 -4.56
N GLN F 65 88.82 -33.66 -5.44
CA GLN F 65 89.45 -33.70 -6.75
C GLN F 65 90.97 -33.58 -6.64
N LYS F 66 91.45 -32.69 -5.78
CA LYS F 66 92.89 -32.53 -5.62
C LYS F 66 93.50 -33.78 -4.99
N ILE F 67 92.80 -34.41 -4.06
CA ILE F 67 93.28 -35.64 -3.45
C ILE F 67 93.39 -36.74 -4.50
N LEU F 68 92.38 -36.86 -5.36
CA LEU F 68 92.42 -37.87 -6.42
C LEU F 68 93.56 -37.61 -7.39
N ASP F 69 93.78 -36.34 -7.75
CA ASP F 69 94.88 -36.02 -8.64
C ASP F 69 96.23 -36.35 -8.02
N ASP F 70 96.38 -36.07 -6.73
CA ASP F 70 97.63 -36.42 -6.05
C ASP F 70 97.85 -37.92 -6.00
N ILE F 71 96.78 -38.68 -5.74
CA ILE F 71 96.90 -40.14 -5.74
C ILE F 71 97.32 -40.64 -7.12
N LYS F 72 96.71 -40.09 -8.18
CA LYS F 72 97.08 -40.50 -9.53
C LYS F 72 98.53 -40.16 -9.84
N ALA F 73 98.98 -38.98 -9.40
CA ALA F 73 100.36 -38.59 -9.65
C ALA F 73 101.34 -39.47 -8.88
N LEU F 74 100.90 -40.04 -7.75
CA LEU F 74 101.78 -40.92 -6.98
C LEU F 74 102.14 -42.20 -7.73
N ALA F 75 101.38 -42.56 -8.77
CA ALA F 75 101.65 -43.80 -9.50
C ALA F 75 102.87 -43.70 -10.41
N ALA F 76 103.40 -42.50 -10.63
CA ALA F 76 104.55 -42.33 -11.51
C ALA F 76 105.87 -42.35 -10.78
N GLU F 77 105.87 -42.43 -9.45
CA GLU F 77 107.11 -42.46 -8.71
C GLU F 77 107.82 -43.80 -8.91
N GLN F 78 109.14 -43.74 -9.05
CA GLN F 78 109.97 -44.92 -9.23
C GLN F 78 110.80 -45.15 -7.98
N VAL F 79 110.80 -46.38 -7.48
CA VAL F 79 111.52 -46.73 -6.27
C VAL F 79 112.89 -47.32 -6.56
N TYR F 80 113.40 -47.14 -7.77
CA TYR F 80 114.69 -47.67 -8.18
C TYR F 80 115.45 -46.61 -8.94
N LYS F 81 116.78 -46.75 -8.95
CA LYS F 81 117.65 -45.82 -9.66
C LYS F 81 118.57 -46.62 -10.59
N ILE F 82 119.03 -45.94 -11.64
CA ILE F 82 119.92 -46.54 -12.63
C ILE F 82 121.25 -45.83 -12.56
N VAL F 83 122.32 -46.59 -12.35
CA VAL F 83 123.65 -46.01 -12.16
C VAL F 83 124.65 -46.67 -13.09
N LYS F 84 125.75 -45.98 -13.33
CA LYS F 84 126.84 -46.53 -14.13
C LYS F 84 127.85 -47.29 -13.30
N VAL F 85 128.11 -46.84 -12.07
CA VAL F 85 129.05 -47.53 -11.17
C VAL F 85 128.41 -47.71 -9.80
N PRO F 86 128.77 -48.76 -9.06
CA PRO F 86 128.29 -48.89 -7.69
C PRO F 86 128.98 -47.91 -6.76
N SER F 87 128.33 -47.63 -5.64
CA SER F 87 128.92 -46.77 -4.63
C SER F 87 130.08 -47.50 -3.93
N ILE F 88 131.02 -46.71 -3.41
CA ILE F 88 132.19 -47.28 -2.76
C ILE F 88 131.78 -47.93 -1.45
N SER F 89 132.25 -49.16 -1.21
CA SER F 89 131.89 -49.91 -0.02
C SER F 89 133.03 -50.10 0.96
N PHE F 90 134.28 -50.02 0.51
CA PHE F 90 135.43 -50.19 1.39
C PHE F 90 136.45 -49.10 1.10
N ARG F 91 137.09 -48.59 2.15
CA ARG F 91 138.18 -47.65 1.98
C ARG F 91 139.34 -48.07 2.88
N HIS F 92 140.49 -47.45 2.67
CA HIS F 92 141.70 -47.85 3.36
C HIS F 92 142.34 -46.66 4.06
N ILE F 93 142.99 -46.95 5.18
CA ILE F 93 143.77 -45.97 5.92
C ILE F 93 145.20 -46.48 5.99
N VAL F 94 146.15 -45.61 5.66
CA VAL F 94 147.56 -45.93 5.62
C VAL F 94 148.24 -45.27 6.82
N MET F 95 149.04 -46.05 7.53
CA MET F 95 149.83 -45.56 8.64
C MET F 95 151.27 -45.38 8.17
N GLN F 96 152.18 -45.13 9.12
CA GLN F 96 153.58 -44.95 8.75
C GLN F 96 154.20 -46.21 8.19
N SER F 97 153.58 -47.37 8.40
CA SER F 97 154.08 -48.61 7.82
C SER F 97 153.85 -48.64 6.32
N ARG F 98 154.79 -49.25 5.61
CA ARG F 98 154.65 -49.48 4.17
C ARG F 98 154.44 -50.95 3.85
N ASP F 99 153.96 -51.72 4.82
CA ASP F 99 153.65 -53.13 4.61
C ASP F 99 152.22 -53.49 4.97
N ARG F 100 151.62 -52.86 5.97
CA ARG F 100 150.28 -53.17 6.41
C ARG F 100 149.45 -51.89 6.42
N VAL F 101 148.16 -52.05 6.13
CA VAL F 101 147.21 -50.95 6.19
C VAL F 101 146.01 -51.42 6.99
N LEU F 102 145.02 -50.55 7.16
CA LEU F 102 143.80 -50.97 7.83
C LEU F 102 142.58 -50.54 7.03
N ARG F 103 141.71 -51.49 6.74
CA ARG F 103 140.57 -51.24 5.86
C ARG F 103 139.30 -51.08 6.68
N VAL F 104 138.45 -50.17 6.22
CA VAL F 104 137.23 -49.77 6.90
C VAL F 104 136.06 -49.97 5.95
N ASP F 105 135.00 -50.62 6.44
CA ASP F 105 133.79 -50.83 5.67
C ASP F 105 132.91 -49.61 5.88
N THR F 106 132.71 -48.82 4.83
CA THR F 106 132.05 -47.52 4.96
C THR F 106 130.56 -47.61 5.22
N TYR F 107 129.95 -48.79 5.07
CA TYR F 107 128.52 -48.90 5.30
C TYR F 107 128.16 -48.59 6.75
N TYR F 108 128.95 -49.12 7.69
CA TYR F 108 128.69 -48.84 9.10
C TYR F 108 128.99 -47.39 9.46
N GLU F 109 130.01 -46.80 8.83
CA GLU F 109 130.30 -45.39 9.07
C GLU F 109 129.15 -44.51 8.62
N GLU F 110 128.55 -44.81 7.47
CA GLU F 110 127.38 -44.06 7.05
C GLU F 110 126.17 -44.41 7.89
N MET F 111 126.14 -45.63 8.44
CA MET F 111 124.98 -46.09 9.19
C MET F 111 124.91 -45.46 10.56
N SER F 112 126.06 -45.06 11.11
CA SER F 112 126.09 -44.53 12.47
C SER F 112 125.31 -43.23 12.60
N GLN F 113 125.23 -42.42 11.54
CA GLN F 113 124.61 -41.10 11.62
C GLN F 113 123.29 -41.03 10.86
N VAL F 114 122.53 -42.12 10.82
CA VAL F 114 121.27 -42.09 10.06
C VAL F 114 120.21 -41.29 10.81
N GLY F 115 120.04 -41.56 12.11
CA GLY F 115 118.95 -40.95 12.83
C GLY F 115 119.35 -40.20 14.08
N ASP F 116 118.38 -39.95 14.95
CA ASP F 116 118.64 -39.26 16.20
C ASP F 116 119.22 -40.22 17.23
N VAL F 117 119.74 -39.65 18.32
CA VAL F 117 120.35 -40.46 19.36
C VAL F 117 119.25 -41.14 20.18
N ILE F 118 119.35 -42.45 20.33
CA ILE F 118 118.38 -43.20 21.11
C ILE F 118 118.53 -42.84 22.58
N THR F 119 117.43 -42.43 23.19
CA THR F 119 117.42 -42.02 24.59
C THR F 119 116.46 -42.90 25.38
N GLU F 120 116.33 -42.58 26.66
CA GLU F 120 115.66 -43.47 27.59
C GLU F 120 114.15 -43.29 27.58
N ASP F 121 113.67 -42.06 27.44
CA ASP F 121 112.28 -41.76 27.73
C ASP F 121 111.58 -41.03 26.57
N GLU F 122 111.93 -41.36 25.34
CA GLU F 122 111.28 -40.81 24.15
C GLU F 122 110.95 -41.96 23.21
N PRO F 123 109.86 -42.68 23.46
CA PRO F 123 109.52 -43.82 22.59
C PRO F 123 109.23 -43.44 21.15
N GLU F 124 108.61 -42.28 20.93
CA GLU F 124 108.30 -41.84 19.58
C GLU F 124 109.57 -41.60 18.78
N LYS F 125 110.58 -40.98 19.41
CA LYS F 125 111.85 -40.79 18.73
C LYS F 125 112.52 -42.12 18.41
N PHE F 126 112.39 -43.10 19.31
CA PHE F 126 112.97 -44.41 19.05
C PHE F 126 112.34 -45.06 17.82
N TYR F 127 111.01 -45.04 17.75
CA TYR F 127 110.33 -45.61 16.59
C TYR F 127 110.70 -44.86 15.31
N SER F 128 110.77 -43.53 15.39
CA SER F 128 111.15 -42.75 14.22
C SER F 128 112.55 -43.09 13.74
N THR F 129 113.48 -43.27 14.68
CA THR F 129 114.85 -43.61 14.30
C THR F 129 114.90 -44.96 13.61
N ILE F 130 114.15 -45.94 14.13
CA ILE F 130 114.14 -47.26 13.49
C ILE F 130 113.58 -47.17 12.07
N ILE F 131 112.49 -46.42 11.90
CA ILE F 131 111.88 -46.29 10.58
C ILE F 131 112.85 -45.62 9.61
N LYS F 132 113.53 -44.56 10.06
CA LYS F 132 114.47 -43.86 9.21
C LYS F 132 115.62 -44.77 8.79
N LYS F 133 116.11 -45.59 9.72
CA LYS F 133 117.21 -46.49 9.39
C LYS F 133 116.79 -47.53 8.36
N VAL F 134 115.60 -48.11 8.53
CA VAL F 134 115.14 -49.11 7.57
C VAL F 134 114.95 -48.49 6.19
N ARG F 135 114.35 -47.30 6.14
CA ARG F 135 114.16 -46.63 4.85
C ARG F 135 115.49 -46.30 4.21
N PHE F 136 116.49 -45.92 5.00
CA PHE F 136 117.80 -45.65 4.45
C PHE F 136 118.41 -46.90 3.83
N ILE F 137 118.28 -48.04 4.50
CA ILE F 137 118.80 -49.29 3.94
C ILE F 137 118.12 -49.61 2.61
N ARG F 138 116.79 -49.48 2.59
CA ARG F 138 116.06 -49.78 1.35
C ARG F 138 116.48 -48.85 0.21
N GLY F 139 116.62 -47.55 0.49
CA GLY F 139 117.03 -46.63 -0.54
C GLY F 139 118.44 -46.90 -1.04
N LYS F 140 119.34 -47.26 -0.13
CA LYS F 140 120.71 -47.54 -0.52
C LYS F 140 120.81 -48.80 -1.38
N GLY F 141 119.99 -49.81 -1.09
CA GLY F 141 120.21 -51.10 -1.72
C GLY F 141 119.59 -51.31 -3.09
N SER F 142 118.69 -50.44 -3.54
CA SER F 142 117.91 -50.69 -4.75
C SER F 142 118.49 -49.87 -5.90
N PHE F 143 119.23 -50.54 -6.79
CA PHE F 143 119.82 -49.87 -7.94
C PHE F 143 120.02 -50.89 -9.05
N ILE F 144 120.12 -50.38 -10.28
CA ILE F 144 120.35 -51.20 -11.47
C ILE F 144 121.60 -50.67 -12.17
N LEU F 145 122.54 -51.57 -12.43
CA LEU F 145 123.74 -51.22 -13.18
C LEU F 145 123.44 -51.17 -14.66
N HIS F 146 124.11 -50.27 -15.37
CA HIS F 146 123.84 -50.05 -16.79
C HIS F 146 125.02 -49.33 -17.40
N ASP F 147 125.57 -49.92 -18.47
CA ASP F 147 126.66 -49.30 -19.26
C ASP F 147 127.92 -49.07 -18.42
N ILE F 148 128.47 -50.16 -17.89
CA ILE F 148 129.69 -50.09 -17.11
C ILE F 148 130.88 -49.93 -18.05
N PRO F 149 131.98 -49.31 -17.61
CA PRO F 149 133.16 -49.21 -18.47
C PRO F 149 134.03 -50.45 -18.39
N THR F 150 134.61 -50.82 -19.52
CA THR F 150 135.46 -52.00 -19.64
C THR F 150 136.75 -51.63 -20.35
N ARG F 151 137.67 -52.60 -20.44
CA ARG F 151 138.96 -52.39 -21.07
C ARG F 151 139.37 -53.68 -21.76
N ASP F 152 140.15 -53.56 -22.83
CA ASP F 152 140.70 -54.71 -23.53
C ASP F 152 142.13 -54.95 -23.06
N HIS F 153 142.44 -56.20 -22.74
CA HIS F 153 143.77 -56.54 -22.25
C HIS F 153 144.03 -58.01 -22.50
N ARG F 154 145.19 -58.31 -23.09
CA ARG F 154 145.67 -59.68 -23.29
C ARG F 154 144.68 -60.51 -24.11
N GLY F 155 143.91 -59.86 -24.97
CA GLY F 155 142.93 -60.58 -25.75
C GLY F 155 141.70 -60.99 -24.97
N MET F 156 141.31 -60.21 -23.97
CA MET F 156 140.07 -60.46 -23.24
C MET F 156 139.59 -59.17 -22.63
N GLU F 157 138.34 -59.17 -22.18
CA GLU F 157 137.74 -58.00 -21.56
C GLU F 157 137.92 -58.03 -20.05
N VAL F 158 138.34 -56.91 -19.49
CA VAL F 158 138.55 -56.76 -18.05
C VAL F 158 137.78 -55.55 -17.57
N ALA F 159 137.44 -55.56 -16.29
CA ALA F 159 136.67 -54.47 -15.71
C ALA F 159 137.60 -53.36 -15.22
N GLU F 160 137.18 -52.12 -15.43
CA GLU F 160 137.94 -50.99 -14.96
C GLU F 160 137.86 -50.94 -13.43
N PRO F 161 138.87 -50.37 -12.76
CA PRO F 161 138.86 -50.37 -11.29
C PRO F 161 137.70 -49.62 -10.67
N GLU F 162 137.21 -48.55 -11.29
CA GLU F 162 136.18 -47.75 -10.64
C GLU F 162 134.84 -48.45 -10.54
N VAL F 163 134.57 -49.44 -11.41
CA VAL F 163 133.31 -50.15 -11.28
C VAL F 163 133.35 -51.10 -10.09
N LEU F 164 134.54 -51.46 -9.61
CA LEU F 164 134.64 -52.23 -8.40
C LEU F 164 134.22 -51.39 -7.20
N GLY F 165 133.93 -52.06 -6.09
CA GLY F 165 133.48 -51.36 -4.91
C GLY F 165 134.59 -51.00 -3.95
N VAL F 166 135.84 -51.00 -4.42
CA VAL F 166 137.00 -50.80 -3.59
C VAL F 166 137.73 -49.55 -4.05
N GLU F 167 138.20 -48.75 -3.10
CA GLU F 167 138.99 -47.56 -3.37
C GLU F 167 140.34 -47.72 -2.68
N PHE F 168 141.42 -47.77 -3.48
CA PHE F 168 142.73 -47.97 -2.90
C PHE F 168 143.81 -47.15 -3.62
N LYS F 169 143.46 -45.99 -4.18
CA LYS F 169 144.41 -45.26 -5.00
C LYS F 169 145.58 -44.72 -4.19
N ASN F 170 145.33 -44.32 -2.94
CA ASN F 170 146.38 -43.71 -2.14
C ASN F 170 147.32 -44.71 -1.50
N VAL F 171 147.04 -46.01 -1.59
CA VAL F 171 147.90 -47.00 -0.96
C VAL F 171 149.14 -47.26 -1.81
N LEU F 172 149.02 -47.09 -3.12
CA LEU F 172 150.13 -47.44 -4.03
C LEU F 172 151.43 -46.70 -3.77
N PRO F 173 151.46 -45.35 -3.64
CA PRO F 173 152.76 -44.66 -3.70
C PRO F 173 153.73 -45.02 -2.59
N VAL F 174 153.28 -45.60 -1.49
CA VAL F 174 154.18 -45.85 -0.37
C VAL F 174 154.83 -47.23 -0.42
N LEU F 175 154.32 -48.15 -1.23
CA LEU F 175 154.75 -49.52 -1.21
C LEU F 175 155.79 -49.79 -2.31
N THR F 176 156.39 -50.98 -2.25
CA THR F 176 157.59 -51.29 -3.02
C THR F 176 157.23 -51.79 -4.42
N ALA F 177 158.25 -52.23 -5.17
CA ALA F 177 158.03 -52.63 -6.55
C ALA F 177 157.33 -53.99 -6.65
N GLU F 178 157.76 -54.95 -5.83
CA GLU F 178 157.22 -56.30 -5.93
C GLU F 178 155.75 -56.33 -5.58
N HIS F 179 155.37 -55.66 -4.50
CA HIS F 179 153.95 -55.62 -4.13
C HIS F 179 153.14 -54.84 -5.17
N ARG F 180 153.74 -53.82 -5.78
CA ARG F 180 153.02 -53.09 -6.81
C ARG F 180 152.74 -53.98 -8.02
N ALA F 181 153.73 -54.79 -8.41
CA ALA F 181 153.50 -55.73 -9.51
C ALA F 181 152.44 -56.75 -9.14
N MET F 182 152.48 -57.26 -7.91
CA MET F 182 151.48 -58.25 -7.50
C MET F 182 150.07 -57.66 -7.53
N ILE F 183 149.91 -56.45 -7.00
CA ILE F 183 148.58 -55.84 -6.99
C ILE F 183 148.12 -55.53 -8.41
N GLN F 184 149.05 -55.10 -9.27
CA GLN F 184 148.67 -54.81 -10.66
C GLN F 184 148.18 -56.07 -11.37
N ASN F 185 148.90 -57.18 -11.20
CA ASN F 185 148.46 -58.42 -11.83
C ASN F 185 147.13 -58.90 -11.26
N ALA F 186 146.95 -58.81 -9.94
CA ALA F 186 145.69 -59.22 -9.34
C ALA F 186 144.53 -58.37 -9.85
N LEU F 187 144.76 -57.06 -9.98
CA LEU F 187 143.72 -56.18 -10.51
C LEU F 187 143.41 -56.51 -11.96
N ASP F 188 144.44 -56.82 -12.76
CA ASP F 188 144.21 -57.19 -14.15
C ASP F 188 143.55 -58.56 -14.28
N GLY F 189 143.55 -59.36 -13.23
CA GLY F 189 142.92 -60.66 -13.31
C GLY F 189 141.42 -60.69 -13.21
N SER F 190 140.75 -59.56 -13.00
CA SER F 190 139.30 -59.52 -12.89
C SER F 190 138.72 -59.41 -14.30
N ILE F 191 137.95 -60.42 -14.71
CA ILE F 191 137.52 -60.55 -16.09
C ILE F 191 136.00 -60.59 -16.15
N ILE F 192 135.48 -60.30 -17.34
CA ILE F 192 134.05 -60.45 -17.63
C ILE F 192 133.84 -61.81 -18.25
N GLU F 193 132.88 -62.56 -17.71
CA GLU F 193 132.58 -63.88 -18.23
C GLU F 193 132.04 -63.79 -19.65
N ASN F 194 132.51 -64.69 -20.52
CA ASN F 194 132.10 -64.74 -21.92
C ASN F 194 132.33 -63.40 -22.63
N GLY F 195 133.52 -62.83 -22.44
CA GLY F 195 133.80 -61.56 -23.06
C GLY F 195 134.18 -61.63 -24.53
N ASN F 196 134.52 -62.81 -25.03
CA ASN F 196 134.97 -62.96 -26.41
C ASN F 196 133.85 -63.34 -27.37
N VAL F 197 132.61 -63.43 -26.89
CA VAL F 197 131.47 -63.77 -27.73
C VAL F 197 130.61 -62.53 -27.88
N ALA F 198 130.18 -62.25 -29.11
CA ALA F 198 129.32 -61.12 -29.36
C ALA F 198 127.87 -61.52 -29.12
N THR F 199 126.95 -60.62 -29.47
CA THR F 199 125.51 -60.80 -29.37
C THR F 199 125.02 -61.09 -27.96
N ARG F 200 125.74 -60.64 -26.94
CA ARG F 200 125.24 -60.73 -25.58
C ARG F 200 124.43 -59.50 -25.23
N ASP F 201 123.72 -59.57 -24.11
CA ASP F 201 123.00 -58.43 -23.59
C ASP F 201 123.36 -58.07 -22.15
N VAL F 202 124.18 -58.87 -21.48
CA VAL F 202 124.57 -58.61 -20.11
C VAL F 202 126.07 -58.80 -19.95
N ASP F 203 126.62 -58.14 -18.94
CA ASP F 203 128.01 -58.29 -18.55
C ASP F 203 128.07 -58.74 -17.09
N VAL F 204 128.78 -59.83 -16.83
CA VAL F 204 128.84 -60.44 -15.51
C VAL F 204 130.26 -60.36 -15.00
N PHE F 205 130.42 -59.80 -13.80
CA PHE F 205 131.76 -59.66 -13.22
C PHE F 205 131.68 -59.86 -11.72
N ILE F 206 132.81 -59.71 -11.04
CA ILE F 206 132.92 -59.94 -9.61
C ILE F 206 133.49 -58.68 -8.96
N GLY F 207 132.77 -58.13 -8.00
CA GLY F 207 133.21 -56.97 -7.25
C GLY F 207 132.98 -57.14 -5.77
N ALA F 208 132.98 -56.02 -5.04
CA ALA F 208 132.84 -56.03 -3.58
C ALA F 208 131.63 -55.20 -3.16
N CYS F 209 130.89 -55.71 -2.18
CA CYS F 209 129.72 -55.02 -1.67
C CYS F 209 129.42 -55.56 -0.28
N SER F 210 128.69 -54.77 0.50
CA SER F 210 128.31 -55.18 1.84
C SER F 210 126.97 -55.92 1.82
N GLU F 211 126.77 -56.77 2.83
CA GLU F 211 125.64 -57.70 2.83
C GLU F 211 124.27 -57.02 2.80
N PRO F 212 123.96 -56.04 3.65
CA PRO F 212 122.57 -55.52 3.68
C PRO F 212 122.10 -54.91 2.38
N VAL F 213 122.99 -54.29 1.60
CA VAL F 213 122.59 -53.75 0.33
C VAL F 213 122.65 -54.80 -0.78
N TYR F 214 123.56 -55.77 -0.67
CA TYR F 214 123.63 -56.85 -1.64
C TYR F 214 122.36 -57.67 -1.64
N ARG F 215 121.78 -57.88 -0.46
CA ARG F 215 120.53 -58.63 -0.37
C ARG F 215 119.41 -57.93 -1.12
N ILE F 216 119.28 -56.61 -0.95
CA ILE F 216 118.25 -55.86 -1.64
C ILE F 216 118.49 -55.88 -3.15
N TYR F 217 119.76 -55.75 -3.55
CA TYR F 217 120.07 -55.79 -4.98
C TYR F 217 119.67 -57.11 -5.60
N ASN F 218 119.98 -58.22 -4.92
CA ASN F 218 119.60 -59.53 -5.43
C ASN F 218 118.09 -59.66 -5.53
N ARG F 219 117.37 -59.19 -4.51
CA ARG F 219 115.91 -59.28 -4.53
C ARG F 219 115.32 -58.49 -5.69
N LEU F 220 115.84 -57.28 -5.93
CA LEU F 220 115.31 -56.46 -7.01
C LEU F 220 115.59 -57.09 -8.38
N GLN F 221 116.80 -57.64 -8.56
CA GLN F 221 117.10 -58.28 -9.83
C GLN F 221 116.21 -59.49 -10.05
N GLY F 222 115.97 -60.28 -9.00
CA GLY F 222 115.08 -61.41 -9.13
C GLY F 222 113.66 -61.01 -9.49
N TYR F 223 113.16 -59.94 -8.86
CA TYR F 223 111.82 -59.47 -9.19
C TYR F 223 111.73 -58.98 -10.63
N ILE F 224 112.76 -58.27 -11.10
CA ILE F 224 112.75 -57.81 -12.49
C ILE F 224 112.75 -58.99 -13.45
N GLU F 225 113.49 -60.05 -13.10
CA GLU F 225 113.52 -61.23 -13.96
C GLU F 225 112.18 -61.95 -13.94
N ALA F 226 111.49 -61.95 -12.79
CA ALA F 226 110.28 -62.76 -12.64
C ALA F 226 109.09 -62.15 -13.35
N VAL F 227 108.70 -60.93 -12.96
CA VAL F 227 107.48 -60.33 -13.48
C VAL F 227 107.71 -59.91 -14.93
N GLN F 228 106.89 -60.41 -15.84
CA GLN F 228 107.08 -60.24 -17.27
C GLN F 228 105.70 -60.27 -17.95
N LEU F 229 105.70 -60.64 -19.23
CA LEU F 229 104.52 -60.52 -20.09
C LEU F 229 103.28 -61.18 -19.50
N GLN F 230 103.44 -62.30 -18.78
CA GLN F 230 102.28 -63.03 -18.29
C GLN F 230 101.47 -62.21 -17.29
N GLU F 231 102.15 -61.50 -16.38
CA GLU F 231 101.45 -60.68 -15.40
C GLU F 231 100.69 -59.54 -16.07
N LEU F 232 101.31 -58.92 -17.08
CA LEU F 232 100.62 -57.88 -17.85
C LEU F 232 99.38 -58.43 -18.54
N ARG F 233 99.49 -59.64 -19.11
CA ARG F 233 98.34 -60.25 -19.75
C ARG F 233 97.22 -60.53 -18.76
N ASN F 234 97.56 -61.01 -17.57
CA ASN F 234 96.54 -61.26 -16.56
C ASN F 234 95.84 -59.97 -16.14
N SER F 235 96.61 -58.91 -15.93
CA SER F 235 96.01 -57.63 -15.56
C SER F 235 95.08 -57.11 -16.64
N ILE F 236 95.53 -57.18 -17.90
CA ILE F 236 94.69 -56.69 -18.98
C ILE F 236 93.43 -57.54 -19.13
N GLY F 237 93.54 -58.85 -18.88
CA GLY F 237 92.36 -59.70 -18.94
C GLY F 237 91.34 -59.36 -17.86
N TRP F 238 91.81 -59.09 -16.64
CA TRP F 238 90.89 -58.65 -15.61
C TRP F 238 90.23 -57.32 -15.97
N LEU F 239 91.01 -56.41 -16.56
CA LEU F 239 90.44 -55.14 -17.00
C LEU F 239 89.39 -55.36 -18.07
N GLU F 240 89.62 -56.32 -18.97
CA GLU F 240 88.64 -56.63 -20.00
C GLU F 240 87.35 -57.16 -19.38
N ARG F 241 87.46 -58.01 -18.36
CA ARG F 241 86.26 -58.51 -17.70
C ARG F 241 85.48 -57.38 -17.03
N LEU F 242 86.20 -56.47 -16.36
CA LEU F 242 85.53 -55.34 -15.72
C LEU F 242 84.83 -54.46 -16.75
N GLY F 243 85.50 -54.19 -17.87
CA GLY F 243 84.87 -53.41 -18.93
C GLY F 243 83.69 -54.12 -19.55
N HIS F 244 83.74 -55.44 -19.64
CA HIS F 244 82.60 -56.21 -20.14
C HIS F 244 81.40 -56.04 -19.24
N ARG F 245 81.61 -56.05 -17.92
CA ARG F 245 80.48 -55.81 -17.02
C ARG F 245 79.99 -54.38 -17.11
N LYS F 246 80.91 -53.40 -17.05
CA LYS F 246 80.50 -52.00 -17.07
C LYS F 246 80.01 -51.55 -18.45
N ARG F 247 80.19 -52.38 -19.48
CA ARG F 247 79.65 -52.12 -20.82
C ARG F 247 80.21 -50.80 -21.39
N ILE F 248 81.50 -50.80 -21.63
CA ILE F 248 82.16 -49.68 -22.28
C ILE F 248 82.39 -50.01 -23.74
N THR F 249 82.77 -49.00 -24.52
CA THR F 249 82.96 -49.16 -25.96
C THR F 249 84.45 -49.22 -26.26
N TYR F 250 84.84 -50.19 -27.09
CA TYR F 250 86.22 -50.40 -27.47
C TYR F 250 86.48 -49.86 -28.88
N SER F 251 87.71 -49.46 -29.13
CA SER F 251 88.11 -49.00 -30.45
C SER F 251 88.54 -50.20 -31.30
N GLN F 252 89.14 -49.94 -32.45
CA GLN F 252 89.62 -51.01 -33.33
C GLN F 252 91.07 -51.37 -33.07
N GLU F 253 91.74 -50.70 -32.14
CA GLU F 253 93.14 -50.97 -31.87
C GLU F 253 93.28 -52.03 -30.79
N VAL F 254 94.21 -52.97 -31.01
CA VAL F 254 94.41 -54.09 -30.10
C VAL F 254 95.88 -54.10 -29.66
N LEU F 255 96.12 -54.75 -28.53
CA LEU F 255 97.46 -54.84 -27.96
C LEU F 255 98.11 -56.16 -28.35
N THR F 256 99.37 -56.08 -28.75
CA THR F 256 100.12 -57.21 -29.27
C THR F 256 101.22 -57.61 -28.30
N ASP F 257 101.52 -58.90 -28.24
CA ASP F 257 102.49 -59.44 -27.30
C ASP F 257 103.93 -59.30 -27.78
N PHE F 258 104.20 -58.46 -28.78
CA PHE F 258 105.55 -58.33 -29.31
C PHE F 258 106.39 -57.48 -28.37
N ARG F 259 107.59 -57.97 -28.04
CA ARG F 259 108.53 -57.24 -27.20
C ARG F 259 109.86 -57.15 -27.93
N ARG F 260 110.41 -55.95 -28.00
CA ARG F 260 111.66 -55.73 -28.72
C ARG F 260 112.82 -56.42 -28.00
N GLN F 261 113.86 -56.72 -28.78
CA GLN F 261 115.00 -57.44 -28.23
C GLN F 261 115.87 -56.58 -27.33
N ASP F 262 115.68 -55.26 -27.35
CA ASP F 262 116.50 -54.36 -26.54
C ASP F 262 115.68 -53.61 -25.50
N THR F 263 114.56 -54.17 -25.05
CA THR F 263 113.69 -53.51 -24.09
C THR F 263 113.44 -54.43 -22.91
N ILE F 264 113.59 -53.89 -21.70
CA ILE F 264 113.30 -54.60 -20.47
C ILE F 264 112.14 -53.87 -19.80
N TRP F 265 111.07 -54.61 -19.50
CA TRP F 265 109.88 -54.04 -18.89
C TRP F 265 109.97 -54.09 -17.37
N VAL F 266 109.47 -53.04 -16.73
CA VAL F 266 109.37 -52.98 -15.28
C VAL F 266 107.92 -52.70 -14.93
N LEU F 267 107.29 -53.63 -14.21
CA LEU F 267 105.89 -53.51 -13.82
C LEU F 267 105.83 -53.57 -12.30
N ALA F 268 105.14 -52.59 -11.71
CA ALA F 268 105.17 -52.43 -10.26
C ALA F 268 103.83 -52.65 -9.56
N LEU F 269 102.74 -52.80 -10.29
CA LEU F 269 101.43 -52.98 -9.69
C LEU F 269 100.71 -54.16 -10.31
N GLN F 270 99.66 -54.62 -9.62
CA GLN F 270 98.79 -55.69 -10.11
C GLN F 270 97.34 -55.23 -9.99
N LEU F 271 96.51 -55.63 -10.95
CA LEU F 271 95.12 -55.17 -11.00
C LEU F 271 94.13 -55.96 -10.15
N PRO F 272 94.16 -57.30 -10.07
CA PRO F 272 93.18 -57.98 -9.22
C PRO F 272 93.43 -57.69 -7.75
N VAL F 273 93.03 -56.49 -7.32
CA VAL F 273 93.33 -56.01 -5.98
C VAL F 273 92.47 -56.75 -4.96
N ASN F 274 93.08 -57.09 -3.83
CA ASN F 274 92.35 -57.74 -2.75
C ASN F 274 91.39 -56.74 -2.11
N PRO F 275 90.08 -56.99 -2.13
CA PRO F 275 89.15 -56.01 -1.54
C PRO F 275 89.29 -55.86 -0.04
N GLN F 276 89.68 -56.92 0.67
CA GLN F 276 89.68 -56.88 2.13
C GLN F 276 90.59 -55.77 2.66
N VAL F 277 91.71 -55.53 1.99
CA VAL F 277 92.67 -54.51 2.42
C VAL F 277 92.00 -53.15 2.49
N VAL F 278 91.04 -52.88 1.61
CA VAL F 278 90.35 -51.59 1.66
C VAL F 278 89.44 -51.51 2.88
N TRP F 279 88.74 -52.59 3.20
CA TRP F 279 87.68 -52.53 4.19
C TRP F 279 88.14 -52.89 5.60
N ASP F 280 89.43 -53.15 5.81
CA ASP F 280 89.93 -53.41 7.16
C ASP F 280 90.30 -52.15 7.90
N VAL F 281 90.28 -51.00 7.25
CA VAL F 281 90.64 -49.73 7.90
C VAL F 281 89.61 -49.41 8.98
N PRO F 282 90.02 -49.03 10.18
CA PRO F 282 89.04 -48.75 11.24
C PRO F 282 88.23 -47.50 10.93
N ARG F 283 86.90 -47.64 11.00
CA ARG F 283 85.96 -46.53 10.83
C ARG F 283 86.17 -45.82 9.49
N SER F 284 85.92 -46.57 8.41
CA SER F 284 86.20 -46.05 7.08
C SER F 284 85.01 -46.20 6.15
N SER F 285 83.80 -46.39 6.68
CA SER F 285 82.63 -46.53 5.81
C SER F 285 82.32 -45.24 5.07
N ILE F 286 82.36 -44.11 5.77
CA ILE F 286 82.01 -42.83 5.16
C ILE F 286 83.02 -42.46 4.08
N ALA F 287 84.31 -42.67 4.33
CA ALA F 287 85.32 -42.37 3.33
C ALA F 287 85.15 -43.24 2.09
N ASN F 288 84.85 -44.53 2.28
CA ASN F 288 84.64 -45.41 1.15
C ASN F 288 83.42 -44.98 0.33
N LEU F 289 82.34 -44.59 1.00
CA LEU F 289 81.16 -44.12 0.29
C LEU F 289 81.46 -42.85 -0.52
N ILE F 290 82.20 -41.91 0.08
CA ILE F 290 82.53 -40.67 -0.61
C ILE F 290 83.42 -40.95 -1.81
N MET F 291 84.39 -41.87 -1.66
CA MET F 291 85.26 -42.21 -2.77
C MET F 291 84.48 -42.87 -3.90
N ASN F 292 83.53 -43.76 -3.56
CA ASN F 292 82.71 -44.39 -4.59
C ASN F 292 81.88 -43.36 -5.34
N ILE F 293 81.28 -42.41 -4.62
CA ILE F 293 80.51 -41.36 -5.27
C ILE F 293 81.41 -40.52 -6.18
N ALA F 294 82.61 -40.19 -5.70
CA ALA F 294 83.49 -39.32 -6.47
C ALA F 294 84.02 -40.00 -7.73
N THR F 295 84.25 -41.31 -7.67
CA THR F 295 84.92 -41.95 -8.78
C THR F 295 83.98 -42.63 -9.77
N CYS F 296 82.79 -43.06 -9.36
CA CYS F 296 81.99 -43.90 -10.23
C CYS F 296 80.66 -43.32 -10.68
N LEU F 297 80.17 -42.27 -10.04
CA LEU F 297 78.83 -41.77 -10.37
C LEU F 297 78.84 -41.05 -11.72
N PRO F 298 77.91 -41.34 -12.61
CA PRO F 298 77.88 -40.69 -13.92
C PRO F 298 77.32 -39.27 -13.79
N THR F 299 77.25 -38.58 -14.92
CA THR F 299 76.69 -37.24 -14.97
C THR F 299 75.48 -37.22 -15.89
N GLY F 300 74.44 -36.52 -15.46
CA GLY F 300 73.19 -36.47 -16.18
C GLY F 300 72.37 -35.27 -15.79
N GLU F 301 71.07 -35.38 -15.97
CA GLU F 301 70.17 -34.27 -15.75
C GLU F 301 68.80 -34.78 -15.32
N TYR F 302 68.01 -33.89 -14.73
CA TYR F 302 66.68 -34.21 -14.24
C TYR F 302 65.64 -33.84 -15.28
N ILE F 303 64.72 -34.76 -15.55
CA ILE F 303 63.72 -34.59 -16.59
C ILE F 303 62.34 -34.64 -15.94
N ALA F 304 61.53 -33.62 -16.19
CA ALA F 304 60.16 -33.56 -15.71
C ALA F 304 59.26 -34.40 -16.60
N PRO F 305 58.13 -34.89 -16.07
CA PRO F 305 57.21 -35.66 -16.89
C PRO F 305 56.49 -34.78 -17.90
N ASN F 306 55.87 -35.44 -18.88
CA ASN F 306 55.17 -34.73 -19.94
C ASN F 306 53.96 -33.99 -19.37
N PRO F 307 53.75 -32.74 -19.77
CA PRO F 307 52.59 -31.99 -19.24
C PRO F 307 51.25 -32.55 -19.67
N ARG F 308 51.19 -33.35 -20.74
CA ARG F 308 49.92 -33.87 -21.23
C ARG F 308 49.45 -35.09 -20.45
N ILE F 309 50.25 -35.62 -19.54
CA ILE F 309 49.85 -36.80 -18.79
C ILE F 309 48.68 -36.50 -17.87
N SER F 310 48.72 -35.37 -17.19
CA SER F 310 47.70 -35.03 -16.20
C SER F 310 46.55 -34.20 -16.76
N SER F 311 46.62 -33.77 -18.01
CA SER F 311 45.56 -32.92 -18.56
C SER F 311 45.46 -33.11 -20.06
N ILE F 312 44.23 -33.11 -20.56
CA ILE F 312 43.95 -33.22 -21.98
C ILE F 312 42.96 -32.12 -22.37
N THR F 313 43.14 -31.58 -23.57
CA THR F 313 42.32 -30.47 -24.06
C THR F 313 41.37 -31.01 -25.12
N LEU F 314 40.09 -31.12 -24.75
CA LEU F 314 39.10 -31.60 -25.71
C LEU F 314 38.80 -30.57 -26.78
N THR F 315 38.77 -29.30 -26.40
CA THR F 315 38.53 -28.22 -27.35
C THR F 315 39.17 -26.94 -26.79
N GLN F 316 38.79 -25.79 -27.37
CA GLN F 316 39.45 -24.53 -27.04
C GLN F 316 39.24 -24.15 -25.58
N ARG F 317 38.04 -24.39 -25.05
CA ARG F 317 37.71 -23.98 -23.70
C ARG F 317 37.67 -25.13 -22.70
N ILE F 318 37.34 -26.34 -23.12
CA ILE F 318 37.12 -27.46 -22.20
C ILE F 318 38.41 -28.24 -22.05
N THR F 319 38.95 -28.27 -20.84
CA THR F 319 40.09 -29.08 -20.49
C THR F 319 39.83 -29.78 -19.17
N THR F 320 40.36 -30.99 -19.02
CA THR F 320 40.24 -31.68 -17.75
C THR F 320 41.19 -31.07 -16.73
N THR F 321 40.87 -31.29 -15.45
CA THR F 321 41.61 -30.69 -14.34
C THR F 321 42.23 -31.79 -13.49
N GLY F 322 43.50 -31.64 -13.15
CA GLY F 322 44.18 -32.55 -12.27
C GLY F 322 43.90 -32.26 -10.82
N PRO F 323 43.85 -33.29 -9.99
CA PRO F 323 43.55 -33.08 -8.56
C PRO F 323 44.61 -32.26 -7.84
N PHE F 324 45.86 -32.37 -8.24
CA PHE F 324 46.98 -31.73 -7.54
C PHE F 324 47.50 -30.50 -8.29
N ALA F 325 46.58 -29.71 -8.85
CA ALA F 325 46.98 -28.55 -9.63
C ALA F 325 47.68 -27.50 -8.77
N ILE F 326 47.35 -27.42 -7.48
CA ILE F 326 47.98 -26.43 -6.62
C ILE F 326 49.45 -26.78 -6.39
N LEU F 327 49.76 -28.07 -6.24
CA LEU F 327 51.14 -28.46 -5.97
C LEU F 327 52.02 -28.39 -7.21
N THR F 328 51.47 -28.76 -8.37
CA THR F 328 52.27 -28.79 -9.58
C THR F 328 52.66 -27.40 -10.08
N GLY F 329 51.98 -26.36 -9.61
CA GLY F 329 52.34 -25.02 -9.99
C GLY F 329 53.46 -24.40 -9.17
N SER F 330 53.86 -25.04 -8.08
CA SER F 330 54.89 -24.49 -7.22
C SER F 330 56.28 -24.68 -7.83
N THR F 331 57.24 -23.93 -7.30
CA THR F 331 58.62 -23.98 -7.76
C THR F 331 59.52 -24.12 -6.54
N PRO F 332 60.44 -25.08 -6.53
CA PRO F 332 61.29 -25.28 -5.35
C PRO F 332 62.25 -24.13 -5.13
N THR F 333 62.63 -23.95 -3.87
CA THR F 333 63.68 -23.01 -3.49
C THR F 333 65.02 -23.75 -3.45
N ALA F 334 66.03 -23.16 -2.83
CA ALA F 334 67.33 -23.81 -2.76
C ALA F 334 67.29 -25.01 -1.82
N GLN F 335 66.71 -24.84 -0.63
CA GLN F 335 66.71 -25.89 0.37
C GLN F 335 65.96 -27.12 -0.10
N GLN F 336 64.81 -26.91 -0.76
CA GLN F 336 64.02 -28.04 -1.22
C GLN F 336 64.74 -28.80 -2.32
N LEU F 337 65.46 -28.10 -3.20
CA LEU F 337 66.25 -28.78 -4.20
C LEU F 337 67.37 -29.61 -3.57
N ASN F 338 68.00 -29.07 -2.53
CA ASN F 338 69.01 -29.84 -1.82
C ASN F 338 68.40 -31.10 -1.19
N ASP F 339 67.20 -30.98 -0.65
CA ASP F 339 66.54 -32.15 -0.07
C ASP F 339 66.20 -33.19 -1.14
N VAL F 340 65.82 -32.74 -2.33
CA VAL F 340 65.56 -33.68 -3.43
C VAL F 340 66.83 -34.43 -3.79
N ARG F 341 67.96 -33.71 -3.85
CA ARG F 341 69.24 -34.37 -4.11
C ARG F 341 69.56 -35.37 -3.01
N LYS F 342 69.23 -35.05 -1.76
CA LYS F 342 69.41 -36.01 -0.67
C LYS F 342 68.59 -37.26 -0.88
N ILE F 343 67.33 -37.10 -1.31
CA ILE F 343 66.47 -38.26 -1.52
C ILE F 343 67.04 -39.17 -2.60
N TYR F 344 67.50 -38.58 -3.70
CA TYR F 344 68.03 -39.41 -4.78
C TYR F 344 69.35 -40.06 -4.37
N LEU F 345 70.17 -39.36 -3.60
CA LEU F 345 71.40 -39.96 -3.09
C LEU F 345 71.10 -41.15 -2.18
N ALA F 346 70.05 -41.04 -1.36
CA ALA F 346 69.66 -42.17 -0.52
C ALA F 346 69.10 -43.31 -1.35
N LEU F 347 68.41 -43.01 -2.45
CA LEU F 347 67.90 -44.08 -3.30
C LEU F 347 69.02 -44.84 -3.99
N MET F 348 70.05 -44.13 -4.47
CA MET F 348 71.09 -44.79 -5.27
C MET F 348 71.98 -45.69 -4.43
N PHE F 349 72.05 -45.49 -3.12
CA PHE F 349 72.81 -46.36 -2.23
C PHE F 349 71.84 -46.99 -1.23
N PRO F 350 71.51 -48.26 -1.37
CA PRO F 350 70.34 -48.81 -0.67
C PRO F 350 70.42 -48.79 0.85
N GLY F 351 71.46 -49.38 1.42
CA GLY F 351 71.47 -49.55 2.86
C GLY F 351 72.38 -48.61 3.61
N GLN F 352 73.18 -47.83 2.89
CA GLN F 352 74.21 -47.02 3.52
C GLN F 352 73.75 -45.62 3.89
N ILE F 353 72.70 -45.11 3.27
CA ILE F 353 72.13 -43.81 3.60
C ILE F 353 70.65 -44.01 3.93
N ILE F 354 70.23 -43.47 5.07
CA ILE F 354 68.88 -43.67 5.59
C ILE F 354 68.26 -42.29 5.82
N LEU F 355 67.02 -42.11 5.38
CA LEU F 355 66.37 -40.82 5.46
C LEU F 355 65.63 -40.64 6.77
N ASP F 356 65.49 -39.38 7.18
CA ASP F 356 64.78 -39.03 8.40
C ASP F 356 64.03 -37.72 8.18
N LEU F 357 63.03 -37.50 9.03
CA LEU F 357 62.18 -36.31 8.90
C LEU F 357 62.84 -35.10 9.55
N LYS F 358 62.67 -33.95 8.92
CA LYS F 358 63.22 -32.68 9.43
C LYS F 358 62.09 -31.80 9.92
N ILE F 359 62.32 -31.14 11.06
CA ILE F 359 61.32 -30.29 11.70
C ILE F 359 61.83 -28.86 11.71
N ASP F 360 61.10 -27.97 11.05
CA ASP F 360 61.43 -26.55 11.01
C ASP F 360 60.24 -25.75 11.51
N PRO F 361 60.34 -25.07 12.66
CA PRO F 361 59.19 -24.32 13.17
C PRO F 361 58.82 -23.13 12.30
N GLY F 362 59.77 -22.55 11.58
CA GLY F 362 59.48 -21.35 10.81
C GLY F 362 58.58 -21.61 9.61
N GLU F 363 58.78 -22.74 8.93
CA GLU F 363 58.12 -22.96 7.65
C GLU F 363 56.62 -23.15 7.83
N ARG F 364 55.84 -22.42 7.04
CA ARG F 364 54.38 -22.53 7.03
C ARG F 364 53.94 -23.14 5.70
N MET F 365 53.19 -24.22 5.77
CA MET F 365 52.78 -24.96 4.59
C MET F 365 51.34 -25.42 4.74
N ASP F 366 50.71 -25.66 3.61
CA ASP F 366 49.33 -26.13 3.60
C ASP F 366 49.25 -27.53 4.17
N PRO F 367 48.18 -27.86 4.90
CA PRO F 367 48.05 -29.22 5.45
C PRO F 367 48.02 -30.32 4.42
N ALA F 368 47.52 -30.05 3.20
CA ALA F 368 47.38 -31.11 2.21
C ALA F 368 48.71 -31.64 1.71
N VAL F 369 49.80 -30.89 1.87
CA VAL F 369 51.11 -31.33 1.40
C VAL F 369 51.53 -32.58 2.15
N ARG F 370 51.39 -32.57 3.48
CA ARG F 370 51.74 -33.75 4.26
C ARG F 370 50.84 -34.93 3.91
N MET F 371 49.56 -34.65 3.66
CA MET F 371 48.61 -35.70 3.32
C MET F 371 49.03 -36.41 2.03
N VAL F 372 49.41 -35.64 1.01
CA VAL F 372 49.83 -36.24 -0.26
C VAL F 372 51.17 -36.94 -0.12
N ALA F 373 52.09 -36.34 0.65
CA ALA F 373 53.40 -36.95 0.85
C ALA F 373 53.28 -38.29 1.56
N GLY F 374 52.25 -38.46 2.39
CA GLY F 374 52.01 -39.75 3.01
C GLY F 374 51.75 -40.85 1.99
N VAL F 375 50.98 -40.53 0.95
CA VAL F 375 50.72 -41.51 -0.11
C VAL F 375 51.98 -41.73 -0.95
N VAL F 376 52.69 -40.65 -1.27
CA VAL F 376 53.84 -40.75 -2.17
C VAL F 376 54.95 -41.59 -1.54
N GLY F 377 55.20 -41.38 -0.24
CA GLY F 377 56.29 -42.07 0.42
C GLY F 377 56.14 -43.58 0.43
N HIS F 378 54.90 -44.07 0.52
CA HIS F 378 54.68 -45.51 0.51
C HIS F 378 55.05 -46.12 -0.84
N LEU F 379 54.91 -45.37 -1.92
CA LEU F 379 55.26 -45.87 -3.24
C LEU F 379 56.71 -45.61 -3.62
N LEU F 380 57.37 -44.66 -2.95
CA LEU F 380 58.71 -44.27 -3.37
C LEU F 380 59.81 -45.06 -2.69
N PHE F 381 59.64 -45.45 -1.44
CA PHE F 381 60.72 -46.03 -0.65
C PHE F 381 60.52 -47.52 -0.42
N THR F 382 61.49 -48.11 0.28
CA THR F 382 61.50 -49.53 0.58
C THR F 382 61.86 -49.74 2.04
N ALA F 383 61.05 -50.53 2.74
CA ALA F 383 61.31 -50.94 4.11
C ALA F 383 61.20 -52.45 4.23
N GLY F 384 61.65 -53.16 3.21
CA GLY F 384 61.38 -54.58 3.07
C GLY F 384 62.23 -55.43 3.99
N GLY F 385 62.22 -56.73 3.70
CA GLY F 385 62.90 -57.71 4.51
C GLY F 385 64.37 -57.88 4.24
N ARG F 386 64.92 -57.21 3.23
CA ARG F 386 66.33 -57.34 2.89
C ARG F 386 67.14 -56.09 3.18
N PHE F 387 66.58 -54.91 2.92
CA PHE F 387 67.23 -53.65 3.27
C PHE F 387 66.16 -52.59 3.42
N THR F 388 66.58 -51.41 3.89
CA THR F 388 65.65 -50.31 4.10
C THR F 388 66.27 -49.01 3.60
N ASN F 389 65.40 -48.06 3.28
CA ASN F 389 65.82 -46.71 2.92
C ASN F 389 65.49 -45.68 3.97
N LEU F 390 64.64 -46.00 4.94
CA LEU F 390 64.13 -45.01 5.87
C LEU F 390 64.11 -45.58 7.28
N THR F 391 64.25 -44.67 8.26
CA THR F 391 64.26 -45.03 9.67
C THR F 391 62.85 -45.42 10.11
N GLN F 392 62.78 -46.10 11.25
CA GLN F 392 61.48 -46.50 11.79
C GLN F 392 60.62 -45.29 12.12
N ASN F 393 61.24 -44.18 12.52
CA ASN F 393 60.51 -42.96 12.81
C ASN F 393 59.79 -42.44 11.56
N MET F 394 60.50 -42.41 10.43
CA MET F 394 59.87 -42.00 9.17
C MET F 394 58.75 -42.94 8.78
N ALA F 395 58.92 -44.25 9.01
CA ALA F 395 57.86 -45.19 8.71
C ALA F 395 56.60 -44.88 9.51
N ARG F 396 56.77 -44.59 10.81
CA ARG F 396 55.62 -44.23 11.63
C ARG F 396 54.97 -42.95 11.15
N GLN F 397 55.77 -41.94 10.83
CA GLN F 397 55.21 -40.67 10.39
C GLN F 397 54.46 -40.82 9.08
N LEU F 398 54.99 -41.60 8.14
CA LEU F 398 54.31 -41.82 6.88
C LEU F 398 53.02 -42.61 7.07
N ASP F 399 53.02 -43.58 7.99
CA ASP F 399 51.80 -44.31 8.28
C ASP F 399 50.73 -43.39 8.86
N ILE F 400 51.12 -42.48 9.77
CA ILE F 400 50.16 -41.55 10.34
C ILE F 400 49.62 -40.61 9.26
N ALA F 401 50.49 -40.15 8.36
CA ALA F 401 50.05 -39.28 7.29
C ALA F 401 49.06 -39.99 6.37
N LEU F 402 49.33 -41.25 6.04
CA LEU F 402 48.40 -42.01 5.19
C LEU F 402 47.07 -42.22 5.90
N ASN F 403 47.11 -42.49 7.20
CA ASN F 403 45.87 -42.61 7.98
C ASN F 403 45.04 -41.34 7.90
N ASP F 404 45.68 -40.20 8.13
CA ASP F 404 44.95 -38.94 8.11
C ASP F 404 44.41 -38.66 6.71
N TYR F 405 45.18 -38.98 5.67
CA TYR F 405 44.70 -38.76 4.31
C TYR F 405 43.48 -39.62 4.00
N LEU F 406 43.51 -40.89 4.40
CA LEU F 406 42.39 -41.77 4.08
C LEU F 406 41.14 -41.37 4.86
N LEU F 407 41.29 -40.93 6.11
CA LEU F 407 40.10 -40.53 6.86
C LEU F 407 39.57 -39.16 6.46
N TYR F 408 40.34 -38.37 5.73
CA TYR F 408 39.89 -37.07 5.26
C TYR F 408 39.01 -37.26 4.04
N MET F 409 37.79 -36.71 4.08
CA MET F 409 36.80 -36.94 3.03
C MET F 409 36.21 -35.60 2.62
N TYR F 410 36.70 -35.01 1.54
CA TYR F 410 36.15 -33.78 1.02
C TYR F 410 35.02 -34.04 0.02
N ASN F 411 34.60 -35.30 -0.13
CA ASN F 411 33.45 -35.67 -0.93
C ASN F 411 32.49 -36.47 -0.07
N THR F 412 31.54 -37.14 -0.69
CA THR F 412 30.58 -37.97 0.05
C THR F 412 31.30 -39.03 0.86
N ARG F 413 30.94 -39.14 2.13
CA ARG F 413 31.60 -40.08 3.03
C ARG F 413 31.20 -41.51 2.71
N VAL F 414 32.04 -42.45 3.16
CA VAL F 414 31.79 -43.87 2.97
C VAL F 414 31.87 -44.55 4.33
N GLN F 415 31.50 -45.83 4.35
CA GLN F 415 31.48 -46.60 5.58
C GLN F 415 32.89 -46.92 6.05
N VAL F 416 33.12 -46.75 7.36
CA VAL F 416 34.39 -47.09 7.98
C VAL F 416 34.13 -47.86 9.27
N ASN F 417 34.86 -48.95 9.46
CA ASN F 417 34.76 -49.77 10.67
C ASN F 417 36.11 -49.81 11.35
N TYR F 418 36.16 -49.40 12.61
CA TYR F 418 37.42 -49.36 13.35
C TYR F 418 37.66 -50.68 14.07
N GLY F 419 38.92 -50.90 14.46
CA GLY F 419 39.33 -52.13 15.08
C GLY F 419 39.57 -52.00 16.56
N PRO F 420 39.86 -53.12 17.22
CA PRO F 420 40.05 -53.10 18.68
C PRO F 420 41.21 -52.24 19.15
N THR F 421 42.30 -52.18 18.40
CA THR F 421 43.49 -51.45 18.82
C THR F 421 43.49 -50.04 18.22
N GLY F 422 44.27 -49.17 18.84
CA GLY F 422 44.35 -47.79 18.43
C GLY F 422 45.47 -47.46 17.46
N GLU F 423 46.11 -48.46 16.88
CA GLU F 423 47.19 -48.21 15.95
C GLU F 423 46.65 -47.53 14.69
N PRO F 424 47.48 -46.75 14.01
CA PRO F 424 47.05 -46.16 12.73
C PRO F 424 46.81 -47.22 11.67
N LEU F 425 45.93 -46.88 10.74
CA LEU F 425 45.54 -47.74 9.62
C LEU F 425 44.86 -49.03 10.09
N ASP F 426 44.28 -49.04 11.28
CA ASP F 426 43.56 -50.20 11.78
C ASP F 426 42.06 -49.99 11.59
N PHE F 427 41.61 -50.14 10.35
CA PHE F 427 40.20 -49.99 10.02
C PHE F 427 39.93 -50.64 8.67
N GLN F 428 38.64 -50.77 8.37
CA GLN F 428 38.16 -51.25 7.08
C GLN F 428 37.30 -50.18 6.44
N ILE F 429 37.46 -50.01 5.12
CA ILE F 429 36.91 -48.88 4.39
C ILE F 429 36.11 -49.41 3.20
N GLY F 430 35.19 -48.57 2.72
CA GLY F 430 34.50 -48.83 1.47
C GLY F 430 33.31 -49.76 1.62
N ARG F 431 32.55 -49.89 0.53
CA ARG F 431 31.44 -50.84 0.50
C ARG F 431 31.97 -52.26 0.65
N ASN F 432 33.00 -52.61 -0.11
CA ASN F 432 33.74 -53.84 0.11
C ASN F 432 34.81 -53.55 1.15
N GLN F 433 34.68 -54.16 2.32
CA GLN F 433 35.54 -53.80 3.44
C GLN F 433 36.97 -54.21 3.13
N TYR F 434 37.78 -53.21 2.80
CA TYR F 434 39.18 -53.42 2.44
C TYR F 434 40.03 -53.19 3.67
N ASP F 435 40.77 -54.22 4.08
CA ASP F 435 41.58 -54.14 5.28
C ASP F 435 42.83 -53.30 5.02
N CYS F 436 42.94 -52.18 5.72
CA CYS F 436 44.09 -51.29 5.60
C CYS F 436 45.19 -51.60 6.60
N ASN F 437 45.04 -52.68 7.37
CA ASN F 437 46.08 -53.07 8.32
C ASN F 437 47.36 -53.50 7.65
N VAL F 438 47.30 -53.89 6.38
CA VAL F 438 48.49 -54.41 5.71
C VAL F 438 49.46 -53.30 5.34
N PHE F 439 49.05 -52.04 5.44
CA PHE F 439 49.92 -50.94 5.04
C PHE F 439 50.74 -50.38 6.19
N ARG F 440 50.56 -50.89 7.41
CA ARG F 440 51.41 -50.48 8.52
C ARG F 440 52.78 -51.13 8.39
N ALA F 441 53.82 -50.38 8.74
CA ALA F 441 55.19 -50.84 8.54
C ALA F 441 55.52 -52.03 9.42
N ASP F 442 56.23 -52.99 8.85
CA ASP F 442 56.71 -54.16 9.59
C ASP F 442 58.05 -54.55 8.97
N PHE F 443 59.15 -54.17 9.63
CA PHE F 443 60.47 -54.31 9.03
C PHE F 443 60.90 -55.75 8.85
N ALA F 444 60.27 -56.70 9.56
CA ALA F 444 60.64 -58.10 9.40
C ALA F 444 60.13 -58.69 8.10
N THR F 445 59.09 -58.11 7.50
CA THR F 445 58.52 -58.63 6.27
C THR F 445 58.23 -57.58 5.21
N GLY F 446 58.20 -56.30 5.55
CA GLY F 446 58.04 -55.25 4.57
C GLY F 446 56.71 -55.21 3.85
N THR F 447 55.61 -55.30 4.58
CA THR F 447 54.29 -55.30 3.95
C THR F 447 53.96 -53.96 3.32
N GLY F 448 54.14 -52.87 4.07
CA GLY F 448 53.53 -51.64 3.65
C GLY F 448 54.21 -50.86 2.55
N TYR F 449 55.36 -51.31 2.05
CA TYR F 449 56.16 -50.52 1.13
C TYR F 449 56.60 -51.42 -0.02
N ASN F 450 57.52 -50.93 -0.83
CA ASN F 450 58.08 -51.74 -1.90
C ASN F 450 58.82 -52.93 -1.32
N GLY F 451 58.82 -54.03 -2.08
CA GLY F 451 59.32 -55.28 -1.56
C GLY F 451 58.29 -56.08 -0.80
N TRP F 452 57.01 -55.82 -1.02
CA TRP F 452 55.94 -56.53 -0.32
C TRP F 452 55.97 -58.02 -0.66
N ALA F 453 55.98 -58.33 -1.95
CA ALA F 453 56.02 -59.72 -2.39
C ALA F 453 56.98 -59.87 -3.55
N THR F 454 57.98 -59.01 -3.62
CA THR F 454 58.93 -58.99 -4.72
C THR F 454 60.33 -59.24 -4.17
N ILE F 455 61.11 -60.02 -4.92
CA ILE F 455 62.49 -60.29 -4.56
C ILE F 455 63.35 -59.20 -5.20
N ASP F 456 63.90 -58.31 -4.38
CA ASP F 456 64.64 -57.16 -4.86
C ASP F 456 66.15 -57.31 -4.77
N VAL F 457 66.64 -58.46 -4.33
CA VAL F 457 68.07 -58.76 -4.32
C VAL F 457 68.26 -60.14 -4.93
N GLU F 458 69.13 -60.25 -5.93
CA GLU F 458 69.33 -61.52 -6.61
C GLU F 458 70.82 -61.73 -6.88
N TYR F 459 71.15 -62.91 -7.39
CA TYR F 459 72.51 -63.27 -7.73
C TYR F 459 72.51 -63.94 -9.11
N ARG F 460 73.36 -63.45 -10.02
CA ARG F 460 73.32 -63.91 -11.40
C ARG F 460 74.59 -64.64 -11.81
N GLU F 461 75.75 -64.00 -11.72
CA GLU F 461 76.99 -64.56 -12.21
C GLU F 461 78.13 -63.98 -11.40
N PRO F 462 79.27 -64.67 -11.34
CA PRO F 462 80.38 -64.18 -10.51
C PRO F 462 80.91 -62.84 -11.00
N ALA F 463 80.85 -61.85 -10.12
CA ALA F 463 81.23 -60.48 -10.45
C ALA F 463 82.75 -60.35 -10.55
N PRO F 464 83.24 -59.34 -11.26
CA PRO F 464 84.69 -59.08 -11.28
C PRO F 464 85.26 -58.77 -9.92
N TYR F 465 84.53 -58.08 -9.05
CA TYR F 465 84.94 -57.89 -7.67
C TYR F 465 84.30 -58.98 -6.83
N VAL F 466 85.13 -59.73 -6.11
CA VAL F 466 84.66 -60.95 -5.46
C VAL F 466 83.78 -60.67 -4.25
N HIS F 467 83.80 -59.46 -3.72
CA HIS F 467 83.09 -59.17 -2.49
C HIS F 467 81.69 -58.61 -2.71
N ALA F 468 81.30 -58.32 -3.95
CA ALA F 468 79.99 -57.74 -4.24
C ALA F 468 79.37 -58.52 -5.39
N GLN F 469 78.63 -59.57 -5.06
CA GLN F 469 78.00 -60.42 -6.06
C GLN F 469 76.53 -60.10 -6.30
N ARG F 470 75.97 -59.17 -5.54
CA ARG F 470 74.53 -58.97 -5.56
C ARG F 470 74.09 -58.09 -6.72
N TYR F 471 72.83 -58.27 -7.11
CA TYR F 471 72.15 -57.41 -8.07
C TYR F 471 70.89 -56.86 -7.42
N ILE F 472 70.65 -55.56 -7.59
CA ILE F 472 69.50 -54.89 -7.01
C ILE F 472 68.42 -54.76 -8.07
N ARG F 473 67.19 -55.14 -7.71
CA ARG F 473 66.03 -55.03 -8.60
C ARG F 473 64.93 -54.28 -7.85
N TYR F 474 64.95 -52.96 -7.93
CA TYR F 474 63.89 -52.18 -7.32
C TYR F 474 62.55 -52.49 -7.97
N CYS F 475 61.53 -52.68 -7.15
CA CYS F 475 60.14 -52.91 -7.56
C CYS F 475 60.02 -54.01 -8.62
N GLY F 476 60.95 -54.97 -8.60
CA GLY F 476 60.83 -56.14 -9.44
C GLY F 476 61.09 -55.93 -10.91
N ILE F 477 61.57 -54.77 -11.32
CA ILE F 477 61.79 -54.47 -12.73
C ILE F 477 63.27 -54.67 -13.05
N ASP F 478 63.55 -55.08 -14.27
CA ASP F 478 64.91 -55.27 -14.75
C ASP F 478 65.25 -54.19 -15.79
N SER F 479 66.56 -53.99 -15.98
CA SER F 479 67.00 -53.03 -16.99
C SER F 479 66.60 -53.47 -18.39
N ARG F 480 66.66 -54.78 -18.64
CA ARG F 480 66.35 -55.31 -19.97
C ARG F 480 64.92 -55.07 -20.39
N GLU F 481 64.04 -54.70 -19.46
CA GLU F 481 62.68 -54.31 -19.82
C GLU F 481 62.66 -53.11 -20.75
N LEU F 482 63.69 -52.27 -20.72
CA LEU F 482 63.75 -51.14 -21.64
C LEU F 482 64.15 -51.55 -23.05
N ILE F 483 64.56 -52.79 -23.26
CA ILE F 483 64.99 -53.29 -24.56
C ILE F 483 64.08 -54.40 -25.05
N ASN F 484 63.80 -55.38 -24.21
CA ASN F 484 62.96 -56.53 -24.55
C ASN F 484 61.84 -56.63 -23.53
N PRO F 485 60.78 -55.84 -23.69
CA PRO F 485 59.68 -55.89 -22.73
C PRO F 485 59.00 -57.24 -22.73
N THR F 486 58.46 -57.61 -21.57
CA THR F 486 57.77 -58.88 -21.40
C THR F 486 56.26 -58.72 -21.27
N THR F 487 55.74 -57.49 -21.42
CA THR F 487 54.31 -57.27 -21.26
C THR F 487 53.94 -56.00 -22.03
N TYR F 488 52.63 -55.83 -22.25
CA TYR F 488 52.14 -54.66 -22.94
C TYR F 488 52.30 -53.42 -22.07
N GLY F 489 52.02 -52.26 -22.66
CA GLY F 489 52.17 -51.01 -21.94
C GLY F 489 51.20 -50.87 -20.80
N ILE F 490 49.98 -51.36 -20.97
CA ILE F 490 48.97 -51.29 -19.91
C ILE F 490 49.17 -52.36 -18.86
N GLY F 491 50.05 -53.32 -19.10
CA GLY F 491 50.25 -54.42 -18.18
C GLY F 491 51.37 -54.27 -17.18
N MET F 492 52.14 -53.19 -17.23
CA MET F 492 53.24 -53.02 -16.29
C MET F 492 52.70 -52.63 -14.93
N THR F 493 53.07 -53.40 -13.91
CA THR F 493 52.61 -53.16 -12.54
C THR F 493 53.44 -54.00 -11.59
N TYR F 494 53.32 -53.68 -10.30
CA TYR F 494 53.86 -54.52 -9.23
C TYR F 494 52.92 -54.43 -8.05
N HIS F 495 53.19 -55.24 -7.03
CA HIS F 495 52.18 -55.58 -6.03
C HIS F 495 51.73 -54.38 -5.23
N CYS F 496 52.69 -53.63 -4.67
CA CYS F 496 52.35 -52.54 -3.76
C CYS F 496 51.57 -51.44 -4.46
N TYR F 497 51.98 -51.11 -5.68
CA TYR F 497 51.32 -50.03 -6.41
C TYR F 497 49.88 -50.39 -6.75
N ASN F 498 49.66 -51.64 -7.17
CA ASN F 498 48.32 -52.11 -7.46
C ASN F 498 47.46 -52.12 -6.20
N GLU F 499 48.04 -52.53 -5.06
CA GLU F 499 47.28 -52.53 -3.83
C GLU F 499 46.91 -51.12 -3.40
N MET F 500 47.82 -50.17 -3.61
CA MET F 500 47.53 -48.77 -3.29
C MET F 500 46.39 -48.25 -4.14
N LEU F 501 46.37 -48.56 -5.43
CA LEU F 501 45.26 -48.14 -6.27
C LEU F 501 43.94 -48.77 -5.83
N ARG F 502 43.96 -50.05 -5.44
CA ARG F 502 42.74 -50.68 -4.96
C ARG F 502 42.23 -50.01 -3.70
N MET F 503 43.13 -49.68 -2.77
CA MET F 503 42.70 -48.99 -1.56
C MET F 503 42.14 -47.61 -1.89
N LEU F 504 42.80 -46.87 -2.79
CA LEU F 504 42.35 -45.52 -3.11
C LEU F 504 40.98 -45.54 -3.76
N VAL F 505 40.74 -46.48 -4.68
CA VAL F 505 39.42 -46.53 -5.30
C VAL F 505 38.38 -47.05 -4.32
N ALA F 506 38.81 -47.82 -3.31
CA ALA F 506 37.87 -48.29 -2.31
C ALA F 506 37.40 -47.16 -1.40
N ALA F 507 38.20 -46.11 -1.25
CA ALA F 507 37.87 -45.02 -0.35
C ALA F 507 37.20 -43.84 -1.03
N GLY F 508 36.85 -43.96 -2.31
CA GLY F 508 36.16 -42.89 -2.99
C GLY F 508 37.03 -41.81 -3.57
N LYS F 509 38.35 -42.02 -3.61
CA LYS F 509 39.26 -41.02 -4.17
C LYS F 509 39.66 -41.45 -5.59
N ASP F 510 38.72 -41.24 -6.52
CA ASP F 510 38.89 -41.77 -7.87
C ASP F 510 39.82 -40.92 -8.73
N SER F 511 39.79 -39.60 -8.56
CA SER F 511 40.53 -38.72 -9.47
C SER F 511 42.04 -38.93 -9.35
N GLU F 512 42.57 -38.89 -8.12
CA GLU F 512 43.99 -39.13 -7.96
C GLU F 512 44.36 -40.60 -8.13
N ALA F 513 43.42 -41.52 -7.96
CA ALA F 513 43.69 -42.90 -8.36
C ALA F 513 43.94 -42.98 -9.86
N ALA F 514 43.13 -42.28 -10.66
CA ALA F 514 43.37 -42.23 -12.10
C ALA F 514 44.69 -41.55 -12.41
N TYR F 515 45.02 -40.49 -11.66
CA TYR F 515 46.29 -39.79 -11.87
C TYR F 515 47.47 -40.72 -11.65
N PHE F 516 47.45 -41.49 -10.57
CA PHE F 516 48.54 -42.42 -10.29
C PHE F 516 48.59 -43.54 -11.32
N ARG F 517 47.43 -44.04 -11.74
CA ARG F 517 47.41 -45.06 -12.77
C ARG F 517 48.02 -44.56 -14.07
N SER F 518 47.80 -43.28 -14.39
CA SER F 518 48.41 -42.71 -15.58
C SER F 518 49.92 -42.52 -15.39
N MET F 519 50.35 -42.19 -14.18
CA MET F 519 51.76 -41.88 -13.95
C MET F 519 52.62 -43.10 -13.67
N LEU F 520 52.02 -44.28 -13.54
CA LEU F 520 52.79 -45.48 -13.17
C LEU F 520 53.96 -45.83 -14.11
N PRO F 521 53.81 -45.87 -15.45
CA PRO F 521 54.95 -46.26 -16.28
C PRO F 521 56.16 -45.36 -16.15
N PHE F 522 55.95 -44.06 -15.94
CA PHE F 522 57.05 -43.15 -15.68
C PHE F 522 57.82 -43.57 -14.43
N HIS F 523 57.08 -43.94 -13.38
CA HIS F 523 57.68 -44.41 -12.14
C HIS F 523 58.53 -45.65 -12.36
N MET F 524 57.99 -46.64 -13.09
CA MET F 524 58.74 -47.88 -13.28
C MET F 524 59.95 -47.67 -14.17
N VAL F 525 59.85 -46.80 -15.19
CA VAL F 525 61.01 -46.52 -16.02
C VAL F 525 62.10 -45.83 -15.22
N ARG F 526 61.72 -44.89 -14.34
CA ARG F 526 62.70 -44.25 -13.47
C ARG F 526 63.43 -45.28 -12.61
N PHE F 527 62.67 -46.19 -12.01
CA PHE F 527 63.32 -47.16 -11.13
C PHE F 527 64.20 -48.13 -11.91
N ALA F 528 63.81 -48.47 -13.14
CA ALA F 528 64.67 -49.31 -13.97
C ALA F 528 65.99 -48.62 -14.30
N ARG F 529 65.93 -47.32 -14.61
CA ARG F 529 67.17 -46.59 -14.85
C ARG F 529 68.03 -46.52 -13.60
N ILE F 530 67.42 -46.36 -12.43
CA ILE F 530 68.20 -46.36 -11.19
C ILE F 530 68.88 -47.70 -10.97
N ASN F 531 68.16 -48.79 -11.27
CA ASN F 531 68.78 -50.12 -11.17
C ASN F 531 69.96 -50.25 -12.12
N GLN F 532 69.82 -49.76 -13.34
CA GLN F 532 70.92 -49.83 -14.29
C GLN F 532 72.12 -49.03 -13.80
N ILE F 533 71.88 -47.86 -13.21
CA ILE F 533 72.99 -47.05 -12.69
C ILE F 533 73.68 -47.78 -11.54
N ILE F 534 72.90 -48.38 -10.65
CA ILE F 534 73.49 -49.04 -9.48
C ILE F 534 74.31 -50.25 -9.89
N ASN F 535 73.77 -51.09 -10.77
CA ASN F 535 74.41 -52.37 -11.05
C ASN F 535 75.64 -52.25 -11.94
N GLU F 536 75.69 -51.26 -12.85
CA GLU F 536 76.78 -51.16 -13.81
C GLU F 536 77.83 -50.14 -13.41
N ASP F 537 77.43 -48.88 -13.22
CA ASP F 537 78.41 -47.82 -13.00
C ASP F 537 78.99 -47.86 -11.59
N LEU F 538 78.17 -48.11 -10.58
CA LEU F 538 78.60 -48.01 -9.20
C LEU F 538 79.32 -49.26 -8.70
N HIS F 539 79.79 -50.12 -9.59
CA HIS F 539 80.49 -51.34 -9.19
C HIS F 539 81.97 -51.00 -8.99
N SER F 540 82.44 -51.09 -7.76
CA SER F 540 83.83 -50.77 -7.44
C SER F 540 84.20 -51.49 -6.15
N VAL F 541 85.48 -51.43 -5.79
CA VAL F 541 85.89 -52.07 -4.55
C VAL F 541 85.41 -51.28 -3.35
N PHE F 542 85.09 -50.00 -3.54
CA PHE F 542 84.55 -49.19 -2.47
C PHE F 542 83.09 -49.54 -2.14
N SER F 543 82.45 -50.37 -2.96
CA SER F 543 81.10 -50.79 -2.66
C SER F 543 81.08 -51.71 -1.45
N LEU F 544 79.96 -51.69 -0.72
CA LEU F 544 79.87 -52.43 0.52
C LEU F 544 79.87 -53.94 0.26
N PRO F 545 80.64 -54.71 1.02
CA PRO F 545 80.66 -56.16 0.82
C PRO F 545 79.35 -56.82 1.25
N ASP F 546 79.22 -58.08 0.87
CA ASP F 546 77.92 -58.75 0.96
C ASP F 546 77.51 -59.03 2.40
N ASP F 547 78.44 -59.46 3.25
CA ASP F 547 78.08 -59.84 4.61
C ASP F 547 77.57 -58.65 5.41
N MET F 548 78.25 -57.51 5.30
CA MET F 548 77.79 -56.31 5.98
C MET F 548 76.44 -55.84 5.45
N PHE F 549 76.25 -55.96 4.13
CA PHE F 549 74.98 -55.57 3.54
C PHE F 549 73.84 -56.43 4.07
N ASN F 550 74.08 -57.73 4.22
CA ASN F 550 73.05 -58.60 4.78
C ASN F 550 72.84 -58.34 6.26
N ALA F 551 73.87 -57.95 7.00
CA ALA F 551 73.74 -57.73 8.43
C ALA F 551 73.24 -56.34 8.80
N LEU F 552 73.12 -55.43 7.84
CA LEU F 552 72.70 -54.07 8.16
C LEU F 552 71.31 -54.03 8.78
N LEU F 553 70.36 -54.76 8.23
CA LEU F 553 68.97 -54.62 8.66
C LEU F 553 68.66 -55.29 10.00
N PRO F 554 69.07 -56.56 10.23
CA PRO F 554 68.80 -57.14 11.56
C PRO F 554 69.45 -56.36 12.70
N ASP F 555 70.63 -55.79 12.48
CA ASP F 555 71.26 -54.98 13.51
C ASP F 555 70.46 -53.71 13.79
N LEU F 556 69.90 -53.10 12.73
CA LEU F 556 69.07 -51.92 12.93
C LEU F 556 67.80 -52.27 13.69
N ILE F 557 67.19 -53.41 13.37
CA ILE F 557 65.97 -53.82 14.08
C ILE F 557 66.28 -54.10 15.55
N ALA F 558 67.34 -54.87 15.81
CA ALA F 558 67.67 -55.24 17.19
C ALA F 558 68.33 -54.10 17.94
N GLY F 559 68.80 -53.08 17.25
CA GLY F 559 69.44 -51.96 17.92
C GLY F 559 70.81 -52.26 18.46
N ALA F 560 71.48 -53.30 17.97
CA ALA F 560 72.78 -53.69 18.48
C ALA F 560 73.87 -52.82 17.86
N HIS F 561 75.12 -53.17 18.13
CA HIS F 561 76.25 -52.42 17.59
C HIS F 561 76.38 -52.66 16.10
N GLN F 562 76.94 -51.66 15.41
CA GLN F 562 77.15 -51.75 13.97
C GLN F 562 78.55 -51.28 13.63
N ASN F 563 79.27 -52.06 12.82
CA ASN F 563 80.58 -51.63 12.36
C ASN F 563 80.45 -50.55 11.29
N ALA F 564 79.46 -50.67 10.41
CA ALA F 564 79.20 -49.68 9.37
C ALA F 564 77.85 -49.03 9.66
N ASP F 565 77.89 -47.98 10.47
CA ASP F 565 76.67 -47.29 10.83
C ASP F 565 76.17 -46.46 9.64
N PRO F 566 74.90 -46.59 9.27
CA PRO F 566 74.39 -45.80 8.14
C PRO F 566 74.37 -44.32 8.44
N VAL F 567 74.54 -43.53 7.39
CA VAL F 567 74.46 -42.08 7.49
C VAL F 567 73.00 -41.66 7.41
N VAL F 568 72.58 -40.80 8.34
CA VAL F 568 71.19 -40.36 8.43
C VAL F 568 71.11 -38.92 7.94
N LEU F 569 70.17 -38.67 7.03
CA LEU F 569 69.95 -37.36 6.46
C LEU F 569 68.50 -36.94 6.65
N ASP F 570 68.26 -35.63 6.64
CA ASP F 570 66.95 -35.06 6.95
C ASP F 570 66.34 -34.42 5.71
N VAL F 571 65.05 -34.66 5.49
CA VAL F 571 64.33 -34.13 4.34
C VAL F 571 63.01 -33.52 4.81
N SER F 572 62.41 -32.74 3.93
CA SER F 572 61.16 -32.05 4.20
C SER F 572 59.99 -32.81 3.60
N TRP F 573 58.78 -32.33 3.93
CA TRP F 573 57.57 -33.00 3.45
C TRP F 573 57.38 -32.81 1.94
N ILE F 574 57.51 -31.57 1.46
CA ILE F 574 57.25 -31.29 0.05
C ILE F 574 58.35 -31.85 -0.84
N SER F 575 59.51 -32.19 -0.26
CA SER F 575 60.57 -32.79 -1.05
C SER F 575 60.14 -34.14 -1.61
N LEU F 576 59.27 -34.85 -0.90
CA LEU F 576 58.74 -36.10 -1.43
C LEU F 576 57.96 -35.86 -2.71
N TRP F 577 57.08 -34.86 -2.72
CA TRP F 577 56.33 -34.57 -3.93
C TRP F 577 57.23 -34.09 -5.06
N PHE F 578 58.22 -33.27 -4.75
CA PHE F 578 59.12 -32.80 -5.79
C PHE F 578 59.96 -33.93 -6.35
N ALA F 579 60.33 -34.91 -5.52
CA ALA F 579 61.14 -36.03 -5.99
C ALA F 579 60.31 -37.03 -6.79
N PHE F 580 59.04 -37.19 -6.45
CA PHE F 580 58.21 -38.15 -7.18
C PHE F 580 57.99 -37.72 -8.63
N ASN F 581 58.05 -36.41 -8.91
CA ASN F 581 57.79 -35.89 -10.24
C ASN F 581 59.07 -35.61 -11.01
N ARG F 582 60.11 -36.41 -10.81
CA ARG F 582 61.38 -36.22 -11.51
C ARG F 582 61.99 -37.58 -11.81
N SER F 583 62.90 -37.59 -12.77
CA SER F 583 63.67 -38.78 -13.10
C SER F 583 65.10 -38.37 -13.38
N PHE F 584 66.02 -39.30 -13.16
CA PHE F 584 67.44 -39.05 -13.39
C PHE F 584 67.85 -39.71 -14.70
N GLU F 585 68.30 -38.90 -15.65
CA GLU F 585 68.69 -39.35 -16.98
C GLU F 585 70.18 -39.15 -17.16
N PRO F 586 71.00 -40.20 -17.07
CA PRO F 586 72.44 -40.03 -17.29
C PRO F 586 72.74 -39.64 -18.73
N THR F 587 73.76 -38.80 -18.89
CA THR F 587 74.18 -38.33 -20.21
C THR F 587 75.61 -38.72 -20.55
N HIS F 588 76.54 -38.60 -19.62
CA HIS F 588 77.92 -38.99 -19.87
C HIS F 588 78.43 -39.80 -18.68
N ARG F 589 79.42 -40.62 -18.94
CA ARG F 589 80.07 -41.38 -17.88
C ARG F 589 81.00 -40.48 -17.09
N ASN F 590 81.51 -41.01 -15.98
CA ASN F 590 82.41 -40.24 -15.13
C ASN F 590 83.72 -39.97 -15.85
N GLU F 591 84.33 -38.83 -15.52
CA GLU F 591 85.56 -38.43 -16.17
C GLU F 591 86.70 -39.40 -15.90
N MET F 592 86.81 -39.90 -14.68
CA MET F 592 87.89 -40.79 -14.29
C MET F 592 87.41 -42.22 -14.08
N LEU F 593 86.41 -42.64 -14.84
CA LEU F 593 85.92 -44.02 -14.74
C LEU F 593 86.97 -45.01 -15.24
N GLU F 594 87.71 -44.66 -16.29
CA GLU F 594 88.67 -45.58 -16.87
C GLU F 594 90.02 -45.57 -16.16
N VAL F 595 90.24 -44.67 -15.22
CA VAL F 595 91.51 -44.57 -14.51
C VAL F 595 91.42 -45.16 -13.11
N ALA F 596 90.21 -45.37 -12.60
CA ALA F 596 90.03 -45.72 -11.19
C ALA F 596 90.79 -46.95 -10.70
N PRO F 597 90.83 -48.09 -11.40
CA PRO F 597 91.50 -49.27 -10.82
C PRO F 597 92.97 -49.06 -10.49
N LEU F 598 93.70 -48.25 -11.27
CA LEU F 598 95.08 -47.95 -10.91
C LEU F 598 95.15 -47.18 -9.59
N ILE F 599 94.25 -46.21 -9.41
CA ILE F 599 94.15 -45.48 -8.15
C ILE F 599 93.89 -46.44 -7.00
N GLU F 600 92.97 -47.37 -7.20
CA GLU F 600 92.57 -48.30 -6.16
C GLU F 600 93.75 -49.18 -5.76
N SER F 601 94.51 -49.66 -6.75
CA SER F 601 95.68 -50.49 -6.48
C SER F 601 96.75 -49.72 -5.74
N VAL F 602 96.99 -48.45 -6.13
CA VAL F 602 98.00 -47.65 -5.44
C VAL F 602 97.62 -47.46 -3.98
N TYR F 603 96.36 -47.15 -3.73
CA TYR F 603 95.87 -46.96 -2.36
C TYR F 603 96.05 -48.24 -1.54
N ALA F 604 95.68 -49.38 -2.11
CA ALA F 604 95.80 -50.65 -1.38
C ALA F 604 97.26 -50.97 -1.08
N SER F 605 98.15 -50.72 -2.04
CA SER F 605 99.56 -51.02 -1.82
C SER F 605 100.15 -50.17 -0.70
N GLU F 606 99.80 -48.88 -0.67
CA GLU F 606 100.32 -48.02 0.39
C GLU F 606 99.81 -48.45 1.76
N LEU F 607 98.51 -48.78 1.85
CA LEU F 607 97.99 -49.27 3.11
C LEU F 607 98.70 -50.55 3.55
N SER F 608 99.00 -51.43 2.59
CA SER F 608 99.66 -52.69 2.92
C SER F 608 101.06 -52.46 3.47
N VAL F 609 101.82 -51.54 2.87
CA VAL F 609 103.17 -51.31 3.35
C VAL F 609 103.15 -50.65 4.74
N MET F 610 102.17 -49.76 4.98
CA MET F 610 102.03 -49.19 6.32
C MET F 610 101.71 -50.27 7.34
N LYS F 611 100.82 -51.20 6.99
CA LYS F 611 100.47 -52.28 7.89
C LYS F 611 101.67 -53.15 8.21
N VAL F 612 102.50 -53.43 7.22
CA VAL F 612 103.70 -54.24 7.45
C VAL F 612 104.65 -53.53 8.41
N ASP F 613 104.85 -52.23 8.22
CA ASP F 613 105.75 -51.50 9.12
C ASP F 613 105.22 -51.51 10.56
N MET F 614 103.92 -51.29 10.73
CA MET F 614 103.36 -51.31 12.08
C MET F 614 103.48 -52.70 12.71
N ARG F 615 103.26 -53.75 11.92
CA ARG F 615 103.39 -55.11 12.43
C ARG F 615 104.80 -55.38 12.90
N HIS F 616 105.80 -54.92 12.15
CA HIS F 616 107.17 -55.16 12.57
C HIS F 616 107.55 -54.35 13.80
N LEU F 617 107.03 -53.13 13.93
CA LEU F 617 107.32 -52.34 15.12
C LEU F 617 106.56 -52.81 16.36
N SER F 618 105.50 -53.60 16.20
CA SER F 618 104.69 -54.00 17.35
C SER F 618 105.45 -54.85 18.37
N LEU F 619 106.50 -55.55 17.95
CA LEU F 619 107.18 -56.48 18.84
C LEU F 619 108.36 -55.86 19.60
N MET F 620 108.61 -54.57 19.39
CA MET F 620 109.78 -53.94 20.00
C MET F 620 109.69 -53.93 21.52
N GLN F 621 108.50 -53.68 22.06
CA GLN F 621 108.34 -53.65 23.51
C GLN F 621 108.58 -55.03 24.13
N ARG F 622 108.13 -56.09 23.46
CA ARG F 622 108.37 -57.43 23.99
C ARG F 622 109.82 -57.84 23.86
N ARG F 623 110.51 -57.41 22.80
CA ARG F 623 111.89 -57.82 22.62
C ARG F 623 112.83 -57.14 23.63
N PHE F 624 112.67 -55.84 23.83
CA PHE F 624 113.53 -55.08 24.74
C PHE F 624 112.66 -54.26 25.69
N PRO F 625 112.24 -54.85 26.80
CA PRO F 625 111.30 -54.14 27.69
C PRO F 625 111.85 -52.86 28.31
N ASP F 626 113.14 -52.80 28.59
CA ASP F 626 113.68 -51.71 29.40
C ASP F 626 113.81 -50.39 28.63
N VAL F 627 113.76 -50.42 27.31
CA VAL F 627 113.90 -49.18 26.54
C VAL F 627 112.53 -48.55 26.25
N LEU F 628 111.47 -49.35 26.27
CA LEU F 628 110.16 -48.88 25.85
C LEU F 628 109.17 -48.91 27.01
N ILE F 629 109.58 -48.38 28.17
CA ILE F 629 108.72 -48.42 29.35
C ILE F 629 107.46 -47.61 29.13
N GLN F 630 107.59 -46.39 28.62
CA GLN F 630 106.44 -45.52 28.41
C GLN F 630 105.80 -45.70 27.04
N ALA F 631 105.88 -46.89 26.45
CA ALA F 631 105.39 -47.08 25.10
C ALA F 631 103.91 -47.42 25.09
N ARG F 632 103.21 -46.90 24.09
CA ARG F 632 101.84 -47.25 23.79
C ARG F 632 101.68 -47.30 22.27
N PRO F 633 100.70 -48.05 21.77
CA PRO F 633 100.58 -48.23 20.31
C PRO F 633 100.39 -46.93 19.53
N SER F 634 99.82 -45.89 20.14
CA SER F 634 99.66 -44.63 19.42
C SER F 634 101.00 -44.02 19.03
N HIS F 635 102.05 -44.32 19.80
CA HIS F 635 103.36 -43.77 19.50
C HIS F 635 103.88 -44.29 18.17
N PHE F 636 103.89 -45.61 17.97
CA PHE F 636 104.36 -46.10 16.69
C PHE F 636 103.34 -45.87 15.59
N TRP F 637 102.06 -45.73 15.93
CA TRP F 637 101.09 -45.31 14.93
C TRP F 637 101.48 -43.96 14.33
N LYS F 638 101.74 -42.98 15.19
CA LYS F 638 102.16 -41.66 14.70
C LYS F 638 103.50 -41.73 14.01
N ALA F 639 104.41 -42.58 14.51
CA ALA F 639 105.72 -42.69 13.89
C ALA F 639 105.63 -43.20 12.46
N VAL F 640 104.77 -44.19 12.22
CA VAL F 640 104.60 -44.69 10.86
C VAL F 640 103.86 -43.67 10.01
N LEU F 641 102.84 -43.02 10.56
CA LEU F 641 102.08 -42.06 9.77
C LEU F 641 102.89 -40.84 9.38
N ASN F 642 103.95 -40.50 10.12
CA ASN F 642 104.77 -39.36 9.76
C ASN F 642 105.70 -39.64 8.59
N ASP F 643 105.77 -40.86 8.09
CA ASP F 643 106.63 -41.22 6.97
C ASP F 643 105.82 -41.91 5.88
N SER F 644 104.66 -41.35 5.56
CA SER F 644 103.77 -41.89 4.56
C SER F 644 103.31 -40.76 3.63
N PRO F 645 103.00 -41.07 2.37
CA PRO F 645 102.54 -40.02 1.45
C PRO F 645 101.27 -39.35 1.96
N GLU F 646 101.18 -38.04 1.70
CA GLU F 646 100.10 -37.25 2.30
C GLU F 646 98.75 -37.56 1.69
N ALA F 647 98.71 -37.98 0.43
CA ALA F 647 97.43 -38.23 -0.22
C ALA F 647 96.71 -39.41 0.42
N VAL F 648 97.46 -40.45 0.79
CA VAL F 648 96.86 -41.61 1.46
C VAL F 648 96.27 -41.21 2.80
N LYS F 649 97.01 -40.40 3.57
CA LYS F 649 96.49 -39.92 4.85
C LYS F 649 95.26 -39.06 4.65
N ALA F 650 95.24 -38.25 3.59
CA ALA F 650 94.07 -37.42 3.30
C ALA F 650 92.86 -38.29 2.98
N VAL F 651 93.07 -39.39 2.25
CA VAL F 651 91.97 -40.30 1.97
C VAL F 651 91.46 -40.94 3.25
N MET F 652 92.38 -41.39 4.11
CA MET F 652 91.95 -42.03 5.36
C MET F 652 91.30 -41.06 6.33
N ASN F 653 91.48 -39.76 6.15
CA ASN F 653 90.93 -38.75 7.05
C ASN F 653 89.79 -37.97 6.40
N LEU F 654 89.02 -38.62 5.54
CA LEU F 654 87.92 -37.92 4.88
C LEU F 654 86.81 -37.55 5.86
N SER F 655 86.61 -38.35 6.89
CA SER F 655 85.57 -38.10 7.88
C SER F 655 86.14 -37.76 9.25
N HIS F 656 87.38 -37.28 9.30
CA HIS F 656 88.05 -36.93 10.55
C HIS F 656 88.07 -38.11 11.52
N SER F 657 88.36 -39.29 10.99
CA SER F 657 88.31 -40.51 11.79
C SER F 657 89.55 -40.74 12.63
N HIS F 658 90.63 -39.99 12.39
CA HIS F 658 91.84 -40.21 13.16
C HIS F 658 91.84 -39.49 14.50
N ASN F 659 90.78 -38.76 14.81
CA ASN F 659 90.62 -38.14 16.12
C ASN F 659 89.82 -38.99 17.09
N PHE F 660 89.36 -40.17 16.67
CA PHE F 660 88.48 -40.98 17.49
C PHE F 660 88.94 -42.43 17.69
N ILE F 661 89.91 -42.92 16.92
CA ILE F 661 90.34 -44.30 17.08
C ILE F 661 91.07 -44.47 18.40
N ASN F 662 90.96 -45.67 18.97
CA ASN F 662 91.56 -46.00 20.25
C ASN F 662 92.61 -47.09 20.06
N ILE F 663 93.19 -47.53 21.18
CA ILE F 663 94.28 -48.49 21.16
C ILE F 663 93.82 -49.82 20.57
N ARG F 664 92.63 -50.26 20.97
CA ARG F 664 92.14 -51.58 20.56
C ARG F 664 91.91 -51.65 19.05
N ASP F 665 91.45 -50.55 18.46
CA ASP F 665 91.22 -50.55 17.01
C ASP F 665 92.51 -50.71 16.23
N MET F 666 93.56 -49.97 16.61
CA MET F 666 94.83 -50.11 15.92
C MET F 666 95.44 -51.48 16.15
N MET F 667 95.37 -52.01 17.38
CA MET F 667 95.93 -53.33 17.62
C MET F 667 95.12 -54.43 16.94
N ARG F 668 93.85 -54.19 16.65
CA ARG F 668 93.08 -55.14 15.86
C ARG F 668 93.43 -55.06 14.39
N TRP F 669 93.62 -53.84 13.87
CA TRP F 669 93.97 -53.69 12.46
C TRP F 669 95.36 -54.23 12.16
N VAL F 670 96.29 -54.11 13.10
CA VAL F 670 97.66 -54.53 12.84
C VAL F 670 97.77 -56.06 12.79
N MET F 671 96.79 -56.79 13.31
CA MET F 671 96.86 -58.24 13.38
C MET F 671 96.08 -58.95 12.28
N LEU F 672 95.44 -58.21 11.38
CA LEU F 672 94.73 -58.86 10.29
C LEU F 672 95.71 -59.32 9.22
N PRO F 673 95.46 -60.47 8.59
CA PRO F 673 96.46 -61.07 7.70
C PRO F 673 96.42 -60.64 6.24
N SER F 674 95.50 -59.77 5.85
CA SER F 674 95.38 -59.41 4.44
C SER F 674 96.48 -58.45 4.01
N LEU F 675 97.06 -58.71 2.84
CA LEU F 675 98.09 -57.85 2.26
C LEU F 675 97.92 -57.82 0.76
N GLN F 676 98.50 -56.78 0.14
CA GLN F 676 98.46 -56.61 -1.31
C GLN F 676 99.88 -56.61 -1.86
N PRO F 677 100.26 -57.59 -2.67
CA PRO F 677 101.64 -57.66 -3.15
C PRO F 677 101.97 -56.54 -4.13
N SER F 678 103.24 -56.12 -4.09
CA SER F 678 103.75 -55.05 -4.94
C SER F 678 105.27 -55.08 -4.87
N LEU F 679 105.90 -54.32 -5.77
CA LEU F 679 107.36 -54.23 -5.77
C LEU F 679 107.85 -53.50 -4.52
N LYS F 680 107.17 -52.43 -4.14
CA LYS F 680 107.57 -51.68 -2.95
C LYS F 680 107.50 -52.54 -1.70
N LEU F 681 106.44 -53.35 -1.58
CA LEU F 681 106.34 -54.27 -0.46
C LEU F 681 107.42 -55.33 -0.52
N ALA F 682 107.74 -55.82 -1.71
CA ALA F 682 108.79 -56.83 -1.83
C ALA F 682 110.13 -56.28 -1.37
N LEU F 683 110.40 -55.01 -1.62
CA LEU F 683 111.63 -54.41 -1.13
C LEU F 683 111.56 -54.15 0.37
N GLU F 684 110.40 -53.71 0.87
CA GLU F 684 110.25 -53.40 2.29
C GLU F 684 110.44 -54.65 3.15
N GLU F 685 109.89 -55.78 2.71
CA GLU F 685 110.04 -57.03 3.46
C GLU F 685 111.51 -57.41 3.58
N GLU F 686 112.25 -57.32 2.48
CA GLU F 686 113.64 -57.73 2.51
C GLU F 686 114.48 -56.75 3.35
N ALA F 687 114.13 -55.46 3.30
CA ALA F 687 114.80 -54.49 4.16
C ALA F 687 114.57 -54.79 5.63
N TRP F 688 113.33 -55.13 6.00
CA TRP F 688 113.04 -55.47 7.38
C TRP F 688 113.77 -56.75 7.81
N ALA F 689 113.84 -57.73 6.90
CA ALA F 689 114.58 -58.95 7.21
C ALA F 689 116.05 -58.66 7.44
N ALA F 690 116.63 -57.78 6.63
CA ALA F 690 118.01 -57.37 6.87
C ALA F 690 118.17 -56.63 8.19
N ALA F 691 117.19 -55.80 8.54
CA ALA F 691 117.26 -55.00 9.75
C ALA F 691 116.82 -55.75 11.00
N ASN F 692 116.43 -57.02 10.86
CA ASN F 692 116.06 -57.81 12.04
C ASN F 692 117.22 -57.96 13.00
N ASP F 693 118.42 -58.20 12.48
CA ASP F 693 119.63 -58.19 13.30
C ASP F 693 119.96 -56.75 13.66
N PHE F 694 120.00 -56.46 14.96
CA PHE F 694 120.22 -55.08 15.39
C PHE F 694 121.66 -54.64 15.25
N GLU F 695 122.60 -55.59 15.16
CA GLU F 695 124.00 -55.23 14.97
C GLU F 695 124.20 -54.50 13.65
N ASP F 696 123.32 -54.73 12.67
CA ASP F 696 123.41 -54.04 11.39
C ASP F 696 122.89 -52.62 11.48
N LEU F 697 122.16 -52.27 12.53
CA LEU F 697 121.69 -50.90 12.72
C LEU F 697 122.61 -50.09 13.62
N MET F 698 123.78 -50.63 13.96
CA MET F 698 124.75 -49.97 14.83
C MET F 698 124.13 -49.64 16.19
N LEU F 699 123.29 -50.54 16.68
CA LEU F 699 122.71 -50.45 18.02
C LEU F 699 123.04 -51.74 18.75
N THR F 700 123.49 -51.63 20.00
CA THR F 700 123.95 -52.80 20.71
C THR F 700 123.72 -52.65 22.21
N ASP F 701 123.86 -53.76 22.92
CA ASP F 701 123.81 -53.78 24.37
C ASP F 701 125.04 -54.42 25.00
N GLN F 702 126.06 -54.72 24.20
CA GLN F 702 127.25 -55.42 24.68
C GLN F 702 128.35 -54.40 25.01
N VAL F 703 128.11 -53.64 26.09
CA VAL F 703 129.03 -52.62 26.56
C VAL F 703 129.55 -53.02 27.93
N TYR F 704 130.85 -52.81 28.16
CA TYR F 704 131.52 -53.25 29.37
C TYR F 704 132.36 -52.12 29.94
N MET F 705 132.64 -52.23 31.25
CA MET F 705 133.55 -51.33 31.94
C MET F 705 134.68 -52.15 32.55
N HIS F 706 135.91 -51.71 32.35
CA HIS F 706 137.08 -52.43 32.84
C HIS F 706 138.26 -51.49 32.85
N ARG F 707 139.09 -51.56 33.88
CA ARG F 707 140.22 -50.65 34.01
C ARG F 707 141.40 -51.18 33.21
N ASP F 708 141.88 -50.39 32.25
CA ASP F 708 143.03 -50.75 31.44
C ASP F 708 143.89 -49.53 31.21
N MET F 709 145.16 -49.77 30.93
CA MET F 709 146.14 -48.71 30.75
C MET F 709 146.43 -48.47 29.28
N LEU F 710 146.54 -47.21 28.91
CA LEU F 710 146.89 -46.86 27.54
C LEU F 710 148.34 -47.26 27.29
N PRO F 711 148.62 -48.06 26.26
CA PRO F 711 149.95 -48.67 26.13
C PRO F 711 151.03 -47.64 25.85
N GLU F 712 152.23 -47.94 26.33
CA GLU F 712 153.41 -47.08 26.18
C GLU F 712 154.58 -47.93 25.71
N PRO F 713 154.67 -48.20 24.42
CA PRO F 713 155.74 -49.07 23.92
C PRO F 713 157.09 -48.39 23.99
N ARG F 714 158.14 -49.22 23.95
CA ARG F 714 159.52 -48.74 24.00
C ARG F 714 160.07 -48.65 22.58
N LEU F 715 160.63 -47.49 22.24
CA LEU F 715 161.07 -47.20 20.87
C LEU F 715 162.57 -47.45 20.76
N ASP F 716 162.93 -48.74 20.82
CA ASP F 716 164.34 -49.10 20.70
C ASP F 716 164.85 -48.89 19.28
N ASP F 717 164.09 -49.35 18.29
CA ASP F 717 164.41 -49.17 16.88
C ASP F 717 163.22 -48.51 16.21
N ILE F 718 163.46 -47.41 15.51
CA ILE F 718 162.34 -46.62 14.98
C ILE F 718 161.75 -47.26 13.74
N GLU F 719 162.59 -47.68 12.80
CA GLU F 719 162.07 -48.17 11.52
C GLU F 719 161.36 -49.51 11.70
N ARG F 720 161.86 -50.37 12.58
CA ARG F 720 161.18 -51.63 12.83
C ARG F 720 159.82 -51.39 13.47
N PHE F 721 159.74 -50.47 14.42
CA PHE F 721 158.47 -50.15 15.05
C PHE F 721 157.50 -49.55 14.03
N ARG F 722 158.00 -48.71 13.13
CA ARG F 722 157.15 -48.17 12.08
C ARG F 722 156.62 -49.27 11.18
N GLN F 723 157.47 -50.21 10.80
CA GLN F 723 157.05 -51.29 9.91
C GLN F 723 156.06 -52.22 10.58
N GLU F 724 156.15 -52.39 11.90
CA GLU F 724 155.26 -53.32 12.59
C GLU F 724 153.81 -52.90 12.48
N GLY F 725 153.53 -51.61 12.65
CA GLY F 725 152.15 -51.14 12.61
C GLY F 725 151.51 -51.29 13.97
N PHE F 726 151.11 -50.18 14.57
CA PHE F 726 150.65 -50.19 15.95
C PHE F 726 149.43 -49.30 16.09
N TYR F 727 148.42 -49.80 16.80
CA TYR F 727 147.20 -49.03 17.03
C TYR F 727 146.53 -49.55 18.29
N TYR F 728 145.68 -48.71 18.87
CA TYR F 728 144.93 -49.08 20.06
C TYR F 728 143.45 -48.83 19.84
N THR F 729 142.62 -49.69 20.42
CA THR F 729 141.18 -49.56 20.29
C THR F 729 140.51 -50.19 21.50
N ASN F 730 139.28 -49.75 21.76
CA ASN F 730 138.45 -50.36 22.79
C ASN F 730 137.49 -51.39 22.21
N MET F 731 137.60 -51.68 20.92
CA MET F 731 136.85 -52.78 20.34
C MET F 731 137.37 -54.11 20.89
N LEU F 732 136.44 -55.01 21.19
CA LEU F 732 136.79 -56.33 21.72
C LEU F 732 136.65 -57.36 20.62
N GLU F 733 137.69 -58.18 20.44
CA GLU F 733 137.65 -59.27 19.48
C GLU F 733 136.95 -60.51 20.03
N ALA F 734 136.75 -60.58 21.35
CA ALA F 734 136.06 -61.71 21.96
C ALA F 734 135.53 -61.29 23.31
N PRO F 735 134.28 -61.58 23.64
CA PRO F 735 133.75 -61.18 24.93
C PRO F 735 134.44 -61.93 26.06
N PRO F 736 134.49 -61.36 27.25
CA PRO F 736 135.21 -62.01 28.36
C PRO F 736 134.48 -63.26 28.83
N GLU F 737 135.21 -64.09 29.56
CA GLU F 737 134.67 -65.32 30.10
C GLU F 737 133.61 -65.00 31.15
N ILE F 738 132.61 -65.88 31.27
CA ILE F 738 131.41 -65.60 32.07
C ILE F 738 131.75 -65.45 33.55
N ASP F 739 132.70 -66.24 34.05
CA ASP F 739 132.96 -66.20 35.49
C ASP F 739 133.63 -64.92 35.95
N ARG F 740 134.08 -64.07 35.03
CA ARG F 740 134.78 -62.84 35.38
C ARG F 740 133.94 -61.60 35.17
N VAL F 741 132.64 -61.73 34.94
CA VAL F 741 131.78 -60.59 34.65
C VAL F 741 130.57 -60.63 35.57
N VAL F 742 130.18 -59.47 36.10
CA VAL F 742 128.97 -59.31 36.89
C VAL F 742 127.94 -58.59 36.04
N GLN F 743 126.68 -59.02 36.15
CA GLN F 743 125.60 -58.52 35.31
C GLN F 743 124.76 -57.53 36.09
N TYR F 744 124.62 -56.32 35.55
CA TYR F 744 123.63 -55.38 36.05
C TYR F 744 122.43 -55.27 35.13
N THR F 745 121.39 -54.65 35.67
CA THR F 745 120.13 -54.44 34.98
C THR F 745 119.70 -53.01 35.30
N TYR F 746 118.80 -52.49 34.47
CA TYR F 746 118.40 -51.09 34.63
C TYR F 746 117.77 -50.86 36.00
N GLU F 747 116.92 -51.77 36.45
CA GLU F 747 116.24 -51.61 37.73
C GLU F 747 117.22 -51.64 38.90
N ILE F 748 118.16 -52.60 38.88
CA ILE F 748 119.12 -52.72 39.97
C ILE F 748 119.99 -51.49 40.05
N ALA F 749 120.46 -51.01 38.90
CA ALA F 749 121.30 -49.81 38.88
C ALA F 749 120.53 -48.60 39.38
N ARG F 750 119.27 -48.46 38.97
CA ARG F 750 118.48 -47.32 39.43
C ARG F 750 118.27 -47.37 40.94
N LEU F 751 117.94 -48.55 41.47
CA LEU F 751 117.72 -48.68 42.90
C LEU F 751 118.99 -48.39 43.70
N GLN F 752 120.13 -48.90 43.22
CA GLN F 752 121.37 -48.65 43.93
C GLN F 752 121.80 -47.19 43.81
N ALA F 753 121.44 -46.52 42.72
CA ALA F 753 121.78 -45.11 42.58
C ALA F 753 120.92 -44.24 43.47
N ASN F 754 119.66 -44.62 43.67
CA ASN F 754 118.80 -43.85 44.57
C ASN F 754 119.33 -43.90 46.00
N MET F 755 119.79 -45.06 46.44
CA MET F 755 120.31 -45.20 47.79
C MET F 755 121.71 -44.66 47.96
N GLY F 756 122.37 -44.27 46.87
CA GLY F 756 123.70 -43.69 46.97
C GLY F 756 124.82 -44.68 47.18
N GLN F 757 124.66 -45.92 46.73
CA GLN F 757 125.68 -46.94 46.89
C GLN F 757 126.28 -47.39 45.56
N PHE F 758 125.97 -46.70 44.47
CA PHE F 758 126.37 -47.17 43.15
C PHE F 758 127.86 -46.97 42.90
N ARG F 759 128.39 -45.79 43.24
CA ARG F 759 129.80 -45.51 42.98
C ARG F 759 130.70 -46.44 43.76
N ALA F 760 130.36 -46.69 45.03
CA ALA F 760 131.18 -47.57 45.85
C ALA F 760 131.20 -48.98 45.29
N ALA F 761 130.05 -49.47 44.84
CA ALA F 761 129.99 -50.80 44.26
C ALA F 761 130.82 -50.88 42.99
N LEU F 762 130.72 -49.86 42.12
CA LEU F 762 131.49 -49.88 40.88
C LEU F 762 132.98 -49.86 41.16
N ARG F 763 133.43 -49.02 42.10
CA ARG F 763 134.85 -48.97 42.39
C ARG F 763 135.35 -50.25 43.04
N ARG F 764 134.52 -50.87 43.89
CA ARG F 764 134.88 -52.17 44.45
C ARG F 764 135.04 -53.21 43.36
N ILE F 765 134.17 -53.17 42.35
CA ILE F 765 134.28 -54.11 41.24
C ILE F 765 135.57 -53.87 40.47
N MET F 766 135.86 -52.61 40.14
CA MET F 766 137.03 -52.32 39.30
C MET F 766 138.33 -52.60 40.03
N ASP F 767 138.38 -52.37 41.34
CA ASP F 767 139.62 -52.62 42.07
C ASP F 767 139.97 -54.10 42.14
N ASP F 768 139.03 -54.99 41.89
CA ASP F 768 139.28 -56.43 41.89
C ASP F 768 139.67 -56.97 40.52
N ASP F 769 139.83 -56.08 39.54
CA ASP F 769 140.19 -56.44 38.17
C ASP F 769 139.15 -57.37 37.56
N ASP F 770 137.90 -56.92 37.61
CA ASP F 770 136.77 -57.68 37.09
C ASP F 770 136.00 -56.84 36.09
N TRP F 771 135.16 -57.52 35.31
CA TRP F 771 134.37 -56.88 34.27
C TRP F 771 132.94 -56.70 34.76
N VAL F 772 132.27 -55.68 34.22
CA VAL F 772 130.85 -55.44 34.50
C VAL F 772 130.17 -55.10 33.18
N ARG F 773 128.97 -55.62 32.99
CA ARG F 773 128.22 -55.43 31.75
C ARG F 773 126.95 -54.66 32.04
N PHE F 774 126.74 -53.58 31.29
CA PHE F 774 125.54 -52.76 31.42
C PHE F 774 124.51 -53.14 30.35
N GLY F 775 124.02 -54.36 30.44
CA GLY F 775 123.11 -54.86 29.44
C GLY F 775 121.68 -54.43 29.66
N GLY F 776 120.83 -54.78 28.69
CA GLY F 776 119.41 -54.59 28.80
C GLY F 776 118.84 -53.42 28.01
N VAL F 777 119.68 -52.49 27.56
CA VAL F 777 119.21 -51.32 26.82
C VAL F 777 120.03 -51.19 25.55
N LEU F 778 119.43 -50.56 24.54
CA LEU F 778 120.14 -50.31 23.29
C LEU F 778 120.84 -48.96 23.34
N ARG F 779 122.00 -48.86 22.70
CA ARG F 779 122.80 -47.66 22.71
C ARG F 779 123.23 -47.30 21.30
N THR F 780 123.36 -46.00 21.05
CA THR F 780 123.90 -45.52 19.79
C THR F 780 125.42 -45.57 19.85
N VAL F 781 126.04 -46.04 18.78
CA VAL F 781 127.49 -46.22 18.72
C VAL F 781 128.06 -45.35 17.62
N ARG F 782 129.10 -44.59 17.94
CA ARG F 782 129.82 -43.77 16.98
C ARG F 782 131.22 -44.33 16.78
N VAL F 783 131.85 -43.99 15.66
CA VAL F 783 133.18 -44.47 15.33
C VAL F 783 134.08 -43.29 15.02
N LYS F 784 135.28 -43.26 15.61
CA LYS F 784 136.19 -42.15 15.45
C LYS F 784 137.61 -42.65 15.26
N PHE F 785 138.43 -41.85 14.57
CA PHE F 785 139.83 -42.14 14.31
C PHE F 785 140.70 -40.98 14.80
N TYR F 786 141.83 -41.31 15.41
CA TYR F 786 142.71 -40.30 15.98
C TYR F 786 144.16 -40.58 15.62
N ASP F 787 144.90 -39.51 15.33
CA ASP F 787 146.33 -39.59 15.07
C ASP F 787 147.17 -39.06 16.20
N ALA F 788 146.56 -38.47 17.22
CA ALA F 788 147.26 -38.00 18.40
C ALA F 788 146.43 -38.38 19.62
N ARG F 789 146.78 -37.84 20.78
CA ARG F 789 146.01 -38.13 21.98
C ARG F 789 144.64 -37.49 21.86
N PRO F 790 143.57 -38.25 22.06
CA PRO F 790 142.22 -37.72 21.87
C PRO F 790 141.83 -36.83 23.04
N PRO F 791 140.67 -36.18 22.97
CA PRO F 791 140.22 -35.37 24.11
C PRO F 791 140.01 -36.21 25.36
N ASP F 792 139.98 -35.51 26.50
CA ASP F 792 139.86 -36.20 27.78
C ASP F 792 138.53 -36.93 27.88
N ASP F 793 137.46 -36.31 27.41
CA ASP F 793 136.12 -36.85 27.60
C ASP F 793 135.85 -38.12 26.78
N VAL F 794 136.72 -38.47 25.85
CA VAL F 794 136.54 -39.69 25.06
C VAL F 794 137.22 -40.88 25.72
N LEU F 795 138.46 -40.69 26.20
CA LEU F 795 139.15 -41.78 26.88
C LEU F 795 138.44 -42.17 28.16
N GLN F 796 137.97 -41.20 28.93
CA GLN F 796 137.39 -41.45 30.24
C GLN F 796 135.89 -41.18 30.26
N GLY F 797 135.20 -41.57 29.19
CA GLY F 797 133.76 -41.48 29.14
C GLY F 797 133.12 -42.66 29.83
N LEU F 798 132.02 -42.43 30.45
CA LEU F 798 131.34 -43.51 31.15
C LEU F 798 130.07 -43.91 30.42
N PRO F 799 129.61 -45.14 30.58
CA PRO F 799 128.36 -45.56 29.92
C PRO F 799 127.12 -44.88 30.48
N PHE F 800 127.22 -44.19 31.61
CA PHE F 800 126.08 -43.55 32.25
C PHE F 800 126.44 -42.11 32.59
N SER F 801 125.44 -41.37 33.06
CA SER F 801 125.65 -39.98 33.45
C SER F 801 124.57 -39.56 34.42
N TYR F 802 124.94 -38.67 35.35
CA TYR F 802 123.96 -38.10 36.25
C TYR F 802 123.27 -36.91 35.59
N ASP F 803 122.07 -36.61 36.06
CA ASP F 803 121.29 -35.52 35.50
C ASP F 803 121.85 -34.17 35.94
N THR F 814 117.95 -41.19 39.45
CA THR F 814 118.54 -39.91 39.14
C THR F 814 119.72 -40.06 38.20
N ILE F 815 119.78 -41.19 37.49
CA ILE F 815 120.84 -41.45 36.53
C ILE F 815 120.22 -41.76 35.18
N LYS F 816 121.00 -41.52 34.13
CA LYS F 816 120.59 -41.83 32.76
C LYS F 816 121.35 -43.07 32.34
N TYR F 817 120.63 -44.18 32.16
CA TYR F 817 121.28 -45.44 31.85
C TYR F 817 121.76 -45.49 30.41
N ALA F 818 120.99 -44.93 29.48
CA ALA F 818 121.34 -44.94 28.07
C ALA F 818 122.12 -43.68 27.73
N THR F 819 123.30 -43.87 27.13
CA THR F 819 124.15 -42.75 26.74
C THR F 819 124.98 -43.19 25.56
N GLU F 820 125.09 -42.32 24.56
CA GLU F 820 125.82 -42.67 23.35
C GLU F 820 127.28 -42.89 23.66
N THR F 821 127.89 -43.87 23.00
CA THR F 821 129.26 -44.24 23.24
C THR F 821 130.03 -44.25 21.93
N THR F 822 131.33 -44.02 22.02
CA THR F 822 132.20 -43.89 20.87
C THR F 822 133.30 -44.94 20.91
N ILE F 823 133.51 -45.62 19.80
CA ILE F 823 134.64 -46.50 19.61
C ILE F 823 135.71 -45.74 18.86
N PHE F 824 136.89 -45.65 19.45
CA PHE F 824 137.98 -44.86 18.89
C PHE F 824 139.14 -45.76 18.49
N TYR F 825 139.75 -45.45 17.36
CA TYR F 825 140.98 -46.10 16.92
C TYR F 825 142.11 -45.08 16.95
N LEU F 826 143.10 -45.30 17.79
CA LEU F 826 144.22 -44.40 17.95
C LEU F 826 145.44 -44.97 17.24
N ILE F 827 146.06 -44.18 16.37
CA ILE F 827 147.23 -44.59 15.61
C ILE F 827 148.45 -43.89 16.18
N TYR F 828 149.50 -44.65 16.46
CA TYR F 828 150.73 -44.11 17.02
C TYR F 828 151.64 -43.64 15.89
N ASN F 829 152.02 -42.37 15.91
CA ASN F 829 152.94 -41.80 14.94
C ASN F 829 154.20 -41.35 15.68
N VAL F 830 155.35 -41.78 15.18
CA VAL F 830 156.63 -41.43 15.79
C VAL F 830 157.55 -40.85 14.74
N GLU F 831 158.51 -40.05 15.20
CA GLU F 831 159.52 -39.45 14.36
C GLU F 831 160.90 -39.89 14.82
N PHE F 832 161.92 -39.46 14.08
CA PHE F 832 163.29 -39.83 14.45
C PHE F 832 163.78 -39.03 15.65
N SER F 833 163.06 -37.99 16.06
CA SER F 833 163.51 -37.17 17.17
C SER F 833 163.19 -37.81 18.52
N ASN F 834 162.34 -38.82 18.55
CA ASN F 834 161.91 -39.40 19.81
C ASN F 834 163.02 -40.24 20.42
N THR F 835 163.29 -40.01 21.71
CA THR F 835 164.21 -40.82 22.45
C THR F 835 163.58 -42.19 22.73
N PRO F 836 164.38 -43.21 23.06
CA PRO F 836 163.80 -44.55 23.23
C PRO F 836 162.74 -44.66 24.32
N ASP F 837 162.73 -43.76 25.29
CA ASP F 837 161.73 -43.79 26.35
C ASP F 837 160.99 -42.46 26.44
N SER F 838 160.61 -41.90 25.30
CA SER F 838 159.95 -40.61 25.26
C SER F 838 158.44 -40.71 25.39
N LEU F 839 157.89 -41.92 25.50
CA LEU F 839 156.45 -42.11 25.56
C LEU F 839 155.98 -42.63 26.91
N VAL F 840 156.85 -42.61 27.92
CA VAL F 840 156.54 -43.18 29.23
C VAL F 840 156.33 -42.05 30.21
N LEU F 841 155.27 -42.17 31.02
CA LEU F 841 154.93 -41.17 32.03
C LEU F 841 155.10 -41.76 33.42
N ILE F 842 155.06 -40.89 34.42
CA ILE F 842 155.25 -41.35 35.79
C ILE F 842 153.98 -42.00 36.32
N ASN F 843 152.82 -41.68 35.75
CA ASN F 843 151.56 -42.22 36.21
C ASN F 843 150.74 -42.68 35.01
N PRO F 844 150.06 -43.82 35.13
CA PRO F 844 149.32 -44.36 33.98
C PRO F 844 148.06 -43.55 33.69
N THR F 845 147.61 -43.63 32.46
CA THR F 845 146.33 -43.09 32.04
C THR F 845 145.36 -44.22 31.82
N TYR F 846 144.14 -44.06 32.35
CA TYR F 846 143.18 -45.15 32.43
C TYR F 846 142.04 -44.94 31.45
N THR F 847 141.54 -46.03 30.88
CA THR F 847 140.35 -46.03 30.05
C THR F 847 139.41 -47.14 30.54
N MET F 848 138.11 -46.90 30.45
CA MET F 848 137.13 -47.79 31.06
C MET F 848 136.23 -48.48 30.03
N THR F 849 135.56 -47.73 29.17
CA THR F 849 134.49 -48.29 28.35
C THR F 849 135.05 -49.15 27.23
N LYS F 850 134.46 -50.34 27.06
CA LYS F 850 134.78 -51.23 25.95
C LYS F 850 133.49 -51.71 25.32
N VAL F 851 133.54 -52.01 24.02
CA VAL F 851 132.38 -52.41 23.24
C VAL F 851 132.72 -53.64 22.42
N PHE F 852 131.81 -54.62 22.39
CA PHE F 852 131.96 -55.80 21.55
C PHE F 852 130.88 -55.81 20.47
N ILE F 853 131.31 -55.92 19.22
CA ILE F 853 130.40 -56.00 18.07
C ILE F 853 130.86 -57.18 17.22
N ASN F 854 129.93 -58.06 16.86
CA ASN F 854 130.27 -59.24 16.09
C ASN F 854 130.27 -58.95 14.59
N LYS F 855 130.98 -57.92 14.18
CA LYS F 855 131.14 -57.56 12.78
C LYS F 855 132.57 -57.12 12.54
N ARG F 856 133.00 -57.21 11.29
CA ARG F 856 134.36 -56.79 10.91
C ARG F 856 134.29 -55.35 10.42
N ILE F 857 134.32 -54.42 11.37
CA ILE F 857 134.24 -53.00 11.02
C ILE F 857 135.57 -52.52 10.46
N VAL F 858 136.63 -52.61 11.26
CA VAL F 858 137.96 -52.16 10.89
C VAL F 858 138.90 -53.35 11.02
N GLU F 859 139.67 -53.63 9.97
CA GLU F 859 140.56 -54.78 9.99
C GLU F 859 141.95 -54.39 9.56
N ARG F 860 142.96 -54.82 10.30
CA ARG F 860 144.35 -54.57 9.98
C ARG F 860 144.85 -55.69 9.07
N VAL F 861 145.19 -55.34 7.82
CA VAL F 861 145.52 -56.34 6.82
C VAL F 861 146.85 -56.00 6.17
N ARG F 862 147.42 -56.99 5.50
CA ARG F 862 148.63 -56.82 4.73
C ARG F 862 148.28 -56.37 3.30
N VAL F 863 149.30 -56.08 2.51
CA VAL F 863 149.05 -55.59 1.15
C VAL F 863 148.53 -56.72 0.27
N GLY F 864 149.06 -57.92 0.44
CA GLY F 864 148.69 -59.04 -0.40
C GLY F 864 147.24 -59.47 -0.25
N GLN F 865 146.57 -58.95 0.77
CA GLN F 865 145.17 -59.24 0.99
C GLN F 865 144.26 -58.07 0.64
N ILE F 866 144.79 -56.98 0.10
CA ILE F 866 143.95 -55.81 -0.18
C ILE F 866 142.84 -56.18 -1.16
N LEU F 867 143.17 -56.94 -2.18
CA LEU F 867 142.17 -57.35 -3.17
C LEU F 867 141.43 -58.60 -2.75
N ALA F 868 141.43 -58.96 -1.47
CA ALA F 868 140.76 -60.16 -1.01
C ALA F 868 139.28 -59.95 -0.72
N VAL F 869 138.74 -58.77 -1.00
CA VAL F 869 137.36 -58.48 -0.66
C VAL F 869 136.43 -58.65 -1.86
N LEU F 870 136.96 -58.76 -3.07
CA LEU F 870 136.16 -58.93 -4.28
C LEU F 870 135.58 -60.33 -4.31
N ASN F 871 134.37 -60.50 -3.80
CA ASN F 871 133.78 -61.84 -3.76
C ASN F 871 132.28 -61.87 -4.04
N ARG F 872 131.75 -60.94 -4.82
CA ARG F 872 130.30 -60.94 -5.04
C ARG F 872 129.98 -60.67 -6.50
N ARG F 873 129.02 -61.43 -7.03
CA ARG F 873 128.67 -61.37 -8.43
C ARG F 873 127.82 -60.14 -8.74
N PHE F 874 128.09 -59.53 -9.90
CA PHE F 874 127.30 -58.42 -10.40
C PHE F 874 126.96 -58.67 -11.85
N VAL F 875 125.70 -58.41 -12.20
CA VAL F 875 125.21 -58.53 -13.57
C VAL F 875 124.68 -57.16 -14.00
N ALA F 876 125.22 -56.64 -15.10
CA ALA F 876 124.86 -55.32 -15.61
C ALA F 876 124.35 -55.44 -17.03
N TYR F 877 123.51 -54.51 -17.42
CA TYR F 877 122.99 -54.47 -18.78
C TYR F 877 123.91 -53.64 -19.66
N LYS F 878 124.00 -54.02 -20.94
CA LYS F 878 124.81 -53.28 -21.89
C LYS F 878 124.12 -51.98 -22.27
N GLY F 879 124.88 -51.11 -22.95
CA GLY F 879 124.38 -49.79 -23.25
C GLY F 879 123.25 -49.73 -24.26
N LYS F 880 123.10 -50.79 -25.06
CA LYS F 880 122.08 -50.77 -26.10
C LYS F 880 120.67 -51.00 -25.58
N MET F 881 120.53 -51.50 -24.35
CA MET F 881 119.22 -51.83 -23.82
C MET F 881 118.52 -50.57 -23.31
N ARG F 882 117.20 -50.70 -23.13
CA ARG F 882 116.37 -49.64 -22.58
C ARG F 882 115.56 -50.20 -21.42
N ILE F 883 115.47 -49.44 -20.34
CA ILE F 883 114.68 -49.83 -19.17
C ILE F 883 113.53 -48.85 -19.06
N MET F 884 112.30 -49.36 -19.21
CA MET F 884 111.12 -48.53 -19.28
C MET F 884 110.04 -49.05 -18.36
N ASP F 885 109.22 -48.14 -17.84
CA ASP F 885 108.15 -48.46 -16.92
C ASP F 885 106.83 -48.44 -17.68
N ILE F 886 106.03 -49.50 -17.49
CA ILE F 886 104.77 -49.64 -18.22
C ILE F 886 103.58 -49.68 -17.28
N THR F 887 103.72 -49.13 -16.07
CA THR F 887 102.61 -49.14 -15.13
C THR F 887 101.48 -48.23 -15.58
N GLN F 888 101.80 -47.14 -16.26
CA GLN F 888 100.78 -46.18 -16.70
C GLN F 888 99.90 -46.72 -17.82
N SER F 889 100.25 -47.86 -18.41
CA SER F 889 99.49 -48.41 -19.53
C SER F 889 98.29 -49.23 -19.07
N LEU F 890 98.08 -49.39 -17.76
CA LEU F 890 96.98 -50.19 -17.25
C LEU F 890 95.71 -49.35 -17.19
N LYS F 891 95.15 -49.10 -18.36
CA LYS F 891 93.92 -48.35 -18.50
C LYS F 891 92.77 -49.30 -18.86
N MET F 892 91.56 -48.83 -18.63
CA MET F 892 90.38 -49.68 -18.78
C MET F 892 90.01 -49.92 -20.24
N GLY F 893 90.24 -48.94 -21.10
CA GLY F 893 89.74 -49.02 -22.46
C GLY F 893 90.53 -49.89 -23.42
N THR F 894 91.64 -50.46 -22.99
CA THR F 894 92.47 -51.25 -23.89
C THR F 894 91.90 -52.65 -24.07
N LYS F 895 92.34 -53.31 -25.13
CA LYS F 895 91.93 -54.67 -25.44
C LYS F 895 93.09 -55.37 -26.13
N LEU F 896 93.35 -56.61 -25.73
CA LEU F 896 94.50 -57.34 -26.24
C LEU F 896 94.08 -58.33 -27.32
N ALA F 897 95.00 -58.63 -28.23
CA ALA F 897 94.67 -59.38 -29.43
C ALA F 897 94.31 -60.83 -29.10
N ALA F 898 95.27 -61.58 -28.59
CA ALA F 898 94.99 -62.95 -28.21
C ALA F 898 94.32 -62.97 -26.84
N PRO F 899 93.08 -63.44 -26.73
CA PRO F 899 92.38 -63.38 -25.46
C PRO F 899 92.96 -64.38 -24.46
N THR F 900 92.71 -64.10 -23.18
CA THR F 900 93.20 -64.94 -22.11
C THR F 900 92.03 -65.61 -21.40
N VAL F 901 92.33 -66.69 -20.69
CA VAL F 901 91.32 -67.42 -19.94
C VAL F 901 91.06 -66.75 -18.61
N SER G 25 -10.92 16.33 -39.31
CA SER G 25 -12.20 15.98 -38.69
C SER G 25 -12.06 15.90 -37.18
N ASP G 26 -11.10 15.09 -36.71
CA ASP G 26 -10.86 14.92 -35.30
C ASP G 26 -9.36 14.95 -35.03
N SER G 27 -9.00 15.36 -33.82
CA SER G 27 -7.61 15.34 -33.41
C SER G 27 -7.14 13.90 -33.20
N GLY G 28 -5.91 13.63 -33.63
CA GLY G 28 -5.37 12.31 -33.58
C GLY G 28 -4.95 11.88 -32.19
N PRO G 29 -4.49 10.64 -32.05
CA PRO G 29 -3.95 10.20 -30.77
C PRO G 29 -2.65 10.91 -30.45
N LEU G 30 -2.39 11.06 -29.15
CA LEU G 30 -1.18 11.72 -28.67
C LEU G 30 -0.14 10.64 -28.37
N LEU G 31 0.92 10.60 -29.16
CA LEU G 31 1.89 9.53 -29.06
C LEU G 31 2.74 9.67 -27.81
N SER G 32 3.11 8.53 -27.24
CA SER G 32 4.01 8.52 -26.09
C SER G 32 5.41 8.91 -26.51
N VAL G 33 6.24 9.25 -25.52
CA VAL G 33 7.60 9.69 -25.81
C VAL G 33 8.42 8.57 -26.43
N PHE G 34 8.09 7.31 -26.12
CA PHE G 34 8.88 6.20 -26.62
C PHE G 34 8.71 6.04 -28.13
N ALA G 35 7.52 6.28 -28.65
CA ALA G 35 7.35 6.29 -30.10
C ALA G 35 8.17 7.42 -30.73
N LEU G 36 8.26 8.56 -30.04
CA LEU G 36 9.09 9.65 -30.54
C LEU G 36 10.56 9.26 -30.56
N GLN G 37 11.03 8.55 -29.53
CA GLN G 37 12.42 8.07 -29.57
C GLN G 37 12.61 7.01 -30.65
N GLU G 38 11.58 6.22 -30.94
CA GLU G 38 11.67 5.30 -32.05
C GLU G 38 11.85 6.04 -33.37
N ILE G 39 11.11 7.14 -33.54
CA ILE G 39 11.30 7.97 -34.72
C ILE G 39 12.69 8.62 -34.70
N MET G 40 13.20 8.96 -33.52
CA MET G 40 14.57 9.47 -33.41
C MET G 40 15.56 8.47 -33.98
N GLN G 41 15.48 7.23 -33.51
CA GLN G 41 16.41 6.20 -33.96
C GLN G 41 16.21 5.90 -35.44
N LYS G 42 14.98 6.02 -35.94
CA LYS G 42 14.74 5.84 -37.37
C LYS G 42 15.41 6.93 -38.19
N VAL G 43 15.34 8.17 -37.72
CA VAL G 43 15.92 9.29 -38.46
C VAL G 43 17.44 9.22 -38.41
N ARG G 44 18.01 8.99 -37.23
CA ARG G 44 19.46 8.93 -37.11
C ARG G 44 20.02 7.68 -37.76
N GLN G 45 19.27 6.57 -37.70
CA GLN G 45 19.72 5.32 -38.27
C GLN G 45 18.66 4.74 -39.20
N PHE G 59 34.75 -23.29 -30.90
CA PHE G 59 36.04 -23.15 -31.57
C PHE G 59 36.86 -24.41 -31.37
N THR G 60 37.86 -24.61 -32.22
CA THR G 60 38.72 -25.79 -32.15
C THR G 60 40.16 -25.41 -31.89
N VAL G 61 40.93 -26.38 -31.42
CA VAL G 61 42.34 -26.14 -31.10
C VAL G 61 43.10 -25.86 -32.39
N PRO G 62 43.95 -24.83 -32.45
CA PRO G 62 44.69 -24.55 -33.69
C PRO G 62 45.61 -25.68 -34.13
N ASP G 63 46.13 -26.47 -33.19
CA ASP G 63 47.01 -27.58 -33.56
C ASP G 63 46.27 -28.62 -34.39
N VAL G 64 45.06 -28.97 -33.96
CA VAL G 64 44.29 -29.96 -34.71
C VAL G 64 43.87 -29.41 -36.06
N GLN G 65 43.57 -28.12 -36.12
CA GLN G 65 43.25 -27.49 -37.40
C GLN G 65 44.44 -27.55 -38.35
N LYS G 66 45.65 -27.32 -37.82
CA LYS G 66 46.85 -27.44 -38.64
C LYS G 66 47.03 -28.87 -39.13
N ILE G 67 46.76 -29.85 -38.27
CA ILE G 67 46.85 -31.25 -38.69
C ILE G 67 45.88 -31.55 -39.82
N LEU G 68 44.63 -31.07 -39.69
CA LEU G 68 43.63 -31.32 -40.71
C LEU G 68 44.01 -30.66 -42.03
N ASP G 69 44.53 -29.44 -41.97
CA ASP G 69 44.98 -28.77 -43.20
C ASP G 69 46.12 -29.53 -43.85
N ASP G 70 47.05 -30.04 -43.05
CA ASP G 70 48.16 -30.82 -43.61
C ASP G 70 47.67 -32.09 -44.28
N ILE G 71 46.70 -32.78 -43.67
CA ILE G 71 46.17 -33.99 -44.28
C ILE G 71 45.44 -33.66 -45.58
N LYS G 72 44.66 -32.57 -45.59
CA LYS G 72 43.97 -32.17 -46.80
C LYS G 72 44.95 -31.84 -47.91
N ALA G 73 46.05 -31.17 -47.58
CA ALA G 73 47.07 -30.87 -48.58
C ALA G 73 47.73 -32.14 -49.09
N LEU G 74 47.99 -33.09 -48.19
CA LEU G 74 48.63 -34.34 -48.60
C LEU G 74 47.71 -35.17 -49.48
N ALA G 75 46.40 -35.00 -49.34
CA ALA G 75 45.46 -35.75 -50.17
C ALA G 75 45.56 -35.42 -51.65
N ALA G 76 46.18 -34.30 -52.02
CA ALA G 76 46.24 -33.86 -53.40
C ALA G 76 47.57 -34.16 -54.08
N GLU G 77 48.43 -34.95 -53.45
CA GLU G 77 49.69 -35.32 -54.08
C GLU G 77 49.44 -36.29 -55.23
N GLN G 78 50.40 -36.34 -56.15
CA GLN G 78 50.29 -37.19 -57.33
C GLN G 78 51.46 -38.17 -57.35
N VAL G 79 51.17 -39.43 -57.65
CA VAL G 79 52.16 -40.50 -57.62
C VAL G 79 52.57 -40.93 -59.03
N TYR G 80 51.59 -41.27 -59.86
CA TYR G 80 51.87 -41.76 -61.20
C TYR G 80 52.23 -40.61 -62.13
N LYS G 81 52.64 -40.97 -63.35
CA LYS G 81 52.94 -40.01 -64.40
C LYS G 81 52.33 -40.49 -65.70
N ILE G 82 52.12 -39.56 -66.62
CA ILE G 82 51.59 -39.86 -67.95
C ILE G 82 52.64 -39.45 -68.96
N VAL G 83 53.09 -40.41 -69.77
CA VAL G 83 54.17 -40.17 -70.73
C VAL G 83 53.77 -40.73 -72.08
N LYS G 84 54.48 -40.27 -73.11
CA LYS G 84 54.30 -40.77 -74.47
C LYS G 84 55.22 -41.93 -74.78
N VAL G 85 56.44 -41.91 -74.23
CA VAL G 85 57.46 -42.90 -74.53
C VAL G 85 58.07 -43.40 -73.24
N PRO G 86 58.16 -44.72 -73.02
CA PRO G 86 58.78 -45.23 -71.80
C PRO G 86 60.28 -44.94 -71.79
N SER G 87 60.83 -44.91 -70.58
CA SER G 87 62.25 -44.64 -70.39
C SER G 87 63.09 -45.78 -70.93
N ILE G 88 64.33 -45.45 -71.31
CA ILE G 88 65.22 -46.43 -71.91
C ILE G 88 65.70 -47.42 -70.86
N SER G 89 65.60 -48.71 -71.17
CA SER G 89 66.02 -49.76 -70.26
C SER G 89 67.35 -50.38 -70.64
N PHE G 90 67.56 -50.72 -71.91
CA PHE G 90 68.81 -51.28 -72.39
C PHE G 90 69.46 -50.30 -73.34
N ARG G 91 70.77 -50.09 -73.18
CA ARG G 91 71.53 -49.29 -74.12
C ARG G 91 72.68 -50.11 -74.67
N HIS G 92 73.38 -49.55 -75.64
CA HIS G 92 74.40 -50.29 -76.36
C HIS G 92 75.70 -49.49 -76.43
N ILE G 93 76.80 -50.19 -76.22
CA ILE G 93 78.14 -49.62 -76.33
C ILE G 93 78.78 -50.18 -77.60
N VAL G 94 79.31 -49.28 -78.42
CA VAL G 94 79.89 -49.63 -79.72
C VAL G 94 81.40 -49.69 -79.56
N MET G 95 81.98 -50.80 -80.00
CA MET G 95 83.41 -51.00 -80.06
C MET G 95 83.85 -50.89 -81.51
N GLN G 96 85.11 -51.23 -81.77
CA GLN G 96 85.62 -51.16 -83.13
C GLN G 96 85.00 -52.21 -84.06
N SER G 97 84.29 -53.20 -83.52
CA SER G 97 83.69 -54.23 -84.34
C SER G 97 82.47 -53.69 -85.07
N ARG G 98 82.24 -54.23 -86.27
CA ARG G 98 81.06 -53.92 -87.05
C ARG G 98 79.98 -54.98 -86.96
N ASP G 99 80.16 -55.98 -86.10
CA ASP G 99 79.21 -57.08 -85.99
C ASP G 99 78.74 -57.35 -84.57
N ARG G 100 79.45 -56.91 -83.55
CA ARG G 100 79.09 -57.19 -82.17
C ARG G 100 79.11 -55.90 -81.37
N VAL G 101 78.23 -55.80 -80.38
CA VAL G 101 78.15 -54.65 -79.50
C VAL G 101 77.95 -55.14 -78.07
N LEU G 102 77.96 -54.20 -77.13
CA LEU G 102 77.75 -54.52 -75.73
C LEU G 102 76.38 -54.03 -75.29
N ARG G 103 75.55 -54.94 -74.81
CA ARG G 103 74.24 -54.60 -74.27
C ARG G 103 74.38 -54.36 -72.78
N VAL G 104 73.95 -53.18 -72.33
CA VAL G 104 74.08 -52.77 -70.94
C VAL G 104 72.69 -52.45 -70.39
N ASP G 105 72.37 -53.05 -69.25
CA ASP G 105 71.11 -52.78 -68.55
C ASP G 105 71.30 -51.57 -67.64
N THR G 106 70.51 -50.53 -67.86
CA THR G 106 70.71 -49.28 -67.14
C THR G 106 70.12 -49.31 -65.74
N TYR G 107 69.25 -50.28 -65.44
CA TYR G 107 68.59 -50.31 -64.14
C TYR G 107 69.60 -50.53 -63.02
N TYR G 108 70.52 -51.49 -63.20
CA TYR G 108 71.53 -51.72 -62.17
C TYR G 108 72.51 -50.56 -62.10
N GLU G 109 72.82 -49.95 -63.24
CA GLU G 109 73.72 -48.80 -63.25
C GLU G 109 73.13 -47.65 -62.45
N GLU G 110 71.82 -47.44 -62.54
CA GLU G 110 71.19 -46.40 -61.74
C GLU G 110 71.01 -46.83 -60.29
N MET G 111 70.79 -48.12 -60.05
CA MET G 111 70.57 -48.60 -58.68
C MET G 111 71.84 -48.52 -57.85
N SER G 112 73.00 -48.72 -58.46
CA SER G 112 74.25 -48.74 -57.70
C SER G 112 74.59 -47.42 -57.04
N GLN G 113 73.94 -46.32 -57.41
CA GLN G 113 74.27 -45.00 -56.90
C GLN G 113 73.16 -44.42 -56.03
N VAL G 114 72.40 -45.27 -55.35
CA VAL G 114 71.28 -44.83 -54.53
C VAL G 114 71.56 -45.27 -53.09
N GLY G 115 71.49 -44.31 -52.17
CA GLY G 115 71.70 -44.61 -50.76
C GLY G 115 73.15 -44.49 -50.34
N ASP G 116 73.36 -44.70 -49.05
CA ASP G 116 74.69 -44.58 -48.45
C ASP G 116 75.34 -45.94 -48.32
N VAL G 117 76.62 -45.93 -47.94
CA VAL G 117 77.36 -47.17 -47.77
C VAL G 117 76.86 -47.90 -46.53
N ILE G 118 77.10 -49.21 -46.50
CA ILE G 118 76.66 -50.06 -45.40
C ILE G 118 77.82 -50.26 -44.45
N THR G 119 77.59 -49.98 -43.16
CA THR G 119 78.57 -50.19 -42.12
C THR G 119 77.92 -50.94 -40.97
N GLU G 120 78.69 -51.81 -40.33
CA GLU G 120 78.13 -52.76 -39.36
C GLU G 120 77.74 -52.12 -38.03
N ASP G 121 78.10 -50.87 -37.78
CA ASP G 121 77.75 -50.22 -36.51
C ASP G 121 76.67 -49.17 -36.66
N GLU G 122 76.00 -49.10 -37.80
CA GLU G 122 74.92 -48.13 -38.05
C GLU G 122 73.70 -48.88 -38.54
N PRO G 123 72.89 -49.44 -37.63
CA PRO G 123 71.69 -50.17 -38.07
C PRO G 123 70.63 -49.26 -38.65
N GLU G 124 70.41 -48.09 -38.03
CA GLU G 124 69.37 -47.19 -38.50
C GLU G 124 69.66 -46.69 -39.90
N LYS G 125 70.93 -46.41 -40.19
CA LYS G 125 71.32 -46.02 -41.54
C LYS G 125 71.04 -47.14 -42.54
N PHE G 126 71.28 -48.38 -42.14
CA PHE G 126 71.02 -49.52 -43.01
C PHE G 126 69.53 -49.61 -43.34
N TYR G 127 68.68 -49.48 -42.31
CA TYR G 127 67.23 -49.54 -42.56
C TYR G 127 66.78 -48.39 -43.45
N SER G 128 67.31 -47.19 -43.22
CA SER G 128 66.94 -46.05 -44.06
C SER G 128 67.37 -46.26 -45.51
N THR G 129 68.55 -46.84 -45.71
CA THR G 129 69.03 -47.12 -47.06
C THR G 129 68.11 -48.10 -47.78
N ILE G 130 67.70 -49.16 -47.08
CA ILE G 130 66.79 -50.13 -47.69
C ILE G 130 65.46 -49.48 -48.05
N ILE G 131 64.94 -48.65 -47.15
CA ILE G 131 63.67 -47.96 -47.43
C ILE G 131 63.81 -47.06 -48.64
N LYS G 132 64.92 -46.33 -48.74
CA LYS G 132 65.11 -45.42 -49.87
C LYS G 132 65.21 -46.18 -51.18
N LYS G 133 65.90 -47.32 -51.20
CA LYS G 133 65.99 -48.10 -52.42
C LYS G 133 64.63 -48.62 -52.85
N VAL G 134 63.84 -49.12 -51.90
CA VAL G 134 62.51 -49.63 -52.25
C VAL G 134 61.63 -48.51 -52.79
N ARG G 135 61.67 -47.34 -52.15
CA ARG G 135 60.87 -46.22 -52.63
C ARG G 135 61.32 -45.75 -54.00
N PHE G 136 62.63 -45.82 -54.29
CA PHE G 136 63.11 -45.46 -55.62
C PHE G 136 62.55 -46.41 -56.68
N ILE G 137 62.55 -47.71 -56.38
CA ILE G 137 61.97 -48.67 -57.33
C ILE G 137 60.50 -48.34 -57.57
N ARG G 138 59.76 -48.10 -56.49
CA ARG G 138 58.34 -47.82 -56.62
C ARG G 138 58.10 -46.56 -57.43
N GLY G 139 58.92 -45.53 -57.22
CA GLY G 139 58.75 -44.30 -57.97
C GLY G 139 59.07 -44.45 -59.43
N LYS G 140 60.11 -45.20 -59.77
CA LYS G 140 60.48 -45.33 -61.17
C LYS G 140 59.52 -46.24 -61.92
N GLY G 141 58.88 -47.19 -61.23
CA GLY G 141 58.09 -48.16 -61.97
C GLY G 141 56.68 -47.75 -62.35
N SER G 142 56.25 -46.54 -62.01
CA SER G 142 54.84 -46.16 -62.18
C SER G 142 54.72 -45.12 -63.29
N PHE G 143 54.07 -45.51 -64.39
CA PHE G 143 53.79 -44.60 -65.48
C PHE G 143 52.69 -45.19 -66.35
N ILE G 144 52.02 -44.30 -67.09
CA ILE G 144 50.95 -44.68 -68.01
C ILE G 144 51.30 -44.16 -69.38
N LEU G 145 50.96 -44.92 -70.42
CA LEU G 145 51.27 -44.57 -71.80
C LEU G 145 50.03 -43.99 -72.46
N HIS G 146 50.22 -42.91 -73.21
CA HIS G 146 49.11 -42.21 -73.85
C HIS G 146 49.61 -41.53 -75.12
N ASP G 147 48.96 -41.82 -76.25
CA ASP G 147 49.25 -41.19 -77.54
C ASP G 147 50.69 -41.48 -77.98
N ILE G 148 50.96 -42.75 -78.24
CA ILE G 148 52.29 -43.20 -78.65
C ILE G 148 52.52 -42.91 -80.12
N PRO G 149 53.76 -42.72 -80.56
CA PRO G 149 54.04 -42.59 -81.99
C PRO G 149 53.71 -43.86 -82.75
N THR G 150 53.31 -43.69 -84.01
CA THR G 150 52.72 -44.75 -84.83
C THR G 150 53.27 -44.69 -86.25
N ARG G 151 53.01 -45.76 -87.00
CA ARG G 151 53.39 -45.81 -88.41
C ARG G 151 52.54 -46.87 -89.11
N ASP G 152 52.53 -46.82 -90.44
CA ASP G 152 51.72 -47.72 -91.25
C ASP G 152 52.58 -48.59 -92.14
N HIS G 153 52.08 -49.79 -92.45
CA HIS G 153 52.77 -50.66 -93.40
C HIS G 153 51.79 -51.69 -93.93
N ARG G 154 51.47 -51.61 -95.23
CA ARG G 154 50.61 -52.56 -95.92
C ARG G 154 49.26 -52.72 -95.22
N GLY G 155 48.70 -51.60 -94.77
CA GLY G 155 47.42 -51.64 -94.10
C GLY G 155 47.45 -52.17 -92.68
N MET G 156 48.63 -52.32 -92.10
CA MET G 156 48.78 -52.76 -90.73
C MET G 156 49.47 -51.67 -89.92
N GLU G 157 49.25 -51.71 -88.62
CA GLU G 157 49.77 -50.69 -87.73
C GLU G 157 51.10 -51.14 -87.11
N VAL G 158 52.07 -50.23 -87.04
CA VAL G 158 53.42 -50.56 -86.58
C VAL G 158 53.85 -49.52 -85.56
N ALA G 159 54.46 -49.98 -84.47
CA ALA G 159 55.00 -49.07 -83.47
C ALA G 159 56.34 -48.50 -83.91
N GLU G 160 56.57 -47.24 -83.57
CA GLU G 160 57.81 -46.57 -83.94
C GLU G 160 58.97 -47.09 -83.08
N PRO G 161 60.20 -47.02 -83.58
CA PRO G 161 61.35 -47.49 -82.78
C PRO G 161 61.57 -46.71 -81.50
N GLU G 162 61.15 -45.44 -81.43
CA GLU G 162 61.31 -44.69 -80.19
C GLU G 162 60.43 -45.25 -79.08
N VAL G 163 59.29 -45.85 -79.44
CA VAL G 163 58.37 -46.37 -78.44
C VAL G 163 58.99 -47.53 -77.69
N LEU G 164 59.72 -48.39 -78.39
CA LEU G 164 60.36 -49.54 -77.78
C LEU G 164 61.39 -49.08 -76.76
N GLY G 165 61.55 -49.88 -75.70
CA GLY G 165 62.43 -49.49 -74.62
C GLY G 165 63.90 -49.79 -74.84
N VAL G 166 64.35 -49.74 -76.08
CA VAL G 166 65.75 -49.96 -76.43
C VAL G 166 66.23 -48.78 -77.25
N GLU G 167 67.51 -48.47 -77.10
CA GLU G 167 68.15 -47.38 -77.84
C GLU G 167 69.27 -47.97 -78.69
N PHE G 168 69.17 -47.79 -80.00
CA PHE G 168 70.20 -48.29 -80.90
C PHE G 168 70.47 -47.34 -82.05
N LYS G 169 70.28 -46.03 -81.84
CA LYS G 169 70.52 -45.08 -82.91
C LYS G 169 72.01 -44.92 -83.23
N ASN G 170 72.90 -45.34 -82.34
CA ASN G 170 74.32 -45.16 -82.54
C ASN G 170 75.02 -46.40 -83.08
N VAL G 171 74.29 -47.49 -83.32
CA VAL G 171 74.90 -48.66 -83.96
C VAL G 171 74.59 -48.72 -85.45
N LEU G 172 73.62 -47.95 -85.93
CA LEU G 172 73.30 -47.93 -87.36
C LEU G 172 74.45 -47.45 -88.25
N PRO G 173 75.18 -46.37 -87.93
CA PRO G 173 76.21 -45.91 -88.87
C PRO G 173 77.35 -46.89 -89.12
N VAL G 174 77.58 -47.84 -88.23
CA VAL G 174 78.71 -48.76 -88.39
C VAL G 174 78.28 -50.09 -89.02
N LEU G 175 77.01 -50.24 -89.36
CA LEU G 175 76.52 -51.50 -89.88
C LEU G 175 76.85 -51.64 -91.36
N THR G 176 76.60 -52.84 -91.88
CA THR G 176 76.74 -53.14 -93.30
C THR G 176 75.38 -53.17 -93.96
N ALA G 177 75.36 -53.50 -95.25
CA ALA G 177 74.11 -53.47 -96.01
C ALA G 177 73.16 -54.57 -95.56
N GLU G 178 73.67 -55.81 -95.47
CA GLU G 178 72.82 -56.94 -95.14
C GLU G 178 72.21 -56.78 -93.76
N HIS G 179 73.01 -56.33 -92.79
CA HIS G 179 72.51 -56.19 -91.43
C HIS G 179 71.51 -55.05 -91.32
N ARG G 180 71.72 -53.96 -92.08
CA ARG G 180 70.76 -52.87 -92.07
C ARG G 180 69.42 -53.31 -92.64
N ALA G 181 69.45 -54.08 -93.74
CA ALA G 181 68.20 -54.62 -94.29
C ALA G 181 67.53 -55.54 -93.29
N MET G 182 68.31 -56.37 -92.60
CA MET G 182 67.76 -57.28 -91.60
C MET G 182 67.08 -56.51 -90.47
N ILE G 183 67.72 -55.45 -90.00
CA ILE G 183 67.16 -54.67 -88.90
C ILE G 183 65.88 -53.99 -89.34
N GLN G 184 65.86 -53.45 -90.56
CA GLN G 184 64.64 -52.80 -91.05
C GLN G 184 63.49 -53.80 -91.17
N ASN G 185 63.76 -54.99 -91.70
CA ASN G 185 62.71 -55.99 -91.82
C ASN G 185 62.21 -56.44 -90.46
N ALA G 186 63.12 -56.58 -89.49
CA ALA G 186 62.70 -56.96 -88.15
C ALA G 186 61.84 -55.87 -87.50
N LEU G 187 62.21 -54.61 -87.71
CA LEU G 187 61.42 -53.52 -87.15
C LEU G 187 60.05 -53.41 -87.79
N ASP G 188 59.93 -53.81 -89.06
CA ASP G 188 58.64 -53.72 -89.73
C ASP G 188 57.61 -54.71 -89.20
N GLY G 189 57.99 -55.64 -88.33
CA GLY G 189 57.09 -56.66 -87.85
C GLY G 189 56.50 -56.46 -86.47
N SER G 190 56.70 -55.29 -85.85
CA SER G 190 56.14 -55.02 -84.53
C SER G 190 54.72 -54.50 -84.68
N ILE G 191 53.77 -55.43 -84.75
CA ILE G 191 52.39 -55.11 -85.06
C ILE G 191 51.67 -54.67 -83.79
N ILE G 192 50.75 -53.72 -83.93
CA ILE G 192 49.92 -53.24 -82.83
C ILE G 192 48.56 -53.91 -82.93
N GLU G 193 48.09 -54.45 -81.81
CA GLU G 193 46.83 -55.18 -81.78
C GLU G 193 45.78 -54.36 -81.03
N ASN G 194 44.56 -54.35 -81.55
CA ASN G 194 43.47 -53.55 -80.98
C ASN G 194 42.74 -54.38 -79.93
N GLY G 195 42.93 -54.04 -78.65
CA GLY G 195 42.28 -54.71 -77.56
C GLY G 195 41.26 -53.81 -76.88
N ASN G 196 40.59 -54.38 -75.88
CA ASN G 196 39.57 -53.66 -75.14
C ASN G 196 39.81 -53.79 -73.63
N VAL G 197 39.62 -52.69 -72.93
CA VAL G 197 39.61 -52.69 -71.46
C VAL G 197 38.37 -51.96 -70.96
N ALA G 198 37.47 -52.71 -70.31
CA ALA G 198 36.19 -52.19 -69.84
C ALA G 198 35.44 -51.49 -70.97
N THR G 199 35.38 -52.16 -72.12
CA THR G 199 34.74 -51.63 -73.34
C THR G 199 35.34 -50.30 -73.78
N ARG G 200 36.65 -50.15 -73.66
CA ARG G 200 37.38 -49.02 -74.21
C ARG G 200 38.51 -49.56 -75.09
N ASP G 201 38.63 -49.02 -76.31
CA ASP G 201 39.60 -49.53 -77.25
C ASP G 201 41.00 -49.02 -76.92
N VAL G 202 41.97 -49.93 -76.89
CA VAL G 202 43.35 -49.62 -76.55
C VAL G 202 44.26 -50.36 -77.51
N ASP G 203 45.54 -49.95 -77.51
CA ASP G 203 46.57 -50.60 -78.30
C ASP G 203 47.41 -51.50 -77.41
N VAL G 204 47.80 -52.65 -77.95
CA VAL G 204 48.67 -53.59 -77.26
C VAL G 204 49.85 -53.90 -78.18
N PHE G 205 51.07 -53.72 -77.67
CA PHE G 205 52.25 -54.01 -78.45
C PHE G 205 53.29 -54.67 -77.55
N ILE G 206 54.48 -54.90 -78.10
CA ILE G 206 55.54 -55.63 -77.40
C ILE G 206 56.78 -54.77 -77.35
N GLY G 207 57.33 -54.60 -76.14
CA GLY G 207 58.53 -53.83 -75.92
C GLY G 207 59.48 -54.49 -74.93
N ALA G 208 60.48 -53.73 -74.46
CA ALA G 208 61.50 -54.25 -73.58
C ALA G 208 61.52 -53.45 -72.28
N CYS G 209 61.72 -54.15 -71.17
CA CYS G 209 61.71 -53.51 -69.86
C CYS G 209 62.34 -54.44 -68.84
N SER G 210 62.90 -53.86 -67.79
CA SER G 210 63.52 -54.65 -66.72
C SER G 210 62.46 -55.27 -65.83
N GLU G 211 62.85 -56.32 -65.10
CA GLU G 211 61.87 -57.10 -64.35
C GLU G 211 61.14 -56.33 -63.25
N PRO G 212 61.81 -55.65 -62.31
CA PRO G 212 61.05 -55.03 -61.22
C PRO G 212 60.17 -53.87 -61.67
N VAL G 213 60.70 -53.01 -62.53
CA VAL G 213 59.90 -51.90 -63.05
C VAL G 213 58.73 -52.41 -63.87
N TYR G 214 58.92 -53.52 -64.61
CA TYR G 214 57.79 -54.09 -65.32
C TYR G 214 56.74 -54.65 -64.37
N ARG G 215 57.17 -55.25 -63.25
CA ARG G 215 56.19 -55.74 -62.28
C ARG G 215 55.37 -54.59 -61.73
N ILE G 216 56.02 -53.47 -61.41
CA ILE G 216 55.28 -52.31 -60.91
C ILE G 216 54.31 -51.79 -61.96
N TYR G 217 54.76 -51.71 -63.21
CA TYR G 217 53.89 -51.21 -64.29
C TYR G 217 52.68 -52.12 -64.48
N ASN G 218 52.90 -53.44 -64.44
CA ASN G 218 51.81 -54.38 -64.63
C ASN G 218 50.80 -54.28 -63.49
N ARG G 219 51.28 -54.13 -62.26
CA ARG G 219 50.35 -53.98 -61.15
C ARG G 219 49.54 -52.70 -61.28
N LEU G 220 50.18 -51.60 -61.70
CA LEU G 220 49.45 -50.35 -61.89
C LEU G 220 48.39 -50.49 -62.98
N GLN G 221 48.72 -51.17 -64.07
CA GLN G 221 47.73 -51.37 -65.13
C GLN G 221 46.55 -52.21 -64.64
N GLY G 222 46.82 -53.26 -63.87
CA GLY G 222 45.74 -54.05 -63.31
C GLY G 222 44.86 -53.25 -62.39
N TYR G 223 45.45 -52.37 -61.58
CA TYR G 223 44.67 -51.51 -60.70
C TYR G 223 43.80 -50.55 -61.49
N ILE G 224 44.33 -49.98 -62.57
CA ILE G 224 43.54 -49.08 -63.40
C ILE G 224 42.36 -49.81 -64.01
N GLU G 225 42.58 -51.03 -64.50
CA GLU G 225 41.48 -51.82 -65.04
C GLU G 225 40.42 -52.10 -63.98
N ALA G 226 40.86 -52.45 -62.77
CA ALA G 226 39.91 -52.73 -61.70
C ALA G 226 39.09 -51.51 -61.34
N VAL G 227 39.73 -50.34 -61.29
CA VAL G 227 39.00 -49.10 -61.02
C VAL G 227 37.98 -48.83 -62.11
N GLN G 228 38.37 -49.04 -63.37
CA GLN G 228 37.45 -48.82 -64.48
C GLN G 228 36.27 -49.78 -64.43
N LEU G 229 36.46 -50.96 -63.84
CA LEU G 229 35.39 -51.96 -63.85
C LEU G 229 34.32 -51.66 -62.80
N GLN G 230 34.69 -51.64 -61.51
CA GLN G 230 33.68 -51.61 -60.46
C GLN G 230 33.92 -50.62 -59.33
N GLU G 231 35.14 -50.14 -59.12
CA GLU G 231 35.42 -49.34 -57.92
C GLU G 231 34.72 -47.99 -57.95
N LEU G 232 34.66 -47.35 -59.11
CA LEU G 232 34.04 -46.03 -59.21
C LEU G 232 32.57 -46.08 -58.83
N ARG G 233 31.86 -47.12 -59.31
CA ARG G 233 30.44 -47.24 -58.99
C ARG G 233 30.24 -47.44 -57.49
N ASN G 234 31.08 -48.26 -56.86
CA ASN G 234 30.96 -48.47 -55.42
C ASN G 234 31.21 -47.18 -54.66
N SER G 235 32.21 -46.42 -55.08
CA SER G 235 32.50 -45.15 -54.40
C SER G 235 31.33 -44.19 -54.51
N ILE G 236 30.75 -44.07 -55.71
CA ILE G 236 29.65 -43.14 -55.91
C ILE G 236 28.42 -43.58 -55.12
N GLY G 237 28.14 -44.88 -55.11
CA GLY G 237 27.01 -45.37 -54.33
C GLY G 237 27.19 -45.13 -52.84
N TRP G 238 28.40 -45.33 -52.32
CA TRP G 238 28.63 -45.08 -50.91
C TRP G 238 28.50 -43.60 -50.58
N LEU G 239 28.95 -42.72 -51.48
CA LEU G 239 28.72 -41.29 -51.27
C LEU G 239 27.23 -40.97 -51.24
N GLU G 240 26.45 -41.61 -52.12
CA GLU G 240 25.01 -41.36 -52.11
C GLU G 240 24.38 -41.79 -50.79
N ARG G 241 24.77 -42.95 -50.28
CA ARG G 241 24.19 -43.42 -49.01
C ARG G 241 24.62 -42.52 -47.85
N LEU G 242 25.88 -42.09 -47.83
CA LEU G 242 26.33 -41.20 -46.78
C LEU G 242 25.60 -39.86 -46.82
N GLY G 243 25.39 -39.32 -48.03
CA GLY G 243 24.67 -38.07 -48.16
C GLY G 243 23.22 -38.21 -47.75
N HIS G 244 22.61 -39.37 -48.02
CA HIS G 244 21.28 -39.64 -47.51
C HIS G 244 21.27 -39.62 -45.99
N ARG G 245 22.26 -40.24 -45.36
CA ARG G 245 22.27 -40.36 -43.91
C ARG G 245 22.52 -39.01 -43.22
N LYS G 246 23.51 -38.26 -43.69
CA LYS G 246 23.97 -37.07 -42.97
C LYS G 246 23.44 -35.76 -43.54
N ARG G 247 22.47 -35.82 -44.45
CA ARG G 247 21.84 -34.63 -45.03
C ARG G 247 22.86 -33.75 -45.75
N ILE G 248 23.51 -34.34 -46.75
CA ILE G 248 24.46 -33.66 -47.61
C ILE G 248 24.16 -34.04 -49.04
N THR G 249 24.22 -33.07 -49.95
CA THR G 249 24.00 -33.33 -51.37
C THR G 249 25.34 -33.31 -52.10
N TYR G 250 25.67 -34.41 -52.75
CA TYR G 250 26.95 -34.56 -53.44
C TYR G 250 26.75 -34.44 -54.94
N SER G 251 27.67 -33.73 -55.59
CA SER G 251 27.55 -33.46 -57.01
C SER G 251 28.14 -34.57 -57.85
N GLN G 252 27.59 -34.74 -59.05
CA GLN G 252 28.10 -35.69 -60.03
C GLN G 252 28.30 -35.00 -61.38
N GLU G 253 28.67 -33.73 -61.36
CA GLU G 253 28.80 -32.96 -62.59
C GLU G 253 29.93 -33.49 -63.47
N VAL G 254 31.02 -33.96 -62.86
CA VAL G 254 32.20 -34.36 -63.61
C VAL G 254 31.93 -35.57 -64.50
N LEU G 255 30.91 -36.35 -64.22
CA LEU G 255 30.61 -37.55 -64.98
C LEU G 255 29.56 -37.34 -66.06
N THR G 256 29.10 -36.10 -66.28
CA THR G 256 27.94 -35.85 -67.11
C THR G 256 28.21 -34.84 -68.23
N ASP G 257 29.42 -34.81 -68.77
CA ASP G 257 29.67 -34.03 -69.97
C ASP G 257 29.47 -34.92 -71.20
N PHE G 258 29.50 -34.32 -72.38
CA PHE G 258 29.15 -35.11 -73.56
C PHE G 258 30.31 -35.98 -74.04
N ARG G 259 31.44 -35.95 -73.36
CA ARG G 259 32.60 -36.77 -73.69
C ARG G 259 32.80 -37.87 -72.66
N ARG G 260 31.71 -38.36 -72.07
CA ARG G 260 31.80 -39.33 -70.99
C ARG G 260 31.94 -40.76 -71.49
N GLN G 261 31.80 -41.00 -72.79
CA GLN G 261 31.89 -42.35 -73.33
C GLN G 261 33.27 -42.69 -73.85
N ASP G 262 34.22 -41.76 -73.74
CA ASP G 262 35.60 -42.01 -74.16
C ASP G 262 36.56 -41.40 -73.14
N THR G 263 36.31 -41.68 -71.87
CA THR G 263 37.13 -41.18 -70.78
C THR G 263 37.56 -42.33 -69.88
N ILE G 264 38.83 -42.29 -69.45
CA ILE G 264 39.37 -43.26 -68.51
C ILE G 264 39.58 -42.55 -67.18
N TRP G 265 38.84 -42.98 -66.17
CA TRP G 265 38.91 -42.33 -64.85
C TRP G 265 39.97 -43.01 -64.00
N VAL G 266 40.69 -42.21 -63.22
CA VAL G 266 41.67 -42.71 -62.26
C VAL G 266 41.29 -42.19 -60.87
N LEU G 267 41.29 -43.09 -59.89
CA LEU G 267 40.99 -42.75 -58.52
C LEU G 267 42.15 -43.20 -57.64
N ALA G 268 42.69 -42.28 -56.87
CA ALA G 268 43.77 -42.62 -55.96
C ALA G 268 43.28 -43.17 -54.63
N LEU G 269 41.98 -43.06 -54.33
CA LEU G 269 41.44 -43.48 -53.06
C LEU G 269 40.07 -44.12 -53.27
N GLN G 270 39.68 -44.97 -52.32
CA GLN G 270 38.40 -45.64 -52.34
C GLN G 270 37.58 -45.21 -51.13
N LEU G 271 36.26 -45.12 -51.31
CA LEU G 271 35.41 -44.55 -50.27
C LEU G 271 35.01 -45.52 -49.16
N PRO G 272 34.53 -46.76 -49.45
CA PRO G 272 34.11 -47.61 -48.34
C PRO G 272 35.30 -48.05 -47.50
N VAL G 273 35.81 -47.11 -46.69
CA VAL G 273 37.00 -47.36 -45.90
C VAL G 273 36.70 -48.34 -44.78
N ASN G 274 37.60 -49.27 -44.56
CA ASN G 274 37.43 -50.25 -43.49
C ASN G 274 37.68 -49.57 -42.17
N PRO G 275 36.70 -49.50 -41.26
CA PRO G 275 36.93 -48.81 -39.99
C PRO G 275 37.88 -49.55 -39.07
N GLN G 276 38.07 -50.86 -39.28
CA GLN G 276 38.91 -51.64 -38.38
C GLN G 276 40.34 -51.11 -38.37
N VAL G 277 40.86 -50.74 -39.53
CA VAL G 277 42.23 -50.24 -39.62
C VAL G 277 42.39 -48.95 -38.82
N VAL G 278 41.29 -48.21 -38.62
CA VAL G 278 41.37 -47.02 -37.78
C VAL G 278 41.45 -47.41 -36.31
N TRP G 279 40.70 -48.44 -35.90
CA TRP G 279 40.62 -48.81 -34.50
C TRP G 279 41.63 -49.86 -34.09
N ASP G 280 42.49 -50.31 -35.00
CA ASP G 280 43.53 -51.26 -34.65
C ASP G 280 44.76 -50.59 -34.07
N VAL G 281 44.85 -49.26 -34.14
CA VAL G 281 45.98 -48.53 -33.56
C VAL G 281 45.96 -48.73 -32.05
N PRO G 282 47.08 -49.05 -31.41
CA PRO G 282 47.06 -49.38 -29.98
C PRO G 282 46.71 -48.16 -29.14
N ARG G 283 45.68 -48.31 -28.31
CA ARG G 283 45.24 -47.28 -27.36
C ARG G 283 44.93 -45.96 -28.08
N SER G 284 43.93 -45.99 -28.95
CA SER G 284 43.61 -44.86 -29.79
C SER G 284 42.21 -44.31 -29.56
N SER G 285 41.64 -44.56 -28.38
CA SER G 285 40.28 -44.10 -28.11
C SER G 285 40.22 -42.57 -28.01
N ILE G 286 41.15 -41.98 -27.24
CA ILE G 286 41.09 -40.54 -26.99
C ILE G 286 41.39 -39.75 -28.25
N ALA G 287 42.31 -40.26 -29.09
CA ALA G 287 42.59 -39.58 -30.35
C ALA G 287 41.38 -39.60 -31.27
N ASN G 288 40.68 -40.74 -31.33
CA ASN G 288 39.48 -40.83 -32.14
C ASN G 288 38.40 -39.87 -31.64
N LEU G 289 38.25 -39.78 -30.32
CA LEU G 289 37.27 -38.85 -29.77
C LEU G 289 37.61 -37.40 -30.13
N ILE G 290 38.88 -37.02 -30.01
CA ILE G 290 39.28 -35.65 -30.32
C ILE G 290 39.09 -35.37 -31.79
N MET G 291 39.42 -36.33 -32.66
CA MET G 291 39.24 -36.13 -34.09
C MET G 291 37.76 -35.99 -34.44
N ASN G 292 36.90 -36.79 -33.81
CA ASN G 292 35.47 -36.69 -34.07
C ASN G 292 34.94 -35.33 -33.65
N ILE G 293 35.37 -34.84 -32.48
CA ILE G 293 34.95 -33.52 -32.02
C ILE G 293 35.42 -32.44 -32.99
N ALA G 294 36.68 -32.53 -33.42
CA ALA G 294 37.22 -31.49 -34.29
C ALA G 294 36.65 -31.53 -35.69
N THR G 295 36.13 -32.68 -36.13
CA THR G 295 35.64 -32.80 -37.50
C THR G 295 34.14 -32.58 -37.65
N CYS G 296 33.33 -33.08 -36.71
CA CYS G 296 31.89 -33.13 -36.93
C CYS G 296 31.06 -32.36 -35.91
N LEU G 297 31.61 -31.34 -35.29
CA LEU G 297 30.82 -30.68 -34.24
C LEU G 297 30.34 -29.32 -34.73
N PRO G 298 29.06 -29.00 -34.60
CA PRO G 298 28.55 -27.72 -35.07
C PRO G 298 28.67 -26.62 -34.03
N THR G 299 28.28 -25.41 -34.45
CA THR G 299 28.30 -24.24 -33.59
C THR G 299 26.93 -23.56 -33.59
N GLY G 300 26.59 -22.94 -32.47
CA GLY G 300 25.33 -22.26 -32.34
C GLY G 300 25.31 -21.35 -31.13
N GLU G 301 24.11 -20.88 -30.80
CA GLU G 301 23.90 -20.02 -29.65
C GLU G 301 22.96 -20.71 -28.66
N TYR G 302 22.71 -20.05 -27.54
CA TYR G 302 21.85 -20.57 -26.49
C TYR G 302 20.60 -19.71 -26.40
N ILE G 303 19.44 -20.31 -26.63
CA ILE G 303 18.19 -19.59 -26.53
C ILE G 303 17.60 -19.80 -25.14
N ALA G 304 16.73 -18.88 -24.74
CA ALA G 304 16.10 -18.88 -23.44
C ALA G 304 14.59 -19.06 -23.59
N PRO G 305 13.92 -19.62 -22.59
CA PRO G 305 12.47 -19.83 -22.71
C PRO G 305 11.72 -18.50 -22.63
N ASN G 306 10.41 -18.62 -22.78
CA ASN G 306 9.55 -17.45 -22.71
C ASN G 306 9.55 -16.90 -21.29
N PRO G 307 9.82 -15.60 -21.10
CA PRO G 307 9.85 -15.06 -19.74
C PRO G 307 8.53 -15.15 -19.00
N ARG G 308 7.41 -15.31 -19.71
CA ARG G 308 6.11 -15.38 -19.05
C ARG G 308 5.86 -16.70 -18.35
N ILE G 309 6.72 -17.70 -18.54
CA ILE G 309 6.53 -18.98 -17.86
C ILE G 309 6.72 -18.81 -16.36
N SER G 310 7.82 -18.17 -15.95
CA SER G 310 8.11 -18.03 -14.54
C SER G 310 7.24 -16.98 -13.87
N SER G 311 6.80 -15.97 -14.62
CA SER G 311 6.00 -14.90 -14.03
C SER G 311 4.66 -15.43 -13.53
N ILE G 312 4.03 -16.34 -14.28
CA ILE G 312 2.72 -16.84 -13.88
C ILE G 312 2.80 -18.10 -13.03
N THR G 313 3.99 -18.66 -12.84
CA THR G 313 4.10 -19.90 -12.08
C THR G 313 4.96 -19.76 -10.82
N LEU G 314 6.21 -19.34 -10.95
CA LEU G 314 7.06 -19.20 -9.77
C LEU G 314 6.70 -17.95 -8.98
N THR G 315 6.40 -16.85 -9.66
CA THR G 315 6.02 -15.61 -9.02
C THR G 315 4.49 -15.45 -9.07
N GLN G 316 3.80 -16.58 -8.96
CA GLN G 316 2.34 -16.54 -8.91
C GLN G 316 1.86 -15.87 -7.63
N ARG G 317 2.49 -16.19 -6.50
CA ARG G 317 2.22 -15.52 -5.23
C ARG G 317 3.39 -14.62 -4.90
N ILE G 318 3.10 -13.35 -4.61
CA ILE G 318 4.16 -12.39 -4.36
C ILE G 318 4.51 -12.29 -2.89
N THR G 319 3.64 -12.74 -2.00
CA THR G 319 3.88 -12.67 -0.56
C THR G 319 4.63 -13.88 -0.02
N THR G 320 5.06 -14.79 -0.88
CA THR G 320 5.81 -15.97 -0.46
C THR G 320 7.12 -16.02 -1.24
N THR G 321 8.07 -16.77 -0.68
CA THR G 321 9.41 -16.84 -1.25
C THR G 321 9.97 -18.25 -1.03
N GLY G 322 10.25 -18.95 -2.11
CA GLY G 322 10.78 -20.29 -2.03
C GLY G 322 12.16 -20.39 -2.63
N PRO G 323 12.73 -21.60 -2.64
CA PRO G 323 14.06 -21.78 -3.23
C PRO G 323 14.13 -21.44 -4.70
N PHE G 324 13.05 -21.69 -5.46
CA PHE G 324 13.08 -21.44 -6.89
C PHE G 324 13.02 -19.94 -7.20
N ALA G 325 12.24 -19.19 -6.42
CA ALA G 325 11.99 -17.80 -6.73
C ALA G 325 13.22 -16.92 -6.50
N ILE G 326 14.06 -17.27 -5.53
CA ILE G 326 15.24 -16.45 -5.25
C ILE G 326 16.26 -16.58 -6.37
N LEU G 327 16.42 -17.77 -6.93
CA LEU G 327 17.41 -17.99 -7.97
C LEU G 327 16.85 -17.91 -9.38
N THR G 328 15.54 -17.68 -9.52
CA THR G 328 15.04 -17.38 -10.86
C THR G 328 15.46 -16.00 -11.35
N GLY G 329 16.00 -15.16 -10.49
CA GLY G 329 16.46 -13.84 -10.86
C GLY G 329 17.96 -13.67 -10.94
N SER G 330 18.73 -14.76 -10.94
CA SER G 330 20.18 -14.64 -10.99
C SER G 330 20.67 -14.65 -12.43
N THR G 331 21.94 -14.29 -12.60
CA THR G 331 22.58 -14.25 -13.90
C THR G 331 23.91 -15.00 -13.83
N PRO G 332 24.30 -15.67 -14.91
CA PRO G 332 25.52 -16.46 -14.87
C PRO G 332 26.77 -15.67 -15.21
N THR G 333 27.88 -16.10 -14.63
CA THR G 333 29.19 -15.54 -14.94
C THR G 333 29.80 -16.30 -16.11
N ALA G 334 31.06 -16.01 -16.43
CA ALA G 334 31.70 -16.67 -17.55
C ALA G 334 31.97 -18.14 -17.25
N GLN G 335 32.50 -18.43 -16.07
CA GLN G 335 32.84 -19.80 -15.72
C GLN G 335 31.60 -20.69 -15.66
N GLN G 336 30.47 -20.13 -15.24
CA GLN G 336 29.24 -20.91 -15.19
C GLN G 336 28.73 -21.24 -16.60
N LEU G 337 28.89 -20.31 -17.55
CA LEU G 337 28.57 -20.63 -18.94
C LEU G 337 29.50 -21.70 -19.47
N ASN G 338 30.77 -21.66 -19.08
CA ASN G 338 31.70 -22.71 -19.50
C ASN G 338 31.27 -24.07 -18.95
N ASP G 339 30.78 -24.09 -17.71
CA ASP G 339 30.28 -25.33 -17.14
C ASP G 339 29.03 -25.83 -17.88
N VAL G 340 28.17 -24.90 -18.30
CA VAL G 340 27.01 -25.29 -19.10
C VAL G 340 27.44 -25.94 -20.40
N ARG G 341 28.47 -25.36 -21.04
CA ARG G 341 29.02 -25.94 -22.26
C ARG G 341 29.58 -27.33 -21.99
N LYS G 342 30.21 -27.52 -20.84
CA LYS G 342 30.70 -28.85 -20.47
C LYS G 342 29.55 -29.85 -20.36
N ILE G 343 28.44 -29.42 -19.74
CA ILE G 343 27.30 -30.32 -19.60
C ILE G 343 26.76 -30.73 -20.95
N TYR G 344 26.64 -29.76 -21.87
CA TYR G 344 26.10 -30.10 -23.18
C TYR G 344 27.04 -31.01 -23.96
N LEU G 345 28.35 -30.77 -23.86
CA LEU G 345 29.30 -31.65 -24.52
C LEU G 345 29.23 -33.06 -23.96
N ALA G 346 29.04 -33.19 -22.65
CA ALA G 346 28.89 -34.51 -22.05
C ALA G 346 27.62 -35.19 -22.51
N LEU G 347 26.54 -34.43 -22.66
CA LEU G 347 25.29 -35.01 -23.14
C LEU G 347 25.41 -35.53 -24.56
N MET G 348 26.14 -34.80 -25.42
CA MET G 348 26.16 -35.14 -26.83
C MET G 348 27.07 -36.31 -27.16
N PHE G 349 27.82 -36.84 -26.20
CA PHE G 349 28.64 -38.04 -26.39
C PHE G 349 28.26 -39.04 -25.32
N PRO G 350 27.29 -39.91 -25.59
CA PRO G 350 26.81 -40.81 -24.54
C PRO G 350 27.86 -41.84 -24.16
N GLY G 351 28.10 -41.97 -22.86
CA GLY G 351 29.00 -43.00 -22.36
C GLY G 351 30.46 -42.62 -22.36
N GLN G 352 30.91 -41.95 -23.42
CA GLN G 352 32.34 -41.66 -23.54
C GLN G 352 32.77 -40.55 -22.60
N ILE G 353 31.87 -39.64 -22.24
CA ILE G 353 32.18 -38.56 -21.32
C ILE G 353 31.13 -38.54 -20.22
N ILE G 354 31.58 -38.48 -18.97
CA ILE G 354 30.69 -38.46 -17.81
C ILE G 354 31.01 -37.23 -16.98
N LEU G 355 30.12 -36.92 -16.02
CA LEU G 355 30.19 -35.70 -15.25
C LEU G 355 30.34 -35.98 -13.77
N ASP G 356 30.86 -34.98 -13.05
CA ASP G 356 30.99 -35.05 -11.60
C ASP G 356 30.83 -33.65 -11.03
N LEU G 357 30.44 -33.60 -9.76
CA LEU G 357 30.19 -32.34 -9.07
C LEU G 357 31.45 -31.85 -8.37
N LYS G 358 31.63 -30.54 -8.36
CA LYS G 358 32.82 -29.93 -7.81
C LYS G 358 32.44 -28.67 -7.05
N ILE G 359 33.08 -28.45 -5.90
CA ILE G 359 32.92 -27.23 -5.12
C ILE G 359 34.24 -26.48 -5.13
N ASP G 360 34.17 -25.18 -5.44
CA ASP G 360 35.41 -24.37 -5.56
C ASP G 360 35.90 -23.97 -4.16
N PRO G 361 37.15 -24.29 -3.80
CA PRO G 361 37.67 -23.97 -2.46
C PRO G 361 37.56 -22.49 -2.15
N GLY G 362 37.02 -22.18 -0.97
CA GLY G 362 36.86 -20.81 -0.54
C GLY G 362 35.44 -20.27 -0.62
N GLU G 363 34.53 -20.98 -1.28
CA GLU G 363 33.15 -20.53 -1.39
C GLU G 363 32.22 -21.47 -0.62
N ARG G 364 31.07 -20.93 -0.23
CA ARG G 364 30.14 -21.63 0.63
C ARG G 364 29.13 -22.41 -0.21
N MET G 365 28.13 -23.00 0.46
CA MET G 365 27.10 -23.78 -0.17
C MET G 365 25.74 -23.16 0.12
N ASP G 366 24.92 -22.99 -0.92
CA ASP G 366 23.58 -22.44 -0.78
C ASP G 366 22.58 -23.58 -0.86
N PRO G 367 21.75 -23.78 0.17
CA PRO G 367 20.81 -24.91 0.14
C PRO G 367 19.79 -24.83 -0.98
N ALA G 368 19.39 -23.61 -1.38
CA ALA G 368 18.42 -23.47 -2.46
C ALA G 368 18.98 -24.01 -3.77
N VAL G 369 20.24 -23.71 -4.06
CA VAL G 369 20.88 -24.22 -5.26
C VAL G 369 20.93 -25.74 -5.21
N ARG G 370 21.24 -26.31 -4.05
CA ARG G 370 21.30 -27.75 -3.92
C ARG G 370 19.94 -28.39 -4.16
N MET G 371 18.88 -27.80 -3.60
CA MET G 371 17.54 -28.35 -3.82
C MET G 371 17.13 -28.28 -5.28
N VAL G 372 17.36 -27.12 -5.92
CA VAL G 372 16.98 -26.95 -7.31
C VAL G 372 17.75 -27.92 -8.21
N ALA G 373 19.06 -28.08 -7.96
CA ALA G 373 19.84 -29.02 -8.74
C ALA G 373 19.35 -30.45 -8.53
N GLY G 374 18.99 -30.80 -7.29
CA GLY G 374 18.44 -32.12 -7.03
C GLY G 374 17.16 -32.38 -7.78
N VAL G 375 16.32 -31.37 -7.93
CA VAL G 375 15.10 -31.53 -8.74
C VAL G 375 15.42 -31.69 -10.21
N VAL G 376 16.29 -30.85 -10.77
CA VAL G 376 16.43 -30.83 -12.23
C VAL G 376 17.35 -31.95 -12.73
N GLY G 377 18.22 -32.48 -11.87
CA GLY G 377 19.17 -33.48 -12.32
C GLY G 377 18.52 -34.76 -12.76
N HIS G 378 17.44 -35.16 -12.09
CA HIS G 378 16.76 -36.39 -12.47
C HIS G 378 16.09 -36.27 -13.83
N LEU G 379 15.59 -35.08 -14.16
CA LEU G 379 14.95 -34.86 -15.45
C LEU G 379 15.95 -34.56 -16.57
N LEU G 380 17.19 -34.21 -16.24
CA LEU G 380 18.12 -33.81 -17.28
C LEU G 380 19.11 -34.90 -17.69
N PHE G 381 19.47 -35.82 -16.80
CA PHE G 381 20.52 -36.79 -17.07
C PHE G 381 19.96 -38.20 -17.14
N THR G 382 20.83 -39.13 -17.54
CA THR G 382 20.46 -40.53 -17.73
C THR G 382 21.46 -41.41 -17.00
N ALA G 383 20.96 -42.40 -16.26
CA ALA G 383 21.79 -43.41 -15.62
C ALA G 383 21.17 -44.78 -15.79
N GLY G 384 20.69 -45.07 -17.00
CA GLY G 384 19.89 -46.24 -17.25
C GLY G 384 20.70 -47.51 -17.36
N GLY G 385 20.06 -48.54 -17.90
CA GLY G 385 20.65 -49.85 -18.07
C GLY G 385 21.42 -50.05 -19.35
N ARG G 386 21.58 -49.00 -20.16
CA ARG G 386 22.35 -49.09 -21.40
C ARG G 386 23.60 -48.22 -21.37
N PHE G 387 23.49 -47.00 -20.87
CA PHE G 387 24.64 -46.10 -20.74
C PHE G 387 24.35 -45.09 -19.64
N THR G 388 25.39 -44.40 -19.21
CA THR G 388 25.28 -43.44 -18.13
C THR G 388 25.92 -42.11 -18.53
N ASN G 389 25.41 -41.04 -17.94
CA ASN G 389 25.98 -39.72 -18.08
C ASN G 389 26.65 -39.23 -16.80
N LEU G 390 26.49 -39.95 -15.70
CA LEU G 390 26.94 -39.50 -14.39
C LEU G 390 27.76 -40.61 -13.74
N THR G 391 28.67 -40.19 -12.86
CA THR G 391 29.33 -41.12 -11.97
C THR G 391 28.40 -41.49 -10.81
N GLN G 392 28.78 -42.54 -10.07
CA GLN G 392 27.93 -43.00 -8.98
C GLN G 392 27.83 -41.97 -7.87
N ASN G 393 28.92 -41.27 -7.58
CA ASN G 393 28.93 -40.27 -6.53
C ASN G 393 27.96 -39.13 -6.83
N MET G 394 27.94 -38.68 -8.09
CA MET G 394 27.04 -37.59 -8.47
C MET G 394 25.58 -38.03 -8.35
N ALA G 395 25.28 -39.26 -8.74
CA ALA G 395 23.92 -39.77 -8.59
C ALA G 395 23.51 -39.83 -7.13
N ARG G 396 24.41 -40.28 -6.25
CA ARG G 396 24.09 -40.34 -4.83
C ARG G 396 23.84 -38.94 -4.26
N GLN G 397 24.69 -37.98 -4.64
CA GLN G 397 24.50 -36.62 -4.13
C GLN G 397 23.20 -36.01 -4.63
N LEU G 398 22.83 -36.28 -5.89
CA LEU G 398 21.57 -35.77 -6.41
C LEU G 398 20.38 -36.40 -5.70
N ASP G 399 20.46 -37.69 -5.39
CA ASP G 399 19.40 -38.34 -4.62
C ASP G 399 19.24 -37.72 -3.24
N ILE G 400 20.37 -37.43 -2.57
CA ILE G 400 20.31 -36.81 -1.26
C ILE G 400 19.69 -35.42 -1.36
N ALA G 401 20.04 -34.66 -2.40
CA ALA G 401 19.47 -33.33 -2.59
C ALA G 401 17.97 -33.40 -2.82
N LEU G 402 17.51 -34.36 -3.61
CA LEU G 402 16.08 -34.53 -3.83
C LEU G 402 15.36 -34.88 -2.53
N ASN G 403 15.96 -35.75 -1.72
CA ASN G 403 15.38 -36.06 -0.41
C ASN G 403 15.28 -34.81 0.44
N ASP G 404 16.31 -33.97 0.43
CA ASP G 404 16.28 -32.76 1.23
C ASP G 404 15.21 -31.80 0.76
N TYR G 405 14.97 -31.75 -0.56
CA TYR G 405 13.96 -30.82 -1.05
C TYR G 405 12.54 -31.31 -0.78
N LEU G 406 12.30 -32.62 -0.85
CA LEU G 406 10.95 -33.12 -0.68
C LEU G 406 10.43 -32.90 0.74
N LEU G 407 11.30 -32.92 1.75
CA LEU G 407 10.88 -32.74 3.13
C LEU G 407 11.01 -31.29 3.59
N TYR G 408 10.86 -30.34 2.69
CA TYR G 408 11.03 -28.93 2.99
C TYR G 408 9.68 -28.27 3.13
N MET G 409 9.42 -27.68 4.30
CA MET G 409 8.18 -26.96 4.59
C MET G 409 6.95 -27.84 4.37
N TYR G 410 6.97 -29.03 4.96
CA TYR G 410 5.83 -29.92 4.92
C TYR G 410 5.12 -29.91 6.27
N ASN G 411 3.85 -30.27 6.26
CA ASN G 411 3.01 -30.21 7.45
C ASN G 411 2.27 -31.53 7.59
N THR G 412 1.39 -31.58 8.59
CA THR G 412 0.69 -32.82 8.93
C THR G 412 -0.30 -33.23 7.85
N ARG G 413 -0.75 -32.27 7.02
CA ARG G 413 -1.70 -32.59 5.96
C ARG G 413 -1.14 -33.63 5.00
N VAL G 414 0.06 -33.40 4.49
CA VAL G 414 0.73 -34.38 3.64
C VAL G 414 1.35 -35.43 4.57
N GLN G 415 0.78 -36.63 4.56
CA GLN G 415 1.24 -37.67 5.46
C GLN G 415 2.58 -38.21 4.99
N VAL G 416 3.47 -38.50 5.95
CA VAL G 416 4.80 -39.03 5.67
C VAL G 416 4.98 -40.29 6.50
N ASN G 417 5.20 -41.42 5.84
CA ASN G 417 5.47 -42.68 6.52
C ASN G 417 6.90 -43.08 6.20
N TYR G 418 7.76 -43.10 7.23
CA TYR G 418 9.15 -43.46 7.04
C TYR G 418 9.31 -44.97 6.98
N GLY G 419 10.33 -45.40 6.25
CA GLY G 419 10.66 -46.80 6.14
C GLY G 419 11.64 -47.23 7.21
N PRO G 420 12.02 -48.50 7.20
CA PRO G 420 12.92 -49.01 8.24
C PRO G 420 14.40 -48.76 7.98
N THR G 421 14.79 -48.62 6.71
CA THR G 421 16.21 -48.59 6.38
C THR G 421 16.86 -47.27 6.77
N GLY G 422 16.16 -46.16 6.57
CA GLY G 422 16.74 -44.86 6.82
C GLY G 422 17.55 -44.28 5.67
N GLU G 423 17.63 -44.98 4.55
CA GLU G 423 18.30 -44.45 3.38
C GLU G 423 17.50 -43.30 2.78
N PRO G 424 18.13 -42.46 1.97
CA PRO G 424 17.39 -41.34 1.35
C PRO G 424 16.24 -41.83 0.48
N LEU G 425 15.16 -41.06 0.49
CA LEU G 425 13.96 -41.35 -0.29
C LEU G 425 13.39 -42.72 0.04
N ASP G 426 13.19 -42.97 1.34
CA ASP G 426 12.62 -44.23 1.79
C ASP G 426 11.33 -43.98 2.55
N PHE G 427 10.46 -43.14 2.01
CA PHE G 427 9.22 -42.80 2.67
C PHE G 427 8.07 -42.83 1.67
N GLN G 428 6.87 -42.98 2.20
CA GLN G 428 5.64 -42.87 1.43
C GLN G 428 4.99 -41.53 1.76
N ILE G 429 4.59 -40.80 0.73
CA ILE G 429 4.09 -39.44 0.88
C ILE G 429 2.75 -39.31 0.20
N GLY G 430 1.99 -38.30 0.62
CA GLY G 430 0.71 -37.98 0.01
C GLY G 430 -0.44 -38.77 0.61
N ARG G 431 -1.65 -38.32 0.27
CA ARG G 431 -2.85 -39.02 0.74
C ARG G 431 -3.00 -40.37 0.04
N ASN G 432 -2.54 -40.47 -1.19
CA ASN G 432 -2.63 -41.73 -1.94
C ASN G 432 -1.41 -42.63 -1.72
N GLN G 433 -0.46 -42.21 -0.88
CA GLN G 433 0.70 -43.02 -0.53
C GLN G 433 1.53 -43.38 -1.75
N TYR G 434 2.10 -42.34 -2.37
CA TYR G 434 3.00 -42.53 -3.50
C TYR G 434 4.37 -42.96 -3.00
N ASP G 435 4.82 -44.14 -3.44
CA ASP G 435 6.09 -44.67 -2.99
C ASP G 435 7.25 -43.96 -3.68
N CYS G 436 8.18 -43.43 -2.89
CA CYS G 436 9.29 -42.64 -3.41
C CYS G 436 10.59 -43.42 -3.49
N ASN G 437 10.58 -44.72 -3.19
CA ASN G 437 11.79 -45.51 -3.30
C ASN G 437 12.26 -45.68 -4.74
N VAL G 438 11.36 -45.50 -5.70
CA VAL G 438 11.71 -45.73 -7.10
C VAL G 438 12.60 -44.65 -7.67
N PHE G 439 12.80 -43.54 -6.96
CA PHE G 439 13.65 -42.47 -7.43
C PHE G 439 15.09 -42.60 -6.98
N ARG G 440 15.42 -43.63 -6.21
CA ARG G 440 16.80 -43.88 -5.82
C ARG G 440 17.56 -44.49 -6.98
N ALA G 441 18.81 -44.06 -7.16
CA ALA G 441 19.59 -44.48 -8.31
C ALA G 441 19.92 -45.96 -8.24
N ASP G 442 19.81 -46.63 -9.39
CA ASP G 442 20.17 -48.04 -9.52
C ASP G 442 20.70 -48.24 -10.93
N PHE G 443 21.91 -48.76 -11.05
CA PHE G 443 22.56 -48.87 -12.35
C PHE G 443 22.29 -50.20 -13.02
N ALA G 444 21.72 -51.18 -12.32
CA ALA G 444 21.34 -52.43 -12.97
C ALA G 444 20.22 -52.20 -13.96
N THR G 445 19.17 -51.51 -13.54
CA THR G 445 18.09 -51.10 -14.43
C THR G 445 17.74 -49.65 -14.14
N GLY G 446 17.39 -48.91 -15.17
CA GLY G 446 17.14 -47.50 -15.02
C GLY G 446 15.91 -47.17 -14.20
N THR G 447 16.10 -46.48 -13.08
CA THR G 447 15.01 -45.96 -12.27
C THR G 447 15.33 -44.54 -11.87
N GLY G 448 14.32 -43.68 -11.91
CA GLY G 448 14.47 -42.31 -11.46
C GLY G 448 15.20 -41.40 -12.42
N TYR G 449 15.51 -41.85 -13.63
CA TYR G 449 16.17 -41.00 -14.62
C TYR G 449 15.51 -41.24 -15.96
N ASN G 450 16.12 -40.72 -17.03
CA ASN G 450 15.46 -40.72 -18.33
C ASN G 450 15.28 -42.12 -18.89
N GLY G 451 16.17 -43.05 -18.55
CA GLY G 451 16.04 -44.39 -19.08
C GLY G 451 15.26 -45.33 -18.20
N TRP G 452 14.07 -44.92 -17.77
CA TRP G 452 13.29 -45.74 -16.85
C TRP G 452 12.63 -46.91 -17.56
N ALA G 453 11.72 -46.63 -18.49
CA ALA G 453 11.02 -47.67 -19.20
C ALA G 453 11.04 -47.48 -20.71
N THR G 454 11.79 -46.50 -21.21
CA THR G 454 11.87 -46.26 -22.64
C THR G 454 12.95 -47.14 -23.26
N ILE G 455 12.99 -47.12 -24.59
CA ILE G 455 14.02 -47.82 -25.36
C ILE G 455 14.96 -46.76 -25.89
N ASP G 456 16.14 -46.64 -25.30
CA ASP G 456 17.05 -45.56 -25.63
C ASP G 456 18.09 -45.91 -26.70
N VAL G 457 18.16 -47.17 -27.14
CA VAL G 457 19.00 -47.55 -28.26
C VAL G 457 18.22 -48.48 -29.18
N GLU G 458 18.37 -48.29 -30.48
CA GLU G 458 17.62 -49.05 -31.47
C GLU G 458 18.54 -49.50 -32.59
N TYR G 459 18.22 -50.64 -33.19
CA TYR G 459 18.97 -51.19 -34.30
C TYR G 459 18.06 -51.36 -35.51
N ARG G 460 18.55 -50.91 -36.67
CA ARG G 460 17.74 -50.83 -37.88
C ARG G 460 18.61 -51.27 -39.06
N GLU G 461 18.18 -50.86 -40.27
CA GLU G 461 18.86 -51.24 -41.50
C GLU G 461 20.31 -50.74 -41.50
N PRO G 462 21.18 -51.37 -42.30
CA PRO G 462 22.62 -51.07 -42.21
C PRO G 462 22.95 -49.61 -42.46
N ALA G 463 23.93 -49.12 -41.72
CA ALA G 463 24.38 -47.74 -41.77
C ALA G 463 25.52 -47.59 -42.77
N PRO G 464 25.88 -46.35 -43.13
CA PRO G 464 27.06 -46.16 -43.99
C PRO G 464 28.34 -46.73 -43.42
N TYR G 465 28.54 -46.64 -42.11
CA TYR G 465 29.70 -47.24 -41.46
C TYR G 465 29.27 -48.51 -40.74
N VAL G 466 29.92 -49.63 -41.06
CA VAL G 466 29.43 -50.92 -40.58
C VAL G 466 29.80 -51.21 -39.14
N HIS G 467 30.67 -50.40 -38.53
CA HIS G 467 31.08 -50.71 -37.16
C HIS G 467 30.13 -50.12 -36.12
N ALA G 468 29.45 -49.02 -36.45
CA ALA G 468 28.52 -48.38 -35.53
C ALA G 468 27.16 -48.29 -36.20
N GLN G 469 26.20 -49.07 -35.71
CA GLN G 469 24.88 -49.17 -36.29
C GLN G 469 23.80 -48.98 -35.23
N ARG G 470 23.95 -47.95 -34.42
CA ARG G 470 23.04 -47.69 -33.32
C ARG G 470 22.41 -46.31 -33.48
N TYR G 471 21.21 -46.15 -32.92
CA TYR G 471 20.51 -44.88 -32.88
C TYR G 471 20.23 -44.54 -31.43
N ILE G 472 20.53 -43.31 -31.04
CA ILE G 472 20.31 -42.87 -29.67
C ILE G 472 18.97 -42.16 -29.59
N ARG G 473 17.99 -42.81 -28.96
CA ARG G 473 16.65 -42.24 -28.82
C ARG G 473 16.44 -41.69 -27.42
N TYR G 474 16.92 -40.47 -27.17
CA TYR G 474 16.64 -39.80 -25.91
C TYR G 474 15.15 -39.53 -25.79
N CYS G 475 14.56 -39.93 -24.65
CA CYS G 475 13.15 -39.73 -24.35
C CYS G 475 12.23 -40.33 -25.40
N GLY G 476 12.70 -41.33 -26.14
CA GLY G 476 11.87 -41.96 -27.14
C GLY G 476 11.53 -41.10 -28.34
N ILE G 477 12.31 -40.06 -28.59
CA ILE G 477 12.04 -39.14 -29.70
C ILE G 477 12.75 -39.64 -30.94
N ASP G 478 12.01 -39.75 -32.04
CA ASP G 478 12.58 -40.21 -33.30
C ASP G 478 13.30 -39.05 -34.01
N SER G 479 14.45 -39.36 -34.57
CA SER G 479 15.28 -38.36 -35.24
C SER G 479 15.05 -38.30 -36.74
N ARG G 480 14.09 -39.08 -37.27
CA ARG G 480 13.89 -39.12 -38.71
C ARG G 480 13.29 -37.82 -39.24
N GLU G 481 12.41 -37.19 -38.47
CA GLU G 481 11.62 -36.07 -38.96
C GLU G 481 12.19 -34.74 -38.49
N LEU G 482 12.05 -33.73 -39.34
CA LEU G 482 12.41 -32.37 -38.97
C LEU G 482 11.39 -31.81 -37.99
N ILE G 483 11.80 -30.79 -37.24
CA ILE G 483 10.94 -30.21 -36.22
C ILE G 483 10.81 -28.72 -36.45
N ASN G 484 9.63 -28.19 -36.08
CA ASN G 484 9.42 -26.76 -36.01
C ASN G 484 9.55 -26.34 -34.55
N PRO G 485 10.54 -25.53 -34.19
CA PRO G 485 10.74 -25.22 -32.77
C PRO G 485 9.59 -24.49 -32.12
N THR G 486 8.74 -23.81 -32.89
CA THR G 486 7.63 -23.08 -32.29
C THR G 486 6.58 -24.03 -31.72
N THR G 487 6.16 -25.03 -32.50
CA THR G 487 5.10 -25.96 -32.09
C THR G 487 5.60 -27.38 -32.29
N TYR G 488 6.32 -27.92 -31.31
CA TYR G 488 6.74 -29.31 -31.42
C TYR G 488 6.23 -30.18 -30.28
N GLY G 489 6.50 -29.79 -29.03
CA GLY G 489 6.23 -30.67 -27.92
C GLY G 489 4.93 -30.38 -27.21
N ILE G 490 3.87 -30.12 -27.97
CA ILE G 490 2.60 -29.69 -27.38
C ILE G 490 1.97 -30.81 -26.56
N GLY G 491 1.95 -32.02 -27.09
CA GLY G 491 1.27 -33.11 -26.40
C GLY G 491 2.07 -34.37 -26.21
N MET G 492 3.37 -34.24 -25.97
CA MET G 492 4.27 -35.38 -25.88
C MET G 492 4.87 -35.46 -24.48
N THR G 493 4.80 -36.63 -23.87
CA THR G 493 5.42 -36.91 -22.58
C THR G 493 6.16 -38.23 -22.65
N TYR G 494 6.98 -38.47 -21.63
CA TYR G 494 7.58 -39.78 -21.41
C TYR G 494 7.45 -40.16 -19.93
N HIS G 495 7.96 -41.34 -19.60
CA HIS G 495 7.60 -41.98 -18.33
C HIS G 495 8.15 -41.22 -17.14
N CYS G 496 9.44 -40.90 -17.16
CA CYS G 496 10.08 -40.30 -15.99
C CYS G 496 9.51 -38.92 -15.67
N TYR G 497 9.26 -38.11 -16.71
CA TYR G 497 8.70 -36.78 -16.49
C TYR G 497 7.32 -36.87 -15.87
N ASN G 498 6.49 -37.78 -16.37
CA ASN G 498 5.14 -37.93 -15.83
C ASN G 498 5.18 -38.39 -14.38
N GLU G 499 6.07 -39.35 -14.07
CA GLU G 499 6.17 -39.81 -12.69
C GLU G 499 6.67 -38.71 -11.76
N MET G 500 7.63 -37.92 -12.22
CA MET G 500 8.12 -36.82 -11.39
C MET G 500 7.03 -35.79 -11.14
N LEU G 501 6.23 -35.49 -12.16
CA LEU G 501 5.11 -34.57 -11.98
C LEU G 501 4.11 -35.12 -10.96
N ARG G 502 3.80 -36.41 -11.05
CA ARG G 502 2.87 -37.02 -10.10
C ARG G 502 3.41 -36.94 -8.67
N MET G 503 4.71 -37.23 -8.50
CA MET G 503 5.29 -37.17 -7.17
C MET G 503 5.30 -35.75 -6.62
N LEU G 504 5.61 -34.77 -7.47
CA LEU G 504 5.61 -33.38 -7.01
C LEU G 504 4.22 -32.93 -6.60
N VAL G 505 3.19 -33.35 -7.35
CA VAL G 505 1.82 -33.01 -6.95
C VAL G 505 1.47 -33.68 -5.63
N ALA G 506 1.86 -34.95 -5.46
CA ALA G 506 1.53 -35.66 -4.23
C ALA G 506 2.26 -35.10 -3.01
N ALA G 507 3.33 -34.34 -3.21
CA ALA G 507 4.09 -33.79 -2.09
C ALA G 507 3.68 -32.37 -1.74
N GLY G 508 2.71 -31.80 -2.42
CA GLY G 508 2.23 -30.47 -2.10
C GLY G 508 2.97 -29.32 -2.73
N LYS G 509 3.81 -29.56 -3.72
CA LYS G 509 4.51 -28.49 -4.44
C LYS G 509 3.77 -28.22 -5.74
N ASP G 510 2.73 -27.39 -5.65
CA ASP G 510 1.89 -27.13 -6.82
C ASP G 510 2.57 -26.24 -7.83
N SER G 511 3.24 -25.19 -7.36
CA SER G 511 3.87 -24.24 -8.27
C SER G 511 4.96 -24.91 -9.10
N GLU G 512 5.78 -25.75 -8.47
CA GLU G 512 6.85 -26.43 -9.20
C GLU G 512 6.29 -27.39 -10.24
N ALA G 513 5.23 -28.12 -9.89
CA ALA G 513 4.61 -29.02 -10.84
C ALA G 513 4.06 -28.26 -12.03
N ALA G 514 3.41 -27.12 -11.78
CA ALA G 514 2.90 -26.32 -12.88
C ALA G 514 4.04 -25.79 -13.75
N TYR G 515 5.15 -25.39 -13.13
CA TYR G 515 6.28 -24.87 -13.89
C TYR G 515 6.87 -25.93 -14.81
N PHE G 516 7.04 -27.15 -14.29
CA PHE G 516 7.59 -28.21 -15.12
C PHE G 516 6.61 -28.61 -16.22
N ARG G 517 5.31 -28.64 -15.91
CA ARG G 517 4.32 -28.94 -16.93
C ARG G 517 4.31 -27.90 -18.04
N SER G 518 4.56 -26.64 -17.69
CA SER G 518 4.63 -25.60 -18.71
C SER G 518 5.95 -25.65 -19.49
N MET G 519 7.04 -26.10 -18.86
CA MET G 519 8.34 -26.12 -19.52
C MET G 519 8.62 -27.41 -20.27
N LEU G 520 7.71 -28.39 -20.22
CA LEU G 520 7.90 -29.64 -20.96
C LEU G 520 8.19 -29.48 -22.45
N PRO G 521 7.48 -28.66 -23.24
CA PRO G 521 7.83 -28.56 -24.67
C PRO G 521 9.23 -28.05 -24.94
N PHE G 522 9.74 -27.15 -24.10
CA PHE G 522 11.13 -26.70 -24.23
C PHE G 522 12.08 -27.88 -24.06
N HIS G 523 11.81 -28.73 -23.08
CA HIS G 523 12.62 -29.92 -22.86
C HIS G 523 12.59 -30.85 -24.07
N MET G 524 11.41 -31.07 -24.63
CA MET G 524 11.29 -31.96 -25.79
C MET G 524 12.04 -31.40 -26.99
N VAL G 525 11.95 -30.09 -27.21
CA VAL G 525 12.68 -29.47 -28.32
C VAL G 525 14.18 -29.62 -28.13
N ARG G 526 14.67 -29.36 -26.91
CA ARG G 526 16.10 -29.50 -26.63
C ARG G 526 16.58 -30.91 -26.94
N PHE G 527 15.85 -31.91 -26.46
CA PHE G 527 16.34 -33.27 -26.64
C PHE G 527 16.16 -33.74 -28.07
N ALA G 528 15.19 -33.22 -28.80
CA ALA G 528 15.10 -33.51 -30.23
C ALA G 528 16.32 -32.97 -30.97
N ARG G 529 16.74 -31.75 -30.63
CA ARG G 529 17.94 -31.19 -31.24
C ARG G 529 19.16 -32.04 -30.93
N ILE G 530 19.30 -32.49 -29.68
CA ILE G 530 20.45 -33.31 -29.31
C ILE G 530 20.42 -34.64 -30.07
N ASN G 531 19.24 -35.25 -30.18
CA ASN G 531 19.14 -36.52 -30.91
C ASN G 531 19.53 -36.35 -32.37
N GLN G 532 19.05 -35.28 -33.01
CA GLN G 532 19.39 -35.05 -34.40
C GLN G 532 20.90 -34.82 -34.57
N ILE G 533 21.50 -34.05 -33.67
CA ILE G 533 22.93 -33.80 -33.74
C ILE G 533 23.71 -35.10 -33.61
N ILE G 534 23.30 -35.95 -32.67
CA ILE G 534 24.04 -37.20 -32.44
C ILE G 534 23.91 -38.14 -33.63
N ASN G 535 22.68 -38.31 -34.14
CA ASN G 535 22.45 -39.34 -35.16
C ASN G 535 22.74 -38.89 -36.58
N GLU G 536 22.85 -37.59 -36.84
CA GLU G 536 23.02 -37.13 -38.21
C GLU G 536 24.26 -36.28 -38.43
N ASP G 537 25.06 -36.03 -37.40
CA ASP G 537 26.28 -35.24 -37.55
C ASP G 537 27.51 -35.94 -37.02
N LEU G 538 27.39 -36.68 -35.92
CA LEU G 538 28.53 -37.30 -35.25
C LEU G 538 28.73 -38.74 -35.69
N HIS G 539 28.43 -39.05 -36.95
CA HIS G 539 28.59 -40.39 -37.50
C HIS G 539 29.84 -40.42 -38.35
N SER G 540 30.84 -41.18 -37.92
CA SER G 540 32.12 -41.27 -38.62
C SER G 540 32.81 -42.55 -38.20
N VAL G 541 33.97 -42.82 -38.83
CA VAL G 541 34.79 -43.94 -38.38
C VAL G 541 35.36 -43.69 -37.00
N PHE G 542 35.43 -42.42 -36.57
CA PHE G 542 35.92 -42.11 -35.25
C PHE G 542 34.90 -42.41 -34.15
N SER G 543 33.65 -42.71 -34.52
CA SER G 543 32.66 -43.09 -33.53
C SER G 543 32.98 -44.46 -32.96
N LEU G 544 32.64 -44.64 -31.69
CA LEU G 544 33.01 -45.86 -30.98
C LEU G 544 32.22 -47.05 -31.52
N PRO G 545 32.86 -48.20 -31.72
CA PRO G 545 32.14 -49.37 -32.21
C PRO G 545 31.13 -49.89 -31.19
N ASP G 546 30.20 -50.70 -31.69
CA ASP G 546 29.05 -51.10 -30.88
C ASP G 546 29.47 -52.01 -29.71
N ASP G 547 30.41 -52.91 -29.95
CA ASP G 547 30.78 -53.87 -28.90
C ASP G 547 31.45 -53.18 -27.72
N MET G 548 32.19 -52.10 -27.96
CA MET G 548 32.77 -51.33 -26.87
C MET G 548 31.72 -50.46 -26.18
N PHE G 549 30.79 -49.92 -26.97
CA PHE G 549 29.72 -49.10 -26.40
C PHE G 549 28.85 -49.92 -25.46
N ASN G 550 28.55 -51.16 -25.82
CA ASN G 550 27.73 -51.99 -24.95
C ASN G 550 28.47 -52.40 -23.68
N ALA G 551 29.79 -52.44 -23.73
CA ALA G 551 30.60 -52.85 -22.58
C ALA G 551 31.07 -51.71 -21.72
N LEU G 552 30.85 -50.46 -22.14
CA LEU G 552 31.23 -49.32 -21.31
C LEU G 552 30.56 -49.36 -19.94
N LEU G 553 29.23 -49.53 -19.91
CA LEU G 553 28.52 -49.49 -18.62
C LEU G 553 28.88 -50.64 -17.69
N PRO G 554 28.91 -51.91 -18.10
CA PRO G 554 29.28 -52.96 -17.15
C PRO G 554 30.68 -52.82 -16.59
N ASP G 555 31.59 -52.19 -17.33
CA ASP G 555 32.93 -51.96 -16.80
C ASP G 555 32.91 -50.92 -15.69
N LEU G 556 32.04 -49.93 -15.79
CA LEU G 556 32.00 -48.86 -14.80
C LEU G 556 31.54 -49.38 -13.44
N ILE G 557 30.54 -50.26 -13.42
CA ILE G 557 30.02 -50.76 -12.15
C ILE G 557 30.84 -51.90 -11.58
N ALA G 558 31.85 -52.38 -12.29
CA ALA G 558 32.69 -53.47 -11.82
C ALA G 558 34.10 -53.02 -11.45
N GLY G 559 34.43 -51.75 -11.67
CA GLY G 559 35.76 -51.25 -11.34
C GLY G 559 36.88 -51.87 -12.14
N ALA G 560 36.66 -52.10 -13.44
CA ALA G 560 37.67 -52.69 -14.31
C ALA G 560 38.18 -51.61 -15.26
N HIS G 561 39.50 -51.52 -15.38
CA HIS G 561 40.14 -50.50 -16.21
C HIS G 561 41.07 -51.13 -17.24
N GLN G 562 40.66 -52.27 -17.79
CA GLN G 562 41.44 -52.96 -18.81
C GLN G 562 41.14 -52.45 -20.21
N ASN G 563 40.26 -51.47 -20.36
CA ASN G 563 39.92 -50.92 -21.66
C ASN G 563 39.92 -49.40 -21.59
N ALA G 564 39.37 -48.76 -22.63
CA ALA G 564 39.31 -47.30 -22.65
C ALA G 564 38.45 -46.78 -21.51
N ASP G 565 38.94 -45.78 -20.81
CA ASP G 565 38.15 -45.25 -19.72
C ASP G 565 37.54 -43.92 -20.11
N PRO G 566 36.34 -43.62 -19.62
CA PRO G 566 35.68 -42.37 -19.99
C PRO G 566 36.37 -41.16 -19.41
N VAL G 567 36.19 -40.03 -20.08
CA VAL G 567 36.72 -38.74 -19.64
C VAL G 567 35.73 -38.11 -18.67
N VAL G 568 36.23 -37.65 -17.53
CA VAL G 568 35.41 -37.09 -16.47
C VAL G 568 35.60 -35.57 -16.44
N LEU G 569 34.49 -34.84 -16.36
CA LEU G 569 34.50 -33.39 -16.28
C LEU G 569 33.76 -32.93 -15.03
N ASP G 570 34.15 -31.77 -14.51
CA ASP G 570 33.61 -31.24 -13.27
C ASP G 570 32.77 -30.00 -13.53
N VAL G 571 31.61 -29.93 -12.88
CA VAL G 571 30.69 -28.81 -13.01
C VAL G 571 30.24 -28.38 -11.63
N SER G 572 29.67 -27.18 -11.56
CA SER G 572 29.16 -26.63 -10.32
C SER G 572 27.67 -26.93 -10.16
N TRP G 573 27.14 -26.57 -9.00
CA TRP G 573 25.74 -26.89 -8.70
C TRP G 573 24.78 -26.01 -9.50
N ILE G 574 25.04 -24.70 -9.54
CA ILE G 574 24.14 -23.77 -10.22
C ILE G 574 24.20 -23.95 -11.74
N SER G 575 25.25 -24.61 -12.23
CA SER G 575 25.36 -24.87 -13.66
C SER G 575 24.24 -25.79 -14.13
N LEU G 576 23.73 -26.65 -13.27
CA LEU G 576 22.62 -27.52 -13.65
C LEU G 576 21.36 -26.70 -13.93
N TRP G 577 21.04 -25.75 -13.05
CA TRP G 577 19.88 -24.89 -13.28
C TRP G 577 20.08 -24.04 -14.53
N PHE G 578 21.28 -23.49 -14.71
CA PHE G 578 21.53 -22.67 -15.89
C PHE G 578 21.41 -23.49 -17.17
N ALA G 579 21.91 -24.73 -17.16
CA ALA G 579 21.79 -25.59 -18.34
C ALA G 579 20.34 -26.00 -18.59
N PHE G 580 19.56 -26.18 -17.52
CA PHE G 580 18.14 -26.47 -17.72
C PHE G 580 17.42 -25.31 -18.35
N ASN G 581 17.87 -24.07 -18.09
CA ASN G 581 17.21 -22.90 -18.65
C ASN G 581 17.83 -22.41 -19.95
N ARG G 582 18.72 -23.19 -20.57
CA ARG G 582 19.31 -22.79 -21.85
C ARG G 582 19.26 -24.01 -22.78
N SER G 583 18.81 -23.79 -24.01
CA SER G 583 18.81 -24.83 -25.03
C SER G 583 19.82 -24.51 -26.12
N PHE G 584 20.42 -25.55 -26.69
CA PHE G 584 21.46 -25.40 -27.69
C PHE G 584 20.85 -25.52 -29.07
N GLU G 585 20.90 -24.43 -29.84
CA GLU G 585 20.37 -24.41 -31.20
C GLU G 585 21.51 -24.24 -32.18
N PRO G 586 21.84 -25.26 -32.98
CA PRO G 586 22.91 -25.10 -33.95
C PRO G 586 22.54 -24.12 -35.04
N THR G 587 23.47 -23.24 -35.37
CA THR G 587 23.28 -22.26 -36.43
C THR G 587 24.30 -22.36 -37.55
N HIS G 588 25.42 -23.05 -37.34
CA HIS G 588 26.41 -23.22 -38.38
C HIS G 588 26.98 -24.63 -38.26
N ARG G 589 26.77 -25.43 -39.29
CA ARG G 589 27.38 -26.76 -39.30
C ARG G 589 28.87 -26.64 -39.56
N ASN G 590 29.59 -27.72 -39.27
CA ASN G 590 31.04 -27.70 -39.35
C ASN G 590 31.51 -27.51 -40.78
N GLU G 591 32.61 -26.77 -40.94
CA GLU G 591 33.11 -26.47 -42.27
C GLU G 591 33.76 -27.67 -42.95
N MET G 592 34.21 -28.66 -42.17
CA MET G 592 34.85 -29.84 -42.72
C MET G 592 33.96 -31.07 -42.66
N LEU G 593 32.64 -30.87 -42.68
CA LEU G 593 31.73 -32.01 -42.60
C LEU G 593 31.76 -32.84 -43.87
N GLU G 594 31.78 -32.19 -45.03
CA GLU G 594 31.74 -32.89 -46.29
C GLU G 594 33.10 -33.30 -46.81
N VAL G 595 34.18 -32.84 -46.16
CA VAL G 595 35.53 -33.22 -46.57
C VAL G 595 36.04 -34.42 -45.76
N ALA G 596 35.31 -34.82 -44.73
CA ALA G 596 35.80 -35.85 -43.80
C ALA G 596 36.14 -37.19 -44.46
N PRO G 597 35.31 -37.77 -45.34
CA PRO G 597 35.65 -39.09 -45.89
C PRO G 597 36.99 -39.14 -46.61
N LEU G 598 37.36 -38.08 -47.32
CA LEU G 598 38.67 -38.07 -47.98
C LEU G 598 39.80 -38.10 -46.96
N ILE G 599 39.64 -37.35 -45.86
CA ILE G 599 40.65 -37.33 -44.80
C ILE G 599 40.76 -38.72 -44.18
N GLU G 600 39.63 -39.37 -43.93
CA GLU G 600 39.63 -40.70 -43.35
C GLU G 600 40.34 -41.70 -44.26
N SER G 601 40.07 -41.62 -45.57
CA SER G 601 40.71 -42.52 -46.51
C SER G 601 42.22 -42.31 -46.55
N VAL G 602 42.66 -41.05 -46.56
CA VAL G 602 44.10 -40.77 -46.59
C VAL G 602 44.78 -41.29 -45.33
N TYR G 603 44.16 -41.07 -44.17
CA TYR G 603 44.71 -41.54 -42.91
C TYR G 603 44.84 -43.06 -42.90
N ALA G 604 43.79 -43.75 -43.33
CA ALA G 604 43.84 -45.21 -43.35
C ALA G 604 44.91 -45.72 -44.31
N SER G 605 45.04 -45.10 -45.48
CA SER G 605 46.03 -45.56 -46.45
C SER G 605 47.45 -45.37 -45.92
N GLU G 606 47.71 -44.24 -45.26
CA GLU G 606 49.04 -44.02 -44.70
C GLU G 606 49.35 -45.03 -43.61
N LEU G 607 48.37 -45.33 -42.75
CA LEU G 607 48.59 -46.34 -41.72
C LEU G 607 48.90 -47.71 -42.34
N SER G 608 48.18 -48.07 -43.41
CA SER G 608 48.42 -49.34 -44.07
C SER G 608 49.83 -49.41 -44.66
N VAL G 609 50.28 -48.31 -45.26
CA VAL G 609 51.63 -48.28 -45.82
C VAL G 609 52.67 -48.48 -44.73
N MET G 610 52.50 -47.81 -43.59
CA MET G 610 53.43 -47.99 -42.47
C MET G 610 53.44 -49.44 -42.00
N LYS G 611 52.27 -50.05 -41.89
CA LYS G 611 52.20 -51.44 -41.45
C LYS G 611 52.94 -52.36 -42.39
N VAL G 612 52.75 -52.19 -43.70
CA VAL G 612 53.42 -53.06 -44.66
C VAL G 612 54.93 -52.89 -44.58
N ASP G 613 55.40 -51.64 -44.48
CA ASP G 613 56.85 -51.40 -44.42
C ASP G 613 57.45 -52.07 -43.19
N MET G 614 56.81 -51.92 -42.03
CA MET G 614 57.37 -52.50 -40.82
C MET G 614 57.31 -54.02 -40.84
N ARG G 615 56.22 -54.57 -41.38
CA ARG G 615 56.08 -56.00 -41.51
C ARG G 615 57.20 -56.59 -42.35
N HIS G 616 57.58 -55.91 -43.44
CA HIS G 616 58.66 -56.44 -44.26
C HIS G 616 60.03 -56.19 -43.64
N LEU G 617 60.21 -55.08 -42.93
CA LEU G 617 61.51 -54.81 -42.33
C LEU G 617 61.80 -55.66 -41.10
N SER G 618 60.78 -56.30 -40.52
CA SER G 618 60.99 -57.05 -39.29
C SER G 618 61.91 -58.26 -39.45
N LEU G 619 62.17 -58.73 -40.66
CA LEU G 619 62.90 -59.98 -40.87
C LEU G 619 64.37 -59.80 -41.21
N MET G 620 64.84 -58.54 -41.28
CA MET G 620 66.20 -58.30 -41.77
C MET G 620 67.25 -58.82 -40.80
N GLN G 621 66.99 -58.75 -39.50
CA GLN G 621 67.96 -59.25 -38.53
C GLN G 621 68.17 -60.75 -38.69
N ARG G 622 67.11 -61.50 -38.88
CA ARG G 622 67.24 -62.94 -39.10
C ARG G 622 67.89 -63.24 -40.43
N ARG G 623 67.61 -62.43 -41.47
CA ARG G 623 68.16 -62.73 -42.78
C ARG G 623 69.67 -62.49 -42.84
N PHE G 624 70.16 -61.44 -42.18
CA PHE G 624 71.57 -61.05 -42.25
C PHE G 624 72.12 -60.86 -40.85
N PRO G 625 72.54 -61.94 -40.19
CA PRO G 625 73.06 -61.80 -38.81
C PRO G 625 74.33 -60.99 -38.72
N ASP G 626 75.18 -61.02 -39.74
CA ASP G 626 76.49 -60.40 -39.64
C ASP G 626 76.40 -58.87 -39.64
N VAL G 627 75.46 -58.32 -40.41
CA VAL G 627 75.36 -56.86 -40.51
C VAL G 627 74.58 -56.28 -39.33
N LEU G 628 73.58 -57.00 -38.84
CA LEU G 628 72.64 -56.49 -37.85
C LEU G 628 72.83 -57.18 -36.51
N ILE G 629 74.09 -57.44 -36.14
CA ILE G 629 74.37 -58.20 -34.92
C ILE G 629 73.97 -57.41 -33.67
N GLN G 630 74.12 -56.09 -33.69
CA GLN G 630 73.84 -55.25 -32.53
C GLN G 630 72.60 -54.40 -32.71
N ALA G 631 71.66 -54.83 -33.54
CA ALA G 631 70.44 -54.08 -33.79
C ALA G 631 69.33 -54.52 -32.84
N ARG G 632 68.38 -53.63 -32.62
CA ARG G 632 67.22 -53.84 -31.78
C ARG G 632 65.97 -53.36 -32.49
N PRO G 633 64.79 -53.84 -32.11
CA PRO G 633 63.57 -53.42 -32.83
C PRO G 633 63.30 -51.93 -32.82
N SER G 634 63.75 -51.22 -31.78
CA SER G 634 63.56 -49.78 -31.73
C SER G 634 64.26 -49.10 -32.91
N HIS G 635 65.33 -49.70 -33.42
CA HIS G 635 66.05 -49.10 -34.54
C HIS G 635 65.19 -49.04 -35.79
N PHE G 636 64.59 -50.16 -36.17
CA PHE G 636 63.76 -50.12 -37.37
C PHE G 636 62.43 -49.41 -37.12
N TRP G 637 61.94 -49.41 -35.88
CA TRP G 637 60.81 -48.55 -35.55
C TRP G 637 61.12 -47.09 -35.86
N LYS G 638 62.24 -46.60 -35.34
CA LYS G 638 62.61 -45.20 -35.55
C LYS G 638 62.92 -44.92 -37.02
N ALA G 639 63.51 -45.90 -37.72
CA ALA G 639 63.81 -45.71 -39.13
C ALA G 639 62.53 -45.59 -39.95
N VAL G 640 61.53 -46.41 -39.66
CA VAL G 640 60.26 -46.30 -40.37
C VAL G 640 59.57 -44.97 -40.06
N LEU G 641 59.59 -44.55 -38.80
CA LEU G 641 58.92 -43.31 -38.46
C LEU G 641 59.58 -42.07 -39.05
N ASN G 642 60.83 -42.16 -39.50
CA ASN G 642 61.47 -40.98 -40.09
C ASN G 642 61.03 -40.71 -41.51
N ASP G 643 60.35 -41.66 -42.17
CA ASP G 643 59.89 -41.46 -43.53
C ASP G 643 58.38 -41.32 -43.65
N SER G 644 57.64 -41.49 -42.56
CA SER G 644 56.20 -41.32 -42.61
C SER G 644 55.85 -39.83 -42.64
N PRO G 645 54.67 -39.49 -43.17
CA PRO G 645 54.23 -38.09 -43.11
C PRO G 645 54.02 -37.64 -41.67
N GLU G 646 54.29 -36.36 -41.43
CA GLU G 646 54.22 -35.83 -40.07
C GLU G 646 52.79 -35.74 -39.55
N ALA G 647 51.80 -35.63 -40.44
CA ALA G 647 50.42 -35.47 -39.98
C ALA G 647 49.90 -36.75 -39.32
N VAL G 648 50.18 -37.91 -39.92
CA VAL G 648 49.75 -39.17 -39.32
C VAL G 648 50.41 -39.39 -37.98
N LYS G 649 51.70 -39.07 -37.90
CA LYS G 649 52.41 -39.16 -36.63
C LYS G 649 51.79 -38.24 -35.58
N ALA G 650 51.40 -37.04 -35.99
CA ALA G 650 50.74 -36.13 -35.05
C ALA G 650 49.41 -36.69 -34.56
N VAL G 651 48.63 -37.27 -35.47
CA VAL G 651 47.33 -37.83 -35.08
C VAL G 651 47.54 -38.96 -34.07
N MET G 652 48.54 -39.79 -34.29
CA MET G 652 48.84 -40.83 -33.32
C MET G 652 49.34 -40.23 -31.99
N ASN G 653 50.11 -39.15 -32.07
CA ASN G 653 50.66 -38.53 -30.86
C ASN G 653 49.59 -37.88 -30.01
N LEU G 654 48.45 -37.52 -30.58
CA LEU G 654 47.33 -37.06 -29.74
C LEU G 654 46.98 -38.09 -28.68
N SER G 655 47.04 -39.38 -29.00
CA SER G 655 46.75 -40.42 -28.03
C SER G 655 47.99 -40.92 -27.30
N HIS G 656 49.12 -40.99 -27.98
CA HIS G 656 50.32 -41.57 -27.37
C HIS G 656 51.07 -40.56 -26.50
N SER G 657 50.56 -39.34 -26.37
CA SER G 657 51.21 -38.37 -25.50
C SER G 657 51.04 -38.74 -24.03
N HIS G 658 49.90 -39.31 -23.65
CA HIS G 658 49.69 -39.68 -22.26
C HIS G 658 49.30 -41.14 -22.09
N ASN G 659 49.54 -41.99 -23.08
CA ASN G 659 49.39 -43.42 -22.95
C ASN G 659 50.67 -44.09 -23.45
N PHE G 660 51.22 -44.99 -22.63
CA PHE G 660 52.50 -45.60 -22.91
C PHE G 660 52.33 -46.88 -23.73
N ILE G 661 53.15 -47.01 -24.77
CA ILE G 661 53.19 -48.21 -25.60
C ILE G 661 54.65 -48.62 -25.77
N ASN G 662 54.85 -49.88 -26.12
CA ASN G 662 56.19 -50.43 -26.28
C ASN G 662 56.19 -51.35 -27.50
N ILE G 663 57.22 -52.18 -27.59
CA ILE G 663 57.45 -53.01 -28.77
C ILE G 663 56.32 -54.02 -28.97
N ARG G 664 55.80 -54.58 -27.87
CA ARG G 664 54.79 -55.61 -28.00
C ARG G 664 53.51 -55.07 -28.63
N ASP G 665 53.09 -53.87 -28.23
CA ASP G 665 51.89 -53.27 -28.80
C ASP G 665 52.02 -53.05 -30.30
N MET G 666 53.16 -52.50 -30.73
CA MET G 666 53.34 -52.20 -32.15
C MET G 666 53.54 -53.47 -32.96
N MET G 667 54.14 -54.50 -32.37
CA MET G 667 54.28 -55.77 -33.08
C MET G 667 52.92 -56.43 -33.27
N ARG G 668 52.08 -56.42 -32.23
CA ARG G 668 50.74 -56.97 -32.35
C ARG G 668 49.93 -56.19 -33.37
N TRP G 669 50.09 -54.85 -33.39
CA TRP G 669 49.41 -54.05 -34.39
C TRP G 669 49.87 -54.38 -35.80
N VAL G 670 51.17 -54.61 -35.98
CA VAL G 670 51.68 -54.94 -37.31
C VAL G 670 51.14 -56.27 -37.78
N MET G 671 51.10 -57.28 -36.90
CA MET G 671 50.68 -58.60 -37.35
C MET G 671 49.19 -58.70 -37.65
N LEU G 672 48.39 -57.70 -37.32
CA LEU G 672 46.95 -57.79 -37.51
C LEU G 672 46.61 -57.68 -39.00
N PRO G 673 45.69 -58.51 -39.51
CA PRO G 673 45.36 -58.56 -40.95
C PRO G 673 44.25 -57.61 -41.41
N SER G 674 44.59 -56.34 -41.58
CA SER G 674 43.61 -55.36 -42.06
C SER G 674 44.35 -54.24 -42.76
N LEU G 675 44.12 -54.08 -44.06
CA LEU G 675 44.72 -53.01 -44.84
C LEU G 675 43.65 -52.34 -45.67
N GLN G 676 43.87 -51.06 -45.97
CA GLN G 676 42.96 -50.31 -46.83
C GLN G 676 43.55 -50.23 -48.22
N PRO G 677 42.97 -50.91 -49.21
CA PRO G 677 43.56 -50.92 -50.55
C PRO G 677 43.54 -49.53 -51.17
N SER G 678 44.63 -49.21 -51.87
CA SER G 678 44.80 -47.93 -52.52
C SER G 678 45.91 -48.07 -53.53
N LEU G 679 46.16 -46.98 -54.28
CA LEU G 679 47.22 -47.01 -55.28
C LEU G 679 48.58 -47.14 -54.61
N LYS G 680 48.87 -46.26 -53.66
CA LYS G 680 50.20 -46.25 -53.05
C LYS G 680 50.48 -47.54 -52.29
N LEU G 681 49.47 -48.08 -51.62
CA LEU G 681 49.65 -49.33 -50.89
C LEU G 681 49.96 -50.48 -51.85
N ALA G 682 49.24 -50.57 -52.95
CA ALA G 682 49.45 -51.65 -53.90
C ALA G 682 50.85 -51.57 -54.50
N LEU G 683 51.27 -50.38 -54.91
CA LEU G 683 52.62 -50.24 -55.45
C LEU G 683 53.70 -50.47 -54.41
N GLU G 684 53.44 -50.10 -53.15
CA GLU G 684 54.41 -50.38 -52.09
C GLU G 684 54.58 -51.88 -51.87
N GLU G 685 53.47 -52.61 -51.84
CA GLU G 685 53.54 -54.06 -51.68
C GLU G 685 54.28 -54.70 -52.85
N GLU G 686 53.98 -54.27 -54.08
CA GLU G 686 54.67 -54.85 -55.22
C GLU G 686 56.15 -54.47 -55.23
N ALA G 687 56.50 -53.27 -54.76
CA ALA G 687 57.90 -52.88 -54.69
C ALA G 687 58.65 -53.76 -53.70
N TRP G 688 58.05 -54.04 -52.55
CA TRP G 688 58.69 -54.94 -51.60
C TRP G 688 58.85 -56.34 -52.18
N ALA G 689 57.83 -56.83 -52.88
CA ALA G 689 57.91 -58.14 -53.50
C ALA G 689 59.02 -58.18 -54.54
N ALA G 690 59.18 -57.12 -55.32
CA ALA G 690 60.24 -57.07 -56.31
C ALA G 690 61.61 -57.00 -55.65
N ALA G 691 61.72 -56.27 -54.55
CA ALA G 691 62.99 -56.11 -53.84
C ALA G 691 63.24 -57.22 -52.83
N ASN G 692 62.45 -58.29 -52.87
CA ASN G 692 62.70 -59.44 -52.00
C ASN G 692 64.13 -59.97 -52.16
N ASP G 693 64.64 -60.01 -53.38
CA ASP G 693 66.01 -60.45 -53.62
C ASP G 693 66.95 -59.26 -53.55
N PHE G 694 68.00 -59.38 -52.74
CA PHE G 694 68.93 -58.27 -52.56
C PHE G 694 69.95 -58.13 -53.68
N GLU G 695 70.12 -59.16 -54.51
CA GLU G 695 70.97 -58.99 -55.69
C GLU G 695 70.42 -57.91 -56.62
N ASP G 696 69.11 -57.72 -56.61
CA ASP G 696 68.50 -56.65 -57.38
C ASP G 696 68.76 -55.28 -56.78
N LEU G 697 69.12 -55.21 -55.50
CA LEU G 697 69.48 -53.95 -54.89
C LEU G 697 70.97 -53.67 -54.99
N MET G 698 71.72 -54.54 -55.66
CA MET G 698 73.13 -54.32 -55.98
C MET G 698 73.98 -54.18 -54.72
N LEU G 699 73.87 -55.15 -53.83
CA LEU G 699 74.75 -55.25 -52.68
C LEU G 699 74.83 -56.71 -52.26
N THR G 700 76.05 -57.18 -52.04
CA THR G 700 76.29 -58.62 -51.86
C THR G 700 77.52 -58.83 -50.99
N ASP G 701 77.81 -60.09 -50.70
CA ASP G 701 78.94 -60.47 -49.88
C ASP G 701 79.92 -61.40 -50.56
N GLN G 702 79.70 -61.76 -51.82
CA GLN G 702 80.60 -62.67 -52.54
C GLN G 702 81.74 -61.87 -53.16
N VAL G 703 82.70 -61.50 -52.31
CA VAL G 703 83.88 -60.77 -52.74
C VAL G 703 85.11 -61.59 -52.35
N TYR G 704 86.02 -61.80 -53.30
CA TYR G 704 87.17 -62.65 -53.09
C TYR G 704 88.43 -61.96 -53.56
N MET G 705 89.56 -62.33 -52.95
CA MET G 705 90.88 -61.91 -53.39
C MET G 705 91.57 -63.09 -54.07
N HIS G 706 92.11 -62.84 -55.25
CA HIS G 706 92.76 -63.89 -56.04
C HIS G 706 93.73 -63.22 -56.99
N ARG G 707 94.87 -63.86 -57.23
CA ARG G 707 95.92 -63.31 -58.07
C ARG G 707 95.68 -63.75 -59.51
N ASP G 708 95.36 -62.81 -60.38
CA ASP G 708 95.05 -63.11 -61.78
C ASP G 708 95.78 -62.11 -62.66
N MET G 709 96.04 -62.52 -63.90
CA MET G 709 96.78 -61.73 -64.87
C MET G 709 95.82 -61.05 -65.84
N LEU G 710 96.11 -59.80 -66.17
CA LEU G 710 95.39 -59.15 -67.26
C LEU G 710 95.75 -59.81 -68.58
N PRO G 711 94.77 -60.03 -69.46
CA PRO G 711 95.07 -60.73 -70.71
C PRO G 711 95.96 -59.91 -71.62
N GLU G 712 96.76 -60.62 -72.42
CA GLU G 712 97.67 -60.02 -73.39
C GLU G 712 97.47 -60.73 -74.72
N PRO G 713 96.45 -60.35 -75.47
CA PRO G 713 96.19 -61.03 -76.75
C PRO G 713 97.22 -60.66 -77.80
N ARG G 714 97.33 -61.52 -78.81
CA ARG G 714 98.26 -61.32 -79.90
C ARG G 714 97.54 -60.71 -81.09
N LEU G 715 98.11 -59.65 -81.65
CA LEU G 715 97.51 -58.92 -82.76
C LEU G 715 98.06 -59.41 -84.10
N ASP G 716 97.89 -60.70 -84.35
CA ASP G 716 98.42 -61.30 -85.57
C ASP G 716 97.73 -60.73 -86.81
N ASP G 717 96.41 -60.58 -86.76
CA ASP G 717 95.65 -59.95 -87.82
C ASP G 717 94.81 -58.85 -87.21
N ILE G 718 95.02 -57.60 -87.66
CA ILE G 718 94.43 -56.46 -86.99
C ILE G 718 92.92 -56.43 -87.15
N GLU G 719 92.44 -56.56 -88.39
CA GLU G 719 91.00 -56.47 -88.61
C GLU G 719 90.28 -57.71 -88.10
N ARG G 720 90.92 -58.88 -88.16
CA ARG G 720 90.32 -60.07 -87.59
C ARG G 720 90.15 -59.93 -86.09
N PHE G 721 91.16 -59.37 -85.41
CA PHE G 721 91.05 -59.13 -83.98
C PHE G 721 89.99 -58.07 -83.68
N ARG G 722 89.92 -57.02 -84.49
CA ARG G 722 88.95 -55.97 -84.26
C ARG G 722 87.53 -56.45 -84.52
N GLN G 723 87.35 -57.50 -85.31
CA GLN G 723 86.01 -57.99 -85.58
C GLN G 723 85.37 -58.59 -84.34
N GLU G 724 86.15 -59.26 -83.51
CA GLU G 724 85.64 -59.80 -82.26
C GLU G 724 85.78 -58.78 -81.15
N GLY G 725 84.74 -58.65 -80.34
CA GLY G 725 84.71 -57.64 -79.30
C GLY G 725 85.44 -58.05 -78.05
N PHE G 726 86.76 -58.02 -78.07
CA PHE G 726 87.55 -58.42 -76.91
C PHE G 726 87.32 -57.46 -75.76
N TYR G 727 87.08 -58.01 -74.57
CA TYR G 727 86.88 -57.22 -73.38
C TYR G 727 87.19 -58.08 -72.17
N TYR G 728 87.45 -57.42 -71.05
CA TYR G 728 87.82 -58.12 -69.82
C TYR G 728 86.97 -57.59 -68.67
N THR G 729 86.71 -58.47 -67.71
CA THR G 729 85.98 -58.07 -66.51
C THR G 729 86.40 -58.95 -65.34
N ASN G 730 86.16 -58.45 -64.14
CA ASN G 730 86.41 -59.19 -62.92
C ASN G 730 85.16 -59.88 -62.39
N MET G 731 84.06 -59.81 -63.12
CA MET G 731 82.87 -60.57 -62.76
C MET G 731 83.14 -62.05 -62.87
N LEU G 732 82.63 -62.82 -61.91
CA LEU G 732 82.84 -64.25 -61.86
C LEU G 732 81.61 -64.96 -62.38
N GLU G 733 81.82 -65.96 -63.26
CA GLU G 733 80.70 -66.75 -63.75
C GLU G 733 80.06 -67.56 -62.62
N ALA G 734 80.88 -68.17 -61.77
CA ALA G 734 80.40 -68.95 -60.65
C ALA G 734 81.36 -68.80 -59.48
N PRO G 735 80.90 -68.96 -58.25
CA PRO G 735 81.82 -68.90 -57.11
C PRO G 735 82.80 -70.05 -57.18
N PRO G 736 83.97 -69.89 -56.56
CA PRO G 736 84.98 -70.95 -56.62
C PRO G 736 84.54 -72.18 -55.85
N GLU G 737 85.32 -73.25 -56.04
CA GLU G 737 85.08 -74.49 -55.31
C GLU G 737 85.25 -74.25 -53.81
N ILE G 738 84.43 -74.96 -53.02
CA ILE G 738 84.41 -74.73 -51.59
C ILE G 738 85.71 -75.15 -50.91
N ASP G 739 86.45 -76.09 -51.49
CA ASP G 739 87.67 -76.59 -50.88
C ASP G 739 88.90 -75.78 -51.26
N ARG G 740 88.75 -74.70 -52.01
CA ARG G 740 89.87 -73.86 -52.40
C ARG G 740 89.76 -72.44 -51.85
N VAL G 741 88.88 -72.19 -50.89
CA VAL G 741 88.69 -70.86 -50.32
C VAL G 741 88.99 -70.93 -48.84
N VAL G 742 89.74 -69.94 -48.35
CA VAL G 742 90.10 -69.83 -46.94
C VAL G 742 89.36 -68.64 -46.37
N GLN G 743 88.60 -68.87 -45.31
CA GLN G 743 87.72 -67.85 -44.73
C GLN G 743 88.41 -67.21 -43.54
N TYR G 744 88.55 -65.89 -43.57
CA TYR G 744 89.05 -65.13 -42.44
C TYR G 744 87.95 -64.36 -41.75
N THR G 745 88.11 -64.22 -40.44
CA THR G 745 87.32 -63.33 -39.60
C THR G 745 88.27 -62.37 -38.89
N TYR G 746 87.72 -61.55 -38.00
CA TYR G 746 88.56 -60.63 -37.26
C TYR G 746 89.45 -61.36 -36.26
N GLU G 747 88.92 -62.40 -35.61
CA GLU G 747 89.68 -63.08 -34.57
C GLU G 747 90.90 -63.80 -35.13
N ILE G 748 90.74 -64.49 -36.26
CA ILE G 748 91.87 -65.22 -36.84
C ILE G 748 92.97 -64.25 -37.26
N ALA G 749 92.58 -63.14 -37.89
CA ALA G 749 93.56 -62.13 -38.29
C ALA G 749 94.25 -61.53 -37.08
N ARG G 750 93.50 -61.28 -36.01
CA ARG G 750 94.10 -60.72 -34.80
C ARG G 750 95.10 -61.69 -34.17
N LEU G 751 94.77 -62.98 -34.11
CA LEU G 751 95.71 -63.96 -33.57
C LEU G 751 96.96 -64.05 -34.43
N GLN G 752 96.79 -64.05 -35.75
CA GLN G 752 97.95 -64.12 -36.63
C GLN G 752 98.81 -62.86 -36.53
N ALA G 753 98.19 -61.71 -36.30
CA ALA G 753 98.97 -60.49 -36.10
C ALA G 753 99.70 -60.52 -34.77
N ASN G 754 99.07 -61.08 -33.75
CA ASN G 754 99.74 -61.23 -32.45
C ASN G 754 100.96 -62.14 -32.57
N MET G 755 100.83 -63.26 -33.27
CA MET G 755 101.95 -64.15 -33.45
C MET G 755 102.96 -63.60 -34.46
N GLY G 756 102.54 -62.71 -35.34
CA GLY G 756 103.42 -62.14 -36.34
C GLY G 756 103.49 -62.94 -37.63
N GLN G 757 102.35 -63.44 -38.12
CA GLN G 757 102.32 -64.29 -39.30
C GLN G 757 101.23 -63.90 -40.29
N PHE G 758 100.58 -62.75 -40.11
CA PHE G 758 99.45 -62.39 -40.96
C PHE G 758 99.88 -62.21 -42.41
N ARG G 759 100.89 -61.39 -42.64
CA ARG G 759 101.33 -61.11 -44.00
C ARG G 759 101.94 -62.35 -44.64
N ALA G 760 102.69 -63.13 -43.86
CA ALA G 760 103.27 -64.36 -44.37
C ALA G 760 102.19 -65.35 -44.77
N ALA G 761 101.14 -65.46 -43.95
CA ALA G 761 100.04 -66.37 -44.28
C ALA G 761 99.33 -65.94 -45.55
N LEU G 762 99.07 -64.63 -45.70
CA LEU G 762 98.43 -64.16 -46.92
C LEU G 762 99.29 -64.43 -48.14
N ARG G 763 100.60 -64.18 -48.03
CA ARG G 763 101.51 -64.43 -49.14
C ARG G 763 101.54 -65.91 -49.51
N ARG G 764 101.56 -66.79 -48.51
CA ARG G 764 101.60 -68.22 -48.78
C ARG G 764 100.31 -68.70 -49.43
N ILE G 765 99.17 -68.17 -48.98
CA ILE G 765 97.91 -68.55 -49.61
C ILE G 765 97.86 -68.07 -51.06
N MET G 766 98.31 -66.83 -51.31
CA MET G 766 98.28 -66.31 -52.67
C MET G 766 99.20 -67.09 -53.60
N ASP G 767 100.38 -67.46 -53.10
CA ASP G 767 101.33 -68.20 -53.94
C ASP G 767 100.84 -69.61 -54.26
N ASP G 768 99.90 -70.14 -53.49
CA ASP G 768 99.38 -71.48 -53.68
C ASP G 768 98.16 -71.51 -54.59
N ASP G 769 97.77 -70.35 -55.12
CA ASP G 769 96.64 -70.22 -56.05
C ASP G 769 95.32 -70.64 -55.39
N ASP G 770 95.02 -70.01 -54.26
CA ASP G 770 93.78 -70.19 -53.54
C ASP G 770 92.99 -68.89 -53.52
N TRP G 771 91.89 -68.87 -52.79
CA TRP G 771 90.99 -67.73 -52.70
C TRP G 771 90.78 -67.36 -51.24
N VAL G 772 90.59 -66.06 -50.98
CA VAL G 772 90.46 -65.53 -49.63
C VAL G 772 89.20 -64.70 -49.55
N ARG G 773 88.40 -64.93 -48.52
CA ARG G 773 87.20 -64.15 -48.26
C ARG G 773 87.27 -63.55 -46.86
N PHE G 774 86.88 -62.29 -46.74
CA PHE G 774 86.98 -61.54 -45.49
C PHE G 774 85.58 -61.27 -44.96
N GLY G 775 85.21 -61.97 -43.89
CA GLY G 775 83.95 -61.71 -43.23
C GLY G 775 82.75 -62.10 -44.09
N GLY G 776 81.60 -61.57 -43.68
CA GLY G 776 80.37 -61.82 -44.39
C GLY G 776 79.44 -60.63 -44.46
N VAL G 777 79.99 -59.45 -44.22
CA VAL G 777 79.18 -58.22 -44.23
C VAL G 777 78.86 -57.84 -45.66
N LEU G 778 77.63 -57.40 -45.89
CA LEU G 778 77.21 -56.94 -47.21
C LEU G 778 78.02 -55.72 -47.62
N ARG G 779 78.30 -55.61 -48.91
CA ARG G 779 79.11 -54.52 -49.45
C ARG G 779 78.43 -53.88 -50.64
N THR G 780 78.49 -52.56 -50.72
CA THR G 780 77.97 -51.85 -51.88
C THR G 780 78.87 -52.07 -53.08
N VAL G 781 78.26 -52.15 -54.25
CA VAL G 781 78.96 -52.46 -55.50
C VAL G 781 78.77 -51.31 -56.48
N ARG G 782 79.87 -50.85 -57.07
CA ARG G 782 79.85 -49.83 -58.11
C ARG G 782 80.24 -50.45 -59.44
N VAL G 783 79.87 -49.77 -60.53
CA VAL G 783 80.16 -50.22 -61.88
C VAL G 783 80.86 -49.09 -62.63
N LYS G 784 81.97 -49.41 -63.28
CA LYS G 784 82.72 -48.43 -64.06
C LYS G 784 83.15 -49.06 -65.38
N PHE G 785 83.32 -48.20 -66.39
CA PHE G 785 83.76 -48.61 -67.71
C PHE G 785 85.05 -47.88 -68.06
N TYR G 786 85.97 -48.58 -68.72
CA TYR G 786 87.27 -48.03 -69.04
C TYR G 786 87.61 -48.29 -70.50
N ASP G 787 88.36 -47.37 -71.10
CA ASP G 787 88.83 -47.52 -72.47
C ASP G 787 90.34 -47.64 -72.58
N ALA G 788 91.06 -47.43 -71.49
CA ALA G 788 92.50 -47.63 -71.46
C ALA G 788 92.84 -48.39 -70.19
N ARG G 789 94.13 -48.52 -69.90
CA ARG G 789 94.53 -49.24 -68.71
C ARG G 789 94.06 -48.50 -67.46
N PRO G 790 93.35 -49.16 -66.55
CA PRO G 790 92.77 -48.48 -65.40
C PRO G 790 93.84 -48.04 -64.43
N PRO G 791 93.55 -47.09 -63.54
CA PRO G 791 94.54 -46.65 -62.57
C PRO G 791 94.85 -47.74 -61.55
N ASP G 792 95.98 -47.57 -60.88
CA ASP G 792 96.48 -48.57 -59.93
C ASP G 792 95.75 -48.53 -58.60
N ASP G 793 94.62 -47.84 -58.50
CA ASP G 793 93.82 -47.85 -57.28
C ASP G 793 92.73 -48.92 -57.36
N VAL G 794 91.90 -48.86 -58.42
CA VAL G 794 90.89 -49.90 -58.61
C VAL G 794 91.55 -51.22 -58.94
N LEU G 795 92.75 -51.19 -59.52
CA LEU G 795 93.51 -52.38 -59.84
C LEU G 795 94.53 -52.61 -58.74
N GLN G 796 94.66 -53.89 -58.34
CA GLN G 796 95.66 -54.32 -57.34
C GLN G 796 95.55 -53.58 -56.02
N GLY G 797 94.40 -52.96 -55.76
CA GLY G 797 94.16 -52.34 -54.48
C GLY G 797 93.62 -53.32 -53.45
N LEU G 798 94.32 -53.46 -52.33
CA LEU G 798 93.98 -54.47 -51.35
C LEU G 798 92.67 -54.13 -50.65
N PRO G 799 91.90 -55.14 -50.26
CA PRO G 799 90.62 -54.89 -49.56
C PRO G 799 90.71 -54.79 -48.04
N PHE G 800 91.88 -54.60 -47.47
CA PHE G 800 92.03 -54.46 -46.03
C PHE G 800 93.13 -53.45 -45.73
N SER G 801 93.17 -52.99 -44.48
CA SER G 801 94.22 -52.09 -44.01
C SER G 801 94.79 -52.64 -42.72
N TYR G 802 96.13 -52.64 -42.63
CA TYR G 802 96.84 -53.21 -41.48
C TYR G 802 97.94 -52.24 -41.08
N ASP G 803 97.83 -51.67 -39.89
CA ASP G 803 98.79 -50.67 -39.41
C ASP G 803 99.34 -51.07 -38.06
N THR G 804 100.55 -50.62 -37.78
CA THR G 804 101.25 -50.93 -36.54
C THR G 804 101.82 -49.66 -35.94
N ASN G 805 101.64 -49.49 -34.63
CA ASN G 805 102.21 -48.36 -33.90
C ASN G 805 102.89 -48.85 -32.65
N GLU G 806 103.68 -47.97 -32.04
CA GLU G 806 104.38 -48.28 -30.80
C GLU G 806 104.28 -47.07 -29.88
N ARG G 807 103.72 -47.27 -28.69
CA ARG G 807 103.65 -46.19 -27.72
C ARG G 807 103.85 -46.75 -26.32
N GLY G 808 104.54 -45.99 -25.48
CA GLY G 808 104.81 -46.41 -24.13
C GLY G 808 105.60 -47.68 -24.02
N GLY G 809 106.32 -48.06 -25.08
CA GLY G 809 107.03 -49.32 -25.10
C GLY G 809 106.20 -50.52 -25.47
N LEU G 810 104.93 -50.34 -25.83
CA LEU G 810 104.07 -51.44 -26.21
C LEU G 810 103.64 -51.28 -27.67
N ALA G 811 103.46 -52.41 -28.35
CA ALA G 811 103.10 -52.41 -29.76
C ALA G 811 101.59 -52.61 -29.92
N TYR G 812 101.01 -51.88 -30.85
CA TYR G 812 99.58 -51.93 -31.14
C TYR G 812 99.37 -52.17 -32.62
N ALA G 813 98.31 -52.92 -32.93
CA ALA G 813 97.97 -53.26 -34.31
C ALA G 813 96.52 -52.88 -34.57
N THR G 814 96.27 -52.35 -35.77
CA THR G 814 94.92 -51.97 -36.19
C THR G 814 94.63 -52.63 -37.53
N ILE G 815 93.54 -53.38 -37.59
CA ILE G 815 93.13 -54.10 -38.79
C ILE G 815 91.71 -53.69 -39.13
N LYS G 816 91.50 -53.25 -40.37
CA LYS G 816 90.18 -52.81 -40.80
C LYS G 816 89.85 -53.41 -42.17
N TYR G 817 88.58 -53.70 -42.39
CA TYR G 817 88.09 -54.27 -43.64
C TYR G 817 87.31 -53.21 -44.42
N ALA G 818 87.50 -53.21 -45.73
CA ALA G 818 86.83 -52.23 -46.58
C ALA G 818 85.35 -52.56 -46.72
N THR G 819 84.56 -51.55 -47.09
CA THR G 819 83.12 -51.70 -47.23
C THR G 819 82.63 -51.36 -48.63
N GLU G 820 83.51 -51.29 -49.62
CA GLU G 820 83.12 -51.01 -50.99
C GLU G 820 83.86 -51.96 -51.94
N THR G 821 83.30 -52.12 -53.12
CA THR G 821 83.93 -52.91 -54.17
C THR G 821 83.51 -52.37 -55.51
N THR G 822 84.28 -52.69 -56.55
CA THR G 822 84.06 -52.16 -57.87
C THR G 822 84.12 -53.27 -58.90
N ILE G 823 83.14 -53.30 -59.80
CA ILE G 823 83.18 -54.16 -60.97
C ILE G 823 83.52 -53.29 -62.17
N PHE G 824 84.59 -53.63 -62.88
CA PHE G 824 85.06 -52.82 -63.99
C PHE G 824 85.11 -53.65 -65.26
N TYR G 825 84.74 -53.03 -66.37
CA TYR G 825 84.84 -53.63 -67.70
C TYR G 825 85.87 -52.88 -68.51
N LEU G 826 86.84 -53.60 -69.05
CA LEU G 826 87.93 -53.02 -69.81
C LEU G 826 87.77 -53.39 -71.28
N ILE G 827 87.84 -52.39 -72.15
CA ILE G 827 87.66 -52.55 -73.59
C ILE G 827 88.97 -52.23 -74.28
N TYR G 828 89.40 -53.11 -75.18
CA TYR G 828 90.69 -53.00 -75.83
C TYR G 828 90.53 -52.28 -77.16
N ASN G 829 91.33 -51.23 -77.37
CA ASN G 829 91.36 -50.50 -78.63
C ASN G 829 92.75 -50.60 -79.23
N VAL G 830 92.81 -50.90 -80.52
CA VAL G 830 94.07 -51.08 -81.24
C VAL G 830 94.06 -50.21 -82.48
N GLU G 831 95.23 -50.09 -83.09
CA GLU G 831 95.41 -49.28 -84.30
C GLU G 831 96.11 -50.11 -85.36
N PHE G 832 96.07 -49.62 -86.60
CA PHE G 832 96.67 -50.33 -87.71
C PHE G 832 98.19 -50.35 -87.65
N SER G 833 98.79 -49.41 -86.94
CA SER G 833 100.25 -49.35 -86.83
C SER G 833 100.81 -50.28 -85.77
N ASN G 834 99.95 -50.94 -84.99
CA ASN G 834 100.43 -51.80 -83.92
C ASN G 834 101.11 -53.04 -84.49
N THR G 835 102.23 -53.42 -83.87
CA THR G 835 102.90 -54.66 -84.21
C THR G 835 102.16 -55.84 -83.60
N PRO G 836 102.34 -57.04 -84.16
CA PRO G 836 101.61 -58.21 -83.63
C PRO G 836 101.92 -58.54 -82.18
N ASP G 837 103.08 -58.17 -81.66
CA ASP G 837 103.45 -58.46 -80.29
C ASP G 837 103.58 -57.19 -79.46
N SER G 838 102.75 -56.18 -79.74
CA SER G 838 102.88 -54.91 -79.06
C SER G 838 102.33 -54.96 -77.64
N LEU G 839 101.31 -55.77 -77.40
CA LEU G 839 100.62 -55.77 -76.12
C LEU G 839 101.23 -56.74 -75.11
N VAL G 840 102.24 -57.50 -75.48
CA VAL G 840 102.82 -58.49 -74.59
C VAL G 840 103.94 -57.84 -73.79
N LEU G 841 103.91 -58.00 -72.47
CA LEU G 841 104.91 -57.45 -71.57
C LEU G 841 105.80 -58.56 -71.04
N ILE G 842 106.99 -58.17 -70.58
CA ILE G 842 107.93 -59.14 -70.05
C ILE G 842 107.43 -59.73 -68.73
N ASN G 843 106.76 -58.91 -67.92
CA ASN G 843 106.15 -59.37 -66.68
C ASN G 843 104.68 -58.97 -66.66
N PRO G 844 103.81 -59.83 -66.13
CA PRO G 844 102.37 -59.53 -66.14
C PRO G 844 101.98 -58.49 -65.09
N THR G 845 100.80 -57.94 -65.28
CA THR G 845 100.18 -57.02 -64.33
C THR G 845 99.06 -57.76 -63.61
N TYR G 846 99.02 -57.63 -62.30
CA TYR G 846 98.15 -58.45 -61.47
C TYR G 846 96.86 -57.74 -61.09
N THR G 847 95.81 -58.53 -60.92
CA THR G 847 94.50 -58.08 -60.46
C THR G 847 94.15 -58.86 -59.21
N MET G 848 93.57 -58.18 -58.22
CA MET G 848 93.36 -58.79 -56.91
C MET G 848 91.93 -58.66 -56.40
N THR G 849 90.92 -58.77 -57.26
CA THR G 849 89.54 -58.65 -56.82
C THR G 849 88.62 -59.45 -57.74
N LYS G 850 87.70 -60.20 -57.15
CA LYS G 850 86.67 -60.92 -57.90
C LYS G 850 85.34 -60.78 -57.20
N VAL G 851 84.29 -60.51 -57.97
CA VAL G 851 82.95 -60.31 -57.44
C VAL G 851 81.99 -61.22 -58.21
N PHE G 852 81.05 -61.84 -57.49
CA PHE G 852 80.05 -62.71 -58.10
C PHE G 852 78.67 -62.13 -57.88
N ILE G 853 78.01 -61.73 -58.97
CA ILE G 853 76.61 -61.35 -58.97
C ILE G 853 75.93 -62.10 -60.09
N ASN G 854 74.81 -62.76 -59.79
CA ASN G 854 74.12 -63.60 -60.76
C ASN G 854 73.10 -62.81 -61.57
N LYS G 855 73.55 -61.72 -62.20
CA LYS G 855 72.68 -60.89 -63.01
C LYS G 855 73.40 -60.57 -64.32
N ARG G 856 72.63 -60.44 -65.40
CA ARG G 856 73.19 -60.12 -66.70
C ARG G 856 73.24 -58.61 -66.87
N ILE G 857 74.23 -57.99 -66.21
CA ILE G 857 74.38 -56.55 -66.30
C ILE G 857 74.87 -56.14 -67.67
N VAL G 858 75.93 -56.80 -68.16
CA VAL G 858 76.56 -56.47 -69.42
C VAL G 858 76.77 -57.74 -70.22
N GLU G 859 76.37 -57.73 -71.48
CA GLU G 859 76.57 -58.89 -72.35
C GLU G 859 77.12 -58.45 -73.69
N ARG G 860 77.73 -59.40 -74.40
CA ARG G 860 78.22 -59.18 -75.75
C ARG G 860 77.27 -59.85 -76.73
N VAL G 861 76.64 -59.05 -77.59
CA VAL G 861 75.58 -59.54 -78.46
C VAL G 861 75.87 -59.19 -79.90
N ARG G 862 75.53 -60.10 -80.80
CA ARG G 862 75.58 -59.81 -82.23
C ARG G 862 74.44 -58.87 -82.60
N VAL G 863 74.52 -58.33 -83.83
CA VAL G 863 73.50 -57.39 -84.27
C VAL G 863 72.15 -58.07 -84.48
N GLY G 864 72.13 -59.38 -84.66
CA GLY G 864 70.87 -60.09 -84.82
C GLY G 864 70.09 -60.23 -83.52
N GLN G 865 70.74 -60.10 -82.38
CA GLN G 865 70.09 -60.25 -81.09
C GLN G 865 69.74 -58.91 -80.45
N ILE G 866 69.90 -57.81 -81.18
CA ILE G 866 69.58 -56.50 -80.60
C ILE G 866 68.09 -56.41 -80.30
N LEU G 867 67.26 -56.89 -81.22
CA LEU G 867 65.81 -56.84 -81.07
C LEU G 867 65.24 -58.09 -80.40
N ALA G 868 66.07 -58.86 -79.72
CA ALA G 868 65.64 -60.10 -79.09
C ALA G 868 65.19 -59.90 -77.64
N VAL G 869 65.19 -58.68 -77.14
CA VAL G 869 64.75 -58.41 -75.78
C VAL G 869 63.31 -57.93 -75.73
N LEU G 870 62.57 -58.02 -76.82
CA LEU G 870 61.18 -57.58 -76.88
C LEU G 870 60.30 -58.74 -76.44
N ASN G 871 59.93 -58.74 -75.15
CA ASN G 871 59.02 -59.78 -74.65
C ASN G 871 58.05 -59.26 -73.61
N ARG G 872 57.84 -57.94 -73.53
CA ARG G 872 56.94 -57.35 -72.55
C ARG G 872 55.69 -56.84 -73.25
N ARG G 873 54.53 -57.14 -72.69
CA ARG G 873 53.24 -56.75 -73.26
C ARG G 873 52.85 -55.39 -72.71
N PHE G 874 52.91 -54.35 -73.55
CA PHE G 874 52.58 -53.00 -73.16
C PHE G 874 51.20 -52.62 -73.69
N VAL G 875 50.45 -51.87 -72.87
CA VAL G 875 49.11 -51.41 -73.20
C VAL G 875 49.11 -49.89 -73.19
N ALA G 876 48.64 -49.29 -74.28
CA ALA G 876 48.60 -47.85 -74.43
C ALA G 876 47.19 -47.42 -74.79
N TYR G 877 46.86 -46.18 -74.42
CA TYR G 877 45.54 -45.62 -74.66
C TYR G 877 45.58 -44.69 -75.87
N LYS G 878 44.47 -44.63 -76.59
CA LYS G 878 44.38 -43.81 -77.78
C LYS G 878 44.55 -42.33 -77.46
N GLY G 879 45.14 -41.60 -78.40
CA GLY G 879 45.29 -40.17 -78.22
C GLY G 879 43.99 -39.39 -78.32
N LYS G 880 43.00 -39.94 -79.01
CA LYS G 880 41.74 -39.23 -79.16
C LYS G 880 40.85 -39.35 -77.93
N MET G 881 41.12 -40.31 -77.06
CA MET G 881 40.43 -40.40 -75.78
C MET G 881 41.18 -39.58 -74.74
N ARG G 882 40.53 -39.34 -73.61
CA ARG G 882 41.10 -38.50 -72.57
C ARG G 882 41.18 -39.27 -71.26
N ILE G 883 42.18 -38.92 -70.46
CA ILE G 883 42.39 -39.47 -69.13
C ILE G 883 42.40 -38.31 -68.15
N MET G 884 41.61 -38.42 -67.09
CA MET G 884 41.52 -37.34 -66.11
C MET G 884 41.40 -37.92 -64.71
N ASP G 885 41.80 -37.12 -63.73
CA ASP G 885 41.80 -37.49 -62.32
C ASP G 885 40.61 -36.85 -61.64
N ILE G 886 39.80 -37.67 -60.96
CA ILE G 886 38.58 -37.19 -60.34
C ILE G 886 38.59 -37.42 -58.83
N THR G 887 39.78 -37.51 -58.23
CA THR G 887 39.85 -37.65 -56.78
C THR G 887 39.34 -36.39 -56.08
N GLN G 888 39.75 -35.22 -56.55
CA GLN G 888 39.34 -33.97 -55.92
C GLN G 888 37.84 -33.71 -56.04
N SER G 889 37.16 -34.36 -56.98
CA SER G 889 35.71 -34.26 -57.08
C SER G 889 35.01 -34.97 -55.93
N LEU G 890 35.75 -35.72 -55.12
CA LEU G 890 35.16 -36.51 -54.06
C LEU G 890 34.60 -35.65 -52.93
N LYS G 891 35.12 -34.44 -52.76
CA LYS G 891 34.74 -33.57 -51.66
C LYS G 891 33.77 -32.47 -52.08
N MET G 892 33.29 -32.48 -53.31
CA MET G 892 32.42 -31.42 -53.81
C MET G 892 30.99 -31.75 -53.41
N GLY G 893 30.45 -30.99 -52.46
CA GLY G 893 29.10 -31.19 -51.99
C GLY G 893 28.61 -29.98 -51.22
N THR G 894 27.34 -30.02 -50.85
CA THR G 894 26.73 -28.92 -50.10
C THR G 894 25.96 -29.47 -48.92
N LYS G 895 25.95 -28.70 -47.84
CA LYS G 895 25.31 -29.09 -46.59
C LYS G 895 23.92 -28.50 -46.52
N LEU G 896 22.93 -29.34 -46.22
CA LEU G 896 21.57 -28.87 -46.07
C LEU G 896 21.37 -28.25 -44.70
N ALA G 897 20.65 -27.13 -44.66
CA ALA G 897 20.43 -26.39 -43.43
C ALA G 897 19.02 -26.67 -42.92
N ALA G 898 18.92 -26.99 -41.64
CA ALA G 898 17.62 -27.29 -41.05
C ALA G 898 16.77 -26.02 -40.98
N PRO G 899 15.45 -26.13 -41.14
CA PRO G 899 14.59 -24.96 -40.99
C PRO G 899 14.62 -24.45 -39.56
N THR G 900 14.48 -23.14 -39.41
CA THR G 900 14.55 -22.51 -38.11
C THR G 900 13.74 -21.21 -38.13
N VAL G 901 13.47 -20.69 -36.94
CA VAL G 901 12.73 -19.46 -36.78
C VAL G 901 13.51 -18.27 -37.33
N GLN H 7 -6.71 -16.26 -85.67
CA GLN H 7 -7.28 -17.07 -86.74
C GLN H 7 -7.24 -18.55 -86.41
N ARG H 8 -6.49 -18.90 -85.36
CA ARG H 8 -6.44 -20.27 -84.91
C ARG H 8 -7.52 -20.50 -83.85
N PRO H 9 -8.38 -21.50 -84.01
CA PRO H 9 -9.48 -21.70 -83.06
C PRO H 9 -9.01 -21.99 -81.64
N GLU H 10 -7.87 -22.63 -81.46
CA GLU H 10 -7.41 -22.99 -80.13
C GLU H 10 -6.86 -21.79 -79.35
N ARG H 11 -6.65 -20.65 -80.00
CA ARG H 11 -6.14 -19.47 -79.33
C ARG H 11 -7.24 -18.54 -78.82
N ILE H 12 -8.50 -18.87 -79.09
CA ILE H 12 -9.60 -18.01 -78.67
C ILE H 12 -9.82 -18.19 -77.17
N LYS H 13 -9.77 -17.08 -76.44
CA LYS H 13 -9.97 -17.08 -74.99
C LYS H 13 -11.31 -16.45 -74.68
N THR H 14 -12.19 -17.21 -74.03
CA THR H 14 -13.53 -16.76 -73.71
C THR H 14 -13.73 -16.42 -72.25
N THR H 15 -12.85 -16.88 -71.37
CA THR H 15 -12.91 -16.59 -69.95
C THR H 15 -11.57 -16.03 -69.50
N PRO H 16 -11.55 -15.19 -68.48
CA PRO H 16 -10.29 -14.56 -68.07
C PRO H 16 -9.40 -15.48 -67.23
N TYR H 17 -9.72 -16.77 -67.18
CA TYR H 17 -8.90 -17.69 -66.40
C TYR H 17 -7.52 -17.86 -67.03
N LEU H 18 -7.46 -17.96 -68.35
CA LEU H 18 -6.21 -18.24 -69.05
C LEU H 18 -5.48 -16.98 -69.48
N GLU H 19 -5.97 -15.79 -69.14
CA GLU H 19 -5.37 -14.53 -69.55
C GLU H 19 -4.44 -14.05 -68.44
N GLY H 20 -3.20 -13.74 -68.81
CA GLY H 20 -2.22 -13.32 -67.82
C GLY H 20 -1.18 -12.42 -68.44
N ASP H 21 -0.23 -12.01 -67.61
CA ASP H 21 0.82 -11.10 -68.03
C ASP H 21 1.88 -11.81 -68.87
N VAL H 22 2.67 -11.02 -69.57
CA VAL H 22 3.77 -11.53 -70.40
C VAL H 22 5.08 -11.33 -69.65
N LEU H 23 5.83 -12.41 -69.51
CA LEU H 23 7.08 -12.37 -68.75
C LEU H 23 8.31 -12.23 -69.63
N SER H 24 8.40 -13.03 -70.69
CA SER H 24 9.56 -13.01 -71.57
C SER H 24 9.17 -13.60 -72.92
N SER H 25 10.17 -13.82 -73.77
CA SER H 25 9.93 -14.40 -75.08
C SER H 25 11.21 -15.10 -75.54
N ASP H 26 11.04 -16.05 -76.44
CA ASP H 26 12.18 -16.76 -77.02
C ASP H 26 11.79 -17.35 -78.36
N SER H 27 12.80 -17.77 -79.12
CA SER H 27 12.59 -18.34 -80.44
C SER H 27 13.68 -19.36 -80.72
N GLY H 28 13.54 -20.04 -81.86
CA GLY H 28 14.49 -21.02 -82.29
C GLY H 28 15.91 -20.51 -82.52
N PRO H 29 16.07 -19.41 -83.28
CA PRO H 29 17.42 -18.88 -83.52
C PRO H 29 18.15 -18.47 -82.26
N LEU H 30 17.46 -18.17 -81.17
CA LEU H 30 18.14 -17.91 -79.92
C LEU H 30 18.40 -19.18 -79.13
N LEU H 31 17.42 -20.09 -79.10
CA LEU H 31 17.56 -21.28 -78.26
C LEU H 31 18.62 -22.24 -78.79
N SER H 32 18.80 -22.32 -80.11
CA SER H 32 19.82 -23.22 -80.64
C SER H 32 21.22 -22.80 -80.19
N VAL H 33 21.56 -21.52 -80.40
CA VAL H 33 22.87 -21.05 -79.99
C VAL H 33 23.01 -21.08 -78.47
N PHE H 34 21.90 -20.89 -77.73
CA PHE H 34 21.97 -21.00 -76.28
C PHE H 34 22.34 -22.42 -75.86
N ALA H 35 21.73 -23.43 -76.49
CA ALA H 35 22.04 -24.81 -76.14
C ALA H 35 23.48 -25.16 -76.46
N LEU H 36 23.98 -24.72 -77.62
CA LEU H 36 25.37 -24.98 -77.95
C LEU H 36 26.31 -24.32 -76.95
N GLN H 37 26.01 -23.07 -76.56
CA GLN H 37 26.84 -22.39 -75.58
C GLN H 37 26.86 -23.13 -74.26
N GLU H 38 25.69 -23.63 -73.81
CA GLU H 38 25.64 -24.35 -72.54
C GLU H 38 26.49 -25.61 -72.59
N ILE H 39 26.39 -26.39 -73.67
CA ILE H 39 27.15 -27.63 -73.75
C ILE H 39 28.65 -27.34 -73.74
N MET H 40 29.09 -26.40 -74.58
CA MET H 40 30.52 -26.11 -74.65
C MET H 40 31.04 -25.52 -73.34
N GLN H 41 30.24 -24.68 -72.68
CA GLN H 41 30.67 -24.14 -71.40
C GLN H 41 30.83 -25.24 -70.37
N LYS H 42 29.92 -26.20 -70.35
CA LYS H 42 30.04 -27.30 -69.40
C LYS H 42 31.31 -28.10 -69.63
N VAL H 43 31.61 -28.45 -70.88
CA VAL H 43 32.78 -29.29 -71.11
C VAL H 43 34.07 -28.51 -70.81
N ARG H 44 34.11 -27.22 -71.16
CA ARG H 44 35.30 -26.44 -70.86
C ARG H 44 35.52 -26.29 -69.36
N GLN H 45 34.44 -26.05 -68.60
CA GLN H 45 34.58 -25.93 -67.16
C GLN H 45 35.09 -27.23 -66.54
N VAL H 46 34.54 -28.37 -66.98
CA VAL H 46 34.96 -29.64 -66.42
C VAL H 46 36.43 -29.90 -66.72
N GLN H 47 36.86 -29.65 -67.96
CA GLN H 47 38.25 -29.90 -68.30
C GLN H 47 39.20 -28.93 -67.62
N ALA H 48 38.76 -27.69 -67.37
CA ALA H 48 39.65 -26.74 -66.70
C ALA H 48 39.75 -27.00 -65.21
N ASP H 49 38.71 -27.57 -64.60
CA ASP H 49 38.69 -27.72 -63.14
C ASP H 49 39.58 -28.86 -62.65
N TYR H 50 39.86 -29.87 -63.47
CA TYR H 50 40.63 -31.03 -63.05
C TYR H 50 41.77 -31.30 -64.03
N MET H 51 42.76 -32.05 -63.55
CA MET H 51 43.89 -32.43 -64.40
C MET H 51 43.42 -33.42 -65.45
N THR H 52 43.87 -33.21 -66.69
CA THR H 52 43.45 -34.06 -67.79
C THR H 52 44.55 -34.12 -68.84
N ALA H 53 44.49 -35.14 -69.68
CA ALA H 53 45.48 -35.36 -70.73
C ALA H 53 44.78 -35.74 -72.02
N THR H 54 44.79 -34.83 -72.99
CA THR H 54 44.18 -35.07 -74.28
C THR H 54 44.73 -34.06 -75.29
N ARG H 55 44.43 -34.29 -76.56
CA ARG H 55 44.82 -33.37 -77.60
C ARG H 55 44.02 -32.07 -77.47
N GLU H 56 44.68 -30.95 -77.80
CA GLU H 56 44.08 -29.64 -77.62
C GLU H 56 43.03 -29.39 -78.69
N VAL H 57 41.81 -29.08 -78.26
CA VAL H 57 40.71 -28.75 -79.15
C VAL H 57 40.06 -27.47 -78.66
N ASP H 58 39.84 -26.51 -79.56
CA ASP H 58 39.23 -25.24 -79.21
C ASP H 58 37.72 -25.37 -79.36
N PHE H 59 36.99 -25.24 -78.26
CA PHE H 59 35.54 -25.42 -78.26
C PHE H 59 34.87 -24.07 -78.51
N THR H 60 34.76 -23.72 -79.78
CA THR H 60 34.06 -22.50 -80.17
C THR H 60 32.64 -22.81 -80.59
N VAL H 61 31.82 -21.77 -80.70
CA VAL H 61 30.43 -21.89 -81.11
C VAL H 61 30.22 -21.04 -82.36
N PRO H 62 29.65 -21.59 -83.42
CA PRO H 62 29.39 -20.81 -84.63
C PRO H 62 27.98 -20.24 -84.63
N ASP H 63 27.71 -19.42 -85.64
CA ASP H 63 26.39 -18.84 -85.83
C ASP H 63 25.63 -19.69 -86.84
N VAL H 64 24.49 -20.23 -86.42
CA VAL H 64 23.76 -21.14 -87.29
C VAL H 64 23.00 -20.42 -88.39
N GLN H 65 22.69 -19.14 -88.20
CA GLN H 65 21.91 -18.42 -89.20
C GLN H 65 22.68 -18.29 -90.51
N LYS H 66 23.98 -17.96 -90.42
CA LYS H 66 24.78 -17.84 -91.63
C LYS H 66 24.95 -19.18 -92.32
N ILE H 67 25.08 -20.25 -91.54
CA ILE H 67 25.21 -21.58 -92.12
C ILE H 67 23.94 -21.96 -92.88
N LEU H 68 22.78 -21.69 -92.28
CA LEU H 68 21.53 -21.98 -92.96
C LEU H 68 21.38 -21.15 -94.24
N ASP H 69 21.77 -19.88 -94.18
CA ASP H 69 21.69 -19.04 -95.37
C ASP H 69 22.61 -19.56 -96.47
N ASP H 70 23.80 -20.01 -96.10
CA ASP H 70 24.73 -20.56 -97.10
C ASP H 70 24.18 -21.83 -97.71
N ILE H 71 23.58 -22.70 -96.90
CA ILE H 71 22.98 -23.93 -97.43
C ILE H 71 21.86 -23.59 -98.40
N LYS H 72 21.03 -22.60 -98.05
CA LYS H 72 19.96 -22.18 -98.94
C LYS H 72 20.50 -21.62 -100.24
N ALA H 73 21.57 -20.83 -100.16
CA ALA H 73 22.15 -20.25 -101.36
C ALA H 73 22.81 -21.31 -102.24
N LEU H 74 23.23 -22.42 -101.65
CA LEU H 74 23.87 -23.47 -102.43
C LEU H 74 22.93 -24.11 -103.45
N ALA H 75 21.62 -24.00 -103.26
CA ALA H 75 20.68 -24.63 -104.17
C ALA H 75 20.58 -23.94 -105.51
N ALA H 76 21.09 -22.71 -105.63
CA ALA H 76 21.00 -21.98 -106.89
C ALA H 76 22.11 -22.31 -107.86
N GLU H 77 23.10 -23.09 -107.44
CA GLU H 77 24.20 -23.44 -108.33
C GLU H 77 23.71 -24.39 -109.43
N GLN H 78 24.41 -24.36 -110.57
CA GLN H 78 24.11 -25.21 -111.70
C GLN H 78 25.33 -26.05 -112.05
N VAL H 79 25.10 -27.31 -112.38
CA VAL H 79 26.18 -28.24 -112.70
C VAL H 79 26.32 -28.41 -114.21
N TYR H 80 25.69 -27.56 -115.00
CA TYR H 80 25.77 -27.65 -116.45
C TYR H 80 25.99 -26.26 -117.01
N LYS H 81 26.39 -26.20 -118.28
CA LYS H 81 26.56 -24.93 -118.97
C LYS H 81 25.98 -25.03 -120.37
N ILE H 82 25.58 -23.89 -120.91
CA ILE H 82 24.96 -23.80 -122.22
C ILE H 82 25.96 -23.16 -123.18
N VAL H 83 26.22 -23.84 -124.29
CA VAL H 83 27.24 -23.40 -125.23
C VAL H 83 26.67 -23.35 -126.64
N LYS H 84 27.36 -22.62 -127.50
CA LYS H 84 26.97 -22.56 -128.91
C LYS H 84 27.66 -23.62 -129.76
N VAL H 85 28.93 -23.90 -129.48
CA VAL H 85 29.67 -24.91 -130.23
C VAL H 85 30.43 -25.80 -129.26
N PRO H 86 30.65 -27.08 -129.60
CA PRO H 86 31.46 -27.94 -128.75
C PRO H 86 32.93 -27.54 -128.82
N SER H 87 33.66 -27.87 -127.76
CA SER H 87 35.09 -27.60 -127.71
C SER H 87 35.82 -28.46 -128.73
N ILE H 88 36.96 -27.95 -129.20
CA ILE H 88 37.73 -28.66 -130.20
C ILE H 88 38.35 -29.91 -129.57
N SER H 89 38.15 -31.06 -130.23
CA SER H 89 38.61 -32.33 -129.69
C SER H 89 39.76 -32.95 -130.47
N PHE H 90 39.98 -32.55 -131.71
CA PHE H 90 41.07 -33.07 -132.52
C PHE H 90 41.80 -31.92 -133.19
N ARG H 91 43.12 -32.03 -133.29
CA ARG H 91 43.90 -31.05 -134.04
C ARG H 91 44.90 -31.80 -134.91
N HIS H 92 45.50 -31.07 -135.84
CA HIS H 92 46.37 -31.68 -136.84
C HIS H 92 47.72 -30.98 -136.86
N ILE H 93 48.77 -31.76 -137.11
CA ILE H 93 50.12 -31.24 -137.26
C ILE H 93 50.61 -31.63 -138.65
N VAL H 94 51.19 -30.67 -139.35
CA VAL H 94 51.64 -30.83 -140.73
C VAL H 94 53.16 -30.94 -140.73
N MET H 95 53.67 -31.93 -141.44
CA MET H 95 55.10 -32.08 -141.65
C MET H 95 55.49 -31.37 -142.94
N GLN H 96 56.69 -31.65 -143.45
CA GLN H 96 57.08 -31.12 -144.75
C GLN H 96 56.33 -31.78 -145.90
N SER H 97 55.67 -32.90 -145.67
CA SER H 97 54.93 -33.57 -146.74
C SER H 97 53.64 -32.83 -147.04
N ARG H 98 53.14 -33.02 -148.26
CA ARG H 98 51.86 -32.48 -148.68
C ARG H 98 50.84 -33.59 -148.94
N ASP H 99 51.09 -34.78 -148.40
CA ASP H 99 50.18 -35.91 -148.56
C ASP H 99 49.65 -36.43 -147.22
N ARG H 100 50.49 -36.57 -146.22
CA ARG H 100 50.12 -37.16 -144.94
C ARG H 100 50.35 -36.17 -143.83
N VAL H 101 49.48 -36.19 -142.82
CA VAL H 101 49.61 -35.37 -141.65
C VAL H 101 49.52 -36.27 -140.43
N LEU H 102 49.63 -35.70 -139.24
CA LEU H 102 49.46 -36.51 -138.04
C LEU H 102 48.48 -35.81 -137.11
N ARG H 103 47.45 -36.54 -136.69
CA ARG H 103 46.36 -35.97 -135.91
C ARG H 103 46.49 -36.36 -134.44
N VAL H 104 46.12 -35.43 -133.57
CA VAL H 104 46.28 -35.54 -132.13
C VAL H 104 44.93 -35.33 -131.48
N ASP H 105 44.56 -36.24 -130.57
CA ASP H 105 43.38 -36.08 -129.73
C ASP H 105 43.75 -35.21 -128.55
N THR H 106 43.25 -33.97 -128.54
CA THR H 106 43.68 -33.01 -127.54
C THR H 106 43.17 -33.31 -126.15
N TYR H 107 42.23 -34.26 -126.01
CA TYR H 107 41.71 -34.58 -124.68
C TYR H 107 42.80 -35.14 -123.78
N TYR H 108 43.65 -36.02 -124.32
CA TYR H 108 44.72 -36.57 -123.51
C TYR H 108 45.79 -35.53 -123.20
N GLU H 109 46.05 -34.63 -124.14
CA GLU H 109 46.98 -33.53 -123.88
C GLU H 109 46.48 -32.67 -122.73
N GLU H 110 45.18 -32.36 -122.71
CA GLU H 110 44.63 -31.60 -121.60
C GLU H 110 44.63 -32.40 -120.31
N MET H 111 44.41 -33.71 -120.41
CA MET H 111 44.29 -34.54 -119.21
C MET H 111 45.64 -34.74 -118.54
N SER H 112 46.73 -34.71 -119.30
CA SER H 112 48.05 -34.98 -118.75
C SER H 112 48.49 -33.94 -117.72
N GLN H 113 47.90 -32.74 -117.73
CA GLN H 113 48.36 -31.65 -116.87
C GLN H 113 47.36 -31.29 -115.79
N VAL H 114 46.49 -32.23 -115.39
CA VAL H 114 45.40 -31.88 -114.50
C VAL H 114 45.86 -31.83 -113.05
N GLY H 115 46.45 -32.91 -112.56
CA GLY H 115 46.82 -32.97 -111.16
C GLY H 115 48.31 -32.92 -110.91
N ASP H 116 48.71 -33.10 -109.66
CA ASP H 116 50.12 -33.13 -109.34
C ASP H 116 50.73 -34.48 -109.71
N VAL H 117 52.06 -34.51 -109.76
CA VAL H 117 52.77 -35.73 -110.12
C VAL H 117 52.70 -36.71 -108.95
N ILE H 118 52.29 -37.93 -109.24
CA ILE H 118 52.15 -38.94 -108.19
C ILE H 118 53.53 -39.48 -107.83
N THR H 119 53.80 -39.55 -106.54
CA THR H 119 55.05 -40.09 -106.01
C THR H 119 54.76 -41.33 -105.19
N GLU H 120 55.83 -41.93 -104.65
CA GLU H 120 55.70 -43.20 -103.97
C GLU H 120 55.13 -43.08 -102.56
N ASP H 121 55.47 -42.02 -101.84
CA ASP H 121 55.19 -41.95 -100.40
C ASP H 121 54.33 -40.76 -100.02
N GLU H 122 53.38 -40.37 -100.87
CA GLU H 122 52.41 -39.31 -100.56
C GLU H 122 51.02 -39.80 -100.91
N PRO H 123 50.39 -40.58 -100.03
CA PRO H 123 49.05 -41.10 -100.35
C PRO H 123 47.98 -40.04 -100.47
N GLU H 124 48.01 -39.02 -99.62
CA GLU H 124 47.02 -37.96 -99.66
C GLU H 124 47.09 -37.21 -100.99
N LYS H 125 48.29 -36.95 -101.48
CA LYS H 125 48.45 -36.28 -102.76
C LYS H 125 47.93 -37.15 -103.90
N PHE H 126 48.11 -38.47 -103.80
CA PHE H 126 47.58 -39.39 -104.81
C PHE H 126 46.06 -39.33 -104.86
N TYR H 127 45.43 -39.37 -103.68
CA TYR H 127 43.96 -39.29 -103.64
C TYR H 127 43.47 -37.95 -104.17
N SER H 128 44.16 -36.86 -103.82
CA SER H 128 43.77 -35.55 -104.33
C SER H 128 43.88 -35.48 -105.84
N THR H 129 44.93 -36.07 -106.40
CA THR H 129 45.10 -36.08 -107.85
C THR H 129 43.96 -36.84 -108.53
N ILE H 130 43.58 -38.00 -107.98
CA ILE H 130 42.49 -38.77 -108.56
C ILE H 130 41.18 -37.98 -108.52
N ILE H 131 40.90 -37.34 -107.37
CA ILE H 131 39.67 -36.56 -107.25
C ILE H 131 39.65 -35.41 -108.24
N LYS H 132 40.78 -34.72 -108.39
CA LYS H 132 40.84 -33.60 -109.32
C LYS H 132 40.61 -34.05 -110.75
N LYS H 133 41.19 -35.19 -111.14
CA LYS H 133 41.00 -35.68 -112.50
C LYS H 133 39.55 -36.05 -112.76
N VAL H 134 38.90 -36.73 -111.81
CA VAL H 134 37.50 -37.11 -112.00
C VAL H 134 36.62 -35.87 -112.10
N ARG H 135 36.86 -34.87 -111.24
CA ARG H 135 36.08 -33.65 -111.29
C ARG H 135 36.28 -32.91 -112.60
N PHE H 136 37.50 -32.92 -113.13
CA PHE H 136 37.75 -32.28 -114.42
C PHE H 136 36.97 -32.97 -115.52
N ILE H 137 36.93 -34.31 -115.51
CA ILE H 137 36.17 -35.03 -116.53
C ILE H 137 34.69 -34.66 -116.44
N ARG H 138 34.14 -34.65 -115.22
CA ARG H 138 32.73 -34.33 -115.05
C ARG H 138 32.42 -32.91 -115.54
N GLY H 139 33.28 -31.95 -115.20
CA GLY H 139 33.05 -30.58 -115.63
C GLY H 139 33.15 -30.42 -117.13
N LYS H 140 34.08 -31.12 -117.76
CA LYS H 140 34.23 -31.01 -119.20
C LYS H 140 33.07 -31.64 -119.94
N GLY H 141 32.51 -32.71 -119.40
CA GLY H 141 31.50 -33.46 -120.14
C GLY H 141 30.09 -32.94 -120.12
N SER H 142 29.74 -32.04 -119.20
CA SER H 142 28.35 -31.63 -119.00
C SER H 142 28.12 -30.29 -119.69
N PHE H 143 27.45 -30.32 -120.84
CA PHE H 143 27.11 -29.11 -121.56
C PHE H 143 25.89 -29.37 -122.43
N ILE H 144 25.20 -28.29 -122.79
CA ILE H 144 24.01 -28.35 -123.63
C ILE H 144 24.23 -27.42 -124.83
N LEU H 145 24.05 -27.97 -126.03
CA LEU H 145 24.16 -27.19 -127.25
C LEU H 145 22.88 -26.39 -127.47
N HIS H 146 23.03 -25.17 -128.00
CA HIS H 146 21.91 -24.27 -128.18
C HIS H 146 22.24 -23.25 -129.24
N ASP H 147 21.39 -23.15 -130.26
CA ASP H 147 21.48 -22.13 -131.31
C ASP H 147 22.79 -22.23 -132.09
N ILE H 148 22.98 -23.38 -132.74
CA ILE H 148 24.19 -23.62 -133.54
C ILE H 148 24.09 -22.87 -134.86
N PRO H 149 25.21 -22.56 -135.52
CA PRO H 149 25.15 -21.93 -136.84
C PRO H 149 25.12 -22.94 -137.97
N THR H 150 24.26 -22.67 -138.95
CA THR H 150 24.08 -23.54 -140.11
C THR H 150 24.12 -22.70 -141.39
N ARG H 151 23.98 -23.38 -142.53
CA ARG H 151 24.06 -22.71 -143.82
C ARG H 151 23.23 -23.46 -144.84
N ASP H 152 22.59 -22.72 -145.74
CA ASP H 152 21.84 -23.32 -146.82
C ASP H 152 22.76 -23.58 -148.01
N HIS H 153 22.61 -24.75 -148.62
CA HIS H 153 23.45 -25.12 -149.75
C HIS H 153 22.75 -26.24 -150.52
N ARG H 154 22.68 -26.07 -151.85
CA ARG H 154 22.13 -27.07 -152.76
C ARG H 154 20.72 -27.51 -152.35
N GLY H 155 19.94 -26.59 -151.80
CA GLY H 155 18.59 -26.92 -151.41
C GLY H 155 18.46 -27.72 -150.14
N MET H 156 19.45 -27.67 -149.24
CA MET H 156 19.30 -28.29 -147.94
C MET H 156 20.21 -27.58 -146.94
N GLU H 157 19.97 -27.88 -145.66
CA GLU H 157 20.69 -27.23 -144.57
C GLU H 157 21.89 -28.09 -144.16
N VAL H 158 23.05 -27.45 -144.04
CA VAL H 158 24.28 -28.14 -143.68
C VAL H 158 24.93 -27.40 -142.52
N ALA H 159 25.70 -28.15 -141.72
CA ALA H 159 26.35 -27.57 -140.56
C ALA H 159 27.62 -26.84 -140.97
N GLU H 160 27.88 -25.74 -140.27
CA GLU H 160 29.10 -24.99 -140.51
C GLU H 160 30.31 -25.78 -140.04
N PRO H 161 31.49 -25.52 -140.61
CA PRO H 161 32.69 -26.24 -140.17
C PRO H 161 33.03 -26.03 -138.69
N GLU H 162 32.71 -24.86 -138.13
CA GLU H 162 33.16 -24.57 -136.77
C GLU H 162 32.38 -25.33 -135.72
N VAL H 163 31.17 -25.79 -136.03
CA VAL H 163 30.42 -26.51 -135.00
C VAL H 163 30.96 -27.92 -134.84
N LEU H 164 31.62 -28.46 -135.85
CA LEU H 164 32.26 -29.76 -135.71
C LEU H 164 33.47 -29.64 -134.80
N GLY H 165 33.86 -30.78 -134.22
CA GLY H 165 34.96 -30.77 -133.26
C GLY H 165 36.32 -30.99 -133.87
N VAL H 166 36.52 -30.50 -135.09
CA VAL H 166 37.77 -30.72 -135.83
C VAL H 166 38.30 -29.38 -136.29
N GLU H 167 39.59 -29.14 -136.06
CA GLU H 167 40.27 -27.96 -136.55
C GLU H 167 41.30 -28.37 -137.59
N PHE H 168 41.09 -27.98 -138.84
CA PHE H 168 41.99 -28.39 -139.91
C PHE H 168 42.29 -27.28 -140.90
N LYS H 169 42.19 -26.02 -140.49
CA LYS H 169 42.38 -24.92 -141.43
C LYS H 169 43.82 -24.86 -141.94
N ASN H 170 44.79 -25.10 -141.07
CA ASN H 170 46.19 -24.97 -141.48
C ASN H 170 46.65 -26.09 -142.41
N VAL H 171 45.84 -27.13 -142.60
CA VAL H 171 46.23 -28.21 -143.50
C VAL H 171 45.91 -27.86 -144.95
N LEU H 172 44.93 -26.98 -145.17
CA LEU H 172 44.47 -26.70 -146.53
C LEU H 172 45.54 -26.12 -147.46
N PRO H 173 46.29 -25.07 -147.10
CA PRO H 173 47.12 -24.40 -148.12
C PRO H 173 48.24 -25.25 -148.69
N VAL H 174 48.65 -26.32 -148.02
CA VAL H 174 49.83 -27.05 -148.47
C VAL H 174 49.53 -28.13 -149.51
N LEU H 175 48.28 -28.50 -149.70
CA LEU H 175 47.93 -29.65 -150.52
C LEU H 175 47.40 -29.23 -151.88
N THR H 176 47.29 -30.20 -152.77
CA THR H 176 47.05 -29.96 -154.19
C THR H 176 45.57 -29.71 -154.46
N ALA H 177 45.21 -29.58 -155.73
CA ALA H 177 43.86 -29.18 -156.10
C ALA H 177 42.86 -30.31 -155.89
N GLU H 178 43.22 -31.53 -156.32
CA GLU H 178 42.28 -32.65 -156.27
C GLU H 178 41.89 -32.97 -154.83
N HIS H 179 42.88 -33.00 -153.93
CA HIS H 179 42.58 -33.27 -152.54
C HIS H 179 41.77 -32.14 -151.92
N ARG H 180 42.01 -30.89 -152.34
CA ARG H 180 41.23 -29.79 -151.79
C ARG H 180 39.77 -29.90 -152.22
N ALA H 181 39.53 -30.27 -153.48
CA ALA H 181 38.16 -30.49 -153.93
C ALA H 181 37.51 -31.64 -153.17
N MET H 182 38.24 -32.72 -152.94
CA MET H 182 37.68 -33.86 -152.22
C MET H 182 37.31 -33.47 -150.80
N ILE H 183 38.18 -32.73 -150.11
CA ILE H 183 37.89 -32.31 -148.75
C ILE H 183 36.73 -31.33 -148.72
N GLN H 184 36.63 -30.46 -149.72
CA GLN H 184 35.50 -29.54 -149.78
C GLN H 184 34.19 -30.28 -149.94
N ASN H 185 34.16 -31.28 -150.82
CA ASN H 185 32.93 -32.05 -151.01
C ASN H 185 32.57 -32.83 -149.76
N ALA H 186 33.55 -33.47 -149.13
CA ALA H 186 33.27 -34.22 -147.90
C ALA H 186 32.77 -33.31 -146.79
N LEU H 187 33.35 -32.11 -146.68
CA LEU H 187 32.89 -31.16 -145.67
C LEU H 187 31.48 -30.70 -145.96
N ASP H 188 31.15 -30.49 -147.24
CA ASP H 188 29.79 -30.12 -147.59
C ASP H 188 28.81 -31.28 -147.41
N GLY H 189 29.29 -32.50 -147.28
CA GLY H 189 28.41 -33.63 -147.15
C GLY H 189 27.77 -33.84 -145.80
N SER H 190 28.08 -33.03 -144.80
CA SER H 190 27.49 -33.16 -143.47
C SER H 190 26.20 -32.35 -143.43
N ILE H 191 25.10 -33.01 -143.09
CA ILE H 191 23.78 -32.39 -143.21
C ILE H 191 23.03 -32.52 -141.88
N ILE H 192 22.02 -31.67 -141.72
CA ILE H 192 21.09 -31.76 -140.60
C ILE H 192 19.90 -32.59 -141.05
N GLU H 193 19.56 -33.60 -140.26
CA GLU H 193 18.43 -34.46 -140.58
C GLU H 193 17.13 -33.66 -140.51
N ASN H 194 16.25 -33.91 -141.49
CA ASN H 194 14.94 -33.25 -141.57
C ASN H 194 15.09 -31.73 -141.61
N GLY H 195 16.00 -31.25 -142.46
CA GLY H 195 16.22 -29.81 -142.53
C GLY H 195 15.23 -29.04 -143.36
N ASN H 196 14.39 -29.73 -144.13
CA ASN H 196 13.45 -29.07 -145.02
C ASN H 196 12.02 -29.13 -144.51
N VAL H 197 11.82 -29.38 -143.23
CA VAL H 197 10.48 -29.38 -142.63
C VAL H 197 10.43 -28.26 -141.60
N ALA H 198 9.40 -27.43 -141.69
CA ALA H 198 9.21 -26.35 -140.74
C ALA H 198 8.64 -26.93 -139.44
N THR H 199 8.42 -26.06 -138.46
CA THR H 199 7.91 -26.40 -137.13
C THR H 199 8.79 -27.42 -136.42
N ARG H 200 10.02 -27.59 -136.85
CA ARG H 200 10.96 -28.45 -136.16
C ARG H 200 11.59 -27.69 -135.00
N ASP H 201 11.79 -28.39 -133.88
CA ASP H 201 12.32 -27.75 -132.68
C ASP H 201 13.65 -28.31 -132.23
N VAL H 202 14.38 -28.98 -133.11
CA VAL H 202 15.65 -29.60 -132.74
C VAL H 202 16.45 -29.86 -134.01
N ASP H 203 17.78 -29.85 -133.88
CA ASP H 203 18.69 -30.07 -134.99
C ASP H 203 19.62 -31.23 -134.64
N VAL H 204 19.73 -32.19 -135.55
CA VAL H 204 20.53 -33.39 -135.33
C VAL H 204 21.59 -33.48 -136.41
N PHE H 205 22.85 -33.63 -136.01
CA PHE H 205 23.93 -33.71 -136.97
C PHE H 205 25.01 -34.66 -136.48
N ILE H 206 26.08 -34.77 -137.25
CA ILE H 206 27.17 -35.71 -136.98
C ILE H 206 28.46 -34.92 -136.80
N GLY H 207 29.16 -35.17 -135.71
CA GLY H 207 30.41 -34.51 -135.42
C GLY H 207 31.43 -35.42 -134.77
N ALA H 208 32.48 -34.84 -134.19
CA ALA H 208 33.58 -35.60 -133.60
C ALA H 208 33.73 -35.22 -132.14
N CYS H 209 33.94 -36.24 -131.30
CA CYS H 209 34.11 -36.04 -129.87
C CYS H 209 34.76 -37.29 -129.29
N SER H 210 35.37 -37.13 -128.11
CA SER H 210 36.05 -38.24 -127.46
C SER H 210 35.11 -38.96 -126.50
N GLU H 211 35.44 -40.21 -126.20
CA GLU H 211 34.52 -41.09 -125.48
C GLU H 211 34.15 -40.61 -124.08
N PRO H 212 35.10 -40.25 -123.19
CA PRO H 212 34.71 -39.95 -121.81
C PRO H 212 33.75 -38.77 -121.68
N VAL H 213 33.85 -37.77 -122.54
CA VAL H 213 32.93 -36.65 -122.46
C VAL H 213 31.64 -36.91 -123.25
N TYR H 214 31.71 -37.72 -124.30
CA TYR H 214 30.51 -38.10 -125.02
C TYR H 214 29.57 -38.89 -124.13
N ARG H 215 30.13 -39.76 -123.28
CA ARG H 215 29.32 -40.52 -122.34
C ARG H 215 28.55 -39.60 -121.40
N ILE H 216 29.24 -38.60 -120.85
CA ILE H 216 28.59 -37.65 -119.95
C ILE H 216 27.52 -36.86 -120.67
N TYR H 217 27.80 -36.45 -121.89
CA TYR H 217 26.83 -35.68 -122.67
C TYR H 217 25.56 -36.49 -122.91
N ASN H 218 25.72 -37.77 -123.28
CA ASN H 218 24.55 -38.62 -123.49
C ASN H 218 23.77 -38.80 -122.20
N ARG H 219 24.46 -39.00 -121.08
CA ARG H 219 23.75 -39.20 -119.82
C ARG H 219 22.96 -37.96 -119.43
N LEU H 220 23.56 -36.77 -119.60
CA LEU H 220 22.86 -35.54 -119.26
C LEU H 220 21.64 -35.32 -120.15
N GLN H 221 21.77 -35.58 -121.45
CA GLN H 221 20.63 -35.43 -122.34
C GLN H 221 19.51 -36.39 -121.97
N GLY H 222 19.86 -37.64 -121.65
CA GLY H 222 18.84 -38.59 -121.24
C GLY H 222 18.14 -38.18 -119.96
N TYR H 223 18.89 -37.68 -118.98
CA TYR H 223 18.28 -37.23 -117.74
C TYR H 223 17.35 -36.05 -117.99
N ILE H 224 17.74 -35.12 -118.87
CA ILE H 224 16.89 -33.98 -119.16
C ILE H 224 15.59 -34.45 -119.82
N GLU H 225 15.69 -35.42 -120.72
CA GLU H 225 14.49 -35.93 -121.37
C GLU H 225 13.62 -36.72 -120.39
N ALA H 226 14.22 -37.30 -119.35
CA ALA H 226 13.46 -38.17 -118.46
C ALA H 226 12.63 -37.38 -117.45
N VAL H 227 13.29 -36.57 -116.62
CA VAL H 227 12.60 -35.90 -115.52
C VAL H 227 11.79 -34.73 -116.07
N GLN H 228 10.47 -34.77 -115.86
CA GLN H 228 9.50 -33.85 -116.42
C GLN H 228 8.37 -33.67 -115.42
N LEU H 229 7.19 -33.29 -115.93
CA LEU H 229 6.07 -32.84 -115.11
C LEU H 229 5.70 -33.82 -114.01
N GLN H 230 5.83 -35.12 -114.25
CA GLN H 230 5.36 -36.11 -113.27
C GLN H 230 6.15 -36.04 -111.98
N GLU H 231 7.48 -35.87 -112.07
CA GLU H 231 8.29 -35.77 -110.86
C GLU H 231 7.94 -34.51 -110.07
N LEU H 232 7.71 -33.41 -110.77
CA LEU H 232 7.29 -32.17 -110.10
C LEU H 232 5.96 -32.37 -109.39
N ARG H 233 5.03 -33.08 -110.03
CA ARG H 233 3.75 -33.34 -109.41
C ARG H 233 3.90 -34.19 -108.15
N ASN H 234 4.76 -35.20 -108.20
CA ASN H 234 5.00 -36.03 -107.02
C ASN H 234 5.59 -35.20 -105.88
N SER H 235 6.56 -34.34 -106.20
CA SER H 235 7.16 -33.51 -105.16
C SER H 235 6.15 -32.57 -104.53
N ILE H 236 5.30 -31.93 -105.35
CA ILE H 236 4.31 -31.02 -104.80
C ILE H 236 3.26 -31.79 -103.99
N GLY H 237 2.94 -33.02 -104.39
CA GLY H 237 2.02 -33.82 -103.60
C GLY H 237 2.56 -34.15 -102.22
N TRP H 238 3.83 -34.54 -102.15
CA TRP H 238 4.45 -34.77 -100.85
C TRP H 238 4.48 -33.51 -100.02
N LEU H 239 4.75 -32.37 -100.66
CA LEU H 239 4.74 -31.09 -99.94
C LEU H 239 3.36 -30.80 -99.37
N GLU H 240 2.30 -31.08 -100.14
CA GLU H 240 0.95 -30.86 -99.62
C GLU H 240 0.65 -31.79 -98.46
N ARG H 241 1.12 -33.03 -98.50
CA ARG H 241 0.91 -33.92 -97.37
C ARG H 241 1.59 -33.39 -96.10
N LEU H 242 2.84 -32.92 -96.24
CA LEU H 242 3.53 -32.36 -95.08
C LEU H 242 2.82 -31.12 -94.55
N GLY H 243 2.39 -30.23 -95.45
CA GLY H 243 1.66 -29.06 -95.03
C GLY H 243 0.33 -29.39 -94.40
N HIS H 244 -0.32 -30.45 -94.86
CA HIS H 244 -1.55 -30.92 -94.24
C HIS H 244 -1.31 -31.34 -92.80
N ARG H 245 -0.20 -32.05 -92.56
CA ARG H 245 0.11 -32.40 -91.17
C ARG H 245 0.43 -31.18 -90.34
N LYS H 246 1.25 -30.26 -90.87
CA LYS H 246 1.65 -29.10 -90.08
C LYS H 246 0.57 -28.04 -89.97
N ARG H 247 -0.54 -28.19 -90.70
CA ARG H 247 -1.70 -27.31 -90.61
C ARG H 247 -1.36 -25.87 -90.96
N ILE H 248 -0.72 -25.68 -92.12
CA ILE H 248 -0.46 -24.35 -92.66
C ILE H 248 -1.69 -23.88 -93.43
N THR H 249 -1.70 -22.60 -93.80
CA THR H 249 -2.82 -22.00 -94.50
C THR H 249 -2.45 -21.70 -95.95
N TYR H 250 -3.33 -22.07 -96.87
CA TYR H 250 -3.10 -21.90 -98.30
C TYR H 250 -3.88 -20.69 -98.82
N SER H 251 -3.36 -20.10 -99.89
CA SER H 251 -4.04 -18.99 -100.55
C SER H 251 -4.98 -19.54 -101.62
N GLN H 252 -5.51 -18.65 -102.46
CA GLN H 252 -6.38 -19.05 -103.55
C GLN H 252 -5.63 -19.38 -104.82
N GLU H 253 -4.32 -19.19 -104.85
CA GLU H 253 -3.53 -19.42 -106.04
C GLU H 253 -3.15 -20.89 -106.14
N VAL H 254 -3.34 -21.48 -107.32
CA VAL H 254 -3.06 -22.89 -107.54
C VAL H 254 -2.14 -23.04 -108.74
N LEU H 255 -1.46 -24.17 -108.80
CA LEU H 255 -0.49 -24.46 -109.84
C LEU H 255 -1.11 -25.32 -110.93
N THR H 256 -0.80 -25.00 -112.18
CA THR H 256 -1.37 -25.66 -113.34
C THR H 256 -0.30 -26.45 -114.08
N ASP H 257 -0.69 -27.59 -114.64
CA ASP H 257 0.22 -28.45 -115.38
C ASP H 257 0.49 -27.96 -116.80
N PHE H 258 0.19 -26.70 -117.11
CA PHE H 258 0.40 -26.19 -118.46
C PHE H 258 1.86 -25.83 -118.67
N ARG H 259 2.45 -26.34 -119.74
CA ARG H 259 3.84 -26.06 -120.09
C ARG H 259 3.89 -25.48 -121.49
N ARG H 260 4.61 -24.37 -121.64
CA ARG H 260 4.69 -23.70 -122.93
C ARG H 260 5.45 -24.54 -123.93
N GLN H 261 5.23 -24.24 -125.21
CA GLN H 261 5.85 -25.01 -126.28
C GLN H 261 7.30 -24.61 -126.52
N ASP H 262 7.76 -23.52 -125.91
CA ASP H 262 9.13 -23.05 -126.10
C ASP H 262 9.96 -23.15 -124.82
N THR H 263 9.57 -24.00 -123.87
CA THR H 263 10.23 -24.09 -122.58
C THR H 263 10.64 -25.52 -122.30
N ILE H 264 11.87 -25.68 -121.80
CA ILE H 264 12.37 -26.96 -121.32
C ILE H 264 12.71 -26.82 -119.85
N TRP H 265 12.14 -27.68 -119.02
CA TRP H 265 12.35 -27.61 -117.58
C TRP H 265 13.55 -28.45 -117.17
N VAL H 266 14.30 -27.95 -116.20
CA VAL H 266 15.40 -28.68 -115.58
C VAL H 266 15.14 -28.76 -114.09
N LEU H 267 15.06 -29.97 -113.56
CA LEU H 267 14.77 -30.20 -112.15
C LEU H 267 15.88 -31.06 -111.57
N ALA H 268 16.49 -30.59 -110.49
CA ALA H 268 17.71 -31.21 -109.99
C ALA H 268 17.57 -31.85 -108.62
N LEU H 269 16.43 -31.71 -107.95
CA LEU H 269 16.24 -32.28 -106.62
C LEU H 269 14.91 -33.03 -106.56
N GLN H 270 14.78 -33.85 -105.52
CA GLN H 270 13.56 -34.59 -105.22
C GLN H 270 13.21 -34.38 -103.77
N LEU H 271 11.91 -34.27 -103.47
CA LEU H 271 11.46 -33.98 -102.11
C LEU H 271 11.40 -35.19 -101.16
N PRO H 272 10.92 -36.37 -101.57
CA PRO H 272 10.86 -37.47 -100.60
C PRO H 272 12.25 -37.95 -100.21
N VAL H 273 12.90 -37.19 -99.32
CA VAL H 273 14.27 -37.47 -98.91
C VAL H 273 14.32 -38.73 -98.07
N ASN H 274 15.28 -39.59 -98.36
CA ASN H 274 15.53 -40.75 -97.53
C ASN H 274 16.08 -40.30 -96.19
N PRO H 275 15.40 -40.57 -95.07
CA PRO H 275 15.90 -40.09 -93.78
C PRO H 275 17.17 -40.79 -93.32
N GLN H 276 17.37 -42.05 -93.72
CA GLN H 276 18.53 -42.81 -93.25
C GLN H 276 19.83 -42.09 -93.57
N VAL H 277 19.91 -41.46 -94.75
CA VAL H 277 21.12 -40.77 -95.16
C VAL H 277 21.50 -39.69 -94.17
N VAL H 278 20.52 -39.05 -93.54
CA VAL H 278 20.83 -38.03 -92.55
C VAL H 278 21.39 -38.67 -91.28
N TRP H 279 20.84 -39.82 -90.88
CA TRP H 279 21.13 -40.39 -89.58
C TRP H 279 22.24 -41.44 -89.60
N ASP H 280 22.93 -41.60 -90.73
CA ASP H 280 24.06 -42.51 -90.78
C ASP H 280 25.39 -41.83 -90.51
N VAL H 281 25.41 -40.51 -90.39
CA VAL H 281 26.66 -39.77 -90.17
C VAL H 281 27.19 -40.11 -88.79
N PRO H 282 28.47 -40.45 -88.64
CA PRO H 282 28.99 -40.85 -87.33
C PRO H 282 29.03 -39.67 -86.38
N ARG H 283 28.46 -39.88 -85.18
CA ARG H 283 28.46 -38.89 -84.10
C ARG H 283 27.82 -37.58 -84.55
N SER H 284 26.53 -37.66 -84.86
CA SER H 284 25.82 -36.52 -85.41
C SER H 284 24.50 -36.23 -84.71
N SER H 285 24.28 -36.77 -83.52
CA SER H 285 23.01 -36.55 -82.83
C SER H 285 22.86 -35.10 -82.39
N ILE H 286 23.93 -34.51 -81.85
CA ILE H 286 23.87 -33.14 -81.36
C ILE H 286 23.63 -32.16 -82.50
N ALA H 287 24.32 -32.36 -83.63
CA ALA H 287 24.12 -31.48 -84.78
C ALA H 287 22.69 -31.59 -85.31
N ASN H 288 22.15 -32.81 -85.36
CA ASN H 288 20.78 -32.99 -85.81
C ASN H 288 19.79 -32.29 -84.89
N LEU H 289 20.00 -32.39 -83.57
CA LEU H 289 19.13 -31.70 -82.63
C LEU H 289 19.20 -30.19 -82.81
N ILE H 290 20.41 -29.66 -82.99
CA ILE H 290 20.57 -28.22 -83.15
C ILE H 290 19.87 -27.75 -84.43
N MET H 291 20.03 -28.50 -85.52
CA MET H 291 19.37 -28.13 -86.76
C MET H 291 17.86 -28.17 -86.62
N ASN H 292 17.33 -29.18 -85.92
CA ASN H 292 15.90 -29.27 -85.70
C ASN H 292 15.39 -28.06 -84.93
N ILE H 293 16.10 -27.68 -83.87
CA ILE H 293 15.69 -26.51 -83.09
C ILE H 293 15.73 -25.25 -83.94
N ALA H 294 16.79 -25.11 -84.75
CA ALA H 294 16.96 -23.88 -85.52
C ALA H 294 15.96 -23.77 -86.65
N THR H 295 15.46 -24.89 -87.18
CA THR H 295 14.59 -24.83 -88.34
C THR H 295 13.11 -24.95 -88.02
N CYS H 296 12.72 -25.61 -86.93
CA CYS H 296 11.32 -25.93 -86.74
C CYS H 296 10.66 -25.29 -85.52
N LEU H 297 11.40 -24.72 -84.60
CA LEU H 297 10.80 -24.23 -83.37
C LEU H 297 10.08 -22.90 -83.60
N PRO H 298 8.83 -22.77 -83.18
CA PRO H 298 8.11 -21.50 -83.36
C PRO H 298 8.56 -20.47 -82.35
N THR H 299 8.03 -19.26 -82.50
CA THR H 299 8.31 -18.17 -81.58
C THR H 299 7.06 -17.76 -80.81
N GLY H 300 7.24 -17.54 -79.53
CA GLY H 300 6.14 -17.23 -78.65
C GLY H 300 6.61 -16.49 -77.42
N GLU H 301 5.77 -16.52 -76.38
CA GLU H 301 6.02 -15.74 -75.18
C GLU H 301 5.55 -16.50 -73.96
N TYR H 302 6.14 -16.17 -72.82
CA TYR H 302 5.80 -16.82 -71.55
C TYR H 302 4.69 -16.05 -70.85
N ILE H 303 3.69 -16.77 -70.35
CA ILE H 303 2.51 -16.19 -69.74
C ILE H 303 2.41 -16.66 -68.30
N ALA H 304 2.27 -15.72 -67.38
CA ALA H 304 2.08 -16.03 -65.97
C ALA H 304 0.62 -16.34 -65.67
N PRO H 305 0.34 -17.11 -64.63
CA PRO H 305 -1.05 -17.39 -64.28
C PRO H 305 -1.77 -16.16 -63.73
N ASN H 306 -3.09 -16.24 -63.74
CA ASN H 306 -3.90 -15.12 -63.29
C ASN H 306 -3.69 -14.88 -61.79
N PRO H 307 -3.54 -13.62 -61.37
CA PRO H 307 -3.36 -13.35 -59.94
C PRO H 307 -4.55 -13.71 -59.08
N ARG H 308 -5.74 -13.83 -59.66
CA ARG H 308 -6.93 -14.15 -58.89
C ARG H 308 -7.06 -15.62 -58.56
N ILE H 309 -6.20 -16.47 -59.12
CA ILE H 309 -6.29 -17.90 -58.86
C ILE H 309 -5.95 -18.21 -57.41
N SER H 310 -4.90 -17.59 -56.89
CA SER H 310 -4.41 -17.89 -55.55
C SER H 310 -4.95 -16.98 -54.47
N SER H 311 -5.81 -16.02 -54.81
CA SER H 311 -6.33 -15.10 -53.82
C SER H 311 -7.73 -14.65 -54.20
N ILE H 312 -8.59 -14.52 -53.19
CA ILE H 312 -9.96 -14.05 -53.36
C ILE H 312 -10.18 -12.90 -52.39
N THR H 313 -10.64 -11.76 -52.91
CA THR H 313 -10.89 -10.59 -52.09
C THR H 313 -12.38 -10.51 -51.78
N LEU H 314 -12.73 -10.65 -50.51
CA LEU H 314 -14.13 -10.59 -50.09
C LEU H 314 -14.56 -9.18 -49.71
N THR H 315 -13.67 -8.41 -49.08
CA THR H 315 -13.98 -7.07 -48.63
C THR H 315 -12.72 -6.23 -48.83
N GLN H 316 -12.83 -4.92 -48.60
CA GLN H 316 -11.71 -4.02 -48.82
C GLN H 316 -10.52 -4.37 -47.94
N ARG H 317 -10.76 -4.89 -46.74
CA ARG H 317 -9.68 -5.23 -45.82
C ARG H 317 -9.40 -6.73 -45.74
N ILE H 318 -10.36 -7.58 -46.07
CA ILE H 318 -10.25 -9.02 -45.84
C ILE H 318 -9.93 -9.70 -47.16
N THR H 319 -8.79 -10.39 -47.21
CA THR H 319 -8.40 -11.18 -48.36
C THR H 319 -7.82 -12.51 -47.89
N THR H 320 -8.01 -13.54 -48.71
CA THR H 320 -7.40 -14.82 -48.40
C THR H 320 -5.91 -14.81 -48.77
N THR H 321 -5.15 -15.69 -48.14
CA THR H 321 -3.71 -15.74 -48.30
C THR H 321 -3.28 -17.11 -48.78
N GLY H 322 -2.36 -17.14 -49.73
CA GLY H 322 -1.81 -18.37 -50.24
C GLY H 322 -0.68 -18.89 -49.40
N PRO H 323 -0.48 -20.21 -49.40
CA PRO H 323 0.63 -20.79 -48.62
C PRO H 323 2.00 -20.33 -49.06
N PHE H 324 2.18 -20.08 -50.35
CA PHE H 324 3.49 -19.77 -50.93
C PHE H 324 3.65 -18.30 -51.24
N ALA H 325 3.15 -17.41 -50.37
CA ALA H 325 3.22 -15.98 -50.65
C ALA H 325 4.65 -15.48 -50.71
N ILE H 326 5.56 -16.09 -49.96
CA ILE H 326 6.96 -15.66 -49.99
C ILE H 326 7.60 -15.97 -51.34
N LEU H 327 7.25 -17.12 -51.92
CA LEU H 327 7.86 -17.50 -53.20
C LEU H 327 7.31 -16.68 -54.35
N THR H 328 6.01 -16.37 -54.32
CA THR H 328 5.40 -15.59 -55.39
C THR H 328 5.94 -14.17 -55.45
N GLY H 329 6.50 -13.66 -54.35
CA GLY H 329 7.11 -12.35 -54.38
C GLY H 329 8.51 -12.31 -54.93
N SER H 330 9.10 -13.46 -55.23
CA SER H 330 10.46 -13.51 -55.74
C SER H 330 10.49 -13.08 -57.20
N THR H 331 11.68 -12.63 -57.64
CA THR H 331 11.91 -12.25 -59.01
C THR H 331 13.14 -12.98 -59.51
N PRO H 332 13.06 -13.68 -60.63
CA PRO H 332 14.22 -14.45 -61.11
C PRO H 332 15.37 -13.56 -61.53
N THR H 333 16.58 -14.09 -61.37
CA THR H 333 17.78 -13.44 -61.86
C THR H 333 18.09 -13.95 -63.27
N ALA H 334 19.29 -13.67 -63.77
CA ALA H 334 19.65 -14.12 -65.11
C ALA H 334 19.83 -15.63 -65.16
N GLN H 335 20.58 -16.19 -64.22
CA GLN H 335 20.89 -17.62 -64.25
C GLN H 335 19.63 -18.46 -64.06
N GLN H 336 18.74 -18.02 -63.17
CA GLN H 336 17.50 -18.77 -62.95
C GLN H 336 16.62 -18.76 -64.19
N LEU H 337 16.57 -17.64 -64.90
CA LEU H 337 15.82 -17.59 -66.15
C LEU H 337 16.43 -18.53 -67.19
N ASN H 338 17.76 -18.58 -67.26
CA ASN H 338 18.41 -19.51 -68.17
C ASN H 338 18.08 -20.95 -67.82
N ASP H 339 18.02 -21.26 -66.52
CA ASP H 339 17.66 -22.61 -66.11
C ASP H 339 16.21 -22.94 -66.45
N VAL H 340 15.32 -21.95 -66.38
CA VAL H 340 13.94 -22.17 -66.80
C VAL H 340 13.89 -22.51 -68.29
N ARG H 341 14.68 -21.79 -69.09
CA ARG H 341 14.76 -22.10 -70.52
C ARG H 341 15.29 -23.51 -70.73
N LYS H 342 16.27 -23.93 -69.93
CA LYS H 342 16.77 -25.30 -70.03
C LYS H 342 15.68 -26.32 -69.72
N ILE H 343 14.88 -26.06 -68.70
CA ILE H 343 13.82 -27.01 -68.33
C ILE H 343 12.81 -27.14 -69.46
N TYR H 344 12.41 -26.03 -70.05
CA TYR H 344 11.44 -26.11 -71.14
C TYR H 344 12.03 -26.78 -72.37
N LEU H 345 13.32 -26.53 -72.64
CA LEU H 345 13.98 -27.21 -73.76
C LEU H 345 14.04 -28.71 -73.53
N ALA H 346 14.26 -29.13 -72.29
CA ALA H 346 14.23 -30.56 -71.99
C ALA H 346 12.83 -31.13 -72.15
N LEU H 347 11.80 -30.34 -71.80
CA LEU H 347 10.44 -30.83 -71.93
C LEU H 347 10.03 -31.02 -73.39
N MET H 348 10.44 -30.11 -74.27
CA MET H 348 10.01 -30.20 -75.67
C MET H 348 10.64 -31.37 -76.41
N PHE H 349 11.80 -31.83 -76.00
CA PHE H 349 12.45 -32.99 -76.61
C PHE H 349 12.53 -34.11 -75.59
N PRO H 350 11.70 -35.15 -75.70
CA PRO H 350 11.51 -36.07 -74.58
C PRO H 350 12.74 -36.85 -74.15
N GLY H 351 13.36 -37.58 -75.07
CA GLY H 351 14.45 -38.45 -74.71
C GLY H 351 15.84 -37.95 -75.02
N GLN H 352 15.97 -36.81 -75.70
CA GLN H 352 17.26 -36.38 -76.18
C GLN H 352 17.96 -35.41 -75.24
N ILE H 353 17.24 -34.81 -74.30
CA ILE H 353 17.84 -33.94 -73.30
C ILE H 353 17.38 -34.41 -71.92
N ILE H 354 18.33 -34.57 -71.01
CA ILE H 354 18.07 -35.11 -69.68
C ILE H 354 18.57 -34.11 -68.65
N LEU H 355 17.75 -33.84 -67.64
CA LEU H 355 18.10 -32.84 -66.64
C LEU H 355 18.88 -33.47 -65.49
N ASP H 356 19.57 -32.60 -64.74
CA ASP H 356 20.35 -33.02 -63.59
C ASP H 356 20.48 -31.83 -62.65
N LEU H 357 20.86 -32.12 -61.41
CA LEU H 357 20.91 -31.10 -60.36
C LEU H 357 22.27 -30.45 -60.30
N LYS H 358 22.28 -29.15 -60.01
CA LYS H 358 23.50 -28.36 -59.94
C LYS H 358 23.78 -27.93 -58.51
N ILE H 359 25.03 -28.05 -58.09
CA ILE H 359 25.45 -27.71 -56.74
C ILE H 359 26.30 -26.44 -56.81
N ASP H 360 25.87 -25.42 -56.07
CA ASP H 360 26.58 -24.14 -56.02
C ASP H 360 26.78 -23.74 -54.57
N PRO H 361 28.02 -23.76 -54.07
CA PRO H 361 28.22 -23.44 -52.65
C PRO H 361 27.96 -21.99 -52.31
N GLY H 362 28.18 -21.08 -53.26
CA GLY H 362 27.97 -19.66 -52.97
C GLY H 362 26.53 -19.29 -52.72
N GLU H 363 25.60 -19.94 -53.42
CA GLU H 363 24.20 -19.58 -53.31
C GLU H 363 23.66 -19.91 -51.92
N ARG H 364 22.86 -18.99 -51.38
CA ARG H 364 22.20 -19.18 -50.10
C ARG H 364 20.70 -18.98 -50.28
N MET H 365 19.93 -19.99 -49.91
CA MET H 365 18.48 -19.95 -50.10
C MET H 365 17.79 -20.54 -48.88
N ASP H 366 16.52 -20.20 -48.74
CA ASP H 366 15.72 -20.73 -47.65
C ASP H 366 15.51 -22.23 -47.85
N PRO H 367 15.50 -23.02 -46.77
CA PRO H 367 15.31 -24.47 -46.92
C PRO H 367 13.99 -24.88 -47.54
N ALA H 368 12.93 -24.07 -47.43
CA ALA H 368 11.62 -24.46 -47.93
C ALA H 368 11.57 -24.57 -49.44
N VAL H 369 12.52 -23.94 -50.14
CA VAL H 369 12.52 -23.97 -51.60
C VAL H 369 12.72 -25.40 -52.10
N ARG H 370 13.68 -26.11 -51.53
CA ARG H 370 13.90 -27.51 -51.89
C ARG H 370 12.68 -28.36 -51.52
N MET H 371 12.08 -28.06 -50.37
CA MET H 371 10.94 -28.82 -49.89
C MET H 371 9.77 -28.73 -50.87
N VAL H 372 9.52 -27.54 -51.41
CA VAL H 372 8.41 -27.39 -52.36
C VAL H 372 8.81 -27.85 -53.75
N ALA H 373 10.09 -27.75 -54.11
CA ALA H 373 10.54 -28.27 -55.40
C ALA H 373 10.40 -29.78 -55.46
N GLY H 374 10.52 -30.45 -54.32
CA GLY H 374 10.26 -31.89 -54.30
C GLY H 374 8.86 -32.24 -54.75
N VAL H 375 7.87 -31.46 -54.30
CA VAL H 375 6.50 -31.70 -54.73
C VAL H 375 6.31 -31.32 -56.20
N VAL H 376 6.91 -30.20 -56.62
CA VAL H 376 6.70 -29.72 -57.97
C VAL H 376 7.27 -30.70 -59.00
N GLY H 377 8.46 -31.24 -58.72
CA GLY H 377 9.12 -32.09 -59.71
C GLY H 377 8.35 -33.37 -60.01
N HIS H 378 7.70 -33.92 -58.98
CA HIS H 378 6.95 -35.15 -59.19
C HIS H 378 5.74 -34.95 -60.10
N LEU H 379 5.25 -33.73 -60.21
CA LEU H 379 4.14 -33.43 -61.10
C LEU H 379 4.58 -32.89 -62.44
N LEU H 380 5.78 -32.33 -62.53
CA LEU H 380 6.20 -31.67 -63.77
C LEU H 380 6.91 -32.60 -64.74
N PHE H 381 7.60 -33.63 -64.26
CA PHE H 381 8.45 -34.45 -65.10
C PHE H 381 7.86 -35.84 -65.33
N THR H 382 8.53 -36.60 -66.18
CA THR H 382 8.12 -37.94 -66.56
C THR H 382 9.31 -38.88 -66.48
N ALA H 383 9.14 -40.01 -65.79
CA ALA H 383 10.15 -41.04 -65.70
C ALA H 383 9.52 -42.41 -65.91
N GLY H 384 8.63 -42.51 -66.89
CA GLY H 384 7.81 -43.68 -67.08
C GLY H 384 8.55 -44.81 -67.76
N GLY H 385 7.77 -45.75 -68.28
CA GLY H 385 8.31 -46.93 -68.92
C GLY H 385 8.66 -46.79 -70.36
N ARG H 386 8.45 -45.62 -70.96
CA ARG H 386 8.75 -45.38 -72.37
C ARG H 386 9.93 -44.45 -72.56
N PHE H 387 9.96 -43.33 -71.85
CA PHE H 387 11.05 -42.38 -71.95
C PHE H 387 11.17 -41.65 -70.62
N THR H 388 12.27 -40.93 -70.47
CA THR H 388 12.55 -40.20 -69.23
C THR H 388 13.05 -38.81 -69.56
N ASN H 389 12.88 -37.91 -68.59
CA ASN H 389 13.38 -36.54 -68.69
C ASN H 389 14.50 -36.25 -67.71
N LEU H 390 14.86 -37.18 -66.83
CA LEU H 390 15.79 -36.90 -65.76
C LEU H 390 16.59 -38.13 -65.40
N THR H 391 17.80 -37.90 -64.92
CA THR H 391 18.75 -38.94 -64.52
C THR H 391 18.29 -39.59 -63.22
N GLN H 392 18.76 -40.82 -62.98
CA GLN H 392 18.38 -41.55 -61.77
C GLN H 392 18.79 -40.79 -60.51
N ASN H 393 19.93 -40.10 -60.56
CA ASN H 393 20.39 -39.33 -59.40
C ASN H 393 19.40 -38.22 -59.05
N MET H 394 18.90 -37.51 -60.07
CA MET H 394 17.91 -36.47 -59.80
C MET H 394 16.61 -37.04 -59.26
N ALA H 395 16.23 -38.24 -59.73
CA ALA H 395 15.07 -38.90 -59.16
C ALA H 395 15.25 -39.19 -57.69
N ARG H 396 16.44 -39.67 -57.32
CA ARG H 396 16.72 -39.93 -55.90
C ARG H 396 16.65 -38.63 -55.09
N GLN H 397 17.23 -37.55 -55.61
CA GLN H 397 17.21 -36.29 -54.88
C GLN H 397 15.80 -35.77 -54.70
N LEU H 398 14.96 -35.89 -55.74
CA LEU H 398 13.57 -35.45 -55.63
C LEU H 398 12.80 -36.31 -54.62
N ASP H 399 13.07 -37.62 -54.60
CA ASP H 399 12.41 -38.47 -53.61
C ASP H 399 12.81 -38.08 -52.19
N ILE H 400 14.09 -37.78 -51.97
CA ILE H 400 14.52 -37.37 -50.64
C ILE H 400 13.86 -36.05 -50.25
N ALA H 401 13.77 -35.11 -51.20
CA ALA H 401 13.12 -33.84 -50.92
C ALA H 401 11.65 -34.03 -50.55
N LEU H 402 10.95 -34.90 -51.29
CA LEU H 402 9.55 -35.15 -50.99
C LEU H 402 9.38 -35.80 -49.62
N ASN H 403 10.28 -36.72 -49.27
CA ASN H 403 10.25 -37.34 -47.95
C ASN H 403 10.40 -36.29 -46.85
N ASP H 404 11.39 -35.40 -47.01
CA ASP H 404 11.60 -34.37 -46.00
C ASP H 404 10.40 -33.44 -45.90
N TYR H 405 9.79 -33.11 -47.04
CA TYR H 405 8.62 -32.23 -47.00
C TYR H 405 7.45 -32.89 -46.30
N LEU H 406 7.22 -34.18 -46.56
CA LEU H 406 6.09 -34.84 -45.93
C LEU H 406 6.30 -34.98 -44.43
N LEU H 407 7.51 -35.29 -43.97
CA LEU H 407 7.71 -35.45 -42.54
C LEU H 407 7.71 -34.12 -41.79
N TYR H 408 7.97 -33.01 -42.47
CA TYR H 408 7.97 -31.70 -41.82
C TYR H 408 6.54 -31.30 -41.51
N MET H 409 6.25 -31.08 -40.24
CA MET H 409 4.89 -30.77 -39.77
C MET H 409 4.92 -29.47 -38.96
N TYR H 410 4.57 -28.36 -39.60
CA TYR H 410 4.46 -27.09 -38.89
C TYR H 410 3.07 -26.85 -38.35
N ASN H 411 2.18 -27.82 -38.49
CA ASN H 411 0.86 -27.83 -37.89
C ASN H 411 0.76 -29.03 -36.95
N THR H 412 -0.46 -29.35 -36.53
CA THR H 412 -0.69 -30.48 -35.64
C THR H 412 -0.15 -31.77 -36.28
N ARG H 413 0.60 -32.53 -35.50
CA ARG H 413 1.22 -33.74 -36.00
C ARG H 413 0.18 -34.83 -36.24
N VAL H 414 0.51 -35.77 -37.12
CA VAL H 414 -0.35 -36.89 -37.44
C VAL H 414 0.43 -38.18 -37.29
N GLN H 415 -0.29 -39.29 -37.20
CA GLN H 415 0.32 -40.58 -36.98
C GLN H 415 1.14 -41.01 -38.19
N VAL H 416 2.28 -41.64 -37.92
CA VAL H 416 3.15 -42.16 -38.97
C VAL H 416 3.70 -43.51 -38.54
N ASN H 417 3.73 -44.47 -39.46
CA ASN H 417 4.28 -45.79 -39.23
C ASN H 417 5.40 -46.03 -40.23
N TYR H 418 6.60 -46.32 -39.73
CA TYR H 418 7.75 -46.53 -40.59
C TYR H 418 7.86 -47.99 -41.00
N GLY H 419 8.54 -48.21 -42.13
CA GLY H 419 8.67 -49.54 -42.68
C GLY H 419 9.98 -50.20 -42.30
N PRO H 420 10.10 -51.50 -42.62
CA PRO H 420 11.34 -52.22 -42.29
C PRO H 420 12.58 -51.68 -42.97
N THR H 421 12.46 -51.22 -44.21
CA THR H 421 13.62 -50.76 -44.97
C THR H 421 13.89 -49.28 -44.74
N GLY H 422 15.12 -48.87 -44.98
CA GLY H 422 15.53 -47.50 -44.78
C GLY H 422 15.36 -46.60 -45.97
N GLU H 423 14.72 -47.06 -47.04
CA GLU H 423 14.57 -46.27 -48.24
C GLU H 423 13.64 -45.09 -47.98
N PRO H 424 13.80 -44.00 -48.71
CA PRO H 424 12.91 -42.84 -48.52
C PRO H 424 11.48 -43.16 -48.94
N LEU H 425 10.55 -42.42 -48.35
CA LEU H 425 9.12 -42.56 -48.61
C LEU H 425 8.59 -43.95 -48.28
N ASP H 426 9.23 -44.62 -47.32
CA ASP H 426 8.76 -45.93 -46.87
C ASP H 426 8.06 -45.76 -45.52
N PHE H 427 6.80 -45.33 -45.59
CA PHE H 427 5.99 -45.16 -44.38
C PHE H 427 4.53 -45.02 -44.78
N GLN H 428 3.67 -45.14 -43.78
CA GLN H 428 2.24 -44.90 -43.93
C GLN H 428 1.85 -43.75 -43.02
N ILE H 429 1.02 -42.84 -43.53
CA ILE H 429 0.74 -41.58 -42.87
C ILE H 429 -0.75 -41.36 -42.78
N GLY H 430 -1.17 -40.54 -41.83
CA GLY H 430 -2.55 -40.11 -41.70
C GLY H 430 -3.43 -41.09 -40.95
N ARG H 431 -4.67 -40.65 -40.69
CA ARG H 431 -5.65 -41.53 -40.07
C ARG H 431 -5.95 -42.72 -40.95
N ASN H 432 -6.29 -42.48 -42.20
CA ASN H 432 -6.36 -43.53 -43.21
C ASN H 432 -4.94 -43.78 -43.69
N GLN H 433 -4.42 -44.97 -43.43
CA GLN H 433 -3.02 -45.25 -43.70
C GLN H 433 -2.78 -45.27 -45.20
N TYR H 434 -2.19 -44.20 -45.72
CA TYR H 434 -1.91 -44.07 -47.14
C TYR H 434 -0.47 -44.49 -47.38
N ASP H 435 -0.29 -45.52 -48.22
CA ASP H 435 1.04 -46.04 -48.51
C ASP H 435 1.78 -45.09 -49.42
N CYS H 436 2.88 -44.53 -48.92
CA CYS H 436 3.69 -43.57 -49.68
C CYS H 436 4.81 -44.23 -50.45
N ASN H 437 4.89 -45.57 -50.45
CA ASN H 437 5.94 -46.26 -51.19
C ASN H 437 5.77 -46.13 -52.70
N VAL H 438 4.56 -45.83 -53.18
CA VAL H 438 4.32 -45.77 -54.61
C VAL H 438 4.92 -44.54 -55.27
N PHE H 439 5.45 -43.60 -54.49
CA PHE H 439 6.03 -42.39 -55.05
C PHE H 439 7.54 -42.49 -55.25
N ARG H 440 8.17 -43.60 -54.86
CA ARG H 440 9.59 -43.77 -55.08
C ARG H 440 9.84 -44.14 -56.54
N ALA H 441 10.92 -43.60 -57.09
CA ALA H 441 11.17 -43.76 -58.53
C ALA H 441 11.47 -45.21 -58.89
N ASP H 442 10.92 -45.65 -60.02
CA ASP H 442 11.16 -46.98 -60.54
C ASP H 442 11.03 -46.90 -62.06
N PHE H 443 12.15 -46.98 -62.77
CA PHE H 443 12.15 -46.69 -64.19
C PHE H 443 11.53 -47.81 -65.03
N ALA H 444 11.33 -48.99 -64.46
CA ALA H 444 10.70 -50.07 -65.20
C ALA H 444 9.20 -49.87 -65.36
N THR H 445 8.58 -49.09 -64.48
CA THR H 445 7.13 -48.87 -64.55
C THR H 445 6.70 -47.43 -64.37
N GLY H 446 7.55 -46.55 -63.83
CA GLY H 446 7.23 -45.14 -63.73
C GLY H 446 6.11 -44.79 -62.77
N THR H 447 6.18 -45.31 -61.55
CA THR H 447 5.11 -45.06 -60.58
C THR H 447 5.13 -43.63 -60.08
N GLY H 448 6.29 -43.15 -59.63
CA GLY H 448 6.27 -41.92 -58.86
C GLY H 448 6.01 -40.65 -59.64
N TYR H 449 5.99 -40.71 -60.96
CA TYR H 449 5.95 -39.49 -61.76
C TYR H 449 4.85 -39.57 -62.80
N ASN H 450 4.82 -38.62 -63.74
CA ASN H 450 3.80 -38.64 -64.78
C ASN H 450 3.91 -39.91 -65.62
N GLY H 451 2.77 -40.54 -65.86
CA GLY H 451 2.76 -41.80 -66.55
C GLY H 451 2.66 -42.98 -65.61
N TRP H 452 1.89 -42.83 -64.53
CA TRP H 452 1.67 -43.94 -63.60
C TRP H 452 0.95 -45.08 -64.30
N ALA H 453 -0.18 -44.77 -64.94
CA ALA H 453 -0.90 -45.73 -65.77
C ALA H 453 -1.41 -45.03 -67.03
N THR H 454 -0.57 -44.21 -67.64
CA THR H 454 -0.97 -43.38 -68.77
C THR H 454 -0.16 -43.79 -69.98
N ILE H 455 -0.85 -43.99 -71.11
CA ILE H 455 -0.19 -44.29 -72.38
C ILE H 455 0.26 -42.94 -72.97
N ASP H 456 1.56 -42.68 -72.93
CA ASP H 456 2.11 -41.41 -73.36
C ASP H 456 2.74 -41.46 -74.74
N VAL H 457 2.71 -42.60 -75.42
CA VAL H 457 3.19 -42.73 -76.79
C VAL H 457 2.16 -43.55 -77.57
N GLU H 458 1.71 -43.04 -78.71
CA GLU H 458 0.71 -43.74 -79.49
C GLU H 458 1.02 -43.62 -80.98
N TYR H 459 0.24 -44.33 -81.78
CA TYR H 459 0.41 -44.37 -83.23
C TYR H 459 -0.97 -44.23 -83.88
N ARG H 460 -1.11 -43.27 -84.79
CA ARG H 460 -2.40 -43.01 -85.41
C ARG H 460 -2.43 -43.28 -86.91
N GLU H 461 -1.59 -42.60 -87.68
CA GLU H 461 -1.68 -42.66 -89.14
C GLU H 461 -0.29 -42.46 -89.73
N PRO H 462 -0.03 -42.98 -90.92
CA PRO H 462 1.33 -42.93 -91.48
C PRO H 462 1.81 -41.50 -91.71
N ALA H 463 2.90 -41.16 -91.04
CA ALA H 463 3.44 -39.81 -91.08
C ALA H 463 4.10 -39.52 -92.43
N PRO H 464 4.20 -38.23 -92.79
CA PRO H 464 4.95 -37.89 -94.02
C PRO H 464 6.41 -38.30 -93.99
N TYR H 465 7.06 -38.24 -92.84
CA TYR H 465 8.41 -38.78 -92.69
C TYR H 465 8.29 -40.20 -92.14
N VAL H 466 8.83 -41.17 -92.89
CA VAL H 466 8.59 -42.58 -92.57
C VAL H 466 9.31 -43.05 -91.33
N HIS H 467 10.26 -42.28 -90.81
CA HIS H 467 11.08 -42.73 -89.70
C HIS H 467 10.57 -42.28 -88.34
N ALA H 468 9.55 -41.43 -88.28
CA ALA H 468 9.03 -40.91 -87.02
C ALA H 468 7.50 -41.01 -87.04
N GLN H 469 6.98 -42.14 -86.59
CA GLN H 469 5.55 -42.40 -86.63
C GLN H 469 4.85 -42.14 -85.32
N ARG H 470 5.56 -41.69 -84.28
CA ARG H 470 5.00 -41.65 -82.95
C ARG H 470 4.27 -40.35 -82.68
N TYR H 471 3.33 -40.41 -81.74
CA TYR H 471 2.64 -39.24 -81.21
C TYR H 471 2.84 -39.23 -79.70
N ILE H 472 3.22 -38.08 -79.16
CA ILE H 472 3.51 -37.94 -77.74
C ILE H 472 2.30 -37.34 -77.06
N ARG H 473 1.88 -37.95 -75.95
CA ARG H 473 0.76 -37.47 -75.15
C ARG H 473 1.22 -37.34 -73.71
N TYR H 474 1.69 -36.15 -73.34
CA TYR H 474 2.05 -35.90 -71.95
C TYR H 474 0.81 -35.94 -71.08
N CYS H 475 0.91 -36.67 -69.97
CA CYS H 475 -0.12 -36.76 -68.93
C CYS H 475 -1.51 -37.05 -69.50
N GLY H 476 -1.57 -37.71 -70.65
CA GLY H 476 -2.81 -38.21 -71.20
C GLY H 476 -3.72 -37.17 -71.82
N ILE H 477 -3.30 -35.93 -71.91
CA ILE H 477 -4.15 -34.88 -72.46
C ILE H 477 -3.89 -34.79 -73.96
N ASP H 478 -4.95 -34.59 -74.73
CA ASP H 478 -4.85 -34.47 -76.17
C ASP H 478 -5.03 -33.02 -76.59
N SER H 479 -4.45 -32.68 -77.75
CA SER H 479 -4.56 -31.31 -78.26
C SER H 479 -6.00 -30.96 -78.60
N ARG H 480 -6.74 -31.91 -79.17
CA ARG H 480 -8.12 -31.66 -79.55
C ARG H 480 -9.02 -31.35 -78.36
N GLU H 481 -8.56 -31.63 -77.14
CA GLU H 481 -9.32 -31.25 -75.96
C GLU H 481 -9.45 -29.74 -75.82
N LEU H 482 -8.56 -28.97 -76.46
CA LEU H 482 -8.71 -27.52 -76.44
C LEU H 482 -9.84 -27.04 -77.33
N ILE H 483 -10.38 -27.89 -78.20
CA ILE H 483 -11.45 -27.54 -79.10
C ILE H 483 -12.74 -28.27 -78.76
N ASN H 484 -12.65 -29.58 -78.51
CA ASN H 484 -13.82 -30.41 -78.20
C ASN H 484 -13.55 -31.13 -76.89
N PRO H 485 -13.79 -30.48 -75.76
CA PRO H 485 -13.56 -31.13 -74.46
C PRO H 485 -14.48 -32.31 -74.26
N THR H 486 -13.97 -33.33 -73.58
CA THR H 486 -14.73 -34.55 -73.30
C THR H 486 -15.14 -34.66 -71.84
N THR H 487 -14.97 -33.59 -71.06
CA THR H 487 -15.37 -33.61 -69.67
C THR H 487 -15.60 -32.18 -69.21
N TYR H 488 -16.28 -32.05 -68.07
CA TYR H 488 -16.54 -30.72 -67.52
C TYR H 488 -15.24 -30.11 -66.99
N GLY H 489 -15.32 -28.83 -66.65
CA GLY H 489 -14.13 -28.12 -66.19
C GLY H 489 -13.59 -28.66 -64.89
N ILE H 490 -14.47 -29.12 -64.00
CA ILE H 490 -14.04 -29.67 -62.72
C ILE H 490 -13.54 -31.10 -62.84
N GLY H 491 -13.74 -31.74 -63.99
CA GLY H 491 -13.39 -33.12 -64.16
C GLY H 491 -12.06 -33.40 -64.81
N MET H 492 -11.28 -32.39 -65.16
CA MET H 492 -9.99 -32.61 -65.80
C MET H 492 -8.97 -33.07 -64.76
N THR H 493 -8.39 -34.25 -64.97
CA THR H 493 -7.43 -34.81 -64.04
C THR H 493 -6.69 -35.97 -64.71
N TYR H 494 -5.60 -36.39 -64.08
CA TYR H 494 -4.91 -37.61 -64.43
C TYR H 494 -4.38 -38.24 -63.15
N HIS H 495 -3.87 -39.48 -63.27
CA HIS H 495 -3.71 -40.34 -62.11
C HIS H 495 -2.71 -39.78 -61.10
N CYS H 496 -1.53 -39.36 -61.56
CA CYS H 496 -0.47 -38.96 -60.65
C CYS H 496 -0.86 -37.72 -59.85
N TYR H 497 -1.49 -36.75 -60.52
CA TYR H 497 -1.90 -35.52 -59.84
C TYR H 497 -2.96 -35.82 -58.78
N ASN H 498 -3.91 -36.69 -59.12
CA ASN H 498 -4.94 -37.06 -58.16
C ASN H 498 -4.36 -37.76 -56.94
N GLU H 499 -3.41 -38.67 -57.16
CA GLU H 499 -2.80 -39.35 -56.03
C GLU H 499 -1.97 -38.40 -55.18
N MET H 500 -1.32 -37.42 -55.81
CA MET H 500 -0.58 -36.42 -55.05
C MET H 500 -1.50 -35.60 -54.16
N LEU H 501 -2.65 -35.20 -54.70
CA LEU H 501 -3.62 -34.48 -53.87
C LEU H 501 -4.14 -35.32 -52.72
N ARG H 502 -4.41 -36.61 -52.97
CA ARG H 502 -4.86 -37.48 -51.89
C ARG H 502 -3.81 -37.61 -50.81
N MET H 503 -2.55 -37.80 -51.20
CA MET H 503 -1.47 -37.91 -50.22
C MET H 503 -1.30 -36.62 -49.44
N LEU H 504 -1.36 -35.47 -50.11
CA LEU H 504 -1.21 -34.21 -49.41
C LEU H 504 -2.33 -33.98 -48.41
N VAL H 505 -3.55 -34.35 -48.78
CA VAL H 505 -4.66 -34.21 -47.85
C VAL H 505 -4.48 -35.14 -46.65
N ALA H 506 -4.01 -36.37 -46.90
CA ALA H 506 -3.83 -37.31 -45.80
C ALA H 506 -2.76 -36.84 -44.83
N ALA H 507 -1.75 -36.12 -45.31
CA ALA H 507 -0.65 -35.68 -44.46
C ALA H 507 -0.96 -34.40 -43.69
N GLY H 508 -2.12 -33.79 -43.91
CA GLY H 508 -2.50 -32.62 -43.15
C GLY H 508 -2.16 -31.29 -43.77
N LYS H 509 -1.75 -31.26 -45.03
CA LYS H 509 -1.44 -29.99 -45.70
C LYS H 509 -2.60 -29.61 -46.62
N ASP H 510 -3.66 -29.08 -46.00
CA ASP H 510 -4.89 -28.83 -46.73
C ASP H 510 -4.79 -27.61 -47.64
N SER H 511 -4.11 -26.56 -47.18
CA SER H 511 -4.01 -25.34 -47.98
C SER H 511 -3.23 -25.58 -49.26
N GLU H 512 -2.14 -26.34 -49.18
CA GLU H 512 -1.37 -26.66 -50.38
C GLU H 512 -2.18 -27.51 -51.34
N ALA H 513 -2.97 -28.44 -50.82
CA ALA H 513 -3.84 -29.23 -51.67
C ALA H 513 -4.86 -28.36 -52.38
N ALA H 514 -5.42 -27.39 -51.66
CA ALA H 514 -6.37 -26.47 -52.28
C ALA H 514 -5.70 -25.67 -53.40
N TYR H 515 -4.47 -25.19 -53.15
CA TYR H 515 -3.77 -24.42 -54.17
C TYR H 515 -3.50 -25.25 -55.42
N PHE H 516 -3.05 -26.49 -55.24
CA PHE H 516 -2.74 -27.32 -56.39
C PHE H 516 -4.01 -27.72 -57.14
N ARG H 517 -5.09 -27.99 -56.41
CA ARG H 517 -6.36 -28.29 -57.07
C ARG H 517 -6.84 -27.10 -57.88
N SER H 518 -6.63 -25.89 -57.37
CA SER H 518 -6.98 -24.71 -58.14
C SER H 518 -6.12 -24.57 -59.38
N MET H 519 -4.82 -24.88 -59.27
CA MET H 519 -3.90 -24.66 -60.38
C MET H 519 -3.90 -25.77 -61.42
N LEU H 520 -4.60 -26.89 -61.17
CA LEU H 520 -4.54 -28.03 -62.09
C LEU H 520 -4.92 -27.71 -63.54
N PRO H 521 -6.04 -27.03 -63.85
CA PRO H 521 -6.37 -26.81 -65.27
C PRO H 521 -5.32 -26.05 -66.05
N PHE H 522 -4.65 -25.09 -65.41
CA PHE H 522 -3.56 -24.36 -66.06
C PHE H 522 -2.44 -25.31 -66.44
N HIS H 523 -2.09 -26.22 -65.54
CA HIS H 523 -1.08 -27.24 -65.81
C HIS H 523 -1.46 -28.11 -66.99
N MET H 524 -2.71 -28.58 -67.02
CA MET H 524 -3.14 -29.46 -68.10
C MET H 524 -3.14 -28.72 -69.45
N VAL H 525 -3.58 -27.46 -69.46
CA VAL H 525 -3.59 -26.69 -70.70
C VAL H 525 -2.17 -26.47 -71.20
N ARG H 526 -1.24 -26.17 -70.29
CA ARG H 526 0.15 -26.01 -70.69
C ARG H 526 0.69 -27.27 -71.35
N PHE H 527 0.42 -28.43 -70.75
CA PHE H 527 0.95 -29.65 -71.33
C PHE H 527 0.28 -29.97 -72.66
N ALA H 528 -1.00 -29.63 -72.81
CA ALA H 528 -1.67 -29.81 -74.10
C ALA H 528 -1.00 -28.97 -75.18
N ARG H 529 -0.67 -27.72 -74.85
CA ARG H 529 0.02 -26.87 -75.82
C ARG H 529 1.40 -27.43 -76.16
N ILE H 530 2.10 -27.99 -75.17
CA ILE H 530 3.41 -28.57 -75.44
C ILE H 530 3.29 -29.76 -76.39
N ASN H 531 2.29 -30.62 -76.17
CA ASN H 531 2.07 -31.73 -77.10
C ASN H 531 1.76 -31.24 -78.50
N GLN H 532 0.94 -30.18 -78.62
CA GLN H 532 0.62 -29.66 -79.93
C GLN H 532 1.87 -29.12 -80.62
N ILE H 533 2.77 -28.48 -79.86
CA ILE H 533 4.02 -28.00 -80.44
C ILE H 533 4.88 -29.16 -80.92
N ILE H 534 5.00 -30.21 -80.11
CA ILE H 534 5.89 -31.32 -80.45
C ILE H 534 5.37 -32.07 -81.67
N ASN H 535 4.07 -32.36 -81.70
CA ASN H 535 3.56 -33.27 -82.72
C ASN H 535 3.46 -32.61 -84.10
N GLU H 536 3.26 -31.30 -84.15
CA GLU H 536 3.05 -30.61 -85.43
C GLU H 536 4.29 -29.89 -85.93
N ASP H 537 4.84 -28.96 -85.15
CA ASP H 537 5.90 -28.09 -85.64
C ASP H 537 7.24 -28.80 -85.74
N LEU H 538 7.56 -29.66 -84.78
CA LEU H 538 8.88 -30.26 -84.70
C LEU H 538 9.01 -31.54 -85.52
N HIS H 539 8.18 -31.72 -86.55
CA HIS H 539 8.26 -32.87 -87.41
C HIS H 539 9.23 -32.56 -88.55
N SER H 540 10.35 -33.26 -88.58
CA SER H 540 11.39 -33.02 -89.57
C SER H 540 12.25 -34.26 -89.70
N VAL H 541 13.18 -34.25 -90.66
CA VAL H 541 14.05 -35.41 -90.81
C VAL H 541 15.05 -35.46 -89.66
N PHE H 542 15.30 -34.32 -89.02
CA PHE H 542 16.24 -34.28 -87.91
C PHE H 542 15.65 -34.84 -86.62
N SER H 543 14.37 -35.17 -86.59
CA SER H 543 13.79 -35.80 -85.41
C SER H 543 14.31 -37.22 -85.26
N LEU H 544 14.40 -37.66 -84.01
CA LEU H 544 15.00 -38.95 -83.72
C LEU H 544 14.11 -40.09 -84.23
N PRO H 545 14.66 -41.07 -84.92
CA PRO H 545 13.83 -42.18 -85.42
C PRO H 545 13.33 -43.06 -84.30
N ASP H 546 12.38 -43.93 -84.66
CA ASP H 546 11.64 -44.70 -83.66
C ASP H 546 12.52 -45.75 -82.99
N ASP H 547 13.40 -46.41 -83.75
CA ASP H 547 14.16 -47.50 -83.20
C ASP H 547 15.22 -47.05 -82.18
N MET H 548 15.76 -45.84 -82.33
CA MET H 548 16.60 -45.30 -81.27
C MET H 548 15.78 -44.78 -80.10
N PHE H 549 14.59 -44.22 -80.37
CA PHE H 549 13.75 -43.70 -79.32
C PHE H 549 13.29 -44.80 -78.37
N ASN H 550 12.94 -45.96 -78.92
CA ASN H 550 12.51 -47.06 -78.08
C ASN H 550 13.66 -47.71 -77.32
N ALA H 551 14.91 -47.46 -77.75
CA ALA H 551 16.07 -48.08 -77.11
C ALA H 551 16.81 -47.14 -76.18
N LEU H 552 16.44 -45.85 -76.14
CA LEU H 552 17.13 -44.91 -75.26
C LEU H 552 17.02 -45.32 -73.79
N LEU H 553 15.84 -45.70 -73.34
CA LEU H 553 15.62 -45.93 -71.91
C LEU H 553 16.20 -47.25 -71.40
N PRO H 554 15.98 -48.40 -72.05
CA PRO H 554 16.63 -49.63 -71.56
C PRO H 554 18.14 -49.54 -71.54
N ASP H 555 18.75 -48.83 -72.48
CA ASP H 555 20.19 -48.65 -72.45
C ASP H 555 20.61 -47.80 -71.26
N LEU H 556 19.80 -46.80 -70.91
CA LEU H 556 20.10 -46.00 -69.73
C LEU H 556 20.01 -46.82 -68.46
N ILE H 557 19.01 -47.71 -68.38
CA ILE H 557 18.88 -48.57 -67.20
C ILE H 557 20.06 -49.53 -67.11
N ALA H 558 20.39 -50.20 -68.22
CA ALA H 558 21.46 -51.18 -68.21
C ALA H 558 22.84 -50.54 -68.15
N GLY H 559 22.96 -49.29 -68.59
CA GLY H 559 24.26 -48.64 -68.59
C GLY H 559 25.16 -49.03 -69.74
N ALA H 560 24.62 -49.61 -70.80
CA ALA H 560 25.42 -50.06 -71.92
C ALA H 560 25.79 -48.90 -72.83
N HIS H 561 26.53 -49.21 -73.89
CA HIS H 561 26.94 -48.19 -74.86
C HIS H 561 25.74 -47.68 -75.64
N GLN H 562 25.73 -46.39 -75.92
CA GLN H 562 24.62 -45.72 -76.60
C GLN H 562 25.13 -45.00 -77.82
N ASN H 563 24.46 -45.20 -78.96
CA ASN H 563 24.82 -44.46 -80.16
C ASN H 563 24.38 -43.00 -80.06
N ALA H 564 23.18 -42.77 -79.54
CA ALA H 564 22.67 -41.41 -79.35
C ALA H 564 22.68 -41.11 -77.85
N ASP H 565 23.82 -40.61 -77.38
CA ASP H 565 23.96 -40.28 -75.98
C ASP H 565 23.14 -39.03 -75.65
N PRO H 566 22.26 -39.08 -74.65
CA PRO H 566 21.51 -37.89 -74.28
C PRO H 566 22.41 -36.78 -73.76
N VAL H 567 21.97 -35.54 -73.99
CA VAL H 567 22.66 -34.36 -73.50
C VAL H 567 22.15 -34.05 -72.11
N VAL H 568 23.07 -33.82 -71.17
CA VAL H 568 22.74 -33.59 -69.77
C VAL H 568 22.92 -32.11 -69.45
N LEU H 569 21.91 -31.52 -68.80
CA LEU H 569 21.93 -30.12 -68.42
C LEU H 569 21.66 -30.00 -66.92
N ASP H 570 22.15 -28.93 -66.33
CA ASP H 570 22.08 -28.72 -64.89
C ASP H 570 21.13 -27.57 -64.55
N VAL H 571 20.29 -27.78 -63.55
CA VAL H 571 19.31 -26.78 -63.12
C VAL H 571 19.38 -26.64 -61.61
N SER H 572 18.76 -25.56 -61.11
CA SER H 572 18.73 -25.25 -59.70
C SER H 572 17.40 -25.68 -59.07
N TRP H 573 17.30 -25.49 -57.76
CA TRP H 573 16.08 -25.89 -57.05
C TRP H 573 14.93 -24.93 -57.36
N ILE H 574 15.19 -23.62 -57.33
CA ILE H 574 14.13 -22.63 -57.50
C ILE H 574 13.65 -22.56 -58.94
N SER H 575 14.44 -23.07 -59.88
CA SER H 575 14.03 -23.08 -61.28
C SER H 575 12.81 -23.96 -61.49
N LEU H 576 12.67 -25.02 -60.69
CA LEU H 576 11.47 -25.86 -60.77
C LEU H 576 10.22 -25.06 -60.43
N TRP H 577 10.27 -24.29 -59.34
CA TRP H 577 9.12 -23.48 -58.96
C TRP H 577 8.84 -22.41 -60.00
N PHE H 578 9.89 -21.79 -60.55
CA PHE H 578 9.67 -20.76 -61.56
C PHE H 578 9.06 -21.35 -62.82
N ALA H 579 9.47 -22.57 -63.19
CA ALA H 579 8.95 -23.18 -64.40
C ALA H 579 7.53 -23.69 -64.22
N PHE H 580 7.17 -24.09 -63.00
CA PHE H 580 5.80 -24.57 -62.78
C PHE H 580 4.78 -23.45 -62.93
N ASN H 581 5.19 -22.21 -62.69
CA ASN H 581 4.30 -21.06 -62.74
C ASN H 581 4.40 -20.31 -64.07
N ARG H 582 4.67 -20.99 -65.17
CA ARG H 582 4.78 -20.36 -66.47
C ARG H 582 4.17 -21.28 -67.52
N SER H 583 3.78 -20.69 -68.64
CA SER H 583 3.31 -21.43 -69.79
C SER H 583 3.89 -20.83 -71.05
N PHE H 584 4.04 -21.65 -72.07
CA PHE H 584 4.64 -21.22 -73.34
C PHE H 584 3.54 -21.07 -74.37
N GLU H 585 3.30 -19.85 -74.80
CA GLU H 585 2.24 -19.52 -75.75
C GLU H 585 2.85 -19.15 -77.09
N PRO H 586 2.84 -20.04 -78.08
CA PRO H 586 3.40 -19.69 -79.39
C PRO H 586 2.59 -18.59 -80.06
N THR H 587 3.29 -17.74 -80.80
CA THR H 587 2.67 -16.61 -81.47
C THR H 587 2.84 -16.66 -82.98
N HIS H 588 4.04 -16.91 -83.47
CA HIS H 588 4.29 -17.00 -84.90
C HIS H 588 5.07 -18.27 -85.20
N ARG H 589 4.89 -18.78 -86.41
CA ARG H 589 5.68 -19.91 -86.85
C ARG H 589 7.11 -19.47 -87.18
N ASN H 590 7.97 -20.45 -87.38
CA ASN H 590 9.37 -20.17 -87.67
C ASN H 590 9.49 -19.47 -89.01
N GLU H 591 10.54 -18.65 -89.13
CA GLU H 591 10.72 -17.84 -90.33
C GLU H 591 10.97 -18.70 -91.56
N MET H 592 11.74 -19.77 -91.44
CA MET H 592 12.11 -20.61 -92.57
C MET H 592 11.49 -22.01 -92.48
N LEU H 593 10.28 -22.09 -91.92
CA LEU H 593 9.59 -23.37 -91.88
C LEU H 593 9.23 -23.86 -93.28
N GLU H 594 8.82 -22.95 -94.16
CA GLU H 594 8.41 -23.34 -95.51
C GLU H 594 9.56 -23.66 -96.43
N VAL H 595 10.80 -23.31 -96.06
CA VAL H 595 11.96 -23.55 -96.91
C VAL H 595 12.73 -24.79 -96.48
N ALA H 596 12.48 -25.30 -95.28
CA ALA H 596 13.30 -26.37 -94.70
C ALA H 596 13.44 -27.63 -95.56
N PRO H 597 12.40 -28.17 -96.22
CA PRO H 597 12.62 -29.37 -97.04
C PRO H 597 13.66 -29.22 -98.15
N LEU H 598 13.76 -28.04 -98.76
CA LEU H 598 14.79 -27.84 -99.78
C LEU H 598 16.18 -27.92 -99.17
N ILE H 599 16.37 -27.32 -98.00
CA ILE H 599 17.64 -27.43 -97.28
C ILE H 599 17.94 -28.89 -96.97
N GLU H 600 16.91 -29.62 -96.53
CA GLU H 600 17.04 -31.03 -96.19
C GLU H 600 17.55 -31.82 -97.38
N SER H 601 16.94 -31.59 -98.55
CA SER H 601 17.30 -32.32 -99.76
C SER H 601 18.70 -31.97 -100.23
N VAL H 602 19.07 -30.68 -100.17
CA VAL H 602 20.41 -30.28 -100.60
C VAL H 602 21.46 -30.95 -99.73
N TYR H 603 21.24 -30.93 -98.41
CA TYR H 603 22.16 -31.57 -97.49
C TYR H 603 22.29 -33.06 -97.78
N ALA H 604 21.16 -33.74 -97.98
CA ALA H 604 21.20 -35.17 -98.26
C ALA H 604 21.96 -35.47 -99.55
N SER H 605 21.72 -34.68 -100.60
CA SER H 605 22.40 -34.93 -101.87
C SER H 605 23.91 -34.76 -101.74
N GLU H 606 24.35 -33.72 -101.04
CA GLU H 606 25.79 -33.51 -100.92
C GLU H 606 26.45 -34.62 -100.12
N LEU H 607 25.83 -35.05 -99.01
CA LEU H 607 26.39 -36.18 -98.27
C LEU H 607 26.40 -37.45 -99.10
N SER H 608 25.39 -37.65 -99.94
CA SER H 608 25.37 -38.85 -100.77
C SER H 608 26.52 -38.86 -101.77
N VAL H 609 26.79 -37.71 -102.41
CA VAL H 609 27.89 -37.69 -103.37
C VAL H 609 29.24 -37.85 -102.66
N MET H 610 29.38 -37.30 -101.45
CA MET H 610 30.62 -37.52 -100.70
C MET H 610 30.82 -38.99 -100.38
N LYS H 611 29.74 -39.67 -99.96
CA LYS H 611 29.83 -41.10 -99.67
C LYS H 611 30.23 -41.89 -100.91
N VAL H 612 29.67 -41.53 -102.07
CA VAL H 612 30.01 -42.24 -103.30
C VAL H 612 31.50 -42.07 -103.62
N ASP H 613 32.02 -40.85 -103.49
CA ASP H 613 33.42 -40.61 -103.77
C ASP H 613 34.33 -41.43 -102.85
N MET H 614 34.02 -41.44 -101.55
CA MET H 614 34.85 -42.22 -100.63
C MET H 614 34.78 -43.72 -100.92
N ARG H 615 33.58 -44.21 -101.26
CA ARG H 615 33.44 -45.63 -101.57
C ARG H 615 34.27 -46.01 -102.78
N HIS H 616 34.27 -45.17 -103.82
CA HIS H 616 35.07 -45.49 -104.99
C HIS H 616 36.56 -45.37 -104.71
N LEU H 617 36.95 -44.47 -103.81
CA LEU H 617 38.38 -44.35 -103.51
C LEU H 617 38.90 -45.49 -102.63
N SER H 618 38.04 -46.11 -101.82
CA SER H 618 38.52 -47.04 -100.81
C SER H 618 39.14 -48.31 -101.38
N LEU H 619 38.92 -48.63 -102.65
CA LEU H 619 39.44 -49.86 -103.23
C LEU H 619 40.80 -49.69 -103.91
N MET H 620 41.35 -48.48 -103.91
CA MET H 620 42.60 -48.24 -104.61
C MET H 620 43.75 -49.02 -104.00
N GLN H 621 43.76 -49.16 -102.67
CA GLN H 621 44.84 -49.90 -102.01
C GLN H 621 44.81 -51.37 -102.39
N ARG H 622 43.62 -51.96 -102.49
CA ARG H 622 43.53 -53.35 -102.90
C ARG H 622 43.85 -53.52 -104.38
N ARG H 623 43.54 -52.51 -105.20
CA ARG H 623 43.80 -52.64 -106.63
C ARG H 623 45.29 -52.52 -106.95
N PHE H 624 45.98 -51.58 -106.32
CA PHE H 624 47.41 -51.34 -106.56
C PHE H 624 48.15 -51.34 -105.23
N PRO H 625 48.58 -52.51 -104.75
CA PRO H 625 49.18 -52.57 -103.42
C PRO H 625 50.48 -51.80 -103.29
N ASP H 626 51.26 -51.68 -104.36
CA ASP H 626 52.63 -51.19 -104.25
C ASP H 626 52.73 -49.67 -104.26
N VAL H 627 51.62 -48.95 -104.42
CA VAL H 627 51.67 -47.50 -104.54
C VAL H 627 51.18 -46.87 -103.25
N LEU H 628 50.32 -47.60 -102.53
CA LEU H 628 49.63 -47.01 -101.39
C LEU H 628 50.05 -47.71 -100.10
N ILE H 629 51.36 -47.91 -99.92
CA ILE H 629 51.86 -48.68 -98.78
C ILE H 629 51.50 -48.00 -97.47
N GLN H 630 51.67 -46.67 -97.41
CA GLN H 630 51.48 -45.92 -96.18
C GLN H 630 50.09 -45.31 -96.07
N ALA H 631 49.07 -45.98 -96.59
CA ALA H 631 47.75 -45.40 -96.66
C ALA H 631 46.94 -45.63 -95.39
N ARG H 632 46.05 -44.69 -95.10
CA ARG H 632 45.03 -44.79 -94.06
C ARG H 632 43.70 -44.36 -94.64
N PRO H 633 42.59 -44.83 -94.08
CA PRO H 633 41.29 -44.28 -94.46
C PRO H 633 41.16 -42.79 -94.19
N SER H 634 41.84 -42.28 -93.17
CA SER H 634 41.79 -40.84 -92.90
C SER H 634 42.37 -40.04 -94.05
N HIS H 635 43.29 -40.63 -94.81
CA HIS H 635 43.89 -39.92 -95.94
C HIS H 635 42.85 -39.60 -97.01
N PHE H 636 42.10 -40.60 -97.47
CA PHE H 636 41.09 -40.28 -98.47
C PHE H 636 39.90 -39.56 -97.85
N TRP H 637 39.67 -39.72 -96.55
CA TRP H 637 38.66 -38.91 -95.88
C TRP H 637 38.97 -37.43 -96.02
N LYS H 638 40.21 -37.04 -95.67
CA LYS H 638 40.62 -35.65 -95.80
C LYS H 638 40.65 -35.22 -97.27
N ALA H 639 41.05 -36.12 -98.16
CA ALA H 639 41.10 -35.77 -99.58
C ALA H 639 39.72 -35.43 -100.11
N VAL H 640 38.70 -36.19 -99.71
CA VAL H 640 37.34 -35.89 -100.16
C VAL H 640 36.83 -34.63 -99.48
N LEU H 641 37.09 -34.46 -98.18
CA LEU H 641 36.63 -33.26 -97.50
C LEU H 641 37.27 -31.98 -98.02
N ASN H 642 38.48 -32.05 -98.59
CA ASN H 642 39.10 -30.83 -99.08
C ASN H 642 38.45 -30.31 -100.37
N ASP H 643 37.58 -31.09 -100.99
CA ASP H 643 36.94 -30.71 -102.25
C ASP H 643 35.43 -30.82 -102.09
N SER H 644 34.91 -30.22 -101.03
CA SER H 644 33.49 -30.25 -100.69
C SER H 644 33.06 -28.86 -100.29
N PRO H 645 31.79 -28.50 -100.52
CA PRO H 645 31.31 -27.17 -100.11
C PRO H 645 31.43 -26.96 -98.60
N GLU H 646 31.71 -25.71 -98.22
CA GLU H 646 32.00 -25.42 -96.82
C GLU H 646 30.75 -25.47 -95.95
N ALA H 647 29.58 -25.16 -96.52
CA ALA H 647 28.37 -25.16 -95.72
C ALA H 647 28.03 -26.56 -95.21
N VAL H 648 28.23 -27.57 -96.05
CA VAL H 648 27.95 -28.95 -95.65
C VAL H 648 28.88 -29.38 -94.52
N LYS H 649 30.17 -29.04 -94.64
CA LYS H 649 31.11 -29.35 -93.57
C LYS H 649 30.75 -28.61 -92.29
N ALA H 650 30.30 -27.36 -92.42
CA ALA H 650 29.92 -26.58 -91.24
C ALA H 650 28.73 -27.21 -90.52
N VAL H 651 27.73 -27.69 -91.28
CA VAL H 651 26.61 -28.39 -90.65
C VAL H 651 27.08 -29.67 -90.00
N MET H 652 27.91 -30.44 -90.71
CA MET H 652 28.32 -31.76 -90.27
C MET H 652 29.30 -31.72 -89.09
N ASN H 653 29.84 -30.55 -88.78
CA ASN H 653 30.84 -30.39 -87.73
C ASN H 653 30.41 -29.36 -86.69
N LEU H 654 29.14 -29.38 -86.28
CA LEU H 654 28.66 -28.41 -85.31
C LEU H 654 29.21 -28.70 -83.91
N SER H 655 29.22 -29.97 -83.52
CA SER H 655 29.60 -30.37 -82.17
C SER H 655 31.07 -30.80 -82.09
N HIS H 656 31.90 -30.35 -83.02
CA HIS H 656 33.32 -30.66 -83.06
C HIS H 656 33.56 -32.17 -83.08
N SER H 657 32.72 -32.89 -83.82
CA SER H 657 32.82 -34.34 -83.88
C SER H 657 33.90 -34.82 -84.84
N HIS H 658 34.50 -33.92 -85.61
CA HIS H 658 35.52 -34.34 -86.57
C HIS H 658 36.86 -34.61 -85.92
N ASN H 659 37.06 -34.22 -84.67
CA ASN H 659 38.29 -34.48 -83.97
C ASN H 659 38.25 -35.77 -83.17
N PHE H 660 37.14 -36.49 -83.20
CA PHE H 660 36.94 -37.63 -82.32
C PHE H 660 36.61 -38.93 -83.04
N ILE H 661 36.27 -38.89 -84.33
CA ILE H 661 35.99 -40.13 -85.05
C ILE H 661 37.31 -40.85 -85.33
N ASN H 662 37.23 -42.17 -85.44
CA ASN H 662 38.39 -43.00 -85.73
C ASN H 662 38.17 -43.75 -87.04
N ILE H 663 39.09 -44.67 -87.34
CA ILE H 663 39.07 -45.38 -88.62
C ILE H 663 37.83 -46.24 -88.76
N ARG H 664 37.43 -46.92 -87.68
CA ARG H 664 36.34 -47.88 -87.76
C ARG H 664 35.03 -47.19 -88.11
N ASP H 665 34.75 -46.01 -87.56
CA ASP H 665 33.52 -45.30 -87.90
C ASP H 665 33.52 -44.86 -89.35
N MET H 666 34.66 -44.39 -89.86
CA MET H 666 34.74 -44.02 -91.28
C MET H 666 34.45 -45.21 -92.17
N MET H 667 35.07 -46.35 -91.88
CA MET H 667 34.86 -47.51 -92.73
C MET H 667 33.47 -48.11 -92.56
N ARG H 668 32.84 -47.93 -91.40
CA ARG H 668 31.46 -48.39 -91.25
C ARG H 668 30.51 -47.51 -92.02
N TRP H 669 30.76 -46.19 -92.03
CA TRP H 669 29.90 -45.29 -92.78
C TRP H 669 30.05 -45.46 -94.28
N VAL H 670 31.26 -45.78 -94.74
CA VAL H 670 31.47 -45.83 -96.19
C VAL H 670 30.82 -47.05 -96.82
N MET H 671 30.50 -48.08 -96.04
CA MET H 671 29.88 -49.28 -96.59
C MET H 671 28.38 -49.35 -96.39
N LEU H 672 27.77 -48.33 -95.79
CA LEU H 672 26.32 -48.33 -95.66
C LEU H 672 25.67 -48.06 -97.01
N PRO H 673 24.59 -48.76 -97.34
CA PRO H 673 24.06 -48.73 -98.71
C PRO H 673 23.07 -47.62 -99.04
N SER H 674 22.68 -46.78 -98.09
CA SER H 674 21.69 -45.76 -98.37
C SER H 674 22.26 -44.65 -99.25
N LEU H 675 21.44 -44.17 -100.19
CA LEU H 675 21.83 -43.09 -101.09
C LEU H 675 20.60 -42.22 -101.38
N GLN H 676 20.87 -40.99 -101.79
CA GLN H 676 19.83 -40.03 -102.16
C GLN H 676 20.03 -39.61 -103.61
N PRO H 677 19.15 -40.00 -104.54
CA PRO H 677 19.39 -39.69 -105.95
C PRO H 677 19.27 -38.21 -106.25
N SER H 678 20.04 -37.77 -107.23
CA SER H 678 20.08 -36.37 -107.66
C SER H 678 20.76 -36.31 -109.03
N LEU H 679 20.66 -35.16 -109.68
CA LEU H 679 21.34 -34.96 -110.96
C LEU H 679 22.85 -34.99 -110.78
N LYS H 680 23.35 -34.34 -109.72
CA LYS H 680 24.78 -34.30 -109.49
C LYS H 680 25.35 -35.70 -109.29
N LEU H 681 24.66 -36.53 -108.52
CA LEU H 681 25.10 -37.91 -108.34
C LEU H 681 25.01 -38.69 -109.64
N ALA H 682 23.97 -38.42 -110.45
CA ALA H 682 23.83 -39.13 -111.72
C ALA H 682 24.99 -38.83 -112.64
N LEU H 683 25.50 -37.59 -112.61
CA LEU H 683 26.68 -37.27 -113.41
C LEU H 683 27.96 -37.84 -112.79
N GLU H 684 28.06 -37.82 -111.46
CA GLU H 684 29.27 -38.28 -110.80
C GLU H 684 29.48 -39.78 -110.99
N GLU H 685 28.39 -40.56 -110.96
CA GLU H 685 28.50 -41.99 -111.20
C GLU H 685 29.07 -42.27 -112.58
N GLU H 686 28.57 -41.55 -113.59
CA GLU H 686 29.06 -41.76 -114.94
C GLU H 686 30.51 -41.33 -115.08
N ALA H 687 30.89 -40.24 -114.39
CA ALA H 687 32.28 -39.82 -114.42
C ALA H 687 33.20 -40.88 -113.82
N TRP H 688 32.80 -41.46 -112.69
CA TRP H 688 33.60 -42.50 -112.07
C TRP H 688 33.66 -43.74 -112.95
N ALA H 689 32.56 -44.09 -113.61
CA ALA H 689 32.56 -45.22 -114.51
C ALA H 689 33.51 -45.00 -115.67
N ALA H 690 33.54 -43.78 -116.23
CA ALA H 690 34.49 -43.47 -117.28
C ALA H 690 35.92 -43.55 -116.77
N ALA H 691 36.16 -43.07 -115.55
CA ALA H 691 37.50 -43.05 -114.99
C ALA H 691 37.93 -44.38 -114.41
N ASN H 692 37.06 -45.41 -114.46
CA ASN H 692 37.44 -46.71 -113.94
C ASN H 692 38.61 -47.31 -114.71
N ASP H 693 38.67 -47.06 -116.02
CA ASP H 693 39.83 -47.41 -116.82
C ASP H 693 40.90 -46.36 -116.57
N PHE H 694 42.04 -46.79 -116.03
CA PHE H 694 43.08 -45.84 -115.66
C PHE H 694 43.78 -45.23 -116.85
N GLU H 695 43.71 -45.87 -118.02
CA GLU H 695 44.32 -45.30 -119.21
C GLU H 695 43.66 -43.99 -119.61
N ASP H 696 42.40 -43.79 -119.19
CA ASP H 696 41.73 -42.53 -119.45
C ASP H 696 42.21 -41.42 -118.53
N LEU H 697 42.87 -41.77 -117.42
CA LEU H 697 43.45 -40.77 -116.54
C LEU H 697 44.91 -40.49 -116.88
N MET H 698 45.42 -41.06 -117.97
CA MET H 698 46.81 -40.91 -118.39
C MET H 698 47.78 -41.35 -117.30
N LEU H 699 47.42 -42.45 -116.62
CA LEU H 699 48.30 -43.10 -115.66
C LEU H 699 48.43 -44.55 -116.08
N THR H 700 49.66 -45.08 -116.03
CA THR H 700 49.90 -46.42 -116.55
C THR H 700 51.06 -47.06 -115.82
N ASP H 701 51.18 -48.37 -115.99
CA ASP H 701 52.29 -49.14 -115.43
C ASP H 701 52.98 -50.01 -116.48
N GLN H 702 52.73 -49.77 -117.77
CA GLN H 702 53.38 -50.53 -118.83
C GLN H 702 54.54 -49.73 -119.41
N VAL H 703 55.64 -49.72 -118.68
CA VAL H 703 56.86 -49.04 -119.08
C VAL H 703 57.99 -50.05 -119.19
N TYR H 704 58.78 -49.95 -120.26
CA TYR H 704 59.80 -50.93 -120.59
C TYR H 704 61.12 -50.22 -120.85
N MET H 705 62.19 -51.00 -120.82
CA MET H 705 63.51 -50.55 -121.26
C MET H 705 64.02 -51.50 -122.34
N HIS H 706 64.66 -50.91 -123.35
CA HIS H 706 65.22 -51.68 -124.45
C HIS H 706 66.20 -50.78 -125.20
N ARG H 707 67.44 -51.25 -125.37
CA ARG H 707 68.45 -50.43 -126.01
C ARG H 707 68.16 -50.34 -127.50
N ASP H 708 67.87 -49.14 -127.98
CA ASP H 708 67.52 -48.92 -129.37
C ASP H 708 68.32 -47.75 -129.93
N MET H 709 68.60 -47.82 -131.22
CA MET H 709 69.38 -46.80 -131.90
C MET H 709 68.47 -45.76 -132.53
N LEU H 710 68.86 -44.51 -132.42
CA LEU H 710 68.09 -43.43 -133.04
C LEU H 710 68.25 -43.51 -134.55
N PRO H 711 67.16 -43.53 -135.32
CA PRO H 711 67.27 -43.79 -136.76
C PRO H 711 68.06 -42.71 -137.49
N GLU H 712 68.80 -43.14 -138.51
CA GLU H 712 69.69 -42.27 -139.27
C GLU H 712 69.57 -42.62 -140.73
N PRO H 713 68.52 -42.15 -141.39
CA PRO H 713 68.24 -42.58 -142.77
C PRO H 713 69.19 -41.93 -143.76
N ARG H 714 69.11 -42.40 -145.01
CA ARG H 714 69.95 -41.92 -146.09
C ARG H 714 69.14 -41.00 -147.00
N LEU H 715 69.66 -39.80 -147.23
CA LEU H 715 68.93 -38.77 -147.96
C LEU H 715 69.36 -38.75 -149.42
N ASP H 716 69.02 -39.83 -150.12
CA ASP H 716 69.41 -39.95 -151.52
C ASP H 716 68.58 -39.02 -152.40
N ASP H 717 67.26 -38.98 -152.17
CA ASP H 717 66.35 -38.13 -152.93
C ASP H 717 65.53 -37.31 -151.94
N ILE H 718 65.70 -35.99 -151.99
CA ILE H 718 65.11 -35.14 -150.97
C ILE H 718 63.59 -35.08 -151.10
N GLU H 719 63.09 -34.92 -152.32
CA GLU H 719 61.65 -34.76 -152.52
C GLU H 719 60.89 -36.01 -152.12
N ARG H 720 61.40 -37.19 -152.50
CA ARG H 720 60.72 -38.42 -152.16
C ARG H 720 60.71 -38.65 -150.65
N PHE H 721 61.83 -38.37 -149.99
CA PHE H 721 61.88 -38.51 -148.54
C PHE H 721 60.92 -37.55 -147.86
N ARG H 722 60.83 -36.32 -148.37
CA ARG H 722 59.90 -35.35 -147.82
C ARG H 722 58.47 -35.84 -147.97
N GLN H 723 58.12 -36.35 -149.15
CA GLN H 723 56.75 -36.80 -149.37
C GLN H 723 56.41 -38.03 -148.55
N GLU H 724 57.42 -38.87 -148.26
CA GLU H 724 57.16 -40.10 -147.51
C GLU H 724 56.68 -39.79 -146.10
N GLY H 725 57.29 -38.81 -145.45
CA GLY H 725 56.87 -38.43 -144.12
C GLY H 725 57.49 -39.33 -143.09
N PHE H 726 58.28 -38.76 -142.18
CA PHE H 726 59.12 -39.57 -141.31
C PHE H 726 59.05 -39.01 -139.90
N TYR H 727 58.97 -39.91 -138.92
CA TYR H 727 58.93 -39.50 -137.53
C TYR H 727 59.37 -40.67 -136.67
N TYR H 728 59.79 -40.36 -135.46
CA TYR H 728 60.23 -41.38 -134.52
C TYR H 728 59.54 -41.17 -133.17
N THR H 729 59.26 -42.27 -132.48
CA THR H 729 58.60 -42.18 -131.20
C THR H 729 58.97 -43.38 -130.35
N ASN H 730 58.81 -43.23 -129.04
CA ASN H 730 59.00 -44.34 -128.11
C ASN H 730 57.68 -44.99 -127.72
N MET H 731 56.56 -44.55 -128.28
CA MET H 731 55.30 -45.26 -128.11
C MET H 731 55.34 -46.58 -128.88
N LEU H 732 54.87 -47.64 -128.25
CA LEU H 732 54.81 -48.96 -128.87
C LEU H 732 53.41 -49.22 -129.40
N GLU H 733 53.34 -49.79 -130.60
CA GLU H 733 52.05 -50.19 -131.16
C GLU H 733 51.59 -51.55 -130.65
N ALA H 734 52.48 -52.34 -130.04
CA ALA H 734 52.13 -53.63 -129.49
C ALA H 734 53.18 -54.03 -128.48
N PRO H 735 52.81 -54.57 -127.32
CA PRO H 735 53.81 -54.98 -126.34
C PRO H 735 54.64 -56.14 -126.87
N PRO H 736 55.85 -56.33 -126.37
CA PRO H 736 56.72 -57.38 -126.90
C PRO H 736 56.23 -58.76 -126.51
N GLU H 737 56.94 -59.77 -127.00
CA GLU H 737 56.60 -61.16 -126.69
C GLU H 737 56.90 -61.46 -125.23
N ILE H 738 56.23 -62.49 -124.72
CA ILE H 738 56.36 -62.85 -123.31
C ILE H 738 57.74 -63.41 -122.99
N ASP H 739 58.27 -64.27 -123.85
CA ASP H 739 59.53 -64.92 -123.56
C ASP H 739 60.74 -64.00 -123.67
N ARG H 740 60.57 -62.81 -124.27
CA ARG H 740 61.67 -61.85 -124.41
C ARG H 740 61.70 -60.81 -123.30
N VAL H 741 60.80 -60.87 -122.32
CA VAL H 741 60.69 -59.82 -121.33
C VAL H 741 60.81 -60.41 -119.93
N VAL H 742 61.56 -59.74 -119.07
CA VAL H 742 61.67 -60.10 -117.66
C VAL H 742 60.81 -59.13 -116.85
N GLN H 743 60.32 -59.62 -115.72
CA GLN H 743 59.39 -58.86 -114.89
C GLN H 743 60.06 -58.50 -113.57
N TYR H 744 59.99 -57.22 -113.21
CA TYR H 744 60.51 -56.74 -111.95
C TYR H 744 59.36 -56.32 -111.04
N THR H 745 59.70 -56.05 -109.79
CA THR H 745 58.73 -55.68 -108.77
C THR H 745 59.39 -54.67 -107.86
N TYR H 746 58.57 -53.90 -107.13
CA TYR H 746 59.10 -52.85 -106.27
C TYR H 746 60.00 -53.42 -105.19
N GLU H 747 59.56 -54.51 -104.56
CA GLU H 747 60.36 -55.10 -103.49
C GLU H 747 61.67 -55.69 -104.01
N ILE H 748 61.61 -56.40 -105.15
CA ILE H 748 62.81 -56.99 -105.70
C ILE H 748 63.81 -55.91 -106.09
N ALA H 749 63.32 -54.85 -106.74
CA ALA H 749 64.20 -53.75 -107.14
C ALA H 749 64.82 -53.08 -105.93
N ARG H 750 64.01 -52.84 -104.88
CA ARG H 750 64.56 -52.21 -103.69
C ARG H 750 65.62 -53.08 -103.03
N LEU H 751 65.36 -54.38 -102.93
CA LEU H 751 66.32 -55.27 -102.29
C LEU H 751 67.62 -55.36 -103.08
N GLN H 752 67.51 -55.44 -104.41
CA GLN H 752 68.73 -55.49 -105.22
C GLN H 752 69.47 -54.16 -105.20
N ALA H 753 68.76 -53.05 -105.05
CA ALA H 753 69.43 -51.76 -104.97
C ALA H 753 70.16 -51.58 -103.66
N ASN H 754 69.57 -52.05 -102.55
CA ASN H 754 70.24 -51.94 -101.26
C ASN H 754 71.54 -52.74 -101.24
N MET H 755 71.51 -53.95 -101.79
CA MET H 755 72.69 -54.80 -101.80
C MET H 755 73.71 -54.38 -102.84
N GLY H 756 73.31 -53.59 -103.84
CA GLY H 756 74.26 -53.04 -104.78
C GLY H 756 74.54 -53.85 -106.02
N GLN H 757 73.57 -54.61 -106.53
CA GLN H 757 73.71 -55.30 -107.81
C GLN H 757 72.61 -54.94 -108.79
N PHE H 758 71.92 -53.82 -108.60
CA PHE H 758 70.86 -53.46 -109.53
C PHE H 758 71.41 -53.02 -110.89
N ARG H 759 72.42 -52.15 -110.88
CA ARG H 759 72.99 -51.64 -112.12
C ARG H 759 73.62 -52.75 -112.94
N ALA H 760 74.34 -53.66 -112.27
CA ALA H 760 74.97 -54.77 -112.97
C ALA H 760 73.92 -55.66 -113.62
N ALA H 761 72.84 -55.96 -112.90
CA ALA H 761 71.78 -56.79 -113.46
C ALA H 761 71.13 -56.12 -114.67
N LEU H 762 70.85 -54.82 -114.57
CA LEU H 762 70.23 -54.12 -115.68
C LEU H 762 71.14 -54.10 -116.91
N ARG H 763 72.42 -53.82 -116.71
CA ARG H 763 73.33 -53.79 -117.85
C ARG H 763 73.49 -55.17 -118.47
N ARG H 764 73.52 -56.21 -117.63
CA ARG H 764 73.59 -57.58 -118.13
C ARG H 764 72.36 -57.91 -118.98
N ILE H 765 71.19 -57.47 -118.53
CA ILE H 765 69.98 -57.70 -119.33
C ILE H 765 70.06 -56.95 -120.66
N MET H 766 70.50 -55.69 -120.62
CA MET H 766 70.48 -54.87 -121.84
C MET H 766 71.47 -55.37 -122.87
N ASP H 767 72.65 -55.83 -122.46
CA ASP H 767 73.61 -56.35 -123.44
C ASP H 767 73.14 -57.66 -124.06
N ASP H 768 72.12 -58.30 -123.50
CA ASP H 768 71.58 -59.52 -124.08
C ASP H 768 70.46 -59.25 -125.07
N ASP H 769 70.16 -57.98 -125.35
CA ASP H 769 69.11 -57.58 -126.28
C ASP H 769 67.75 -58.14 -125.85
N ASP H 770 67.38 -57.80 -124.61
CA ASP H 770 66.13 -58.24 -124.02
C ASP H 770 65.39 -57.06 -123.45
N TRP H 771 64.16 -57.32 -123.01
CA TRP H 771 63.28 -56.29 -122.46
C TRP H 771 63.12 -56.48 -120.96
N VAL H 772 62.86 -55.39 -120.26
CA VAL H 772 62.57 -55.42 -118.84
C VAL H 772 61.39 -54.50 -118.56
N ARG H 773 60.46 -54.95 -117.72
CA ARG H 773 59.24 -54.21 -117.43
C ARG H 773 59.20 -53.84 -115.95
N PHE H 774 59.00 -52.55 -115.68
CA PHE H 774 58.89 -52.05 -114.31
C PHE H 774 57.42 -51.91 -113.90
N GLY H 775 56.73 -53.04 -113.83
CA GLY H 775 55.31 -53.02 -113.52
C GLY H 775 55.02 -52.87 -112.04
N GLY H 776 53.73 -52.75 -111.74
CA GLY H 776 53.24 -52.73 -110.39
C GLY H 776 52.99 -51.36 -109.80
N VAL H 777 53.48 -50.29 -110.43
CA VAL H 777 53.38 -48.95 -109.87
C VAL H 777 52.89 -48.01 -110.96
N LEU H 778 51.89 -47.18 -110.64
CA LEU H 778 51.38 -46.21 -111.57
C LEU H 778 52.36 -45.05 -111.74
N ARG H 779 52.39 -44.49 -112.95
CA ARG H 779 53.31 -43.41 -113.29
C ARG H 779 52.56 -42.32 -114.04
N THR H 780 53.02 -41.08 -113.88
CA THR H 780 52.49 -39.96 -114.63
C THR H 780 53.17 -39.87 -115.99
N VAL H 781 52.38 -39.63 -117.02
CA VAL H 781 52.85 -39.64 -118.40
C VAL H 781 52.62 -38.26 -119.01
N ARG H 782 53.65 -37.72 -119.65
CA ARG H 782 53.55 -36.47 -120.39
C ARG H 782 53.73 -36.74 -121.88
N VAL H 783 53.27 -35.80 -122.70
CA VAL H 783 53.36 -35.93 -124.16
C VAL H 783 54.05 -34.68 -124.71
N LYS H 784 55.05 -34.88 -125.56
CA LYS H 784 55.81 -33.78 -126.13
C LYS H 784 56.07 -34.00 -127.61
N PHE H 785 56.22 -32.91 -128.34
CA PHE H 785 56.54 -32.92 -129.76
C PHE H 785 57.81 -32.12 -130.00
N TYR H 786 58.67 -32.62 -130.88
CA TYR H 786 59.96 -32.01 -131.12
C TYR H 786 60.24 -31.90 -132.61
N ASP H 787 60.83 -30.77 -133.00
CA ASP H 787 61.21 -30.53 -134.38
C ASP H 787 62.71 -30.73 -134.62
N ALA H 788 63.54 -30.61 -133.58
CA ALA H 788 64.97 -30.87 -133.70
C ALA H 788 65.37 -31.91 -132.67
N ARG H 789 66.67 -32.13 -132.51
CA ARG H 789 67.13 -33.10 -131.53
C ARG H 789 66.82 -32.61 -130.12
N PRO H 790 66.15 -33.42 -129.30
CA PRO H 790 65.72 -32.96 -127.98
C PRO H 790 66.89 -32.91 -127.01
N PRO H 791 66.68 -32.38 -125.80
CA PRO H 791 67.75 -32.40 -124.80
C PRO H 791 68.11 -33.82 -124.39
N ASP H 792 69.32 -33.96 -123.84
CA ASP H 792 69.81 -35.29 -123.48
C ASP H 792 69.11 -35.85 -122.26
N ASP H 793 68.43 -35.02 -121.48
CA ASP H 793 67.70 -35.53 -120.33
C ASP H 793 66.39 -36.21 -120.70
N VAL H 794 65.99 -36.17 -121.97
CA VAL H 794 64.76 -36.81 -122.41
C VAL H 794 65.05 -38.08 -123.19
N LEU H 795 66.04 -38.07 -124.07
CA LEU H 795 66.39 -39.28 -124.80
C LEU H 795 66.87 -40.39 -123.87
N GLN H 796 67.67 -40.02 -122.87
CA GLN H 796 68.28 -40.99 -121.97
C GLN H 796 67.67 -40.91 -120.57
N GLY H 797 66.36 -40.72 -120.50
CA GLY H 797 65.68 -40.66 -119.21
C GLY H 797 65.37 -42.05 -118.70
N LEU H 798 65.79 -42.32 -117.52
CA LEU H 798 65.57 -43.61 -116.89
C LEU H 798 64.23 -43.63 -116.17
N PRO H 799 63.58 -44.79 -116.03
CA PRO H 799 62.31 -44.85 -115.30
C PRO H 799 62.46 -44.66 -113.80
N PHE H 800 63.68 -44.69 -113.27
CA PHE H 800 63.93 -44.60 -111.84
C PHE H 800 65.02 -43.56 -111.59
N SER H 801 65.25 -43.27 -110.32
CA SER H 801 66.28 -42.31 -109.94
C SER H 801 66.77 -42.63 -108.54
N TYR H 802 67.99 -42.19 -108.25
CA TYR H 802 68.55 -42.37 -106.93
C TYR H 802 68.28 -41.16 -106.05
N ASP H 803 68.40 -41.36 -104.75
CA ASP H 803 68.15 -40.28 -103.79
C ASP H 803 69.29 -39.27 -103.81
N THR H 814 67.08 -46.93 -101.47
CA THR H 814 67.77 -45.70 -101.83
C THR H 814 67.46 -45.29 -103.26
N ILE H 815 66.41 -45.86 -103.82
CA ILE H 815 65.98 -45.54 -105.18
C ILE H 815 64.52 -45.11 -105.14
N LYS H 816 64.14 -44.30 -106.12
CA LYS H 816 62.76 -43.88 -106.31
C LYS H 816 62.19 -44.65 -107.48
N TYR H 817 61.24 -45.54 -107.20
CA TYR H 817 60.72 -46.42 -108.24
C TYR H 817 59.78 -45.69 -109.19
N ALA H 818 58.98 -44.77 -108.66
CA ALA H 818 58.03 -44.02 -109.46
C ALA H 818 58.65 -42.70 -109.89
N THR H 819 58.62 -42.43 -111.19
CA THR H 819 59.18 -41.20 -111.74
C THR H 819 58.42 -40.87 -113.00
N GLU H 820 58.07 -39.60 -113.18
CA GLU H 820 57.31 -39.20 -114.36
C GLU H 820 58.12 -39.45 -115.61
N THR H 821 57.42 -39.84 -116.68
CA THR H 821 58.06 -40.16 -117.95
C THR H 821 57.35 -39.42 -119.07
N THR H 822 58.09 -39.19 -120.15
CA THR H 822 57.60 -38.40 -121.27
C THR H 822 57.62 -39.25 -122.53
N ILE H 823 56.55 -39.18 -123.30
CA ILE H 823 56.49 -39.75 -124.63
C ILE H 823 56.74 -38.63 -125.62
N PHE H 824 57.78 -38.76 -126.43
CA PHE H 824 58.19 -37.72 -127.35
C PHE H 824 57.97 -38.18 -128.78
N TYR H 825 57.50 -37.26 -129.61
CA TYR H 825 57.39 -37.49 -131.05
C TYR H 825 58.36 -36.57 -131.77
N LEU H 826 59.37 -37.14 -132.42
CA LEU H 826 60.40 -36.38 -133.10
C LEU H 826 60.10 -36.37 -134.59
N ILE H 827 60.06 -35.17 -135.18
CA ILE H 827 59.78 -35.00 -136.60
C ILE H 827 61.07 -34.61 -137.31
N TYR H 828 61.38 -35.31 -138.39
CA TYR H 828 62.62 -35.07 -139.13
C TYR H 828 62.38 -34.02 -140.21
N ASN H 829 63.24 -33.01 -140.26
CA ASN H 829 63.18 -31.98 -141.28
C ASN H 829 64.50 -31.94 -142.03
N VAL H 830 64.42 -31.83 -143.36
CA VAL H 830 65.60 -31.78 -144.21
C VAL H 830 65.48 -30.62 -145.17
N GLU H 831 66.62 -30.10 -145.59
CA GLU H 831 66.70 -29.03 -146.58
C GLU H 831 67.39 -29.54 -147.83
N PHE H 832 67.40 -28.71 -148.86
CA PHE H 832 68.03 -29.11 -150.12
C PHE H 832 69.54 -29.09 -150.04
N SER H 833 70.11 -28.50 -148.98
CA SER H 833 71.56 -28.41 -148.86
C SER H 833 72.19 -29.63 -148.22
N ASN H 834 71.39 -30.56 -147.69
CA ASN H 834 71.94 -31.70 -146.99
C ASN H 834 72.54 -32.69 -147.97
N THR H 835 73.78 -33.09 -147.71
CA THR H 835 74.43 -34.11 -148.50
C THR H 835 73.78 -35.46 -148.17
N PRO H 836 73.86 -36.44 -149.08
CA PRO H 836 73.11 -37.69 -148.87
C PRO H 836 73.48 -38.47 -147.62
N ASP H 837 74.61 -38.19 -146.99
CA ASP H 837 74.98 -38.85 -145.75
C ASP H 837 75.25 -37.83 -144.64
N SER H 838 74.39 -36.82 -144.54
CA SER H 838 74.60 -35.74 -143.59
C SER H 838 74.06 -36.05 -142.20
N LEU H 839 73.46 -37.21 -141.99
CA LEU H 839 72.88 -37.54 -140.70
C LEU H 839 73.50 -38.80 -140.10
N VAL H 840 74.75 -39.09 -140.44
CA VAL H 840 75.44 -40.28 -139.97
C VAL H 840 76.56 -39.87 -139.04
N LEU H 841 76.57 -40.43 -137.84
CA LEU H 841 77.63 -40.19 -136.86
C LEU H 841 78.48 -41.43 -136.72
N ILE H 842 79.69 -41.25 -136.18
CA ILE H 842 80.61 -42.37 -136.04
C ILE H 842 80.15 -43.32 -134.94
N ASN H 843 79.33 -42.86 -134.00
CA ASN H 843 78.84 -43.69 -132.91
C ASN H 843 77.34 -43.50 -132.74
N PRO H 844 76.61 -44.55 -132.38
CA PRO H 844 75.17 -44.43 -132.28
C PRO H 844 74.75 -43.66 -131.04
N THR H 845 73.53 -43.13 -131.09
CA THR H 845 72.89 -42.52 -129.94
C THR H 845 71.76 -43.42 -129.47
N TYR H 846 71.70 -43.66 -128.16
CA TYR H 846 70.82 -44.66 -127.60
C TYR H 846 69.69 -44.02 -126.82
N THR H 847 68.52 -44.65 -126.88
CA THR H 847 67.37 -44.28 -126.07
C THR H 847 66.85 -45.51 -125.36
N MET H 848 66.30 -45.32 -124.16
CA MET H 848 66.01 -46.43 -123.28
C MET H 848 64.52 -46.66 -123.04
N THR H 849 63.81 -45.66 -122.56
CA THR H 849 62.46 -45.85 -122.04
C THR H 849 61.45 -45.99 -123.18
N LYS H 850 60.54 -46.96 -123.05
CA LYS H 850 59.45 -47.16 -123.97
C LYS H 850 58.15 -47.28 -123.19
N VAL H 851 57.06 -46.81 -123.76
CA VAL H 851 55.76 -46.79 -123.10
C VAL H 851 54.71 -47.34 -124.06
N PHE H 852 53.83 -48.19 -123.55
CA PHE H 852 52.72 -48.74 -124.33
C PHE H 852 51.40 -48.29 -123.73
N ILE H 853 50.57 -47.64 -124.56
CA ILE H 853 49.24 -47.19 -124.18
C ILE H 853 48.26 -47.71 -125.23
N ASN H 854 47.18 -48.34 -124.78
CA ASN H 854 46.21 -48.92 -125.70
C ASN H 854 45.17 -47.88 -126.15
N LYS H 855 45.64 -46.74 -126.64
CA LYS H 855 44.78 -45.69 -127.15
C LYS H 855 45.41 -45.08 -128.38
N ARG H 856 44.60 -44.39 -129.18
CA ARG H 856 45.08 -43.70 -130.37
C ARG H 856 45.30 -42.24 -130.03
N ILE H 857 46.43 -41.96 -129.39
CA ILE H 857 46.75 -40.59 -129.00
C ILE H 857 47.16 -39.77 -130.22
N VAL H 858 48.23 -40.19 -130.89
CA VAL H 858 48.74 -39.52 -132.07
C VAL H 858 48.78 -40.52 -133.20
N GLU H 859 48.20 -40.16 -134.35
CA GLU H 859 48.10 -41.11 -135.46
C GLU H 859 48.51 -40.44 -136.77
N ARG H 860 49.37 -41.10 -137.53
CA ARG H 860 49.79 -40.61 -138.83
C ARG H 860 48.77 -41.05 -139.85
N VAL H 861 48.09 -40.08 -140.47
CA VAL H 861 46.96 -40.39 -141.33
C VAL H 861 47.10 -39.65 -142.66
N ARG H 862 46.62 -40.29 -143.72
CA ARG H 862 46.58 -39.68 -145.04
C ARG H 862 45.55 -38.55 -145.06
N VAL H 863 45.66 -37.69 -146.08
CA VAL H 863 44.79 -36.53 -146.16
C VAL H 863 43.35 -36.95 -146.43
N GLY H 864 43.15 -37.97 -147.27
CA GLY H 864 41.81 -38.38 -147.67
C GLY H 864 40.96 -38.90 -146.53
N GLN H 865 41.58 -39.25 -145.41
CA GLN H 865 40.88 -39.73 -144.23
C GLN H 865 40.77 -38.68 -143.15
N ILE H 866 41.08 -37.41 -143.45
CA ILE H 866 41.08 -36.38 -142.43
C ILE H 866 39.69 -36.23 -141.83
N LEU H 867 38.66 -36.23 -142.66
CA LEU H 867 37.29 -36.13 -142.20
C LEU H 867 36.71 -37.47 -141.78
N ALA H 868 37.55 -38.47 -141.51
CA ALA H 868 37.07 -39.78 -141.12
C ALA H 868 36.78 -39.88 -139.63
N VAL H 869 36.85 -38.77 -138.90
CA VAL H 869 36.63 -38.81 -137.45
C VAL H 869 35.22 -38.35 -137.07
N LEU H 870 34.46 -37.80 -138.01
CA LEU H 870 33.10 -37.35 -137.72
C LEU H 870 32.16 -38.54 -137.63
N ASN H 871 31.97 -39.09 -136.43
CA ASN H 871 31.15 -40.29 -136.30
C ASN H 871 30.28 -40.32 -135.05
N ARG H 872 29.82 -39.18 -134.56
CA ARG H 872 29.00 -39.20 -133.35
C ARG H 872 27.83 -38.24 -133.45
N ARG H 873 26.67 -38.69 -132.99
CA ARG H 873 25.45 -37.89 -133.09
C ARG H 873 25.45 -36.73 -132.11
N PHE H 874 24.90 -35.60 -132.55
CA PHE H 874 24.72 -34.43 -131.71
C PHE H 874 23.32 -33.89 -131.92
N VAL H 875 22.69 -33.50 -130.82
CA VAL H 875 21.31 -33.03 -130.80
C VAL H 875 21.29 -31.67 -130.10
N ALA H 876 20.77 -30.65 -130.77
CA ALA H 876 20.82 -29.29 -130.28
C ALA H 876 19.46 -28.62 -130.40
N TYR H 877 19.07 -27.86 -129.38
CA TYR H 877 17.83 -27.12 -129.44
C TYR H 877 17.97 -25.88 -130.31
N LYS H 878 16.85 -25.41 -130.85
CA LYS H 878 16.85 -24.24 -131.71
C LYS H 878 16.86 -22.97 -130.86
N GLY H 879 16.95 -21.83 -131.56
CA GLY H 879 17.09 -20.56 -130.88
C GLY H 879 15.83 -20.07 -130.20
N LYS H 880 14.66 -20.52 -130.64
CA LYS H 880 13.41 -20.08 -130.03
C LYS H 880 13.17 -20.72 -128.68
N MET H 881 13.86 -21.81 -128.36
CA MET H 881 13.66 -22.51 -127.11
C MET H 881 14.24 -21.71 -125.94
N ARG H 882 13.77 -22.04 -124.74
CA ARG H 882 14.29 -21.48 -123.51
C ARG H 882 14.58 -22.60 -122.53
N ILE H 883 15.70 -22.51 -121.82
CA ILE H 883 16.06 -23.47 -120.79
C ILE H 883 15.97 -22.77 -119.45
N MET H 884 15.09 -23.26 -118.59
CA MET H 884 14.84 -22.63 -117.30
C MET H 884 14.93 -23.66 -116.19
N ASP H 885 15.35 -23.21 -115.01
CA ASP H 885 15.50 -24.06 -113.85
C ASP H 885 14.37 -23.79 -112.90
N ILE H 886 13.71 -24.85 -112.42
CA ILE H 886 12.53 -24.73 -111.60
C ILE H 886 12.72 -25.37 -110.22
N THR H 887 13.97 -25.54 -109.78
CA THR H 887 14.21 -26.14 -108.49
C THR H 887 13.78 -25.22 -107.35
N GLN H 888 13.93 -23.91 -107.53
CA GLN H 888 13.58 -22.95 -106.49
C GLN H 888 12.10 -22.87 -106.21
N SER H 889 11.25 -23.45 -107.06
CA SER H 889 9.81 -23.41 -106.88
C SER H 889 9.29 -24.50 -105.96
N LEU H 890 10.17 -25.22 -105.27
CA LEU H 890 9.77 -26.32 -104.42
C LEU H 890 9.55 -25.87 -102.98
N LYS H 891 8.69 -24.88 -102.80
CA LYS H 891 8.35 -24.35 -101.49
C LYS H 891 7.09 -25.02 -100.97
N MET H 892 6.86 -24.87 -99.67
CA MET H 892 5.79 -25.61 -99.00
C MET H 892 4.41 -25.03 -99.28
N GLY H 893 4.30 -23.72 -99.46
CA GLY H 893 2.99 -23.08 -99.45
C GLY H 893 2.17 -23.29 -100.70
N THR H 894 2.74 -23.88 -101.75
CA THR H 894 2.02 -24.01 -103.01
C THR H 894 1.06 -25.20 -102.97
N LYS H 895 0.11 -25.18 -103.90
CA LYS H 895 -0.90 -26.22 -104.03
C LYS H 895 -1.27 -26.35 -105.50
N LEU H 896 -1.35 -27.58 -105.99
CA LEU H 896 -1.60 -27.79 -107.42
C LEU H 896 -3.07 -28.08 -107.66
N ALA H 897 -3.55 -27.68 -108.85
CA ALA H 897 -4.97 -27.66 -109.13
C ALA H 897 -5.55 -29.07 -109.17
N ALA H 898 -4.95 -29.96 -109.93
CA ALA H 898 -5.41 -31.34 -110.00
C ALA H 898 -4.65 -32.15 -108.97
N PRO H 899 -5.31 -32.67 -107.93
CA PRO H 899 -4.58 -33.38 -106.88
C PRO H 899 -4.03 -34.70 -107.40
N THR H 900 -3.00 -35.18 -106.71
CA THR H 900 -2.34 -36.43 -107.06
C THR H 900 -2.66 -37.48 -106.01
N VAL H 901 -2.62 -38.74 -106.43
CA VAL H 901 -2.93 -39.85 -105.54
C VAL H 901 -1.81 -40.06 -104.53
N SER I 27 19.83 10.60 -16.58
CA SER I 27 20.42 9.35 -17.04
C SER I 27 19.40 8.55 -17.84
N GLY I 28 18.16 9.04 -17.87
CA GLY I 28 17.10 8.37 -18.58
C GLY I 28 16.79 8.97 -19.93
N PRO I 29 15.55 8.79 -20.39
CA PRO I 29 15.16 9.31 -21.71
C PRO I 29 14.92 10.80 -21.66
N LEU I 30 15.56 11.53 -22.56
CA LEU I 30 15.32 12.95 -22.68
C LEU I 30 14.63 13.23 -24.01
N LEU I 31 14.36 14.50 -24.28
CA LEU I 31 13.80 14.91 -25.56
C LEU I 31 14.23 16.34 -25.82
N SER I 32 14.20 16.75 -27.08
CA SER I 32 14.52 18.11 -27.47
C SER I 32 13.38 18.69 -28.28
N VAL I 33 12.90 19.87 -27.86
CA VAL I 33 11.87 20.56 -28.62
C VAL I 33 12.40 20.99 -29.99
N PHE I 34 13.66 21.41 -30.04
CA PHE I 34 14.20 21.98 -31.27
C PHE I 34 14.19 20.95 -32.39
N ALA I 35 14.62 19.72 -32.10
CA ALA I 35 14.55 18.70 -33.14
C ALA I 35 13.13 18.26 -33.42
N LEU I 36 12.27 18.26 -32.39
CA LEU I 36 10.85 17.93 -32.60
C LEU I 36 10.17 18.94 -33.50
N GLN I 37 10.74 20.13 -33.61
CA GLN I 37 10.19 21.16 -34.48
C GLN I 37 10.18 20.76 -35.96
N GLU I 38 11.15 19.97 -36.40
CA GLU I 38 11.32 19.68 -37.81
C GLU I 38 10.82 18.29 -38.21
N ILE I 39 10.18 17.56 -37.29
CA ILE I 39 9.72 16.21 -37.58
C ILE I 39 8.21 16.08 -37.49
N MET I 40 7.49 17.20 -37.42
CA MET I 40 6.05 17.14 -37.17
C MET I 40 5.31 16.43 -38.29
N GLN I 41 5.83 16.48 -39.51
CA GLN I 41 5.14 15.88 -40.65
C GLN I 41 5.04 14.37 -40.50
N LYS I 42 6.10 13.72 -40.02
CA LYS I 42 6.04 12.29 -39.82
C LYS I 42 5.05 11.92 -38.71
N VAL I 43 4.97 12.75 -37.68
CA VAL I 43 4.00 12.52 -36.62
C VAL I 43 2.58 12.63 -37.16
N ARG I 44 2.33 13.64 -37.99
CA ARG I 44 1.02 13.74 -38.63
C ARG I 44 0.74 12.52 -39.50
N GLN I 45 1.76 12.05 -40.20
CA GLN I 45 1.59 10.88 -41.07
C GLN I 45 1.20 9.65 -40.27
N VAL I 46 1.89 9.39 -39.15
CA VAL I 46 1.59 8.20 -38.37
C VAL I 46 0.23 8.31 -37.69
N GLN I 47 -0.14 9.54 -37.27
CA GLN I 47 -1.48 9.73 -36.72
C GLN I 47 -2.55 9.43 -37.75
N ALA I 48 -2.35 9.90 -38.98
CA ALA I 48 -3.30 9.61 -40.06
C ALA I 48 -3.35 8.12 -40.34
N ASP I 49 -2.20 7.45 -40.30
CA ASP I 49 -2.17 6.00 -40.53
C ASP I 49 -3.00 5.27 -39.48
N TYR I 50 -2.83 5.64 -38.21
CA TYR I 50 -3.61 4.98 -37.16
C TYR I 50 -5.09 5.24 -37.33
N MET I 51 -5.49 6.50 -37.54
CA MET I 51 -6.93 6.77 -37.66
C MET I 51 -7.53 6.18 -38.92
N THR I 52 -6.75 5.98 -39.98
CA THR I 52 -7.27 5.25 -41.12
C THR I 52 -7.29 3.75 -40.87
N ALA I 53 -6.51 3.26 -39.90
CA ALA I 53 -6.56 1.86 -39.54
C ALA I 53 -7.75 1.49 -38.68
N THR I 54 -8.51 2.49 -38.21
CA THR I 54 -9.69 2.24 -37.38
C THR I 54 -10.86 3.13 -37.73
N ARG I 55 -10.93 3.60 -38.98
CA ARG I 55 -12.02 4.49 -39.39
C ARG I 55 -13.36 3.79 -39.33
N GLU I 56 -13.39 2.50 -39.72
CA GLU I 56 -14.59 1.67 -39.66
C GLU I 56 -15.74 2.28 -40.48
N VAL I 57 -15.52 2.38 -41.78
CA VAL I 57 -16.50 2.93 -42.72
C VAL I 57 -16.21 2.36 -44.09
N ASP I 58 -17.22 2.43 -44.97
CA ASP I 58 -17.11 2.09 -46.39
C ASP I 58 -16.88 0.58 -46.51
N PHE I 59 -15.68 0.11 -46.83
CA PHE I 59 -15.35 -1.31 -46.96
C PHE I 59 -16.14 -2.00 -48.05
N THR I 60 -16.25 -1.38 -49.22
CA THR I 60 -16.69 -2.07 -50.42
C THR I 60 -15.64 -1.91 -51.50
N VAL I 61 -15.40 -2.97 -52.27
CA VAL I 61 -14.39 -2.89 -53.32
C VAL I 61 -14.89 -1.93 -54.40
N PRO I 62 -14.08 -0.98 -54.86
CA PRO I 62 -14.57 -0.02 -55.87
C PRO I 62 -15.00 -0.67 -57.16
N ASP I 63 -14.39 -1.80 -57.55
CA ASP I 63 -14.83 -2.49 -58.76
C ASP I 63 -16.26 -2.98 -58.61
N VAL I 64 -16.59 -3.58 -57.47
CA VAL I 64 -17.94 -4.08 -57.25
C VAL I 64 -18.92 -2.93 -57.17
N GLN I 65 -18.51 -1.82 -56.57
CA GLN I 65 -19.37 -0.64 -56.51
C GLN I 65 -19.67 -0.12 -57.91
N LYS I 66 -18.66 -0.10 -58.78
CA LYS I 66 -18.88 0.31 -60.16
C LYS I 66 -19.83 -0.64 -60.87
N ILE I 67 -19.70 -1.95 -60.61
CA ILE I 67 -20.60 -2.93 -61.20
C ILE I 67 -22.04 -2.66 -60.79
N LEU I 68 -22.27 -2.42 -59.50
CA LEU I 68 -23.61 -2.15 -59.02
C LEU I 68 -24.16 -0.86 -59.60
N ASP I 69 -23.33 0.17 -59.72
CA ASP I 69 -23.77 1.41 -60.32
C ASP I 69 -24.17 1.20 -61.78
N ASP I 70 -23.41 0.40 -62.51
CA ASP I 70 -23.73 0.14 -63.91
C ASP I 70 -25.04 -0.62 -64.04
N ILE I 71 -25.28 -1.60 -63.17
CA ILE I 71 -26.54 -2.33 -63.23
C ILE I 71 -27.71 -1.42 -62.89
N LYS I 72 -27.53 -0.55 -61.89
CA LYS I 72 -28.60 0.38 -61.54
C LYS I 72 -28.90 1.32 -62.69
N ALA I 73 -27.87 1.78 -63.41
CA ALA I 73 -28.10 2.62 -64.57
C ALA I 73 -28.80 1.86 -65.69
N LEU I 74 -28.42 0.60 -65.91
CA LEU I 74 -29.04 -0.20 -66.96
C LEU I 74 -30.49 -0.50 -66.64
N ALA I 75 -30.87 -0.48 -65.38
CA ALA I 75 -32.28 -0.72 -65.01
C ALA I 75 -33.20 0.38 -65.52
N ALA I 76 -32.67 1.53 -65.92
CA ALA I 76 -33.48 2.66 -66.37
C ALA I 76 -33.57 2.77 -67.88
N GLU I 77 -33.09 1.77 -68.62
CA GLU I 77 -33.15 1.81 -70.07
C GLU I 77 -34.59 1.63 -70.55
N GLN I 78 -34.95 2.35 -71.60
CA GLN I 78 -36.29 2.28 -72.18
C GLN I 78 -36.21 1.59 -73.53
N VAL I 79 -37.10 0.62 -73.74
CA VAL I 79 -37.10 -0.22 -74.93
C VAL I 79 -38.17 0.19 -75.91
N TYR I 80 -39.42 0.25 -75.46
CA TYR I 80 -40.55 0.57 -76.32
C TYR I 80 -40.58 2.07 -76.63
N LYS I 81 -41.54 2.44 -77.48
CA LYS I 81 -41.80 3.83 -77.79
C LYS I 81 -43.30 4.06 -77.80
N ILE I 82 -43.69 5.32 -77.59
CA ILE I 82 -45.08 5.73 -77.63
C ILE I 82 -45.24 6.70 -78.80
N VAL I 83 -46.07 6.32 -79.76
CA VAL I 83 -46.24 7.11 -80.98
C VAL I 83 -47.72 7.31 -81.27
N LYS I 84 -48.01 8.30 -82.11
CA LYS I 84 -49.38 8.57 -82.52
C LYS I 84 -49.79 7.75 -83.75
N VAL I 85 -48.90 7.61 -84.72
CA VAL I 85 -49.21 6.86 -85.93
C VAL I 85 -48.10 5.84 -86.19
N PRO I 86 -48.40 4.68 -86.76
CA PRO I 86 -47.35 3.71 -87.07
C PRO I 86 -46.55 4.13 -88.29
N SER I 87 -45.35 3.58 -88.39
CA SER I 87 -44.49 3.87 -89.53
C SER I 87 -45.03 3.20 -90.78
N ILE I 88 -44.68 3.79 -91.94
CA ILE I 88 -45.23 3.34 -93.20
C ILE I 88 -44.59 2.03 -93.61
N SER I 89 -45.42 1.05 -93.95
CA SER I 89 -44.96 -0.27 -94.35
C SER I 89 -45.01 -0.50 -95.85
N PHE I 90 -46.05 -0.02 -96.53
CA PHE I 90 -46.17 -0.14 -97.98
C PHE I 90 -46.15 1.25 -98.60
N ARG I 91 -45.36 1.41 -99.65
CA ARG I 91 -45.37 2.64 -100.42
C ARG I 91 -45.63 2.32 -101.88
N HIS I 92 -45.77 3.36 -102.69
CA HIS I 92 -46.21 3.19 -104.06
C HIS I 92 -45.32 3.99 -105.01
N ILE I 93 -44.98 3.36 -106.13
CA ILE I 93 -44.25 4.00 -107.22
C ILE I 93 -45.23 4.26 -108.35
N VAL I 94 -45.27 5.50 -108.81
CA VAL I 94 -46.18 5.94 -109.85
C VAL I 94 -45.42 5.96 -111.17
N MET I 95 -45.99 5.32 -112.17
CA MET I 95 -45.46 5.29 -113.53
C MET I 95 -46.35 6.18 -114.40
N GLN I 96 -46.10 6.14 -115.71
CA GLN I 96 -46.88 6.97 -116.62
C GLN I 96 -48.34 6.55 -116.73
N SER I 97 -48.70 5.39 -116.21
CA SER I 97 -50.07 4.92 -116.26
C SER I 97 -50.95 5.67 -115.26
N ARG I 98 -52.25 5.70 -115.54
CA ARG I 98 -53.24 6.27 -114.64
C ARG I 98 -54.11 5.22 -113.98
N ASP I 99 -53.76 3.93 -114.12
CA ASP I 99 -54.63 2.87 -113.64
C ASP I 99 -53.90 1.90 -112.72
N ARG I 100 -52.61 1.66 -112.97
CA ARG I 100 -51.84 0.68 -112.23
C ARG I 100 -50.58 1.32 -111.67
N VAL I 101 -50.22 0.94 -110.45
CA VAL I 101 -49.03 1.46 -109.77
C VAL I 101 -48.30 0.29 -109.13
N LEU I 102 -47.05 0.55 -108.71
CA LEU I 102 -46.23 -0.48 -108.11
C LEU I 102 -46.30 -0.38 -106.59
N ARG I 103 -46.75 -1.44 -105.94
CA ARG I 103 -46.75 -1.53 -104.49
C ARG I 103 -45.44 -2.15 -104.03
N VAL I 104 -44.74 -1.45 -103.13
CA VAL I 104 -43.44 -1.87 -102.63
C VAL I 104 -43.51 -1.98 -101.12
N ASP I 105 -43.04 -3.09 -100.59
CA ASP I 105 -42.93 -3.30 -99.15
C ASP I 105 -41.59 -2.75 -98.67
N THR I 106 -41.64 -1.74 -97.80
CA THR I 106 -40.42 -1.06 -97.39
C THR I 106 -39.59 -1.87 -96.40
N TYR I 107 -40.16 -2.91 -95.80
CA TYR I 107 -39.43 -3.68 -94.81
C TYR I 107 -38.21 -4.35 -95.42
N TYR I 108 -38.37 -4.96 -96.61
CA TYR I 108 -37.24 -5.64 -97.24
C TYR I 108 -36.19 -4.64 -97.72
N GLU I 109 -36.64 -3.49 -98.22
CA GLU I 109 -35.70 -2.43 -98.61
C GLU I 109 -34.86 -1.98 -97.44
N GLU I 110 -35.49 -1.79 -96.27
CA GLU I 110 -34.73 -1.37 -95.10
C GLU I 110 -33.87 -2.51 -94.57
N MET I 111 -34.31 -3.75 -94.74
CA MET I 111 -33.61 -4.89 -94.18
C MET I 111 -32.36 -5.25 -94.97
N SER I 112 -32.36 -5.02 -96.28
CA SER I 112 -31.23 -5.42 -97.11
C SER I 112 -29.96 -4.63 -96.82
N GLN I 113 -30.05 -3.52 -96.08
CA GLN I 113 -28.90 -2.67 -95.83
C GLN I 113 -28.45 -2.71 -94.37
N VAL I 114 -28.63 -3.84 -93.70
CA VAL I 114 -28.27 -4.00 -92.30
C VAL I 114 -27.28 -5.14 -92.18
N GLY I 115 -26.14 -4.88 -91.54
CA GLY I 115 -25.11 -5.88 -91.35
C GLY I 115 -24.05 -5.83 -92.44
N ASP I 116 -23.09 -6.72 -92.31
CA ASP I 116 -21.97 -6.80 -93.23
C ASP I 116 -22.19 -7.96 -94.21
N VAL I 117 -21.28 -8.04 -95.19
CA VAL I 117 -21.37 -9.10 -96.18
C VAL I 117 -20.99 -10.43 -95.55
N ILE I 118 -21.40 -11.51 -96.20
CA ILE I 118 -21.16 -12.86 -95.69
C ILE I 118 -19.97 -13.46 -96.41
N THR I 119 -18.99 -13.92 -95.65
CA THR I 119 -17.80 -14.57 -96.18
C THR I 119 -17.56 -15.87 -95.42
N GLU I 120 -17.12 -16.90 -96.13
CA GLU I 120 -16.91 -18.22 -95.55
C GLU I 120 -15.61 -18.33 -94.77
N ASP I 121 -14.97 -17.21 -94.43
CA ASP I 121 -13.72 -17.24 -93.69
C ASP I 121 -13.83 -16.61 -92.31
N GLU I 122 -14.94 -15.95 -91.99
CA GLU I 122 -15.13 -15.28 -90.71
C GLU I 122 -16.45 -15.72 -90.11
N PRO I 123 -16.47 -16.86 -89.41
CA PRO I 123 -17.71 -17.30 -88.75
C PRO I 123 -18.22 -16.31 -87.70
N GLU I 124 -17.31 -15.67 -86.98
CA GLU I 124 -17.71 -14.73 -85.94
C GLU I 124 -18.47 -13.54 -86.53
N LYS I 125 -18.02 -13.05 -87.68
CA LYS I 125 -18.72 -11.96 -88.34
C LYS I 125 -20.11 -12.39 -88.79
N PHE I 126 -20.24 -13.64 -89.24
CA PHE I 126 -21.56 -14.15 -89.63
C PHE I 126 -22.51 -14.17 -88.45
N TYR I 127 -22.03 -14.67 -87.30
CA TYR I 127 -22.87 -14.71 -86.10
C TYR I 127 -23.25 -13.30 -85.67
N SER I 128 -22.29 -12.36 -85.72
CA SER I 128 -22.58 -10.98 -85.33
C SER I 128 -23.62 -10.36 -86.25
N THR I 129 -23.52 -10.64 -87.55
CA THR I 129 -24.50 -10.13 -88.50
C THR I 129 -25.90 -10.64 -88.19
N ILE I 130 -26.01 -11.94 -87.88
CA ILE I 130 -27.33 -12.49 -87.56
C ILE I 130 -27.89 -11.86 -86.29
N ILE I 131 -27.04 -11.68 -85.27
CA ILE I 131 -27.47 -11.06 -84.03
C ILE I 131 -27.97 -9.64 -84.29
N LYS I 132 -27.22 -8.88 -85.09
CA LYS I 132 -27.59 -7.49 -85.37
C LYS I 132 -28.91 -7.42 -86.12
N LYS I 133 -29.13 -8.32 -87.07
CA LYS I 133 -30.38 -8.32 -87.82
C LYS I 133 -31.57 -8.63 -86.91
N VAL I 134 -31.42 -9.62 -86.04
CA VAL I 134 -32.52 -9.96 -85.13
C VAL I 134 -32.81 -8.79 -84.19
N ARG I 135 -31.77 -8.15 -83.67
CA ARG I 135 -31.98 -7.00 -82.80
C ARG I 135 -32.64 -5.84 -83.54
N PHE I 136 -32.33 -5.66 -84.83
CA PHE I 136 -32.99 -4.64 -85.61
C PHE I 136 -34.49 -4.91 -85.74
N ILE I 137 -34.85 -6.17 -86.00
CA ILE I 137 -36.27 -6.52 -86.08
C ILE I 137 -36.96 -6.24 -84.76
N ARG I 138 -36.33 -6.65 -83.65
CA ARG I 138 -36.92 -6.44 -82.33
C ARG I 138 -37.09 -4.96 -82.03
N GLY I 139 -36.11 -4.14 -82.40
CA GLY I 139 -36.22 -2.71 -82.15
C GLY I 139 -37.31 -2.06 -82.98
N LYS I 140 -37.45 -2.46 -84.24
CA LYS I 140 -38.43 -1.81 -85.09
C LYS I 140 -39.85 -2.26 -84.76
N GLY I 141 -40.01 -3.46 -84.19
CA GLY I 141 -41.36 -3.96 -84.00
C GLY I 141 -42.10 -3.48 -82.78
N SER I 142 -41.47 -2.72 -81.88
CA SER I 142 -42.05 -2.40 -80.59
C SER I 142 -42.49 -0.93 -80.56
N PHE I 143 -43.79 -0.71 -80.41
CA PHE I 143 -44.35 0.62 -80.29
C PHE I 143 -45.77 0.52 -79.77
N ILE I 144 -46.24 1.59 -79.12
CA ILE I 144 -47.58 1.66 -78.56
C ILE I 144 -48.28 2.88 -79.12
N LEU I 145 -49.50 2.70 -79.62
CA LEU I 145 -50.29 3.78 -80.17
C LEU I 145 -51.04 4.52 -79.07
N HIS I 146 -51.22 5.83 -79.26
CA HIS I 146 -51.87 6.66 -78.26
C HIS I 146 -52.34 7.95 -78.92
N ASP I 147 -53.63 8.24 -78.76
CA ASP I 147 -54.24 9.48 -79.26
C ASP I 147 -54.11 9.61 -80.78
N ILE I 148 -54.73 8.67 -81.48
CA ILE I 148 -54.66 8.62 -82.94
C ILE I 148 -55.62 9.66 -83.53
N PRO I 149 -55.35 10.19 -84.72
CA PRO I 149 -56.32 11.08 -85.36
C PRO I 149 -57.58 10.33 -85.76
N THR I 150 -58.71 11.03 -85.67
CA THR I 150 -60.01 10.43 -85.97
C THR I 150 -60.85 11.40 -86.78
N ARG I 151 -61.96 10.89 -87.30
CA ARG I 151 -62.90 11.68 -88.09
C ARG I 151 -64.29 11.12 -87.82
N ASP I 152 -65.31 11.90 -88.17
CA ASP I 152 -66.68 11.54 -87.86
C ASP I 152 -67.52 11.51 -89.13
N HIS I 153 -68.40 10.53 -89.21
CA HIS I 153 -69.19 10.35 -90.44
C HIS I 153 -70.46 9.61 -90.10
N ARG I 154 -71.60 10.29 -90.26
CA ARG I 154 -72.93 9.71 -90.04
C ARG I 154 -73.06 9.11 -88.64
N GLY I 155 -72.44 9.76 -87.66
CA GLY I 155 -72.49 9.26 -86.31
C GLY I 155 -71.57 8.11 -86.00
N MET I 156 -70.55 7.89 -86.83
CA MET I 156 -69.58 6.82 -86.60
C MET I 156 -68.17 7.37 -86.64
N GLU I 157 -67.27 6.69 -85.93
CA GLU I 157 -65.86 7.03 -85.94
C GLU I 157 -65.20 6.43 -87.18
N VAL I 158 -64.25 7.17 -87.75
CA VAL I 158 -63.52 6.73 -88.93
C VAL I 158 -62.05 7.07 -88.73
N ALA I 159 -61.17 6.12 -89.02
CA ALA I 159 -59.74 6.37 -88.92
C ALA I 159 -59.28 7.25 -90.08
N GLU I 160 -58.40 8.20 -89.78
CA GLU I 160 -57.83 9.05 -90.81
C GLU I 160 -56.87 8.25 -91.68
N PRO I 161 -56.63 8.70 -92.92
CA PRO I 161 -55.67 8.00 -93.78
C PRO I 161 -54.25 8.00 -93.25
N GLU I 162 -53.88 8.93 -92.37
CA GLU I 162 -52.51 8.96 -91.87
C GLU I 162 -52.22 7.79 -90.95
N VAL I 163 -53.19 7.40 -90.13
CA VAL I 163 -52.92 6.37 -89.12
C VAL I 163 -52.82 4.99 -89.75
N LEU I 164 -53.42 4.78 -90.91
CA LEU I 164 -53.24 3.51 -91.62
C LEU I 164 -51.79 3.38 -92.10
N GLY I 165 -51.32 2.15 -92.20
CA GLY I 165 -49.92 1.93 -92.53
C GLY I 165 -49.60 1.94 -94.01
N VAL I 166 -50.33 2.73 -94.79
CA VAL I 166 -50.09 2.83 -96.23
C VAL I 166 -49.92 4.29 -96.59
N GLU I 167 -49.13 4.55 -97.63
CA GLU I 167 -48.90 5.91 -98.13
C GLU I 167 -49.32 5.94 -99.58
N PHE I 168 -50.39 6.67 -99.87
CA PHE I 168 -50.87 6.83 -101.24
C PHE I 168 -51.17 8.29 -101.54
N LYS I 169 -50.47 9.21 -100.87
CA LYS I 169 -50.72 10.62 -101.08
C LYS I 169 -50.25 11.08 -102.45
N ASN I 170 -49.27 10.39 -103.03
CA ASN I 170 -48.70 10.78 -104.31
C ASN I 170 -49.40 10.14 -105.51
N VAL I 171 -50.40 9.29 -105.27
CA VAL I 171 -51.13 8.67 -106.38
C VAL I 171 -52.46 9.37 -106.64
N LEU I 172 -52.96 10.15 -105.68
CA LEU I 172 -54.22 10.87 -105.87
C LEU I 172 -54.22 11.84 -107.05
N PRO I 173 -53.20 12.69 -107.28
CA PRO I 173 -53.31 13.67 -108.36
C PRO I 173 -53.48 13.09 -109.74
N VAL I 174 -52.96 11.90 -110.02
CA VAL I 174 -53.06 11.32 -111.36
C VAL I 174 -54.31 10.50 -111.56
N LEU I 175 -55.14 10.35 -110.53
CA LEU I 175 -56.34 9.53 -110.64
C LEU I 175 -57.39 10.23 -111.49
N THR I 176 -58.35 9.43 -111.96
CA THR I 176 -59.51 9.95 -112.66
C THR I 176 -60.64 10.18 -111.68
N ALA I 177 -61.81 10.60 -112.21
CA ALA I 177 -62.91 11.00 -111.34
C ALA I 177 -63.52 9.83 -110.60
N GLU I 178 -63.89 8.77 -111.33
CA GLU I 178 -64.61 7.66 -110.71
C GLU I 178 -63.71 6.89 -109.75
N HIS I 179 -62.42 6.78 -110.06
CA HIS I 179 -61.50 6.13 -109.13
C HIS I 179 -61.33 6.96 -107.87
N ARG I 180 -61.32 8.28 -108.00
CA ARG I 180 -61.26 9.13 -106.81
C ARG I 180 -62.49 8.94 -105.94
N ALA I 181 -63.68 8.88 -106.56
CA ALA I 181 -64.89 8.65 -105.78
C ALA I 181 -64.86 7.29 -105.10
N MET I 182 -64.37 6.27 -105.81
CA MET I 182 -64.28 4.94 -105.22
C MET I 182 -63.33 4.92 -104.04
N ILE I 183 -62.18 5.60 -104.16
CA ILE I 183 -61.22 5.65 -103.07
C ILE I 183 -61.81 6.37 -101.86
N GLN I 184 -62.54 7.47 -102.11
CA GLN I 184 -63.17 8.18 -101.00
C GLN I 184 -64.19 7.31 -100.28
N ASN I 185 -65.02 6.59 -101.05
CA ASN I 185 -66.02 5.72 -100.44
C ASN I 185 -65.37 4.59 -99.66
N ALA I 186 -64.28 4.03 -100.19
CA ALA I 186 -63.58 2.97 -99.48
C ALA I 186 -62.97 3.47 -98.18
N LEU I 187 -62.39 4.67 -98.20
CA LEU I 187 -61.85 5.24 -96.97
C LEU I 187 -62.94 5.59 -95.97
N ASP I 188 -64.17 5.83 -96.44
CA ASP I 188 -65.26 6.15 -95.52
C ASP I 188 -65.72 4.95 -94.70
N GLY I 189 -65.24 3.75 -95.00
CA GLY I 189 -65.68 2.54 -94.32
C GLY I 189 -64.76 1.97 -93.27
N SER I 190 -63.70 2.68 -92.88
CA SER I 190 -62.79 2.19 -91.84
C SER I 190 -63.36 2.57 -90.47
N ILE I 191 -64.32 1.78 -90.03
CA ILE I 191 -65.06 2.08 -88.82
C ILE I 191 -64.23 1.68 -87.61
N ILE I 192 -64.16 2.57 -86.61
CA ILE I 192 -63.46 2.31 -85.37
C ILE I 192 -64.42 1.69 -84.36
N GLU I 193 -64.02 0.57 -83.77
CA GLU I 193 -64.83 -0.13 -82.79
C GLU I 193 -64.33 0.18 -81.38
N ASN I 194 -65.22 0.08 -80.41
CA ASN I 194 -64.89 0.29 -79.01
C ASN I 194 -64.71 -1.07 -78.34
N GLY I 195 -63.57 -1.24 -77.66
CA GLY I 195 -63.27 -2.50 -77.00
C GLY I 195 -62.82 -2.27 -75.57
N ASN I 196 -62.70 -3.37 -74.84
CA ASN I 196 -62.36 -3.34 -73.42
C ASN I 196 -61.07 -4.12 -73.19
N VAL I 197 -60.13 -3.50 -72.51
CA VAL I 197 -58.86 -4.13 -72.11
C VAL I 197 -58.73 -3.92 -70.61
N ALA I 198 -59.06 -4.95 -69.84
CA ALA I 198 -59.00 -4.92 -68.38
C ALA I 198 -59.81 -3.76 -67.82
N THR I 199 -61.10 -3.74 -68.19
CA THR I 199 -62.06 -2.72 -67.79
C THR I 199 -61.62 -1.31 -68.17
N ARG I 200 -60.86 -1.17 -69.24
CA ARG I 200 -60.49 0.12 -69.80
C ARG I 200 -60.97 0.20 -71.24
N ASP I 201 -61.48 1.35 -71.64
CA ASP I 201 -62.05 1.54 -72.97
C ASP I 201 -60.96 1.93 -73.95
N VAL I 202 -60.87 1.20 -75.06
CA VAL I 202 -59.85 1.43 -76.08
C VAL I 202 -60.51 1.40 -77.46
N ASP I 203 -59.78 1.89 -78.45
CA ASP I 203 -60.23 1.87 -79.84
C ASP I 203 -59.58 0.70 -80.57
N VAL I 204 -60.32 0.08 -81.46
CA VAL I 204 -59.83 -1.04 -82.27
C VAL I 204 -60.15 -0.74 -83.72
N PHE I 205 -59.13 -0.77 -84.58
CA PHE I 205 -59.35 -0.53 -86.00
C PHE I 205 -58.49 -1.50 -86.80
N ILE I 206 -58.51 -1.32 -88.13
CA ILE I 206 -57.85 -2.24 -89.04
C ILE I 206 -56.88 -1.44 -89.89
N GLY I 207 -55.61 -1.86 -89.88
CA GLY I 207 -54.56 -1.22 -90.67
C GLY I 207 -53.67 -2.19 -91.39
N ALA I 208 -52.56 -1.72 -91.93
CA ALA I 208 -51.64 -2.53 -92.73
C ALA I 208 -50.27 -2.55 -92.08
N CYS I 209 -49.64 -3.73 -92.08
CA CYS I 209 -48.35 -3.89 -91.42
C CYS I 209 -47.69 -5.16 -91.95
N SER I 210 -46.36 -5.22 -91.86
CA SER I 210 -45.61 -6.37 -92.31
C SER I 210 -45.60 -7.46 -91.25
N GLU I 211 -45.38 -8.70 -91.68
CA GLU I 211 -45.51 -9.85 -90.79
C GLU I 211 -44.51 -9.85 -89.62
N PRO I 212 -43.19 -9.77 -89.84
CA PRO I 212 -42.28 -9.90 -88.69
C PRO I 212 -42.42 -8.79 -87.67
N VAL I 213 -42.76 -7.57 -88.10
CA VAL I 213 -42.95 -6.50 -87.14
C VAL I 213 -44.32 -6.60 -86.48
N TYR I 214 -45.33 -7.10 -87.20
CA TYR I 214 -46.64 -7.28 -86.58
C TYR I 214 -46.62 -8.32 -85.48
N ARG I 215 -45.81 -9.37 -85.64
CA ARG I 215 -45.72 -10.37 -84.57
C ARG I 215 -45.18 -9.75 -83.28
N ILE I 216 -44.15 -8.91 -83.40
CA ILE I 216 -43.60 -8.23 -82.22
C ILE I 216 -44.63 -7.31 -81.60
N TYR I 217 -45.35 -6.56 -82.45
CA TYR I 217 -46.34 -5.62 -81.91
C TYR I 217 -47.45 -6.37 -81.17
N ASN I 218 -47.92 -7.48 -81.74
CA ASN I 218 -48.97 -8.26 -81.09
C ASN I 218 -48.49 -8.84 -79.76
N ARG I 219 -47.25 -9.35 -79.73
CA ARG I 219 -46.72 -9.87 -78.47
C ARG I 219 -46.62 -8.78 -77.42
N LEU I 220 -46.21 -7.58 -77.82
CA LEU I 220 -46.11 -6.47 -76.87
C LEU I 220 -47.48 -6.10 -76.31
N GLN I 221 -48.50 -6.08 -77.18
CA GLN I 221 -49.84 -5.77 -76.70
C GLN I 221 -50.33 -6.83 -75.72
N GLY I 222 -50.07 -8.10 -76.02
CA GLY I 222 -50.46 -9.15 -75.09
C GLY I 222 -49.75 -9.03 -73.75
N TYR I 223 -48.48 -8.66 -73.78
CA TYR I 223 -47.74 -8.48 -72.53
C TYR I 223 -48.31 -7.33 -71.72
N ILE I 224 -48.67 -6.23 -72.38
CA ILE I 224 -49.24 -5.08 -71.66
C ILE I 224 -50.56 -5.47 -71.01
N GLU I 225 -51.40 -6.21 -71.74
CA GLU I 225 -52.66 -6.67 -71.17
C GLU I 225 -52.42 -7.58 -69.96
N ALA I 226 -51.47 -8.50 -70.07
CA ALA I 226 -51.17 -9.40 -68.97
C ALA I 226 -50.66 -8.64 -67.74
N VAL I 227 -49.85 -7.62 -67.95
CA VAL I 227 -49.40 -6.78 -66.85
C VAL I 227 -50.58 -6.07 -66.19
N GLN I 228 -51.50 -5.56 -67.00
CA GLN I 228 -52.66 -4.87 -66.45
C GLN I 228 -53.57 -5.82 -65.68
N LEU I 229 -53.53 -7.11 -66.01
CA LEU I 229 -54.42 -8.06 -65.34
C LEU I 229 -53.87 -8.52 -63.99
N GLN I 230 -52.64 -9.03 -63.97
CA GLN I 230 -52.18 -9.74 -62.77
C GLN I 230 -50.80 -9.32 -62.26
N GLU I 231 -49.90 -8.91 -63.15
CA GLU I 231 -48.49 -8.80 -62.78
C GLU I 231 -48.24 -7.71 -61.75
N LEU I 232 -48.91 -6.56 -61.88
CA LEU I 232 -48.70 -5.47 -60.96
C LEU I 232 -49.09 -5.85 -59.54
N ARG I 233 -50.22 -6.54 -59.39
CA ARG I 233 -50.66 -6.95 -58.06
C ARG I 233 -49.68 -7.91 -57.43
N ASN I 234 -49.17 -8.87 -58.20
CA ASN I 234 -48.20 -9.82 -57.66
C ASN I 234 -46.91 -9.13 -57.24
N SER I 235 -46.44 -8.17 -58.05
CA SER I 235 -45.23 -7.44 -57.69
C SER I 235 -45.42 -6.65 -56.40
N ILE I 236 -46.56 -5.96 -56.27
CA ILE I 236 -46.80 -5.17 -55.07
C ILE I 236 -46.91 -6.06 -53.85
N GLY I 237 -47.62 -7.18 -53.97
CA GLY I 237 -47.74 -8.11 -52.85
C GLY I 237 -46.40 -8.67 -52.42
N TRP I 238 -45.56 -9.04 -53.39
CA TRP I 238 -44.26 -9.61 -53.05
C TRP I 238 -43.37 -8.56 -52.38
N LEU I 239 -43.44 -7.31 -52.84
CA LEU I 239 -42.70 -6.25 -52.15
C LEU I 239 -43.21 -6.06 -50.73
N GLU I 240 -44.53 -6.16 -50.52
CA GLU I 240 -45.05 -6.01 -49.17
C GLU I 240 -44.53 -7.11 -48.25
N ARG I 241 -44.53 -8.35 -48.73
CA ARG I 241 -44.04 -9.45 -47.90
C ARG I 241 -42.54 -9.33 -47.64
N LEU I 242 -41.77 -8.92 -48.66
CA LEU I 242 -40.33 -8.75 -48.46
C LEU I 242 -40.03 -7.64 -47.46
N GLY I 243 -40.77 -6.52 -47.54
CA GLY I 243 -40.57 -5.45 -46.58
C GLY I 243 -40.97 -5.86 -45.18
N HIS I 244 -42.02 -6.68 -45.06
CA HIS I 244 -42.39 -7.23 -43.76
C HIS I 244 -41.24 -8.07 -43.21
N ARG I 245 -40.61 -8.89 -44.05
CA ARG I 245 -39.54 -9.76 -43.58
C ARG I 245 -38.29 -8.97 -43.19
N LYS I 246 -37.88 -8.02 -44.02
CA LYS I 246 -36.59 -7.35 -43.87
C LYS I 246 -36.67 -5.99 -43.19
N ARG I 247 -37.83 -5.62 -42.63
CA ARG I 247 -38.02 -4.35 -41.94
C ARG I 247 -37.73 -3.16 -42.85
N ILE I 248 -38.48 -3.09 -43.95
CA ILE I 248 -38.40 -1.98 -44.89
C ILE I 248 -39.82 -1.54 -45.20
N THR I 249 -40.05 -0.23 -45.19
CA THR I 249 -41.36 0.33 -45.52
C THR I 249 -41.33 0.82 -46.96
N TYR I 250 -42.20 0.25 -47.80
CA TYR I 250 -42.24 0.58 -49.21
C TYR I 250 -43.40 1.51 -49.52
N SER I 251 -43.20 2.38 -50.50
CA SER I 251 -44.17 3.39 -50.85
C SER I 251 -45.18 2.89 -51.86
N GLN I 252 -46.37 3.49 -51.84
CA GLN I 252 -47.40 3.23 -52.84
C GLN I 252 -48.05 4.53 -53.29
N GLU I 253 -47.32 5.63 -53.24
CA GLU I 253 -47.90 6.94 -53.56
C GLU I 253 -48.24 7.07 -55.03
N VAL I 254 -47.61 6.29 -55.90
CA VAL I 254 -47.85 6.45 -57.33
C VAL I 254 -49.20 5.88 -57.75
N LEU I 255 -49.82 5.05 -56.91
CA LEU I 255 -51.09 4.42 -57.24
C LEU I 255 -52.28 5.06 -56.56
N THR I 256 -52.09 6.18 -55.86
CA THR I 256 -53.14 6.74 -55.02
C THR I 256 -53.49 8.18 -55.37
N ASP I 257 -53.18 8.64 -56.58
CA ASP I 257 -53.64 9.95 -56.98
C ASP I 257 -55.09 9.89 -57.43
N PHE I 258 -55.67 11.05 -57.71
CA PHE I 258 -57.09 11.10 -58.03
C PHE I 258 -57.38 10.76 -59.48
N ARG I 259 -56.36 10.50 -60.29
CA ARG I 259 -56.53 10.08 -61.67
C ARG I 259 -56.16 8.62 -61.87
N ARG I 260 -56.34 7.80 -60.83
CA ARG I 260 -55.88 6.42 -60.84
C ARG I 260 -56.82 5.46 -61.54
N GLN I 261 -58.05 5.88 -61.84
CA GLN I 261 -59.02 4.98 -62.43
C GLN I 261 -59.00 5.01 -63.96
N ASP I 262 -58.13 5.81 -64.55
CA ASP I 262 -57.98 5.87 -66.00
C ASP I 262 -56.51 5.93 -66.37
N THR I 263 -55.70 5.06 -65.79
CA THR I 263 -54.28 4.99 -66.06
C THR I 263 -53.91 3.58 -66.50
N ILE I 264 -53.03 3.50 -67.48
CA ILE I 264 -52.48 2.22 -67.95
C ILE I 264 -51.04 2.14 -67.47
N TRP I 265 -50.74 1.15 -66.66
CA TRP I 265 -49.41 0.98 -66.10
C TRP I 265 -48.57 0.07 -66.99
N VAL I 266 -47.29 0.40 -67.13
CA VAL I 266 -46.34 -0.45 -67.85
C VAL I 266 -45.17 -0.75 -66.92
N LEU I 267 -44.78 -2.02 -66.90
CA LEU I 267 -43.66 -2.47 -66.06
C LEU I 267 -42.69 -3.26 -66.94
N ALA I 268 -41.42 -2.89 -66.87
CA ALA I 268 -40.39 -3.58 -67.62
C ALA I 268 -39.80 -4.76 -66.87
N LEU I 269 -40.14 -4.95 -65.61
CA LEU I 269 -39.58 -6.01 -64.79
C LEU I 269 -40.64 -6.57 -63.87
N GLN I 270 -40.41 -7.80 -63.39
CA GLN I 270 -41.29 -8.47 -62.46
C GLN I 270 -40.52 -8.84 -61.20
N LEU I 271 -41.17 -8.73 -60.06
CA LEU I 271 -40.46 -8.86 -58.78
C LEU I 271 -40.23 -10.29 -58.32
N PRO I 272 -41.22 -11.22 -58.35
CA PRO I 272 -40.93 -12.57 -57.86
C PRO I 272 -39.95 -13.29 -58.78
N VAL I 273 -38.68 -12.90 -58.69
CA VAL I 273 -37.65 -13.45 -59.56
C VAL I 273 -37.40 -14.90 -59.19
N ASN I 274 -37.30 -15.75 -60.20
CA ASN I 274 -37.00 -17.15 -59.96
C ASN I 274 -35.54 -17.27 -59.55
N PRO I 275 -35.24 -17.73 -58.33
CA PRO I 275 -33.84 -17.81 -57.91
C PRO I 275 -33.04 -18.84 -58.67
N GLN I 276 -33.70 -19.81 -59.31
CA GLN I 276 -32.98 -20.89 -59.98
C GLN I 276 -32.09 -20.36 -61.09
N VAL I 277 -32.57 -19.39 -61.85
CA VAL I 277 -31.78 -18.84 -62.94
C VAL I 277 -30.52 -18.16 -62.41
N VAL I 278 -30.54 -17.70 -61.16
CA VAL I 278 -29.33 -17.13 -60.58
C VAL I 278 -28.35 -18.25 -60.23
N TRP I 279 -28.85 -19.39 -59.76
CA TRP I 279 -27.99 -20.46 -59.29
C TRP I 279 -27.71 -21.51 -60.34
N ASP I 280 -28.16 -21.32 -61.58
CA ASP I 280 -27.84 -22.24 -62.65
C ASP I 280 -26.56 -21.86 -63.40
N VAL I 281 -25.98 -20.70 -63.09
CA VAL I 281 -24.69 -20.32 -63.69
C VAL I 281 -23.63 -21.30 -63.21
N PRO I 282 -22.78 -21.84 -64.09
CA PRO I 282 -21.82 -22.86 -63.67
C PRO I 282 -20.76 -22.30 -62.74
N ARG I 283 -20.60 -22.93 -61.58
CA ARG I 283 -19.60 -22.56 -60.58
C ARG I 283 -19.72 -21.09 -60.19
N SER I 284 -20.88 -20.74 -59.63
CA SER I 284 -21.20 -19.35 -59.33
C SER I 284 -21.35 -19.08 -57.84
N SER I 285 -20.86 -19.99 -57.00
CA SER I 285 -21.07 -19.84 -55.56
C SER I 285 -20.30 -18.65 -55.00
N ILE I 286 -19.04 -18.50 -55.41
CA ILE I 286 -18.21 -17.44 -54.84
C ILE I 286 -18.69 -16.06 -55.29
N ALA I 287 -19.15 -15.95 -56.54
CA ALA I 287 -19.70 -14.68 -57.01
C ALA I 287 -20.96 -14.32 -56.25
N ASN I 288 -21.82 -15.31 -56.00
CA ASN I 288 -23.02 -15.05 -55.21
C ASN I 288 -22.69 -14.59 -53.81
N LEU I 289 -21.68 -15.22 -53.19
CA LEU I 289 -21.28 -14.81 -51.84
C LEU I 289 -20.76 -13.38 -51.83
N ILE I 290 -19.93 -13.02 -52.83
CA ILE I 290 -19.39 -11.67 -52.87
C ILE I 290 -20.49 -10.65 -53.11
N MET I 291 -21.43 -10.97 -54.00
CA MET I 291 -22.54 -10.05 -54.26
C MET I 291 -23.40 -9.87 -53.02
N ASN I 292 -23.66 -10.95 -52.29
CA ASN I 292 -24.45 -10.85 -51.06
C ASN I 292 -23.74 -9.97 -50.04
N ILE I 293 -22.43 -10.16 -49.88
CA ILE I 293 -21.69 -9.33 -48.92
C ILE I 293 -21.73 -7.87 -49.34
N ALA I 294 -21.53 -7.60 -50.63
CA ALA I 294 -21.46 -6.22 -51.09
C ALA I 294 -22.82 -5.54 -51.11
N THR I 295 -23.90 -6.30 -51.11
CA THR I 295 -25.23 -5.71 -51.16
C THR I 295 -25.89 -5.57 -49.81
N CYS I 296 -25.72 -6.54 -48.91
CA CYS I 296 -26.56 -6.59 -47.71
C CYS I 296 -25.81 -6.48 -46.39
N LEU I 297 -24.52 -6.23 -46.39
CA LEU I 297 -23.80 -6.19 -45.11
C LEU I 297 -23.89 -4.81 -44.49
N PRO I 298 -24.27 -4.69 -43.23
CA PRO I 298 -24.32 -3.39 -42.57
C PRO I 298 -22.96 -2.99 -42.02
N THR I 299 -22.87 -1.74 -41.56
CA THR I 299 -21.67 -1.21 -40.96
C THR I 299 -21.94 -0.80 -39.52
N GLY I 300 -20.95 -1.03 -38.66
CA GLY I 300 -21.10 -0.70 -37.26
C GLY I 300 -19.77 -0.64 -36.57
N GLU I 301 -19.82 -0.30 -35.28
CA GLU I 301 -18.64 -0.16 -34.43
C GLU I 301 -18.53 -1.38 -33.51
N TYR I 302 -17.46 -1.40 -32.74
CA TYR I 302 -17.20 -2.47 -31.78
C TYR I 302 -17.20 -1.86 -30.38
N ILE I 303 -18.03 -2.39 -29.50
CA ILE I 303 -18.17 -1.88 -28.14
C ILE I 303 -17.51 -2.84 -27.18
N ALA I 304 -17.11 -2.31 -26.02
CA ALA I 304 -16.42 -3.04 -24.99
C ALA I 304 -17.32 -3.22 -23.77
N PRO I 305 -17.10 -4.26 -22.97
CA PRO I 305 -17.95 -4.47 -21.79
C PRO I 305 -17.67 -3.47 -20.68
N ASN I 306 -18.42 -3.58 -19.59
CA ASN I 306 -18.23 -2.69 -18.45
C ASN I 306 -16.87 -2.97 -17.81
N PRO I 307 -16.07 -1.94 -17.54
CA PRO I 307 -14.75 -2.18 -16.92
C PRO I 307 -14.83 -2.81 -15.55
N ARG I 308 -15.96 -2.73 -14.86
CA ARG I 308 -16.06 -3.29 -13.52
C ARG I 308 -16.27 -4.80 -13.52
N ILE I 309 -16.50 -5.42 -14.68
CA ILE I 309 -16.67 -6.87 -14.73
C ILE I 309 -15.40 -7.57 -14.28
N SER I 310 -14.26 -7.18 -14.86
CA SER I 310 -12.99 -7.79 -14.50
C SER I 310 -12.36 -7.16 -13.28
N SER I 311 -12.84 -5.97 -12.87
CA SER I 311 -12.26 -5.31 -11.71
C SER I 311 -12.57 -6.06 -10.42
N ILE I 312 -13.75 -6.68 -10.33
CA ILE I 312 -14.15 -7.39 -9.13
C ILE I 312 -14.02 -8.89 -9.27
N THR I 313 -13.62 -9.39 -10.44
CA THR I 313 -13.51 -10.82 -10.65
C THR I 313 -12.10 -11.27 -11.01
N LEU I 314 -11.52 -10.74 -12.09
CA LEU I 314 -10.17 -11.14 -12.47
C LEU I 314 -9.11 -10.53 -11.58
N THR I 315 -9.32 -9.29 -11.15
CA THR I 315 -8.36 -8.57 -10.32
C THR I 315 -8.89 -8.41 -8.90
N GLN I 316 -9.46 -9.49 -8.35
CA GLN I 316 -9.87 -9.47 -6.96
C GLN I 316 -8.65 -9.35 -6.04
N ARG I 317 -7.70 -10.27 -6.18
CA ARG I 317 -6.62 -10.43 -5.23
C ARG I 317 -5.36 -9.81 -5.84
N ILE I 318 -4.84 -8.78 -5.18
CA ILE I 318 -3.66 -8.10 -5.67
C ILE I 318 -2.44 -9.01 -5.61
N THR I 319 -2.37 -9.86 -4.60
CA THR I 319 -1.17 -10.64 -4.32
C THR I 319 -0.98 -11.81 -5.27
N THR I 320 -1.95 -12.13 -6.12
CA THR I 320 -1.85 -13.29 -7.00
C THR I 320 -2.01 -12.84 -8.45
N THR I 321 -1.58 -13.73 -9.35
CA THR I 321 -1.68 -13.50 -10.78
C THR I 321 -1.98 -14.81 -11.49
N GLY I 322 -2.40 -14.70 -12.75
CA GLY I 322 -2.75 -15.86 -13.53
C GLY I 322 -2.74 -15.57 -15.01
N PRO I 323 -3.09 -16.58 -15.81
CA PRO I 323 -3.10 -16.37 -17.27
C PRO I 323 -4.07 -15.29 -17.73
N PHE I 324 -5.21 -15.15 -17.07
CA PHE I 324 -6.18 -14.15 -17.47
C PHE I 324 -5.76 -12.74 -17.06
N ALA I 325 -5.11 -12.63 -15.90
CA ALA I 325 -4.77 -11.31 -15.36
C ALA I 325 -3.72 -10.61 -16.20
N ILE I 326 -2.76 -11.34 -16.76
CA ILE I 326 -1.68 -10.69 -17.48
C ILE I 326 -2.17 -10.10 -18.80
N LEU I 327 -3.19 -10.70 -19.40
CA LEU I 327 -3.69 -10.22 -20.68
C LEU I 327 -5.04 -9.52 -20.59
N THR I 328 -5.58 -9.34 -19.38
CA THR I 328 -6.81 -8.58 -19.26
C THR I 328 -6.64 -7.09 -19.52
N GLY I 329 -5.42 -6.59 -19.59
CA GLY I 329 -5.23 -5.16 -19.75
C GLY I 329 -4.71 -4.71 -21.11
N SER I 330 -4.35 -5.67 -21.96
CA SER I 330 -3.72 -5.34 -23.22
C SER I 330 -4.73 -4.74 -24.20
N THR I 331 -4.20 -3.95 -25.14
CA THR I 331 -4.99 -3.39 -26.22
C THR I 331 -4.51 -3.96 -27.56
N PRO I 332 -5.40 -4.15 -28.52
CA PRO I 332 -5.00 -4.79 -29.78
C PRO I 332 -4.28 -3.83 -30.71
N THR I 333 -3.53 -4.42 -31.63
CA THR I 333 -2.93 -3.69 -32.73
C THR I 333 -3.87 -3.69 -33.92
N ALA I 334 -3.42 -3.14 -35.04
CA ALA I 334 -4.27 -3.07 -36.23
C ALA I 334 -4.52 -4.46 -36.81
N GLN I 335 -3.48 -5.30 -36.84
CA GLN I 335 -3.62 -6.64 -37.41
C GLN I 335 -4.59 -7.48 -36.59
N GLN I 336 -4.53 -7.35 -35.26
CA GLN I 336 -5.41 -8.13 -34.41
C GLN I 336 -6.86 -7.67 -34.54
N LEU I 337 -7.08 -6.37 -34.72
CA LEU I 337 -8.42 -5.88 -34.98
C LEU I 337 -8.95 -6.40 -36.31
N ASN I 338 -8.07 -6.47 -37.32
CA ASN I 338 -8.47 -7.06 -38.60
C ASN I 338 -8.85 -8.52 -38.44
N ASP I 339 -8.10 -9.24 -37.59
CA ASP I 339 -8.45 -10.63 -37.32
C ASP I 339 -9.80 -10.75 -36.62
N VAL I 340 -10.12 -9.82 -35.73
CA VAL I 340 -11.43 -9.81 -35.08
C VAL I 340 -12.53 -9.60 -36.12
N ARG I 341 -12.29 -8.70 -37.07
CA ARG I 341 -13.25 -8.49 -38.15
C ARG I 341 -13.45 -9.77 -38.96
N LYS I 342 -12.35 -10.49 -39.22
CA LYS I 342 -12.45 -11.76 -39.93
C LYS I 342 -13.28 -12.77 -39.16
N ILE I 343 -13.10 -12.82 -37.84
CA ILE I 343 -13.87 -13.76 -37.02
C ILE I 343 -15.35 -13.46 -37.10
N TYR I 344 -15.72 -12.18 -37.01
CA TYR I 344 -17.13 -11.82 -37.05
C TYR I 344 -17.73 -12.10 -38.43
N LEU I 345 -16.96 -11.83 -39.50
CA LEU I 345 -17.44 -12.15 -40.83
C LEU I 345 -17.65 -13.65 -41.00
N ALA I 346 -16.76 -14.46 -40.43
CA ALA I 346 -16.94 -15.90 -40.49
C ALA I 346 -18.16 -16.34 -39.71
N LEU I 347 -18.44 -15.70 -38.58
CA LEU I 347 -19.63 -16.04 -37.81
C LEU I 347 -20.91 -15.70 -38.56
N MET I 348 -20.91 -14.59 -39.30
CA MET I 348 -22.14 -14.12 -39.93
C MET I 348 -22.58 -15.01 -41.09
N PHE I 349 -21.70 -15.86 -41.63
CA PHE I 349 -22.04 -16.73 -42.75
C PHE I 349 -21.76 -18.17 -42.33
N PRO I 350 -22.76 -18.87 -41.80
CA PRO I 350 -22.52 -20.23 -41.31
C PRO I 350 -22.24 -21.19 -42.46
N GLY I 351 -21.18 -21.98 -42.30
CA GLY I 351 -20.86 -23.01 -43.27
C GLY I 351 -20.10 -22.53 -44.48
N GLN I 352 -20.46 -21.35 -45.00
CA GLN I 352 -19.82 -20.86 -46.21
C GLN I 352 -18.39 -20.40 -45.96
N ILE I 353 -18.10 -19.91 -44.76
CA ILE I 353 -16.76 -19.46 -44.39
C ILE I 353 -16.37 -20.15 -43.10
N ILE I 354 -15.18 -20.76 -43.08
CA ILE I 354 -14.66 -21.44 -41.90
C ILE I 354 -13.33 -20.81 -41.52
N LEU I 355 -12.85 -21.15 -40.34
CA LEU I 355 -11.68 -20.50 -39.74
C LEU I 355 -10.56 -21.50 -39.51
N ASP I 356 -9.33 -20.99 -39.43
CA ASP I 356 -8.16 -21.80 -39.14
C ASP I 356 -7.14 -20.93 -38.42
N LEU I 357 -6.24 -21.59 -37.68
CA LEU I 357 -5.24 -20.90 -36.89
C LEU I 357 -3.92 -20.80 -37.64
N LYS I 358 -3.23 -19.67 -37.46
CA LYS I 358 -1.96 -19.41 -38.10
C LYS I 358 -0.99 -18.82 -37.09
N ILE I 359 0.30 -18.94 -37.40
CA ILE I 359 1.35 -18.32 -36.61
C ILE I 359 2.25 -17.54 -37.57
N ASP I 360 2.43 -16.26 -37.28
CA ASP I 360 3.30 -15.43 -38.10
C ASP I 360 4.74 -15.93 -37.98
N PRO I 361 5.45 -16.11 -39.09
CA PRO I 361 6.87 -16.51 -38.99
C PRO I 361 7.70 -15.40 -38.40
N GLY I 362 8.35 -15.71 -37.27
CA GLY I 362 9.15 -14.75 -36.55
C GLY I 362 8.69 -14.48 -35.14
N GLU I 363 7.44 -14.77 -34.81
CA GLU I 363 6.94 -14.58 -33.45
C GLU I 363 6.94 -15.91 -32.70
N ARG I 364 6.61 -15.82 -31.41
CA ARG I 364 6.70 -16.95 -30.50
C ARG I 364 5.43 -17.04 -29.65
N MET I 365 5.07 -18.27 -29.29
CA MET I 365 3.83 -18.53 -28.57
C MET I 365 3.94 -18.23 -27.09
N ASP I 366 2.85 -17.75 -26.51
CA ASP I 366 2.71 -17.56 -25.07
C ASP I 366 1.67 -18.54 -24.55
N PRO I 367 2.01 -19.39 -23.57
CA PRO I 367 1.05 -20.39 -23.09
C PRO I 367 -0.22 -19.80 -22.50
N ALA I 368 -0.16 -18.62 -21.88
CA ALA I 368 -1.35 -18.01 -21.32
C ALA I 368 -2.37 -17.70 -22.41
N VAL I 369 -1.89 -17.17 -23.54
CA VAL I 369 -2.77 -16.89 -24.67
C VAL I 369 -3.41 -18.18 -25.17
N ARG I 370 -2.63 -19.26 -25.23
CA ARG I 370 -3.15 -20.53 -25.69
C ARG I 370 -4.24 -21.05 -24.75
N MET I 371 -4.02 -20.94 -23.44
CA MET I 371 -5.03 -21.40 -22.50
C MET I 371 -6.31 -20.59 -22.58
N VAL I 372 -6.18 -19.26 -22.65
CA VAL I 372 -7.37 -18.41 -22.74
C VAL I 372 -8.13 -18.68 -24.03
N ALA I 373 -7.42 -18.83 -25.15
CA ALA I 373 -8.08 -19.13 -26.41
C ALA I 373 -8.80 -20.47 -26.35
N GLY I 374 -8.16 -21.47 -25.75
CA GLY I 374 -8.80 -22.76 -25.59
C GLY I 374 -10.05 -22.71 -24.75
N VAL I 375 -10.08 -21.86 -23.73
CA VAL I 375 -11.29 -21.71 -22.94
C VAL I 375 -12.39 -21.01 -23.71
N VAL I 376 -12.06 -19.91 -24.41
CA VAL I 376 -13.14 -19.11 -25.01
C VAL I 376 -13.63 -19.71 -26.32
N GLY I 377 -12.84 -20.57 -26.96
CA GLY I 377 -13.25 -21.10 -28.25
C GLY I 377 -14.48 -21.99 -28.16
N HIS I 378 -14.60 -22.75 -27.08
CA HIS I 378 -15.75 -23.64 -26.94
C HIS I 378 -17.03 -22.86 -26.72
N LEU I 379 -16.95 -21.66 -26.17
CA LEU I 379 -18.12 -20.83 -25.96
C LEU I 379 -18.41 -19.91 -27.13
N LEU I 380 -17.45 -19.67 -28.01
CA LEU I 380 -17.65 -18.70 -29.08
C LEU I 380 -18.03 -19.32 -30.41
N PHE I 381 -17.60 -20.54 -30.71
CA PHE I 381 -17.80 -21.14 -32.01
C PHE I 381 -18.77 -22.32 -31.94
N THR I 382 -19.07 -22.87 -33.11
CA THR I 382 -20.02 -23.97 -33.26
C THR I 382 -19.47 -24.99 -34.23
N ALA I 383 -19.50 -26.26 -33.84
CA ALA I 383 -19.10 -27.37 -34.72
C ALA I 383 -20.10 -28.51 -34.59
N GLY I 384 -21.38 -28.18 -34.59
CA GLY I 384 -22.42 -29.13 -34.27
C GLY I 384 -22.77 -30.06 -35.41
N GLY I 385 -23.93 -30.69 -35.29
CA GLY I 385 -24.42 -31.66 -36.23
C GLY I 385 -25.17 -31.11 -37.42
N ARG I 386 -25.26 -29.79 -37.55
CA ARG I 386 -25.88 -29.16 -38.70
C ARG I 386 -24.88 -28.42 -39.57
N PHE I 387 -24.02 -27.61 -38.95
CA PHE I 387 -23.01 -26.85 -39.67
C PHE I 387 -21.86 -26.58 -38.72
N THR I 388 -20.73 -26.16 -39.30
CA THR I 388 -19.54 -25.89 -38.52
C THR I 388 -18.95 -24.54 -38.89
N ASN I 389 -18.31 -23.90 -37.92
CA ASN I 389 -17.54 -22.70 -38.14
C ASN I 389 -16.04 -22.94 -38.10
N LEU I 390 -15.61 -24.19 -37.94
CA LEU I 390 -14.22 -24.49 -37.72
C LEU I 390 -13.81 -25.67 -38.59
N THR I 391 -12.51 -25.73 -38.91
CA THR I 391 -11.93 -26.93 -39.48
C THR I 391 -11.68 -27.95 -38.37
N GLN I 392 -11.41 -29.19 -38.77
CA GLN I 392 -11.13 -30.23 -37.79
C GLN I 392 -9.84 -29.95 -37.03
N ASN I 393 -8.83 -29.43 -37.74
CA ASN I 393 -7.53 -29.16 -37.13
C ASN I 393 -7.65 -28.15 -36.01
N MET I 394 -8.39 -27.05 -36.24
CA MET I 394 -8.50 -26.02 -35.21
C MET I 394 -9.30 -26.50 -34.02
N ALA I 395 -10.31 -27.35 -34.25
CA ALA I 395 -11.04 -27.95 -33.15
C ALA I 395 -10.13 -28.81 -32.30
N ARG I 396 -9.27 -29.61 -32.92
CA ARG I 396 -8.33 -30.43 -32.16
C ARG I 396 -7.36 -29.57 -31.37
N GLN I 397 -6.85 -28.50 -31.98
CA GLN I 397 -5.93 -27.61 -31.27
C GLN I 397 -6.60 -26.95 -30.07
N LEU I 398 -7.85 -26.53 -30.23
CA LEU I 398 -8.57 -25.92 -29.12
C LEU I 398 -8.82 -26.92 -28.00
N ASP I 399 -9.11 -28.17 -28.35
CA ASP I 399 -9.29 -29.20 -27.34
C ASP I 399 -8.01 -29.43 -26.56
N ILE I 400 -6.87 -29.47 -27.25
CA ILE I 400 -5.59 -29.64 -26.55
C ILE I 400 -5.31 -28.46 -25.65
N ALA I 401 -5.63 -27.24 -26.10
CA ALA I 401 -5.41 -26.06 -25.27
C ALA I 401 -6.27 -26.11 -24.00
N LEU I 402 -7.53 -26.54 -24.13
CA LEU I 402 -8.37 -26.68 -22.95
C LEU I 402 -7.82 -27.72 -21.99
N ASN I 403 -7.34 -28.84 -22.54
CA ASN I 403 -6.75 -29.88 -21.69
C ASN I 403 -5.53 -29.35 -20.94
N ASP I 404 -4.72 -28.54 -21.59
CA ASP I 404 -3.56 -27.96 -20.92
C ASP I 404 -4.00 -26.97 -19.84
N TYR I 405 -5.05 -26.21 -20.10
CA TYR I 405 -5.47 -25.22 -19.11
C TYR I 405 -6.06 -25.87 -17.87
N LEU I 406 -6.85 -26.93 -18.04
CA LEU I 406 -7.50 -27.53 -16.88
C LEU I 406 -6.52 -28.13 -15.88
N LEU I 407 -5.42 -28.69 -16.36
CA LEU I 407 -4.43 -29.33 -15.51
C LEU I 407 -3.36 -28.36 -15.01
N TYR I 408 -3.63 -27.06 -15.03
CA TYR I 408 -2.66 -26.05 -14.64
C TYR I 408 -2.92 -25.66 -13.20
N MET I 409 -1.92 -25.85 -12.34
CA MET I 409 -1.98 -25.47 -10.93
C MET I 409 -3.14 -26.16 -10.23
N TYR I 410 -3.08 -27.47 -10.19
CA TYR I 410 -4.05 -28.28 -9.45
C TYR I 410 -3.34 -29.02 -8.33
N ASN I 411 -4.12 -29.43 -7.33
CA ASN I 411 -3.56 -30.07 -6.16
C ASN I 411 -4.37 -31.29 -5.76
N THR I 412 -4.05 -31.86 -4.58
CA THR I 412 -4.70 -33.07 -4.13
C THR I 412 -6.15 -32.84 -3.71
N ARG I 413 -6.51 -31.60 -3.35
CA ARG I 413 -7.89 -31.29 -3.00
C ARG I 413 -8.84 -31.70 -4.11
N VAL I 414 -8.54 -31.31 -5.34
CA VAL I 414 -9.33 -31.73 -6.49
C VAL I 414 -8.79 -33.08 -6.96
N GLN I 415 -9.69 -34.04 -7.13
CA GLN I 415 -9.27 -35.39 -7.46
C GLN I 415 -9.28 -35.58 -8.97
N VAL I 416 -8.23 -36.19 -9.50
CA VAL I 416 -8.11 -36.43 -10.93
C VAL I 416 -7.96 -37.94 -11.15
N ASN I 417 -8.82 -38.49 -12.00
CA ASN I 417 -8.75 -39.90 -12.37
C ASN I 417 -8.56 -39.98 -13.87
N TYR I 418 -7.38 -40.42 -14.31
CA TYR I 418 -7.08 -40.52 -15.72
C TYR I 418 -7.78 -41.74 -16.33
N GLY I 419 -8.00 -41.66 -17.64
CA GLY I 419 -8.58 -42.75 -18.39
C GLY I 419 -7.52 -43.61 -19.03
N PRO I 420 -7.95 -44.64 -19.75
CA PRO I 420 -6.97 -45.56 -20.36
C PRO I 420 -6.45 -45.11 -21.72
N THR I 421 -7.21 -44.27 -22.43
CA THR I 421 -6.87 -43.97 -23.82
C THR I 421 -5.64 -43.08 -23.94
N GLY I 422 -5.53 -42.08 -23.07
CA GLY I 422 -4.46 -41.10 -23.19
C GLY I 422 -4.78 -39.92 -24.10
N GLU I 423 -5.99 -39.84 -24.62
CA GLU I 423 -6.41 -38.69 -25.41
C GLU I 423 -6.59 -37.47 -24.51
N PRO I 424 -6.58 -36.27 -25.09
CA PRO I 424 -6.90 -35.07 -24.30
C PRO I 424 -8.33 -35.13 -23.77
N LEU I 425 -8.52 -34.50 -22.61
CA LEU I 425 -9.81 -34.50 -21.90
C LEU I 425 -10.33 -35.92 -21.68
N ASP I 426 -9.51 -36.74 -21.04
CA ASP I 426 -9.86 -38.11 -20.73
C ASP I 426 -9.69 -38.39 -19.26
N PHE I 427 -10.24 -37.50 -18.42
CA PHE I 427 -10.12 -37.65 -16.99
C PHE I 427 -11.42 -37.23 -16.33
N GLN I 428 -11.64 -37.79 -15.15
CA GLN I 428 -12.74 -37.40 -14.27
C GLN I 428 -12.17 -36.50 -13.17
N ILE I 429 -12.79 -35.35 -12.97
CA ILE I 429 -12.23 -34.30 -12.14
C ILE I 429 -13.27 -33.89 -11.09
N GLY I 430 -12.79 -33.50 -9.92
CA GLY I 430 -13.65 -32.96 -8.88
C GLY I 430 -14.12 -34.01 -7.90
N ARG I 431 -14.65 -33.53 -6.78
CA ARG I 431 -15.18 -34.44 -5.75
C ARG I 431 -16.41 -35.17 -6.25
N ASN I 432 -17.18 -34.56 -7.13
CA ASN I 432 -18.34 -35.21 -7.72
C ASN I 432 -18.02 -35.97 -9.00
N GLN I 433 -16.77 -35.94 -9.45
CA GLN I 433 -16.31 -36.66 -10.62
C GLN I 433 -17.07 -36.26 -11.89
N TYR I 434 -16.91 -34.99 -12.25
CA TYR I 434 -17.48 -34.51 -13.50
C TYR I 434 -16.69 -35.07 -14.68
N ASP I 435 -17.39 -35.68 -15.62
CA ASP I 435 -16.73 -36.28 -16.77
C ASP I 435 -16.38 -35.22 -17.80
N CYS I 436 -15.14 -35.26 -18.29
CA CYS I 436 -14.64 -34.26 -19.21
C CYS I 436 -14.55 -34.78 -20.65
N ASN I 437 -14.93 -36.02 -20.90
CA ASN I 437 -14.86 -36.53 -22.27
C ASN I 437 -15.87 -35.88 -23.19
N VAL I 438 -16.92 -35.27 -22.63
CA VAL I 438 -17.96 -34.67 -23.46
C VAL I 438 -17.49 -33.41 -24.15
N PHE I 439 -16.40 -32.81 -23.69
CA PHE I 439 -15.89 -31.59 -24.29
C PHE I 439 -14.95 -31.84 -25.47
N ARG I 440 -14.66 -33.09 -25.78
CA ARG I 440 -13.86 -33.40 -26.96
C ARG I 440 -14.72 -33.25 -28.21
N ALA I 441 -14.12 -32.71 -29.26
CA ALA I 441 -14.87 -32.41 -30.48
C ALA I 441 -15.34 -33.68 -31.17
N ASP I 442 -16.54 -33.63 -31.73
CA ASP I 442 -17.11 -34.73 -32.48
C ASP I 442 -18.08 -34.15 -33.50
N PHE I 443 -17.79 -34.33 -34.78
CA PHE I 443 -18.60 -33.68 -35.79
C PHE I 443 -19.87 -34.45 -36.15
N ALA I 444 -19.96 -35.72 -35.76
CA ALA I 444 -21.20 -36.46 -36.01
C ALA I 444 -22.35 -35.87 -35.21
N THR I 445 -22.11 -35.52 -33.95
CA THR I 445 -23.09 -34.84 -33.12
C THR I 445 -22.39 -33.81 -32.26
N GLY I 446 -22.97 -32.63 -32.17
CA GLY I 446 -22.32 -31.54 -31.47
C GLY I 446 -22.16 -31.77 -29.99
N THR I 447 -20.92 -31.86 -29.52
CA THR I 447 -20.61 -31.95 -28.10
C THR I 447 -19.49 -30.98 -27.79
N GLY I 448 -19.61 -30.26 -26.67
CA GLY I 448 -18.59 -29.34 -26.25
C GLY I 448 -18.62 -28.00 -26.94
N TYR I 449 -19.58 -27.76 -27.83
CA TYR I 449 -19.69 -26.47 -28.49
C TYR I 449 -21.13 -25.97 -28.42
N ASN I 450 -21.43 -24.89 -29.14
CA ASN I 450 -22.72 -24.23 -28.98
C ASN I 450 -23.89 -25.10 -29.42
N GLY I 451 -23.67 -25.98 -30.39
CA GLY I 451 -24.75 -26.83 -30.86
C GLY I 451 -24.83 -28.16 -30.15
N TRP I 452 -24.79 -28.15 -28.82
CA TRP I 452 -24.81 -29.41 -28.07
C TRP I 452 -26.21 -30.03 -28.06
N ALA I 453 -27.18 -29.34 -27.48
CA ALA I 453 -28.54 -29.83 -27.45
C ALA I 453 -29.53 -28.77 -27.91
N THR I 454 -29.11 -27.84 -28.76
CA THR I 454 -29.95 -26.74 -29.20
C THR I 454 -30.38 -26.95 -30.64
N ILE I 455 -31.65 -26.65 -30.92
CA ILE I 455 -32.15 -26.66 -32.28
C ILE I 455 -31.75 -25.34 -32.95
N ASP I 456 -30.59 -25.34 -33.61
CA ASP I 456 -30.03 -24.12 -34.17
C ASP I 456 -30.57 -23.77 -35.56
N VAL I 457 -31.26 -24.69 -36.23
CA VAL I 457 -31.92 -24.41 -37.49
C VAL I 457 -33.37 -24.81 -37.39
N GLU I 458 -34.24 -23.98 -37.96
CA GLU I 458 -35.67 -24.18 -37.82
C GLU I 458 -36.36 -23.83 -39.12
N TYR I 459 -37.48 -24.50 -39.38
CA TYR I 459 -38.29 -24.27 -40.57
C TYR I 459 -39.67 -23.79 -40.16
N ARG I 460 -40.19 -22.82 -40.90
CA ARG I 460 -41.42 -22.14 -40.53
C ARG I 460 -42.19 -21.81 -41.80
N GLU I 461 -43.12 -20.84 -41.70
CA GLU I 461 -43.96 -20.37 -42.80
C GLU I 461 -43.10 -19.95 -44.00
N PRO I 462 -43.64 -20.00 -45.22
CA PRO I 462 -42.83 -19.69 -46.39
C PRO I 462 -42.24 -18.28 -46.37
N ALA I 463 -41.01 -18.19 -46.85
CA ALA I 463 -40.18 -16.99 -46.92
C ALA I 463 -40.44 -16.24 -48.23
N PRO I 464 -40.02 -14.97 -48.31
CA PRO I 464 -40.11 -14.27 -49.60
C PRO I 464 -39.36 -14.95 -50.73
N TYR I 465 -38.22 -15.55 -50.45
CA TYR I 465 -37.47 -16.32 -51.44
C TYR I 465 -37.67 -17.81 -51.15
N VAL I 466 -38.13 -18.56 -52.15
CA VAL I 466 -38.55 -19.93 -51.89
C VAL I 466 -37.40 -20.90 -51.79
N HIS I 467 -36.21 -20.55 -52.28
CA HIS I 467 -35.11 -21.50 -52.26
C HIS I 467 -34.46 -21.59 -50.88
N ALA I 468 -34.58 -20.54 -50.06
CA ALA I 468 -34.00 -20.52 -48.72
C ALA I 468 -35.11 -20.24 -47.72
N GLN I 469 -35.42 -21.22 -46.89
CA GLN I 469 -36.50 -21.11 -45.91
C GLN I 469 -36.04 -21.56 -44.54
N ARG I 470 -34.85 -21.15 -44.14
CA ARG I 470 -34.26 -21.60 -42.89
C ARG I 470 -34.04 -20.40 -41.98
N TYR I 471 -34.16 -20.64 -40.67
CA TYR I 471 -33.90 -19.63 -39.65
C TYR I 471 -32.74 -20.10 -38.80
N ILE I 472 -31.77 -19.23 -38.58
CA ILE I 472 -30.61 -19.55 -37.76
C ILE I 472 -30.89 -19.13 -36.33
N ARG I 473 -30.63 -20.04 -35.38
CA ARG I 473 -31.02 -19.84 -34.00
C ARG I 473 -29.85 -20.05 -33.05
N TYR I 474 -28.74 -19.35 -33.29
CA TYR I 474 -27.58 -19.37 -32.40
C TYR I 474 -28.01 -19.24 -30.93
N CYS I 475 -27.61 -20.23 -30.13
CA CYS I 475 -27.88 -20.26 -28.69
C CYS I 475 -29.38 -20.23 -28.38
N GLY I 476 -30.20 -20.72 -29.30
CA GLY I 476 -31.63 -20.80 -29.06
C GLY I 476 -32.34 -19.47 -28.92
N ILE I 477 -31.76 -18.39 -29.42
CA ILE I 477 -32.34 -17.06 -29.30
C ILE I 477 -33.23 -16.81 -30.50
N ASP I 478 -34.46 -16.38 -30.25
CA ASP I 478 -35.40 -16.06 -31.31
C ASP I 478 -35.13 -14.65 -31.84
N SER I 479 -35.21 -14.50 -33.16
CA SER I 479 -34.92 -13.25 -33.82
C SER I 479 -36.16 -12.40 -34.08
N ARG I 480 -37.34 -12.84 -33.63
CA ARG I 480 -38.57 -12.13 -33.95
C ARG I 480 -38.65 -10.80 -33.21
N GLU I 481 -38.14 -10.74 -31.98
CA GLU I 481 -38.36 -9.60 -31.10
C GLU I 481 -37.15 -8.69 -31.06
N LEU I 482 -37.40 -7.40 -30.91
CA LEU I 482 -36.32 -6.44 -30.70
C LEU I 482 -35.83 -6.53 -29.26
N ILE I 483 -34.62 -6.03 -29.03
CA ILE I 483 -33.97 -6.17 -27.74
C ILE I 483 -33.54 -4.82 -27.22
N ASN I 484 -33.42 -4.72 -25.90
CA ASN I 484 -32.84 -3.56 -25.25
C ASN I 484 -31.45 -3.92 -24.76
N PRO I 485 -30.38 -3.34 -25.31
CA PRO I 485 -29.03 -3.80 -24.96
C PRO I 485 -28.66 -3.62 -23.50
N THR I 486 -29.29 -2.68 -22.79
CA THR I 486 -28.91 -2.46 -21.40
C THR I 486 -29.30 -3.65 -20.52
N THR I 487 -30.55 -4.09 -20.60
CA THR I 487 -31.05 -5.20 -19.76
C THR I 487 -31.75 -6.19 -20.66
N TYR I 488 -31.00 -7.12 -21.25
CA TYR I 488 -31.60 -8.16 -22.05
C TYR I 488 -31.34 -9.56 -21.52
N GLY I 489 -30.09 -9.94 -21.33
CA GLY I 489 -29.77 -11.30 -20.98
C GLY I 489 -29.61 -11.54 -19.49
N ILE I 490 -30.54 -11.00 -18.71
CA ILE I 490 -30.39 -11.05 -17.25
C ILE I 490 -30.59 -12.47 -16.73
N GLY I 491 -31.57 -13.19 -17.24
CA GLY I 491 -31.90 -14.48 -16.67
C GLY I 491 -32.00 -15.62 -17.65
N MET I 492 -31.16 -15.64 -18.68
CA MET I 492 -31.22 -16.66 -19.71
C MET I 492 -29.88 -17.36 -19.86
N THR I 493 -29.92 -18.68 -20.06
CA THR I 493 -28.73 -19.48 -20.30
C THR I 493 -29.01 -20.44 -21.46
N TYR I 494 -27.99 -21.23 -21.80
CA TYR I 494 -28.16 -22.38 -22.68
C TYR I 494 -27.22 -23.47 -22.22
N HIS I 495 -27.30 -24.62 -22.90
CA HIS I 495 -26.75 -25.86 -22.35
C HIS I 495 -25.23 -25.83 -22.24
N CYS I 496 -24.55 -25.45 -23.32
CA CYS I 496 -23.10 -25.52 -23.34
C CYS I 496 -22.46 -24.57 -22.34
N TYR I 497 -23.00 -23.36 -22.22
CA TYR I 497 -22.44 -22.39 -21.29
C TYR I 497 -22.58 -22.86 -19.85
N ASN I 498 -23.74 -23.42 -19.52
CA ASN I 498 -23.97 -23.95 -18.18
C ASN I 498 -23.04 -25.12 -17.88
N GLU I 499 -22.85 -26.01 -18.85
CA GLU I 499 -21.94 -27.14 -18.62
C GLU I 499 -20.50 -26.67 -18.44
N MET I 500 -20.09 -25.67 -19.22
CA MET I 500 -18.74 -25.12 -19.05
C MET I 500 -18.57 -24.50 -17.67
N LEU I 501 -19.58 -23.78 -17.19
CA LEU I 501 -19.51 -23.19 -15.87
C LEU I 501 -19.41 -24.27 -14.79
N ARG I 502 -20.19 -25.33 -14.92
CA ARG I 502 -20.14 -26.42 -13.95
C ARG I 502 -18.78 -27.09 -13.94
N MET I 503 -18.22 -27.34 -15.13
CA MET I 503 -16.90 -27.97 -15.20
C MET I 503 -15.82 -27.08 -14.62
N LEU I 504 -15.90 -25.77 -14.87
CA LEU I 504 -14.91 -24.86 -14.30
C LEU I 504 -15.00 -24.82 -12.78
N VAL I 505 -16.23 -24.85 -12.24
CA VAL I 505 -16.38 -24.86 -10.80
C VAL I 505 -15.81 -26.15 -10.21
N ALA I 506 -16.08 -27.29 -10.86
CA ALA I 506 -15.55 -28.55 -10.36
C ALA I 506 -14.03 -28.63 -10.40
N ALA I 507 -13.38 -27.84 -11.24
CA ALA I 507 -11.94 -27.89 -11.39
C ALA I 507 -11.20 -26.90 -10.49
N GLY I 508 -11.92 -26.13 -9.69
CA GLY I 508 -11.29 -25.21 -8.77
C GLY I 508 -10.96 -23.84 -9.32
N LYS I 509 -11.38 -23.53 -10.55
CA LYS I 509 -11.16 -22.21 -11.12
C LYS I 509 -12.36 -21.33 -10.80
N ASP I 510 -12.34 -20.76 -9.59
CA ASP I 510 -13.50 -20.02 -9.10
C ASP I 510 -13.63 -18.66 -9.79
N SER I 511 -12.51 -17.95 -9.92
CA SER I 511 -12.56 -16.60 -10.48
C SER I 511 -13.00 -16.61 -11.94
N GLU I 512 -12.51 -17.57 -12.72
CA GLU I 512 -12.91 -17.66 -14.11
C GLU I 512 -14.39 -17.98 -14.26
N ALA I 513 -14.90 -18.88 -13.41
CA ALA I 513 -16.32 -19.20 -13.44
C ALA I 513 -17.15 -17.97 -13.10
N ALA I 514 -16.73 -17.20 -12.10
CA ALA I 514 -17.45 -15.98 -11.77
C ALA I 514 -17.41 -14.99 -12.92
N TYR I 515 -16.26 -14.87 -13.61
CA TYR I 515 -16.15 -13.93 -14.70
C TYR I 515 -17.07 -14.30 -15.85
N PHE I 516 -17.13 -15.58 -16.20
CA PHE I 516 -18.01 -16.01 -17.28
C PHE I 516 -19.48 -15.85 -16.90
N ARG I 517 -19.82 -16.16 -15.64
CA ARG I 517 -21.20 -15.96 -15.18
C ARG I 517 -21.59 -14.49 -15.24
N SER I 518 -20.65 -13.60 -14.93
CA SER I 518 -20.95 -12.17 -15.01
C SER I 518 -21.02 -11.69 -16.45
N MET I 519 -20.24 -12.28 -17.35
CA MET I 519 -20.19 -11.83 -18.74
C MET I 519 -21.26 -12.46 -19.62
N LEU I 520 -22.04 -13.40 -19.08
CA LEU I 520 -23.11 -14.04 -19.85
C LEU I 520 -24.08 -13.08 -20.56
N PRO I 521 -24.61 -12.02 -19.93
CA PRO I 521 -25.53 -11.14 -20.67
C PRO I 521 -24.90 -10.47 -21.88
N PHE I 522 -23.62 -10.10 -21.80
CA PHE I 522 -22.91 -9.55 -22.94
C PHE I 522 -22.88 -10.55 -24.09
N HIS I 523 -22.61 -11.81 -23.77
CA HIS I 523 -22.59 -12.88 -24.75
C HIS I 523 -23.96 -13.01 -25.42
N MET I 524 -25.02 -13.01 -24.63
CA MET I 524 -26.36 -13.19 -25.18
C MET I 524 -26.75 -12.03 -26.08
N VAL I 525 -26.41 -10.79 -25.69
CA VAL I 525 -26.72 -9.64 -26.52
C VAL I 525 -25.98 -9.72 -27.85
N ARG I 526 -24.69 -10.07 -27.81
CA ARG I 526 -23.92 -10.18 -29.04
C ARG I 526 -24.52 -11.22 -29.97
N PHE I 527 -24.89 -12.38 -29.44
CA PHE I 527 -25.42 -13.42 -30.33
C PHE I 527 -26.81 -13.08 -30.82
N ALA I 528 -27.60 -12.33 -30.05
CA ALA I 528 -28.89 -11.88 -30.54
C ALA I 528 -28.72 -10.93 -31.72
N ARG I 529 -27.75 -10.02 -31.63
CA ARG I 529 -27.48 -9.13 -32.77
C ARG I 529 -27.04 -9.93 -33.99
N ILE I 530 -26.20 -10.94 -33.78
CA ILE I 530 -25.75 -11.77 -34.91
C ILE I 530 -26.92 -12.49 -35.56
N ASN I 531 -27.83 -13.05 -34.75
CA ASN I 531 -28.99 -13.73 -35.30
C ASN I 531 -29.88 -12.78 -36.10
N GLN I 532 -30.09 -11.57 -35.58
CA GLN I 532 -30.91 -10.61 -36.31
C GLN I 532 -30.28 -10.23 -37.64
N ILE I 533 -28.96 -10.01 -37.64
CA ILE I 533 -28.28 -9.65 -38.88
C ILE I 533 -28.36 -10.77 -39.89
N ILE I 534 -28.22 -12.02 -39.44
CA ILE I 534 -28.26 -13.15 -40.36
C ILE I 534 -29.66 -13.30 -40.95
N ASN I 535 -30.70 -13.26 -40.12
CA ASN I 535 -32.04 -13.57 -40.62
C ASN I 535 -32.64 -12.41 -41.40
N GLU I 536 -32.56 -11.20 -40.88
CA GLU I 536 -33.37 -10.10 -41.38
C GLU I 536 -32.62 -9.15 -42.31
N ASP I 537 -31.37 -9.43 -42.62
CA ASP I 537 -30.60 -8.55 -43.48
C ASP I 537 -29.94 -9.27 -44.65
N LEU I 538 -29.50 -10.52 -44.45
CA LEU I 538 -28.74 -11.26 -45.45
C LEU I 538 -29.62 -12.20 -46.24
N HIS I 539 -30.84 -11.80 -46.53
CA HIS I 539 -31.80 -12.62 -47.26
C HIS I 539 -31.91 -12.11 -48.70
N SER I 540 -31.48 -12.92 -49.66
CA SER I 540 -31.50 -12.56 -51.06
C SER I 540 -31.42 -13.84 -51.89
N VAL I 541 -31.45 -13.70 -53.22
CA VAL I 541 -31.27 -14.88 -54.05
C VAL I 541 -29.84 -15.36 -53.98
N PHE I 542 -28.91 -14.49 -53.58
CA PHE I 542 -27.52 -14.87 -53.46
C PHE I 542 -27.28 -15.76 -52.25
N SER I 543 -28.23 -15.88 -51.34
CA SER I 543 -28.10 -16.79 -50.22
C SER I 543 -28.13 -18.23 -50.70
N LEU I 544 -27.37 -19.08 -50.02
CA LEU I 544 -27.21 -20.46 -50.44
C LEU I 544 -28.52 -21.22 -50.29
N PRO I 545 -28.88 -22.06 -51.26
CA PRO I 545 -30.09 -22.87 -51.14
C PRO I 545 -29.97 -23.90 -50.03
N ASP I 546 -31.13 -24.37 -49.57
CA ASP I 546 -31.17 -25.26 -48.42
C ASP I 546 -30.54 -26.62 -48.72
N ASP I 547 -30.76 -27.14 -49.92
CA ASP I 547 -30.24 -28.47 -50.25
C ASP I 547 -28.72 -28.50 -50.24
N MET I 548 -28.07 -27.37 -50.53
CA MET I 548 -26.63 -27.29 -50.44
C MET I 548 -26.14 -26.94 -49.04
N PHE I 549 -26.92 -26.15 -48.31
CA PHE I 549 -26.58 -25.82 -46.94
C PHE I 549 -26.57 -27.08 -46.07
N ASN I 550 -27.53 -27.97 -46.29
CA ASN I 550 -27.55 -29.23 -45.53
C ASN I 550 -26.40 -30.13 -45.91
N ALA I 551 -25.98 -30.10 -47.18
CA ALA I 551 -24.96 -31.02 -47.65
C ALA I 551 -23.54 -30.51 -47.46
N LEU I 552 -23.36 -29.25 -47.04
CA LEU I 552 -22.01 -28.74 -46.80
C LEU I 552 -21.29 -29.55 -45.73
N LEU I 553 -21.94 -29.79 -44.59
CA LEU I 553 -21.25 -30.46 -43.48
C LEU I 553 -20.87 -31.91 -43.78
N PRO I 554 -21.74 -32.77 -44.31
CA PRO I 554 -21.29 -34.15 -44.60
C PRO I 554 -20.15 -34.22 -45.61
N ASP I 555 -20.05 -33.26 -46.52
CA ASP I 555 -18.94 -33.27 -47.47
C ASP I 555 -17.62 -32.93 -46.80
N LEU I 556 -17.65 -32.11 -45.74
CA LEU I 556 -16.40 -31.71 -45.09
C LEU I 556 -15.75 -32.89 -44.37
N ILE I 557 -16.56 -33.74 -43.73
CA ILE I 557 -16.00 -34.87 -42.99
C ILE I 557 -15.68 -36.06 -43.87
N ALA I 558 -15.93 -35.96 -45.17
CA ALA I 558 -15.65 -37.05 -46.09
C ALA I 558 -14.58 -36.72 -47.12
N GLY I 559 -14.10 -35.49 -47.17
CA GLY I 559 -13.08 -35.10 -48.12
C GLY I 559 -13.50 -35.15 -49.57
N ALA I 560 -14.74 -34.81 -49.86
CA ALA I 560 -15.26 -34.78 -51.22
C ALA I 560 -15.36 -33.33 -51.69
N HIS I 561 -14.82 -33.05 -52.87
CA HIS I 561 -14.76 -31.70 -53.41
C HIS I 561 -15.49 -31.61 -54.74
N GLN I 562 -16.64 -32.25 -54.84
CA GLN I 562 -17.45 -32.23 -56.05
C GLN I 562 -18.48 -31.12 -56.05
N ASN I 563 -18.49 -30.27 -55.03
CA ASN I 563 -19.41 -29.15 -54.96
C ASN I 563 -18.63 -27.92 -54.52
N ALA I 564 -19.35 -26.87 -54.16
CA ALA I 564 -18.71 -25.63 -53.74
C ALA I 564 -17.95 -25.85 -52.43
N ASP I 565 -16.73 -25.34 -52.37
CA ASP I 565 -15.97 -25.50 -51.15
C ASP I 565 -15.95 -24.23 -50.34
N PRO I 566 -15.94 -24.33 -49.02
CA PRO I 566 -15.95 -23.13 -48.18
C PRO I 566 -14.62 -22.38 -48.25
N VAL I 567 -14.69 -21.10 -47.92
CA VAL I 567 -13.52 -20.23 -47.87
C VAL I 567 -12.91 -20.31 -46.48
N VAL I 568 -11.60 -20.47 -46.42
CA VAL I 568 -10.87 -20.64 -45.17
C VAL I 568 -10.06 -19.38 -44.89
N LEU I 569 -10.15 -18.88 -43.66
CA LEU I 569 -9.42 -17.70 -43.23
C LEU I 569 -8.50 -18.06 -42.07
N ASP I 570 -7.44 -17.28 -41.89
CA ASP I 570 -6.44 -17.52 -40.87
C ASP I 570 -6.50 -16.42 -39.82
N VAL I 571 -6.47 -16.81 -38.54
CA VAL I 571 -6.54 -15.88 -37.43
C VAL I 571 -5.45 -16.22 -36.42
N SER I 572 -5.14 -15.26 -35.56
CA SER I 572 -4.15 -15.44 -34.52
C SER I 572 -4.82 -15.91 -33.23
N TRP I 573 -3.99 -16.27 -32.26
CA TRP I 573 -4.50 -16.83 -31.02
C TRP I 573 -5.15 -15.75 -30.14
N ILE I 574 -4.49 -14.60 -30.00
CA ILE I 574 -5.00 -13.54 -29.14
C ILE I 574 -6.24 -12.89 -29.72
N SER I 575 -6.46 -13.07 -31.02
CA SER I 575 -7.67 -12.55 -31.65
C SER I 575 -8.92 -13.17 -31.07
N LEU I 576 -8.83 -14.41 -30.59
CA LEU I 576 -10.00 -15.05 -29.98
C LEU I 576 -10.42 -14.34 -28.70
N TRP I 577 -9.46 -14.02 -27.83
CA TRP I 577 -9.77 -13.28 -26.62
C TRP I 577 -10.28 -11.89 -26.95
N PHE I 578 -9.65 -11.21 -27.91
CA PHE I 578 -10.10 -9.88 -28.28
C PHE I 578 -11.51 -9.92 -28.85
N ALA I 579 -11.83 -10.94 -29.64
CA ALA I 579 -13.17 -11.07 -30.21
C ALA I 579 -14.20 -11.38 -29.14
N PHE I 580 -13.83 -12.19 -28.15
CA PHE I 580 -14.75 -12.44 -27.05
C PHE I 580 -15.01 -11.19 -26.23
N ASN I 581 -14.05 -10.28 -26.17
CA ASN I 581 -14.23 -9.05 -25.40
C ASN I 581 -14.73 -7.87 -26.23
N ARG I 582 -15.17 -8.10 -27.47
CA ARG I 582 -15.69 -7.03 -28.31
C ARG I 582 -16.94 -7.52 -29.01
N SER I 583 -18.04 -6.79 -28.85
CA SER I 583 -19.28 -7.10 -29.55
C SER I 583 -19.44 -6.21 -30.78
N PHE I 584 -20.34 -6.61 -31.66
CA PHE I 584 -20.58 -5.90 -32.91
C PHE I 584 -21.94 -5.20 -32.84
N GLU I 585 -21.94 -3.89 -33.01
CA GLU I 585 -23.14 -3.07 -32.92
C GLU I 585 -23.39 -2.37 -34.24
N PRO I 586 -24.34 -2.82 -35.06
CA PRO I 586 -24.60 -2.14 -36.33
C PRO I 586 -25.17 -0.75 -36.11
N THR I 587 -24.69 0.20 -36.91
CA THR I 587 -25.11 1.58 -36.80
C THR I 587 -25.55 2.19 -38.12
N HIS I 588 -25.27 1.55 -39.25
CA HIS I 588 -25.73 2.06 -40.55
C HIS I 588 -26.01 0.86 -41.43
N ARG I 589 -27.29 0.66 -41.76
CA ARG I 589 -27.61 -0.41 -42.69
C ARG I 589 -27.16 -0.02 -44.09
N ASN I 590 -27.02 -1.03 -44.95
CA ASN I 590 -26.44 -0.82 -46.27
C ASN I 590 -27.35 0.05 -47.13
N GLU I 591 -26.72 0.94 -47.91
CA GLU I 591 -27.47 1.85 -48.76
C GLU I 591 -28.19 1.14 -49.90
N MET I 592 -27.69 -0.02 -50.33
CA MET I 592 -28.28 -0.76 -51.43
C MET I 592 -29.31 -1.77 -50.97
N LEU I 593 -29.80 -1.65 -49.74
CA LEU I 593 -30.71 -2.66 -49.20
C LEU I 593 -32.07 -2.63 -49.88
N GLU I 594 -32.64 -1.45 -50.05
CA GLU I 594 -33.97 -1.34 -50.65
C GLU I 594 -33.93 -1.38 -52.18
N VAL I 595 -32.75 -1.26 -52.78
CA VAL I 595 -32.63 -1.27 -54.24
C VAL I 595 -32.27 -2.66 -54.75
N ALA I 596 -31.92 -3.59 -53.86
CA ALA I 596 -31.44 -4.90 -54.29
C ALA I 596 -32.40 -5.68 -55.18
N PRO I 597 -33.71 -5.76 -54.94
CA PRO I 597 -34.57 -6.54 -55.84
C PRO I 597 -34.55 -6.09 -57.29
N LEU I 598 -34.42 -4.79 -57.55
CA LEU I 598 -34.38 -4.31 -58.93
C LEU I 598 -33.12 -4.81 -59.64
N ILE I 599 -31.98 -4.70 -58.97
CA ILE I 599 -30.72 -5.24 -59.51
C ILE I 599 -30.84 -6.73 -59.74
N GLU I 600 -31.49 -7.42 -58.80
CA GLU I 600 -31.68 -8.86 -58.86
C GLU I 600 -32.43 -9.24 -60.14
N SER I 601 -33.54 -8.55 -60.39
CA SER I 601 -34.37 -8.84 -61.57
C SER I 601 -33.64 -8.49 -62.86
N VAL I 602 -32.90 -7.38 -62.88
CA VAL I 602 -32.17 -6.99 -64.08
C VAL I 602 -31.12 -8.05 -64.42
N TYR I 603 -30.39 -8.51 -63.42
CA TYR I 603 -29.39 -9.55 -63.62
C TYR I 603 -30.03 -10.82 -64.18
N ALA I 604 -31.15 -11.24 -63.59
CA ALA I 604 -31.82 -12.45 -64.06
C ALA I 604 -32.29 -12.32 -65.51
N SER I 605 -32.87 -11.16 -65.85
CA SER I 605 -33.38 -10.97 -67.20
C SER I 605 -32.25 -10.99 -68.23
N GLU I 606 -31.13 -10.35 -67.92
CA GLU I 606 -30.02 -10.35 -68.87
C GLU I 606 -29.46 -11.75 -69.05
N LEU I 607 -29.36 -12.53 -67.97
CA LEU I 607 -28.91 -13.91 -68.11
C LEU I 607 -29.85 -14.71 -68.99
N SER I 608 -31.16 -14.51 -68.83
CA SER I 608 -32.12 -15.24 -69.66
C SER I 608 -32.00 -14.88 -71.13
N VAL I 609 -31.78 -13.59 -71.43
CA VAL I 609 -31.61 -13.18 -72.81
C VAL I 609 -30.38 -13.83 -73.42
N MET I 610 -29.28 -13.87 -72.67
CA MET I 610 -28.08 -14.54 -73.16
C MET I 610 -28.34 -16.02 -73.44
N LYS I 611 -29.07 -16.68 -72.55
CA LYS I 611 -29.39 -18.09 -72.75
C LYS I 611 -30.18 -18.31 -74.03
N VAL I 612 -31.19 -17.47 -74.26
CA VAL I 612 -32.02 -17.63 -75.45
C VAL I 612 -31.19 -17.41 -76.71
N ASP I 613 -30.32 -16.39 -76.70
CA ASP I 613 -29.51 -16.11 -77.88
C ASP I 613 -28.60 -17.28 -78.23
N MET I 614 -27.90 -17.84 -77.23
CA MET I 614 -27.03 -18.98 -77.53
C MET I 614 -27.82 -20.20 -77.95
N ARG I 615 -28.98 -20.42 -77.32
CA ARG I 615 -29.80 -21.59 -77.67
C ARG I 615 -30.23 -21.53 -79.12
N HIS I 616 -30.60 -20.35 -79.61
CA HIS I 616 -31.00 -20.25 -81.00
C HIS I 616 -29.81 -20.26 -81.96
N LEU I 617 -28.66 -19.71 -81.55
CA LEU I 617 -27.51 -19.69 -82.45
C LEU I 617 -26.83 -21.05 -82.55
N SER I 618 -27.12 -21.98 -81.63
CA SER I 618 -26.42 -23.26 -81.61
C SER I 618 -26.69 -24.14 -82.83
N LEU I 619 -27.72 -23.85 -83.63
CA LEU I 619 -28.12 -24.74 -84.71
C LEU I 619 -27.63 -24.31 -86.08
N MET I 620 -26.90 -23.20 -86.17
CA MET I 620 -26.54 -22.64 -87.47
C MET I 620 -25.59 -23.56 -88.23
N GLN I 621 -24.67 -24.23 -87.52
CA GLN I 621 -23.72 -25.11 -88.20
C GLN I 621 -24.43 -26.27 -88.88
N ARG I 622 -25.41 -26.85 -88.20
CA ARG I 622 -26.17 -27.93 -88.83
C ARG I 622 -27.06 -27.41 -89.94
N ARG I 623 -27.57 -26.18 -89.81
CA ARG I 623 -28.49 -25.67 -90.83
C ARG I 623 -27.76 -25.30 -92.13
N PHE I 624 -26.58 -24.70 -92.03
CA PHE I 624 -25.86 -24.21 -93.21
C PHE I 624 -24.45 -24.76 -93.21
N PRO I 625 -24.26 -25.98 -93.72
CA PRO I 625 -22.92 -26.58 -93.71
C PRO I 625 -21.90 -25.85 -94.56
N ASP I 626 -22.32 -25.24 -95.67
CA ASP I 626 -21.36 -24.69 -96.62
C ASP I 626 -20.70 -23.43 -96.09
N VAL I 627 -21.42 -22.61 -95.36
CA VAL I 627 -20.86 -21.36 -94.88
C VAL I 627 -20.04 -21.56 -93.62
N LEU I 628 -20.44 -22.49 -92.76
CA LEU I 628 -19.86 -22.67 -91.43
C LEU I 628 -19.06 -23.96 -91.34
N ILE I 629 -18.31 -24.28 -92.40
CA ILE I 629 -17.57 -25.54 -92.45
C ILE I 629 -16.48 -25.58 -91.38
N GLN I 630 -15.85 -24.45 -91.09
CA GLN I 630 -14.73 -24.39 -90.17
C GLN I 630 -15.08 -23.67 -88.87
N ALA I 631 -16.37 -23.52 -88.56
CA ALA I 631 -16.79 -22.85 -87.35
C ALA I 631 -16.74 -23.81 -86.16
N ARG I 632 -16.50 -23.24 -84.98
CA ARG I 632 -16.39 -23.96 -83.73
C ARG I 632 -17.32 -23.30 -82.72
N PRO I 633 -17.74 -24.03 -81.67
CA PRO I 633 -18.66 -23.44 -80.69
C PRO I 633 -18.10 -22.20 -79.99
N SER I 634 -16.79 -22.13 -79.81
CA SER I 634 -16.20 -20.95 -79.19
C SER I 634 -16.47 -19.70 -80.01
N HIS I 635 -16.63 -19.85 -81.33
CA HIS I 635 -16.89 -18.68 -82.18
C HIS I 635 -18.21 -18.03 -81.83
N PHE I 636 -19.30 -18.82 -81.75
CA PHE I 636 -20.58 -18.21 -81.44
C PHE I 636 -20.68 -17.84 -79.96
N TRP I 637 -19.97 -18.54 -79.08
CA TRP I 637 -19.89 -18.10 -77.70
C TRP I 637 -19.29 -16.70 -77.60
N LYS I 638 -18.15 -16.48 -78.27
CA LYS I 638 -17.51 -15.17 -78.26
C LYS I 638 -18.38 -14.13 -78.95
N ALA I 639 -19.08 -14.52 -80.01
CA ALA I 639 -19.95 -13.57 -80.71
C ALA I 639 -21.09 -13.11 -79.81
N VAL I 640 -21.67 -14.02 -79.04
CA VAL I 640 -22.71 -13.64 -78.09
C VAL I 640 -22.14 -12.73 -77.01
N LEU I 641 -20.95 -13.05 -76.48
CA LEU I 641 -20.38 -12.22 -75.43
C LEU I 641 -20.00 -10.82 -75.89
N ASN I 642 -19.85 -10.58 -77.19
CA ASN I 642 -19.52 -9.25 -77.66
C ASN I 642 -20.72 -8.32 -77.72
N ASP I 643 -21.93 -8.82 -77.47
CA ASP I 643 -23.12 -7.99 -77.50
C ASP I 643 -23.85 -7.92 -76.16
N SER I 644 -23.46 -8.71 -75.18
CA SER I 644 -24.08 -8.64 -73.87
C SER I 644 -23.56 -7.42 -73.10
N PRO I 645 -24.33 -6.91 -72.15
CA PRO I 645 -23.84 -5.81 -71.31
C PRO I 645 -22.64 -6.22 -70.49
N GLU I 646 -21.74 -5.27 -70.25
CA GLU I 646 -20.50 -5.56 -69.56
C GLU I 646 -20.69 -5.81 -68.07
N ALA I 647 -21.79 -5.34 -67.48
CA ALA I 647 -22.01 -5.54 -66.06
C ALA I 647 -22.25 -7.00 -65.73
N VAL I 648 -23.08 -7.68 -66.52
CA VAL I 648 -23.34 -9.09 -66.30
C VAL I 648 -22.08 -9.91 -66.51
N LYS I 649 -21.29 -9.56 -67.53
CA LYS I 649 -20.03 -10.24 -67.76
C LYS I 649 -19.09 -10.06 -66.59
N ALA I 650 -19.06 -8.86 -66.01
CA ALA I 650 -18.22 -8.63 -64.83
C ALA I 650 -18.68 -9.46 -63.65
N VAL I 651 -19.99 -9.54 -63.43
CA VAL I 651 -20.51 -10.34 -62.32
C VAL I 651 -20.12 -11.79 -62.48
N MET I 652 -20.23 -12.33 -63.70
CA MET I 652 -19.80 -13.70 -63.93
C MET I 652 -18.29 -13.86 -63.78
N ASN I 653 -17.53 -12.85 -64.20
CA ASN I 653 -16.08 -12.91 -64.09
C ASN I 653 -15.59 -12.86 -62.65
N LEU I 654 -16.41 -12.36 -61.74
CA LEU I 654 -16.08 -12.49 -60.32
C LEU I 654 -15.87 -13.95 -59.92
N SER I 655 -16.56 -14.88 -60.55
CA SER I 655 -16.41 -16.30 -60.24
C SER I 655 -15.55 -17.04 -61.25
N HIS I 656 -15.59 -16.65 -62.52
CA HIS I 656 -14.85 -17.38 -63.53
C HIS I 656 -13.39 -16.97 -63.60
N SER I 657 -12.95 -16.03 -62.77
CA SER I 657 -11.56 -15.63 -62.79
C SER I 657 -10.65 -16.64 -62.09
N HIS I 658 -11.20 -17.54 -61.28
CA HIS I 658 -10.36 -18.58 -60.69
C HIS I 658 -11.02 -19.95 -60.71
N ASN I 659 -12.09 -20.15 -61.47
CA ASN I 659 -12.67 -21.46 -61.71
C ASN I 659 -12.79 -21.67 -63.20
N PHE I 660 -12.34 -22.83 -63.68
CA PHE I 660 -12.28 -23.09 -65.11
C PHE I 660 -13.58 -23.68 -65.61
N ILE I 661 -14.04 -23.20 -66.76
CA ILE I 661 -15.22 -23.74 -67.44
C ILE I 661 -14.90 -23.88 -68.92
N ASN I 662 -15.65 -24.74 -69.59
CA ASN I 662 -15.44 -25.00 -71.01
C ASN I 662 -16.80 -25.11 -71.69
N ILE I 663 -16.80 -25.67 -72.90
CA ILE I 663 -18.00 -25.67 -73.74
C ILE I 663 -19.10 -26.52 -73.12
N ARG I 664 -18.73 -27.62 -72.47
CA ARG I 664 -19.74 -28.53 -71.91
C ARG I 664 -20.55 -27.85 -70.82
N ASP I 665 -19.90 -27.05 -69.97
CA ASP I 665 -20.62 -26.31 -68.95
C ASP I 665 -21.61 -25.33 -69.56
N MET I 666 -21.19 -24.62 -70.62
CA MET I 666 -22.07 -23.67 -71.25
C MET I 666 -23.26 -24.35 -71.90
N MET I 667 -23.03 -25.48 -72.55
CA MET I 667 -24.14 -26.20 -73.19
C MET I 667 -25.13 -26.71 -72.14
N ARG I 668 -24.61 -27.23 -71.02
CA ARG I 668 -25.50 -27.69 -69.96
C ARG I 668 -26.29 -26.52 -69.37
N TRP I 669 -25.67 -25.36 -69.25
CA TRP I 669 -26.38 -24.20 -68.72
C TRP I 669 -27.44 -23.72 -69.70
N VAL I 670 -27.17 -23.80 -71.00
CA VAL I 670 -28.12 -23.35 -72.00
C VAL I 670 -29.33 -24.28 -72.06
N MET I 671 -29.10 -25.59 -72.03
CA MET I 671 -30.22 -26.53 -72.12
C MET I 671 -31.12 -26.53 -70.90
N LEU I 672 -30.72 -25.92 -69.80
CA LEU I 672 -31.53 -25.96 -68.59
C LEU I 672 -32.77 -25.09 -68.74
N PRO I 673 -33.96 -25.62 -68.44
CA PRO I 673 -35.23 -24.89 -68.65
C PRO I 673 -35.65 -23.97 -67.49
N SER I 674 -35.09 -22.77 -67.48
CA SER I 674 -35.46 -21.78 -66.47
C SER I 674 -35.21 -20.38 -67.03
N LEU I 675 -36.26 -19.59 -67.14
CA LEU I 675 -36.16 -18.24 -67.68
C LEU I 675 -36.91 -17.27 -66.77
N GLN I 676 -36.43 -16.03 -66.75
CA GLN I 676 -37.07 -14.98 -65.98
C GLN I 676 -37.84 -14.10 -66.94
N PRO I 677 -39.18 -14.18 -67.00
CA PRO I 677 -39.92 -13.42 -68.00
C PRO I 677 -39.82 -11.92 -67.76
N SER I 678 -39.79 -11.19 -68.86
CA SER I 678 -39.70 -9.74 -68.85
C SER I 678 -40.12 -9.23 -70.22
N LEU I 679 -40.12 -7.91 -70.38
CA LEU I 679 -40.47 -7.33 -71.67
C LEU I 679 -39.42 -7.67 -72.72
N LYS I 680 -38.15 -7.43 -72.39
CA LYS I 680 -37.08 -7.63 -73.35
C LYS I 680 -36.93 -9.11 -73.73
N LEU I 681 -37.10 -10.01 -72.75
CA LEU I 681 -36.97 -11.43 -73.02
C LEU I 681 -38.06 -11.91 -73.98
N ALA I 682 -39.31 -11.53 -73.73
CA ALA I 682 -40.40 -11.94 -74.60
C ALA I 682 -40.22 -11.36 -75.99
N LEU I 683 -39.80 -10.09 -76.08
CA LEU I 683 -39.57 -9.49 -77.40
C LEU I 683 -38.45 -10.20 -78.15
N GLU I 684 -37.38 -10.58 -77.44
CA GLU I 684 -36.27 -11.27 -78.07
C GLU I 684 -36.70 -12.65 -78.58
N GLU I 685 -37.48 -13.37 -77.77
CA GLU I 685 -37.97 -14.68 -78.20
C GLU I 685 -38.84 -14.58 -79.44
N GLU I 686 -39.75 -13.60 -79.45
CA GLU I 686 -40.60 -13.42 -80.62
C GLU I 686 -39.79 -12.97 -81.84
N ALA I 687 -38.73 -12.19 -81.62
CA ALA I 687 -37.89 -11.78 -82.73
C ALA I 687 -37.18 -12.98 -83.35
N TRP I 688 -36.67 -13.89 -82.53
CA TRP I 688 -36.05 -15.09 -83.07
C TRP I 688 -37.06 -15.94 -83.81
N ALA I 689 -38.27 -16.07 -83.25
CA ALA I 689 -39.30 -16.86 -83.91
C ALA I 689 -39.67 -16.26 -85.27
N ALA I 690 -39.74 -14.93 -85.35
CA ALA I 690 -40.04 -14.28 -86.62
C ALA I 690 -38.89 -14.45 -87.62
N ALA I 691 -37.66 -14.38 -87.14
CA ALA I 691 -36.49 -14.52 -87.99
C ALA I 691 -36.07 -15.97 -88.18
N ASN I 692 -36.94 -16.92 -87.85
CA ASN I 692 -36.64 -18.32 -88.07
C ASN I 692 -36.33 -18.62 -89.54
N ASP I 693 -37.13 -18.07 -90.46
CA ASP I 693 -36.89 -18.26 -91.88
C ASP I 693 -35.91 -17.22 -92.38
N PHE I 694 -34.84 -17.68 -93.02
CA PHE I 694 -33.76 -16.77 -93.44
C PHE I 694 -34.11 -15.95 -94.67
N GLU I 695 -35.12 -16.35 -95.45
CA GLU I 695 -35.56 -15.51 -96.55
C GLU I 695 -36.10 -14.18 -96.07
N ASP I 696 -36.54 -14.10 -94.82
CA ASP I 696 -36.98 -12.85 -94.22
C ASP I 696 -35.81 -11.96 -93.79
N LEU I 697 -34.58 -12.48 -93.80
CA LEU I 697 -33.41 -11.67 -93.50
C LEU I 697 -32.71 -11.20 -94.77
N MET I 698 -33.29 -11.45 -95.93
CA MET I 698 -32.78 -10.98 -97.21
C MET I 698 -31.38 -11.51 -97.50
N LEU I 699 -31.24 -12.83 -97.45
CA LEU I 699 -30.02 -13.49 -97.89
C LEU I 699 -30.35 -14.93 -98.26
N THR I 700 -29.82 -15.38 -99.38
CA THR I 700 -30.17 -16.69 -99.93
C THR I 700 -29.03 -17.19 -100.80
N ASP I 701 -29.25 -18.36 -101.39
CA ASP I 701 -28.27 -18.99 -102.27
C ASP I 701 -28.82 -19.40 -103.62
N GLN I 702 -30.09 -19.13 -103.91
CA GLN I 702 -30.69 -19.49 -105.18
C GLN I 702 -30.37 -18.43 -106.23
N VAL I 703 -29.10 -18.41 -106.63
CA VAL I 703 -28.60 -17.47 -107.63
C VAL I 703 -28.08 -18.25 -108.81
N TYR I 704 -28.55 -17.90 -110.00
CA TYR I 704 -28.23 -18.64 -111.22
C TYR I 704 -27.65 -17.70 -112.27
N MET I 705 -26.95 -18.28 -113.23
CA MET I 705 -26.40 -17.55 -114.37
C MET I 705 -27.04 -18.10 -115.64
N HIS I 706 -27.64 -17.21 -116.42
CA HIS I 706 -28.43 -17.61 -117.58
C HIS I 706 -28.44 -16.47 -118.57
N ARG I 707 -28.44 -16.79 -119.85
CA ARG I 707 -28.41 -15.80 -120.91
C ARG I 707 -29.83 -15.45 -121.33
N ASP I 708 -30.21 -14.19 -121.15
CA ASP I 708 -31.54 -13.72 -121.49
C ASP I 708 -31.45 -12.33 -122.10
N MET I 709 -32.53 -11.92 -122.77
CA MET I 709 -32.57 -10.68 -123.51
C MET I 709 -33.55 -9.70 -122.86
N LEU I 710 -33.18 -8.41 -122.88
CA LEU I 710 -34.11 -7.39 -122.42
C LEU I 710 -35.28 -7.27 -123.40
N PRO I 711 -36.48 -7.01 -122.90
CA PRO I 711 -37.64 -6.90 -123.79
C PRO I 711 -37.55 -5.69 -124.70
N GLU I 712 -38.16 -5.82 -125.88
CA GLU I 712 -38.21 -4.75 -126.87
C GLU I 712 -39.66 -4.61 -127.32
N PRO I 713 -40.49 -3.94 -126.53
CA PRO I 713 -41.92 -3.86 -126.84
C PRO I 713 -42.18 -2.98 -128.05
N ARG I 714 -43.29 -3.25 -128.72
CA ARG I 714 -43.70 -2.52 -129.92
C ARG I 714 -44.66 -1.41 -129.51
N LEU I 715 -44.32 -0.18 -129.87
CA LEU I 715 -45.10 1.00 -129.47
C LEU I 715 -46.04 1.41 -130.59
N ASP I 716 -46.92 0.49 -130.97
CA ASP I 716 -47.87 0.78 -132.04
C ASP I 716 -48.85 1.88 -131.64
N ASP I 717 -49.31 1.88 -130.38
CA ASP I 717 -50.15 2.94 -129.85
C ASP I 717 -49.45 3.43 -128.59
N ILE I 718 -49.32 4.75 -128.46
CA ILE I 718 -48.54 5.31 -127.36
C ILE I 718 -49.33 5.27 -126.07
N GLU I 719 -50.54 5.84 -126.07
CA GLU I 719 -51.31 5.93 -124.82
C GLU I 719 -51.79 4.57 -124.35
N ARG I 720 -52.09 3.65 -125.28
CA ARG I 720 -52.46 2.30 -124.88
C ARG I 720 -51.30 1.60 -124.20
N PHE I 721 -50.09 1.75 -124.75
CA PHE I 721 -48.92 1.14 -124.13
C PHE I 721 -48.63 1.78 -122.77
N ARG I 722 -48.80 3.09 -122.67
CA ARG I 722 -48.56 3.77 -121.41
C ARG I 722 -49.60 3.37 -120.36
N GLN I 723 -50.78 2.94 -120.81
CA GLN I 723 -51.83 2.56 -119.86
C GLN I 723 -51.42 1.36 -119.03
N GLU I 724 -50.76 0.37 -119.65
CA GLU I 724 -50.25 -0.77 -118.90
C GLU I 724 -48.87 -0.46 -118.36
N GLY I 725 -48.64 -0.84 -117.11
CA GLY I 725 -47.39 -0.50 -116.47
C GLY I 725 -46.28 -1.48 -116.76
N PHE I 726 -45.69 -1.39 -117.95
CA PHE I 726 -44.66 -2.33 -118.35
C PHE I 726 -43.40 -2.14 -117.51
N TYR I 727 -42.81 -3.26 -117.09
CA TYR I 727 -41.60 -3.24 -116.29
C TYR I 727 -40.92 -4.58 -116.42
N TYR I 728 -39.63 -4.61 -116.08
CA TYR I 728 -38.83 -5.82 -116.19
C TYR I 728 -38.07 -6.04 -114.89
N THR I 729 -37.82 -7.30 -114.57
CA THR I 729 -37.02 -7.64 -113.40
C THR I 729 -36.32 -8.97 -113.63
N ASN I 730 -35.27 -9.20 -112.87
CA ASN I 730 -34.55 -10.46 -112.90
C ASN I 730 -34.99 -11.42 -111.81
N MET I 731 -36.03 -11.07 -111.06
CA MET I 731 -36.60 -12.00 -110.08
C MET I 731 -37.27 -13.16 -110.81
N LEU I 732 -37.12 -14.35 -110.24
CA LEU I 732 -37.66 -15.56 -110.83
C LEU I 732 -38.92 -16.00 -110.09
N GLU I 733 -39.94 -16.37 -110.86
CA GLU I 733 -41.15 -16.90 -110.26
C GLU I 733 -40.88 -18.23 -109.56
N ALA I 734 -40.12 -19.11 -110.21
CA ALA I 734 -39.80 -20.42 -109.66
C ALA I 734 -38.40 -20.80 -110.11
N PRO I 735 -37.69 -21.63 -109.33
CA PRO I 735 -36.37 -22.09 -109.76
C PRO I 735 -36.48 -22.98 -110.98
N PRO I 736 -35.43 -23.08 -111.77
CA PRO I 736 -35.50 -23.88 -113.00
C PRO I 736 -35.63 -25.36 -112.71
N GLU I 737 -36.01 -26.11 -113.73
CA GLU I 737 -36.17 -27.55 -113.60
C GLU I 737 -34.82 -28.19 -113.31
N ILE I 738 -34.83 -29.21 -112.45
CA ILE I 738 -33.58 -29.71 -111.87
C ILE I 738 -32.67 -30.36 -112.91
N ASP I 739 -33.22 -30.85 -114.02
CA ASP I 739 -32.40 -31.53 -115.01
C ASP I 739 -31.74 -30.58 -115.99
N ARG I 740 -31.98 -29.28 -115.87
CA ARG I 740 -31.41 -28.29 -116.77
C ARG I 740 -30.41 -27.37 -116.08
N VAL I 741 -29.88 -27.75 -114.93
CA VAL I 741 -28.93 -26.95 -114.20
C VAL I 741 -27.65 -27.77 -114.00
N VAL I 742 -26.51 -27.11 -114.14
CA VAL I 742 -25.20 -27.73 -113.94
C VAL I 742 -24.59 -27.12 -112.69
N GLN I 743 -24.18 -27.97 -111.75
CA GLN I 743 -23.70 -27.52 -110.45
C GLN I 743 -22.17 -27.49 -110.47
N TYR I 744 -21.60 -26.31 -110.22
CA TYR I 744 -20.16 -26.14 -110.11
C TYR I 744 -19.71 -25.96 -108.67
N THR I 745 -18.57 -26.54 -108.36
CA THR I 745 -17.85 -26.34 -107.11
C THR I 745 -16.47 -25.81 -107.45
N TYR I 746 -15.66 -25.59 -106.42
CA TYR I 746 -14.30 -25.12 -106.66
C TYR I 746 -13.45 -26.19 -107.31
N GLU I 747 -13.64 -27.46 -106.92
CA GLU I 747 -12.79 -28.53 -107.42
C GLU I 747 -13.01 -28.76 -108.91
N ILE I 748 -14.26 -28.75 -109.37
CA ILE I 748 -14.53 -28.97 -110.78
C ILE I 748 -13.97 -27.83 -111.62
N ALA I 749 -14.14 -26.59 -111.15
CA ALA I 749 -13.58 -25.44 -111.86
C ALA I 749 -12.07 -25.53 -111.93
N ARG I 750 -11.44 -25.94 -110.84
CA ARG I 750 -9.98 -26.06 -110.84
C ARG I 750 -9.51 -27.16 -111.78
N LEU I 751 -10.22 -28.28 -111.82
CA LEU I 751 -9.83 -29.35 -112.76
C LEU I 751 -9.96 -28.89 -114.19
N GLN I 752 -11.04 -28.20 -114.52
CA GLN I 752 -11.22 -27.73 -115.88
C GLN I 752 -10.21 -26.63 -116.24
N ALA I 753 -9.80 -25.83 -115.26
CA ALA I 753 -8.76 -24.84 -115.51
C ALA I 753 -7.41 -25.52 -115.74
N ASN I 754 -7.14 -26.59 -115.00
CA ASN I 754 -5.92 -27.35 -115.23
C ASN I 754 -5.89 -27.95 -116.62
N MET I 755 -6.99 -28.55 -117.05
CA MET I 755 -7.05 -29.11 -118.39
C MET I 755 -7.11 -28.04 -119.47
N GLY I 756 -7.58 -26.84 -119.11
CA GLY I 756 -7.71 -25.77 -120.08
C GLY I 756 -9.04 -25.73 -120.80
N GLN I 757 -10.14 -26.01 -120.11
CA GLN I 757 -11.45 -26.09 -120.72
C GLN I 757 -12.53 -25.33 -119.96
N PHE I 758 -12.17 -24.47 -119.01
CA PHE I 758 -13.16 -23.81 -118.19
C PHE I 758 -14.04 -22.87 -119.01
N ARG I 759 -13.41 -21.97 -119.75
CA ARG I 759 -14.15 -20.99 -120.53
C ARG I 759 -14.92 -21.66 -121.66
N ALA I 760 -14.32 -22.67 -122.30
CA ALA I 760 -15.01 -23.40 -123.34
C ALA I 760 -16.24 -24.11 -122.79
N ALA I 761 -16.12 -24.72 -121.61
CA ALA I 761 -17.27 -25.39 -121.01
C ALA I 761 -18.37 -24.41 -120.68
N LEU I 762 -18.02 -23.25 -120.11
CA LEU I 762 -19.05 -22.27 -119.79
C LEU I 762 -19.75 -21.76 -121.04
N ARG I 763 -18.98 -21.50 -122.10
CA ARG I 763 -19.57 -21.04 -123.36
C ARG I 763 -20.48 -22.11 -123.95
N ARG I 764 -20.06 -23.37 -123.90
CA ARG I 764 -20.88 -24.45 -124.45
C ARG I 764 -22.17 -24.62 -123.67
N ILE I 765 -22.11 -24.47 -122.34
CA ILE I 765 -23.33 -24.55 -121.54
C ILE I 765 -24.25 -23.37 -121.85
N MET I 766 -23.69 -22.17 -121.98
CA MET I 766 -24.52 -21.00 -122.26
C MET I 766 -25.22 -21.12 -123.60
N ASP I 767 -24.51 -21.60 -124.63
CA ASP I 767 -25.10 -21.73 -125.95
C ASP I 767 -26.16 -22.82 -126.02
N ASP I 768 -26.23 -23.70 -125.04
CA ASP I 768 -27.21 -24.78 -125.01
C ASP I 768 -28.48 -24.39 -124.27
N ASP I 769 -28.60 -23.14 -123.83
CA ASP I 769 -29.77 -22.65 -123.10
C ASP I 769 -29.98 -23.44 -121.80
N ASP I 770 -28.96 -23.43 -120.95
CA ASP I 770 -29.00 -24.10 -119.67
C ASP I 770 -28.71 -23.11 -118.55
N TRP I 771 -28.61 -23.61 -117.33
CA TRP I 771 -28.43 -22.79 -116.15
C TRP I 771 -27.22 -23.27 -115.37
N VAL I 772 -26.54 -22.32 -114.72
CA VAL I 772 -25.30 -22.59 -113.99
C VAL I 772 -25.43 -22.02 -112.59
N ARG I 773 -25.04 -22.80 -111.59
CA ARG I 773 -24.99 -22.34 -110.21
C ARG I 773 -23.58 -22.55 -109.66
N PHE I 774 -23.07 -21.57 -108.94
CA PHE I 774 -21.71 -21.58 -108.41
C PHE I 774 -21.77 -21.72 -106.89
N GLY I 775 -21.36 -22.87 -106.40
CA GLY I 775 -21.27 -23.07 -104.96
C GLY I 775 -22.64 -23.15 -104.28
N GLY I 776 -22.59 -23.05 -102.96
CA GLY I 776 -23.80 -23.08 -102.16
C GLY I 776 -23.76 -22.14 -100.98
N VAL I 777 -22.88 -21.14 -101.05
CA VAL I 777 -22.70 -20.20 -99.95
C VAL I 777 -23.79 -19.15 -100.01
N LEU I 778 -24.31 -18.76 -98.84
CA LEU I 778 -25.32 -17.71 -98.77
C LEU I 778 -24.75 -16.39 -99.29
N ARG I 779 -25.59 -15.63 -99.98
CA ARG I 779 -25.17 -14.37 -100.57
C ARG I 779 -26.12 -13.26 -100.16
N THR I 780 -25.55 -12.09 -99.85
CA THR I 780 -26.36 -10.92 -99.54
C THR I 780 -27.02 -10.40 -100.81
N VAL I 781 -28.21 -9.83 -100.64
CA VAL I 781 -29.02 -9.35 -101.76
C VAL I 781 -29.27 -7.86 -101.58
N ARG I 782 -29.08 -7.09 -102.64
CA ARG I 782 -29.40 -5.68 -102.68
C ARG I 782 -30.54 -5.44 -103.66
N VAL I 783 -31.29 -4.36 -103.43
CA VAL I 783 -32.44 -4.00 -104.27
C VAL I 783 -32.23 -2.60 -104.80
N LYS I 784 -32.37 -2.44 -106.12
CA LYS I 784 -32.22 -1.14 -106.76
C LYS I 784 -33.36 -0.91 -107.75
N PHE I 785 -33.68 0.36 -107.97
CA PHE I 785 -34.71 0.77 -108.91
C PHE I 785 -34.10 1.70 -109.94
N TYR I 786 -34.43 1.47 -111.21
CA TYR I 786 -33.88 2.23 -112.32
C TYR I 786 -35.00 2.82 -113.16
N ASP I 787 -34.71 3.92 -113.84
CA ASP I 787 -35.64 4.54 -114.76
C ASP I 787 -35.14 4.62 -116.19
N ALA I 788 -33.87 4.29 -116.44
CA ALA I 788 -33.32 4.24 -117.78
C ALA I 788 -32.48 2.98 -117.89
N ARG I 789 -31.72 2.87 -118.97
CA ARG I 789 -30.90 1.68 -119.17
C ARG I 789 -29.88 1.56 -118.05
N PRO I 790 -29.77 0.40 -117.42
CA PRO I 790 -28.88 0.24 -116.27
C PRO I 790 -27.42 0.33 -116.69
N PRO I 791 -26.52 0.63 -115.76
CA PRO I 791 -25.10 0.62 -116.07
C PRO I 791 -24.61 -0.79 -116.37
N ASP I 792 -23.54 -0.87 -117.14
CA ASP I 792 -23.02 -2.15 -117.62
C ASP I 792 -22.34 -2.96 -116.54
N ASP I 793 -22.43 -2.58 -115.27
CA ASP I 793 -21.88 -3.41 -114.21
C ASP I 793 -22.92 -4.39 -113.68
N VAL I 794 -24.08 -3.86 -113.27
CA VAL I 794 -25.16 -4.74 -112.82
C VAL I 794 -25.68 -5.59 -113.98
N LEU I 795 -25.67 -5.04 -115.18
CA LEU I 795 -26.05 -5.78 -116.37
C LEU I 795 -24.82 -6.47 -116.94
N GLN I 796 -25.01 -7.70 -117.43
CA GLN I 796 -23.97 -8.58 -117.98
C GLN I 796 -22.66 -8.54 -117.20
N GLY I 797 -22.76 -8.52 -115.87
CA GLY I 797 -21.61 -8.61 -115.00
C GLY I 797 -21.48 -10.01 -114.45
N LEU I 798 -20.38 -10.67 -114.77
CA LEU I 798 -20.19 -12.06 -114.40
C LEU I 798 -20.01 -12.20 -112.90
N PRO I 799 -20.45 -13.31 -112.31
CA PRO I 799 -20.31 -13.53 -110.86
C PRO I 799 -19.02 -14.23 -110.44
N PHE I 800 -18.04 -14.37 -111.31
CA PHE I 800 -16.79 -15.04 -110.96
C PHE I 800 -15.62 -14.29 -111.58
N SER I 801 -14.43 -14.53 -111.02
CA SER I 801 -13.20 -13.97 -111.55
C SER I 801 -12.20 -15.07 -111.79
N TYR I 802 -11.52 -15.01 -112.94
CA TYR I 802 -10.57 -16.03 -113.37
C TYR I 802 -9.33 -15.33 -113.91
N ASP I 803 -8.21 -15.44 -113.18
CA ASP I 803 -6.96 -14.78 -113.54
C ASP I 803 -5.87 -15.82 -113.76
N THR I 804 -4.89 -15.45 -114.58
CA THR I 804 -3.76 -16.32 -114.89
C THR I 804 -2.47 -15.53 -114.79
N ASN I 805 -1.45 -16.13 -114.16
CA ASN I 805 -0.15 -15.51 -114.02
C ASN I 805 0.94 -16.51 -114.38
N GLU I 806 2.13 -16.00 -114.67
CA GLU I 806 3.29 -16.83 -114.99
C GLU I 806 4.47 -16.38 -114.16
N ARG I 807 5.00 -17.28 -113.35
CA ARG I 807 6.17 -16.99 -112.51
C ARG I 807 7.17 -18.11 -112.65
N GLY I 808 8.41 -17.76 -112.97
CA GLY I 808 9.49 -18.73 -112.99
C GLY I 808 9.30 -19.86 -113.98
N GLY I 809 8.57 -19.63 -115.06
CA GLY I 809 8.27 -20.68 -116.00
C GLY I 809 7.10 -21.56 -115.64
N LEU I 810 6.40 -21.27 -114.55
CA LEU I 810 5.24 -22.04 -114.13
C LEU I 810 3.99 -21.16 -114.20
N ALA I 811 2.86 -21.77 -114.58
CA ALA I 811 1.61 -21.05 -114.73
C ALA I 811 0.72 -21.28 -113.52
N TYR I 812 0.10 -20.21 -113.05
CA TYR I 812 -0.82 -20.26 -111.92
C TYR I 812 -2.16 -19.68 -112.31
N ALA I 813 -3.21 -20.20 -111.71
CA ALA I 813 -4.58 -19.76 -111.97
C ALA I 813 -5.26 -19.40 -110.66
N THR I 814 -6.13 -18.40 -110.70
CA THR I 814 -6.90 -17.96 -109.54
C THR I 814 -8.37 -17.87 -109.93
N ILE I 815 -9.22 -18.58 -109.19
CA ILE I 815 -10.66 -18.60 -109.43
C ILE I 815 -11.35 -18.15 -108.16
N LYS I 816 -12.23 -17.15 -108.27
CA LYS I 816 -12.90 -16.60 -107.10
C LYS I 816 -14.37 -16.36 -107.41
N TYR I 817 -15.22 -16.60 -106.41
CA TYR I 817 -16.66 -16.42 -106.55
C TYR I 817 -17.12 -15.18 -105.80
N ALA I 818 -18.07 -14.46 -106.37
CA ALA I 818 -18.59 -13.25 -105.76
C ALA I 818 -19.52 -13.59 -104.60
N THR I 819 -19.67 -12.63 -103.68
CA THR I 819 -20.50 -12.79 -102.50
C THR I 819 -21.65 -11.81 -102.43
N GLU I 820 -21.95 -11.12 -103.53
CA GLU I 820 -23.04 -10.16 -103.57
C GLU I 820 -23.85 -10.37 -104.84
N THR I 821 -25.12 -9.94 -104.79
CA THR I 821 -25.99 -10.02 -105.95
C THR I 821 -27.00 -8.88 -105.86
N THR I 822 -27.60 -8.55 -107.00
CA THR I 822 -28.47 -7.40 -107.08
C THR I 822 -29.75 -7.76 -107.82
N ILE I 823 -30.88 -7.40 -107.24
CA ILE I 823 -32.18 -7.50 -107.89
C ILE I 823 -32.58 -6.10 -108.35
N PHE I 824 -32.82 -5.93 -109.64
CA PHE I 824 -33.12 -4.63 -110.20
C PHE I 824 -34.46 -4.66 -110.92
N TYR I 825 -35.21 -3.57 -110.79
CA TYR I 825 -36.48 -3.38 -111.49
C TYR I 825 -36.33 -2.23 -112.46
N LEU I 826 -36.54 -2.51 -113.74
CA LEU I 826 -36.41 -1.51 -114.79
C LEU I 826 -37.81 -1.07 -115.23
N ILE I 827 -38.05 0.24 -115.20
CA ILE I 827 -39.34 0.82 -115.54
C ILE I 827 -39.18 1.57 -116.85
N TYR I 828 -40.09 1.32 -117.79
CA TYR I 828 -40.00 1.91 -119.12
C TYR I 828 -40.77 3.22 -119.19
N ASN I 829 -40.12 4.26 -119.69
CA ASN I 829 -40.74 5.56 -119.90
C ASN I 829 -40.61 5.95 -121.37
N VAL I 830 -41.72 6.33 -121.98
CA VAL I 830 -41.75 6.70 -123.38
C VAL I 830 -42.38 8.08 -123.51
N GLU I 831 -42.24 8.67 -124.69
CA GLU I 831 -42.71 10.02 -124.95
C GLU I 831 -43.35 10.02 -126.34
N PHE I 832 -44.29 10.96 -126.55
CA PHE I 832 -45.18 10.92 -127.69
C PHE I 832 -44.46 10.94 -129.04
N SER I 833 -43.23 11.41 -129.10
CA SER I 833 -42.55 11.49 -130.38
C SER I 833 -41.87 10.18 -130.78
N ASN I 834 -41.97 9.13 -129.96
CA ASN I 834 -41.30 7.88 -130.27
C ASN I 834 -41.96 7.18 -131.46
N THR I 835 -41.11 6.75 -132.40
CA THR I 835 -41.53 5.95 -133.53
C THR I 835 -41.98 4.58 -133.03
N PRO I 836 -42.98 3.96 -133.69
CA PRO I 836 -43.51 2.68 -133.19
C PRO I 836 -42.49 1.56 -133.06
N ASP I 837 -41.36 1.61 -133.77
CA ASP I 837 -40.32 0.61 -133.59
C ASP I 837 -39.02 1.26 -133.13
N SER I 838 -39.12 2.22 -132.21
CA SER I 838 -37.94 2.94 -131.75
C SER I 838 -37.10 2.11 -130.79
N LEU I 839 -37.73 1.27 -129.97
CA LEU I 839 -37.00 0.53 -128.95
C LEU I 839 -36.32 -0.72 -129.48
N VAL I 840 -36.57 -1.10 -130.72
CA VAL I 840 -36.03 -2.35 -131.27
C VAL I 840 -34.62 -2.09 -131.77
N LEU I 841 -33.68 -2.93 -131.35
CA LEU I 841 -32.31 -2.88 -131.81
C LEU I 841 -32.04 -4.03 -132.78
N ILE I 842 -30.99 -3.86 -133.60
CA ILE I 842 -30.66 -4.89 -134.58
C ILE I 842 -30.11 -6.12 -133.90
N ASN I 843 -29.41 -5.97 -132.77
CA ASN I 843 -28.92 -7.10 -131.99
C ASN I 843 -29.34 -6.93 -130.54
N PRO I 844 -29.72 -8.00 -129.87
CA PRO I 844 -30.23 -7.88 -128.50
C PRO I 844 -29.13 -7.62 -127.50
N THR I 845 -29.53 -7.04 -126.37
CA THR I 845 -28.65 -6.83 -125.24
C THR I 845 -28.90 -7.94 -124.22
N TYR I 846 -27.84 -8.54 -123.71
CA TYR I 846 -27.95 -9.72 -122.87
C TYR I 846 -27.86 -9.33 -121.39
N THR I 847 -28.52 -10.13 -120.57
CA THR I 847 -28.43 -10.04 -119.12
C THR I 847 -28.07 -11.42 -118.57
N MET I 848 -27.36 -11.44 -117.44
CA MET I 848 -26.64 -12.65 -117.05
C MET I 848 -26.83 -13.00 -115.58
N THR I 849 -27.96 -12.67 -114.97
CA THR I 849 -28.16 -12.94 -113.55
C THR I 849 -29.64 -13.16 -113.24
N LYS I 850 -29.94 -14.19 -112.46
CA LYS I 850 -31.29 -14.47 -112.01
C LYS I 850 -31.26 -14.85 -110.54
N VAL I 851 -32.21 -14.32 -109.77
CA VAL I 851 -32.30 -14.57 -108.33
C VAL I 851 -33.73 -14.96 -108.00
N PHE I 852 -33.89 -15.97 -107.14
CA PHE I 852 -35.21 -16.44 -106.74
C PHE I 852 -35.42 -16.20 -105.25
N ILE I 853 -36.41 -15.39 -104.91
CA ILE I 853 -36.85 -15.17 -103.54
C ILE I 853 -38.37 -15.26 -103.51
N ASN I 854 -38.91 -16.09 -102.64
CA ASN I 854 -40.35 -16.31 -102.57
C ASN I 854 -41.00 -15.31 -101.61
N LYS I 855 -40.87 -14.04 -101.96
CA LYS I 855 -41.50 -12.96 -101.21
C LYS I 855 -42.09 -11.96 -102.19
N ARG I 856 -43.12 -11.24 -101.73
CA ARG I 856 -43.78 -10.23 -102.57
C ARG I 856 -43.21 -8.85 -102.24
N ILE I 857 -41.98 -8.63 -102.71
CA ILE I 857 -41.32 -7.35 -102.48
C ILE I 857 -41.98 -6.25 -103.30
N VAL I 858 -42.17 -6.50 -104.59
CA VAL I 858 -42.73 -5.53 -105.51
C VAL I 858 -43.86 -6.18 -106.29
N GLU I 859 -45.01 -5.52 -106.36
CA GLU I 859 -46.13 -6.01 -107.14
C GLU I 859 -46.75 -4.89 -107.96
N ARG I 860 -47.46 -5.27 -109.01
CA ARG I 860 -48.20 -4.32 -109.83
C ARG I 860 -49.67 -4.45 -109.52
N VAL I 861 -50.28 -3.37 -109.04
CA VAL I 861 -51.65 -3.40 -108.55
C VAL I 861 -52.45 -2.29 -109.18
N ARG I 862 -53.72 -2.59 -109.49
CA ARG I 862 -54.65 -1.57 -109.91
C ARG I 862 -55.02 -0.68 -108.72
N VAL I 863 -55.68 0.44 -109.03
CA VAL I 863 -56.04 1.38 -107.98
C VAL I 863 -57.12 0.82 -107.06
N GLY I 864 -57.87 -0.18 -107.51
CA GLY I 864 -58.88 -0.78 -106.66
C GLY I 864 -58.32 -1.64 -105.55
N GLN I 865 -57.09 -2.11 -105.69
CA GLN I 865 -56.46 -2.95 -104.69
C GLN I 865 -55.49 -2.20 -103.80
N ILE I 866 -55.48 -0.86 -103.87
CA ILE I 866 -54.58 -0.09 -103.02
C ILE I 866 -54.92 -0.28 -101.56
N LEU I 867 -56.22 -0.26 -101.25
CA LEU I 867 -56.69 -0.43 -99.89
C LEU I 867 -56.98 -1.88 -99.54
N ALA I 868 -56.38 -2.82 -100.24
CA ALA I 868 -56.65 -4.24 -100.05
C ALA I 868 -55.66 -4.92 -99.11
N VAL I 869 -54.75 -4.17 -98.48
CA VAL I 869 -53.79 -4.75 -97.56
C VAL I 869 -54.14 -4.44 -96.11
N LEU I 870 -55.36 -3.97 -95.84
CA LEU I 870 -55.79 -3.65 -94.48
C LEU I 870 -56.39 -4.89 -93.87
N ASN I 871 -55.56 -5.66 -93.15
CA ASN I 871 -56.06 -6.84 -92.46
C ASN I 871 -55.39 -7.06 -91.11
N ARG I 872 -54.82 -6.01 -90.51
CA ARG I 872 -54.14 -6.12 -89.22
C ARG I 872 -54.98 -5.42 -88.16
N ARG I 873 -55.19 -6.09 -87.03
CA ARG I 873 -56.02 -5.58 -85.95
C ARG I 873 -55.16 -4.72 -85.02
N PHE I 874 -55.42 -3.43 -84.99
CA PHE I 874 -54.66 -2.48 -84.19
C PHE I 874 -55.50 -1.98 -83.03
N VAL I 875 -54.86 -1.88 -81.87
CA VAL I 875 -55.48 -1.42 -80.64
C VAL I 875 -54.81 -0.12 -80.21
N ALA I 876 -55.61 0.92 -79.99
CA ALA I 876 -55.11 2.23 -79.60
C ALA I 876 -55.77 2.67 -78.31
N TYR I 877 -55.04 3.45 -77.52
CA TYR I 877 -55.51 3.95 -76.25
C TYR I 877 -55.99 5.39 -76.41
N LYS I 878 -57.02 5.74 -75.63
CA LYS I 878 -57.64 7.06 -75.75
C LYS I 878 -56.69 8.16 -75.31
N GLY I 879 -56.87 9.33 -75.92
CA GLY I 879 -56.02 10.46 -75.59
C GLY I 879 -56.28 11.06 -74.22
N LYS I 880 -57.49 10.90 -73.69
CA LYS I 880 -57.81 11.45 -72.39
C LYS I 880 -57.25 10.59 -71.25
N MET I 881 -56.92 9.34 -71.51
CA MET I 881 -56.27 8.49 -70.53
C MET I 881 -54.77 8.67 -70.61
N ARG I 882 -54.08 8.29 -69.53
CA ARG I 882 -52.64 8.47 -69.45
C ARG I 882 -51.93 7.13 -69.29
N ILE I 883 -50.72 7.06 -69.82
CA ILE I 883 -49.85 5.90 -69.71
C ILE I 883 -48.56 6.36 -69.04
N MET I 884 -48.17 5.70 -67.95
CA MET I 884 -46.96 6.07 -67.25
C MET I 884 -46.20 4.83 -66.80
N ASP I 885 -44.89 4.97 -66.70
CA ASP I 885 -43.99 3.88 -66.36
C ASP I 885 -43.61 3.98 -64.90
N ILE I 886 -43.85 2.89 -64.15
CA ILE I 886 -43.66 2.92 -62.71
C ILE I 886 -42.62 1.89 -62.29
N THR I 887 -41.67 1.60 -63.18
CA THR I 887 -40.60 0.67 -62.82
C THR I 887 -39.73 1.23 -61.71
N GLN I 888 -39.32 2.50 -61.85
CA GLN I 888 -38.45 3.13 -60.85
C GLN I 888 -39.12 3.22 -59.48
N SER I 889 -40.45 3.08 -59.42
CA SER I 889 -41.14 3.10 -58.15
C SER I 889 -40.92 1.84 -57.34
N LEU I 890 -40.32 0.80 -57.92
CA LEU I 890 -40.11 -0.44 -57.19
C LEU I 890 -38.91 -0.36 -56.26
N LYS I 891 -38.15 0.73 -56.28
CA LYS I 891 -37.01 0.92 -55.38
C LYS I 891 -37.22 2.04 -54.38
N MET I 892 -38.42 2.61 -54.32
CA MET I 892 -38.71 3.72 -53.43
C MET I 892 -39.18 3.17 -52.09
N GLY I 893 -38.33 3.26 -51.08
CA GLY I 893 -38.66 2.77 -49.76
C GLY I 893 -37.70 3.34 -48.74
N THR I 894 -37.98 3.04 -47.47
CA THR I 894 -37.17 3.51 -46.37
C THR I 894 -36.85 2.35 -45.43
N LYS I 895 -35.70 2.44 -44.76
CA LYS I 895 -35.20 1.39 -43.90
C LYS I 895 -35.49 1.73 -42.45
N LEU I 896 -36.13 0.81 -41.75
CA LEU I 896 -36.40 1.01 -40.33
C LEU I 896 -35.12 0.85 -39.53
N ALA I 897 -34.96 1.70 -38.51
CA ALA I 897 -33.77 1.70 -37.68
C ALA I 897 -34.07 1.02 -36.35
N ALA I 898 -33.19 0.12 -35.93
CA ALA I 898 -33.37 -0.57 -34.67
C ALA I 898 -33.16 0.39 -33.51
N PRO I 899 -33.91 0.22 -32.42
CA PRO I 899 -33.69 1.06 -31.24
C PRO I 899 -32.34 0.80 -30.61
N THR I 900 -31.77 1.84 -30.01
CA THR I 900 -30.43 1.76 -29.44
C THR I 900 -30.33 2.69 -28.26
N VAL I 901 -29.19 2.63 -27.58
CA VAL I 901 -28.92 3.48 -26.44
C VAL I 901 -28.66 4.91 -26.89
N GLN J 7 -74.16 30.56 -24.30
CA GLN J 7 -75.59 30.31 -24.51
C GLN J 7 -75.84 28.86 -24.91
N ARG J 8 -74.79 28.18 -25.36
CA ARG J 8 -74.93 26.76 -25.70
C ARG J 8 -74.68 25.91 -24.46
N PRO J 9 -75.64 25.07 -24.06
CA PRO J 9 -75.45 24.29 -22.82
C PRO J 9 -74.28 23.32 -22.87
N GLU J 10 -73.94 22.78 -24.04
CA GLU J 10 -72.84 21.83 -24.11
C GLU J 10 -71.48 22.48 -23.98
N ARG J 11 -71.40 23.81 -24.07
CA ARG J 11 -70.13 24.51 -23.94
C ARG J 11 -69.84 24.97 -22.52
N ILE J 12 -70.73 24.66 -21.57
CA ILE J 12 -70.53 25.06 -20.18
C ILE J 12 -69.56 24.10 -19.52
N LYS J 13 -68.48 24.65 -18.96
CA LYS J 13 -67.47 23.85 -18.29
C LYS J 13 -67.49 24.17 -16.79
N THR J 14 -67.63 23.11 -15.98
CA THR J 14 -67.67 23.26 -14.54
C THR J 14 -66.49 22.61 -13.83
N THR J 15 -65.66 21.85 -14.56
CA THR J 15 -64.50 21.17 -14.01
C THR J 15 -63.31 21.45 -14.92
N PRO J 16 -62.15 21.75 -14.34
CA PRO J 16 -61.00 22.13 -15.16
C PRO J 16 -60.35 20.98 -15.93
N TYR J 17 -61.01 19.82 -15.98
CA TYR J 17 -60.47 18.71 -16.76
C TYR J 17 -60.46 19.04 -18.24
N LEU J 18 -61.49 19.71 -18.73
CA LEU J 18 -61.66 19.97 -20.16
C LEU J 18 -61.18 21.37 -20.55
N GLU J 19 -60.49 22.07 -19.66
CA GLU J 19 -59.97 23.39 -19.96
C GLU J 19 -58.49 23.28 -20.27
N GLY J 20 -58.06 23.92 -21.35
CA GLY J 20 -56.67 23.83 -21.76
C GLY J 20 -56.28 24.99 -22.66
N ASP J 21 -55.01 24.97 -23.05
CA ASP J 21 -54.47 26.04 -23.87
C ASP J 21 -54.97 25.95 -25.30
N VAL J 22 -54.91 27.09 -26.00
CA VAL J 22 -55.29 27.16 -27.40
C VAL J 22 -54.05 27.02 -28.26
N LEU J 23 -54.08 26.08 -29.21
CA LEU J 23 -52.93 25.81 -30.05
C LEU J 23 -53.02 26.51 -31.40
N SER J 24 -54.15 26.42 -32.07
CA SER J 24 -54.32 27.03 -33.39
C SER J 24 -55.81 27.21 -33.65
N SER J 25 -56.13 27.60 -34.88
CA SER J 25 -57.51 27.75 -35.29
C SER J 25 -57.60 27.54 -36.80
N ASP J 26 -58.79 27.15 -37.26
CA ASP J 26 -59.04 27.00 -38.68
C ASP J 26 -60.55 27.06 -38.92
N SER J 27 -60.90 27.30 -40.18
CA SER J 27 -62.30 27.50 -40.55
C SER J 27 -62.54 26.85 -41.90
N GLY J 28 -63.78 26.95 -42.37
CA GLY J 28 -64.18 26.36 -43.62
C GLY J 28 -63.47 26.90 -44.86
N PRO J 29 -63.47 28.22 -45.06
CA PRO J 29 -62.82 28.78 -46.24
C PRO J 29 -61.34 28.46 -46.34
N LEU J 30 -60.63 28.34 -45.22
CA LEU J 30 -59.23 27.94 -45.30
C LEU J 30 -59.09 26.47 -45.66
N LEU J 31 -59.89 25.61 -45.03
CA LEU J 31 -59.73 24.17 -45.22
C LEU J 31 -60.12 23.74 -46.63
N SER J 32 -61.10 24.39 -47.25
CA SER J 32 -61.49 24.01 -48.61
C SER J 32 -60.35 24.21 -49.59
N VAL J 33 -59.76 25.41 -49.59
CA VAL J 33 -58.66 25.67 -50.51
C VAL J 33 -57.44 24.85 -50.13
N PHE J 34 -57.26 24.54 -48.83
CA PHE J 34 -56.16 23.67 -48.43
C PHE J 34 -56.31 22.27 -49.03
N ALA J 35 -57.53 21.72 -48.98
CA ALA J 35 -57.77 20.40 -49.54
C ALA J 35 -57.55 20.40 -51.05
N LEU J 36 -58.03 21.44 -51.74
CA LEU J 36 -57.79 21.51 -53.18
C LEU J 36 -56.31 21.58 -53.51
N GLN J 37 -55.56 22.39 -52.76
CA GLN J 37 -54.13 22.50 -52.99
C GLN J 37 -53.42 21.17 -52.81
N GLU J 38 -53.77 20.44 -51.74
CA GLU J 38 -53.14 19.14 -51.52
C GLU J 38 -53.47 18.16 -52.64
N ILE J 39 -54.73 18.12 -53.07
CA ILE J 39 -55.14 17.19 -54.10
C ILE J 39 -54.39 17.45 -55.40
N MET J 40 -54.28 18.72 -55.79
CA MET J 40 -53.60 19.03 -57.06
C MET J 40 -52.09 18.84 -56.94
N GLN J 41 -51.52 19.17 -55.78
CA GLN J 41 -50.08 19.02 -55.59
C GLN J 41 -49.67 17.57 -55.71
N LYS J 42 -50.48 16.65 -55.19
CA LYS J 42 -50.14 15.23 -55.26
C LYS J 42 -49.99 14.78 -56.72
N VAL J 43 -50.99 15.09 -57.55
CA VAL J 43 -50.96 14.61 -58.93
C VAL J 43 -49.85 15.30 -59.71
N ARG J 44 -49.59 16.58 -59.43
CA ARG J 44 -48.50 17.24 -60.13
C ARG J 44 -47.16 16.61 -59.77
N GLN J 45 -46.94 16.30 -58.49
CA GLN J 45 -45.69 15.67 -58.08
C GLN J 45 -45.53 14.29 -58.72
N VAL J 46 -46.61 13.50 -58.74
CA VAL J 46 -46.53 12.17 -59.33
C VAL J 46 -46.21 12.25 -60.82
N GLN J 47 -46.87 13.15 -61.54
CA GLN J 47 -46.61 13.26 -62.97
C GLN J 47 -45.23 13.83 -63.25
N ALA J 48 -44.67 14.63 -62.33
CA ALA J 48 -43.33 15.15 -62.55
C ALA J 48 -42.26 14.11 -62.28
N ASP J 49 -42.47 13.22 -61.29
CA ASP J 49 -41.42 12.29 -60.91
C ASP J 49 -41.19 11.17 -61.92
N TYR J 50 -42.19 10.82 -62.72
CA TYR J 50 -42.09 9.67 -63.62
C TYR J 50 -42.51 10.07 -65.03
N MET J 51 -42.07 9.27 -66.00
CA MET J 51 -42.44 9.53 -67.38
C MET J 51 -43.89 9.17 -67.62
N THR J 52 -44.62 10.07 -68.28
CA THR J 52 -46.03 9.86 -68.57
C THR J 52 -46.37 10.49 -69.91
N ALA J 53 -47.45 10.00 -70.52
CA ALA J 53 -47.88 10.46 -71.84
C ALA J 53 -49.37 10.79 -71.78
N THR J 54 -49.69 12.08 -71.77
CA THR J 54 -51.07 12.53 -71.73
C THR J 54 -51.13 13.97 -72.22
N ARG J 55 -52.35 14.43 -72.47
CA ARG J 55 -52.55 15.82 -72.91
C ARG J 55 -52.21 16.78 -71.78
N GLU J 56 -51.64 17.92 -72.14
CA GLU J 56 -51.21 18.90 -71.15
C GLU J 56 -52.41 19.58 -70.51
N VAL J 57 -52.49 19.54 -69.19
CA VAL J 57 -53.54 20.18 -68.42
C VAL J 57 -52.89 20.98 -67.30
N ASP J 58 -53.27 22.24 -67.17
CA ASP J 58 -52.72 23.11 -66.14
C ASP J 58 -53.55 22.97 -64.88
N PHE J 59 -52.96 22.39 -63.84
CA PHE J 59 -53.68 22.14 -62.59
C PHE J 59 -53.55 23.36 -61.68
N THR J 60 -54.42 24.34 -61.92
CA THR J 60 -54.48 25.51 -61.07
C THR J 60 -55.54 25.32 -59.99
N VAL J 61 -55.54 26.23 -59.03
CA VAL J 61 -56.52 26.23 -57.94
C VAL J 61 -57.23 27.57 -57.94
N PRO J 62 -58.57 27.58 -57.93
CA PRO J 62 -59.28 28.86 -57.86
C PRO J 62 -59.61 29.25 -56.44
N ASP J 63 -60.19 30.43 -56.25
CA ASP J 63 -60.66 30.87 -54.94
C ASP J 63 -62.16 30.64 -54.86
N VAL J 64 -62.60 29.89 -53.85
CA VAL J 64 -64.01 29.51 -53.77
C VAL J 64 -64.88 30.64 -53.25
N GLN J 65 -64.31 31.60 -52.52
CA GLN J 65 -65.10 32.68 -51.96
C GLN J 65 -65.69 33.55 -53.05
N LYS J 66 -64.91 33.90 -54.07
CA LYS J 66 -65.41 34.72 -55.16
C LYS J 66 -66.49 33.97 -55.94
N ILE J 67 -66.31 32.66 -56.13
CA ILE J 67 -67.29 31.88 -56.85
C ILE J 67 -68.62 31.85 -56.10
N LEU J 68 -68.55 31.67 -54.77
CA LEU J 68 -69.77 31.67 -53.98
C LEU J 68 -70.45 33.04 -54.01
N ASP J 69 -69.66 34.11 -53.95
CA ASP J 69 -70.24 35.45 -54.05
C ASP J 69 -70.92 35.67 -55.39
N ASP J 70 -70.31 35.20 -56.47
CA ASP J 70 -70.92 35.35 -57.79
C ASP J 70 -72.22 34.56 -57.89
N ILE J 71 -72.24 33.34 -57.35
CA ILE J 71 -73.46 32.55 -57.37
C ILE J 71 -74.56 33.24 -56.57
N LYS J 72 -74.21 33.81 -55.42
CA LYS J 72 -75.20 34.54 -54.63
C LYS J 72 -75.72 35.76 -55.37
N ALA J 73 -74.84 36.47 -56.08
CA ALA J 73 -75.27 37.64 -56.82
C ALA J 73 -76.13 37.26 -58.01
N LEU J 74 -75.99 36.05 -58.52
CA LEU J 74 -76.79 35.62 -59.66
C LEU J 74 -78.27 35.54 -59.35
N ALA J 75 -78.65 35.39 -58.08
CA ALA J 75 -80.04 35.25 -57.71
C ALA J 75 -80.83 36.54 -57.84
N ALA J 76 -80.16 37.69 -57.94
CA ALA J 76 -80.86 38.96 -58.02
C ALA J 76 -81.26 39.33 -59.43
N GLU J 77 -80.88 38.54 -60.43
CA GLU J 77 -81.22 38.86 -61.81
C GLU J 77 -82.70 38.61 -62.05
N GLN J 78 -83.23 39.32 -63.05
CA GLN J 78 -84.64 39.23 -63.41
C GLN J 78 -84.74 38.82 -64.88
N VAL J 79 -85.64 37.88 -65.17
CA VAL J 79 -85.83 37.39 -66.53
C VAL J 79 -87.03 38.02 -67.20
N TYR J 80 -87.57 39.09 -66.63
CA TYR J 80 -88.75 39.76 -67.17
C TYR J 80 -88.52 41.26 -67.18
N LYS J 81 -89.34 41.96 -67.97
CA LYS J 81 -89.27 43.41 -68.08
C LYS J 81 -90.64 44.00 -67.87
N ILE J 82 -90.67 45.28 -67.52
CA ILE J 82 -91.91 46.02 -67.33
C ILE J 82 -91.96 47.14 -68.35
N VAL J 83 -93.01 47.15 -69.18
CA VAL J 83 -93.07 48.08 -70.30
C VAL J 83 -94.42 48.80 -70.29
N LYS J 84 -94.44 49.98 -70.91
CA LYS J 84 -95.68 50.74 -71.04
C LYS J 84 -96.46 50.36 -72.29
N VAL J 85 -95.78 50.09 -73.40
CA VAL J 85 -96.45 49.70 -74.64
C VAL J 85 -95.78 48.47 -75.22
N PRO J 86 -96.51 47.60 -75.91
CA PRO J 86 -95.88 46.47 -76.60
C PRO J 86 -95.10 46.95 -77.81
N SER J 87 -94.13 46.13 -78.22
CA SER J 87 -93.33 46.44 -79.39
C SER J 87 -94.19 46.38 -80.65
N ILE J 88 -93.81 47.17 -81.65
CA ILE J 88 -94.55 47.21 -82.90
C ILE J 88 -94.37 45.88 -83.62
N SER J 89 -95.48 45.27 -84.02
CA SER J 89 -95.45 43.96 -84.65
C SER J 89 -95.81 43.95 -86.12
N PHE J 90 -96.49 44.97 -86.62
CA PHE J 90 -96.91 45.02 -88.02
C PHE J 90 -96.58 46.38 -88.59
N ARG J 91 -96.12 46.39 -89.84
CA ARG J 91 -95.81 47.63 -90.54
C ARG J 91 -96.45 47.58 -91.92
N HIS J 92 -96.58 48.74 -92.56
CA HIS J 92 -97.26 48.83 -93.84
C HIS J 92 -96.38 49.52 -94.87
N ILE J 93 -96.54 49.13 -96.12
CA ILE J 93 -95.84 49.72 -97.24
C ILE J 93 -96.85 50.13 -98.28
N VAL J 94 -96.68 51.33 -98.84
CA VAL J 94 -97.64 51.97 -99.72
C VAL J 94 -97.05 52.08 -101.12
N MET J 95 -97.85 51.71 -102.12
CA MET J 95 -97.49 51.89 -103.52
C MET J 95 -97.98 53.24 -104.02
N GLN J 96 -97.99 53.41 -105.33
CA GLN J 96 -98.64 54.56 -105.94
C GLN J 96 -100.15 54.49 -105.81
N SER J 97 -100.70 53.31 -105.49
CA SER J 97 -102.14 53.17 -105.33
C SER J 97 -102.62 53.84 -104.05
N ARG J 98 -103.87 54.27 -104.07
CA ARG J 98 -104.52 54.86 -102.91
C ARG J 98 -105.70 54.03 -102.44
N ASP J 99 -105.70 52.74 -102.74
CA ASP J 99 -106.73 51.81 -102.31
C ASP J 99 -106.19 50.60 -101.58
N ARG J 100 -105.03 50.08 -102.00
CA ARG J 100 -104.46 48.87 -101.43
C ARG J 100 -103.04 49.13 -100.98
N VAL J 101 -102.63 48.45 -99.91
CA VAL J 101 -101.29 48.52 -99.39
C VAL J 101 -100.79 47.10 -99.19
N LEU J 102 -99.58 46.95 -98.67
CA LEU J 102 -99.13 45.61 -98.31
C LEU J 102 -98.51 45.63 -96.92
N ARG J 103 -98.93 44.70 -96.08
CA ARG J 103 -98.54 44.68 -94.68
C ARG J 103 -97.53 43.57 -94.42
N VAL J 104 -96.60 43.87 -93.51
CA VAL J 104 -95.44 43.04 -93.22
C VAL J 104 -95.41 42.76 -91.73
N ASP J 105 -95.18 41.51 -91.37
CA ASP J 105 -94.98 41.12 -89.98
C ASP J 105 -93.51 41.29 -89.63
N THR J 106 -93.21 42.22 -88.71
CA THR J 106 -91.83 42.55 -88.42
C THR J 106 -91.09 41.43 -87.70
N TYR J 107 -91.82 40.47 -87.13
CA TYR J 107 -91.17 39.41 -86.36
C TYR J 107 -90.27 38.56 -87.24
N TYR J 108 -90.74 38.20 -88.44
CA TYR J 108 -89.91 37.41 -89.33
C TYR J 108 -88.73 38.20 -89.88
N GLU J 109 -88.93 39.50 -90.10
CA GLU J 109 -87.82 40.35 -90.53
C GLU J 109 -86.74 40.40 -89.46
N GLU J 110 -87.13 40.50 -88.19
CA GLU J 110 -86.13 40.52 -87.13
C GLU J 110 -85.53 39.14 -86.89
N MET J 111 -86.27 38.08 -87.18
CA MET J 111 -85.72 36.74 -87.08
C MET J 111 -84.70 36.44 -88.17
N SER J 112 -84.87 37.00 -89.36
CA SER J 112 -83.99 36.65 -90.47
C SER J 112 -82.53 37.04 -90.23
N GLN J 113 -82.25 37.95 -89.29
CA GLN J 113 -80.92 38.47 -89.09
C GLN J 113 -80.32 38.13 -87.73
N VAL J 114 -80.96 37.24 -86.98
CA VAL J 114 -80.58 37.09 -85.57
C VAL J 114 -79.31 36.25 -85.42
N GLY J 115 -79.13 35.25 -86.28
CA GLY J 115 -77.99 34.35 -86.10
C GLY J 115 -77.02 34.34 -87.25
N ASP J 116 -76.02 33.46 -87.19
CA ASP J 116 -75.07 33.32 -88.28
C ASP J 116 -75.67 32.49 -89.40
N VAL J 117 -74.96 32.47 -90.53
CA VAL J 117 -75.46 31.75 -91.70
C VAL J 117 -75.23 30.26 -91.51
N ILE J 118 -76.26 29.46 -91.76
CA ILE J 118 -76.16 28.02 -91.62
C ILE J 118 -75.37 27.48 -92.81
N THR J 119 -74.28 26.78 -92.53
CA THR J 119 -73.44 26.18 -93.55
C THR J 119 -73.40 24.67 -93.35
N GLU J 120 -72.69 23.99 -94.26
CA GLU J 120 -72.76 22.54 -94.32
C GLU J 120 -71.85 21.87 -93.30
N ASP J 121 -70.59 22.31 -93.19
CA ASP J 121 -69.58 21.57 -92.44
C ASP J 121 -69.11 22.28 -91.18
N GLU J 122 -70.02 22.99 -90.49
CA GLU J 122 -69.72 23.62 -89.21
C GLU J 122 -70.85 23.33 -88.25
N PRO J 123 -70.88 22.15 -87.64
CA PRO J 123 -71.98 21.80 -86.73
C PRO J 123 -72.07 22.70 -85.50
N GLU J 124 -70.94 23.14 -84.97
CA GLU J 124 -70.96 23.95 -83.75
C GLU J 124 -71.64 25.29 -84.00
N LYS J 125 -71.38 25.91 -85.15
CA LYS J 125 -72.07 27.14 -85.50
C LYS J 125 -73.57 26.91 -85.67
N PHE J 126 -73.96 25.76 -86.20
CA PHE J 126 -75.37 25.43 -86.35
C PHE J 126 -76.05 25.38 -84.99
N TYR J 127 -75.43 24.69 -84.03
CA TYR J 127 -76.00 24.62 -82.69
C TYR J 127 -76.05 25.99 -82.03
N SER J 128 -75.00 26.80 -82.22
CA SER J 128 -74.98 28.14 -81.65
C SER J 128 -76.09 29.00 -82.22
N THR J 129 -76.33 28.90 -83.52
CA THR J 129 -77.41 29.66 -84.14
C THR J 129 -78.77 29.26 -83.59
N ILE J 130 -78.99 27.95 -83.41
CA ILE J 130 -80.27 27.50 -82.87
C ILE J 130 -80.47 28.02 -81.45
N ILE J 131 -79.42 27.95 -80.62
CA ILE J 131 -79.52 28.42 -79.25
C ILE J 131 -79.82 29.92 -79.22
N LYS J 132 -79.14 30.68 -80.07
CA LYS J 132 -79.37 32.13 -80.09
C LYS J 132 -80.78 32.48 -80.51
N LYS J 133 -81.33 31.75 -81.49
CA LYS J 133 -82.70 32.00 -81.90
C LYS J 133 -83.70 31.72 -80.77
N VAL J 134 -83.51 30.60 -80.08
CA VAL J 134 -84.42 30.27 -78.97
C VAL J 134 -84.33 31.32 -77.86
N ARG J 135 -83.10 31.73 -77.52
CA ARG J 135 -82.95 32.74 -76.48
C ARG J 135 -83.53 34.07 -76.90
N PHE J 136 -83.48 34.39 -78.20
CA PHE J 136 -84.08 35.62 -78.68
C PHE J 136 -85.59 35.58 -78.50
N ILE J 137 -86.22 34.43 -78.81
CA ILE J 137 -87.66 34.29 -78.55
C ILE J 137 -87.97 34.50 -77.08
N ARG J 138 -87.21 33.85 -76.19
CA ARG J 138 -87.50 33.98 -74.77
C ARG J 138 -87.35 35.42 -74.30
N GLY J 139 -86.30 36.10 -74.74
CA GLY J 139 -86.12 37.48 -74.33
C GLY J 139 -87.20 38.41 -74.87
N LYS J 140 -87.61 38.21 -76.12
CA LYS J 140 -88.60 39.10 -76.71
C LYS J 140 -89.98 38.89 -76.09
N GLY J 141 -90.33 37.65 -75.75
CA GLY J 141 -91.70 37.38 -75.36
C GLY J 141 -92.06 37.65 -73.91
N SER J 142 -91.09 37.84 -73.03
CA SER J 142 -91.35 37.95 -71.60
C SER J 142 -91.40 39.42 -71.22
N PHE J 143 -92.61 39.92 -70.94
CA PHE J 143 -92.78 41.30 -70.51
C PHE J 143 -94.12 41.43 -69.80
N ILE J 144 -94.24 42.50 -69.01
CA ILE J 144 -95.46 42.80 -68.26
C ILE J 144 -95.87 44.23 -68.58
N LEU J 145 -97.13 44.41 -68.96
CA LEU J 145 -97.65 45.73 -69.26
C LEU J 145 -98.04 46.46 -67.98
N HIS J 146 -97.79 47.76 -67.96
CA HIS J 146 -98.02 48.56 -66.76
C HIS J 146 -98.23 50.00 -67.14
N ASP J 147 -99.36 50.58 -66.72
CA ASP J 147 -99.66 52.00 -66.88
C ASP J 147 -99.70 52.41 -68.36
N ILE J 148 -100.67 51.86 -69.08
CA ILE J 148 -100.87 52.17 -70.48
C ILE J 148 -101.67 53.47 -70.62
N PRO J 149 -101.54 54.20 -71.71
CA PRO J 149 -102.35 55.41 -71.89
C PRO J 149 -103.75 55.12 -72.41
N THR J 150 -104.71 55.90 -71.93
CA THR J 150 -106.12 55.78 -72.30
C THR J 150 -106.68 57.14 -72.67
N ARG J 151 -107.94 57.15 -73.10
CA ARG J 151 -108.61 58.39 -73.45
C ARG J 151 -110.09 58.26 -73.17
N ASP J 152 -110.74 59.39 -72.90
CA ASP J 152 -112.19 59.44 -72.71
C ASP J 152 -112.84 59.80 -74.04
N HIS J 153 -113.86 59.04 -74.42
CA HIS J 153 -114.56 59.29 -75.67
C HIS J 153 -115.94 58.68 -75.60
N ARG J 154 -116.96 59.46 -75.98
CA ARG J 154 -118.33 59.01 -76.09
C ARG J 154 -118.82 58.36 -74.80
N GLY J 155 -118.36 58.88 -73.67
CA GLY J 155 -118.74 58.35 -72.38
C GLY J 155 -118.13 57.03 -72.01
N MET J 156 -116.94 56.71 -72.52
CA MET J 156 -116.28 55.46 -72.17
C MET J 156 -114.78 55.57 -72.43
N GLU J 157 -114.05 54.56 -71.94
CA GLU J 157 -112.60 54.48 -72.08
C GLU J 157 -112.24 53.88 -73.43
N VAL J 158 -111.27 54.49 -74.11
CA VAL J 158 -110.78 54.03 -75.40
C VAL J 158 -109.26 53.97 -75.34
N ALA J 159 -108.70 52.86 -75.81
CA ALA J 159 -107.25 52.72 -75.83
C ALA J 159 -106.64 53.63 -76.88
N GLU J 160 -105.49 54.22 -76.54
CA GLU J 160 -104.79 55.06 -77.48
C GLU J 160 -104.21 54.23 -78.63
N PRO J 161 -104.03 54.82 -79.81
CA PRO J 161 -103.41 54.06 -80.91
C PRO J 161 -102.00 53.60 -80.62
N GLU J 162 -101.28 54.24 -79.71
CA GLU J 162 -99.89 53.92 -79.47
C GLU J 162 -99.69 52.60 -78.74
N VAL J 163 -100.70 52.10 -78.03
CA VAL J 163 -100.54 50.85 -77.30
C VAL J 163 -100.81 49.66 -78.19
N LEU J 164 -101.58 49.83 -79.27
CA LEU J 164 -101.80 48.74 -80.20
C LEU J 164 -100.52 48.44 -80.96
N GLY J 165 -100.40 47.20 -81.41
CA GLY J 165 -99.17 46.77 -82.05
C GLY J 165 -99.13 47.02 -83.54
N VAL J 166 -99.86 48.03 -84.01
CA VAL J 166 -99.95 48.35 -85.42
C VAL J 166 -99.49 49.78 -85.63
N GLU J 167 -98.59 49.97 -86.60
CA GLU J 167 -98.14 51.30 -87.00
C GLU J 167 -98.63 51.55 -88.42
N PHE J 168 -99.48 52.57 -88.58
CA PHE J 168 -100.05 52.86 -89.89
C PHE J 168 -100.18 54.35 -90.16
N LYS J 169 -99.36 55.19 -89.52
CA LYS J 169 -99.52 56.63 -89.65
C LYS J 169 -99.26 57.11 -91.07
N ASN J 170 -98.32 56.48 -91.78
CA ASN J 170 -97.98 56.94 -93.11
C ASN J 170 -99.03 56.56 -94.15
N VAL J 171 -100.06 55.81 -93.78
CA VAL J 171 -101.06 55.40 -94.75
C VAL J 171 -102.18 56.42 -94.84
N LEU J 172 -102.44 57.18 -93.78
CA LEU J 172 -103.56 58.11 -93.77
C LEU J 172 -103.51 59.18 -94.85
N PRO J 173 -102.41 59.91 -95.07
CA PRO J 173 -102.48 61.07 -95.97
C PRO J 173 -102.82 60.75 -97.42
N VAL J 174 -102.66 59.52 -97.86
CA VAL J 174 -102.86 59.23 -99.28
C VAL J 174 -104.32 58.89 -99.59
N LEU J 175 -105.06 58.35 -98.64
CA LEU J 175 -106.38 57.80 -98.92
C LEU J 175 -107.46 58.88 -98.81
N THR J 176 -108.63 58.56 -99.36
CA THR J 176 -109.69 59.54 -99.57
C THR J 176 -110.46 59.79 -98.28
N ALA J 177 -111.54 60.57 -98.39
CA ALA J 177 -112.27 61.01 -97.19
C ALA J 177 -113.09 59.89 -96.58
N GLU J 178 -113.80 59.12 -97.42
CA GLU J 178 -114.68 58.08 -96.89
C GLU J 178 -113.88 57.02 -96.14
N HIS J 179 -112.76 56.59 -96.69
CA HIS J 179 -111.93 55.61 -96.01
C HIS J 179 -111.31 56.20 -94.74
N ARG J 180 -111.02 57.51 -94.74
CA ARG J 180 -110.50 58.12 -93.52
C ARG J 180 -111.54 58.10 -92.41
N ALA J 181 -112.80 58.40 -92.75
CA ALA J 181 -113.86 58.31 -91.76
C ALA J 181 -114.03 56.88 -91.27
N MET J 182 -113.98 55.91 -92.18
CA MET J 182 -114.14 54.52 -91.78
C MET J 182 -113.03 54.06 -90.85
N ILE J 183 -111.79 54.41 -91.18
CA ILE J 183 -110.68 53.98 -90.34
C ILE J 183 -110.70 54.70 -89.01
N GLN J 184 -111.16 55.96 -88.97
CA GLN J 184 -111.27 56.67 -87.71
C GLN J 184 -112.30 56.02 -86.80
N ASN J 185 -113.46 55.66 -87.36
CA ASN J 185 -114.48 54.99 -86.55
C ASN J 185 -114.01 53.63 -86.06
N ALA J 186 -113.34 52.87 -86.94
CA ALA J 186 -112.82 51.57 -86.52
C ALA J 186 -111.78 51.72 -85.42
N LEU J 187 -110.92 52.74 -85.52
CA LEU J 187 -109.93 52.98 -84.48
C LEU J 187 -110.60 53.36 -83.17
N ASP J 188 -111.64 54.18 -83.23
CA ASP J 188 -112.35 54.56 -82.01
C ASP J 188 -113.17 53.40 -81.45
N GLY J 189 -113.37 52.33 -82.21
CA GLY J 189 -114.13 51.22 -81.71
C GLY J 189 -113.43 50.27 -80.78
N SER J 190 -112.16 50.50 -80.47
CA SER J 190 -111.42 49.63 -79.56
C SER J 190 -111.55 50.17 -78.13
N ILE J 191 -112.15 49.36 -77.26
CA ILE J 191 -112.56 49.83 -75.95
C ILE J 191 -111.88 49.00 -74.86
N ILE J 192 -111.92 49.53 -73.64
CA ILE J 192 -111.47 48.83 -72.44
C ILE J 192 -112.68 48.24 -71.75
N GLU J 193 -112.62 46.95 -71.46
CA GLU J 193 -113.74 46.28 -70.78
C GLU J 193 -113.89 46.80 -69.37
N ASN J 194 -115.15 46.99 -68.96
CA ASN J 194 -115.50 47.48 -67.62
C ASN J 194 -114.82 48.80 -67.31
N GLY J 195 -114.79 49.70 -68.29
CA GLY J 195 -114.13 50.98 -68.10
C GLY J 195 -114.92 51.99 -67.32
N ASN J 196 -116.19 51.71 -67.04
CA ASN J 196 -117.06 52.67 -66.36
C ASN J 196 -117.30 52.31 -64.91
N VAL J 197 -116.50 51.42 -64.33
CA VAL J 197 -116.61 51.04 -62.93
C VAL J 197 -115.37 51.52 -62.20
N ALA J 198 -115.56 52.11 -61.02
CA ALA J 198 -114.43 52.51 -60.20
C ALA J 198 -113.87 51.29 -59.47
N THR J 199 -112.77 51.51 -58.75
CA THR J 199 -112.06 50.47 -58.01
C THR J 199 -111.67 49.29 -58.88
N ARG J 200 -111.47 49.52 -60.17
CA ARG J 200 -111.03 48.48 -61.07
C ARG J 200 -109.54 48.21 -60.85
N ASP J 201 -109.17 46.93 -60.93
CA ASP J 201 -107.82 46.52 -60.62
C ASP J 201 -106.91 46.40 -61.84
N VAL J 202 -107.47 46.27 -63.04
CA VAL J 202 -106.67 45.92 -64.21
C VAL J 202 -107.45 46.34 -65.46
N ASP J 203 -106.72 46.68 -66.52
CA ASP J 203 -107.31 47.10 -67.79
C ASP J 203 -107.13 46.01 -68.84
N VAL J 204 -108.23 45.64 -69.50
CA VAL J 204 -108.24 44.57 -70.49
C VAL J 204 -108.67 45.15 -71.83
N PHE J 205 -107.88 44.90 -72.87
CA PHE J 205 -108.22 45.43 -74.20
C PHE J 205 -107.78 44.42 -75.26
N ILE J 206 -107.93 44.82 -76.52
CA ILE J 206 -107.63 43.95 -77.66
C ILE J 206 -106.61 44.65 -78.55
N GLY J 207 -105.50 43.96 -78.84
CA GLY J 207 -104.48 44.48 -79.71
C GLY J 207 -103.96 43.45 -80.68
N ALA J 208 -102.84 43.74 -81.34
CA ALA J 208 -102.25 42.88 -82.34
C ALA J 208 -100.86 42.42 -81.88
N CYS J 209 -100.59 41.13 -82.07
CA CYS J 209 -99.32 40.56 -81.67
C CYS J 209 -99.12 39.26 -82.44
N SER J 210 -97.86 38.81 -82.51
CA SER J 210 -97.53 37.59 -83.22
C SER J 210 -97.52 36.39 -82.27
N GLU J 211 -97.72 35.20 -82.84
CA GLU J 211 -97.95 34.00 -82.05
C GLU J 211 -96.77 33.62 -81.14
N PRO J 212 -95.53 33.52 -81.62
CA PRO J 212 -94.46 33.01 -80.74
C PRO J 212 -94.22 33.84 -79.51
N VAL J 213 -94.46 35.14 -79.56
CA VAL J 213 -94.28 35.97 -78.37
C VAL J 213 -95.57 36.07 -77.55
N TYR J 214 -96.73 35.97 -78.20
CA TYR J 214 -97.99 35.93 -77.46
C TYR J 214 -98.06 34.71 -76.56
N ARG J 215 -97.54 33.58 -77.04
CA ARG J 215 -97.52 32.37 -76.23
C ARG J 215 -96.71 32.57 -74.96
N ILE J 216 -95.54 33.19 -75.08
CA ILE J 216 -94.69 33.43 -73.92
C ILE J 216 -95.36 34.41 -72.97
N TYR J 217 -96.01 35.44 -73.52
CA TYR J 217 -96.70 36.42 -72.67
C TYR J 217 -97.80 35.75 -71.85
N ASN J 218 -98.60 34.89 -72.49
CA ASN J 218 -99.65 34.20 -71.77
C ASN J 218 -99.08 33.29 -70.69
N ARG J 219 -97.99 32.58 -71.01
CA ARG J 219 -97.39 31.69 -70.03
C ARG J 219 -96.88 32.45 -68.82
N LEU J 220 -96.22 33.59 -69.04
CA LEU J 220 -95.71 34.38 -67.92
C LEU J 220 -96.85 34.93 -67.07
N GLN J 221 -97.91 35.42 -67.71
CA GLN J 221 -99.04 35.94 -66.94
C GLN J 221 -99.68 34.85 -66.08
N GLY J 222 -99.84 33.65 -66.66
CA GLY J 222 -100.39 32.55 -65.89
C GLY J 222 -99.51 32.16 -64.72
N TYR J 223 -98.19 32.13 -64.93
CA TYR J 223 -97.29 31.80 -63.83
C TYR J 223 -97.35 32.85 -62.72
N ILE J 224 -97.46 34.13 -63.10
CA ILE J 224 -97.56 35.17 -62.10
C ILE J 224 -98.85 35.00 -61.29
N GLU J 225 -99.95 34.68 -61.97
CA GLU J 225 -101.22 34.48 -61.25
C GLU J 225 -101.18 33.27 -60.34
N ALA J 226 -100.45 32.22 -60.74
CA ALA J 226 -100.52 30.95 -60.01
C ALA J 226 -99.70 30.99 -58.72
N VAL J 227 -98.41 31.30 -58.83
CA VAL J 227 -97.52 31.26 -57.67
C VAL J 227 -97.80 32.45 -56.77
N GLN J 228 -98.17 32.16 -55.53
CA GLN J 228 -98.61 33.18 -54.58
C GLN J 228 -98.25 32.73 -53.18
N LEU J 229 -98.99 33.25 -52.20
CA LEU J 229 -98.65 33.11 -50.78
C LEU J 229 -98.40 31.67 -50.35
N GLN J 230 -99.13 30.70 -50.93
CA GLN J 230 -99.01 29.32 -50.49
C GLN J 230 -97.61 28.76 -50.74
N GLU J 231 -97.03 29.06 -51.91
CA GLU J 231 -95.69 28.57 -52.21
C GLU J 231 -94.65 29.19 -51.28
N LEU J 232 -94.80 30.48 -50.97
CA LEU J 232 -93.91 31.12 -50.02
C LEU J 232 -94.02 30.48 -48.65
N ARG J 233 -95.24 30.15 -48.23
CA ARG J 233 -95.44 29.49 -46.95
C ARG J 233 -94.77 28.12 -46.93
N ASN J 234 -94.88 27.36 -48.02
CA ASN J 234 -94.23 26.06 -48.10
C ASN J 234 -92.71 26.19 -47.98
N SER J 235 -92.14 27.16 -48.70
CA SER J 235 -90.69 27.35 -48.64
C SER J 235 -90.24 27.73 -47.24
N ILE J 236 -90.97 28.64 -46.59
CA ILE J 236 -90.59 29.06 -45.25
C ILE J 236 -90.74 27.90 -44.26
N GLY J 237 -91.74 27.05 -44.45
CA GLY J 237 -91.89 25.89 -43.58
C GLY J 237 -90.75 24.90 -43.71
N TRP J 238 -90.31 24.64 -44.94
CA TRP J 238 -89.16 23.77 -45.13
C TRP J 238 -87.92 24.37 -44.49
N LEU J 239 -87.72 25.68 -44.65
CA LEU J 239 -86.58 26.33 -44.00
C LEU J 239 -86.68 26.23 -42.48
N GLU J 240 -87.89 26.30 -41.95
CA GLU J 240 -88.08 26.13 -40.51
C GLU J 240 -87.66 24.73 -40.06
N ARG J 241 -88.04 23.71 -40.82
CA ARG J 241 -87.64 22.35 -40.45
C ARG J 241 -86.13 22.19 -40.49
N LEU J 242 -85.49 22.74 -41.53
CA LEU J 242 -84.03 22.64 -41.61
C LEU J 242 -83.36 23.35 -40.44
N GLY J 243 -83.84 24.55 -40.10
CA GLY J 243 -83.29 25.26 -38.95
C GLY J 243 -83.54 24.55 -37.65
N HIS J 244 -84.68 23.84 -37.54
CA HIS J 244 -84.95 23.05 -36.36
C HIS J 244 -83.92 21.93 -36.22
N ARG J 245 -83.56 21.29 -37.33
CA ARG J 245 -82.51 20.28 -37.26
C ARG J 245 -81.16 20.91 -36.90
N LYS J 246 -80.82 22.03 -37.52
CA LYS J 246 -79.53 22.67 -37.27
C LYS J 246 -79.50 23.46 -35.97
N ARG J 247 -80.63 23.56 -35.27
CA ARG J 247 -80.77 24.21 -33.97
C ARG J 247 -80.15 25.61 -33.94
N ILE J 248 -80.72 26.48 -34.76
CA ILE J 248 -80.36 27.89 -34.78
C ILE J 248 -81.29 28.65 -33.87
N THR J 249 -80.89 29.88 -33.51
CA THR J 249 -81.66 30.71 -32.59
C THR J 249 -82.51 31.70 -33.37
N TYR J 250 -83.75 31.87 -32.96
CA TYR J 250 -84.70 32.76 -33.61
C TYR J 250 -84.93 34.00 -32.77
N SER J 251 -85.23 35.10 -33.44
CA SER J 251 -85.58 36.35 -32.77
C SER J 251 -87.07 36.36 -32.45
N GLN J 252 -87.56 37.49 -31.95
CA GLN J 252 -88.96 37.63 -31.62
C GLN J 252 -89.80 38.11 -32.79
N GLU J 253 -89.18 38.47 -33.91
CA GLU J 253 -89.90 38.99 -35.06
C GLU J 253 -90.37 37.84 -35.93
N VAL J 254 -91.65 37.87 -36.33
CA VAL J 254 -92.25 36.80 -37.10
C VAL J 254 -92.86 37.36 -38.37
N LEU J 255 -93.09 36.47 -39.34
CA LEU J 255 -93.61 36.86 -40.65
C LEU J 255 -95.11 36.64 -40.72
N THR J 256 -95.81 37.61 -41.31
CA THR J 256 -97.26 37.61 -41.40
C THR J 256 -97.68 37.50 -42.86
N ASP J 257 -98.78 36.78 -43.11
CA ASP J 257 -99.26 36.59 -44.46
C ASP J 257 -100.10 37.74 -44.98
N PHE J 258 -100.01 38.91 -44.36
CA PHE J 258 -100.74 40.08 -44.86
C PHE J 258 -100.13 40.58 -46.15
N ARG J 259 -100.96 40.79 -47.16
CA ARG J 259 -100.52 41.30 -48.45
C ARG J 259 -101.33 42.54 -48.80
N ARG J 260 -100.64 43.60 -49.18
CA ARG J 260 -101.32 44.86 -49.50
C ARG J 260 -102.15 44.72 -50.76
N GLN J 261 -103.14 45.60 -50.90
CA GLN J 261 -104.01 45.57 -52.06
C GLN J 261 -103.35 46.12 -53.30
N ASP J 262 -102.21 46.79 -53.17
CA ASP J 262 -101.53 47.38 -54.32
C ASP J 262 -100.16 46.75 -54.57
N THR J 263 -99.99 45.48 -54.21
CA THR J 263 -98.71 44.81 -54.36
C THR J 263 -98.94 43.47 -55.03
N ILE J 264 -98.10 43.15 -56.03
CA ILE J 264 -98.11 41.86 -56.69
C ILE J 264 -96.74 41.22 -56.48
N TRP J 265 -96.73 40.02 -55.93
CA TRP J 265 -95.50 39.32 -55.62
C TRP J 265 -95.04 38.49 -56.81
N VAL J 266 -93.73 38.48 -57.05
CA VAL J 266 -93.12 37.65 -58.06
C VAL J 266 -92.08 36.78 -57.39
N LEU J 267 -92.27 35.46 -57.46
CA LEU J 267 -91.37 34.51 -56.83
C LEU J 267 -90.82 33.59 -57.91
N ALA J 268 -89.50 33.41 -57.93
CA ALA J 268 -88.86 32.71 -59.04
C ALA J 268 -88.21 31.38 -58.66
N LEU J 269 -88.06 31.09 -57.38
CA LEU J 269 -87.37 29.89 -56.95
C LEU J 269 -88.17 29.15 -55.88
N GLN J 270 -87.83 27.88 -55.69
CA GLN J 270 -88.45 27.03 -54.68
C GLN J 270 -87.37 26.41 -53.81
N LEU J 271 -87.68 26.18 -52.54
CA LEU J 271 -86.69 25.70 -51.59
C LEU J 271 -86.46 24.19 -51.58
N PRO J 272 -87.50 23.33 -51.52
CA PRO J 272 -87.23 21.89 -51.42
C PRO J 272 -86.59 21.33 -52.68
N VAL J 273 -85.29 21.59 -52.84
CA VAL J 273 -84.59 21.23 -54.07
C VAL J 273 -84.43 19.72 -54.16
N ASN J 274 -84.57 19.21 -55.37
CA ASN J 274 -84.33 17.79 -55.64
C ASN J 274 -82.85 17.52 -55.55
N PRO J 275 -82.39 16.64 -54.66
CA PRO J 275 -80.95 16.42 -54.53
C PRO J 275 -80.32 15.71 -55.72
N GLN J 276 -81.10 14.92 -56.46
CA GLN J 276 -80.53 14.14 -57.56
C GLN J 276 -79.88 15.03 -58.60
N VAL J 277 -80.47 16.20 -58.86
CA VAL J 277 -79.92 17.12 -59.84
C VAL J 277 -78.50 17.52 -59.48
N VAL J 278 -78.19 17.62 -58.19
CA VAL J 278 -76.82 17.94 -57.79
C VAL J 278 -75.89 16.77 -58.07
N TRP J 279 -76.35 15.55 -57.79
CA TRP J 279 -75.47 14.39 -57.85
C TRP J 279 -75.50 13.67 -59.19
N ASP J 280 -76.21 14.21 -60.17
CA ASP J 280 -76.25 13.61 -61.49
C ASP J 280 -75.12 14.08 -62.39
N VAL J 281 -74.45 15.16 -62.02
CA VAL J 281 -73.38 15.73 -62.86
C VAL J 281 -72.22 14.75 -62.91
N PRO J 282 -71.70 14.42 -64.09
CA PRO J 282 -70.63 13.41 -64.17
C PRO J 282 -69.34 13.91 -63.57
N ARG J 283 -68.68 13.02 -62.82
CA ARG J 283 -67.39 13.29 -62.16
C ARG J 283 -67.45 14.57 -61.32
N SER J 284 -68.31 14.53 -60.30
CA SER J 284 -68.58 15.72 -59.49
C SER J 284 -68.47 15.47 -57.99
N SER J 285 -67.81 14.38 -57.58
CA SER J 285 -67.71 14.11 -56.14
C SER J 285 -66.79 15.11 -55.44
N ILE J 286 -65.65 15.42 -56.05
CA ILE J 286 -64.68 16.30 -55.40
C ILE J 286 -65.24 17.71 -55.27
N ALA J 287 -65.90 18.21 -56.32
CA ALA J 287 -66.48 19.54 -56.27
C ALA J 287 -67.56 19.62 -55.20
N ASN J 288 -68.39 18.58 -55.09
CA ASN J 288 -69.42 18.55 -54.06
C ASN J 288 -68.82 18.56 -52.67
N LEU J 289 -67.74 17.79 -52.46
CA LEU J 289 -67.07 17.79 -51.17
C LEU J 289 -66.50 19.16 -50.83
N ILE J 290 -65.88 19.81 -51.82
CA ILE J 290 -65.30 21.13 -51.59
C ILE J 290 -66.39 22.14 -51.25
N MET J 291 -67.51 22.10 -51.96
CA MET J 291 -68.60 23.04 -51.67
C MET J 291 -69.19 22.78 -50.29
N ASN J 292 -69.31 21.50 -49.90
CA ASN J 292 -69.82 21.19 -48.56
C ASN J 292 -68.91 21.77 -47.50
N ILE J 293 -67.60 21.61 -47.65
CA ILE J 293 -66.66 22.16 -46.68
C ILE J 293 -66.75 23.69 -46.66
N ALA J 294 -66.84 24.31 -47.84
CA ALA J 294 -66.82 25.76 -47.91
C ALA J 294 -68.08 26.38 -47.33
N THR J 295 -69.23 25.72 -47.45
CA THR J 295 -70.48 26.33 -47.02
C THR J 295 -70.93 25.93 -45.63
N CYS J 296 -70.57 24.75 -45.13
CA CYS J 296 -71.19 24.26 -43.90
C CYS J 296 -70.25 24.06 -42.73
N LEU J 297 -68.95 24.14 -42.91
CA LEU J 297 -68.03 23.84 -41.82
C LEU J 297 -67.96 25.02 -40.85
N PRO J 298 -68.11 24.78 -39.55
CA PRO J 298 -68.01 25.87 -38.58
C PRO J 298 -66.56 26.27 -38.33
N THR J 299 -66.39 27.35 -37.57
CA THR J 299 -65.06 27.81 -37.22
C THR J 299 -64.83 27.66 -35.73
N GLY J 300 -63.65 27.18 -35.38
CA GLY J 300 -63.29 26.87 -34.00
C GLY J 300 -61.80 26.92 -33.80
N GLU J 301 -61.32 26.17 -32.80
CA GLU J 301 -59.92 26.23 -32.43
C GLU J 301 -59.50 24.91 -31.79
N TYR J 302 -58.21 24.62 -31.85
CA TYR J 302 -57.65 23.40 -31.30
C TYR J 302 -57.25 23.62 -29.85
N ILE J 303 -57.64 22.70 -28.98
CA ILE J 303 -57.44 22.83 -27.54
C ILE J 303 -56.57 21.67 -27.06
N ALA J 304 -55.48 21.99 -26.37
CA ALA J 304 -54.60 21.00 -25.78
C ALA J 304 -55.19 20.48 -24.48
N PRO J 305 -54.86 19.25 -24.10
CA PRO J 305 -55.38 18.70 -22.84
C PRO J 305 -54.74 19.37 -21.63
N ASN J 306 -55.36 19.14 -20.48
CA ASN J 306 -54.86 19.71 -19.24
C ASN J 306 -53.52 19.09 -18.88
N PRO J 307 -52.50 19.90 -18.57
CA PRO J 307 -51.19 19.32 -18.25
C PRO J 307 -51.16 18.49 -16.98
N ARG J 308 -52.14 18.66 -16.09
CA ARG J 308 -52.16 17.90 -14.85
C ARG J 308 -52.57 16.44 -15.05
N ILE J 309 -53.02 16.07 -16.24
CA ILE J 309 -53.48 14.70 -16.47
C ILE J 309 -52.31 13.72 -16.40
N SER J 310 -51.17 14.08 -16.97
CA SER J 310 -50.05 13.16 -17.07
C SER J 310 -49.10 13.21 -15.88
N SER J 311 -49.25 14.18 -14.98
CA SER J 311 -48.31 14.32 -13.88
C SER J 311 -48.99 15.00 -12.69
N ILE J 312 -48.70 14.49 -11.50
CA ILE J 312 -49.23 15.06 -10.25
C ILE J 312 -48.06 15.29 -9.31
N THR J 313 -48.06 16.45 -8.65
CA THR J 313 -46.96 16.85 -7.77
C THR J 313 -47.40 16.62 -6.33
N LEU J 314 -46.88 15.57 -5.71
CA LEU J 314 -47.18 15.31 -4.31
C LEU J 314 -46.54 16.35 -3.40
N THR J 315 -45.35 16.82 -3.74
CA THR J 315 -44.61 17.77 -2.94
C THR J 315 -43.91 18.71 -3.91
N GLN J 316 -43.36 19.80 -3.38
CA GLN J 316 -42.60 20.73 -4.21
C GLN J 316 -41.38 20.07 -4.85
N ARG J 317 -40.96 18.93 -4.34
CA ARG J 317 -39.73 18.30 -4.76
C ARG J 317 -39.96 17.02 -5.56
N ILE J 318 -41.09 16.34 -5.35
CA ILE J 318 -41.34 15.02 -5.92
C ILE J 318 -42.50 15.13 -6.90
N THR J 319 -42.27 14.66 -8.12
CA THR J 319 -43.31 14.61 -9.15
C THR J 319 -43.28 13.26 -9.85
N THR J 320 -44.45 12.82 -10.30
CA THR J 320 -44.52 11.63 -11.12
C THR J 320 -44.15 11.96 -12.57
N THR J 321 -43.68 10.94 -13.29
CA THR J 321 -43.20 11.11 -14.65
C THR J 321 -44.02 10.27 -15.61
N GLY J 322 -44.43 10.88 -16.72
CA GLY J 322 -45.16 10.18 -17.74
C GLY J 322 -44.25 9.39 -18.67
N PRO J 323 -44.76 8.28 -19.21
CA PRO J 323 -43.95 7.47 -20.12
C PRO J 323 -43.54 8.20 -21.39
N PHE J 324 -44.39 9.09 -21.90
CA PHE J 324 -44.14 9.78 -23.16
C PHE J 324 -43.72 11.22 -22.94
N ALA J 325 -42.92 11.49 -21.91
CA ALA J 325 -42.53 12.86 -21.61
C ALA J 325 -41.66 13.45 -22.71
N ILE J 326 -40.88 12.62 -23.39
CA ILE J 326 -40.02 13.13 -24.45
C ILE J 326 -40.84 13.61 -25.64
N LEU J 327 -41.93 12.91 -25.98
CA LEU J 327 -42.76 13.33 -27.11
C LEU J 327 -43.55 14.58 -26.77
N THR J 328 -44.02 14.71 -25.53
CA THR J 328 -44.83 15.87 -25.15
C THR J 328 -44.05 17.17 -25.25
N GLY J 329 -42.72 17.11 -25.10
CA GLY J 329 -41.92 18.31 -25.25
C GLY J 329 -41.71 18.76 -26.68
N SER J 330 -42.07 17.93 -27.66
CA SER J 330 -41.85 18.28 -29.04
C SER J 330 -42.83 19.37 -29.49
N THR J 331 -42.43 20.10 -30.52
CA THR J 331 -43.24 21.15 -31.12
C THR J 331 -43.38 20.88 -32.61
N PRO J 332 -44.59 20.85 -33.15
CA PRO J 332 -44.77 20.52 -34.56
C PRO J 332 -44.20 21.59 -35.48
N THR J 333 -43.76 21.15 -36.65
CA THR J 333 -43.35 22.05 -37.71
C THR J 333 -44.56 22.37 -38.59
N ALA J 334 -44.33 22.97 -39.75
CA ALA J 334 -45.44 23.32 -40.63
C ALA J 334 -46.03 22.08 -41.28
N GLN J 335 -45.19 21.17 -41.76
CA GLN J 335 -45.67 19.98 -42.45
C GLN J 335 -46.48 19.09 -41.53
N GLN J 336 -46.03 18.93 -40.29
CA GLN J 336 -46.75 18.07 -39.35
C GLN J 336 -48.10 18.68 -38.98
N LEU J 337 -48.17 20.01 -38.87
CA LEU J 337 -49.44 20.65 -38.60
C LEU J 337 -50.40 20.47 -39.77
N ASN J 338 -49.89 20.56 -41.00
CA ASN J 338 -50.72 20.31 -42.16
C ASN J 338 -51.24 18.87 -42.17
N ASP J 339 -50.39 17.92 -41.76
CA ASP J 339 -50.83 16.54 -41.66
C ASP J 339 -51.91 16.36 -40.61
N VAL J 340 -51.81 17.09 -39.49
CA VAL J 340 -52.86 17.04 -38.48
C VAL J 340 -54.18 17.54 -39.04
N ARG J 341 -54.12 18.64 -39.80
CA ARG J 341 -55.33 19.14 -40.45
C ARG J 341 -55.91 18.11 -41.40
N LYS J 342 -55.05 17.40 -42.14
CA LYS J 342 -55.53 16.33 -43.01
C LYS J 342 -56.23 15.23 -42.22
N ILE J 343 -55.65 14.84 -41.09
CA ILE J 343 -56.25 13.78 -40.28
C ILE J 343 -57.64 14.19 -39.79
N TYR J 344 -57.78 15.42 -39.32
CA TYR J 344 -59.10 15.84 -38.83
C TYR J 344 -60.09 15.97 -39.97
N LEU J 345 -59.64 16.43 -41.14
CA LEU J 345 -60.53 16.50 -42.29
C LEU J 345 -61.01 15.11 -42.70
N ALA J 346 -60.13 14.12 -42.63
CA ALA J 346 -60.53 12.75 -42.93
C ALA J 346 -61.49 12.21 -41.88
N LEU J 347 -61.31 12.58 -40.62
CA LEU J 347 -62.23 12.14 -39.58
C LEU J 347 -63.62 12.73 -39.76
N MET J 348 -63.69 13.99 -40.17
CA MET J 348 -65.00 14.65 -40.27
C MET J 348 -65.84 14.15 -41.43
N PHE J 349 -65.22 13.61 -42.47
CA PHE J 349 -65.94 13.04 -43.61
C PHE J 349 -65.63 11.56 -43.69
N PRO J 350 -66.56 10.69 -43.30
CA PRO J 350 -66.22 9.28 -43.03
C PRO J 350 -65.71 8.51 -44.23
N GLY J 351 -66.48 8.42 -45.30
CA GLY J 351 -66.13 7.57 -46.41
C GLY J 351 -65.52 8.26 -47.61
N GLN J 352 -65.38 9.59 -47.58
CA GLN J 352 -64.96 10.32 -48.76
C GLN J 352 -63.49 10.69 -48.77
N ILE J 353 -62.81 10.64 -47.63
CA ILE J 353 -61.38 10.89 -47.55
C ILE J 353 -60.72 9.73 -46.82
N ILE J 354 -59.66 9.19 -47.41
CA ILE J 354 -58.98 8.01 -46.90
C ILE J 354 -57.51 8.35 -46.73
N LEU J 355 -56.91 7.91 -45.63
CA LEU J 355 -55.53 8.24 -45.32
C LEU J 355 -54.58 7.14 -45.78
N ASP J 356 -53.31 7.53 -45.94
CA ASP J 356 -52.26 6.60 -46.34
C ASP J 356 -50.93 7.12 -45.80
N LEU J 357 -49.98 6.20 -45.65
CA LEU J 357 -48.70 6.53 -45.04
C LEU J 357 -47.77 7.21 -46.05
N LYS J 358 -47.04 8.21 -45.58
CA LYS J 358 -46.08 8.96 -46.39
C LYS J 358 -44.68 8.72 -45.86
N ILE J 359 -43.74 8.45 -46.77
CA ILE J 359 -42.35 8.19 -46.39
C ILE J 359 -41.46 9.25 -47.04
N ASP J 360 -40.53 9.77 -46.25
CA ASP J 360 -39.57 10.77 -46.72
C ASP J 360 -38.17 10.25 -46.40
N PRO J 361 -37.32 10.01 -47.41
CA PRO J 361 -35.99 9.47 -47.12
C PRO J 361 -35.13 10.40 -46.28
N GLY J 362 -35.30 11.70 -46.41
CA GLY J 362 -34.41 12.63 -45.73
C GLY J 362 -34.76 12.91 -44.28
N GLU J 363 -35.87 12.36 -43.79
CA GLU J 363 -36.31 12.61 -42.42
C GLU J 363 -35.81 11.52 -41.49
N ARG J 364 -35.29 11.93 -40.34
CA ARG J 364 -34.76 11.01 -39.33
C ARG J 364 -35.53 11.19 -38.04
N MET J 365 -36.02 10.09 -37.48
CA MET J 365 -36.84 10.12 -36.29
C MET J 365 -36.46 8.97 -35.37
N ASP J 366 -36.79 9.13 -34.09
CA ASP J 366 -36.57 8.07 -33.13
C ASP J 366 -37.48 6.89 -33.43
N PRO J 367 -36.98 5.66 -33.28
CA PRO J 367 -37.82 4.48 -33.57
C PRO J 367 -39.04 4.35 -32.68
N ALA J 368 -39.05 4.96 -31.50
CA ALA J 368 -40.19 4.84 -30.60
C ALA J 368 -41.43 5.55 -31.13
N VAL J 369 -41.24 6.52 -32.02
CA VAL J 369 -42.37 7.29 -32.54
C VAL J 369 -43.31 6.37 -33.33
N ARG J 370 -42.76 5.52 -34.19
CA ARG J 370 -43.59 4.61 -34.97
C ARG J 370 -44.31 3.62 -34.07
N MET J 371 -43.63 3.14 -33.04
CA MET J 371 -44.24 2.17 -32.14
C MET J 371 -45.40 2.76 -31.37
N VAL J 372 -45.25 4.00 -30.89
CA VAL J 372 -46.35 4.65 -30.16
C VAL J 372 -47.49 4.97 -31.11
N ALA J 373 -47.17 5.43 -32.33
CA ALA J 373 -48.20 5.71 -33.31
C ALA J 373 -48.99 4.46 -33.67
N GLY J 374 -48.34 3.29 -33.62
CA GLY J 374 -49.06 2.05 -33.85
C GLY J 374 -50.17 1.82 -32.85
N VAL J 375 -49.92 2.12 -31.58
CA VAL J 375 -50.96 2.00 -30.57
C VAL J 375 -52.03 3.06 -30.76
N VAL J 376 -51.61 4.29 -31.05
CA VAL J 376 -52.56 5.40 -31.15
C VAL J 376 -53.52 5.19 -32.31
N GLY J 377 -53.02 4.71 -33.45
CA GLY J 377 -53.86 4.58 -34.63
C GLY J 377 -54.98 3.57 -34.47
N HIS J 378 -54.75 2.51 -33.68
CA HIS J 378 -55.81 1.53 -33.44
C HIS J 378 -56.95 2.13 -32.65
N LEU J 379 -56.68 3.14 -31.82
CA LEU J 379 -57.71 3.79 -31.04
C LEU J 379 -58.30 5.01 -31.72
N LEU J 380 -57.63 5.53 -32.74
CA LEU J 380 -58.09 6.77 -33.36
C LEU J 380 -58.98 6.54 -34.59
N PHE J 381 -58.70 5.53 -35.40
CA PHE J 381 -59.36 5.36 -36.68
C PHE J 381 -60.38 4.24 -36.64
N THR J 382 -61.09 4.08 -37.76
CA THR J 382 -62.15 3.11 -37.90
C THR J 382 -61.97 2.37 -39.22
N ALA J 383 -62.04 1.04 -39.16
CA ALA J 383 -61.98 0.18 -40.34
C ALA J 383 -63.05 -0.88 -40.26
N GLY J 384 -64.23 -0.51 -39.78
CA GLY J 384 -65.27 -1.46 -39.44
C GLY J 384 -66.02 -1.96 -40.66
N GLY J 385 -67.17 -2.57 -40.39
CA GLY J 385 -67.99 -3.18 -41.42
C GLY J 385 -68.95 -2.25 -42.12
N ARG J 386 -68.95 -0.97 -41.78
CA ARG J 386 -69.83 0.00 -42.44
C ARG J 386 -69.05 1.00 -43.29
N PHE J 387 -67.97 1.56 -42.76
CA PHE J 387 -67.15 2.48 -43.52
C PHE J 387 -65.73 2.40 -42.97
N THR J 388 -64.80 3.02 -43.70
CA THR J 388 -63.40 3.01 -43.32
C THR J 388 -62.80 4.41 -43.44
N ASN J 389 -61.75 4.65 -42.68
CA ASN J 389 -61.02 5.91 -42.73
C ASN J 389 -59.60 5.74 -43.27
N LEU J 390 -59.14 4.52 -43.49
CA LEU J 390 -57.76 4.28 -43.85
C LEU J 390 -57.68 3.16 -44.86
N THR J 391 -56.63 3.21 -45.69
CA THR J 391 -56.40 2.23 -46.73
C THR J 391 -55.91 0.92 -46.11
N GLN J 392 -56.04 -0.17 -46.86
CA GLN J 392 -55.59 -1.48 -46.37
C GLN J 392 -54.10 -1.49 -46.10
N ASN J 393 -53.31 -0.80 -46.93
CA ASN J 393 -51.88 -0.72 -46.71
C ASN J 393 -51.56 -0.02 -45.39
N MET J 394 -52.28 1.07 -45.10
CA MET J 394 -52.08 1.76 -43.83
C MET J 394 -52.44 0.87 -42.65
N ALA J 395 -53.49 0.07 -42.79
CA ALA J 395 -53.86 -0.86 -41.73
C ALA J 395 -52.77 -1.89 -41.50
N ARG J 396 -52.17 -2.40 -42.57
CA ARG J 396 -51.07 -3.34 -42.43
C ARG J 396 -49.89 -2.70 -41.73
N GLN J 397 -49.56 -1.47 -42.10
CA GLN J 397 -48.43 -0.78 -41.45
C GLN J 397 -48.69 -0.57 -39.97
N LEU J 398 -49.92 -0.19 -39.62
CA LEU J 398 -50.26 -0.01 -38.21
C LEU J 398 -50.18 -1.32 -37.45
N ASP J 399 -50.62 -2.42 -38.07
CA ASP J 399 -50.53 -3.72 -37.41
C ASP J 399 -49.09 -4.11 -37.15
N ILE J 400 -48.21 -3.88 -38.14
CA ILE J 400 -46.80 -4.20 -37.96
C ILE J 400 -46.20 -3.34 -36.85
N ALA J 401 -46.57 -2.07 -36.80
CA ALA J 401 -46.08 -1.19 -35.74
C ALA J 401 -46.51 -1.66 -34.37
N LEU J 402 -47.78 -2.08 -34.24
CA LEU J 402 -48.25 -2.59 -32.96
C LEU J 402 -47.53 -3.87 -32.56
N ASN J 403 -47.26 -4.74 -33.54
CA ASN J 403 -46.48 -5.94 -33.28
C ASN J 403 -45.11 -5.60 -32.74
N ASP J 404 -44.42 -4.65 -33.38
CA ASP J 404 -43.09 -4.27 -32.95
C ASP J 404 -43.11 -3.66 -31.55
N TYR J 405 -44.14 -2.86 -31.25
CA TYR J 405 -44.24 -2.26 -29.93
C TYR J 405 -44.48 -3.31 -28.86
N LEU J 406 -45.36 -4.28 -29.14
CA LEU J 406 -45.66 -5.29 -28.14
C LEU J 406 -44.45 -6.19 -27.88
N LEU J 407 -43.71 -6.56 -28.91
CA LEU J 407 -42.57 -7.45 -28.69
C LEU J 407 -41.36 -6.75 -28.09
N TYR J 408 -41.34 -5.42 -28.08
CA TYR J 408 -40.22 -4.67 -27.54
C TYR J 408 -40.39 -4.51 -26.04
N MET J 409 -39.59 -5.22 -25.25
CA MET J 409 -39.69 -5.22 -23.79
C MET J 409 -38.46 -4.55 -23.22
N TYR J 410 -38.62 -3.33 -22.72
CA TYR J 410 -37.55 -2.63 -22.03
C TYR J 410 -37.61 -2.80 -20.52
N ASN J 411 -38.47 -3.69 -20.04
CA ASN J 411 -38.57 -4.12 -18.66
C ASN J 411 -38.40 -5.64 -18.62
N THR J 412 -38.77 -6.25 -17.49
CA THR J 412 -38.66 -7.69 -17.35
C THR J 412 -39.48 -8.40 -18.43
N ARG J 413 -38.86 -9.37 -19.09
CA ARG J 413 -39.51 -10.07 -20.18
C ARG J 413 -40.63 -10.97 -19.66
N VAL J 414 -41.61 -11.22 -20.51
CA VAL J 414 -42.76 -12.06 -20.17
C VAL J 414 -42.87 -13.18 -21.18
N GLN J 415 -43.62 -14.21 -20.80
CA GLN J 415 -43.78 -15.38 -21.65
C GLN J 415 -44.59 -15.04 -22.89
N VAL J 416 -44.16 -15.59 -24.03
CA VAL J 416 -44.86 -15.41 -25.30
C VAL J 416 -44.84 -16.73 -26.06
N ASN J 417 -45.97 -17.07 -26.67
CA ASN J 417 -46.10 -18.27 -27.50
C ASN J 417 -46.49 -17.85 -28.90
N TYR J 418 -45.75 -18.32 -29.89
CA TYR J 418 -46.02 -17.97 -31.28
C TYR J 418 -46.92 -18.99 -31.94
N GLY J 419 -47.64 -18.55 -32.97
CA GLY J 419 -48.59 -19.37 -33.65
C GLY J 419 -48.05 -19.98 -34.93
N PRO J 420 -48.81 -20.88 -35.53
CA PRO J 420 -48.36 -21.55 -36.76
C PRO J 420 -48.12 -20.62 -37.93
N THR J 421 -48.93 -19.58 -38.10
CA THR J 421 -48.81 -18.71 -39.25
C THR J 421 -47.86 -17.56 -38.96
N GLY J 422 -47.32 -16.98 -40.03
CA GLY J 422 -46.35 -15.91 -39.92
C GLY J 422 -46.92 -14.51 -39.93
N GLU J 423 -48.23 -14.37 -39.86
CA GLU J 423 -48.84 -13.04 -39.89
C GLU J 423 -48.48 -12.26 -38.63
N PRO J 424 -48.46 -10.93 -38.71
CA PRO J 424 -48.19 -10.13 -37.50
C PRO J 424 -49.30 -10.29 -36.48
N LEU J 425 -48.93 -10.10 -35.21
CA LEU J 425 -49.83 -10.18 -34.06
C LEU J 425 -50.43 -11.56 -33.89
N ASP J 426 -49.77 -12.60 -34.36
CA ASP J 426 -50.22 -13.97 -34.17
C ASP J 426 -49.41 -14.61 -33.04
N PHE J 427 -49.74 -14.23 -31.81
CA PHE J 427 -49.08 -14.79 -30.64
C PHE J 427 -49.98 -14.61 -29.43
N GLN J 428 -49.62 -15.31 -28.35
CA GLN J 428 -50.27 -15.18 -27.06
C GLN J 428 -49.24 -14.70 -26.04
N ILE J 429 -49.61 -13.70 -25.25
CA ILE J 429 -48.66 -12.98 -24.41
C ILE J 429 -49.15 -12.97 -22.97
N GLY J 430 -48.21 -12.80 -22.04
CA GLY J 430 -48.54 -12.61 -20.64
C GLY J 430 -48.70 -13.91 -19.88
N ARG J 431 -48.79 -13.77 -18.55
CA ARG J 431 -49.05 -14.92 -17.70
C ARG J 431 -50.43 -15.49 -17.96
N ASN J 432 -51.42 -14.62 -18.15
CA ASN J 432 -52.71 -15.02 -18.69
C ASN J 432 -52.61 -14.89 -20.20
N GLN J 433 -52.76 -16.01 -20.90
CA GLN J 433 -52.50 -16.03 -22.34
C GLN J 433 -53.58 -15.23 -23.05
N TYR J 434 -53.24 -14.01 -23.47
CA TYR J 434 -54.17 -13.12 -24.15
C TYR J 434 -53.95 -13.25 -25.66
N ASP J 435 -55.01 -13.59 -26.38
CA ASP J 435 -54.91 -13.80 -27.82
C ASP J 435 -54.85 -12.46 -28.52
N CYS J 436 -53.73 -12.18 -29.19
CA CYS J 436 -53.54 -10.93 -29.90
C CYS J 436 -53.99 -10.98 -31.35
N ASN J 437 -54.55 -12.11 -31.79
CA ASN J 437 -54.97 -12.24 -33.18
C ASN J 437 -56.15 -11.35 -33.52
N VAL J 438 -56.92 -10.92 -32.52
CA VAL J 438 -58.11 -10.13 -32.79
C VAL J 438 -57.78 -8.70 -33.17
N PHE J 439 -56.52 -8.28 -33.03
CA PHE J 439 -56.15 -6.91 -33.35
C PHE J 439 -55.63 -6.76 -34.77
N ARG J 440 -55.66 -7.82 -35.58
CA ARG J 440 -55.28 -7.71 -36.97
C ARG J 440 -56.47 -7.26 -37.79
N ALA J 441 -56.22 -6.46 -38.82
CA ALA J 441 -57.28 -5.84 -39.58
C ALA J 441 -58.10 -6.87 -40.35
N ASP J 442 -59.41 -6.68 -40.36
CA ASP J 442 -60.32 -7.53 -41.13
C ASP J 442 -61.51 -6.65 -41.53
N PHE J 443 -61.51 -6.20 -42.78
CA PHE J 443 -62.48 -5.19 -43.21
C PHE J 443 -63.91 -5.72 -43.25
N ALA J 444 -64.10 -7.04 -43.28
CA ALA J 444 -65.45 -7.58 -43.30
C ALA J 444 -66.17 -7.38 -41.97
N THR J 445 -65.44 -7.31 -40.86
CA THR J 445 -66.05 -7.13 -39.54
C THR J 445 -65.38 -6.09 -38.67
N GLY J 446 -64.18 -5.63 -38.99
CA GLY J 446 -63.55 -4.54 -38.28
C GLY J 446 -63.18 -4.82 -36.83
N THR J 447 -62.45 -5.91 -36.60
CA THR J 447 -62.13 -6.29 -35.23
C THR J 447 -61.13 -5.33 -34.58
N GLY J 448 -60.06 -5.00 -35.28
CA GLY J 448 -58.94 -4.37 -34.59
C GLY J 448 -59.09 -2.90 -34.29
N TYR J 449 -60.18 -2.26 -34.73
CA TYR J 449 -60.29 -0.81 -34.63
C TYR J 449 -61.62 -0.41 -34.03
N ASN J 450 -61.93 0.89 -34.05
CA ASN J 450 -63.23 1.35 -33.60
C ASN J 450 -64.32 0.75 -34.48
N GLY J 451 -65.46 0.46 -33.87
CA GLY J 451 -66.50 -0.29 -34.56
C GLY J 451 -66.36 -1.79 -34.43
N TRP J 452 -65.61 -2.27 -33.43
CA TRP J 452 -65.44 -3.70 -33.23
C TRP J 452 -66.77 -4.37 -32.91
N ALA J 453 -67.50 -3.86 -31.92
CA ALA J 453 -68.77 -4.43 -31.55
C ALA J 453 -69.79 -3.34 -31.28
N THR J 454 -69.71 -2.24 -32.04
CA THR J 454 -70.57 -1.10 -31.85
C THR J 454 -71.29 -0.77 -33.13
N ILE J 455 -72.47 -0.16 -32.99
CA ILE J 455 -73.24 0.31 -34.13
C ILE J 455 -72.92 1.77 -34.36
N ASP J 456 -72.17 2.06 -35.41
CA ASP J 456 -71.71 3.41 -35.70
C ASP J 456 -72.52 4.14 -36.74
N VAL J 457 -73.55 3.50 -37.30
CA VAL J 457 -74.48 4.14 -38.23
C VAL J 457 -75.89 3.77 -37.81
N GLU J 458 -76.74 4.78 -37.62
CA GLU J 458 -78.11 4.53 -37.19
C GLU J 458 -79.06 5.41 -37.98
N TYR J 459 -80.36 5.18 -37.77
CA TYR J 459 -81.41 5.96 -38.40
C TYR J 459 -82.44 6.33 -37.34
N ARG J 460 -82.75 7.63 -37.23
CA ARG J 460 -83.61 8.11 -36.17
C ARG J 460 -84.94 8.66 -36.67
N GLU J 461 -84.92 9.66 -37.53
CA GLU J 461 -86.13 10.35 -37.94
C GLU J 461 -85.91 10.92 -39.34
N PRO J 462 -86.98 11.08 -40.12
CA PRO J 462 -86.83 11.52 -41.52
C PRO J 462 -86.20 12.90 -41.64
N ALA J 463 -85.06 12.95 -42.30
CA ALA J 463 -84.26 14.16 -42.39
C ALA J 463 -84.92 15.18 -43.32
N PRO J 464 -84.60 16.47 -43.14
CA PRO J 464 -85.06 17.48 -44.10
C PRO J 464 -84.58 17.26 -45.51
N TYR J 465 -83.36 16.74 -45.69
CA TYR J 465 -82.88 16.34 -47.00
C TYR J 465 -83.12 14.85 -47.16
N VAL J 466 -83.87 14.47 -48.19
CA VAL J 466 -84.36 13.10 -48.30
C VAL J 466 -83.26 12.10 -48.65
N HIS J 467 -82.13 12.56 -49.16
CA HIS J 467 -81.10 11.67 -49.65
C HIS J 467 -80.07 11.27 -48.60
N ALA J 468 -80.11 11.87 -47.42
CA ALA J 468 -79.13 11.59 -46.36
C ALA J 468 -79.87 11.40 -45.05
N GLN J 469 -80.22 10.14 -44.76
CA GLN J 469 -81.00 9.81 -43.57
C GLN J 469 -80.15 9.27 -42.43
N ARG J 470 -78.85 9.13 -42.62
CA ARG J 470 -78.02 8.42 -41.65
C ARG J 470 -77.56 9.34 -40.53
N TYR J 471 -77.27 8.73 -39.38
CA TYR J 471 -76.64 9.38 -38.25
C TYR J 471 -75.38 8.63 -37.91
N ILE J 472 -74.28 9.35 -37.75
CA ILE J 472 -72.97 8.76 -37.48
C ILE J 472 -72.71 8.82 -35.99
N ARG J 473 -72.30 7.69 -35.41
CA ARG J 473 -71.98 7.60 -33.99
C ARG J 473 -70.60 6.98 -33.86
N TYR J 474 -69.56 7.83 -33.85
CA TYR J 474 -68.22 7.34 -33.63
C TYR J 474 -68.09 6.76 -32.23
N CYS J 475 -67.41 5.62 -32.12
CA CYS J 475 -67.08 4.95 -30.86
C CYS J 475 -68.29 4.79 -29.94
N GLY J 476 -69.49 4.72 -30.52
CA GLY J 476 -70.68 4.43 -29.75
C GLY J 476 -71.17 5.53 -28.85
N ILE J 477 -70.53 6.69 -28.84
CA ILE J 477 -70.93 7.79 -27.96
C ILE J 477 -71.97 8.61 -28.70
N ASP J 478 -72.85 9.26 -27.94
CA ASP J 478 -73.86 10.15 -28.50
C ASP J 478 -73.61 11.57 -28.00
N SER J 479 -74.04 12.54 -28.80
CA SER J 479 -73.83 13.94 -28.44
C SER J 479 -74.61 14.30 -27.18
N ARG J 480 -75.80 13.70 -27.01
CA ARG J 480 -76.62 13.98 -25.84
C ARG J 480 -75.95 13.59 -24.53
N GLU J 481 -74.90 12.76 -24.58
CA GLU J 481 -74.16 12.44 -23.37
C GLU J 481 -73.46 13.66 -22.78
N LEU J 482 -73.25 14.71 -23.57
CA LEU J 482 -72.66 15.92 -23.00
C LEU J 482 -73.65 16.73 -22.17
N ILE J 483 -74.92 16.38 -22.20
CA ILE J 483 -75.95 17.08 -21.43
C ILE J 483 -76.55 16.18 -20.36
N ASN J 484 -76.95 14.97 -20.74
CA ASN J 484 -77.57 14.01 -19.82
C ASN J 484 -76.77 12.72 -19.85
N PRO J 485 -75.71 12.61 -19.06
CA PRO J 485 -74.89 11.40 -19.07
C PRO J 485 -75.68 10.19 -18.57
N THR J 486 -75.29 9.02 -19.07
CA THR J 486 -75.93 7.76 -18.69
C THR J 486 -75.03 6.89 -17.84
N THR J 487 -73.88 7.39 -17.42
CA THR J 487 -72.95 6.61 -16.61
C THR J 487 -72.06 7.56 -15.83
N TYR J 488 -71.40 7.02 -14.81
CA TYR J 488 -70.48 7.81 -14.01
C TYR J 488 -69.23 8.14 -14.82
N GLY J 489 -68.40 9.02 -14.27
CA GLY J 489 -67.21 9.45 -14.96
C GLY J 489 -66.19 8.33 -15.15
N ILE J 490 -66.08 7.46 -14.13
CA ILE J 490 -65.14 6.35 -14.22
C ILE J 490 -65.64 5.22 -15.09
N GLY J 491 -66.92 5.23 -15.45
CA GLY J 491 -67.52 4.20 -16.26
C GLY J 491 -67.63 4.48 -17.73
N MET J 492 -67.08 5.59 -18.20
CA MET J 492 -67.15 5.92 -19.63
C MET J 492 -66.12 5.11 -20.39
N THR J 493 -66.58 4.19 -21.23
CA THR J 493 -65.68 3.31 -21.98
C THR J 493 -66.44 2.69 -23.14
N TYR J 494 -65.67 2.09 -24.05
CA TYR J 494 -66.22 1.29 -25.13
C TYR J 494 -65.28 0.13 -25.39
N HIS J 495 -65.68 -0.74 -26.32
CA HIS J 495 -65.12 -2.10 -26.37
C HIS J 495 -63.65 -2.10 -26.76
N CYS J 496 -63.30 -1.43 -27.86
CA CYS J 496 -61.94 -1.51 -28.38
C CYS J 496 -60.93 -0.92 -27.41
N TYR J 497 -61.27 0.21 -26.79
CA TYR J 497 -60.36 0.84 -25.84
C TYR J 497 -60.12 -0.06 -24.64
N ASN J 498 -61.18 -0.71 -24.15
CA ASN J 498 -61.06 -1.62 -23.02
C ASN J 498 -60.16 -2.81 -23.36
N GLU J 499 -60.35 -3.38 -24.56
CA GLU J 499 -59.51 -4.50 -24.97
C GLU J 499 -58.05 -4.06 -25.13
N MET J 500 -57.83 -2.85 -25.64
CA MET J 500 -56.47 -2.33 -25.78
C MET J 500 -55.79 -2.20 -24.43
N LEU J 501 -56.51 -1.68 -23.43
CA LEU J 501 -55.94 -1.56 -22.10
C LEU J 501 -55.65 -2.92 -21.48
N ARG J 502 -56.55 -3.89 -21.68
CA ARG J 502 -56.30 -5.22 -21.14
C ARG J 502 -55.06 -5.84 -21.77
N MET J 503 -54.89 -5.69 -23.10
CA MET J 503 -53.71 -6.22 -23.75
C MET J 503 -52.44 -5.52 -23.28
N LEU J 504 -52.51 -4.19 -23.09
CA LEU J 504 -51.35 -3.46 -22.61
C LEU J 504 -50.94 -3.91 -21.21
N VAL J 505 -51.92 -4.15 -20.33
CA VAL J 505 -51.60 -4.65 -19.00
C VAL J 505 -51.00 -6.05 -19.07
N ALA J 506 -51.52 -6.89 -19.97
CA ALA J 506 -51.00 -8.25 -20.08
C ALA J 506 -49.55 -8.27 -20.56
N ALA J 507 -49.13 -7.24 -21.28
CA ALA J 507 -47.78 -7.21 -21.85
C ALA J 507 -46.77 -6.55 -20.91
N GLY J 508 -47.16 -6.17 -19.71
CA GLY J 508 -46.23 -5.60 -18.76
C GLY J 508 -45.98 -4.11 -18.89
N LYS J 509 -46.76 -3.41 -19.71
CA LYS J 509 -46.62 -1.96 -19.86
C LYS J 509 -47.68 -1.25 -19.02
N ASP J 510 -47.42 -1.20 -17.72
CA ASP J 510 -48.42 -0.69 -16.79
C ASP J 510 -48.54 0.82 -16.85
N SER J 511 -47.42 1.52 -16.98
CA SER J 511 -47.45 2.98 -16.96
C SER J 511 -48.21 3.54 -18.16
N GLU J 512 -47.99 2.95 -19.34
CA GLU J 512 -48.71 3.38 -20.53
C GLU J 512 -50.20 3.10 -20.40
N ALA J 513 -50.56 1.96 -19.81
CA ALA J 513 -51.97 1.65 -19.58
C ALA J 513 -52.60 2.66 -18.64
N ALA J 514 -51.87 3.06 -17.58
CA ALA J 514 -52.39 4.07 -16.68
C ALA J 514 -52.59 5.41 -17.39
N TYR J 515 -51.62 5.77 -18.24
CA TYR J 515 -51.74 7.03 -18.99
C TYR J 515 -52.99 7.03 -19.88
N PHE J 516 -53.21 5.92 -20.60
CA PHE J 516 -54.36 5.88 -21.49
C PHE J 516 -55.68 5.82 -20.71
N ARG J 517 -55.68 5.13 -19.57
CA ARG J 517 -56.88 5.09 -18.74
C ARG J 517 -57.22 6.48 -18.22
N SER J 518 -56.19 7.27 -17.88
CA SER J 518 -56.46 8.64 -17.47
C SER J 518 -56.93 9.49 -18.64
N MET J 519 -56.44 9.22 -19.85
CA MET J 519 -56.74 10.05 -21.00
C MET J 519 -58.08 9.73 -21.65
N LEU J 520 -58.70 8.59 -21.32
CA LEU J 520 -59.89 8.14 -22.04
C LEU J 520 -61.05 9.13 -22.10
N PRO J 521 -61.49 9.76 -20.99
CA PRO J 521 -62.66 10.67 -21.10
C PRO J 521 -62.46 11.82 -22.06
N PHE J 522 -61.26 12.36 -22.14
CA PHE J 522 -60.96 13.41 -23.11
C PHE J 522 -61.17 12.91 -24.53
N HIS J 523 -60.72 11.68 -24.80
CA HIS J 523 -60.89 11.07 -26.11
C HIS J 523 -62.37 10.91 -26.47
N MET J 524 -63.17 10.41 -25.52
CA MET J 524 -64.58 10.20 -25.82
C MET J 524 -65.31 11.53 -25.99
N VAL J 525 -64.94 12.55 -25.22
CA VAL J 525 -65.57 13.87 -25.40
C VAL J 525 -65.22 14.44 -26.77
N ARG J 526 -63.98 14.28 -27.20
CA ARG J 526 -63.59 14.74 -28.53
C ARG J 526 -64.43 14.07 -29.60
N PHE J 527 -64.60 12.76 -29.51
CA PHE J 527 -65.36 12.07 -30.55
C PHE J 527 -66.84 12.44 -30.50
N ALA J 528 -67.38 12.71 -29.32
CA ALA J 528 -68.76 13.16 -29.23
C ALA J 528 -68.93 14.52 -29.89
N ARG J 529 -67.97 15.43 -29.70
CA ARG J 529 -68.05 16.72 -30.37
C ARG J 529 -67.94 16.58 -31.88
N ILE J 530 -67.09 15.66 -32.35
CA ILE J 530 -66.99 15.43 -33.80
C ILE J 530 -68.31 14.90 -34.33
N ASN J 531 -68.95 13.99 -33.59
CA ASN J 531 -70.26 13.48 -34.01
C ASN J 531 -71.29 14.60 -34.09
N GLN J 532 -71.28 15.50 -33.11
CA GLN J 532 -72.22 16.62 -33.13
C GLN J 532 -71.96 17.52 -34.33
N ILE J 533 -70.70 17.73 -34.68
CA ILE J 533 -70.39 18.55 -35.86
C ILE J 533 -70.90 17.89 -37.12
N ILE J 534 -70.68 16.57 -37.26
CA ILE J 534 -71.06 15.88 -38.50
C ILE J 534 -72.58 15.84 -38.64
N ASN J 535 -73.29 15.53 -37.57
CA ASN J 535 -74.72 15.24 -37.69
C ASN J 535 -75.56 16.50 -37.94
N GLU J 536 -75.12 17.65 -37.43
CA GLU J 536 -75.93 18.86 -37.49
C GLU J 536 -75.41 19.88 -38.51
N ASP J 537 -74.15 20.30 -38.39
CA ASP J 537 -73.67 21.40 -39.20
C ASP J 537 -73.45 21.01 -40.65
N LEU J 538 -72.94 19.81 -40.90
CA LEU J 538 -72.53 19.40 -42.23
C LEU J 538 -73.68 18.87 -43.08
N HIS J 539 -74.90 18.86 -42.56
CA HIS J 539 -76.04 18.35 -43.32
C HIS J 539 -76.38 19.30 -44.46
N SER J 540 -76.27 18.83 -45.69
CA SER J 540 -76.52 19.66 -46.85
C SER J 540 -76.82 18.75 -48.03
N VAL J 541 -77.18 19.36 -49.17
CA VAL J 541 -77.43 18.56 -50.36
C VAL J 541 -76.13 18.03 -50.92
N PHE J 542 -75.02 18.68 -50.60
CA PHE J 542 -73.72 18.26 -51.11
C PHE J 542 -73.16 17.05 -50.36
N SER J 543 -73.82 16.61 -49.30
CA SER J 543 -73.40 15.41 -48.61
C SER J 543 -73.73 14.17 -49.45
N LEU J 544 -72.98 13.11 -49.22
CA LEU J 544 -73.10 11.93 -50.07
C LEU J 544 -74.41 11.21 -49.80
N PRO J 545 -75.14 10.79 -50.83
CA PRO J 545 -76.39 10.07 -50.60
C PRO J 545 -76.15 8.68 -50.01
N ASP J 546 -77.24 8.09 -49.53
CA ASP J 546 -77.12 6.91 -48.68
C ASP J 546 -76.63 5.68 -49.44
N ASP J 547 -77.13 5.48 -50.66
CA ASP J 547 -76.76 4.28 -51.41
C ASP J 547 -75.27 4.26 -51.73
N MET J 548 -74.72 5.40 -52.15
CA MET J 548 -73.29 5.48 -52.42
C MET J 548 -72.46 5.25 -51.17
N PHE J 549 -72.92 5.81 -50.04
CA PHE J 549 -72.23 5.59 -48.77
C PHE J 549 -72.21 4.12 -48.39
N ASN J 550 -73.34 3.43 -48.59
CA ASN J 550 -73.39 2.01 -48.29
C ASN J 550 -72.55 1.19 -49.25
N ALA J 551 -72.40 1.64 -50.50
CA ALA J 551 -71.66 0.87 -51.49
C ALA J 551 -70.17 1.21 -51.53
N LEU J 552 -69.71 2.21 -50.79
CA LEU J 552 -68.30 2.58 -50.83
C LEU J 552 -67.39 1.45 -50.38
N LEU J 553 -67.73 0.78 -49.28
CA LEU J 553 -66.80 -0.18 -48.68
C LEU J 553 -66.70 -1.51 -49.41
N PRO J 554 -67.82 -2.16 -49.81
CA PRO J 554 -67.67 -3.39 -50.59
C PRO J 554 -66.92 -3.21 -51.89
N ASP J 555 -67.06 -2.05 -52.55
CA ASP J 555 -66.30 -1.80 -53.76
C ASP J 555 -64.82 -1.65 -53.47
N LEU J 556 -64.46 -1.05 -52.33
CA LEU J 556 -63.06 -0.98 -51.94
C LEU J 556 -62.50 -2.35 -51.66
N ILE J 557 -63.28 -3.21 -51.00
CA ILE J 557 -62.80 -4.56 -50.70
C ILE J 557 -62.61 -5.37 -51.97
N ALA J 558 -63.63 -5.35 -52.84
CA ALA J 558 -63.57 -6.16 -54.06
C ALA J 558 -62.70 -5.53 -55.14
N GLY J 559 -62.38 -4.25 -55.02
CA GLY J 559 -61.58 -3.58 -56.00
C GLY J 559 -62.28 -3.20 -57.27
N ALA J 560 -63.61 -3.17 -57.27
CA ALA J 560 -64.37 -2.90 -58.47
C ALA J 560 -64.37 -1.40 -58.79
N HIS J 561 -65.05 -1.04 -59.88
CA HIS J 561 -65.13 0.35 -60.29
C HIS J 561 -66.03 1.14 -59.34
N GLN J 562 -65.66 2.40 -59.09
CA GLN J 562 -66.38 3.26 -58.17
C GLN J 562 -66.78 4.54 -58.87
N ASN J 563 -68.05 4.94 -58.71
CA ASN J 563 -68.50 6.21 -59.25
C ASN J 563 -67.94 7.37 -58.43
N ALA J 564 -67.96 7.24 -57.11
CA ALA J 564 -67.40 8.27 -56.22
C ALA J 564 -66.14 7.71 -55.58
N ASP J 565 -65.03 7.89 -56.27
CA ASP J 565 -63.75 7.38 -55.77
C ASP J 565 -63.28 8.24 -54.60
N PRO J 566 -62.91 7.63 -53.48
CA PRO J 566 -62.44 8.43 -52.34
C PRO J 566 -61.10 9.09 -52.64
N VAL J 567 -60.88 10.23 -51.99
CA VAL J 567 -59.64 10.98 -52.09
C VAL J 567 -58.65 10.44 -51.08
N VAL J 568 -57.42 10.22 -51.51
CA VAL J 568 -56.37 9.64 -50.67
C VAL J 568 -55.35 10.72 -50.33
N LEU J 569 -55.07 10.86 -49.04
CA LEU J 569 -54.11 11.84 -48.54
C LEU J 569 -53.03 11.13 -47.73
N ASP J 570 -51.87 11.79 -47.62
CA ASP J 570 -50.69 11.20 -47.00
C ASP J 570 -50.35 11.92 -45.71
N VAL J 571 -50.01 11.15 -44.67
CA VAL J 571 -49.66 11.68 -43.37
C VAL J 571 -48.40 10.98 -42.87
N SER J 572 -47.79 11.56 -41.84
CA SER J 572 -46.55 11.05 -41.27
C SER J 572 -46.82 10.31 -39.97
N TRP J 573 -45.76 9.73 -39.39
CA TRP J 573 -45.92 8.93 -38.18
C TRP J 573 -46.25 9.79 -36.97
N ILE J 574 -45.49 10.86 -36.76
CA ILE J 574 -45.69 11.67 -35.56
C ILE J 574 -46.96 12.49 -35.63
N SER J 575 -47.56 12.60 -36.81
CA SER J 575 -48.84 13.28 -36.93
C SER J 575 -49.93 12.57 -36.14
N LEU J 576 -49.83 11.25 -36.03
CA LEU J 576 -50.78 10.51 -35.22
C LEU J 576 -50.71 10.93 -33.76
N TRP J 577 -49.51 11.02 -33.21
CA TRP J 577 -49.35 11.44 -31.83
C TRP J 577 -49.79 12.88 -31.64
N PHE J 578 -49.48 13.75 -32.60
CA PHE J 578 -49.92 15.14 -32.46
C PHE J 578 -51.43 15.26 -32.54
N ALA J 579 -52.08 14.42 -33.33
CA ALA J 579 -53.53 14.48 -33.46
C ALA J 579 -54.25 13.86 -32.27
N PHE J 580 -53.65 12.87 -31.63
CA PHE J 580 -54.30 12.27 -30.47
C PHE J 580 -54.37 13.23 -29.29
N ASN J 581 -53.47 14.20 -29.22
CA ASN J 581 -53.42 15.15 -28.13
C ASN J 581 -54.07 16.48 -28.49
N ARG J 582 -55.08 16.47 -29.35
CA ARG J 582 -55.77 17.68 -29.75
C ARG J 582 -57.25 17.41 -29.86
N SER J 583 -58.06 18.45 -29.66
CA SER J 583 -59.49 18.37 -29.85
C SER J 583 -59.96 19.61 -30.59
N PHE J 584 -61.07 19.46 -31.31
CA PHE J 584 -61.62 20.57 -32.09
C PHE J 584 -62.83 21.14 -31.35
N GLU J 585 -62.74 22.42 -30.99
CA GLU J 585 -63.79 23.10 -30.25
C GLU J 585 -64.39 24.19 -31.13
N PRO J 586 -65.57 23.99 -31.71
CA PRO J 586 -66.18 25.05 -32.51
C PRO J 586 -66.54 26.26 -31.66
N THR J 587 -66.37 27.44 -32.26
CA THR J 587 -66.67 28.70 -31.61
C THR J 587 -67.78 29.48 -32.28
N HIS J 588 -67.74 29.64 -33.60
CA HIS J 588 -68.80 30.31 -34.33
C HIS J 588 -69.26 29.44 -35.48
N ARG J 589 -70.50 29.66 -35.89
CA ARG J 589 -71.03 29.00 -37.07
C ARG J 589 -70.48 29.66 -38.33
N ASN J 590 -70.68 29.00 -39.46
CA ASN J 590 -70.17 29.49 -40.72
C ASN J 590 -70.84 30.81 -41.10
N GLU J 591 -70.11 31.64 -41.84
CA GLU J 591 -70.60 32.97 -42.17
C GLU J 591 -71.81 32.92 -43.08
N MET J 592 -71.86 31.96 -44.01
CA MET J 592 -72.95 31.87 -44.96
C MET J 592 -73.78 30.61 -44.76
N LEU J 593 -73.94 30.19 -43.50
CA LEU J 593 -74.80 29.05 -43.20
C LEU J 593 -76.26 29.35 -43.53
N GLU J 594 -76.71 30.57 -43.24
CA GLU J 594 -78.11 30.91 -43.44
C GLU J 594 -78.46 31.25 -44.88
N VAL J 595 -77.48 31.33 -45.77
CA VAL J 595 -77.72 31.68 -47.16
C VAL J 595 -77.61 30.45 -48.07
N ALA J 596 -77.01 29.36 -47.61
CA ALA J 596 -76.69 28.22 -48.46
C ALA J 596 -77.87 27.63 -49.25
N PRO J 597 -79.07 27.47 -48.70
CA PRO J 597 -80.15 26.90 -49.53
C PRO J 597 -80.47 27.70 -50.79
N LEU J 598 -80.39 29.03 -50.73
CA LEU J 598 -80.66 29.83 -51.92
C LEU J 598 -79.61 29.59 -52.99
N ILE J 599 -78.34 29.53 -52.59
CA ILE J 599 -77.25 29.19 -53.50
C ILE J 599 -77.50 27.83 -54.13
N GLU J 600 -77.93 26.87 -53.30
CA GLU J 600 -78.18 25.52 -53.75
C GLU J 600 -79.26 25.49 -54.82
N SER J 601 -80.35 26.23 -54.57
CA SER J 601 -81.45 26.30 -55.53
C SER J 601 -81.04 26.95 -56.83
N VAL J 602 -80.24 28.03 -56.77
CA VAL J 602 -79.78 28.68 -57.99
C VAL J 602 -78.95 27.73 -58.83
N TYR J 603 -78.01 27.02 -58.19
CA TYR J 603 -77.16 26.08 -58.90
C TYR J 603 -77.99 24.97 -59.55
N ALA J 604 -78.97 24.43 -58.82
CA ALA J 604 -79.80 23.37 -59.37
C ALA J 604 -80.62 23.87 -60.57
N SER J 605 -81.17 25.08 -60.48
CA SER J 605 -81.98 25.59 -61.57
C SER J 605 -81.14 25.79 -62.83
N GLU J 606 -79.93 26.32 -62.69
CA GLU J 606 -79.06 26.49 -63.86
C GLU J 606 -78.71 25.15 -64.48
N LEU J 607 -78.39 24.16 -63.65
CA LEU J 607 -78.09 22.83 -64.18
C LEU J 607 -79.28 22.27 -64.95
N SER J 608 -80.48 22.45 -64.41
CA SER J 608 -81.67 21.91 -65.03
C SER J 608 -81.94 22.55 -66.40
N VAL J 609 -81.77 23.87 -66.50
CA VAL J 609 -82.03 24.52 -67.78
C VAL J 609 -80.98 24.11 -68.81
N MET J 610 -79.72 23.92 -68.39
CA MET J 610 -78.72 23.42 -69.32
C MET J 610 -79.08 22.03 -69.83
N LYS J 611 -79.54 21.16 -68.92
CA LYS J 611 -79.91 19.81 -69.32
C LYS J 611 -81.06 19.82 -70.31
N VAL J 612 -82.04 20.70 -70.10
CA VAL J 612 -83.16 20.79 -71.03
C VAL J 612 -82.69 21.22 -72.41
N ASP J 613 -81.81 22.23 -72.47
CA ASP J 613 -81.30 22.68 -73.76
C ASP J 613 -80.57 21.57 -74.49
N MET J 614 -79.71 20.83 -73.78
CA MET J 614 -78.99 19.74 -74.42
C MET J 614 -79.92 18.64 -74.90
N ARG J 615 -80.94 18.32 -74.10
CA ARG J 615 -81.90 17.29 -74.49
C ARG J 615 -82.62 17.68 -75.77
N HIS J 616 -83.04 18.93 -75.87
CA HIS J 616 -83.73 19.35 -77.09
C HIS J 616 -82.79 19.43 -78.28
N LEU J 617 -81.51 19.73 -78.06
CA LEU J 617 -80.58 19.78 -79.18
C LEU J 617 -80.12 18.40 -79.63
N SER J 618 -80.29 17.36 -78.80
CA SER J 618 -79.72 16.06 -79.15
C SER J 618 -80.39 15.41 -80.35
N LEU J 619 -81.63 15.77 -80.67
CA LEU J 619 -82.39 15.07 -81.70
C LEU J 619 -82.27 15.69 -83.08
N MET J 620 -81.49 16.77 -83.23
CA MET J 620 -81.41 17.46 -84.51
C MET J 620 -80.77 16.57 -85.57
N GLN J 621 -79.77 15.77 -85.20
CA GLN J 621 -79.13 14.89 -86.17
C GLN J 621 -80.11 13.83 -86.68
N ARG J 622 -80.94 13.28 -85.79
CA ARG J 622 -81.94 12.32 -86.22
C ARG J 622 -83.01 12.97 -87.08
N ARG J 623 -83.34 14.23 -86.81
CA ARG J 623 -84.38 14.89 -87.60
C ARG J 623 -83.89 15.25 -89.00
N PHE J 624 -82.67 15.77 -89.12
CA PHE J 624 -82.10 16.17 -90.41
C PHE J 624 -80.71 15.56 -90.57
N PRO J 625 -80.63 14.36 -91.12
CA PRO J 625 -79.31 13.70 -91.22
C PRO J 625 -78.34 14.40 -92.16
N ASP J 626 -78.82 15.10 -93.17
CA ASP J 626 -77.94 15.61 -94.21
C ASP J 626 -77.16 16.85 -93.80
N VAL J 627 -77.59 17.56 -92.77
CA VAL J 627 -76.91 18.79 -92.38
C VAL J 627 -75.84 18.54 -91.32
N LEU J 628 -76.00 17.50 -90.51
CA LEU J 628 -75.13 17.29 -89.35
C LEU J 628 -74.28 16.05 -89.52
N ILE J 629 -73.65 15.90 -90.69
CA ILE J 629 -72.85 14.71 -90.97
C ILE J 629 -71.70 14.57 -90.00
N GLN J 630 -70.99 15.67 -89.74
CA GLN J 630 -69.84 15.65 -88.84
C GLN J 630 -70.20 16.00 -87.40
N ALA J 631 -71.42 15.72 -86.97
CA ALA J 631 -71.85 16.13 -85.64
C ALA J 631 -71.24 15.25 -84.56
N ARG J 632 -71.14 15.80 -83.36
CA ARG J 632 -70.71 15.11 -82.16
C ARG J 632 -71.56 15.56 -80.99
N PRO J 633 -71.70 14.73 -79.96
CA PRO J 633 -72.27 15.24 -78.71
C PRO J 633 -71.46 16.35 -78.08
N SER J 634 -70.14 16.29 -78.20
CA SER J 634 -69.30 17.34 -77.64
C SER J 634 -69.55 18.68 -78.31
N HIS J 635 -69.98 18.67 -79.57
CA HIS J 635 -70.24 19.92 -80.26
C HIS J 635 -71.38 20.70 -79.60
N PHE J 636 -72.53 20.06 -79.39
CA PHE J 636 -73.59 20.79 -78.71
C PHE J 636 -73.31 20.95 -77.23
N TRP J 637 -72.46 20.10 -76.64
CA TRP J 637 -72.02 20.35 -75.27
C TRP J 637 -71.32 21.69 -75.16
N LYS J 638 -70.33 21.92 -76.02
CA LYS J 638 -69.62 23.20 -76.02
C LYS J 638 -70.54 24.34 -76.41
N ALA J 639 -71.47 24.09 -77.33
CA ALA J 639 -72.40 25.13 -77.74
C ALA J 639 -73.28 25.59 -76.58
N VAL J 640 -73.75 24.65 -75.76
CA VAL J 640 -74.58 25.03 -74.62
C VAL J 640 -73.74 25.71 -73.55
N LEU J 641 -72.55 25.19 -73.28
CA LEU J 641 -71.72 25.82 -72.24
C LEU J 641 -71.24 27.21 -72.63
N ASN J 642 -71.13 27.51 -73.92
CA ASN J 642 -70.69 28.86 -74.30
C ASN J 642 -71.73 29.93 -74.06
N ASP J 643 -72.97 29.55 -73.73
CA ASP J 643 -74.05 30.50 -73.50
C ASP J 643 -74.69 30.24 -72.14
N SER J 644 -73.85 30.09 -71.12
CA SER J 644 -74.26 29.79 -69.76
C SER J 644 -73.49 30.68 -68.80
N PRO J 645 -74.06 30.99 -67.64
CA PRO J 645 -73.36 31.84 -66.67
C PRO J 645 -72.04 31.22 -66.22
N GLU J 646 -71.03 32.08 -66.04
CA GLU J 646 -69.69 31.60 -65.77
C GLU J 646 -69.53 31.06 -64.36
N ALA J 647 -70.33 31.56 -63.42
CA ALA J 647 -70.21 31.10 -62.04
C ALA J 647 -70.57 29.62 -61.91
N VAL J 648 -71.62 29.19 -62.61
CA VAL J 648 -72.02 27.79 -62.55
C VAL J 648 -70.95 26.89 -63.14
N LYS J 649 -70.37 27.31 -64.26
CA LYS J 649 -69.28 26.54 -64.85
C LYS J 649 -68.07 26.49 -63.92
N ALA J 650 -67.79 27.59 -63.21
CA ALA J 650 -66.69 27.59 -62.26
C ALA J 650 -66.95 26.63 -61.11
N VAL J 651 -68.20 26.55 -60.65
CA VAL J 651 -68.55 25.56 -59.62
C VAL J 651 -68.33 24.16 -60.16
N MET J 652 -68.77 23.91 -61.39
CA MET J 652 -68.78 22.58 -61.97
C MET J 652 -67.42 22.18 -62.53
N ASN J 653 -66.43 23.06 -62.53
CA ASN J 653 -65.08 22.75 -62.97
C ASN J 653 -64.05 22.88 -61.84
N LEU J 654 -64.45 22.56 -60.61
CA LEU J 654 -63.55 22.78 -59.49
C LEU J 654 -62.37 21.81 -59.51
N SER J 655 -62.51 20.67 -60.18
CA SER J 655 -61.44 19.68 -60.23
C SER J 655 -60.99 19.39 -61.65
N HIS J 656 -61.22 20.33 -62.58
CA HIS J 656 -60.86 20.18 -63.98
C HIS J 656 -61.44 18.90 -64.58
N SER J 657 -62.70 18.64 -64.27
CA SER J 657 -63.35 17.44 -64.76
C SER J 657 -63.73 17.53 -66.23
N HIS J 658 -63.88 18.73 -66.79
CA HIS J 658 -64.28 18.83 -68.20
C HIS J 658 -63.17 18.44 -69.16
N ASN J 659 -61.93 18.29 -68.69
CA ASN J 659 -60.88 17.82 -69.56
C ASN J 659 -60.87 16.30 -69.69
N PHE J 660 -61.74 15.60 -68.96
CA PHE J 660 -61.70 14.14 -68.92
C PHE J 660 -63.02 13.46 -69.26
N ILE J 661 -64.13 14.19 -69.37
CA ILE J 661 -65.39 13.55 -69.71
C ILE J 661 -65.38 13.10 -71.16
N ASN J 662 -66.11 12.03 -71.45
CA ASN J 662 -66.19 11.49 -72.80
C ASN J 662 -67.63 11.54 -73.30
N ILE J 663 -67.86 10.94 -74.46
CA ILE J 663 -69.16 11.00 -75.11
C ILE J 663 -70.21 10.25 -74.29
N ARG J 664 -69.84 9.10 -73.74
CA ARG J 664 -70.80 8.26 -73.03
C ARG J 664 -71.35 8.95 -71.79
N ASP J 665 -70.48 9.68 -71.07
CA ASP J 665 -70.95 10.41 -69.89
C ASP J 665 -71.95 11.48 -70.27
N MET J 666 -71.69 12.23 -71.33
CA MET J 666 -72.63 13.26 -71.78
C MET J 666 -73.96 12.64 -72.17
N MET J 667 -73.91 11.53 -72.91
CA MET J 667 -75.14 10.89 -73.36
C MET J 667 -75.92 10.31 -72.20
N ARG J 668 -75.25 9.82 -71.16
CA ARG J 668 -75.97 9.29 -70.02
C ARG J 668 -76.54 10.39 -69.15
N TRP J 669 -75.84 11.53 -69.08
CA TRP J 669 -76.37 12.63 -68.29
C TRP J 669 -77.56 13.29 -68.96
N VAL J 670 -77.56 13.40 -70.29
CA VAL J 670 -78.64 14.10 -70.96
C VAL J 670 -79.94 13.31 -70.94
N MET J 671 -79.88 12.00 -70.67
CA MET J 671 -81.07 11.16 -70.68
C MET J 671 -81.63 10.89 -69.29
N LEU J 672 -81.02 11.41 -68.23
CA LEU J 672 -81.55 11.22 -66.90
C LEU J 672 -82.75 12.14 -66.68
N PRO J 673 -83.81 11.67 -66.03
CA PRO J 673 -85.09 12.41 -66.02
C PRO J 673 -85.28 13.42 -64.90
N SER J 674 -84.32 13.59 -63.99
CA SER J 674 -84.51 14.53 -62.89
C SER J 674 -84.51 15.96 -63.39
N LEU J 675 -85.38 16.79 -62.82
CA LEU J 675 -85.50 18.19 -63.20
C LEU J 675 -85.85 19.01 -61.96
N GLN J 676 -85.54 20.30 -62.02
CA GLN J 676 -85.84 21.22 -60.92
C GLN J 676 -86.68 22.39 -61.44
N PRO J 677 -87.94 22.52 -61.03
CA PRO J 677 -88.79 23.57 -61.59
C PRO J 677 -88.37 24.96 -61.15
N SER J 678 -88.64 25.92 -62.02
CA SER J 678 -88.34 27.33 -61.78
C SER J 678 -89.06 28.15 -62.83
N LEU J 679 -89.06 29.47 -62.64
CA LEU J 679 -89.66 30.36 -63.63
C LEU J 679 -88.86 30.35 -64.92
N LYS J 680 -87.53 30.36 -64.82
CA LYS J 680 -86.69 30.37 -66.01
C LYS J 680 -86.91 29.13 -66.85
N LEU J 681 -87.02 27.97 -66.20
CA LEU J 681 -87.31 26.73 -66.93
C LEU J 681 -88.71 26.76 -67.52
N ALA J 682 -89.67 27.34 -66.80
CA ALA J 682 -91.04 27.40 -67.31
C ALA J 682 -91.10 28.23 -68.59
N LEU J 683 -90.30 29.30 -68.67
CA LEU J 683 -90.26 30.07 -69.90
C LEU J 683 -89.44 29.38 -70.99
N GLU J 684 -88.35 28.71 -70.61
CA GLU J 684 -87.50 28.04 -71.61
C GLU J 684 -88.24 26.91 -72.29
N GLU J 685 -89.03 26.13 -71.54
CA GLU J 685 -89.82 25.06 -72.14
C GLU J 685 -90.76 25.60 -73.20
N GLU J 686 -91.44 26.70 -72.88
CA GLU J 686 -92.39 27.26 -73.83
C GLU J 686 -91.69 27.84 -75.04
N ALA J 687 -90.52 28.45 -74.85
CA ALA J 687 -89.77 28.95 -75.99
C ALA J 687 -89.36 27.81 -76.91
N TRP J 688 -88.87 26.71 -76.34
CA TRP J 688 -88.47 25.56 -77.16
C TRP J 688 -89.67 24.95 -77.88
N ALA J 689 -90.82 24.89 -77.18
CA ALA J 689 -92.02 24.35 -77.80
C ALA J 689 -92.46 25.20 -78.97
N ALA J 690 -92.40 26.52 -78.82
CA ALA J 690 -92.73 27.40 -79.93
C ALA J 690 -91.74 27.23 -81.08
N ALA J 691 -90.46 27.06 -80.76
CA ALA J 691 -89.43 26.97 -81.79
C ALA J 691 -89.34 25.58 -82.41
N ASN J 692 -90.10 24.61 -81.91
CA ASN J 692 -90.08 23.27 -82.51
C ASN J 692 -90.52 23.28 -83.96
N ASP J 693 -91.38 24.20 -84.35
CA ASP J 693 -91.70 24.42 -85.75
C ASP J 693 -90.57 25.24 -86.38
N PHE J 694 -89.90 24.65 -87.37
CA PHE J 694 -88.70 25.29 -87.92
C PHE J 694 -89.03 26.51 -88.77
N GLU J 695 -90.23 26.57 -89.34
CA GLU J 695 -90.61 27.74 -90.12
C GLU J 695 -90.67 29.00 -89.26
N ASP J 696 -90.81 28.85 -87.94
CA ASP J 696 -90.78 30.00 -87.05
C ASP J 696 -89.37 30.49 -86.80
N LEU J 697 -88.35 29.69 -87.11
CA LEU J 697 -86.96 30.11 -86.97
C LEU J 697 -86.39 30.63 -88.28
N MET J 698 -87.23 30.80 -89.30
CA MET J 698 -86.81 31.25 -90.63
C MET J 698 -85.75 30.31 -91.22
N LEU J 699 -85.96 29.01 -91.03
CA LEU J 699 -85.15 27.97 -91.66
C LEU J 699 -86.08 27.02 -92.38
N THR J 700 -85.76 26.69 -93.62
CA THR J 700 -86.66 25.90 -94.44
C THR J 700 -85.87 25.07 -95.43
N ASP J 701 -86.56 24.09 -96.03
CA ASP J 701 -86.00 23.28 -97.08
C ASP J 701 -86.88 23.19 -98.31
N GLN J 702 -87.95 23.99 -98.38
CA GLN J 702 -88.87 23.99 -99.51
C GLN J 702 -88.41 24.99 -100.58
N VAL J 703 -87.25 24.70 -101.17
CA VAL J 703 -86.67 25.57 -102.19
C VAL J 703 -86.77 24.87 -103.53
N TYR J 704 -87.17 25.60 -104.56
CA TYR J 704 -87.44 25.05 -105.87
C TYR J 704 -86.72 25.88 -106.93
N MET J 705 -86.52 25.28 -108.09
CA MET J 705 -86.02 25.97 -109.27
C MET J 705 -87.02 25.79 -110.40
N HIS J 706 -87.25 26.87 -111.15
CA HIS J 706 -88.20 26.85 -112.25
C HIS J 706 -87.97 28.07 -113.12
N ARG J 707 -87.88 27.88 -114.43
CA ARG J 707 -87.62 28.98 -115.34
C ARG J 707 -88.88 29.81 -115.54
N ASP J 708 -88.84 31.07 -115.10
CA ASP J 708 -89.99 31.96 -115.20
C ASP J 708 -89.56 33.30 -115.77
N MET J 709 -90.46 33.95 -116.49
CA MET J 709 -90.22 35.23 -117.12
C MET J 709 -90.63 36.37 -116.20
N LEU J 710 -89.82 37.42 -116.19
CA LEU J 710 -90.19 38.61 -115.44
C LEU J 710 -91.33 39.34 -116.14
N PRO J 711 -92.41 39.68 -115.44
CA PRO J 711 -93.59 40.21 -116.11
C PRO J 711 -93.34 41.58 -116.72
N GLU J 712 -94.03 41.84 -117.83
CA GLU J 712 -93.90 43.09 -118.58
C GLU J 712 -95.29 43.57 -118.97
N PRO J 713 -95.98 44.24 -118.06
CA PRO J 713 -97.37 44.66 -118.36
C PRO J 713 -97.40 45.79 -119.36
N ARG J 714 -98.55 45.94 -120.01
CA ARG J 714 -98.79 47.00 -120.98
C ARG J 714 -99.48 48.17 -120.30
N LEU J 715 -98.93 49.37 -120.47
CA LEU J 715 -99.42 50.55 -119.77
C LEU J 715 -100.34 51.35 -120.68
N ASP J 716 -101.54 50.82 -120.88
CA ASP J 716 -102.52 51.55 -121.69
C ASP J 716 -103.10 52.73 -120.93
N ASP J 717 -103.42 52.54 -119.65
CA ASP J 717 -103.97 53.59 -118.80
C ASP J 717 -103.15 53.67 -117.52
N ILE J 718 -102.54 54.82 -117.28
CA ILE J 718 -101.64 54.96 -116.13
C ILE J 718 -102.42 54.95 -114.82
N GLU J 719 -103.56 55.65 -114.78
CA GLU J 719 -104.33 55.74 -113.54
C GLU J 719 -104.86 54.38 -113.11
N ARG J 720 -105.42 53.62 -114.04
CA ARG J 720 -105.97 52.31 -113.69
C ARG J 720 -104.88 51.35 -113.24
N PHE J 721 -103.75 51.35 -113.94
CA PHE J 721 -102.64 50.49 -113.54
C PHE J 721 -102.10 50.87 -112.18
N ARG J 722 -102.03 52.17 -111.90
CA ARG J 722 -101.62 52.60 -110.57
C ARG J 722 -102.61 52.13 -109.51
N GLN J 723 -103.91 52.23 -109.81
CA GLN J 723 -104.92 51.85 -108.83
C GLN J 723 -104.91 50.36 -108.54
N GLU J 724 -104.62 49.54 -109.55
CA GLU J 724 -104.65 48.09 -109.35
C GLU J 724 -103.62 47.65 -108.32
N GLY J 725 -102.44 48.22 -108.36
CA GLY J 725 -101.38 47.81 -107.46
C GLY J 725 -100.71 46.56 -108.00
N PHE J 726 -99.40 46.62 -108.21
CA PHE J 726 -98.70 45.55 -108.89
C PHE J 726 -97.40 45.26 -108.20
N TYR J 727 -97.11 43.97 -108.01
CA TYR J 727 -95.88 43.56 -107.39
C TYR J 727 -95.55 42.15 -107.85
N TYR J 728 -94.27 41.80 -107.76
CA TYR J 728 -93.81 40.49 -108.16
C TYR J 728 -92.98 39.89 -107.04
N THR J 729 -93.07 38.57 -106.88
CA THR J 729 -92.29 37.90 -105.86
C THR J 729 -92.04 36.46 -106.27
N ASN J 730 -90.97 35.89 -105.74
CA ASN J 730 -90.69 34.47 -105.92
C ASN J 730 -91.26 33.62 -104.79
N MET J 731 -92.00 34.23 -103.87
CA MET J 731 -92.68 33.48 -102.82
C MET J 731 -93.86 32.74 -103.41
N LEU J 732 -93.87 31.42 -103.25
CA LEU J 732 -94.97 30.60 -103.75
C LEU J 732 -96.13 30.62 -102.78
N GLU J 733 -97.33 30.84 -103.31
CA GLU J 733 -98.52 30.77 -102.48
C GLU J 733 -99.05 29.35 -102.32
N ALA J 734 -98.57 28.41 -103.12
CA ALA J 734 -98.96 27.01 -103.01
C ALA J 734 -97.90 26.16 -103.68
N PRO J 735 -97.45 25.07 -103.05
CA PRO J 735 -96.41 24.26 -103.66
C PRO J 735 -96.92 23.59 -104.92
N PRO J 736 -96.03 23.23 -105.84
CA PRO J 736 -96.46 22.64 -107.11
C PRO J 736 -97.00 21.23 -106.92
N GLU J 737 -97.53 20.69 -108.00
CA GLU J 737 -98.07 19.34 -107.98
C GLU J 737 -96.95 18.31 -107.89
N ILE J 738 -97.30 17.13 -107.41
CA ILE J 738 -96.30 16.08 -107.21
C ILE J 738 -95.80 15.53 -108.53
N ASP J 739 -96.69 15.35 -109.51
CA ASP J 739 -96.30 14.75 -110.77
C ASP J 739 -95.33 15.63 -111.57
N ARG J 740 -95.27 16.92 -111.29
CA ARG J 740 -94.48 17.86 -112.07
C ARG J 740 -93.16 18.21 -111.42
N VAL J 741 -92.78 17.54 -110.33
CA VAL J 741 -91.57 17.89 -109.60
C VAL J 741 -90.69 16.67 -109.47
N VAL J 742 -89.39 16.86 -109.67
CA VAL J 742 -88.39 15.81 -109.43
C VAL J 742 -87.69 16.13 -108.12
N GLN J 743 -87.27 15.09 -107.42
CA GLN J 743 -86.71 15.20 -106.09
C GLN J 743 -85.22 14.92 -106.14
N TYR J 744 -84.42 15.80 -105.53
CA TYR J 744 -83.00 15.58 -105.39
C TYR J 744 -82.63 15.36 -103.93
N THR J 745 -81.40 14.93 -103.71
CA THR J 745 -80.88 14.63 -102.39
C THR J 745 -79.42 15.05 -102.40
N TYR J 746 -78.85 15.28 -101.21
CA TYR J 746 -77.47 15.73 -101.12
C TYR J 746 -76.51 14.73 -101.75
N GLU J 747 -76.71 13.44 -101.47
CA GLU J 747 -75.81 12.43 -102.02
C GLU J 747 -75.92 12.32 -103.53
N ILE J 748 -77.15 12.33 -104.06
CA ILE J 748 -77.34 12.24 -105.51
C ILE J 748 -76.71 13.44 -106.20
N ALA J 749 -76.94 14.64 -105.66
CA ALA J 749 -76.37 15.84 -106.25
C ALA J 749 -74.85 15.81 -106.21
N ARG J 750 -74.27 15.39 -105.09
CA ARG J 750 -72.82 15.33 -104.99
C ARG J 750 -72.24 14.33 -105.97
N LEU J 751 -72.87 13.16 -106.10
CA LEU J 751 -72.37 12.14 -107.02
C LEU J 751 -72.47 12.61 -108.46
N GLN J 752 -73.57 13.25 -108.83
CA GLN J 752 -73.71 13.74 -110.19
C GLN J 752 -72.76 14.90 -110.47
N ALA J 753 -72.43 15.69 -109.46
CA ALA J 753 -71.50 16.79 -109.65
C ALA J 753 -70.07 16.29 -109.81
N ASN J 754 -69.72 15.23 -109.09
CA ASN J 754 -68.37 14.67 -109.23
C ASN J 754 -68.15 14.10 -110.63
N MET J 755 -69.16 13.41 -111.18
CA MET J 755 -69.04 12.82 -112.51
C MET J 755 -69.16 13.85 -113.63
N GLY J 756 -69.60 15.07 -113.32
CA GLY J 756 -69.72 16.09 -114.34
C GLY J 756 -70.97 16.05 -115.18
N GLN J 757 -72.07 15.50 -114.65
CA GLN J 757 -73.32 15.44 -115.38
C GLN J 757 -74.44 16.23 -114.70
N PHE J 758 -74.11 17.05 -113.71
CA PHE J 758 -75.13 17.76 -112.95
C PHE J 758 -75.77 18.87 -113.78
N ARG J 759 -74.96 19.71 -114.40
CA ARG J 759 -75.48 20.87 -115.12
C ARG J 759 -76.30 20.45 -116.33
N ALA J 760 -75.85 19.42 -117.04
CA ALA J 760 -76.60 18.94 -118.20
C ALA J 760 -77.97 18.42 -117.78
N ALA J 761 -78.04 17.69 -116.67
CA ALA J 761 -79.31 17.20 -116.18
C ALA J 761 -80.22 18.34 -115.77
N LEU J 762 -79.67 19.34 -115.09
CA LEU J 762 -80.49 20.49 -114.68
C LEU J 762 -81.05 21.23 -115.88
N ARG J 763 -80.22 21.45 -116.91
CA ARG J 763 -80.71 22.15 -118.09
C ARG J 763 -81.74 21.31 -118.84
N ARG J 764 -81.54 19.99 -118.89
CA ARG J 764 -82.51 19.11 -119.54
C ARG J 764 -83.86 19.17 -118.82
N ILE J 765 -83.84 19.20 -117.48
CA ILE J 765 -85.09 19.34 -116.74
C ILE J 765 -85.72 20.71 -117.00
N MET J 766 -84.89 21.77 -117.01
CA MET J 766 -85.42 23.12 -117.12
C MET J 766 -86.06 23.36 -118.47
N ASP J 767 -85.47 22.82 -119.54
CA ASP J 767 -86.03 23.01 -120.87
C ASP J 767 -87.34 22.26 -121.06
N ASP J 768 -87.68 21.35 -120.16
CA ASP J 768 -88.93 20.61 -120.24
C ASP J 768 -90.05 21.27 -119.45
N ASP J 769 -89.79 22.44 -118.87
CA ASP J 769 -90.78 23.20 -118.10
C ASP J 769 -91.27 22.39 -116.89
N ASP J 770 -90.33 21.90 -116.10
CA ASP J 770 -90.64 21.15 -114.90
C ASP J 770 -89.98 21.82 -113.69
N TRP J 771 -90.35 21.32 -112.51
CA TRP J 771 -89.83 21.84 -111.25
C TRP J 771 -88.86 20.85 -110.65
N VAL J 772 -87.90 21.36 -109.88
CA VAL J 772 -86.94 20.54 -109.15
C VAL J 772 -86.80 21.10 -107.75
N ARG J 773 -86.71 20.21 -106.76
CA ARG J 773 -86.67 20.59 -105.36
C ARG J 773 -85.38 20.10 -104.73
N PHE J 774 -84.66 21.00 -104.08
CA PHE J 774 -83.41 20.67 -103.39
C PHE J 774 -83.66 20.44 -101.91
N GLY J 775 -84.43 19.39 -101.61
CA GLY J 775 -84.80 19.11 -100.24
C GLY J 775 -83.73 18.42 -99.44
N GLY J 776 -83.98 18.30 -98.14
CA GLY J 776 -83.14 17.55 -97.24
C GLY J 776 -82.19 18.38 -96.40
N VAL J 777 -81.93 19.63 -96.78
CA VAL J 777 -80.95 20.47 -96.11
C VAL J 777 -81.60 21.80 -95.77
N LEU J 778 -81.44 22.23 -94.52
CA LEU J 778 -81.99 23.52 -94.09
C LEU J 778 -81.20 24.68 -94.70
N ARG J 779 -81.88 25.81 -94.84
CA ARG J 779 -81.30 26.99 -95.47
C ARG J 779 -81.70 28.24 -94.70
N THR J 780 -80.82 29.25 -94.75
CA THR J 780 -81.12 30.55 -94.16
C THR J 780 -81.79 31.43 -95.21
N VAL J 781 -82.87 32.10 -94.82
CA VAL J 781 -83.70 32.86 -95.74
C VAL J 781 -83.70 34.32 -95.32
N ARG J 782 -83.45 35.21 -96.27
CA ARG J 782 -83.53 36.64 -96.05
C ARG J 782 -84.72 37.21 -96.81
N VAL J 783 -85.17 38.40 -96.43
CA VAL J 783 -86.29 39.08 -97.06
C VAL J 783 -85.85 40.48 -97.48
N LYS J 784 -86.15 40.85 -98.72
CA LYS J 784 -85.76 42.16 -99.25
C LYS J 784 -86.90 42.76 -100.05
N PHE J 785 -86.91 44.10 -100.10
CA PHE J 785 -87.90 44.86 -100.85
C PHE J 785 -87.18 45.76 -101.83
N TYR J 786 -87.63 45.75 -103.09
CA TYR J 786 -86.97 46.49 -104.15
C TYR J 786 -87.96 47.39 -104.85
N ASP J 787 -87.52 48.63 -105.13
CA ASP J 787 -88.31 49.60 -105.84
C ASP J 787 -88.01 49.64 -107.33
N ALA J 788 -86.73 49.55 -107.70
CA ALA J 788 -86.35 49.45 -109.10
C ALA J 788 -85.80 48.06 -109.37
N ARG J 789 -85.29 47.83 -110.57
CA ARG J 789 -84.81 46.51 -110.94
C ARG J 789 -83.62 46.13 -110.07
N PRO J 790 -83.63 44.95 -109.45
CA PRO J 790 -82.59 44.59 -108.49
C PRO J 790 -81.30 44.18 -109.19
N PRO J 791 -80.22 43.98 -108.45
CA PRO J 791 -78.98 43.49 -109.07
C PRO J 791 -79.17 42.09 -109.66
N ASP J 792 -78.35 41.80 -110.68
CA ASP J 792 -78.48 40.54 -111.40
C ASP J 792 -78.12 39.33 -110.56
N ASP J 793 -77.23 39.50 -109.57
CA ASP J 793 -76.85 38.35 -108.74
C ASP J 793 -77.95 37.94 -107.77
N VAL J 794 -79.01 38.73 -107.64
CA VAL J 794 -80.16 38.36 -106.85
C VAL J 794 -81.27 37.76 -107.72
N LEU J 795 -81.53 38.36 -108.88
CA LEU J 795 -82.55 37.83 -109.78
C LEU J 795 -82.19 36.44 -110.26
N GLN J 796 -80.91 36.22 -110.58
CA GLN J 796 -80.44 34.96 -111.12
C GLN J 796 -79.58 34.20 -110.12
N GLY J 797 -79.97 34.23 -108.84
CA GLY J 797 -79.27 33.47 -107.83
C GLY J 797 -79.60 31.99 -107.92
N LEU J 798 -78.66 31.17 -107.51
CA LEU J 798 -78.87 29.74 -107.55
C LEU J 798 -78.84 29.15 -106.15
N PRO J 799 -79.56 28.04 -105.93
CA PRO J 799 -79.54 27.41 -104.60
C PRO J 799 -78.21 26.77 -104.25
N PHE J 800 -77.30 26.60 -105.19
CA PHE J 800 -76.03 25.94 -104.95
C PHE J 800 -74.91 26.78 -105.56
N SER J 801 -73.69 26.56 -105.06
CA SER J 801 -72.54 27.29 -105.56
C SER J 801 -71.36 26.35 -105.67
N TYR J 802 -70.44 26.69 -106.57
CA TYR J 802 -69.20 25.94 -106.75
C TYR J 802 -68.09 26.53 -105.88
N ASP J 803 -67.09 25.71 -105.61
CA ASP J 803 -65.96 26.14 -104.78
C ASP J 803 -64.98 26.98 -105.58
N THR J 814 -67.84 18.68 -105.35
CA THR J 814 -67.18 19.97 -105.36
C THR J 814 -68.21 21.09 -105.44
N ILE J 815 -69.36 20.89 -104.81
CA ILE J 815 -70.41 21.89 -104.75
C ILE J 815 -70.82 22.09 -103.30
N LYS J 816 -71.35 23.28 -103.02
CA LYS J 816 -71.89 23.62 -101.71
C LYS J 816 -73.40 23.57 -101.80
N TYR J 817 -74.01 22.55 -101.19
CA TYR J 817 -75.44 22.36 -101.31
C TYR J 817 -76.22 23.46 -100.60
N ALA J 818 -75.76 23.85 -99.41
CA ALA J 818 -76.46 24.86 -98.62
C ALA J 818 -75.92 26.24 -98.94
N THR J 819 -76.82 27.16 -99.27
CA THR J 819 -76.45 28.54 -99.57
C THR J 819 -77.61 29.42 -99.18
N GLU J 820 -77.32 30.53 -98.50
CA GLU J 820 -78.38 31.44 -98.08
C GLU J 820 -79.07 32.02 -99.30
N THR J 821 -80.39 32.13 -99.21
CA THR J 821 -81.21 32.59 -100.32
C THR J 821 -82.11 33.73 -99.86
N THR J 822 -82.56 34.53 -100.81
CA THR J 822 -83.32 35.74 -100.54
C THR J 822 -84.66 35.67 -101.23
N ILE J 823 -85.71 36.08 -100.51
CA ILE J 823 -87.02 36.32 -101.09
C ILE J 823 -87.16 37.82 -101.29
N PHE J 824 -87.40 38.23 -102.53
CA PHE J 824 -87.48 39.63 -102.87
C PHE J 824 -88.89 39.99 -103.31
N TYR J 825 -89.34 41.18 -102.93
CA TYR J 825 -90.60 41.73 -103.38
C TYR J 825 -90.31 42.95 -104.24
N LEU J 826 -90.62 42.86 -105.53
CA LEU J 826 -90.38 43.93 -106.48
C LEU J 826 -91.66 44.74 -106.68
N ILE J 827 -91.56 46.06 -106.51
CA ILE J 827 -92.68 46.97 -106.67
C ILE J 827 -92.50 47.75 -107.95
N TYR J 828 -93.54 47.81 -108.77
CA TYR J 828 -93.50 48.51 -110.05
C TYR J 828 -94.01 49.93 -109.89
N ASN J 829 -93.19 50.90 -110.31
CA ASN J 829 -93.56 52.30 -110.28
C ASN J 829 -93.51 52.87 -111.69
N VAL J 830 -94.57 53.59 -112.07
CA VAL J 830 -94.64 54.19 -113.39
C VAL J 830 -94.98 55.67 -113.25
N GLU J 831 -94.59 56.44 -114.26
CA GLU J 831 -94.86 57.87 -114.32
C GLU J 831 -95.71 58.16 -115.54
N PHE J 832 -96.11 59.42 -115.69
CA PHE J 832 -96.97 59.79 -116.79
C PHE J 832 -96.25 59.89 -118.12
N SER J 833 -94.93 59.80 -118.13
CA SER J 833 -94.18 59.92 -119.37
C SER J 833 -93.94 58.59 -120.07
N ASN J 834 -94.39 57.49 -119.50
CA ASN J 834 -94.08 56.18 -120.08
C ASN J 834 -94.93 55.92 -121.31
N THR J 835 -94.27 55.52 -122.39
CA THR J 835 -94.96 55.05 -123.58
C THR J 835 -95.72 53.76 -123.25
N PRO J 836 -96.89 53.54 -123.86
CA PRO J 836 -97.70 52.36 -123.50
C PRO J 836 -96.98 51.02 -123.61
N ASP J 837 -95.88 50.93 -124.36
CA ASP J 837 -95.09 49.71 -124.42
C ASP J 837 -93.62 50.00 -124.16
N SER J 838 -93.35 50.83 -123.15
CA SER J 838 -92.01 51.34 -122.92
C SER J 838 -91.12 50.40 -122.13
N LEU J 839 -91.69 49.37 -121.50
CA LEU J 839 -90.89 48.49 -120.66
C LEU J 839 -90.82 47.06 -121.17
N VAL J 840 -91.20 46.83 -122.43
CA VAL J 840 -91.06 45.52 -123.06
C VAL J 840 -89.72 45.48 -123.78
N LEU J 841 -88.99 44.39 -123.60
CA LEU J 841 -87.66 44.22 -124.18
C LEU J 841 -87.70 43.18 -125.28
N ILE J 842 -86.61 43.13 -126.06
CA ILE J 842 -86.57 42.19 -127.18
C ILE J 842 -86.30 40.77 -126.68
N ASN J 843 -85.67 40.62 -125.51
CA ASN J 843 -85.36 39.32 -124.97
C ASN J 843 -85.80 39.23 -123.51
N PRO J 844 -86.25 38.07 -123.07
CA PRO J 844 -86.74 37.95 -121.69
C PRO J 844 -85.60 37.94 -120.68
N THR J 845 -85.94 38.28 -119.45
CA THR J 845 -85.06 38.10 -118.31
C THR J 845 -85.62 37.00 -117.44
N TYR J 846 -84.75 36.11 -116.98
CA TYR J 846 -85.15 34.87 -116.34
C TYR J 846 -84.82 34.88 -114.86
N THR J 847 -85.70 34.29 -114.07
CA THR J 847 -85.50 34.09 -112.63
C THR J 847 -85.78 32.63 -112.30
N MET J 848 -84.95 32.05 -111.43
CA MET J 848 -84.99 30.62 -111.17
C MET J 848 -85.53 30.27 -109.79
N THR J 849 -84.94 30.80 -108.72
CA THR J 849 -85.18 30.29 -107.38
C THR J 849 -86.54 30.73 -106.85
N LYS J 850 -87.31 29.77 -106.32
CA LYS J 850 -88.57 30.04 -105.64
C LYS J 850 -88.53 29.37 -104.27
N VAL J 851 -89.25 29.96 -103.31
CA VAL J 851 -89.30 29.47 -101.94
C VAL J 851 -90.75 29.47 -101.48
N PHE J 852 -91.16 28.39 -100.82
CA PHE J 852 -92.51 28.27 -100.27
C PHE J 852 -92.42 28.18 -98.75
N ILE J 853 -93.14 29.07 -98.07
CA ILE J 853 -93.24 29.07 -96.61
C ILE J 853 -94.70 29.21 -96.23
N ASN J 854 -95.17 28.33 -95.34
CA ASN J 854 -96.57 28.34 -94.95
C ASN J 854 -96.85 29.36 -93.86
N LYS J 855 -96.46 30.61 -94.09
CA LYS J 855 -96.67 31.70 -93.16
C LYS J 855 -97.05 32.94 -93.94
N ARG J 856 -97.80 33.84 -93.31
CA ARG J 856 -98.24 35.06 -93.98
C ARG J 856 -97.32 36.21 -93.60
N ILE J 857 -96.12 36.17 -94.18
CA ILE J 857 -95.12 37.20 -93.88
C ILE J 857 -95.52 38.54 -94.48
N VAL J 858 -95.87 38.54 -95.77
CA VAL J 858 -96.23 39.76 -96.49
C VAL J 858 -97.56 39.52 -97.18
N GLU J 859 -98.51 40.42 -96.98
CA GLU J 859 -99.83 40.25 -97.58
C GLU J 859 -100.31 41.54 -98.20
N ARG J 860 -100.76 41.46 -99.44
CA ARG J 860 -101.37 42.60 -100.12
C ARG J 860 -102.81 42.72 -99.67
N VAL J 861 -103.14 43.81 -98.98
CA VAL J 861 -104.43 43.94 -98.31
C VAL J 861 -105.08 45.25 -98.71
N ARG J 862 -106.40 45.21 -98.84
CA ARG J 862 -107.19 46.41 -99.07
C ARG J 862 -107.17 47.29 -97.82
N VAL J 863 -107.52 48.56 -98.01
CA VAL J 863 -107.45 49.52 -96.91
C VAL J 863 -108.48 49.17 -95.84
N GLY J 864 -109.67 48.73 -96.24
CA GLY J 864 -110.75 48.46 -95.29
C GLY J 864 -110.44 47.36 -94.31
N GLN J 865 -109.39 46.58 -94.54
CA GLN J 865 -109.01 45.50 -93.64
C GLN J 865 -107.74 45.80 -92.86
N ILE J 866 -107.25 47.04 -92.88
CA ILE J 866 -106.01 47.35 -92.16
C ILE J 866 -106.15 47.04 -90.68
N LEU J 867 -107.31 47.33 -90.10
CA LEU J 867 -107.55 47.06 -88.69
C LEU J 867 -107.99 45.64 -88.42
N ALA J 868 -107.94 44.75 -89.43
CA ALA J 868 -108.41 43.39 -89.24
C ALA J 868 -107.44 42.53 -88.43
N VAL J 869 -106.29 43.07 -88.05
CA VAL J 869 -105.29 42.27 -87.37
C VAL J 869 -105.44 42.32 -85.85
N LEU J 870 -106.19 43.28 -85.32
CA LEU J 870 -106.36 43.39 -83.88
C LEU J 870 -107.26 42.30 -83.34
N ASN J 871 -106.67 41.18 -82.89
CA ASN J 871 -107.50 40.08 -82.42
C ASN J 871 -106.91 39.33 -81.23
N ARG J 872 -106.15 39.98 -80.34
CA ARG J 872 -105.60 39.26 -79.21
C ARG J 872 -105.75 40.05 -77.92
N ARG J 873 -106.13 39.35 -76.85
CA ARG J 873 -106.41 39.99 -75.58
C ARG J 873 -105.11 40.41 -74.90
N PHE J 874 -105.16 41.56 -74.23
CA PHE J 874 -104.06 42.05 -73.40
C PHE J 874 -104.62 42.50 -72.07
N VAL J 875 -103.87 42.22 -71.01
CA VAL J 875 -104.27 42.51 -69.64
C VAL J 875 -103.13 43.25 -68.94
N ALA J 876 -103.39 44.47 -68.50
CA ALA J 876 -102.34 45.37 -68.02
C ALA J 876 -102.72 45.96 -66.68
N TYR J 877 -101.80 45.90 -65.73
CA TYR J 877 -102.03 46.47 -64.41
C TYR J 877 -102.07 47.99 -64.48
N LYS J 878 -102.82 48.59 -63.54
CA LYS J 878 -102.97 50.02 -63.50
C LYS J 878 -101.76 50.68 -62.81
N GLY J 879 -101.76 52.00 -62.80
CA GLY J 879 -100.60 52.75 -62.33
C GLY J 879 -100.36 52.66 -60.84
N LYS J 880 -101.40 52.43 -60.05
CA LYS J 880 -101.24 52.39 -58.60
C LYS J 880 -100.64 51.09 -58.08
N MET J 881 -100.52 50.08 -58.93
CA MET J 881 -99.96 48.80 -58.51
C MET J 881 -98.44 48.88 -58.40
N ARG J 882 -97.87 47.92 -57.68
CA ARG J 882 -96.43 47.79 -57.55
C ARG J 882 -96.04 46.34 -57.79
N ILE J 883 -94.93 46.13 -58.49
CA ILE J 883 -94.39 44.80 -58.76
C ILE J 883 -93.05 44.69 -58.07
N MET J 884 -92.94 43.76 -57.12
CA MET J 884 -91.71 43.60 -56.37
C MET J 884 -91.34 42.13 -56.27
N ASP J 885 -90.04 41.86 -56.24
CA ASP J 885 -89.50 40.51 -56.19
C ASP J 885 -89.16 40.16 -54.74
N ILE J 886 -89.57 38.97 -54.31
CA ILE J 886 -89.39 38.54 -52.93
C ILE J 886 -88.50 37.31 -52.84
N THR J 887 -87.69 37.04 -53.86
CA THR J 887 -86.84 35.86 -53.84
C THR J 887 -85.76 35.98 -52.77
N GLN J 888 -85.24 37.18 -52.55
CA GLN J 888 -84.16 37.38 -51.60
C GLN J 888 -84.57 37.15 -50.15
N SER J 889 -85.86 37.04 -49.87
CA SER J 889 -86.34 36.90 -48.50
C SER J 889 -86.28 35.46 -47.99
N LEU J 890 -85.83 34.52 -48.80
CA LEU J 890 -85.78 33.12 -48.41
C LEU J 890 -84.51 32.80 -47.64
N LYS J 891 -84.39 33.42 -46.48
CA LYS J 891 -83.28 33.19 -45.57
C LYS J 891 -83.68 32.21 -44.47
N MET J 892 -82.68 31.70 -43.77
CA MET J 892 -82.90 30.62 -42.81
C MET J 892 -83.51 31.09 -41.50
N GLY J 893 -83.28 32.33 -41.09
CA GLY J 893 -83.72 32.76 -39.78
C GLY J 893 -85.17 33.17 -39.64
N THR J 894 -85.93 33.15 -40.72
CA THR J 894 -87.30 33.65 -40.69
C THR J 894 -88.26 32.59 -40.17
N LYS J 895 -89.08 32.96 -39.19
CA LYS J 895 -90.10 32.09 -38.63
C LYS J 895 -91.45 32.74 -38.83
N LEU J 896 -92.40 32.01 -39.40
CA LEU J 896 -93.70 32.59 -39.74
C LEU J 896 -94.69 32.40 -38.60
N ALA J 897 -95.64 33.33 -38.50
CA ALA J 897 -96.50 33.42 -37.32
C ALA J 897 -97.43 32.21 -37.22
N ALA J 898 -98.14 31.90 -38.30
CA ALA J 898 -99.01 30.74 -38.31
C ALA J 898 -98.25 29.56 -38.87
N PRO J 899 -97.96 28.53 -38.08
CA PRO J 899 -97.16 27.41 -38.58
C PRO J 899 -97.90 26.62 -39.63
N THR J 900 -97.13 25.94 -40.48
CA THR J 900 -97.66 25.14 -41.56
C THR J 900 -97.46 23.66 -41.27
N VAL J 901 -98.30 22.84 -41.89
CA VAL J 901 -98.22 21.39 -41.72
C VAL J 901 -97.03 20.84 -42.49
N VAL K 2 -6.49 35.86 -37.51
CA VAL K 2 -7.51 36.24 -36.53
C VAL K 2 -7.15 35.71 -35.16
N ALA K 3 -6.14 34.84 -35.11
CA ALA K 3 -5.67 34.31 -33.84
C ALA K 3 -5.17 35.44 -32.95
N ILE K 4 -5.49 35.36 -31.66
CA ILE K 4 -5.22 36.47 -30.74
C ILE K 4 -3.72 36.72 -30.63
N THR K 5 -2.91 35.67 -30.78
CA THR K 5 -1.48 35.78 -30.50
C THR K 5 -0.74 36.72 -31.45
N VAL K 6 -1.35 37.10 -32.57
CA VAL K 6 -0.69 38.02 -33.49
C VAL K 6 -1.14 39.45 -33.29
N GLN K 7 -2.45 39.71 -33.17
CA GLN K 7 -2.90 41.07 -32.93
C GLN K 7 -2.45 41.55 -31.54
N GLY K 8 -2.49 40.69 -30.54
CA GLY K 8 -2.01 41.09 -29.23
C GLY K 8 -0.53 41.46 -29.24
N ALA K 9 0.27 40.64 -29.91
CA ALA K 9 1.71 40.93 -30.00
C ALA K 9 1.97 42.23 -30.75
N GLN K 10 1.26 42.43 -31.88
CA GLN K 10 1.44 43.65 -32.64
C GLN K 10 1.05 44.89 -31.84
N LEU K 11 -0.07 44.80 -31.12
CA LEU K 11 -0.52 45.92 -30.30
C LEU K 11 0.50 46.25 -29.23
N ILE K 12 0.96 45.23 -28.50
CA ILE K 12 1.90 45.50 -27.42
C ILE K 12 3.21 46.04 -27.99
N LYS K 13 3.62 45.55 -29.16
CA LYS K 13 4.84 46.07 -29.78
C LYS K 13 4.71 47.55 -30.09
N ARG K 14 3.60 47.95 -30.73
CA ARG K 14 3.44 49.37 -31.01
C ARG K 14 3.38 50.19 -29.73
N VAL K 15 2.79 49.63 -28.67
CA VAL K 15 2.84 50.30 -27.38
C VAL K 15 4.29 50.51 -26.95
N VAL K 16 5.14 49.52 -27.24
CA VAL K 16 6.55 49.63 -26.86
C VAL K 16 7.22 50.79 -27.59
N GLU K 17 7.05 50.84 -28.91
CA GLU K 17 7.66 51.93 -29.72
C GLU K 17 7.15 53.28 -29.20
N ARG K 18 5.85 53.38 -28.92
CA ARG K 18 5.28 54.64 -28.46
C ARG K 18 5.87 55.05 -27.11
N PHE K 19 6.11 54.07 -26.23
CA PHE K 19 6.74 54.40 -24.96
C PHE K 19 8.18 54.83 -25.15
N TYR K 20 8.95 54.05 -25.89
CA TYR K 20 10.36 54.33 -26.12
C TYR K 20 10.59 54.54 -27.60
N PRO K 21 10.69 55.78 -28.06
CA PRO K 21 10.93 56.03 -29.49
C PRO K 21 12.30 55.53 -29.90
N GLY K 22 12.40 55.08 -31.16
CA GLY K 22 13.64 54.57 -31.68
C GLY K 22 14.02 53.19 -31.19
N ILE K 23 13.07 52.41 -30.69
CA ILE K 23 13.38 51.09 -30.16
C ILE K 23 13.61 50.12 -31.31
N ALA K 24 14.36 49.05 -31.04
CA ALA K 24 14.56 47.95 -31.96
C ALA K 24 13.97 46.67 -31.39
N PHE K 25 12.80 46.77 -30.76
CA PHE K 25 12.15 45.64 -30.11
C PHE K 25 11.55 44.72 -31.19
N ASN K 26 12.38 43.78 -31.64
CA ASN K 26 11.91 42.82 -32.63
C ASN K 26 11.03 41.77 -31.97
N ILE K 27 10.15 41.17 -32.77
CA ILE K 27 9.22 40.18 -32.22
C ILE K 27 9.95 38.90 -31.84
N ASN K 28 10.84 38.42 -32.72
CA ASN K 28 11.44 37.11 -32.56
C ASN K 28 12.45 37.05 -31.42
N GLU K 29 13.04 38.18 -31.04
CA GLU K 29 14.04 38.18 -29.99
C GLU K 29 13.41 37.97 -28.63
N GLY K 30 14.13 37.26 -27.76
CA GLY K 30 13.62 36.94 -26.44
C GLY K 30 13.48 38.15 -25.53
N ALA K 31 14.38 39.12 -25.64
CA ALA K 31 14.34 40.31 -24.81
C ALA K 31 15.07 41.43 -25.53
N CYS K 32 14.84 42.66 -25.07
CA CYS K 32 15.48 43.83 -25.64
C CYS K 32 16.18 44.60 -24.52
N TYR K 33 17.39 45.07 -24.79
CA TYR K 33 18.21 45.74 -23.80
C TYR K 33 18.53 47.15 -24.26
N ILE K 34 18.26 48.14 -23.41
CA ILE K 34 18.53 49.54 -23.70
C ILE K 34 19.27 50.09 -22.48
N TYR K 35 19.91 51.25 -22.66
CA TYR K 35 20.57 51.95 -21.57
C TYR K 35 19.87 53.27 -21.28
N LYS K 36 19.93 53.70 -20.02
CA LYS K 36 19.30 54.92 -19.56
C LYS K 36 20.29 55.72 -18.74
N PHE K 37 20.09 57.04 -18.71
CA PHE K 37 20.98 57.95 -18.00
C PHE K 37 20.25 58.61 -16.85
N SER K 38 20.93 58.70 -15.70
CA SER K 38 20.44 59.43 -14.54
C SER K 38 21.59 60.22 -13.95
N ASP K 39 21.36 61.49 -13.65
CA ASP K 39 22.40 62.37 -13.11
C ASP K 39 22.26 62.61 -11.62
N HIS K 40 21.44 61.80 -10.93
CA HIS K 40 21.24 62.01 -9.50
C HIS K 40 22.53 61.78 -8.73
N ILE K 41 23.28 60.75 -9.10
CA ILE K 41 24.60 60.52 -8.50
C ILE K 41 25.62 61.53 -9.03
N ARG K 42 25.34 62.14 -10.17
CA ARG K 42 26.36 62.96 -10.83
C ARG K 42 26.65 64.24 -10.06
N ARG K 43 25.63 64.93 -9.57
CA ARG K 43 25.90 66.18 -8.86
C ARG K 43 26.57 65.92 -7.53
N ILE K 44 26.16 64.87 -6.81
CA ILE K 44 26.80 64.59 -5.53
C ILE K 44 28.23 64.11 -5.73
N ARG K 45 28.53 63.42 -6.85
CA ARG K 45 29.91 63.10 -7.13
C ARG K 45 30.70 64.33 -7.54
N MET K 46 30.05 65.27 -8.21
CA MET K 46 30.68 66.54 -8.55
C MET K 46 31.07 67.32 -7.30
N LYS K 47 30.16 67.40 -6.34
CA LYS K 47 30.35 68.27 -5.18
C LYS K 47 31.49 67.80 -4.29
N HIS K 48 31.74 66.49 -4.22
CA HIS K 48 32.77 65.95 -3.35
C HIS K 48 34.13 65.85 -4.05
N GLY K 49 34.35 66.69 -5.05
CA GLY K 49 35.66 66.83 -5.65
C GLY K 49 36.00 65.84 -6.74
N THR K 50 35.13 64.89 -7.03
CA THR K 50 35.38 63.95 -8.11
C THR K 50 34.94 64.56 -9.44
N LYS K 51 35.77 64.41 -10.46
CA LYS K 51 35.53 65.01 -11.75
C LYS K 51 35.08 63.97 -12.77
N TYR K 52 34.43 64.45 -13.84
CA TYR K 52 33.97 63.59 -14.92
C TYR K 52 34.42 64.13 -16.27
N ARG K 53 33.86 63.58 -17.36
CA ARG K 53 34.43 63.78 -18.70
C ARG K 53 33.70 64.85 -19.52
N ARG K 54 32.41 64.67 -19.76
CA ARG K 54 31.70 65.50 -20.73
C ARG K 54 30.44 66.15 -20.17
N GLN K 55 30.43 66.47 -18.87
CA GLN K 55 29.30 67.06 -18.16
C GLN K 55 27.93 66.51 -18.59
N ALA K 56 27.00 67.38 -18.97
CA ALA K 56 25.69 66.98 -19.45
C ALA K 56 25.60 66.95 -20.97
N GLU K 57 26.74 67.08 -21.67
CA GLU K 57 26.73 67.16 -23.12
C GLU K 57 26.06 65.96 -23.76
N GLU K 58 26.14 64.78 -23.12
CA GLU K 58 25.51 63.59 -23.69
C GLU K 58 23.99 63.72 -23.76
N ILE K 59 23.37 64.46 -22.84
CA ILE K 59 21.96 64.81 -23.05
C ILE K 59 21.81 65.63 -24.32
N ILE K 60 22.66 66.66 -24.45
CA ILE K 60 22.52 67.67 -25.50
C ILE K 60 22.53 67.02 -26.88
N ARG K 61 23.18 65.86 -27.00
CA ARG K 61 23.23 65.16 -28.26
C ARG K 61 22.28 63.98 -28.34
N ASN K 62 21.93 63.35 -27.21
CA ASN K 62 21.11 62.15 -27.31
C ASN K 62 19.65 62.46 -27.63
N ILE K 63 19.19 63.66 -27.27
CA ILE K 63 17.80 64.01 -27.52
C ILE K 63 17.54 64.16 -29.02
N SER K 64 18.50 64.72 -29.76
CA SER K 64 18.30 65.00 -31.18
C SER K 64 18.82 63.89 -32.07
N LEU K 65 20.12 63.61 -32.00
CA LEU K 65 20.73 62.62 -32.88
C LEU K 65 20.40 61.20 -32.46
N ARG K 66 20.09 60.98 -31.18
CA ARG K 66 19.47 59.76 -30.64
C ARG K 66 20.15 58.48 -31.11
N LYS K 67 21.47 58.51 -31.22
CA LYS K 67 22.22 57.29 -31.51
C LYS K 67 23.49 57.22 -30.69
N GLU K 68 23.40 57.56 -29.39
CA GLU K 68 24.47 57.21 -28.48
C GLU K 68 24.60 55.70 -28.37
N ARG K 69 25.81 55.20 -28.50
CA ARG K 69 26.06 53.76 -28.49
C ARG K 69 27.02 53.44 -27.36
N LEU K 70 26.56 52.59 -26.45
CA LEU K 70 27.40 52.06 -25.37
C LEU K 70 27.63 50.59 -25.71
N TYR K 71 28.83 50.29 -26.24
CA TYR K 71 29.16 48.97 -26.77
C TYR K 71 28.16 48.55 -27.84
N GLY K 72 27.69 49.52 -28.62
CA GLY K 72 26.72 49.28 -29.66
C GLY K 72 25.29 49.26 -29.20
N ILE K 73 25.04 49.14 -27.90
CA ILE K 73 23.68 49.14 -27.36
C ILE K 73 23.17 50.58 -27.35
N PRO K 74 22.03 50.86 -27.96
CA PRO K 74 21.55 52.23 -28.02
C PRO K 74 21.08 52.73 -26.66
N VAL K 75 21.09 54.05 -26.53
CA VAL K 75 20.58 54.73 -25.34
C VAL K 75 19.38 55.56 -25.79
N LEU K 76 18.23 55.33 -25.15
CA LEU K 76 17.01 56.02 -25.51
C LEU K 76 16.48 56.79 -24.31
N ASP K 77 15.43 57.58 -24.56
CA ASP K 77 14.77 58.36 -23.53
C ASP K 77 13.27 58.09 -23.54
N GLU K 78 12.65 58.22 -22.38
CA GLU K 78 11.23 57.96 -22.24
C GLU K 78 10.44 59.18 -22.69
N VAL K 79 9.31 58.92 -23.35
CA VAL K 79 8.59 59.98 -24.05
C VAL K 79 7.94 60.92 -23.04
N GLU K 80 7.97 62.22 -23.34
CA GLU K 80 7.39 63.21 -22.46
C GLU K 80 5.87 63.27 -22.60
N TRP K 81 5.24 63.89 -21.60
CA TRP K 81 3.79 63.99 -21.54
C TRP K 81 3.21 64.70 -22.76
N LYS K 82 3.91 65.70 -23.30
CA LYS K 82 3.32 66.53 -24.34
C LYS K 82 3.08 65.79 -25.64
N TYR K 83 3.66 64.59 -25.81
CA TYR K 83 3.50 63.82 -27.03
C TYR K 83 2.92 62.44 -26.80
N VAL K 84 2.37 62.17 -25.60
CA VAL K 84 1.87 60.82 -25.33
C VAL K 84 0.64 60.52 -26.18
N PHE K 85 -0.20 61.52 -26.41
CA PHE K 85 -1.43 61.35 -27.19
C PHE K 85 -1.36 62.10 -28.51
N ASP K 86 -0.17 62.47 -28.96
CA ASP K 86 0.06 63.11 -30.25
C ASP K 86 -0.66 64.44 -30.37
N GLY K 87 -0.85 65.12 -29.24
CA GLY K 87 -1.36 66.47 -29.26
C GLY K 87 -2.83 66.62 -29.59
N GLN K 88 -3.59 65.53 -29.58
CA GLN K 88 -5.00 65.61 -29.93
C GLN K 88 -5.80 66.28 -28.82
N THR K 89 -6.88 66.95 -29.22
CA THR K 89 -7.78 67.61 -28.27
C THR K 89 -9.21 67.27 -28.64
N PHE K 90 -10.11 67.46 -27.67
CA PHE K 90 -11.51 67.13 -27.87
C PHE K 90 -12.47 68.17 -27.35
N GLN K 91 -12.02 69.14 -26.53
CA GLN K 91 -12.87 70.16 -25.92
C GLN K 91 -14.00 69.52 -25.12
N SER K 92 -13.61 68.71 -24.13
CA SER K 92 -14.59 68.03 -23.30
C SER K 92 -15.18 68.97 -22.26
N TYR K 93 -16.49 68.84 -22.04
CA TYR K 93 -17.14 69.65 -21.02
C TYR K 93 -16.63 69.32 -19.62
N ALA K 94 -16.31 68.04 -19.39
CA ALA K 94 -15.77 67.65 -18.10
C ALA K 94 -14.44 68.34 -17.81
N PHE K 95 -13.70 68.72 -18.85
CA PHE K 95 -12.46 69.44 -18.62
C PHE K 95 -12.70 70.76 -17.91
N GLU K 96 -13.62 71.58 -18.44
CA GLU K 96 -13.91 72.82 -17.75
C GLU K 96 -14.69 72.60 -16.47
N VAL K 97 -15.40 71.48 -16.32
CA VAL K 97 -15.98 71.15 -15.02
C VAL K 97 -14.88 71.00 -13.97
N TYR K 98 -13.85 70.24 -14.30
CA TYR K 98 -12.74 70.06 -13.36
C TYR K 98 -11.97 71.36 -13.18
N VAL K 99 -11.88 72.18 -14.22
CA VAL K 99 -11.23 73.48 -14.09
C VAL K 99 -11.99 74.35 -13.08
N ASN K 100 -13.32 74.37 -13.19
CA ASN K 100 -14.13 75.12 -12.24
C ASN K 100 -14.04 74.52 -10.85
N SER K 101 -13.78 73.22 -10.74
CA SER K 101 -13.68 72.58 -9.44
C SER K 101 -12.45 73.03 -8.65
N ILE K 102 -11.48 73.68 -9.28
CA ILE K 102 -10.25 74.04 -8.59
C ILE K 102 -10.53 75.17 -7.61
N LEU K 103 -10.02 75.03 -6.39
CA LEU K 103 -10.35 75.93 -5.30
C LEU K 103 -9.07 76.47 -4.66
N PRO K 104 -9.02 77.76 -4.33
CA PRO K 104 -7.84 78.32 -3.69
C PRO K 104 -7.66 77.77 -2.27
N TRP K 105 -6.42 77.95 -1.79
CA TRP K 105 -6.02 77.41 -0.49
C TRP K 105 -6.73 78.04 0.69
N SER K 106 -7.37 79.20 0.50
CA SER K 106 -7.93 79.92 1.64
C SER K 106 -9.14 79.25 2.25
N GLU K 107 -9.67 78.19 1.63
CA GLU K 107 -10.89 77.54 2.08
C GLU K 107 -10.63 76.18 2.70
N LEU K 108 -9.43 75.94 3.21
CA LEU K 108 -9.05 74.62 3.69
C LEU K 108 -9.78 74.27 4.99
N ASP K 109 -10.31 73.05 5.04
CA ASP K 109 -10.81 72.47 6.28
C ASP K 109 -9.80 71.46 6.79
N PRO K 110 -9.16 71.71 7.93
CA PRO K 110 -8.09 70.79 8.38
C PRO K 110 -8.57 69.39 8.71
N GLU K 111 -9.85 69.19 9.01
CA GLU K 111 -10.35 67.88 9.42
C GLU K 111 -11.28 67.27 8.38
N GLU K 112 -10.96 67.45 7.11
CA GLU K 112 -11.75 66.82 6.05
C GLU K 112 -11.44 65.32 5.98
N GLU K 113 -12.48 64.51 5.83
CA GLU K 113 -12.27 63.10 5.57
C GLU K 113 -11.60 62.89 4.22
N PHE K 114 -12.01 63.65 3.22
CA PHE K 114 -11.44 63.58 1.88
C PHE K 114 -11.06 64.99 1.44
N LEU K 115 -9.86 65.14 0.90
CA LEU K 115 -9.41 66.44 0.42
C LEU K 115 -10.19 66.87 -0.81
N ARG K 116 -10.29 68.18 -0.98
CA ARG K 116 -10.91 68.77 -2.16
C ARG K 116 -9.84 69.13 -3.18
N ASN K 117 -10.24 69.80 -4.25
CA ASN K 117 -9.34 70.14 -5.35
C ASN K 117 -8.69 71.48 -5.07
N TYR K 118 -7.51 71.44 -4.43
CA TYR K 118 -6.80 72.64 -4.04
C TYR K 118 -5.75 73.01 -5.07
N ARG K 119 -5.72 74.29 -5.45
CA ARG K 119 -4.75 74.78 -6.42
C ARG K 119 -3.37 74.89 -5.78
N VAL K 120 -2.34 74.73 -6.62
CA VAL K 120 -0.96 74.90 -6.20
C VAL K 120 -0.54 76.32 -6.51
N SER K 121 0.14 76.97 -5.57
CA SER K 121 0.62 78.33 -5.74
C SER K 121 2.12 78.33 -6.00
N ARG K 122 2.56 79.27 -6.84
CA ARG K 122 3.98 79.37 -7.17
C ARG K 122 4.79 79.73 -5.93
N GLU K 123 4.29 80.66 -5.12
CA GLU K 123 4.93 80.98 -3.86
C GLU K 123 4.71 79.85 -2.87
N MET K 124 5.54 79.84 -1.82
CA MET K 124 5.50 78.83 -0.78
C MET K 124 4.95 79.43 0.51
N THR K 125 4.03 78.71 1.16
CA THR K 125 3.51 79.11 2.45
C THR K 125 3.12 77.86 3.24
N GLU K 126 2.91 78.03 4.55
CA GLU K 126 2.81 76.91 5.46
C GLU K 126 1.62 76.00 5.13
N VAL K 127 0.49 76.61 4.80
CA VAL K 127 -0.73 75.83 4.58
C VAL K 127 -0.54 74.88 3.41
N GLU K 128 0.12 75.32 2.34
CA GLU K 128 0.27 74.43 1.19
C GLU K 128 1.39 73.42 1.40
N LYS K 129 2.34 73.68 2.31
CA LYS K 129 3.23 72.60 2.72
C LYS K 129 2.46 71.52 3.49
N PHE K 130 1.49 71.92 4.32
CA PHE K 130 0.64 70.92 4.94
C PHE K 130 -0.20 70.18 3.90
N ILE K 131 -0.67 70.89 2.88
CA ILE K 131 -1.43 70.25 1.81
C ILE K 131 -0.56 69.22 1.10
N GLU K 132 0.69 69.58 0.80
CA GLU K 132 1.62 68.63 0.19
C GLU K 132 1.85 67.43 1.09
N PHE K 133 2.02 67.67 2.39
CA PHE K 133 2.26 66.57 3.32
C PHE K 133 1.08 65.60 3.36
N ARG K 134 -0.14 66.14 3.34
CA ARG K 134 -1.30 65.26 3.33
C ARG K 134 -1.45 64.55 1.99
N ALA K 135 -1.11 65.24 0.90
CA ALA K 135 -1.32 64.67 -0.42
C ALA K 135 -0.35 63.53 -0.70
N LYS K 136 0.89 63.65 -0.22
CA LYS K 136 1.90 62.66 -0.56
C LYS K 136 1.56 61.27 -0.01
N ASN K 137 0.91 61.19 1.15
CA ASN K 137 0.52 59.92 1.73
C ASN K 137 -0.98 59.65 1.62
N GLU K 138 -1.75 60.59 1.09
CA GLU K 138 -3.18 60.43 0.91
C GLU K 138 -3.57 60.25 -0.55
N MET K 139 -3.12 61.15 -1.40
CA MET K 139 -3.56 61.25 -2.79
C MET K 139 -2.73 60.38 -3.71
N GLN K 140 -2.15 59.30 -3.20
CA GLN K 140 -1.08 58.63 -3.91
C GLN K 140 -1.68 57.43 -4.66
N ILE K 141 -0.88 56.76 -5.49
CA ILE K 141 -1.35 55.75 -6.41
C ILE K 141 -0.97 54.33 -6.01
N TYR K 142 0.27 54.11 -5.55
CA TYR K 142 0.85 52.78 -5.32
C TYR K 142 0.87 52.05 -6.66
N GLY K 143 0.37 50.82 -6.76
CA GLY K 143 0.38 50.10 -8.03
C GLY K 143 1.70 49.38 -8.31
N ASP K 144 1.79 48.80 -9.52
CA ASP K 144 2.99 48.08 -9.92
C ASP K 144 3.46 48.41 -11.33
N ILE K 145 2.77 49.27 -12.07
CA ILE K 145 3.16 49.65 -13.43
C ILE K 145 3.12 51.17 -13.53
N PRO K 146 4.09 51.80 -14.17
CA PRO K 146 4.02 53.25 -14.39
C PRO K 146 2.78 53.63 -15.21
N ILE K 147 2.19 54.76 -14.84
CA ILE K 147 0.90 55.15 -15.40
C ILE K 147 1.02 55.49 -16.89
N LYS K 148 2.19 55.98 -17.31
CA LYS K 148 2.38 56.30 -18.73
C LYS K 148 2.21 55.07 -19.60
N VAL K 149 2.63 53.90 -19.10
CA VAL K 149 2.40 52.66 -19.82
C VAL K 149 0.90 52.44 -20.00
N TRP K 150 0.13 52.67 -18.93
CA TRP K 150 -1.32 52.53 -19.02
C TRP K 150 -1.89 53.50 -20.03
N CYS K 151 -1.42 54.75 -20.03
CA CYS K 151 -1.94 55.75 -20.96
C CYS K 151 -1.66 55.37 -22.40
N CYS K 152 -0.45 54.89 -22.68
CA CYS K 152 -0.13 54.46 -24.04
C CYS K 152 -1.00 53.29 -24.46
N PHE K 153 -1.23 52.35 -23.53
CA PHE K 153 -2.10 51.21 -23.84
C PHE K 153 -3.52 51.66 -24.15
N ILE K 154 -4.05 52.59 -23.34
CA ILE K 154 -5.40 53.09 -23.60
C ILE K 154 -5.47 53.77 -24.95
N ASN K 155 -4.46 54.58 -25.28
CA ASN K 155 -4.45 55.29 -26.55
C ASN K 155 -4.49 54.33 -27.72
N GLU K 156 -3.57 53.35 -27.72
CA GLU K 156 -3.51 52.45 -28.87
C GLU K 156 -4.69 51.49 -28.92
N LEU K 157 -5.19 51.06 -27.76
CA LEU K 157 -6.35 50.18 -27.77
C LEU K 157 -7.57 50.92 -28.31
N SER K 158 -7.71 52.20 -27.95
CA SER K 158 -8.78 53.01 -28.51
C SER K 158 -8.62 53.16 -30.02
N ALA K 159 -7.39 53.36 -30.48
CA ALA K 159 -7.15 53.45 -31.92
C ALA K 159 -7.52 52.14 -32.61
N GLU K 160 -7.20 51.00 -31.98
CA GLU K 160 -7.49 49.71 -32.59
C GLU K 160 -8.98 49.44 -32.64
N LEU K 161 -9.72 49.85 -31.61
CA LEU K 161 -11.15 49.56 -31.57
C LEU K 161 -11.99 50.55 -32.36
N LYS K 162 -11.38 51.58 -32.94
CA LYS K 162 -12.11 52.68 -33.60
C LYS K 162 -13.14 53.28 -32.65
N HIS K 163 -12.77 53.42 -31.39
CA HIS K 163 -13.63 54.01 -30.38
C HIS K 163 -12.78 54.91 -29.49
N VAL K 164 -13.42 55.94 -28.93
CA VAL K 164 -12.73 56.93 -28.11
C VAL K 164 -13.37 56.95 -26.73
N PRO K 165 -12.60 56.73 -25.67
CA PRO K 165 -13.15 56.89 -24.32
C PRO K 165 -13.01 58.31 -23.80
N LEU K 166 -13.97 58.71 -22.97
CA LEU K 166 -14.03 60.09 -22.53
C LEU K 166 -12.92 60.41 -21.53
N GLY K 167 -12.47 59.41 -20.77
CA GLY K 167 -11.32 59.63 -19.89
C GLY K 167 -10.08 59.98 -20.67
N MET K 168 -9.87 59.31 -21.80
CA MET K 168 -8.76 59.67 -22.69
C MET K 168 -8.94 61.09 -23.21
N GLN K 169 -10.19 61.49 -23.49
CA GLN K 169 -10.45 62.82 -23.99
C GLN K 169 -10.05 63.88 -22.96
N VAL K 170 -10.44 63.67 -21.71
CA VAL K 170 -10.09 64.67 -20.69
C VAL K 170 -8.60 64.65 -20.41
N MET K 171 -7.96 63.48 -20.48
CA MET K 171 -6.51 63.42 -20.31
C MET K 171 -5.79 64.21 -21.40
N ALA K 172 -6.22 64.03 -22.65
CA ALA K 172 -5.62 64.75 -23.75
C ALA K 172 -5.84 66.24 -23.63
N ASP K 173 -7.06 66.65 -23.26
CA ASP K 173 -7.35 68.07 -23.11
C ASP K 173 -6.53 68.68 -21.98
N PHE K 174 -6.28 67.92 -20.91
CA PHE K 174 -5.41 68.41 -19.86
C PHE K 174 -3.99 68.60 -20.36
N VAL K 175 -3.41 67.54 -20.94
CA VAL K 175 -1.99 67.56 -21.23
C VAL K 175 -1.68 68.48 -22.41
N ASN K 176 -2.69 68.81 -23.21
CA ASN K 176 -2.47 69.70 -24.34
C ASN K 176 -2.02 71.08 -23.89
N ARG K 177 -2.59 71.58 -22.79
CA ARG K 177 -2.30 72.93 -22.33
C ARG K 177 -1.52 72.99 -21.02
N PHE K 178 -1.57 71.94 -20.20
CA PHE K 178 -0.89 71.98 -18.90
C PHE K 178 0.38 71.17 -18.86
N ASP K 179 0.69 70.40 -19.90
CA ASP K 179 1.98 69.71 -20.09
C ASP K 179 2.16 68.70 -18.96
N SER K 180 3.35 68.63 -18.36
CA SER K 180 3.67 67.58 -17.39
C SER K 180 2.91 67.79 -16.09
N PRO K 181 2.11 66.81 -15.63
CA PRO K 181 1.42 66.96 -14.35
C PRO K 181 2.28 66.63 -13.13
N PHE K 182 3.11 65.59 -13.24
CA PHE K 182 3.97 65.17 -12.13
C PHE K 182 5.00 64.18 -12.66
N HIS K 183 5.76 63.59 -11.74
CA HIS K 183 6.82 62.66 -12.05
C HIS K 183 6.70 61.42 -11.17
N GLN K 184 7.04 60.27 -11.73
CA GLN K 184 7.00 59.00 -11.00
C GLN K 184 8.30 58.26 -11.21
N GLY K 185 8.86 57.73 -10.12
CA GLY K 185 10.06 56.92 -10.21
C GLY K 185 9.73 55.53 -10.69
N ASN K 186 10.40 55.09 -11.74
CA ASN K 186 10.11 53.78 -12.31
C ASN K 186 10.54 52.65 -11.38
N ARG K 187 11.69 52.81 -10.72
CA ARG K 187 12.15 51.79 -9.79
C ARG K 187 11.31 51.79 -8.53
N ASP K 188 10.99 52.96 -7.99
CA ASP K 188 10.18 53.10 -6.79
C ASP K 188 8.91 53.85 -7.18
N LEU K 189 7.81 53.11 -7.33
CA LEU K 189 6.57 53.74 -7.78
C LEU K 189 5.93 54.61 -6.71
N SER K 190 6.36 54.48 -5.45
CA SER K 190 5.73 55.21 -4.37
C SER K 190 6.31 56.60 -4.18
N ASN K 191 7.22 57.03 -5.04
CA ASN K 191 7.95 58.29 -4.83
C ASN K 191 7.28 59.49 -5.50
N LEU K 192 5.98 59.44 -5.78
CA LEU K 192 5.33 60.47 -6.60
C LEU K 192 5.53 61.85 -6.00
N GLU K 193 5.84 62.81 -6.87
CA GLU K 193 6.25 64.14 -6.45
C GLU K 193 6.01 65.12 -7.60
N ASP K 194 6.34 66.38 -7.36
CA ASP K 194 6.38 67.42 -8.38
C ASP K 194 4.98 67.68 -8.95
N PHE K 195 4.07 68.08 -8.06
CA PHE K 195 2.74 68.48 -8.50
C PHE K 195 2.83 69.78 -9.30
N GLN K 196 1.92 69.97 -10.24
CA GLN K 196 2.03 71.10 -11.16
C GLN K 196 0.80 71.99 -11.23
N VAL K 197 -0.41 71.43 -11.25
CA VAL K 197 -1.63 72.20 -11.44
C VAL K 197 -2.53 72.14 -10.21
N ALA K 198 -2.91 70.94 -9.81
CA ALA K 198 -3.67 70.74 -8.59
C ALA K 198 -3.11 69.53 -7.86
N TYR K 199 -3.31 69.49 -6.55
CA TYR K 199 -2.79 68.38 -5.77
C TYR K 199 -3.61 67.12 -5.95
N THR K 200 -4.75 67.19 -6.64
CA THR K 200 -5.60 66.05 -6.89
C THR K 200 -5.37 65.39 -8.24
N THR K 201 -4.41 65.87 -9.01
CA THR K 201 -4.26 65.38 -10.37
C THR K 201 -3.81 63.92 -10.53
N PRO K 202 -3.04 63.29 -9.60
CA PRO K 202 -2.71 61.87 -9.82
C PRO K 202 -3.92 60.96 -9.84
N LEU K 203 -4.68 60.94 -8.74
CA LEU K 203 -5.82 60.03 -8.65
C LEU K 203 -6.78 60.26 -9.80
N LEU K 204 -7.08 61.54 -10.09
CA LEU K 204 -7.86 61.91 -11.25
C LEU K 204 -7.42 61.11 -12.47
N PHE K 205 -6.14 61.25 -12.82
CA PHE K 205 -5.62 60.52 -13.98
C PHE K 205 -5.76 59.02 -13.76
N GLU K 206 -5.40 58.55 -12.57
CA GLU K 206 -5.61 57.14 -12.25
C GLU K 206 -7.07 56.78 -12.43
N MET K 207 -7.97 57.60 -11.88
CA MET K 207 -9.39 57.37 -12.08
C MET K 207 -9.75 57.49 -13.55
N CYS K 208 -9.18 58.48 -14.25
CA CYS K 208 -9.43 58.61 -15.68
C CYS K 208 -8.98 57.38 -16.44
N CYS K 209 -8.00 56.64 -15.91
CA CYS K 209 -7.61 55.39 -16.54
C CYS K 209 -8.66 54.32 -16.33
N MET K 210 -9.15 54.19 -15.09
CA MET K 210 -9.98 53.04 -14.75
C MET K 210 -11.27 53.04 -15.55
N GLU K 211 -11.92 54.20 -15.63
CA GLU K 211 -13.14 54.34 -16.43
C GLU K 211 -12.91 53.85 -17.85
N SER K 212 -11.75 54.17 -18.42
CA SER K 212 -11.45 53.77 -19.79
C SER K 212 -11.54 52.25 -19.93
N ILE K 213 -10.96 51.52 -18.97
CA ILE K 213 -11.03 50.06 -19.00
C ILE K 213 -12.48 49.62 -19.07
N LEU K 214 -13.32 50.20 -18.20
CA LEU K 214 -14.73 49.83 -18.20
C LEU K 214 -15.36 50.14 -19.54
N GLU K 215 -15.04 51.30 -20.12
CA GLU K 215 -15.62 51.65 -21.41
C GLU K 215 -15.19 50.67 -22.49
N PHE K 216 -14.00 50.08 -22.34
CA PHE K 216 -13.62 49.03 -23.26
C PHE K 216 -14.35 47.73 -22.94
N ASN K 217 -14.47 47.42 -21.65
CA ASN K 217 -15.01 46.13 -21.22
C ASN K 217 -16.38 45.87 -21.85
N ILE K 218 -17.34 46.75 -21.54
CA ILE K 218 -18.67 46.60 -22.10
C ILE K 218 -18.61 46.58 -23.62
N LYS K 219 -17.75 47.41 -24.20
CA LYS K 219 -17.68 47.50 -25.65
C LYS K 219 -17.25 46.17 -26.25
N MET K 220 -16.36 45.46 -25.56
CA MET K 220 -16.02 44.12 -26.02
C MET K 220 -17.13 43.13 -25.71
N ARG K 221 -17.72 43.24 -24.52
CA ARG K 221 -18.66 42.22 -24.05
C ARG K 221 -19.87 42.14 -24.96
N MET K 222 -20.41 43.30 -25.33
CA MET K 222 -21.54 43.34 -26.24
C MET K 222 -21.18 42.74 -27.58
N ARG K 223 -19.93 42.93 -28.02
CA ARG K 223 -19.49 42.35 -29.28
C ARG K 223 -19.53 40.83 -29.23
N GLU K 224 -19.36 40.25 -28.05
CA GLU K 224 -19.45 38.79 -27.94
C GLU K 224 -20.88 38.30 -27.90
N GLU K 225 -21.85 39.20 -27.73
CA GLU K 225 -23.26 38.83 -27.71
C GLU K 225 -24.03 39.40 -28.89
N GLU K 226 -23.36 40.15 -29.77
CA GLU K 226 -23.93 40.86 -30.92
C GLU K 226 -25.29 41.48 -30.63
N ILE K 227 -25.35 42.35 -29.62
CA ILE K 227 -26.54 43.13 -29.32
C ILE K 227 -26.17 44.60 -29.40
N SER K 228 -27.08 45.41 -29.94
CA SER K 228 -26.79 46.82 -30.17
C SER K 228 -26.81 47.63 -28.88
N ALA K 229 -27.75 47.35 -27.97
CA ALA K 229 -27.86 48.11 -26.74
C ALA K 229 -28.42 47.20 -25.66
N LEU K 230 -28.24 47.60 -24.41
CA LEU K 230 -28.71 46.77 -23.31
C LEU K 230 -30.20 46.98 -23.09
N GLU K 231 -30.78 46.10 -22.28
CA GLU K 231 -32.22 46.05 -22.07
C GLU K 231 -32.57 46.32 -20.62
N PHE K 232 -33.61 47.12 -20.40
CA PHE K 232 -34.23 47.29 -19.10
C PHE K 232 -35.71 47.01 -19.31
N GLY K 233 -36.15 45.83 -18.89
CA GLY K 233 -37.49 45.38 -19.22
C GLY K 233 -37.64 45.24 -20.71
N ASP K 234 -38.41 46.14 -21.32
CA ASP K 234 -38.55 46.20 -22.76
C ASP K 234 -38.14 47.58 -23.30
N MET K 235 -37.16 48.20 -22.65
CA MET K 235 -36.68 49.51 -23.07
C MET K 235 -35.19 49.44 -23.36
N LYS K 236 -34.78 50.06 -24.47
CA LYS K 236 -33.37 50.15 -24.81
C LYS K 236 -32.65 51.03 -23.80
N VAL K 237 -31.36 50.74 -23.59
CA VAL K 237 -30.53 51.57 -22.74
C VAL K 237 -29.09 51.48 -23.23
N ASP K 238 -28.38 52.60 -23.15
CA ASP K 238 -27.00 52.71 -23.59
C ASP K 238 -26.09 52.69 -22.37
N PRO K 239 -25.22 51.69 -22.22
CA PRO K 239 -24.40 51.61 -20.99
C PRO K 239 -23.34 52.69 -20.90
N VAL K 240 -22.71 53.04 -22.04
CA VAL K 240 -21.68 54.07 -22.00
C VAL K 240 -22.28 55.41 -21.61
N GLY K 241 -23.56 55.63 -21.95
CA GLY K 241 -24.21 56.84 -21.50
C GLY K 241 -24.30 56.92 -19.99
N LEU K 242 -24.68 55.82 -19.34
CA LEU K 242 -24.72 55.76 -17.89
C LEU K 242 -23.34 55.97 -17.30
N LEU K 243 -22.33 55.35 -17.90
CA LEU K 243 -20.98 55.46 -17.36
C LEU K 243 -20.46 56.89 -17.44
N ARG K 244 -20.61 57.54 -18.61
CA ARG K 244 -20.18 58.92 -18.75
C ARG K 244 -20.99 59.85 -17.87
N GLU K 245 -22.27 59.55 -17.68
CA GLU K 245 -23.12 60.30 -16.76
C GLU K 245 -22.57 60.27 -15.34
N PHE K 246 -22.30 59.06 -14.84
CA PHE K 246 -21.71 58.91 -13.52
C PHE K 246 -20.36 59.60 -13.45
N PHE K 247 -19.59 59.55 -14.54
CA PHE K 247 -18.29 60.19 -14.59
C PHE K 247 -18.40 61.70 -14.42
N ILE K 248 -19.23 62.35 -15.24
CA ILE K 248 -19.31 63.81 -15.15
C ILE K 248 -19.92 64.22 -13.82
N LEU K 249 -20.74 63.34 -13.21
CA LEU K 249 -21.21 63.65 -11.87
C LEU K 249 -20.08 63.61 -10.84
N CYS K 250 -19.28 62.54 -10.84
CA CYS K 250 -18.35 62.31 -9.74
C CYS K 250 -17.03 63.03 -9.91
N LEU K 251 -16.92 63.93 -10.88
CA LEU K 251 -15.64 64.57 -11.16
C LEU K 251 -15.09 65.43 -10.03
N PRO K 252 -15.82 66.40 -9.47
CA PRO K 252 -15.12 67.40 -8.64
C PRO K 252 -14.58 66.87 -7.32
N HIS K 253 -15.38 66.14 -6.56
CA HIS K 253 -14.96 65.58 -5.27
C HIS K 253 -15.29 64.10 -5.25
N PRO K 254 -14.49 63.29 -5.93
CA PRO K 254 -14.92 61.91 -6.22
C PRO K 254 -15.09 61.02 -5.00
N LYS K 255 -14.16 61.07 -4.05
CA LYS K 255 -14.15 60.07 -2.99
C LYS K 255 -15.40 60.15 -2.14
N LYS K 256 -15.72 61.34 -1.62
CA LYS K 256 -16.85 61.48 -0.72
C LYS K 256 -18.15 61.12 -1.41
N ILE K 257 -18.39 61.69 -2.58
CA ILE K 257 -19.71 61.52 -3.20
C ILE K 257 -19.87 60.10 -3.74
N ASN K 258 -18.77 59.49 -4.20
CA ASN K 258 -18.84 58.09 -4.62
C ASN K 258 -19.18 57.22 -3.42
N ASN K 259 -18.53 57.46 -2.28
CA ASN K 259 -18.78 56.65 -1.09
C ASN K 259 -20.21 56.82 -0.62
N VAL K 260 -20.76 58.03 -0.71
CA VAL K 260 -22.08 58.24 -0.15
C VAL K 260 -23.16 57.90 -1.17
N LEU K 261 -22.79 57.71 -2.44
CA LEU K 261 -23.75 57.43 -3.50
C LEU K 261 -23.73 55.98 -3.97
N ARG K 262 -22.77 55.18 -3.52
CA ARG K 262 -22.72 53.79 -3.97
C ARG K 262 -23.93 52.99 -3.49
N ALA K 263 -24.46 53.30 -2.30
CA ALA K 263 -25.53 52.49 -1.72
C ALA K 263 -26.82 52.46 -2.54
N PRO K 264 -27.35 53.58 -3.03
CA PRO K 264 -28.59 53.49 -3.83
C PRO K 264 -28.48 52.62 -5.06
N TYR K 265 -27.30 52.55 -5.70
CA TYR K 265 -27.13 51.66 -6.83
C TYR K 265 -27.36 50.21 -6.42
N SER K 266 -26.77 49.81 -5.29
CA SER K 266 -26.95 48.44 -4.80
C SER K 266 -28.41 48.19 -4.44
N TRP K 267 -29.05 49.16 -3.79
CA TRP K 267 -30.45 48.97 -3.45
C TRP K 267 -31.30 48.78 -4.71
N PHE K 268 -31.04 49.59 -5.74
CA PHE K 268 -31.80 49.48 -6.98
C PHE K 268 -31.61 48.12 -7.62
N VAL K 269 -30.36 47.64 -7.71
CA VAL K 269 -30.15 46.38 -8.40
C VAL K 269 -30.74 45.23 -7.60
N LYS K 270 -30.78 45.35 -6.27
CA LYS K 270 -31.46 44.34 -5.47
C LYS K 270 -32.95 44.33 -5.73
N MET K 271 -33.58 45.50 -5.78
CA MET K 271 -35.04 45.56 -5.83
C MET K 271 -35.62 45.46 -7.23
N TRP K 272 -34.79 45.26 -8.25
CA TRP K 272 -35.29 45.25 -9.62
C TRP K 272 -36.11 43.99 -9.88
N GLY K 273 -37.34 44.18 -10.35
CA GLY K 273 -38.14 43.09 -10.89
C GLY K 273 -38.81 42.21 -9.88
N VAL K 274 -38.83 42.60 -8.60
CA VAL K 274 -39.41 41.74 -7.58
C VAL K 274 -40.91 41.64 -7.72
N GLY K 275 -41.55 42.67 -8.30
CA GLY K 275 -42.99 42.68 -8.41
C GLY K 275 -43.54 42.56 -9.82
N ALA K 276 -42.82 41.91 -10.73
CA ALA K 276 -43.32 41.69 -12.07
C ALA K 276 -44.52 40.76 -12.04
N ASP K 277 -45.49 41.01 -12.94
CA ASP K 277 -46.75 40.27 -12.87
C ASP K 277 -46.56 38.79 -13.15
N PRO K 278 -45.88 38.35 -14.22
CA PRO K 278 -45.31 37.00 -14.20
C PRO K 278 -43.83 37.09 -13.81
N ILE K 279 -43.24 36.00 -13.35
CA ILE K 279 -41.84 36.02 -12.96
C ILE K 279 -41.16 34.76 -13.52
N VAL K 280 -39.93 34.93 -14.00
CA VAL K 280 -39.15 33.84 -14.56
C VAL K 280 -38.09 33.45 -13.54
N VAL K 281 -38.05 32.15 -13.21
CA VAL K 281 -37.12 31.62 -12.23
C VAL K 281 -36.43 30.40 -12.80
N LEU K 282 -35.39 29.96 -12.10
CA LEU K 282 -34.65 28.75 -12.46
C LEU K 282 -34.95 27.69 -11.42
N GLN K 283 -35.33 26.50 -11.89
CA GLN K 283 -35.65 25.41 -10.97
C GLN K 283 -34.44 24.97 -10.18
N SER K 284 -34.66 24.59 -8.93
CA SER K 284 -33.59 24.19 -8.04
C SER K 284 -34.11 23.14 -7.06
N THR K 285 -33.18 22.42 -6.45
CA THR K 285 -33.52 21.35 -5.52
C THR K 285 -32.38 21.13 -4.56
N ALA K 286 -32.69 21.09 -3.27
CA ALA K 286 -31.70 20.85 -2.24
C ALA K 286 -32.36 20.13 -1.07
N GLY K 287 -31.66 20.07 0.05
CA GLY K 287 -32.15 19.35 1.21
C GLY K 287 -33.27 20.07 1.93
N ASP K 288 -33.75 19.42 2.99
CA ASP K 288 -34.84 20.00 3.77
C ASP K 288 -34.37 21.26 4.49
N ASP K 289 -33.15 21.25 5.03
CA ASP K 289 -32.62 22.43 5.69
C ASP K 289 -32.37 23.53 4.67
N ARG K 290 -32.57 24.77 5.10
CA ARG K 290 -32.45 25.91 4.20
C ARG K 290 -31.01 26.30 3.94
N ASN K 291 -30.04 25.74 4.67
CA ASN K 291 -28.64 26.03 4.46
C ASN K 291 -27.91 24.90 3.75
N SER K 292 -28.64 23.91 3.24
CA SER K 292 -28.00 22.77 2.58
C SER K 292 -27.31 23.21 1.29
N LYS K 293 -26.25 22.50 0.94
CA LYS K 293 -25.43 22.84 -0.22
C LYS K 293 -25.55 21.86 -1.37
N ASP K 294 -26.36 20.80 -1.23
CA ASP K 294 -26.53 19.80 -2.27
C ASP K 294 -27.62 20.26 -3.25
N VAL K 295 -27.23 21.15 -4.14
CA VAL K 295 -28.14 21.84 -5.04
C VAL K 295 -27.87 21.38 -6.47
N PHE K 296 -28.94 21.08 -7.22
CA PHE K 296 -28.79 20.90 -8.67
C PHE K 296 -29.87 21.71 -9.35
N TYR K 297 -29.64 22.00 -10.63
CA TYR K 297 -30.44 22.95 -11.38
C TYR K 297 -31.07 22.24 -12.57
N ASP K 298 -32.35 22.52 -12.84
CA ASP K 298 -33.07 21.75 -13.86
C ASP K 298 -33.48 22.58 -15.06
N LYS K 299 -34.37 23.57 -14.92
CA LYS K 299 -34.96 24.25 -16.06
C LYS K 299 -35.33 25.67 -15.67
N PHE K 300 -35.57 26.48 -16.69
CA PHE K 300 -36.21 27.78 -16.51
C PHE K 300 -37.72 27.62 -16.59
N ARG K 301 -38.42 28.36 -15.74
CA ARG K 301 -39.88 28.35 -15.74
C ARG K 301 -40.38 29.78 -15.53
N THR K 302 -41.67 29.98 -15.80
CA THR K 302 -42.35 31.21 -15.49
C THR K 302 -43.61 30.89 -14.71
N GLU K 303 -43.88 31.71 -13.70
CA GLU K 303 -44.98 31.48 -12.77
C GLU K 303 -45.59 32.81 -12.35
N PRO K 304 -46.86 32.82 -12.00
CA PRO K 304 -47.47 34.06 -11.50
C PRO K 304 -46.88 34.49 -10.18
N ASN K 305 -46.85 35.80 -9.96
CA ASN K 305 -46.28 36.38 -8.76
C ASN K 305 -47.36 36.51 -7.70
N ARG K 306 -47.20 35.81 -6.59
CA ARG K 306 -48.19 35.87 -5.53
C ARG K 306 -48.11 37.17 -4.75
N TYR K 307 -46.93 37.75 -4.61
CA TYR K 307 -46.72 38.93 -3.78
C TYR K 307 -46.89 40.24 -4.54
N LYS K 308 -47.55 40.23 -5.71
CA LYS K 308 -47.60 41.43 -6.53
C LYS K 308 -48.40 42.54 -5.87
N ALA K 309 -49.36 42.20 -5.02
CA ALA K 309 -50.19 43.22 -4.40
C ALA K 309 -49.55 43.83 -3.16
N LEU K 310 -48.51 43.19 -2.61
CA LEU K 310 -47.93 43.66 -1.36
C LEU K 310 -47.08 44.90 -1.53
N PHE K 311 -46.61 45.19 -2.73
CA PHE K 311 -45.64 46.26 -2.93
C PHE K 311 -46.26 47.65 -2.88
N ARG K 312 -47.59 47.75 -2.76
CA ARG K 312 -48.23 49.03 -2.56
C ARG K 312 -48.24 49.45 -1.09
N SER K 313 -47.41 48.84 -0.25
CA SER K 313 -47.43 49.13 1.16
C SER K 313 -46.64 50.39 1.47
N SER K 314 -46.75 50.82 2.73
CA SER K 314 -46.07 52.05 3.16
C SER K 314 -44.56 51.86 3.19
N PHE K 315 -44.10 50.67 3.58
CA PHE K 315 -42.68 50.44 3.78
C PHE K 315 -41.90 50.59 2.48
N TYR K 316 -42.43 50.02 1.39
CA TYR K 316 -41.74 50.11 0.12
C TYR K 316 -41.77 51.52 -0.43
N ASN K 317 -42.90 52.22 -0.27
CA ASN K 317 -42.98 53.61 -0.70
C ASN K 317 -41.96 54.46 0.03
N GLU K 318 -41.83 54.24 1.34
CA GLU K 318 -40.87 55.01 2.11
C GLU K 318 -39.44 54.71 1.70
N SER K 319 -39.11 53.44 1.45
CA SER K 319 -37.76 53.10 1.01
C SER K 319 -37.44 53.77 -0.33
N ARG K 320 -38.37 53.72 -1.28
CA ARG K 320 -38.16 54.37 -2.57
C ARG K 320 -37.98 55.87 -2.39
N ARG K 321 -38.82 56.49 -1.56
CA ARG K 321 -38.73 57.93 -1.34
C ARG K 321 -37.38 58.32 -0.76
N MET K 322 -36.92 57.59 0.25
CA MET K 322 -35.63 57.91 0.86
C MET K 322 -34.48 57.73 -0.13
N ASN K 323 -34.52 56.67 -0.93
CA ASN K 323 -33.46 56.49 -1.92
C ASN K 323 -33.43 57.63 -2.94
N GLU K 324 -34.59 57.99 -3.48
CA GLU K 324 -34.60 59.05 -4.48
C GLU K 324 -34.19 60.39 -3.89
N GLU K 325 -34.64 60.71 -2.68
CA GLU K 325 -34.23 61.98 -2.10
C GLU K 325 -32.74 61.99 -1.80
N LYS K 326 -32.18 60.83 -1.44
CA LYS K 326 -30.73 60.75 -1.29
C LYS K 326 -30.02 61.09 -2.59
N ILE K 327 -30.53 60.57 -3.71
CA ILE K 327 -29.98 60.96 -5.02
C ILE K 327 -30.09 62.47 -5.22
N LEU K 328 -31.20 63.07 -4.79
CA LEU K 328 -31.35 64.51 -4.93
C LEU K 328 -30.31 65.30 -4.12
N GLU K 329 -30.05 64.92 -2.87
CA GLU K 329 -29.00 65.66 -2.16
C GLU K 329 -27.64 65.46 -2.82
N ALA K 330 -27.36 64.24 -3.31
CA ALA K 330 -26.10 64.04 -4.01
C ALA K 330 -25.95 64.99 -5.19
N VAL K 331 -26.99 65.06 -6.04
CA VAL K 331 -26.87 65.85 -7.26
C VAL K 331 -26.83 67.35 -6.93
N LYS K 332 -27.58 67.78 -5.91
CA LYS K 332 -27.54 69.21 -5.60
C LYS K 332 -26.20 69.60 -4.99
N TYR K 333 -25.59 68.71 -4.18
CA TYR K 333 -24.27 69.02 -3.65
C TYR K 333 -23.25 69.10 -4.77
N SER K 334 -23.32 68.18 -5.74
CA SER K 334 -22.41 68.25 -6.87
C SER K 334 -22.62 69.52 -7.67
N GLN K 335 -23.87 69.94 -7.85
CA GLN K 335 -24.14 71.18 -8.59
C GLN K 335 -23.70 72.41 -7.82
N LYS K 336 -23.73 72.35 -6.48
CA LYS K 336 -23.28 73.49 -5.69
C LYS K 336 -21.77 73.62 -5.70
N LEU K 337 -21.06 72.50 -5.63
CA LEU K 337 -19.60 72.56 -5.56
C LEU K 337 -19.01 73.08 -6.87
N GLY K 338 -19.46 72.56 -7.99
CA GLY K 338 -19.00 73.01 -9.29
C GLY K 338 -20.15 73.57 -10.11
N SER K 339 -19.88 74.65 -10.83
CA SER K 339 -20.93 75.38 -11.53
C SER K 339 -21.39 74.58 -12.76
N HIS K 340 -22.18 73.55 -12.50
CA HIS K 340 -22.73 72.71 -13.55
C HIS K 340 -24.21 72.50 -13.30
N ASP K 341 -24.95 72.30 -14.39
CA ASP K 341 -26.41 72.18 -14.32
C ASP K 341 -26.89 70.78 -14.68
N ARG K 342 -25.99 69.80 -14.68
CA ARG K 342 -26.36 68.46 -15.13
C ARG K 342 -26.90 67.62 -13.99
N ARG K 343 -27.51 66.49 -14.36
CA ARG K 343 -28.22 65.63 -13.43
C ARG K 343 -28.01 64.19 -13.89
N LEU K 344 -28.84 63.27 -13.38
CA LEU K 344 -28.64 61.84 -13.57
C LEU K 344 -29.83 61.23 -14.28
N PRO K 345 -30.16 61.69 -15.49
CA PRO K 345 -31.48 61.43 -16.08
C PRO K 345 -31.89 59.97 -16.17
N LEU K 346 -31.08 59.18 -16.88
CA LEU K 346 -31.44 57.80 -17.16
C LEU K 346 -31.63 57.01 -15.87
N PHE K 347 -30.93 57.42 -14.81
CA PHE K 347 -31.08 56.71 -13.55
C PHE K 347 -32.45 56.91 -12.94
N GLU K 348 -33.00 58.13 -12.97
CA GLU K 348 -34.35 58.27 -12.43
C GLU K 348 -35.39 57.66 -13.35
N LYS K 349 -35.21 57.73 -14.67
CA LYS K 349 -36.14 56.97 -15.51
C LYS K 349 -36.06 55.48 -15.24
N MET K 350 -34.90 54.98 -14.80
CA MET K 350 -34.85 53.58 -14.36
C MET K 350 -35.55 53.40 -13.01
N LEU K 351 -35.34 54.34 -12.08
CA LEU K 351 -35.70 54.11 -10.69
C LEU K 351 -37.18 54.33 -10.42
N LYS K 352 -37.86 55.15 -11.21
CA LYS K 352 -39.26 55.45 -10.92
C LYS K 352 -40.17 54.22 -10.97
N THR K 353 -39.77 53.17 -11.67
CA THR K 353 -40.64 52.01 -11.87
C THR K 353 -39.87 50.72 -11.63
N VAL K 354 -39.11 50.69 -10.53
CA VAL K 354 -38.21 49.57 -10.28
C VAL K 354 -38.99 48.30 -9.94
N TYR K 355 -40.07 48.41 -9.18
CA TYR K 355 -40.76 47.22 -8.69
C TYR K 355 -41.49 46.50 -9.82
N THR K 356 -42.06 47.24 -10.75
CA THR K 356 -42.96 46.64 -11.73
C THR K 356 -42.24 46.16 -12.98
N THR K 357 -41.13 46.78 -13.34
CA THR K 357 -40.43 46.38 -14.56
C THR K 357 -39.86 44.98 -14.40
N PRO K 358 -40.12 44.07 -15.34
CA PRO K 358 -39.68 42.68 -15.16
C PRO K 358 -38.18 42.55 -15.30
N PHE K 359 -37.66 41.43 -14.79
CA PHE K 359 -36.26 41.08 -14.91
C PHE K 359 -36.14 39.70 -15.52
N TYR K 360 -35.21 39.55 -16.46
CA TYR K 360 -35.06 38.33 -17.25
C TYR K 360 -33.67 37.74 -17.05
N PRO K 361 -33.51 36.76 -16.16
CA PRO K 361 -32.19 36.14 -16.00
C PRO K 361 -31.71 35.40 -17.24
N HIS K 362 -32.61 34.83 -18.02
CA HIS K 362 -32.24 34.02 -19.16
C HIS K 362 -31.84 34.85 -20.38
N LYS K 363 -31.99 36.17 -20.32
CA LYS K 363 -31.55 37.06 -21.38
C LYS K 363 -30.24 37.71 -20.96
N SER K 364 -29.25 37.69 -21.84
CA SER K 364 -27.95 38.26 -21.50
C SER K 364 -28.01 39.76 -21.35
N SER K 365 -28.93 40.41 -22.07
CA SER K 365 -29.00 41.87 -22.05
C SER K 365 -29.31 42.41 -20.67
N ASN K 366 -30.24 41.76 -19.95
CA ASN K 366 -30.52 42.17 -18.59
C ASN K 366 -29.37 41.86 -17.65
N MET K 367 -28.75 40.69 -17.84
CA MET K 367 -27.76 40.21 -16.90
C MET K 367 -26.49 41.06 -16.93
N ILE K 368 -26.06 41.45 -18.13
CA ILE K 368 -24.87 42.27 -18.25
C ILE K 368 -25.08 43.63 -17.60
N LEU K 369 -26.26 44.22 -17.79
CA LEU K 369 -26.57 45.47 -17.12
C LEU K 369 -26.56 45.32 -15.61
N ALA K 370 -27.15 44.23 -15.12
CA ALA K 370 -27.20 44.02 -13.67
C ALA K 370 -25.81 43.92 -13.09
N SER K 371 -24.90 43.22 -13.77
CA SER K 371 -23.52 43.19 -13.29
C SER K 371 -22.83 44.55 -13.46
N PHE K 372 -23.18 45.29 -14.51
CA PHE K 372 -22.49 46.53 -14.82
C PHE K 372 -22.73 47.59 -13.76
N LEU K 373 -23.98 47.73 -13.29
CA LEU K 373 -24.25 48.70 -12.24
C LEU K 373 -23.49 48.38 -10.96
N LEU K 374 -23.30 47.10 -10.66
CA LEU K 374 -22.47 46.75 -9.51
C LEU K 374 -21.00 47.05 -9.77
N SER K 375 -20.56 46.91 -11.02
CA SER K 375 -19.15 47.10 -11.32
C SER K 375 -18.76 48.56 -11.52
N ILE K 376 -19.73 49.48 -11.60
CA ILE K 376 -19.40 50.88 -11.82
C ILE K 376 -18.52 51.43 -10.70
N GLN K 377 -18.81 51.07 -9.45
CA GLN K 377 -18.25 51.78 -8.29
C GLN K 377 -16.75 51.59 -8.13
N THR K 378 -16.06 50.92 -9.05
CA THR K 378 -14.65 50.59 -8.86
C THR K 378 -13.69 51.67 -9.31
N ILE K 379 -14.18 52.82 -9.82
CA ILE K 379 -13.30 53.74 -10.52
C ILE K 379 -12.34 54.44 -9.55
N THR K 380 -12.84 54.89 -8.40
CA THR K 380 -11.99 55.54 -7.41
C THR K 380 -11.24 54.49 -6.62
N GLY K 381 -10.01 54.81 -6.22
CA GLY K 381 -9.12 53.83 -5.64
C GLY K 381 -9.00 53.80 -4.14
N TYR K 382 -9.57 52.76 -3.53
CA TYR K 382 -9.27 52.33 -2.16
C TYR K 382 -9.73 53.27 -1.06
N GLY K 383 -10.26 54.43 -1.41
CA GLY K 383 -10.87 55.30 -0.40
C GLY K 383 -9.96 55.70 0.73
N ARG K 384 -8.74 56.13 0.43
CA ARG K 384 -7.83 56.57 1.48
C ARG K 384 -8.39 57.81 2.16
N ALA K 385 -8.58 57.73 3.47
CA ALA K 385 -9.34 58.74 4.20
C ALA K 385 -8.56 59.20 5.42
N TRP K 386 -8.75 60.47 5.77
CA TRP K 386 -8.17 61.03 6.99
C TRP K 386 -9.06 60.71 8.18
N VAL K 387 -8.41 60.43 9.31
CA VAL K 387 -9.11 60.00 10.52
C VAL K 387 -8.85 61.02 11.62
N LYS K 388 -9.74 60.99 12.61
CA LYS K 388 -9.66 61.90 13.75
C LYS K 388 -10.05 61.15 15.02
N ASN K 389 -9.74 61.75 16.17
CA ASN K 389 -9.99 61.16 17.46
C ASN K 389 -11.11 61.93 18.15
N VAL K 390 -12.16 61.21 18.55
CA VAL K 390 -13.33 61.79 19.18
C VAL K 390 -13.64 61.00 20.46
N SER K 391 -14.02 61.71 21.52
CA SER K 391 -14.36 61.06 22.77
C SER K 391 -15.65 60.24 22.63
N THR K 392 -15.90 59.39 23.62
CA THR K 392 -17.01 58.45 23.54
C THR K 392 -18.35 59.14 23.83
N GLU K 393 -18.34 60.21 24.63
CA GLU K 393 -19.53 60.99 24.95
C GLU K 393 -20.59 60.12 25.65
N PHE K 394 -20.24 59.74 26.87
CA PHE K 394 -21.03 58.82 27.71
C PHE K 394 -22.46 59.25 27.95
N ASP K 395 -22.86 60.48 27.61
CA ASP K 395 -24.18 60.95 28.00
C ASP K 395 -25.29 60.36 27.12
N LYS K 396 -24.95 59.87 25.93
CA LYS K 396 -25.97 59.47 24.96
C LYS K 396 -26.43 58.02 25.09
N GLN K 397 -25.68 57.15 25.76
CA GLN K 397 -26.06 55.74 25.80
C GLN K 397 -27.29 55.53 26.67
N LEU K 398 -28.03 54.48 26.35
CA LEU K 398 -29.35 54.25 26.92
C LEU K 398 -29.21 53.46 28.22
N LYS K 399 -29.55 54.08 29.33
CA LYS K 399 -29.51 53.40 30.61
C LYS K 399 -30.61 52.34 30.67
N PRO K 400 -30.35 51.20 31.31
CA PRO K 400 -31.42 50.21 31.48
C PRO K 400 -32.56 50.75 32.32
N ASN K 401 -33.78 50.41 31.92
CA ASN K 401 -34.99 50.85 32.61
C ASN K 401 -36.12 49.90 32.25
N PRO K 402 -37.16 49.81 33.09
CA PRO K 402 -38.21 48.81 32.84
C PRO K 402 -38.97 48.99 31.54
N SER K 403 -38.90 50.17 30.92
CA SER K 403 -39.56 50.37 29.63
C SER K 403 -38.74 49.86 28.45
N ASN K 404 -37.55 49.32 28.70
CA ASN K 404 -36.67 48.81 27.67
C ASN K 404 -36.31 47.36 27.96
N LEU K 405 -35.39 46.81 27.18
CA LEU K 405 -35.04 45.40 27.27
C LEU K 405 -33.54 45.17 27.35
N VAL K 406 -32.79 46.16 27.84
CA VAL K 406 -31.33 46.05 27.84
C VAL K 406 -30.87 44.92 28.75
N GLN K 407 -31.47 44.83 29.95
CA GLN K 407 -31.09 43.77 30.87
C GLN K 407 -31.39 42.40 30.28
N ASP K 408 -32.51 42.27 29.56
CA ASP K 408 -32.83 41.01 28.93
C ASP K 408 -31.78 40.64 27.89
N VAL K 409 -31.32 41.62 27.11
CA VAL K 409 -30.29 41.35 26.12
C VAL K 409 -29.00 40.88 26.80
N SER K 410 -28.62 41.55 27.88
CA SER K 410 -27.40 41.14 28.60
C SER K 410 -27.54 39.72 29.15
N ASP K 411 -28.70 39.43 29.73
CA ASP K 411 -28.92 38.09 30.29
C ASP K 411 -28.85 37.03 29.21
N LEU K 412 -29.48 37.29 28.06
CA LEU K 412 -29.47 36.29 26.98
C LEU K 412 -28.07 36.11 26.42
N THR K 413 -27.30 37.19 26.27
CA THR K 413 -25.96 37.01 25.71
C THR K 413 -25.05 36.27 26.68
N ARG K 414 -25.20 36.49 27.99
CA ARG K 414 -24.42 35.73 28.97
C ARG K 414 -24.79 34.25 28.92
N GLU K 415 -26.09 33.97 28.89
CA GLU K 415 -26.54 32.58 28.86
C GLU K 415 -26.05 31.89 27.58
N PHE K 416 -26.15 32.59 26.46
CA PHE K 416 -25.66 32.07 25.18
C PHE K 416 -24.18 31.77 25.23
N PHE K 417 -23.38 32.66 25.83
CA PHE K 417 -21.96 32.38 26.03
C PHE K 417 -21.75 31.10 26.84
N LYS K 418 -22.59 30.89 27.85
CA LYS K 418 -22.46 29.69 28.66
C LYS K 418 -22.62 28.42 27.82
N GLN K 419 -23.70 28.33 27.03
CA GLN K 419 -23.81 27.13 26.20
C GLN K 419 -22.78 27.11 25.07
N ALA K 420 -22.27 28.26 24.66
CA ALA K 420 -21.20 28.25 23.67
C ALA K 420 -19.97 27.54 24.23
N TYR K 421 -19.59 27.87 25.46
CA TYR K 421 -18.46 27.22 26.09
C TYR K 421 -18.74 25.74 26.36
N VAL K 422 -19.98 25.41 26.74
CA VAL K 422 -20.31 24.00 26.98
C VAL K 422 -20.22 23.19 25.70
N GLU K 423 -20.74 23.72 24.59
CA GLU K 423 -20.64 23.02 23.31
C GLU K 423 -19.20 22.94 22.83
N ALA K 424 -18.38 23.95 23.14
CA ALA K 424 -16.95 23.85 22.84
C ALA K 424 -16.31 22.72 23.63
N LYS K 425 -16.69 22.57 24.90
CA LYS K 425 -16.16 21.50 25.73
C LYS K 425 -16.64 20.13 25.25
N GLU K 426 -17.84 20.06 24.67
CA GLU K 426 -18.39 18.78 24.22
C GLU K 426 -17.55 18.16 23.12
N ARG K 427 -16.78 18.96 22.40
CA ARG K 427 -15.83 18.45 21.41
C ARG K 427 -14.42 18.34 21.98
N ARG K 428 -14.31 18.02 23.27
CA ARG K 428 -13.07 17.81 24.02
C ARG K 428 -12.08 18.97 23.87
N GLU K 429 -12.58 20.15 23.53
CA GLU K 429 -11.74 21.34 23.49
C GLU K 429 -11.70 21.97 24.87
N GLU K 430 -10.51 22.14 25.41
CA GLU K 430 -10.33 22.65 26.76
C GLU K 430 -9.34 23.81 26.75
N ILE K 431 -9.37 24.59 27.82
CA ILE K 431 -8.46 25.73 27.95
C ILE K 431 -7.03 25.23 28.12
N VAL K 432 -6.09 26.14 27.95
CA VAL K 432 -4.67 25.80 27.96
C VAL K 432 -4.19 25.65 29.40
N LYS K 433 -3.31 24.67 29.61
CA LYS K 433 -2.66 24.48 30.89
C LYS K 433 -1.62 25.57 31.12
N PRO K 434 -1.17 25.78 32.36
CA PRO K 434 -0.17 26.84 32.61
C PRO K 434 1.09 26.69 31.77
N GLU K 435 1.58 25.47 31.56
CA GLU K 435 2.68 25.27 30.63
C GLU K 435 2.21 25.45 29.19
N ASP K 436 0.97 25.03 28.89
CA ASP K 436 0.46 25.17 27.54
C ASP K 436 0.27 26.63 27.15
N LEU K 437 0.07 27.52 28.13
CA LEU K 437 -0.08 28.93 27.82
C LEU K 437 1.22 29.51 27.28
N TYR K 438 2.34 29.25 27.96
CA TYR K 438 3.64 29.66 27.45
C TYR K 438 4.07 28.85 26.24
N THR K 439 3.52 27.65 26.06
CA THR K 439 3.74 26.94 24.81
C THR K 439 3.05 27.63 23.64
N SER K 440 1.83 28.12 23.85
CA SER K 440 0.92 28.40 22.74
C SER K 440 0.16 29.71 22.93
N MET K 441 0.81 30.77 23.40
CA MET K 441 0.19 32.07 23.13
C MET K 441 0.26 32.45 21.66
N LEU K 442 1.02 31.71 20.84
CA LEU K 442 1.04 31.92 19.40
C LEU K 442 -0.31 31.63 18.75
N ARG K 443 -1.25 31.04 19.49
CA ARG K 443 -2.56 30.66 18.98
C ARG K 443 -3.51 31.87 18.86
N LEU K 444 -2.99 33.10 18.90
CA LEU K 444 -3.82 34.28 18.83
C LEU K 444 -4.56 34.34 17.50
N ALA K 445 -5.74 34.97 17.52
CA ALA K 445 -6.58 35.05 16.35
C ALA K 445 -5.94 35.94 15.28
N ARG K 446 -6.40 35.73 14.04
CA ARG K 446 -5.83 36.45 12.91
C ARG K 446 -6.24 37.93 12.89
N ASN K 447 -7.26 38.31 13.66
CA ASN K 447 -7.67 39.72 13.71
C ASN K 447 -6.83 40.54 14.69
N THR K 448 -6.01 39.91 15.51
CA THR K 448 -5.23 40.63 16.51
C THR K 448 -4.10 41.42 15.86
N SER K 449 -3.68 42.49 16.54
CA SER K 449 -2.58 43.33 16.08
C SER K 449 -1.63 43.58 17.24
N SER K 450 -0.33 43.41 17.00
CA SER K 450 0.66 43.64 18.02
C SER K 450 0.82 45.13 18.28
N GLY K 451 0.74 45.52 19.55
CA GLY K 451 0.88 46.92 19.92
C GLY K 451 2.31 47.40 19.94
N PHE K 452 3.12 46.82 20.84
CA PHE K 452 4.51 47.21 20.95
C PHE K 452 5.32 46.63 19.79
N SER K 453 6.45 47.28 19.49
CA SER K 453 7.37 46.81 18.47
C SER K 453 8.53 46.07 19.13
N THR K 454 9.33 45.40 18.31
CA THR K 454 10.51 44.70 18.77
C THR K 454 11.70 45.04 17.87
N GLU K 455 12.88 45.01 18.46
CA GLU K 455 14.11 45.40 17.78
C GLU K 455 14.91 44.16 17.39
N ILE K 456 15.41 44.16 16.17
CA ILE K 456 16.27 43.10 15.65
C ILE K 456 17.62 43.71 15.32
N TYR K 457 18.68 43.15 15.88
CA TYR K 457 20.04 43.62 15.66
C TYR K 457 20.78 42.61 14.80
N VAL K 458 21.36 43.07 13.69
CA VAL K 458 22.07 42.21 12.76
C VAL K 458 23.45 42.80 12.51
N LYS K 459 24.36 41.95 12.05
CA LYS K 459 25.73 42.36 11.76
C LYS K 459 25.96 42.49 10.26
N LEU K 471 25.02 45.80 14.92
CA LEU K 471 25.45 46.78 13.93
C LEU K 471 24.25 47.56 13.39
N ILE K 472 23.38 46.87 12.67
CA ILE K 472 22.16 47.45 12.12
C ILE K 472 20.96 47.07 12.97
N LYS K 473 20.12 48.05 13.29
CA LYS K 473 18.98 47.88 14.18
C LYS K 473 17.71 48.17 13.39
N ILE K 474 16.81 47.18 13.35
CA ILE K 474 15.52 47.30 12.67
C ILE K 474 14.39 47.12 13.68
N ASN K 475 13.21 47.64 13.32
CA ASN K 475 12.01 47.51 14.12
C ASN K 475 10.97 46.67 13.39
N SER K 476 10.17 45.92 14.15
CA SER K 476 9.14 45.09 13.53
C SER K 476 7.96 44.93 14.48
N ARG K 477 6.81 44.57 13.90
CA ARG K 477 5.58 44.38 14.65
C ARG K 477 4.95 43.01 14.43
N ILE K 478 5.66 42.06 13.80
CA ILE K 478 5.07 40.76 13.49
C ILE K 478 4.83 39.98 14.77
N LYS K 479 3.76 39.17 14.77
CA LYS K 479 3.41 38.38 15.95
C LYS K 479 4.51 37.40 16.32
N ALA K 480 5.08 36.72 15.32
CA ALA K 480 6.07 35.68 15.58
C ALA K 480 7.31 36.24 16.27
N LEU K 481 7.90 37.29 15.69
CA LEU K 481 9.13 37.84 16.27
C LEU K 481 8.87 38.47 17.62
N VAL K 482 7.75 39.19 17.77
CA VAL K 482 7.43 39.82 19.04
C VAL K 482 7.28 38.78 20.13
N ILE K 483 6.55 37.69 19.83
CA ILE K 483 6.36 36.63 20.80
C ILE K 483 7.70 35.99 21.15
N PHE K 484 8.48 35.61 20.12
CA PHE K 484 9.73 34.90 20.34
C PHE K 484 10.73 35.74 21.13
N THR K 485 10.69 37.07 20.97
CA THR K 485 11.64 37.93 21.65
C THR K 485 11.21 38.33 23.06
N LYS K 486 9.92 38.64 23.26
CA LYS K 486 9.53 39.20 24.55
C LYS K 486 8.23 38.60 25.09
N GLY K 487 8.01 37.30 24.89
CA GLY K 487 6.85 36.68 25.50
C GLY K 487 7.01 36.40 26.98
N HIS K 488 8.24 36.14 27.42
CA HIS K 488 8.47 35.88 28.84
C HIS K 488 8.25 37.14 29.68
N THR K 489 8.43 38.32 29.08
CA THR K 489 8.15 39.57 29.76
C THR K 489 6.67 39.95 29.68
N VAL K 490 5.88 39.25 28.87
CA VAL K 490 4.46 39.58 28.76
C VAL K 490 3.73 39.25 30.05
N PHE K 491 3.97 38.06 30.60
CA PHE K 491 3.27 37.58 31.78
C PHE K 491 4.10 37.74 33.05
N THR K 492 5.17 38.51 32.99
CA THR K 492 5.98 38.83 34.17
C THR K 492 5.20 39.76 35.09
N ASP K 493 5.43 39.61 36.40
CA ASP K 493 4.70 40.37 37.40
C ASP K 493 5.25 41.80 37.56
N GLU K 494 5.44 42.49 36.45
CA GLU K 494 5.73 43.92 36.47
C GLU K 494 4.88 44.71 35.48
N GLU K 495 4.62 44.16 34.29
CA GLU K 495 3.85 44.86 33.27
C GLU K 495 2.36 44.54 33.35
N LEU K 496 1.99 43.52 34.13
CA LEU K 496 0.61 43.06 34.11
C LEU K 496 -0.32 43.97 34.92
N HIS K 497 0.14 44.47 36.07
CA HIS K 497 -0.73 45.23 36.96
C HIS K 497 -0.85 46.70 36.59
N LYS K 498 -0.04 47.20 35.66
CA LYS K 498 -0.18 48.59 35.25
C LYS K 498 -1.43 48.78 34.37
N LYS K 499 -1.92 50.01 34.32
CA LYS K 499 -3.12 50.35 33.58
C LYS K 499 -2.82 51.45 32.57
N TYR K 500 -3.43 51.31 31.38
CA TYR K 500 -3.29 52.32 30.33
C TYR K 500 -4.40 53.36 30.45
N ASN K 501 -4.31 54.14 31.54
CA ASN K 501 -5.29 55.18 31.83
C ASN K 501 -4.63 56.51 32.18
N SER K 502 -3.40 56.73 31.74
CA SER K 502 -2.68 57.96 32.03
C SER K 502 -1.97 58.43 30.78
N VAL K 503 -1.51 59.69 30.81
CA VAL K 503 -0.84 60.27 29.65
C VAL K 503 0.46 59.54 29.36
N GLU K 504 1.17 59.08 30.40
CA GLU K 504 2.43 58.39 30.21
C GLU K 504 2.27 57.01 29.59
N LEU K 505 1.16 56.32 29.87
CA LEU K 505 0.93 54.97 29.36
C LEU K 505 -0.38 54.96 28.58
N TYR K 506 -0.28 54.83 27.26
CA TYR K 506 -1.44 54.86 26.38
C TYR K 506 -1.25 53.81 25.30
N GLN K 507 -2.24 53.71 24.43
CA GLN K 507 -2.17 52.82 23.27
C GLN K 507 -2.40 53.62 21.99
N THR K 508 -1.73 53.18 20.92
CA THR K 508 -1.75 53.89 19.65
C THR K 508 -2.45 53.04 18.60
N LYS K 509 -3.34 53.66 17.84
CA LYS K 509 -4.11 52.97 16.82
C LYS K 509 -3.31 52.79 15.54
N GLY K 510 -3.91 52.08 14.58
CA GLY K 510 -3.33 51.95 13.26
C GLY K 510 -4.41 52.14 12.20
N SER K 511 -3.97 52.20 10.95
CA SER K 511 -4.86 52.42 9.82
C SER K 511 -4.65 51.33 8.77
N ARG K 512 -5.73 51.00 8.06
CA ARG K 512 -5.67 50.01 6.99
C ARG K 512 -6.68 50.39 5.92
N ASP K 513 -6.31 50.16 4.66
CA ASP K 513 -7.15 50.51 3.53
C ASP K 513 -8.02 49.32 3.11
N VAL K 514 -9.14 49.64 2.48
CA VAL K 514 -10.07 48.63 1.97
C VAL K 514 -10.39 48.97 0.52
N PRO K 515 -10.76 48.00 -0.32
CA PRO K 515 -10.94 48.29 -1.76
C PRO K 515 -12.00 49.32 -2.08
N ILE K 516 -13.07 49.40 -1.29
CA ILE K 516 -14.23 50.24 -1.61
C ILE K 516 -14.45 51.33 -0.57
N LYS K 517 -14.57 50.94 0.69
CA LYS K 517 -14.95 51.88 1.74
C LYS K 517 -13.79 52.80 2.09
N ALA K 518 -14.02 53.67 3.07
CA ALA K 518 -12.99 54.58 3.54
C ALA K 518 -11.94 53.84 4.36
N THR K 519 -10.84 54.52 4.66
CA THR K 519 -9.75 53.93 5.43
C THR K 519 -10.22 53.50 6.81
N ARG K 520 -10.22 52.19 7.06
CA ARG K 520 -10.61 51.68 8.36
C ARG K 520 -9.49 51.88 9.38
N THR K 521 -9.87 51.98 10.65
CA THR K 521 -8.94 52.12 11.74
C THR K 521 -8.98 50.87 12.61
N ILE K 522 -7.81 50.48 13.13
CA ILE K 522 -7.67 49.27 13.93
C ILE K 522 -7.02 49.64 15.26
N TYR K 523 -7.28 48.82 16.26
CA TYR K 523 -6.77 49.03 17.61
C TYR K 523 -5.60 48.10 17.86
N SER K 524 -4.45 48.67 18.23
CA SER K 524 -3.26 47.90 18.57
C SER K 524 -3.22 47.70 20.07
N ILE K 525 -3.24 46.44 20.49
CA ILE K 525 -3.36 46.06 21.89
C ILE K 525 -2.13 45.28 22.30
N ASN K 526 -1.59 45.61 23.47
CA ASN K 526 -0.42 44.91 24.00
C ASN K 526 -0.76 43.45 24.27
N LEU K 527 0.26 42.59 24.14
CA LEU K 527 0.06 41.16 24.32
C LEU K 527 -0.38 40.81 25.73
N SER K 528 -0.01 41.64 26.71
CA SER K 528 -0.41 41.41 28.09
C SER K 528 -1.91 41.54 28.30
N VAL K 529 -2.64 42.09 27.33
CA VAL K 529 -4.08 42.15 27.38
C VAL K 529 -4.73 41.07 26.53
N LEU K 530 -4.17 40.81 25.35
CA LEU K 530 -4.76 39.81 24.46
C LEU K 530 -4.57 38.39 25.00
N VAL K 531 -3.47 38.14 25.71
CA VAL K 531 -3.22 36.80 26.24
C VAL K 531 -4.29 36.37 27.24
N PRO K 532 -4.68 37.20 28.23
CA PRO K 532 -5.85 36.82 29.04
C PRO K 532 -7.13 36.69 28.22
N GLN K 533 -7.31 37.52 27.19
CA GLN K 533 -8.40 37.31 26.26
C GLN K 533 -8.23 36.01 25.49
N LEU K 534 -6.99 35.69 25.11
CA LEU K 534 -6.72 34.45 24.40
C LEU K 534 -7.13 33.23 25.22
N ILE K 535 -6.77 33.21 26.50
CA ILE K 535 -7.02 32.05 27.35
C ILE K 535 -8.50 31.72 27.41
N VAL K 536 -9.35 32.75 27.46
CA VAL K 536 -10.79 32.54 27.57
C VAL K 536 -11.51 32.47 26.24
N THR K 537 -10.91 32.94 25.14
CA THR K 537 -11.62 33.02 23.88
C THR K 537 -11.10 32.08 22.80
N LEU K 538 -9.97 31.43 23.01
CA LEU K 538 -9.39 30.55 21.99
C LEU K 538 -10.25 29.34 21.63
N PRO K 539 -10.81 28.58 22.58
CA PRO K 539 -11.64 27.43 22.17
C PRO K 539 -12.83 27.81 21.32
N LEU K 540 -13.41 29.00 21.54
CA LEU K 540 -14.47 29.46 20.65
C LEU K 540 -13.95 29.66 19.23
N ASN K 541 -12.74 30.19 19.10
CA ASN K 541 -12.13 30.33 17.78
C ASN K 541 -11.97 28.97 17.11
N GLU K 542 -11.54 27.96 17.88
CA GLU K 542 -11.38 26.63 17.29
C GLU K 542 -12.72 26.02 16.92
N TYR K 543 -13.76 26.27 17.72
CA TYR K 543 -15.03 25.58 17.55
C TYR K 543 -15.84 26.18 16.40
N PHE K 544 -16.12 27.49 16.47
CA PHE K 544 -17.10 28.09 15.57
C PHE K 544 -16.68 28.07 14.11
N SER K 545 -15.40 27.79 13.82
CA SER K 545 -14.94 27.73 12.45
C SER K 545 -15.51 26.56 11.67
N ARG K 546 -16.17 25.61 12.34
CA ARG K 546 -16.75 24.46 11.68
C ARG K 546 -17.86 24.87 10.73
N VAL K 547 -18.09 24.01 9.74
CA VAL K 547 -19.02 24.31 8.65
C VAL K 547 -20.12 23.25 8.65
N GLY K 548 -21.15 23.50 7.84
CA GLY K 548 -22.22 22.55 7.62
C GLY K 548 -23.09 22.25 8.82
N GLY K 549 -23.53 23.28 9.55
CA GLY K 549 -24.39 23.08 10.69
C GLY K 549 -25.87 23.12 10.34
N ILE K 550 -26.71 22.98 11.37
CA ILE K 550 -28.16 23.04 11.24
C ILE K 550 -28.63 24.39 11.78
N THR K 551 -29.43 25.09 10.98
CA THR K 551 -29.87 26.44 11.31
C THR K 551 -31.35 26.50 11.71
N SER K 552 -31.93 25.38 12.12
CA SER K 552 -33.32 25.39 12.57
C SER K 552 -33.43 26.12 13.90
N PRO K 553 -34.42 27.02 14.04
CA PRO K 553 -34.58 27.72 15.32
C PRO K 553 -34.85 26.79 16.50
N ASP K 554 -35.51 25.66 16.27
CA ASP K 554 -35.81 24.74 17.36
C ASP K 554 -34.66 23.80 17.70
N TYR K 555 -33.55 23.88 16.96
CA TYR K 555 -32.39 23.06 17.31
C TYR K 555 -31.72 23.60 18.56
N LYS K 556 -31.31 22.68 19.44
CA LYS K 556 -30.72 23.08 20.71
C LYS K 556 -29.36 23.73 20.52
N LYS K 557 -28.52 23.13 19.67
CA LYS K 557 -27.15 23.62 19.51
C LYS K 557 -27.14 24.94 18.75
N ILE K 558 -26.08 25.71 18.97
CA ILE K 558 -25.90 27.01 18.33
C ILE K 558 -24.65 27.04 17.45
N GLY K 559 -24.02 25.89 17.21
CA GLY K 559 -22.83 25.87 16.39
C GLY K 559 -23.10 26.24 14.94
N GLY K 560 -24.17 25.67 14.37
CA GLY K 560 -24.48 25.94 12.98
C GLY K 560 -25.11 27.29 12.72
N LYS K 561 -25.52 28.00 13.76
CA LYS K 561 -26.13 29.31 13.58
C LYS K 561 -25.13 30.40 13.22
N VAL K 562 -23.85 30.18 13.49
CA VAL K 562 -22.82 31.19 13.27
C VAL K 562 -22.07 30.86 11.99
N ILE K 563 -22.03 31.81 11.08
CA ILE K 563 -21.32 31.63 9.81
C ILE K 563 -19.86 32.07 9.92
N VAL K 564 -19.50 32.76 11.00
CA VAL K 564 -18.10 33.15 11.21
C VAL K 564 -17.24 31.91 11.27
N GLY K 565 -16.17 31.89 10.49
CA GLY K 565 -15.36 30.72 10.28
C GLY K 565 -15.69 29.96 9.00
N ASP K 566 -16.93 30.08 8.53
CA ASP K 566 -17.32 29.55 7.22
C ASP K 566 -17.18 30.62 6.14
N LEU K 567 -16.00 31.24 6.09
CA LEU K 567 -15.72 32.31 5.13
C LEU K 567 -14.58 31.85 4.24
N GLU K 568 -14.90 31.63 2.95
CA GLU K 568 -13.97 31.16 1.94
C GLU K 568 -13.30 29.84 2.33
N ALA K 569 -13.99 29.01 3.12
CA ALA K 569 -13.42 27.72 3.49
C ALA K 569 -13.46 26.75 2.31
N THR K 570 -14.54 26.77 1.55
CA THR K 570 -14.62 25.92 0.36
C THR K 570 -13.69 26.42 -0.74
N GLY K 571 -13.64 27.72 -0.95
CA GLY K 571 -12.78 28.32 -1.94
C GLY K 571 -13.49 28.78 -3.20
N SER K 572 -14.70 28.30 -3.46
CA SER K 572 -15.47 28.68 -4.63
C SER K 572 -16.71 29.44 -4.20
N ARG K 573 -16.83 30.68 -4.65
CA ARG K 573 -17.94 31.54 -4.21
C ARG K 573 -19.28 30.99 -4.67
N VAL K 574 -19.34 30.42 -5.87
CA VAL K 574 -20.58 29.83 -6.34
C VAL K 574 -20.91 28.58 -5.54
N MET K 575 -19.90 27.81 -5.15
CA MET K 575 -20.15 26.55 -4.48
C MET K 575 -20.66 26.78 -3.06
N ASP K 576 -20.02 27.66 -2.30
CA ASP K 576 -20.36 27.79 -0.89
C ASP K 576 -21.53 28.75 -0.63
N ALA K 577 -22.10 29.33 -1.68
CA ALA K 577 -23.27 30.18 -1.54
C ALA K 577 -24.46 29.65 -2.34
N ALA K 578 -24.56 28.32 -2.45
CA ALA K 578 -25.64 27.73 -3.23
C ALA K 578 -26.99 27.90 -2.55
N ASP K 579 -27.00 28.06 -1.22
CA ASP K 579 -28.25 28.24 -0.50
C ASP K 579 -28.95 29.53 -0.91
N CYS K 580 -28.17 30.59 -1.22
CA CYS K 580 -28.77 31.82 -1.69
C CYS K 580 -29.50 31.61 -3.01
N PHE K 581 -28.89 30.89 -3.95
CA PHE K 581 -29.54 30.60 -5.21
C PHE K 581 -30.77 29.74 -5.02
N ARG K 582 -30.69 28.76 -4.11
CA ARG K 582 -31.84 27.89 -3.88
C ARG K 582 -33.02 28.65 -3.30
N ASN K 583 -32.77 29.47 -2.29
CA ASN K 583 -33.87 30.17 -1.63
C ASN K 583 -34.38 31.35 -2.45
N SER K 584 -33.54 31.93 -3.30
CA SER K 584 -33.98 33.05 -4.12
C SER K 584 -34.95 32.62 -5.21
N ALA K 585 -35.03 31.33 -5.50
CA ALA K 585 -35.92 30.82 -6.53
C ALA K 585 -37.16 30.13 -5.96
N ASP K 586 -37.42 30.30 -4.67
CA ASP K 586 -38.55 29.65 -4.01
C ASP K 586 -39.68 30.65 -3.80
N ARG K 587 -40.90 30.25 -4.19
CA ARG K 587 -42.04 31.14 -4.04
C ARG K 587 -42.53 31.22 -2.60
N ASP K 588 -42.13 30.29 -1.74
CA ASP K 588 -42.63 30.22 -0.38
C ASP K 588 -41.69 30.85 0.64
N ILE K 589 -40.63 31.50 0.22
CA ILE K 589 -39.60 32.00 1.13
C ILE K 589 -39.56 33.52 1.05
N PHE K 590 -39.70 34.16 2.21
CA PHE K 590 -39.53 35.59 2.37
C PHE K 590 -38.29 35.81 3.23
N THR K 591 -37.34 36.60 2.73
CA THR K 591 -36.07 36.79 3.44
C THR K 591 -36.00 38.19 4.03
N ILE K 592 -35.42 38.27 5.22
CA ILE K 592 -35.24 39.52 5.94
C ILE K 592 -33.78 39.63 6.33
N ALA K 593 -33.14 40.71 5.91
CA ALA K 593 -31.75 40.99 6.24
C ALA K 593 -31.68 42.34 6.94
N ILE K 594 -31.14 42.34 8.16
CA ILE K 594 -31.08 43.53 9.00
C ILE K 594 -29.62 43.94 9.12
N ASP K 595 -29.33 45.21 8.87
CA ASP K 595 -28.01 45.76 9.07
C ASP K 595 -28.13 47.03 9.92
N TYR K 596 -27.07 47.34 10.66
CA TYR K 596 -27.09 48.44 11.60
C TYR K 596 -26.19 49.57 11.12
N SER K 597 -26.47 50.77 11.63
CA SER K 597 -25.65 51.95 11.39
C SER K 597 -24.95 52.33 12.69
N GLU K 598 -23.64 52.55 12.60
CA GLU K 598 -22.79 52.79 13.77
C GLU K 598 -22.95 51.68 14.79
N TYR K 599 -22.92 50.44 14.31
CA TYR K 599 -23.16 49.29 15.16
C TYR K 599 -22.09 49.17 16.25
N ASP K 600 -20.81 49.22 15.85
CA ASP K 600 -19.73 49.07 16.81
C ASP K 600 -19.73 50.18 17.85
N THR K 601 -20.25 51.36 17.49
CA THR K 601 -20.40 52.43 18.47
C THR K 601 -21.41 52.05 19.55
N HIS K 602 -22.46 51.34 19.17
CA HIS K 602 -23.54 51.01 20.09
C HIS K 602 -23.23 49.84 21.01
N LEU K 603 -22.07 49.20 20.86
CA LEU K 603 -21.62 48.18 21.81
C LEU K 603 -21.06 48.90 23.03
N THR K 604 -21.91 49.12 24.03
CA THR K 604 -21.57 49.90 25.21
C THR K 604 -21.53 48.99 26.44
N ARG K 605 -21.18 49.59 27.58
CA ARG K 605 -21.09 48.82 28.81
C ARG K 605 -22.46 48.36 29.28
N HIS K 606 -23.52 49.11 28.95
CA HIS K 606 -24.84 48.76 29.44
C HIS K 606 -25.39 47.52 28.75
N ASN K 607 -25.07 47.33 27.47
CA ASN K 607 -25.67 46.25 26.69
C ASN K 607 -24.70 45.17 26.25
N PHE K 608 -23.39 45.40 26.37
CA PHE K 608 -22.43 44.50 25.73
C PHE K 608 -21.30 44.05 26.66
N ARG K 609 -20.85 44.91 27.58
CA ARG K 609 -19.66 44.63 28.38
C ARG K 609 -19.95 43.82 29.64
N THR K 610 -20.87 44.31 30.48
CA THR K 610 -21.03 43.72 31.81
C THR K 610 -21.52 42.27 31.72
N GLY K 611 -22.54 42.02 30.89
CA GLY K 611 -23.04 40.67 30.75
C GLY K 611 -22.00 39.71 30.21
N MET K 612 -21.19 40.18 29.26
CA MET K 612 -20.20 39.29 28.66
C MET K 612 -19.05 39.00 29.62
N LEU K 613 -18.64 39.98 30.42
CA LEU K 613 -17.61 39.68 31.42
C LEU K 613 -18.16 38.76 32.51
N GLN K 614 -19.43 38.93 32.89
CA GLN K 614 -20.03 38.03 33.87
C GLN K 614 -20.10 36.60 33.32
N GLY K 615 -20.46 36.45 32.04
CA GLY K 615 -20.49 35.13 31.45
C GLY K 615 -19.11 34.49 31.40
N ILE K 616 -18.10 35.28 31.05
CA ILE K 616 -16.73 34.77 31.03
C ILE K 616 -16.31 34.30 32.42
N ARG K 617 -16.62 35.11 33.44
CA ARG K 617 -16.25 34.73 34.81
C ARG K 617 -16.97 33.46 35.26
N GLU K 618 -18.27 33.35 34.95
CA GLU K 618 -19.02 32.17 35.35
C GLU K 618 -18.51 30.93 34.64
N ALA K 619 -18.13 31.05 33.38
CA ALA K 619 -17.63 29.89 32.64
C ALA K 619 -16.22 29.51 33.08
N MET K 620 -15.42 30.47 33.54
CA MET K 620 -14.07 30.18 33.99
C MET K 620 -14.00 29.76 35.45
N ALA K 621 -15.08 29.95 36.20
CA ALA K 621 -15.09 29.48 37.59
C ALA K 621 -14.78 27.99 37.75
N PRO K 622 -15.31 27.06 36.93
CA PRO K 622 -14.95 25.65 37.12
C PRO K 622 -13.47 25.36 36.91
N TYR K 623 -12.74 26.24 36.22
CA TYR K 623 -11.33 26.03 35.94
C TYR K 623 -10.41 26.85 36.85
N ARG K 624 -10.96 27.42 37.92
CA ARG K 624 -10.19 28.35 38.77
C ARG K 624 -9.06 27.67 39.53
N ASP K 625 -9.05 26.34 39.60
CA ASP K 625 -7.98 25.66 40.32
C ASP K 625 -6.63 25.81 39.62
N LEU K 626 -6.64 25.98 38.30
CA LEU K 626 -5.40 26.07 37.55
C LEU K 626 -4.64 27.34 37.88
N ARG K 627 -3.37 27.20 38.28
CA ARG K 627 -2.56 28.30 38.77
C ARG K 627 -1.73 28.83 37.61
N TYR K 628 -2.15 29.96 37.04
CA TYR K 628 -1.42 30.58 35.94
C TYR K 628 -0.39 31.53 36.55
N GLU K 629 0.78 30.97 36.88
CA GLU K 629 1.87 31.70 37.54
C GLU K 629 1.39 32.34 38.84
N GLY K 630 0.57 31.62 39.59
CA GLY K 630 0.07 32.11 40.85
C GLY K 630 -1.09 33.07 40.75
N TYR K 631 -1.59 33.34 39.55
CA TYR K 631 -2.73 34.22 39.35
C TYR K 631 -4.02 33.40 39.30
N THR K 632 -5.01 33.80 40.09
CA THR K 632 -6.32 33.17 40.02
C THR K 632 -7.08 33.68 38.80
N LEU K 633 -8.00 32.85 38.32
CA LEU K 633 -8.59 33.07 36.99
C LEU K 633 -9.33 34.39 36.92
N GLU K 634 -10.26 34.63 37.86
CA GLU K 634 -11.03 35.88 37.83
C GLU K 634 -10.15 37.11 37.81
N GLN K 635 -9.02 37.05 38.51
CA GLN K 635 -8.06 38.15 38.45
C GLN K 635 -7.31 38.15 37.12
N ILE K 636 -7.19 37.01 36.45
CA ILE K 636 -6.61 37.00 35.10
C ILE K 636 -7.56 37.67 34.10
N ILE K 637 -8.87 37.44 34.23
CA ILE K 637 -9.82 38.20 33.43
C ILE K 637 -9.80 39.67 33.82
N ASP K 638 -9.57 39.97 35.09
CA ASP K 638 -9.40 41.36 35.51
C ASP K 638 -8.26 42.03 34.76
N PHE K 639 -7.14 41.32 34.59
CA PHE K 639 -6.15 41.77 33.61
C PHE K 639 -6.73 41.86 32.21
N GLY K 640 -7.48 40.84 31.80
CA GLY K 640 -8.00 40.83 30.44
C GLY K 640 -9.05 41.87 30.18
N TYR K 641 -9.95 42.09 31.13
CA TYR K 641 -11.02 43.05 30.95
C TYR K 641 -11.23 43.77 32.27
N GLY K 642 -11.31 45.10 32.22
CA GLY K 642 -11.51 45.86 33.43
C GLY K 642 -11.38 47.35 33.15
N GLU K 643 -11.61 48.13 34.21
CA GLU K 643 -11.52 49.57 34.10
C GLU K 643 -10.06 50.00 34.06
N GLY K 644 -9.72 50.83 33.07
CA GLY K 644 -8.37 51.32 32.90
C GLY K 644 -7.46 50.42 32.10
N ARG K 645 -7.87 49.18 31.84
CA ARG K 645 -7.10 48.25 31.01
C ARG K 645 -7.67 48.13 29.61
N VAL K 646 -8.97 47.86 29.50
CA VAL K 646 -9.69 47.88 28.24
C VAL K 646 -10.76 48.96 28.21
N ALA K 647 -11.54 49.08 29.28
CA ALA K 647 -12.57 50.09 29.39
C ALA K 647 -11.97 51.40 29.89
N ASN K 648 -12.50 52.51 29.35
CA ASN K 648 -12.10 53.87 29.73
C ASN K 648 -10.60 54.09 29.50
N THR K 649 -10.13 53.72 28.31
CA THR K 649 -8.71 53.77 28.00
C THR K 649 -8.43 54.84 26.96
N LEU K 650 -7.32 55.55 27.15
CA LEU K 650 -6.95 56.62 26.25
C LEU K 650 -6.17 56.08 25.05
N TRP K 651 -6.49 56.58 23.88
CA TRP K 651 -5.89 56.14 22.62
C TRP K 651 -5.35 57.35 21.86
N ASN K 652 -4.15 57.18 21.32
CA ASN K 652 -3.49 58.22 20.53
C ASN K 652 -3.79 58.03 19.05
N GLY K 653 -3.55 59.09 18.28
CA GLY K 653 -3.80 59.09 16.86
C GLY K 653 -3.40 60.38 16.19
N LYS K 654 -4.26 60.92 15.35
CA LYS K 654 -3.97 62.17 14.67
C LYS K 654 -4.08 63.33 15.66
N ARG K 655 -3.07 64.21 15.64
CA ARG K 655 -3.10 65.39 16.49
C ARG K 655 -4.15 66.36 15.99
N ARG K 656 -5.16 66.63 16.82
CA ARG K 656 -6.18 67.61 16.46
C ARG K 656 -5.54 68.99 16.32
N LEU K 657 -5.84 69.66 15.21
CA LEU K 657 -5.24 70.96 14.91
C LEU K 657 -6.34 72.01 14.78
N PHE K 658 -6.08 73.17 15.37
CA PHE K 658 -7.00 74.29 15.38
C PHE K 658 -6.42 75.44 14.57
N LYS K 659 -7.28 76.15 13.86
CA LYS K 659 -6.83 77.18 12.94
C LYS K 659 -6.81 78.52 13.65
N THR K 660 -5.68 79.23 13.55
CA THR K 660 -5.49 80.52 14.21
C THR K 660 -4.76 81.44 13.24
N THR K 661 -4.22 82.54 13.77
CA THR K 661 -3.50 83.54 12.99
C THR K 661 -2.07 83.66 13.51
N PHE K 662 -1.13 83.83 12.59
CA PHE K 662 0.28 83.97 12.96
C PHE K 662 0.51 85.15 13.89
N ASP K 663 -0.23 86.24 13.67
CA ASP K 663 -0.14 87.38 14.57
C ASP K 663 -0.56 87.00 15.99
N ALA K 664 -1.64 86.24 16.12
CA ALA K 664 -2.07 85.76 17.42
C ALA K 664 -1.00 84.87 18.05
N TYR K 665 -0.31 84.08 17.24
CA TYR K 665 0.82 83.30 17.76
C TYR K 665 1.93 84.20 18.25
N ILE K 666 2.12 85.35 17.61
CA ILE K 666 3.09 86.33 18.09
C ILE K 666 2.66 86.89 19.45
N ARG K 667 1.37 87.21 19.59
CA ARG K 667 0.88 87.67 20.90
C ARG K 667 0.84 86.58 21.96
N LEU K 668 1.07 85.31 21.61
CA LEU K 668 1.10 84.27 22.62
C LEU K 668 2.31 84.41 23.53
N ASP K 669 2.23 83.77 24.70
CA ASP K 669 3.32 83.77 25.65
C ASP K 669 4.37 82.73 25.29
N GLU K 670 5.58 82.91 25.83
CA GLU K 670 6.64 81.94 25.62
C GLU K 670 6.32 80.61 26.29
N SER K 671 5.70 80.66 27.47
CA SER K 671 5.34 79.42 28.16
C SER K 671 4.28 78.65 27.41
N GLU K 672 3.37 79.34 26.72
CA GLU K 672 2.37 78.67 25.91
C GLU K 672 2.97 77.96 24.70
N ARG K 673 4.16 78.37 24.26
CA ARG K 673 4.83 77.77 23.13
C ARG K 673 5.76 76.64 23.54
N ASP K 674 5.78 76.27 24.82
CA ASP K 674 6.68 75.23 25.33
C ASP K 674 6.25 73.88 24.78
N LYS K 675 7.00 73.38 23.80
CA LYS K 675 6.68 72.12 23.17
C LYS K 675 6.96 70.96 24.11
N GLY K 676 6.02 70.02 24.19
CA GLY K 676 6.16 68.84 25.01
C GLY K 676 6.77 67.68 24.24
N SER K 677 6.54 66.48 24.77
CA SER K 677 7.15 65.29 24.18
C SER K 677 6.46 64.84 22.90
N PHE K 678 5.16 65.14 22.76
CA PHE K 678 4.39 64.60 21.66
C PHE K 678 4.81 65.19 20.32
N LYS K 679 4.83 64.34 19.30
CA LYS K 679 5.26 64.74 17.96
C LYS K 679 4.22 65.65 17.31
N VAL K 680 4.70 66.57 16.49
CA VAL K 680 3.83 67.50 15.77
C VAL K 680 4.21 67.44 14.29
N PRO K 681 3.25 67.46 13.37
CA PRO K 681 3.59 67.52 11.95
C PRO K 681 4.37 68.79 11.63
N LYS K 682 5.27 68.67 10.65
CA LYS K 682 6.21 69.75 10.36
C LYS K 682 5.53 71.00 9.83
N GLY K 683 4.34 70.88 9.26
CA GLY K 683 3.62 72.03 8.76
C GLY K 683 2.79 72.76 9.79
N VAL K 684 2.88 72.38 11.07
CA VAL K 684 2.04 72.93 12.12
C VAL K 684 2.93 73.49 13.22
N LEU K 685 2.68 74.74 13.61
CA LEU K 685 3.38 75.35 14.72
C LEU K 685 2.80 74.84 16.03
N PRO K 686 3.62 74.32 16.94
CA PRO K 686 3.06 73.73 18.17
C PRO K 686 2.94 74.73 19.30
N VAL K 687 1.99 74.45 20.20
CA VAL K 687 1.87 75.14 21.48
C VAL K 687 1.78 74.10 22.57
N SER K 688 1.64 74.58 23.81
CA SER K 688 1.66 73.67 24.95
C SER K 688 0.33 72.96 25.13
N SER K 689 -0.74 73.70 25.38
CA SER K 689 -2.00 73.12 25.78
C SER K 689 -3.14 73.58 24.87
N VAL K 690 -4.24 72.83 24.94
CA VAL K 690 -5.42 73.14 24.13
C VAL K 690 -6.11 74.40 24.65
N ASP K 691 -6.16 74.56 25.98
CA ASP K 691 -6.93 75.65 26.58
C ASP K 691 -6.37 77.01 26.19
N VAL K 692 -5.04 77.15 26.15
CA VAL K 692 -4.45 78.40 25.70
C VAL K 692 -4.64 78.58 24.21
N ALA K 693 -4.82 77.49 23.45
CA ALA K 693 -5.09 77.62 22.03
C ALA K 693 -6.52 78.08 21.78
N ASN K 694 -7.44 77.76 22.69
CA ASN K 694 -8.83 78.20 22.53
C ASN K 694 -8.98 79.72 22.62
N ARG K 695 -7.95 80.40 23.12
CA ARG K 695 -8.06 81.85 23.34
C ARG K 695 -7.95 82.64 22.06
N ILE K 696 -7.43 82.05 20.98
CA ILE K 696 -7.16 82.77 19.75
C ILE K 696 -7.76 82.12 18.52
N ALA K 697 -8.43 80.98 18.66
CA ALA K 697 -9.01 80.31 17.50
C ALA K 697 -10.14 81.14 16.92
N VAL K 698 -10.15 81.26 15.59
CA VAL K 698 -11.12 82.11 14.90
C VAL K 698 -11.41 81.51 13.54
N ASP K 699 -12.68 81.57 13.13
CA ASP K 699 -13.11 80.98 11.86
C ASP K 699 -12.72 81.83 10.66
N LYS K 700 -12.58 83.14 10.84
CA LYS K 700 -12.28 84.02 9.72
C LYS K 700 -10.79 84.35 9.60
N GLY K 701 -10.01 84.17 10.66
CA GLY K 701 -8.59 84.46 10.62
C GLY K 701 -7.75 83.30 10.13
N PHE K 702 -7.82 83.04 8.82
CA PHE K 702 -7.16 81.87 8.23
C PHE K 702 -5.73 82.23 7.89
N ASP K 703 -4.82 81.97 8.83
CA ASP K 703 -3.42 82.29 8.61
C ASP K 703 -2.53 81.08 8.91
N THR K 704 -2.85 80.32 9.95
CA THR K 704 -1.96 79.23 10.36
C THR K 704 -2.74 78.17 11.11
N LEU K 705 -2.06 77.05 11.37
CA LEU K 705 -2.63 75.90 12.08
C LEU K 705 -1.75 75.56 13.28
N ILE K 706 -2.40 75.19 14.39
CA ILE K 706 -1.73 75.00 15.67
C ILE K 706 -2.18 73.68 16.28
N ALA K 707 -1.22 72.93 16.81
CA ALA K 707 -1.52 71.67 17.48
C ALA K 707 -0.88 71.67 18.87
N ALA K 708 -1.60 71.11 19.84
CA ALA K 708 -1.11 71.07 21.21
C ALA K 708 -0.02 70.02 21.36
N THR K 709 0.72 70.11 22.47
CA THR K 709 1.81 69.19 22.75
C THR K 709 1.76 68.56 24.13
N ASP K 710 0.92 69.07 25.04
CA ASP K 710 0.88 68.52 26.39
C ASP K 710 0.22 67.14 26.47
N GLY K 711 -0.40 66.68 25.39
CA GLY K 711 -1.06 65.39 25.41
C GLY K 711 -2.46 65.42 25.96
N SER K 712 -3.20 66.51 25.74
CA SER K 712 -4.58 66.62 26.18
C SER K 712 -5.57 66.41 25.05
N ASP K 713 -5.11 65.94 23.89
CA ASP K 713 -5.96 65.83 22.71
C ASP K 713 -6.32 64.40 22.34
N LEU K 714 -5.54 63.41 22.75
CA LEU K 714 -5.83 62.03 22.38
C LEU K 714 -7.09 61.56 23.08
N ALA K 715 -7.82 60.65 22.42
CA ALA K 715 -9.19 60.37 22.79
C ALA K 715 -9.28 59.38 23.94
N LEU K 716 -10.49 59.24 24.48
CA LEU K 716 -10.80 58.22 25.47
C LEU K 716 -11.89 57.32 24.91
N ILE K 717 -11.65 56.02 24.92
CA ILE K 717 -12.51 55.03 24.29
C ILE K 717 -12.96 54.03 25.34
N ASP K 718 -14.24 53.67 25.30
CA ASP K 718 -14.82 52.72 26.23
C ASP K 718 -15.56 51.58 25.55
N THR K 719 -15.83 51.67 24.25
CA THR K 719 -16.62 50.67 23.53
C THR K 719 -15.75 49.49 23.13
N HIS K 720 -16.29 48.62 22.29
CA HIS K 720 -15.55 47.46 21.81
C HIS K 720 -14.43 47.88 20.86
N LEU K 721 -13.36 47.09 20.85
CA LEU K 721 -12.18 47.36 20.05
C LEU K 721 -11.95 46.22 19.07
N SER K 722 -11.57 46.57 17.84
CA SER K 722 -11.35 45.58 16.78
C SER K 722 -10.07 44.78 16.97
N GLY K 723 -9.20 45.18 17.89
CA GLY K 723 -7.96 44.47 18.12
C GLY K 723 -8.02 43.28 19.05
N GLU K 724 -9.19 42.97 19.60
CA GLU K 724 -9.30 41.88 20.55
C GLU K 724 -9.24 40.53 19.85
N ASN K 725 -9.08 39.48 20.66
CA ASN K 725 -8.96 38.13 20.12
C ASN K 725 -10.29 37.54 19.68
N SER K 726 -11.41 38.05 20.17
CA SER K 726 -12.72 37.52 19.84
C SER K 726 -13.69 38.64 19.51
N THR K 727 -13.25 39.57 18.66
CA THR K 727 -14.13 40.64 18.23
C THR K 727 -15.31 40.09 17.45
N LEU K 728 -15.04 39.29 16.42
CA LEU K 728 -16.10 38.77 15.57
C LEU K 728 -17.04 37.87 16.35
N ILE K 729 -16.49 37.07 17.26
CA ILE K 729 -17.31 36.21 18.09
C ILE K 729 -18.29 37.03 18.93
N ALA K 730 -17.78 38.08 19.57
CA ALA K 730 -18.62 38.90 20.43
C ALA K 730 -19.70 39.61 19.63
N ASN K 731 -19.34 40.20 18.48
CA ASN K 731 -20.35 40.89 17.69
C ASN K 731 -21.41 39.93 17.18
N SER K 732 -21.00 38.77 16.69
CA SER K 732 -21.96 37.80 16.18
C SER K 732 -22.88 37.29 17.27
N MET K 733 -22.34 37.06 18.47
CA MET K 733 -23.17 36.47 19.52
C MET K 733 -24.12 37.51 20.12
N HIS K 734 -23.67 38.77 20.18
CA HIS K 734 -24.58 39.88 20.46
C HIS K 734 -25.70 39.93 19.43
N ASN K 735 -25.36 39.76 18.16
CA ASN K 735 -26.37 39.71 17.12
C ASN K 735 -27.34 38.56 17.36
N MET K 736 -26.83 37.44 17.85
CA MET K 736 -27.68 36.29 18.15
C MET K 736 -28.69 36.63 19.24
N ALA K 737 -28.23 37.31 20.29
CA ALA K 737 -29.15 37.73 21.35
C ALA K 737 -30.21 38.68 20.81
N ILE K 738 -29.81 39.67 20.02
CA ILE K 738 -30.77 40.63 19.47
C ILE K 738 -31.77 39.92 18.59
N GLY K 739 -31.31 38.94 17.81
CA GLY K 739 -32.21 38.18 16.96
C GLY K 739 -33.23 37.40 17.77
N THR K 740 -32.80 36.77 18.86
CA THR K 740 -33.74 36.06 19.70
C THR K 740 -34.80 37.00 20.26
N LEU K 741 -34.38 38.19 20.69
CA LEU K 741 -35.37 39.16 21.17
C LEU K 741 -36.37 39.54 20.08
N MET K 742 -35.90 39.80 18.85
CA MET K 742 -36.88 40.24 17.85
C MET K 742 -37.85 39.11 17.49
N GLN K 743 -37.36 37.86 17.41
CA GLN K 743 -38.29 36.77 17.15
C GLN K 743 -39.32 36.63 18.27
N ARG K 744 -38.87 36.74 19.53
CA ARG K 744 -39.82 36.63 20.64
C ARG K 744 -40.87 37.73 20.57
N GLU K 745 -40.44 38.96 20.30
CA GLU K 745 -41.39 40.07 20.27
C GLU K 745 -42.37 39.96 19.11
N VAL K 746 -41.90 39.58 17.93
CA VAL K 746 -42.83 39.50 16.81
C VAL K 746 -43.79 38.34 17.01
N GLY K 747 -43.33 37.25 17.62
CA GLY K 747 -44.24 36.17 17.95
C GLY K 747 -45.28 36.59 18.97
N ARG K 748 -44.89 37.41 19.93
CA ARG K 748 -45.84 37.85 20.95
C ARG K 748 -46.89 38.80 20.37
N GLU K 749 -46.46 39.80 19.62
CA GLU K 749 -47.36 40.87 19.19
C GLU K 749 -48.30 40.43 18.07
N GLN K 750 -47.84 39.59 17.15
CA GLN K 750 -48.68 39.01 16.10
C GLN K 750 -48.52 37.50 16.05
N PRO K 751 -49.45 36.75 16.63
CA PRO K 751 -49.34 35.28 16.57
C PRO K 751 -49.69 34.76 15.18
N GLY K 752 -48.77 33.98 14.61
CA GLY K 752 -49.04 33.23 13.40
C GLY K 752 -48.84 33.97 12.09
N VAL K 753 -48.56 35.27 12.12
CA VAL K 753 -48.37 36.00 10.87
C VAL K 753 -47.07 35.60 10.20
N LEU K 754 -45.99 35.54 10.97
CA LEU K 754 -44.67 35.26 10.42
C LEU K 754 -44.04 34.11 11.19
N THR K 755 -43.63 33.06 10.47
CA THR K 755 -42.99 31.90 11.07
C THR K 755 -41.57 31.80 10.55
N PHE K 756 -40.61 31.69 11.47
CA PHE K 756 -39.20 31.69 11.13
C PHE K 756 -38.74 30.28 10.80
N LEU K 757 -38.10 30.13 9.64
CA LEU K 757 -37.59 28.85 9.18
C LEU K 757 -36.10 28.69 9.39
N SER K 758 -35.33 29.76 9.21
CA SER K 758 -33.89 29.68 9.38
C SER K 758 -33.32 31.02 9.79
N GLU K 759 -32.30 31.00 10.63
CA GLU K 759 -31.58 32.18 11.06
C GLU K 759 -30.09 31.97 10.91
N GLN K 760 -29.39 32.99 10.43
CA GLN K 760 -27.93 32.96 10.37
C GLN K 760 -27.37 34.30 10.78
N TYR K 761 -26.19 34.27 11.41
CA TYR K 761 -25.51 35.46 11.89
C TYR K 761 -24.05 35.38 11.48
N VAL K 762 -23.53 36.48 10.92
CA VAL K 762 -22.11 36.56 10.63
C VAL K 762 -21.63 38.01 10.73
N GLY K 763 -20.67 38.24 11.62
CA GLY K 763 -20.18 39.60 11.85
C GLY K 763 -21.30 40.48 12.38
N ASP K 764 -21.55 41.58 11.67
CA ASP K 764 -22.63 42.49 11.98
C ASP K 764 -23.86 42.27 11.09
N ASP K 765 -23.93 41.14 10.40
CA ASP K 765 -25.00 40.86 9.45
C ASP K 765 -25.86 39.70 9.95
N THR K 766 -27.17 39.83 9.76
CA THR K 766 -28.12 38.80 10.12
C THR K 766 -28.94 38.44 8.89
N LEU K 767 -29.49 37.23 8.88
CA LEU K 767 -30.35 36.81 7.79
C LEU K 767 -31.40 35.86 8.33
N PHE K 768 -32.65 36.06 7.90
CA PHE K 768 -33.76 35.21 8.29
C PHE K 768 -34.50 34.74 7.04
N TYR K 769 -34.72 33.43 6.95
CA TYR K 769 -35.67 32.87 6.00
C TYR K 769 -36.94 32.53 6.74
N THR K 770 -38.07 33.09 6.29
CA THR K 770 -39.35 32.94 6.96
C THR K 770 -40.43 32.66 5.93
N LYS K 771 -41.59 32.22 6.41
CA LYS K 771 -42.79 32.11 5.61
C LYS K 771 -43.77 33.20 6.04
N LEU K 772 -44.29 33.93 5.06
CA LEU K 772 -45.28 34.98 5.32
C LEU K 772 -46.66 34.44 4.98
N HIS K 773 -47.58 34.49 5.95
CA HIS K 773 -48.89 33.89 5.79
C HIS K 773 -49.98 34.92 5.52
N THR K 774 -49.65 35.99 4.80
CA THR K 774 -50.65 37.00 4.49
C THR K 774 -50.27 37.72 3.20
N THR K 775 -51.29 38.31 2.58
CA THR K 775 -51.10 39.21 1.45
C THR K 775 -51.68 40.58 1.73
N ASP K 776 -52.25 40.80 2.91
CA ASP K 776 -52.80 42.09 3.28
C ASP K 776 -51.69 43.11 3.48
N THR K 777 -52.01 44.38 3.24
CA THR K 777 -51.02 45.44 3.29
C THR K 777 -50.74 45.89 4.72
N LYS K 778 -51.78 46.32 5.44
CA LYS K 778 -51.57 46.95 6.74
C LYS K 778 -50.97 45.99 7.74
N VAL K 779 -51.25 44.69 7.62
CA VAL K 779 -50.63 43.71 8.50
C VAL K 779 -49.13 43.70 8.31
N PHE K 780 -48.69 43.71 7.05
CA PHE K 780 -47.26 43.76 6.76
C PHE K 780 -46.65 45.04 7.29
N ASP K 781 -47.35 46.15 7.12
CA ASP K 781 -46.83 47.43 7.63
C ASP K 781 -46.64 47.36 9.13
N LYS K 782 -47.62 46.84 9.85
CA LYS K 782 -47.51 46.83 11.30
C LYS K 782 -46.45 45.85 11.77
N VAL K 783 -46.26 44.75 11.02
CA VAL K 783 -45.19 43.81 11.34
C VAL K 783 -43.82 44.49 11.19
N ALA K 784 -43.62 45.20 10.09
CA ALA K 784 -42.35 45.89 9.88
C ALA K 784 -42.13 46.95 10.95
N ALA K 785 -43.19 47.67 11.31
CA ALA K 785 -43.08 48.67 12.36
C ALA K 785 -42.71 48.03 13.69
N SER K 786 -43.28 46.86 13.99
CA SER K 786 -42.95 46.18 15.24
C SER K 786 -41.48 45.76 15.25
N ILE K 787 -40.98 45.27 14.12
CA ILE K 787 -39.57 44.86 14.07
C ILE K 787 -38.66 46.05 14.32
N PHE K 788 -38.95 47.17 13.66
CA PHE K 788 -38.11 48.34 13.84
C PHE K 788 -38.18 48.87 15.26
N ASP K 789 -39.38 48.85 15.86
CA ASP K 789 -39.52 49.30 17.24
C ASP K 789 -38.74 48.41 18.19
N THR K 790 -38.75 47.10 17.96
CA THR K 790 -37.97 46.20 18.80
C THR K 790 -36.48 46.50 18.69
N VAL K 791 -36.00 46.74 17.47
CA VAL K 791 -34.58 47.06 17.30
C VAL K 791 -34.24 48.36 18.02
N ALA K 792 -35.10 49.37 17.92
CA ALA K 792 -34.87 50.61 18.62
C ALA K 792 -34.86 50.39 20.14
N LYS K 793 -35.77 49.57 20.64
CA LYS K 793 -35.82 49.27 22.06
C LYS K 793 -34.61 48.49 22.53
N CYS K 794 -33.93 47.78 21.64
CA CYS K 794 -32.72 47.05 22.01
C CYS K 794 -31.48 47.94 22.07
N GLY K 795 -31.65 49.25 22.12
CA GLY K 795 -30.50 50.14 22.18
C GLY K 795 -29.68 50.16 20.92
N HIS K 796 -30.32 50.03 19.77
CA HIS K 796 -29.63 50.10 18.48
C HIS K 796 -30.51 50.84 17.49
N GLU K 797 -30.03 50.95 16.26
CA GLU K 797 -30.78 51.62 15.21
C GLU K 797 -30.52 50.87 13.92
N ALA K 798 -31.59 50.53 13.21
CA ALA K 798 -31.50 49.85 11.92
C ALA K 798 -32.03 50.76 10.83
N SER K 799 -31.23 50.99 9.80
CA SER K 799 -31.61 51.93 8.76
C SER K 799 -32.69 51.31 7.88
N PRO K 800 -33.87 51.91 7.78
CA PRO K 800 -34.90 51.37 6.89
C PRO K 800 -34.58 51.56 5.42
N SER K 801 -33.64 52.43 5.08
CA SER K 801 -33.32 52.67 3.68
C SER K 801 -32.62 51.47 3.06
N LYS K 802 -31.78 50.79 3.84
CA LYS K 802 -31.02 49.66 3.35
C LYS K 802 -31.37 48.34 4.00
N THR K 803 -32.38 48.31 4.86
CA THR K 803 -32.87 47.05 5.41
C THR K 803 -33.62 46.28 4.34
N MET K 804 -33.40 44.97 4.30
CA MET K 804 -33.91 44.12 3.23
C MET K 804 -35.07 43.27 3.72
N MET K 805 -36.19 43.29 2.99
CA MET K 805 -37.33 42.42 3.25
C MET K 805 -37.95 42.07 1.90
N THR K 806 -37.54 40.95 1.32
CA THR K 806 -37.93 40.68 -0.06
C THR K 806 -38.21 39.20 -0.28
N PRO K 807 -39.10 38.87 -1.21
CA PRO K 807 -39.31 37.47 -1.58
C PRO K 807 -38.21 36.83 -2.42
N TYR K 808 -37.80 37.47 -3.51
CA TYR K 808 -37.09 36.78 -4.58
C TYR K 808 -35.61 37.16 -4.71
N SER K 809 -35.04 37.86 -3.74
CA SER K 809 -33.65 38.26 -3.83
C SER K 809 -32.93 37.91 -2.53
N VAL K 810 -31.69 37.45 -2.64
CA VAL K 810 -30.89 37.10 -1.47
C VAL K 810 -29.53 37.78 -1.60
N GLU K 811 -29.06 38.37 -0.51
CA GLU K 811 -27.71 38.91 -0.44
C GLU K 811 -27.05 38.39 0.83
N LYS K 812 -25.80 37.96 0.71
CA LYS K 812 -25.04 37.49 1.86
C LYS K 812 -23.56 37.55 1.55
N THR K 813 -22.81 38.22 2.42
CA THR K 813 -21.34 38.27 2.35
C THR K 813 -20.87 38.71 0.97
N GLN K 814 -21.43 39.81 0.50
CA GLN K 814 -21.12 40.38 -0.81
C GLN K 814 -21.40 39.41 -1.95
N THR K 815 -22.43 38.58 -1.79
CA THR K 815 -22.90 37.68 -2.83
C THR K 815 -24.36 37.96 -3.08
N HIS K 816 -24.73 38.13 -4.35
CA HIS K 816 -26.08 38.53 -4.73
C HIS K 816 -26.71 37.46 -5.61
N ALA K 817 -27.96 37.11 -5.29
CA ALA K 817 -28.72 36.13 -6.06
C ALA K 817 -30.10 36.68 -6.33
N LYS K 818 -30.53 36.61 -7.58
CA LYS K 818 -31.85 37.07 -8.00
C LYS K 818 -32.51 35.99 -8.85
N GLN K 819 -33.62 35.45 -8.36
CA GLN K 819 -34.44 34.48 -9.09
C GLN K 819 -33.62 33.25 -9.49
N GLY K 820 -32.74 32.81 -8.60
CA GLY K 820 -32.00 31.59 -8.80
C GLY K 820 -30.68 31.71 -9.52
N CYS K 821 -30.32 32.89 -10.00
CA CYS K 821 -29.08 33.09 -10.73
C CYS K 821 -28.09 33.89 -9.90
N TYR K 822 -26.82 33.83 -10.31
CA TYR K 822 -25.73 34.49 -9.60
C TYR K 822 -25.36 35.77 -10.34
N VAL K 823 -25.54 36.91 -9.67
CA VAL K 823 -25.19 38.20 -10.26
C VAL K 823 -23.91 38.71 -9.63
N PRO K 824 -22.78 38.56 -10.31
CA PRO K 824 -21.49 38.93 -9.70
C PRO K 824 -21.28 40.43 -9.68
N GLN K 825 -20.43 40.85 -8.75
CA GLN K 825 -19.95 42.22 -8.68
C GLN K 825 -18.42 42.22 -8.75
N ASP K 826 -17.89 43.12 -9.57
CA ASP K 826 -16.46 43.20 -9.82
C ASP K 826 -15.88 44.33 -8.98
N ARG K 827 -15.14 43.96 -7.92
CA ARG K 827 -14.55 44.96 -7.04
C ARG K 827 -13.04 44.75 -6.88
N MET K 828 -12.41 43.94 -7.72
CA MET K 828 -11.00 43.67 -7.59
C MET K 828 -10.19 44.72 -8.35
N MET K 829 -9.17 45.27 -7.69
CA MET K 829 -8.36 46.32 -8.28
C MET K 829 -7.40 45.75 -9.31
N ILE K 830 -7.14 46.52 -10.35
CA ILE K 830 -6.15 46.15 -11.35
C ILE K 830 -5.03 47.17 -11.48
N ILE K 831 -5.22 48.40 -11.02
CA ILE K 831 -4.22 49.44 -11.19
C ILE K 831 -3.58 49.77 -9.86
N SER K 832 -4.39 50.01 -8.85
CA SER K 832 -3.88 50.41 -7.54
C SER K 832 -3.59 49.19 -6.68
N SER K 833 -3.12 49.44 -5.46
CA SER K 833 -2.86 48.39 -4.49
C SER K 833 -3.06 48.95 -3.10
N GLU K 834 -3.48 48.08 -2.18
CA GLU K 834 -3.72 48.52 -0.81
C GLU K 834 -2.45 48.89 -0.07
N ARG K 835 -1.32 48.25 -0.39
CA ARG K 835 -0.08 48.46 0.33
C ARG K 835 1.06 48.21 -0.64
N ARG K 836 2.19 48.84 -0.38
CA ARG K 836 3.31 48.79 -1.31
C ARG K 836 3.84 47.37 -1.38
N LYS K 837 3.96 46.86 -2.59
CA LYS K 837 4.44 45.50 -2.79
C LYS K 837 5.81 45.54 -3.44
N ASP K 838 6.76 44.85 -2.82
CA ASP K 838 8.09 44.66 -3.37
C ASP K 838 8.14 43.25 -3.94
N ILE K 839 8.43 43.15 -5.22
CA ILE K 839 8.32 41.87 -5.93
C ILE K 839 9.66 41.16 -5.72
N GLU K 840 9.69 40.27 -4.73
CA GLU K 840 10.85 39.43 -4.51
C GLU K 840 10.91 38.25 -5.46
N ASP K 841 9.81 37.96 -6.15
CA ASP K 841 9.75 36.87 -7.11
C ASP K 841 8.78 37.28 -8.20
N VAL K 842 9.29 37.54 -9.40
CA VAL K 842 8.41 38.00 -10.48
C VAL K 842 7.48 36.88 -10.90
N GLN K 843 7.96 35.63 -10.92
CA GLN K 843 7.14 34.52 -11.38
C GLN K 843 5.96 34.27 -10.45
N GLY K 844 6.21 34.24 -9.14
CA GLY K 844 5.12 34.04 -8.20
C GLY K 844 4.11 35.18 -8.22
N TYR K 845 4.60 36.40 -8.35
CA TYR K 845 3.70 37.55 -8.43
C TYR K 845 2.82 37.48 -9.67
N VAL K 846 3.39 37.09 -10.80
CA VAL K 846 2.61 36.98 -12.02
C VAL K 846 1.58 35.86 -11.89
N ARG K 847 1.95 34.75 -11.23
CA ARG K 847 0.96 33.70 -10.99
C ARG K 847 -0.17 34.20 -10.10
N SER K 848 0.15 34.99 -9.09
CA SER K 848 -0.90 35.55 -8.25
C SER K 848 -1.82 36.43 -9.07
N GLN K 849 -1.25 37.25 -9.96
CA GLN K 849 -2.08 38.17 -10.72
C GLN K 849 -2.93 37.43 -11.75
N VAL K 850 -2.41 36.34 -12.32
CA VAL K 850 -3.24 35.59 -13.26
C VAL K 850 -4.34 34.85 -12.52
N GLN K 851 -4.09 34.45 -11.27
CA GLN K 851 -5.19 33.93 -10.44
C GLN K 851 -6.27 34.98 -10.27
N THR K 852 -5.86 36.21 -9.94
CA THR K 852 -6.83 37.29 -9.74
C THR K 852 -7.62 37.56 -11.00
N MET K 853 -6.95 37.57 -12.16
CA MET K 853 -7.66 37.83 -13.40
C MET K 853 -8.57 36.69 -13.78
N ILE K 854 -8.21 35.45 -13.42
CA ILE K 854 -9.12 34.33 -13.64
C ILE K 854 -10.41 34.53 -12.83
N THR K 855 -10.27 34.94 -11.56
CA THR K 855 -11.46 35.23 -10.77
C THR K 855 -12.27 36.34 -11.41
N LYS K 856 -11.60 37.40 -11.86
CA LYS K 856 -12.30 38.54 -12.43
C LYS K 856 -13.06 38.17 -13.69
N VAL K 857 -12.46 37.37 -14.57
CA VAL K 857 -13.15 36.97 -15.78
C VAL K 857 -14.26 35.98 -15.44
N SER K 858 -14.14 35.25 -14.33
CA SER K 858 -15.25 34.43 -13.89
C SER K 858 -16.41 35.29 -13.41
N ARG K 859 -16.13 36.51 -12.95
CA ARG K 859 -17.18 37.43 -12.53
C ARG K 859 -17.74 38.25 -13.69
N GLY K 860 -17.49 37.86 -14.93
CA GLY K 860 -18.07 38.52 -16.07
C GLY K 860 -17.18 39.45 -16.86
N PHE K 861 -15.89 39.51 -16.55
CA PHE K 861 -14.97 40.34 -17.29
C PHE K 861 -14.78 39.75 -18.70
N CYS K 862 -14.29 40.58 -19.62
CA CYS K 862 -14.00 40.12 -20.97
C CYS K 862 -12.71 39.30 -20.99
N HIS K 863 -12.75 38.15 -21.67
CA HIS K 863 -11.61 37.24 -21.68
C HIS K 863 -10.44 37.82 -22.49
N ASP K 864 -10.73 38.30 -23.69
CA ASP K 864 -9.67 38.79 -24.57
C ASP K 864 -9.00 40.02 -24.00
N LEU K 865 -9.77 40.90 -23.37
CA LEU K 865 -9.18 42.06 -22.72
C LEU K 865 -8.27 41.64 -21.57
N ALA K 866 -8.66 40.58 -20.85
CA ALA K 866 -7.79 40.06 -19.80
C ALA K 866 -6.48 39.54 -20.38
N GLN K 867 -6.55 38.83 -21.50
CA GLN K 867 -5.33 38.37 -22.15
C GLN K 867 -4.46 39.55 -22.56
N LEU K 868 -5.07 40.60 -23.10
CA LEU K 868 -4.30 41.78 -23.49
C LEU K 868 -3.62 42.43 -22.29
N ILE K 869 -4.34 42.54 -21.18
CA ILE K 869 -3.77 43.17 -19.99
C ILE K 869 -2.60 42.36 -19.46
N LEU K 870 -2.74 41.04 -19.42
CA LEU K 870 -1.64 40.21 -18.95
C LEU K 870 -0.46 40.23 -19.91
N MET K 871 -0.71 40.27 -21.23
CA MET K 871 0.41 40.39 -22.16
C MET K 871 1.10 41.75 -22.05
N LEU K 872 0.37 42.78 -21.64
CA LEU K 872 1.03 44.03 -21.28
C LEU K 872 1.93 43.84 -20.08
N LYS K 873 1.36 43.31 -19.00
CA LYS K 873 2.07 43.35 -17.73
C LYS K 873 3.18 42.31 -17.66
N THR K 874 3.19 41.34 -18.57
CA THR K 874 4.23 40.32 -18.53
C THR K 874 5.59 40.83 -18.99
N THR K 875 5.68 42.07 -19.47
CA THR K 875 6.93 42.59 -19.97
C THR K 875 7.54 43.70 -19.11
N PHE K 876 6.74 44.44 -18.36
CA PHE K 876 7.26 45.57 -17.61
C PHE K 876 7.49 45.30 -16.13
N ILE K 877 7.18 44.10 -15.64
CA ILE K 877 7.40 43.82 -14.23
C ILE K 877 8.89 43.76 -13.93
N GLY K 878 9.66 43.04 -14.74
CA GLY K 878 11.07 42.88 -14.49
C GLY K 878 11.90 44.13 -14.72
N ALA K 879 11.40 45.07 -15.51
CA ALA K 879 12.17 46.25 -15.84
C ALA K 879 12.37 47.12 -14.60
N TRP K 880 13.47 47.88 -14.62
CA TRP K 880 13.88 48.83 -13.58
C TRP K 880 14.25 48.13 -12.28
N LYS K 881 14.26 46.80 -12.25
CA LYS K 881 14.71 46.06 -11.10
C LYS K 881 16.21 45.82 -11.13
N MET K 882 16.80 45.84 -12.33
CA MET K 882 18.23 45.62 -12.49
C MET K 882 18.99 46.93 -12.31
N LYS K 883 20.01 46.89 -11.47
CA LYS K 883 20.94 48.01 -11.30
C LYS K 883 22.31 47.43 -10.99
N ARG K 884 23.31 48.32 -10.92
CA ARG K 884 24.72 47.96 -10.69
C ARG K 884 25.15 46.73 -11.49
N THR K 885 24.78 46.73 -12.77
CA THR K 885 25.04 45.61 -13.66
C THR K 885 25.13 46.14 -15.09
N ILE K 886 26.19 45.79 -15.80
CA ILE K 886 26.35 46.23 -17.18
C ILE K 886 26.68 45.05 -18.08
N LYS K 887 26.18 45.09 -19.30
CA LYS K 887 26.42 44.06 -20.30
C LYS K 887 27.25 44.65 -21.42
N GLU K 888 28.39 44.03 -21.71
CA GLU K 888 29.21 44.40 -22.84
C GLU K 888 29.64 43.15 -23.58
N ASP K 889 29.65 43.22 -24.91
CA ASP K 889 29.95 42.11 -25.82
C ASP K 889 29.28 40.82 -25.37
N ALA K 890 27.98 40.92 -25.09
CA ALA K 890 27.11 39.80 -24.73
C ALA K 890 27.54 39.11 -23.43
N MET K 891 28.41 39.75 -22.65
CA MET K 891 28.79 39.27 -21.33
C MET K 891 28.28 40.23 -20.28
N TYR K 892 27.65 39.68 -19.25
CA TYR K 892 27.13 40.46 -18.13
C TYR K 892 28.18 40.51 -17.04
N ARG K 893 28.33 41.67 -16.41
CA ARG K 893 29.37 41.83 -15.40
C ARG K 893 29.04 43.03 -14.52
N ASP K 894 29.92 43.24 -13.53
CA ASP K 894 29.76 44.27 -12.52
C ASP K 894 29.89 45.66 -13.16
N ARG K 895 29.43 46.68 -12.42
CA ARG K 895 29.39 48.04 -12.90
C ARG K 895 30.81 48.57 -13.06
N LYS K 896 31.29 48.58 -14.31
CA LYS K 896 32.58 49.14 -14.73
C LYS K 896 33.71 48.88 -13.74
N PHE K 897 34.44 49.92 -13.39
CA PHE K 897 35.55 49.85 -12.45
C PHE K 897 35.60 51.18 -11.70
N ASP K 898 36.75 51.47 -11.09
CA ASP K 898 37.01 52.80 -10.55
C ASP K 898 37.26 53.83 -11.64
N SER K 899 37.24 53.43 -12.91
CA SER K 899 37.44 54.37 -14.01
C SER K 899 36.34 55.43 -14.03
N ASN K 900 35.11 55.03 -13.75
CA ASN K 900 33.96 55.93 -13.68
C ASN K 900 33.78 56.72 -14.98
N ASP K 901 34.08 56.09 -16.10
CA ASP K 901 33.89 56.73 -17.39
C ASP K 901 32.43 56.73 -17.82
N GLU K 902 31.66 55.71 -17.42
CA GLU K 902 30.22 55.62 -17.69
C GLU K 902 29.47 55.26 -16.42
N ASP K 903 29.75 56.00 -15.34
CA ASP K 903 29.10 55.73 -14.07
C ASP K 903 27.63 56.11 -14.05
N GLY K 904 27.20 56.98 -14.96
CA GLY K 904 25.84 57.48 -14.95
C GLY K 904 24.82 56.68 -15.74
N PHE K 905 25.18 55.50 -16.22
CA PHE K 905 24.31 54.71 -17.09
C PHE K 905 23.78 53.49 -16.35
N THR K 906 22.60 53.05 -16.77
CA THR K 906 21.92 51.90 -16.18
C THR K 906 21.32 51.06 -17.30
N LEU K 907 21.25 49.75 -17.08
CA LEU K 907 20.73 48.81 -18.06
C LEU K 907 19.26 48.50 -17.79
N ILE K 908 18.44 48.63 -18.83
CA ILE K 908 17.02 48.31 -18.77
C ILE K 908 16.76 47.15 -19.74
N GLN K 909 15.95 46.20 -19.29
CA GLN K 909 15.64 45.01 -20.08
C GLN K 909 14.13 44.84 -20.16
N ILE K 910 13.66 44.46 -21.34
CA ILE K 910 12.24 44.29 -21.62
C ILE K 910 12.02 42.88 -22.14
N ARG K 911 11.12 42.15 -21.51
CA ARG K 911 10.81 40.79 -21.90
C ARG K 911 9.82 40.78 -23.06
N ASN K 912 9.61 39.61 -23.60
CA ASN K 912 8.67 39.45 -24.70
C ASN K 912 7.27 39.15 -24.16
N PRO K 913 6.22 39.71 -24.78
CA PRO K 913 4.86 39.40 -24.32
C PRO K 913 4.52 37.92 -24.39
N LEU K 914 4.98 37.23 -25.44
CA LEU K 914 4.61 35.85 -25.64
C LEU K 914 5.17 34.93 -24.56
N ALA K 915 6.12 35.41 -23.77
CA ALA K 915 6.59 34.67 -22.61
C ALA K 915 5.49 34.42 -21.59
N LEU K 916 4.33 35.05 -21.76
CA LEU K 916 3.17 34.71 -20.94
C LEU K 916 2.74 33.28 -21.13
N TYR K 917 2.99 32.70 -22.31
CA TYR K 917 2.45 31.40 -22.66
C TYR K 917 3.53 30.32 -22.79
N VAL K 918 4.56 30.36 -21.95
CA VAL K 918 5.61 29.34 -21.94
C VAL K 918 5.77 28.85 -20.50
N PRO K 919 5.82 27.54 -20.27
CA PRO K 919 5.59 27.02 -18.93
C PRO K 919 6.69 27.35 -17.93
N ILE K 920 6.29 27.40 -16.66
CA ILE K 920 7.24 27.43 -15.56
C ILE K 920 7.99 26.11 -15.53
N GLY K 921 9.24 26.17 -15.10
CA GLY K 921 10.14 25.04 -15.22
C GLY K 921 11.16 25.45 -16.25
N TRP K 922 10.66 26.13 -17.26
CA TRP K 922 11.47 27.02 -18.06
C TRP K 922 11.30 28.41 -17.43
N ASN K 923 11.74 29.46 -18.11
CA ASN K 923 11.76 30.78 -17.49
C ASN K 923 10.46 31.56 -17.70
N GLY K 924 9.34 30.87 -17.95
CA GLY K 924 8.14 31.51 -18.39
C GLY K 924 7.00 31.43 -17.39
N TYR K 925 5.79 31.64 -17.90
CA TYR K 925 4.57 31.69 -17.11
C TYR K 925 3.56 30.69 -17.68
N GLY K 926 2.89 29.96 -16.80
CA GLY K 926 2.09 28.83 -17.23
C GLY K 926 0.73 29.14 -17.83
N ALA K 927 0.55 30.35 -18.36
CA ALA K 927 -0.73 30.72 -18.93
C ALA K 927 -0.95 30.01 -20.27
N HIS K 928 -2.21 29.75 -20.58
CA HIS K 928 -2.57 29.09 -21.83
C HIS K 928 -3.41 30.02 -22.68
N PRO K 929 -3.07 30.19 -23.96
CA PRO K 929 -3.81 31.15 -24.79
C PRO K 929 -5.23 30.74 -25.10
N ALA K 930 -5.52 29.45 -25.16
CA ALA K 930 -6.88 29.03 -25.51
C ALA K 930 -7.87 29.33 -24.39
N ALA K 931 -7.48 29.07 -23.15
CA ALA K 931 -8.32 29.35 -22.00
C ALA K 931 -7.44 29.53 -20.78
N LEU K 932 -7.65 30.63 -20.06
CA LEU K 932 -6.77 30.97 -18.95
C LEU K 932 -6.82 29.96 -17.81
N ASN K 933 -7.91 29.22 -17.67
CA ASN K 933 -8.02 28.27 -16.57
C ASN K 933 -7.20 27.01 -16.79
N ILE K 934 -6.61 26.83 -17.96
CA ILE K 934 -5.74 25.69 -18.24
C ILE K 934 -4.30 26.09 -17.95
N VAL K 935 -3.58 25.24 -17.23
CA VAL K 935 -2.20 25.52 -16.84
C VAL K 935 -1.28 24.95 -17.89
N MET K 936 -0.45 25.81 -18.49
CA MET K 936 0.50 25.36 -19.49
C MET K 936 1.66 24.62 -18.84
N THR K 937 1.95 23.42 -19.33
CA THR K 937 3.08 22.65 -18.88
C THR K 937 3.78 22.07 -20.09
N GLU K 938 4.94 21.45 -19.84
CA GLU K 938 5.75 20.91 -20.93
C GLU K 938 5.00 19.83 -21.69
N GLU K 939 4.37 18.91 -20.96
CA GLU K 939 3.52 17.93 -21.61
C GLU K 939 2.35 18.60 -22.31
N MET K 940 1.76 19.61 -21.69
CA MET K 940 0.70 20.37 -22.35
C MET K 940 1.23 21.02 -23.60
N TYR K 941 2.46 21.51 -23.56
CA TYR K 941 3.06 22.13 -24.75
C TYR K 941 3.20 21.12 -25.88
N VAL K 942 3.71 19.92 -25.57
CA VAL K 942 3.94 18.96 -26.65
C VAL K 942 2.61 18.45 -27.21
N ASP K 943 1.60 18.23 -26.35
CA ASP K 943 0.31 17.85 -26.91
C ASP K 943 -0.28 18.99 -27.74
N SER K 944 -0.10 20.23 -27.30
CA SER K 944 -0.64 21.35 -28.04
C SER K 944 -0.02 21.46 -29.42
N ILE K 945 1.29 21.19 -29.52
CA ILE K 945 1.91 21.21 -30.84
C ILE K 945 1.61 19.95 -31.63
N MET K 946 1.14 18.88 -30.98
CA MET K 946 0.73 17.70 -31.75
C MET K 946 -0.71 17.76 -32.23
N ILE K 947 -1.47 18.79 -31.86
CA ILE K 947 -2.85 18.95 -32.33
C ILE K 947 -2.86 19.94 -33.48
N SER K 948 -3.52 19.58 -34.58
CA SER K 948 -3.49 20.41 -35.78
C SER K 948 -4.32 21.68 -35.59
N LYS K 949 -5.49 21.58 -34.97
CA LYS K 949 -6.41 22.71 -34.90
C LYS K 949 -5.80 23.91 -34.21
N LEU K 950 -4.86 23.69 -33.30
CA LEU K 950 -4.26 24.78 -32.54
C LEU K 950 -3.08 25.42 -33.24
N ASP K 951 -2.74 24.97 -34.46
CA ASP K 951 -1.48 25.37 -35.08
C ASP K 951 -1.40 26.88 -35.28
N GLU K 952 -2.47 27.49 -35.78
CA GLU K 952 -2.46 28.94 -36.01
C GLU K 952 -2.30 29.69 -34.70
N ILE K 953 -2.78 29.12 -33.59
CA ILE K 953 -2.55 29.75 -32.29
C ILE K 953 -1.08 29.62 -31.89
N MET K 954 -0.47 28.47 -32.19
CA MET K 954 0.84 28.17 -31.66
C MET K 954 1.99 28.77 -32.46
N ALA K 955 1.72 29.26 -33.67
CA ALA K 955 2.80 29.65 -34.57
C ALA K 955 3.69 30.78 -34.04
N PRO K 956 3.17 31.89 -33.50
CA PRO K 956 4.10 32.89 -32.94
C PRO K 956 4.91 32.37 -31.76
N ILE K 957 4.30 31.56 -30.90
CA ILE K 957 5.03 30.98 -29.78
C ILE K 957 6.03 29.95 -30.28
N ARG K 958 5.76 29.38 -31.46
CA ARG K 958 6.41 28.16 -31.90
C ARG K 958 7.91 28.38 -32.09
N ARG K 959 8.31 29.63 -32.30
CA ARG K 959 9.70 30.02 -32.54
C ARG K 959 10.32 30.81 -31.39
N ILE K 960 9.70 30.83 -30.21
CA ILE K 960 10.21 31.67 -29.12
C ILE K 960 10.61 30.88 -27.88
N VAL K 961 10.13 29.65 -27.71
CA VAL K 961 10.14 28.97 -26.42
C VAL K 961 11.54 28.77 -25.84
N HIS K 962 12.59 28.97 -26.63
CA HIS K 962 13.95 28.70 -26.18
C HIS K 962 14.76 29.95 -25.93
N ASP K 963 14.16 31.14 -25.97
CA ASP K 963 14.89 32.39 -25.93
C ASP K 963 14.52 33.25 -24.72
N ILE K 964 13.90 32.67 -23.71
CA ILE K 964 13.39 33.41 -22.56
C ILE K 964 14.43 33.39 -21.44
N PRO K 965 14.93 34.54 -21.02
CA PRO K 965 16.01 34.57 -20.02
C PRO K 965 15.49 34.26 -18.63
N PRO K 966 16.36 33.84 -17.72
CA PRO K 966 15.91 33.50 -16.37
C PRO K 966 15.32 34.69 -15.63
N CYS K 967 14.42 34.40 -14.71
CA CYS K 967 13.70 35.41 -13.97
C CYS K 967 14.42 35.77 -12.67
N TRP K 968 13.88 36.76 -11.98
CA TRP K 968 14.46 37.30 -10.75
C TRP K 968 13.75 36.70 -9.55
N ASN K 969 14.52 36.29 -8.55
CA ASN K 969 13.95 35.71 -7.34
C ASN K 969 14.97 35.82 -6.22
N GLU K 970 14.64 36.57 -5.17
CA GLU K 970 15.57 36.80 -4.08
C GLU K 970 15.37 35.84 -2.92
N THR K 971 14.15 35.36 -2.70
CA THR K 971 13.87 34.55 -1.51
C THR K 971 14.64 33.24 -1.52
N GLN K 972 14.97 32.72 -2.70
CA GLN K 972 15.73 31.49 -2.79
C GLN K 972 17.16 31.68 -2.29
N GLY K 973 17.70 32.88 -2.43
CA GLY K 973 19.08 33.12 -2.03
C GLY K 973 19.25 33.09 -0.52
N ASP K 974 20.32 32.43 -0.08
CA ASP K 974 20.67 32.36 1.33
C ASP K 974 22.18 32.35 1.45
N LYS K 975 22.68 32.82 2.59
CA LYS K 975 24.11 32.95 2.80
C LYS K 975 24.46 32.60 4.24
N ARG K 976 25.75 32.32 4.46
CA ARG K 976 26.27 32.06 5.79
C ARG K 976 26.52 33.33 6.59
N GLY K 977 26.37 34.50 5.97
CA GLY K 977 26.57 35.77 6.64
C GLY K 977 25.41 36.22 7.50
N LEU K 978 24.40 35.37 7.69
CA LEU K 978 23.20 35.70 8.44
C LEU K 978 23.49 35.55 9.94
N ILE K 979 24.10 36.59 10.51
CA ILE K 979 24.37 36.65 11.94
C ILE K 979 23.56 37.80 12.53
N SER K 980 22.78 37.50 13.56
CA SER K 980 21.95 38.48 14.25
C SER K 980 22.29 38.49 15.73
N ALA K 981 22.38 39.70 16.31
CA ALA K 981 22.73 39.82 17.72
C ALA K 981 21.57 39.40 18.63
N THR K 982 20.34 39.54 18.17
CA THR K 982 19.19 39.08 18.95
C THR K 982 19.16 37.56 19.02
N LYS K 983 18.90 37.03 20.21
CA LYS K 983 18.99 35.59 20.47
C LYS K 983 17.66 35.06 20.98
N MET K 984 17.70 33.81 21.45
CA MET K 984 16.51 33.06 21.84
C MET K 984 16.45 32.91 23.35
N SER K 985 15.24 33.04 23.90
CA SER K 985 14.98 32.72 25.30
C SER K 985 13.63 32.06 25.51
N PHE K 986 12.99 31.57 24.46
CA PHE K 986 11.59 31.17 24.53
C PHE K 986 11.31 29.81 23.91
N PHE K 987 12.24 29.25 23.14
CA PHE K 987 12.03 27.90 22.61
C PHE K 987 11.83 26.89 23.74
N SER K 988 12.46 27.13 24.90
CA SER K 988 12.21 26.30 26.08
C SER K 988 10.83 26.52 26.67
N LYS K 989 10.19 27.65 26.38
CA LYS K 989 8.83 27.91 26.84
C LYS K 989 7.79 27.31 25.91
N MET K 990 8.03 27.36 24.60
CA MET K 990 7.12 26.76 23.65
C MET K 990 7.28 25.25 23.56
N ALA K 991 8.29 24.69 24.21
CA ALA K 991 8.53 23.26 24.18
C ALA K 991 7.45 22.52 24.95
N ARG K 992 6.91 21.48 24.33
CA ARG K 992 5.83 20.69 24.90
C ARG K 992 6.41 19.55 25.73
N PRO K 993 5.58 18.77 26.45
CA PRO K 993 6.13 17.78 27.39
C PRO K 993 7.13 16.79 26.79
N ALA K 994 6.91 16.33 25.56
CA ALA K 994 7.81 15.32 24.99
C ALA K 994 9.21 15.89 24.75
N VAL K 995 9.29 17.04 24.07
CA VAL K 995 10.60 17.63 23.78
C VAL K 995 11.24 18.17 25.06
N GLN K 996 10.43 18.64 26.01
CA GLN K 996 10.97 19.05 27.31
C GLN K 996 11.59 17.85 28.03
N ALA K 997 10.93 16.70 27.98
CA ALA K 997 11.50 15.49 28.57
C ALA K 997 12.80 15.11 27.86
N ALA K 998 12.81 15.19 26.53
CA ALA K 998 14.00 14.83 25.78
C ALA K 998 15.18 15.74 26.13
N LEU K 999 14.92 17.05 26.25
CA LEU K 999 15.99 17.98 26.56
C LEU K 999 16.43 17.91 28.01
N SER K 1000 15.51 17.53 28.92
CA SER K 1000 15.84 17.52 30.34
C SER K 1000 16.91 16.49 30.68
N ASP K 1001 16.81 15.29 30.12
CA ASP K 1001 17.73 14.22 30.48
C ASP K 1001 19.13 14.51 29.93
N PRO K 1002 20.17 14.06 30.64
CA PRO K 1002 21.54 14.42 30.26
C PRO K 1002 21.99 13.88 28.91
N GLN K 1003 21.94 12.56 28.69
CA GLN K 1003 22.66 12.01 27.56
C GLN K 1003 21.86 11.00 26.74
N ILE K 1004 20.55 10.92 26.92
CA ILE K 1004 19.76 10.04 26.06
C ILE K 1004 19.55 10.66 24.68
N ILE K 1005 19.77 11.97 24.54
CA ILE K 1005 19.53 12.63 23.27
C ILE K 1005 20.51 12.13 22.22
N ASN K 1006 21.69 11.67 22.65
CA ASN K 1006 22.61 11.04 21.71
C ASN K 1006 22.01 9.77 21.12
N LEU K 1007 21.35 8.97 21.95
CA LEU K 1007 20.62 7.81 21.46
C LEU K 1007 19.43 8.22 20.60
N VAL K 1008 18.80 9.35 20.93
CA VAL K 1008 17.66 9.81 20.15
C VAL K 1008 18.09 10.20 18.74
N GLU K 1009 19.28 10.78 18.60
CA GLU K 1009 19.71 11.33 17.31
C GLU K 1009 19.90 10.26 16.24
N GLU K 1010 19.91 8.98 16.59
CA GLU K 1010 20.05 7.93 15.57
C GLU K 1010 18.80 7.79 14.72
N LEU K 1011 17.67 8.33 15.17
CA LEU K 1011 16.42 8.28 14.42
C LEU K 1011 16.53 9.15 13.17
N PRO K 1012 15.69 8.90 12.15
CA PRO K 1012 15.79 9.67 10.92
C PRO K 1012 15.10 11.03 10.97
N LEU K 1013 14.80 11.51 12.18
CA LEU K 1013 14.05 12.76 12.32
C LEU K 1013 14.82 13.94 11.74
N GLY K 1014 16.12 14.00 11.99
CA GLY K 1014 16.95 15.02 11.38
C GLY K 1014 16.88 16.36 12.07
N GLU K 1015 16.67 17.43 11.29
CA GLU K 1015 16.77 18.79 11.81
C GLU K 1015 15.64 19.17 12.75
N PHE K 1016 14.59 18.35 12.86
CA PHE K 1016 13.49 18.62 13.76
C PHE K 1016 13.60 17.84 15.06
N SER K 1017 14.79 17.33 15.37
CA SER K 1017 15.05 16.68 16.63
C SER K 1017 15.14 17.72 17.74
N PRO K 1018 14.92 17.31 19.00
CA PRO K 1018 15.07 18.25 20.11
C PRO K 1018 16.47 18.84 20.15
N GLY K 1019 16.53 20.13 20.48
CA GLY K 1019 17.75 20.88 20.34
C GLY K 1019 17.84 21.58 19.01
N ARG K 1020 17.62 20.84 17.92
CA ARG K 1020 17.72 21.41 16.58
C ARG K 1020 16.49 22.20 16.20
N ILE K 1021 15.35 21.96 16.86
CA ILE K 1021 14.12 22.69 16.54
C ILE K 1021 14.31 24.18 16.78
N SER K 1022 15.08 24.53 17.83
CA SER K 1022 15.32 25.93 18.13
C SER K 1022 16.01 26.63 16.96
N ARG K 1023 17.11 26.07 16.47
CA ARG K 1023 17.80 26.72 15.36
C ARG K 1023 16.96 26.74 14.10
N THR K 1024 16.18 25.68 13.86
CA THR K 1024 15.32 25.67 12.69
C THR K 1024 14.27 26.78 12.77
N MET K 1025 13.70 27.01 13.95
CA MET K 1025 12.66 28.02 14.03
C MET K 1025 13.24 29.43 14.01
N MET K 1026 14.43 29.64 14.59
CA MET K 1026 15.12 30.91 14.35
C MET K 1026 15.36 31.14 12.87
N HIS K 1027 15.82 30.11 12.16
CA HIS K 1027 16.13 30.25 10.74
C HIS K 1027 14.87 30.60 9.94
N SER K 1028 13.77 29.90 10.22
CA SER K 1028 12.54 30.15 9.48
C SER K 1028 11.99 31.54 9.79
N ALA K 1029 11.99 31.93 11.07
CA ALA K 1029 11.47 33.25 11.43
C ALA K 1029 12.33 34.37 10.86
N LEU K 1030 13.64 34.15 10.78
CA LEU K 1030 14.52 35.16 10.19
C LEU K 1030 14.33 35.26 8.68
N LEU K 1031 14.17 34.12 8.00
CA LEU K 1031 13.98 34.15 6.56
C LEU K 1031 12.60 34.66 6.18
N LYS K 1032 11.63 34.60 7.09
CA LYS K 1032 10.31 35.13 6.83
C LYS K 1032 10.17 36.60 7.24
N GLU K 1033 11.26 37.25 7.64
CA GLU K 1033 11.25 38.63 8.09
C GLU K 1033 11.88 39.54 7.04
N SER K 1034 11.35 40.75 6.93
CA SER K 1034 11.80 41.74 5.95
C SER K 1034 12.88 42.67 6.47
N SER K 1035 13.36 42.48 7.70
CA SER K 1035 14.36 43.38 8.26
C SER K 1035 15.69 43.25 7.53
N ALA K 1036 16.13 42.02 7.26
CA ALA K 1036 17.41 41.77 6.63
C ALA K 1036 17.31 41.51 5.13
N ARG K 1037 16.14 41.72 4.55
CA ARG K 1037 15.96 41.41 3.13
C ARG K 1037 16.71 42.38 2.23
N THR K 1038 16.96 43.61 2.70
CA THR K 1038 17.65 44.58 1.86
C THR K 1038 19.10 44.16 1.59
N LEU K 1039 19.76 43.57 2.59
CA LEU K 1039 21.13 43.10 2.40
C LEU K 1039 21.17 41.95 1.40
N LEU K 1040 20.22 41.01 1.52
CA LEU K 1040 20.15 39.90 0.58
C LEU K 1040 19.86 40.39 -0.84
N SER K 1041 18.98 41.39 -0.97
CA SER K 1041 18.69 41.96 -2.29
C SER K 1041 19.92 42.64 -2.86
N SER K 1042 20.68 43.35 -2.03
CA SER K 1042 21.90 43.99 -2.51
C SER K 1042 22.93 42.96 -2.96
N GLY K 1043 23.10 41.89 -2.19
CA GLY K 1043 24.06 40.86 -2.57
C GLY K 1043 23.61 39.95 -3.68
N TYR K 1044 22.31 39.90 -3.96
CA TYR K 1044 21.76 38.96 -4.93
C TYR K 1044 22.21 39.25 -6.35
N GLU K 1045 22.69 40.46 -6.62
CA GLU K 1045 23.03 40.82 -7.98
C GLU K 1045 24.12 39.91 -8.54
N LEU K 1046 25.13 39.59 -7.72
CA LEU K 1046 26.26 38.79 -8.17
C LEU K 1046 25.80 37.41 -8.64
N GLU K 1047 25.01 36.73 -7.82
CA GLU K 1047 24.42 35.46 -8.24
C GLU K 1047 23.53 35.63 -9.46
N TYR K 1048 22.93 36.80 -9.62
CA TYR K 1048 22.11 37.01 -10.81
C TYR K 1048 22.96 37.06 -12.08
N GLN K 1049 24.11 37.76 -12.01
CA GLN K 1049 25.04 37.77 -13.17
C GLN K 1049 25.51 36.34 -13.43
N LYS K 1050 25.81 35.58 -12.38
CA LYS K 1050 26.27 34.21 -12.54
C LYS K 1050 25.21 33.37 -13.25
N ALA K 1051 23.95 33.51 -12.85
CA ALA K 1051 22.87 32.77 -13.49
C ALA K 1051 22.72 33.14 -14.95
N LEU K 1052 22.79 34.44 -15.25
CA LEU K 1052 22.68 34.87 -16.65
C LEU K 1052 23.83 34.35 -17.50
N ASN K 1053 25.05 34.38 -16.96
CA ASN K 1053 26.21 33.88 -17.69
C ASN K 1053 26.11 32.38 -17.92
N SER K 1054 25.57 31.64 -16.95
CA SER K 1054 25.41 30.21 -17.09
C SER K 1054 24.15 29.82 -17.86
N TRP K 1055 23.37 30.79 -18.31
CA TRP K 1055 22.13 30.49 -19.02
C TRP K 1055 22.43 29.90 -20.39
N ILE K 1056 21.71 28.84 -20.74
CA ILE K 1056 21.87 28.13 -22.00
C ILE K 1056 20.51 28.05 -22.67
N THR K 1057 20.47 28.31 -23.98
CA THR K 1057 19.21 28.37 -24.73
C THR K 1057 18.79 26.99 -25.24
N GLN K 1058 18.67 26.06 -24.30
CA GLN K 1058 18.31 24.69 -24.63
C GLN K 1058 17.10 24.26 -23.80
N VAL K 1059 16.33 23.33 -24.35
CA VAL K 1059 15.09 22.84 -23.75
C VAL K 1059 15.16 21.33 -23.68
N SER K 1060 14.83 20.77 -22.52
CA SER K 1060 15.18 19.39 -22.22
C SER K 1060 14.00 18.49 -21.85
N MET K 1061 12.99 19.00 -21.14
CA MET K 1061 11.82 18.26 -20.68
C MET K 1061 12.19 16.91 -20.03
N ARG K 1062 12.98 17.03 -18.95
CA ARG K 1062 13.28 15.90 -18.09
C ARG K 1062 11.99 15.31 -17.53
N LEU K 1063 11.71 14.05 -17.91
CA LEU K 1063 10.48 13.40 -17.50
C LEU K 1063 10.41 13.23 -15.99
N GLY K 1064 11.53 12.82 -15.38
CA GLY K 1064 11.58 12.71 -13.92
C GLY K 1064 12.17 13.95 -13.28
N GLU K 1065 11.30 14.77 -12.67
CA GLU K 1065 11.76 16.02 -12.09
C GLU K 1065 12.74 15.79 -10.96
N GLU K 1066 12.45 14.84 -10.08
CA GLU K 1066 13.34 14.51 -8.99
C GLU K 1066 13.09 13.06 -8.58
N SER K 1067 14.06 12.51 -7.86
CA SER K 1067 14.00 11.09 -7.52
C SER K 1067 12.79 10.75 -6.67
N GLY K 1068 12.45 11.59 -5.70
CA GLY K 1068 11.36 11.27 -4.81
C GLY K 1068 9.99 11.69 -5.29
N VAL K 1069 9.93 12.64 -6.22
CA VAL K 1069 8.67 13.24 -6.63
C VAL K 1069 8.35 12.83 -8.06
N ILE K 1070 7.10 13.04 -8.43
CA ILE K 1070 6.64 12.77 -9.79
C ILE K 1070 5.61 13.84 -10.14
N SER K 1071 5.50 14.16 -11.43
CA SER K 1071 4.58 15.16 -11.91
C SER K 1071 3.70 14.57 -13.00
N THR K 1072 2.93 15.43 -13.66
CA THR K 1072 1.99 14.96 -14.68
C THR K 1072 2.68 14.51 -15.96
N SER K 1073 3.94 14.92 -16.17
CA SER K 1073 4.67 14.47 -17.34
C SER K 1073 4.82 12.96 -17.39
N TYR K 1074 4.73 12.30 -16.23
CA TYR K 1074 4.75 10.85 -16.17
C TYR K 1074 3.67 10.24 -17.04
N ALA K 1075 2.55 10.95 -17.21
CA ALA K 1075 1.45 10.45 -18.01
C ALA K 1075 1.85 10.22 -19.45
N LYS K 1076 2.96 10.81 -19.90
CA LYS K 1076 3.39 10.61 -21.28
C LYS K 1076 4.09 9.28 -21.49
N LEU K 1077 4.20 8.43 -20.47
CA LEU K 1077 4.77 7.10 -20.71
C LEU K 1077 3.88 6.28 -21.64
N PHE K 1078 2.58 6.35 -21.45
CA PHE K 1078 1.64 5.56 -22.23
C PHE K 1078 1.04 6.38 -23.36
N ASP K 1079 0.36 5.69 -24.25
CA ASP K 1079 -0.38 6.34 -25.32
C ASP K 1079 -1.83 6.58 -24.90
N VAL K 1080 -2.37 7.72 -25.33
CA VAL K 1080 -3.74 8.10 -25.03
C VAL K 1080 -4.54 8.14 -26.31
N TYR K 1081 -5.73 7.56 -26.26
CA TYR K 1081 -6.63 7.41 -27.39
C TYR K 1081 -7.97 8.04 -27.05
N PHE K 1082 -8.73 8.41 -28.07
CA PHE K 1082 -10.06 8.96 -27.87
C PHE K 1082 -11.07 8.14 -28.64
N GLU K 1083 -12.11 7.68 -27.94
CA GLU K 1083 -13.12 6.84 -28.58
C GLU K 1083 -14.41 6.93 -27.80
N GLY K 1084 -15.48 6.43 -28.41
CA GLY K 1084 -16.76 6.33 -27.73
C GLY K 1084 -17.50 7.65 -27.67
N GLU K 1085 -18.79 7.63 -27.95
CA GLU K 1085 -19.62 8.82 -27.85
C GLU K 1085 -20.30 8.87 -26.50
N LEU K 1086 -20.62 10.09 -26.07
CA LEU K 1086 -21.24 10.32 -24.78
C LEU K 1086 -22.48 11.18 -24.94
N ASP K 1087 -23.17 11.41 -23.82
CA ASP K 1087 -24.37 12.24 -23.83
C ASP K 1087 -24.01 13.69 -24.11
N GLY K 1088 -24.56 14.23 -25.19
CA GLY K 1088 -24.32 15.60 -25.58
C GLY K 1088 -25.27 16.62 -24.99
N ALA K 1089 -26.12 16.22 -24.06
CA ALA K 1089 -27.09 17.14 -23.49
C ALA K 1089 -26.37 18.19 -22.64
N PRO K 1090 -26.58 19.48 -22.90
CA PRO K 1090 -25.95 20.51 -22.07
C PRO K 1090 -26.54 20.54 -20.67
N HIS K 1091 -25.73 20.97 -19.72
CA HIS K 1091 -26.13 21.04 -18.33
C HIS K 1091 -26.71 22.42 -18.02
N MET K 1092 -26.99 22.67 -16.74
CA MET K 1092 -27.54 23.92 -16.27
C MET K 1092 -26.69 24.47 -15.14
N PHE K 1093 -26.55 25.78 -15.09
CA PHE K 1093 -25.74 26.44 -14.07
C PHE K 1093 -26.29 27.83 -13.81
N PRO K 1094 -26.11 28.37 -12.61
CA PRO K 1094 -26.69 29.69 -12.30
C PRO K 1094 -25.89 30.87 -12.84
N ASP K 1095 -24.58 30.73 -13.02
CA ASP K 1095 -23.74 31.84 -13.48
C ASP K 1095 -23.78 31.95 -15.01
N GLN K 1096 -24.88 32.52 -15.50
CA GLN K 1096 -25.07 32.66 -16.94
C GLN K 1096 -24.18 33.74 -17.55
N ASN K 1097 -23.67 34.67 -16.75
CA ASN K 1097 -22.88 35.78 -17.27
C ASN K 1097 -21.45 35.29 -17.33
N LEU K 1098 -21.07 34.72 -18.49
CA LEU K 1098 -19.73 34.21 -18.68
C LEU K 1098 -19.26 34.46 -20.09
N SER K 1099 -17.94 34.51 -20.26
CA SER K 1099 -17.34 34.56 -21.57
C SER K 1099 -17.51 33.21 -22.27
N PRO K 1100 -17.57 33.20 -23.60
CA PRO K 1100 -17.84 31.93 -24.31
C PRO K 1100 -16.84 30.83 -24.01
N GLN K 1101 -15.57 31.15 -23.80
CA GLN K 1101 -14.59 30.11 -23.50
C GLN K 1101 -14.93 29.40 -22.20
N PHE K 1102 -15.34 30.16 -21.18
CA PHE K 1102 -15.78 29.54 -19.94
C PHE K 1102 -17.16 28.94 -20.07
N TYR K 1103 -18.01 29.55 -20.89
CA TYR K 1103 -19.39 29.10 -21.02
C TYR K 1103 -19.46 27.71 -21.63
N ILE K 1104 -18.66 27.45 -22.66
CA ILE K 1104 -18.71 26.12 -23.28
C ILE K 1104 -18.16 25.07 -22.33
N GLN K 1105 -17.17 25.42 -21.51
CA GLN K 1105 -16.67 24.49 -20.50
C GLN K 1105 -17.75 24.15 -19.49
N LYS K 1106 -18.47 25.15 -19.01
CA LYS K 1106 -19.56 24.90 -18.08
C LYS K 1106 -20.70 24.15 -18.74
N MET K 1107 -20.84 24.27 -20.05
CA MET K 1107 -21.90 23.58 -20.78
C MET K 1107 -21.59 22.09 -20.94
N MET K 1108 -20.40 21.76 -21.44
CA MET K 1108 -20.07 20.36 -21.67
C MET K 1108 -19.92 19.59 -20.36
N ILE K 1109 -19.24 20.18 -19.38
CA ILE K 1109 -19.07 19.58 -18.07
C ILE K 1109 -19.93 20.36 -17.08
N GLY K 1110 -20.82 19.65 -16.39
CA GLY K 1110 -21.76 20.30 -15.50
C GLY K 1110 -21.11 20.83 -14.25
N PRO K 1111 -21.91 21.46 -13.39
CA PRO K 1111 -21.37 21.95 -12.12
C PRO K 1111 -21.02 20.80 -11.19
N ARG K 1112 -20.14 21.08 -10.25
CA ARG K 1112 -19.67 20.06 -9.31
C ARG K 1112 -20.78 19.76 -8.31
N VAL K 1113 -21.49 18.66 -8.53
CA VAL K 1113 -22.52 18.25 -7.57
C VAL K 1113 -21.89 17.50 -6.40
N SER K 1114 -20.77 16.82 -6.64
CA SER K 1114 -20.13 16.04 -5.58
C SER K 1114 -19.30 16.94 -4.69
N SER K 1115 -19.49 16.81 -3.37
CA SER K 1115 -18.73 17.62 -2.42
C SER K 1115 -17.25 17.25 -2.44
N ARG K 1116 -16.95 15.96 -2.48
CA ARG K 1116 -15.56 15.52 -2.53
C ARG K 1116 -14.94 15.88 -3.86
N VAL K 1117 -13.67 16.27 -3.83
CA VAL K 1117 -12.95 16.65 -5.04
C VAL K 1117 -11.67 15.82 -5.20
N ARG K 1118 -11.66 14.61 -4.61
CA ARG K 1118 -10.53 13.68 -4.61
C ARG K 1118 -9.37 14.27 -3.82
N ASN K 1119 -8.45 13.43 -3.33
CA ASN K 1119 -7.45 13.93 -2.42
C ASN K 1119 -6.20 13.07 -2.54
N SER K 1120 -5.06 13.72 -2.83
CA SER K 1120 -3.79 13.04 -2.85
C SER K 1120 -3.30 12.77 -1.44
N TYR K 1121 -2.18 12.05 -1.35
CA TYR K 1121 -1.67 11.65 -0.04
C TYR K 1121 -1.15 12.87 0.74
N VAL K 1122 -0.34 13.70 0.10
CA VAL K 1122 0.27 14.84 0.77
C VAL K 1122 -0.80 15.83 1.21
N ASP K 1123 -1.85 15.99 0.41
CA ASP K 1123 -2.92 16.90 0.79
C ASP K 1123 -3.75 16.32 1.94
N ARG K 1124 -3.92 15.01 1.96
CA ARG K 1124 -4.51 14.38 3.14
C ARG K 1124 -3.69 14.68 4.39
N ILE K 1125 -2.37 14.58 4.27
CA ILE K 1125 -1.51 14.80 5.43
C ILE K 1125 -1.59 16.24 5.90
N ASP K 1126 -1.58 17.22 4.99
CA ASP K 1126 -1.58 18.60 5.45
C ASP K 1126 -2.97 19.04 5.92
N VAL K 1127 -4.03 18.42 5.38
CA VAL K 1127 -5.35 18.67 5.94
C VAL K 1127 -5.45 18.11 7.35
N ILE K 1128 -4.80 16.96 7.61
CA ILE K 1128 -4.73 16.47 8.98
C ILE K 1128 -3.93 17.42 9.86
N LEU K 1129 -2.79 17.93 9.34
CA LEU K 1129 -1.97 18.86 10.10
C LEU K 1129 -2.68 20.19 10.36
N ARG K 1130 -3.73 20.47 9.58
CA ARG K 1130 -4.55 21.66 9.85
C ARG K 1130 -5.11 21.63 11.26
N LYS K 1131 -5.36 20.45 11.81
CA LYS K 1131 -5.89 20.35 13.17
C LYS K 1131 -4.86 20.84 14.20
N ASP K 1132 -3.59 20.57 13.95
CA ASP K 1132 -2.52 21.15 14.74
C ASP K 1132 -2.56 22.66 14.58
N VAL K 1133 -2.15 23.35 15.63
CA VAL K 1133 -2.26 24.79 15.69
C VAL K 1133 -0.91 25.47 15.81
N VAL K 1134 0.00 24.89 16.60
CA VAL K 1134 1.25 25.58 16.93
C VAL K 1134 2.27 25.45 15.79
N MET K 1135 2.31 24.29 15.12
CA MET K 1135 3.30 24.04 14.08
C MET K 1135 2.76 24.07 12.67
N ARG K 1136 1.59 24.64 12.41
CA ARG K 1136 1.19 24.74 11.01
C ARG K 1136 2.13 25.60 10.18
N GLY K 1137 2.82 26.56 10.79
CA GLY K 1137 3.76 27.41 10.08
C GLY K 1137 5.17 26.90 10.03
N PHE K 1138 5.44 25.69 10.51
CA PHE K 1138 6.80 25.19 10.53
C PHE K 1138 6.90 23.76 10.00
N ILE K 1139 5.87 22.95 10.19
CA ILE K 1139 5.90 21.56 9.80
C ILE K 1139 5.08 21.40 8.51
N THR K 1140 5.74 20.96 7.45
CA THR K 1140 5.05 20.62 6.21
C THR K 1140 4.84 19.11 6.15
N ALA K 1141 3.96 18.70 5.22
CA ALA K 1141 3.74 17.27 5.01
C ALA K 1141 4.96 16.59 4.39
N ASN K 1142 5.82 17.36 3.72
CA ASN K 1142 6.98 16.77 3.07
C ASN K 1142 7.91 16.11 4.07
N THR K 1143 8.13 16.75 5.22
CA THR K 1143 8.99 16.17 6.24
C THR K 1143 8.36 14.90 6.81
N ILE K 1144 7.04 14.89 6.96
CA ILE K 1144 6.36 13.70 7.46
C ILE K 1144 6.54 12.53 6.49
N LEU K 1145 6.35 12.80 5.19
CA LEU K 1145 6.59 11.76 4.18
C LEU K 1145 8.04 11.29 4.22
N ASN K 1146 8.99 12.23 4.36
CA ASN K 1146 10.39 11.85 4.40
C ASN K 1146 10.67 10.92 5.57
N VAL K 1147 10.14 11.25 6.74
CA VAL K 1147 10.40 10.42 7.92
C VAL K 1147 9.76 9.04 7.76
N ILE K 1148 8.50 9.01 7.33
CA ILE K 1148 7.81 7.73 7.20
C ILE K 1148 8.49 6.83 6.18
N GLU K 1149 9.02 7.43 5.10
CA GLU K 1149 9.81 6.64 4.16
C GLU K 1149 11.10 6.15 4.81
N LYS K 1150 11.78 7.03 5.53
CA LYS K 1150 13.06 6.66 6.15
C LYS K 1150 12.88 5.81 7.39
N LEU K 1151 11.71 5.83 8.03
CA LEU K 1151 11.54 5.08 9.26
C LEU K 1151 11.36 3.59 9.01
N GLY K 1152 10.73 3.23 7.90
CA GLY K 1152 10.40 1.84 7.63
C GLY K 1152 8.90 1.63 7.54
N THR K 1153 8.53 0.37 7.30
CA THR K 1153 7.13 0.01 7.08
C THR K 1153 6.53 -0.75 8.26
N ASN K 1154 7.23 -1.73 8.80
CA ASN K 1154 6.65 -2.70 9.74
C ASN K 1154 6.34 -2.10 11.12
N HIS K 1155 6.44 -0.80 11.34
CA HIS K 1155 6.15 -0.23 12.65
C HIS K 1155 4.64 -0.23 12.91
N SER K 1156 4.29 -0.10 14.19
CA SER K 1156 2.91 -0.12 14.63
C SER K 1156 2.40 1.30 14.83
N VAL K 1157 1.16 1.42 15.32
CA VAL K 1157 0.55 2.73 15.53
C VAL K 1157 1.27 3.49 16.62
N GLY K 1158 1.49 2.84 17.77
CA GLY K 1158 2.07 3.51 18.91
C GLY K 1158 3.48 4.01 18.65
N ASP K 1159 4.25 3.28 17.83
CA ASP K 1159 5.57 3.74 17.45
C ASP K 1159 5.50 5.06 16.71
N LEU K 1160 4.57 5.16 15.76
CA LEU K 1160 4.38 6.41 15.03
C LEU K 1160 3.90 7.51 15.97
N VAL K 1161 3.02 7.19 16.90
CA VAL K 1161 2.53 8.19 17.86
C VAL K 1161 3.69 8.75 18.67
N THR K 1162 4.56 7.87 19.16
CA THR K 1162 5.72 8.32 19.92
C THR K 1162 6.65 9.16 19.06
N VAL K 1163 6.87 8.76 17.81
CA VAL K 1163 7.73 9.54 16.92
C VAL K 1163 7.16 10.93 16.71
N PHE K 1164 5.83 11.03 16.55
CA PHE K 1164 5.22 12.34 16.36
C PHE K 1164 5.25 13.17 17.64
N THR K 1165 5.18 12.54 18.81
CA THR K 1165 5.39 13.29 20.05
C THR K 1165 6.79 13.87 20.10
N LEU K 1166 7.80 13.08 19.73
CA LEU K 1166 9.13 13.64 19.58
C LEU K 1166 9.22 14.66 18.45
N MET K 1167 8.25 14.69 17.54
CA MET K 1167 8.11 15.77 16.57
C MET K 1167 7.32 16.95 17.13
N ASN K 1168 7.05 16.94 18.44
CA ASN K 1168 6.33 17.98 19.17
C ASN K 1168 4.84 18.02 18.84
N ILE K 1169 4.36 17.15 17.96
CA ILE K 1169 2.99 17.17 17.49
C ILE K 1169 2.04 16.81 18.63
N GLU K 1170 0.84 17.38 18.61
CA GLU K 1170 -0.21 17.04 19.55
C GLU K 1170 -0.61 15.58 19.42
N THR K 1171 -1.01 14.98 20.54
CA THR K 1171 -1.20 13.54 20.58
C THR K 1171 -2.43 13.09 19.79
N ARG K 1172 -3.51 13.86 19.77
CA ARG K 1172 -4.70 13.44 19.06
C ARG K 1172 -4.56 13.56 17.55
N VAL K 1173 -3.94 14.65 17.09
CA VAL K 1173 -3.64 14.78 15.67
C VAL K 1173 -2.69 13.67 15.23
N ALA K 1174 -1.71 13.37 16.06
CA ALA K 1174 -0.79 12.27 15.78
C ALA K 1174 -1.54 10.94 15.71
N GLU K 1175 -2.50 10.73 16.61
CA GLU K 1175 -3.26 9.49 16.61
C GLU K 1175 -4.07 9.36 15.33
N GLU K 1176 -4.74 10.43 14.91
CA GLU K 1176 -5.52 10.39 13.68
C GLU K 1176 -4.63 10.12 12.48
N LEU K 1177 -3.48 10.79 12.42
CA LEU K 1177 -2.59 10.67 11.26
C LEU K 1177 -1.97 9.27 11.20
N ALA K 1178 -1.58 8.73 12.35
CA ALA K 1178 -1.04 7.37 12.39
C ALA K 1178 -2.10 6.34 12.02
N GLU K 1179 -3.34 6.54 12.47
CA GLU K 1179 -4.41 5.62 12.07
C GLU K 1179 -4.63 5.68 10.57
N TYR K 1180 -4.55 6.88 9.99
CA TYR K 1180 -4.70 7.03 8.56
C TYR K 1180 -3.63 6.25 7.80
N MET K 1181 -2.37 6.41 8.18
CA MET K 1181 -1.33 5.68 7.47
C MET K 1181 -1.42 4.17 7.73
N THR K 1182 -1.80 3.75 8.93
CA THR K 1182 -1.91 2.32 9.15
C THR K 1182 -3.08 1.72 8.38
N SER K 1183 -4.09 2.52 8.05
CA SER K 1183 -5.11 2.06 7.12
C SER K 1183 -4.62 2.02 5.69
N GLU K 1184 -3.79 3.00 5.30
CA GLU K 1184 -3.31 3.10 3.92
C GLU K 1184 -2.09 2.20 3.66
N LYS K 1185 -1.61 1.51 4.70
CA LYS K 1185 -0.40 0.71 4.70
C LYS K 1185 -0.09 -0.06 3.41
N ILE K 1186 -1.00 -0.96 3.01
CA ILE K 1186 -0.67 -1.94 1.99
C ILE K 1186 -0.44 -1.28 0.62
N ARG K 1187 -1.33 -0.38 0.23
CA ARG K 1187 -1.27 0.27 -1.08
C ARG K 1187 -0.62 1.65 -0.99
N PHE K 1188 0.31 1.83 -0.05
CA PHE K 1188 1.04 3.08 0.09
C PHE K 1188 2.35 2.98 -0.68
N ASP K 1189 2.64 4.01 -1.47
CA ASP K 1189 3.86 4.07 -2.27
C ASP K 1189 4.74 5.22 -1.80
N ALA K 1190 6.00 5.19 -2.22
CA ALA K 1190 6.99 6.18 -1.81
C ALA K 1190 7.00 7.41 -2.70
N LEU K 1191 5.92 7.67 -3.42
CA LEU K 1191 5.91 8.69 -4.46
C LEU K 1191 5.29 9.97 -3.95
N LYS K 1192 5.86 11.10 -4.37
CA LYS K 1192 5.37 12.42 -4.03
C LYS K 1192 4.75 13.06 -5.27
N LEU K 1193 3.59 13.69 -5.09
CA LEU K 1193 2.89 14.34 -6.20
C LEU K 1193 3.20 15.82 -6.17
N LEU K 1194 3.90 16.30 -7.20
CA LEU K 1194 4.22 17.71 -7.33
C LEU K 1194 3.40 18.25 -8.49
N LYS K 1195 2.25 18.85 -8.15
CA LYS K 1195 1.42 19.48 -9.17
C LYS K 1195 1.74 20.97 -9.24
N LYS K 1196 1.68 21.50 -10.45
CA LYS K 1196 2.00 22.91 -10.66
C LYS K 1196 0.77 23.80 -10.48
N GLY K 1197 0.11 23.63 -9.34
CA GLY K 1197 -1.05 24.44 -9.01
C GLY K 1197 -2.22 24.29 -9.95
N ILE K 1198 -2.34 23.16 -10.64
CA ILE K 1198 -3.43 23.00 -11.58
C ILE K 1198 -4.72 22.70 -10.82
N ALA K 1199 -5.84 23.01 -11.49
CA ALA K 1199 -7.19 22.74 -10.97
C ALA K 1199 -7.45 23.39 -9.62
N GLY K 1200 -6.69 24.42 -9.28
CA GLY K 1200 -6.85 25.10 -8.01
C GLY K 1200 -7.44 26.48 -8.06
N ASP K 1201 -7.72 27.01 -9.25
CA ASP K 1201 -8.17 28.39 -9.36
C ASP K 1201 -9.65 28.50 -8.98
N GLU K 1202 -10.21 29.69 -9.22
CA GLU K 1202 -11.59 29.95 -8.84
C GLU K 1202 -12.56 29.14 -9.69
N PHE K 1203 -12.36 29.12 -11.01
CA PHE K 1203 -13.36 28.56 -11.91
C PHE K 1203 -13.38 27.04 -11.88
N THR K 1204 -12.22 26.40 -11.79
CA THR K 1204 -12.17 24.95 -11.92
C THR K 1204 -12.89 24.26 -10.76
N MET K 1205 -12.81 24.83 -9.57
CA MET K 1205 -13.53 24.26 -8.43
C MET K 1205 -15.05 24.30 -8.62
N SER K 1206 -15.55 25.08 -9.56
CA SER K 1206 -16.95 25.01 -9.92
C SER K 1206 -17.27 23.88 -10.87
N LEU K 1207 -16.31 23.44 -11.67
CA LEU K 1207 -16.54 22.39 -12.65
C LEU K 1207 -16.57 21.02 -12.00
N ASN K 1208 -17.29 20.09 -12.64
CA ASN K 1208 -17.38 18.72 -12.16
C ASN K 1208 -16.19 17.92 -12.70
N VAL K 1209 -15.01 18.27 -12.17
CA VAL K 1209 -13.76 17.67 -12.60
C VAL K 1209 -12.99 17.21 -11.37
N ALA K 1210 -12.03 16.31 -11.61
CA ALA K 1210 -11.18 15.74 -10.56
C ALA K 1210 -12.00 15.09 -9.46
N THR K 1211 -13.11 14.48 -9.81
CA THR K 1211 -13.95 13.74 -8.87
C THR K 1211 -14.01 12.28 -9.28
N GLN K 1212 -14.52 11.45 -8.37
CA GLN K 1212 -14.64 10.02 -8.66
C GLN K 1212 -15.59 9.77 -9.81
N ASP K 1213 -16.70 10.51 -9.86
CA ASP K 1213 -17.64 10.37 -10.96
C ASP K 1213 -16.99 10.74 -12.29
N PHE K 1214 -16.19 11.81 -12.27
CA PHE K 1214 -15.49 12.21 -13.49
C PHE K 1214 -14.54 11.13 -13.97
N ILE K 1215 -13.80 10.50 -13.03
CA ILE K 1215 -12.88 9.43 -13.40
C ILE K 1215 -13.64 8.25 -13.98
N ASP K 1216 -14.73 7.85 -13.33
CA ASP K 1216 -15.51 6.72 -13.81
C ASP K 1216 -16.17 7.00 -15.15
N THR K 1217 -16.42 8.28 -15.45
CA THR K 1217 -17.11 8.62 -16.69
C THR K 1217 -16.17 8.81 -17.86
N TYR K 1218 -15.00 9.40 -17.65
CA TYR K 1218 -14.17 9.85 -18.77
C TYR K 1218 -12.86 9.09 -18.93
N LEU K 1219 -12.43 8.31 -17.94
CA LEU K 1219 -11.10 7.71 -17.95
C LEU K 1219 -11.19 6.20 -17.77
N ALA K 1220 -10.38 5.48 -18.54
CA ALA K 1220 -10.16 4.05 -18.33
C ALA K 1220 -8.67 3.79 -18.34
N TYR K 1221 -8.16 3.19 -17.27
CA TYR K 1221 -6.74 3.03 -17.07
C TYR K 1221 -6.41 1.60 -16.69
N PRO K 1222 -5.22 1.13 -17.04
CA PRO K 1222 -4.82 -0.22 -16.62
C PRO K 1222 -4.72 -0.32 -15.11
N TYR K 1223 -5.13 -1.48 -14.59
CA TYR K 1223 -5.17 -1.72 -13.16
C TYR K 1223 -3.78 -1.76 -12.52
N GLN K 1224 -2.72 -1.85 -13.32
CA GLN K 1224 -1.38 -2.00 -12.76
C GLN K 1224 -0.95 -0.76 -12.00
N LEU K 1225 -1.42 0.41 -12.43
CA LEU K 1225 -0.91 1.66 -11.90
C LEU K 1225 -1.39 1.86 -10.47
N THR K 1226 -0.52 2.39 -9.62
CA THR K 1226 -0.86 2.56 -8.21
C THR K 1226 -1.50 3.92 -8.00
N LYS K 1227 -1.69 4.31 -6.72
CA LYS K 1227 -2.58 5.41 -6.40
C LYS K 1227 -2.03 6.75 -6.88
N THR K 1228 -0.76 7.04 -6.60
CA THR K 1228 -0.19 8.31 -7.02
C THR K 1228 -0.14 8.41 -8.53
N GLU K 1229 0.17 7.31 -9.21
CA GLU K 1229 0.22 7.32 -10.66
C GLU K 1229 -1.15 7.57 -11.27
N VAL K 1230 -2.20 6.93 -10.72
CA VAL K 1230 -3.52 7.19 -11.28
C VAL K 1230 -3.98 8.59 -10.92
N ASP K 1231 -3.50 9.16 -9.82
CA ASP K 1231 -3.80 10.56 -9.54
C ASP K 1231 -3.18 11.47 -10.60
N ALA K 1232 -1.93 11.20 -10.98
CA ALA K 1232 -1.31 11.99 -12.03
C ALA K 1232 -2.04 11.83 -13.36
N ILE K 1233 -2.46 10.60 -13.67
CA ILE K 1233 -3.24 10.36 -14.88
C ILE K 1233 -4.55 11.13 -14.83
N SER K 1234 -5.18 11.19 -13.65
CA SER K 1234 -6.43 11.92 -13.52
C SER K 1234 -6.23 13.40 -13.75
N LEU K 1235 -5.14 13.97 -13.24
CA LEU K 1235 -4.87 15.38 -13.49
C LEU K 1235 -4.65 15.64 -14.98
N TYR K 1236 -3.89 14.76 -15.64
CA TYR K 1236 -3.69 14.87 -17.07
C TYR K 1236 -5.02 14.81 -17.82
N CYS K 1237 -5.90 13.89 -17.40
CA CYS K 1237 -7.20 13.76 -18.04
C CYS K 1237 -8.04 15.01 -17.86
N THR K 1238 -8.01 15.60 -16.66
CA THR K 1238 -8.77 16.83 -16.43
C THR K 1238 -8.31 17.92 -17.38
N GLN K 1239 -6.99 18.09 -17.49
CA GLN K 1239 -6.46 19.13 -18.38
C GLN K 1239 -6.87 18.88 -19.82
N MET K 1240 -6.74 17.62 -20.27
CA MET K 1240 -7.04 17.30 -21.66
C MET K 1240 -8.51 17.49 -21.99
N ILE K 1241 -9.39 17.05 -21.09
CA ILE K 1241 -10.82 17.17 -21.37
C ILE K 1241 -11.24 18.63 -21.36
N MET K 1242 -10.71 19.43 -20.42
CA MET K 1242 -11.02 20.85 -20.43
C MET K 1242 -10.55 21.50 -21.72
N LEU K 1243 -9.36 21.14 -22.20
CA LEU K 1243 -8.86 21.70 -23.44
C LEU K 1243 -9.76 21.31 -24.61
N ARG K 1244 -10.14 20.04 -24.69
CA ARG K 1244 -10.94 19.58 -25.82
C ARG K 1244 -12.32 20.22 -25.82
N ALA K 1245 -12.89 20.45 -24.62
CA ALA K 1245 -14.15 21.17 -24.54
C ALA K 1245 -13.98 22.61 -24.98
N ALA K 1246 -12.84 23.23 -24.64
CA ALA K 1246 -12.63 24.63 -24.98
C ALA K 1246 -12.58 24.84 -26.49
N LEU K 1247 -11.89 23.95 -27.21
CA LEU K 1247 -11.78 24.07 -28.66
C LEU K 1247 -13.01 23.60 -29.40
N GLY K 1248 -13.98 23.00 -28.72
CA GLY K 1248 -15.16 22.51 -29.39
C GLY K 1248 -15.02 21.17 -30.06
N LEU K 1249 -13.93 20.46 -29.81
CA LEU K 1249 -13.79 19.11 -30.35
C LEU K 1249 -14.84 18.20 -29.72
N PRO K 1250 -15.30 17.19 -30.46
CA PRO K 1250 -16.35 16.31 -29.94
C PRO K 1250 -15.89 15.57 -28.69
N LYS K 1251 -16.85 15.33 -27.79
CA LYS K 1251 -16.56 14.71 -26.50
C LYS K 1251 -16.47 13.20 -26.66
N LYS K 1252 -15.38 12.62 -26.15
CA LYS K 1252 -15.12 11.19 -26.24
C LYS K 1252 -14.39 10.74 -25.00
N LYS K 1253 -14.54 9.47 -24.65
CA LYS K 1253 -13.81 8.90 -23.53
C LYS K 1253 -12.36 8.67 -23.91
N MET K 1254 -11.47 8.81 -22.92
CA MET K 1254 -10.04 8.69 -23.12
C MET K 1254 -9.57 7.31 -22.67
N LYS K 1255 -8.76 6.67 -23.51
CA LYS K 1255 -8.23 5.34 -23.27
C LYS K 1255 -6.73 5.45 -23.02
N ILE K 1256 -6.24 4.76 -22.00
CA ILE K 1256 -4.81 4.61 -21.76
C ILE K 1256 -4.43 3.25 -22.32
N VAL K 1257 -3.70 3.22 -23.42
CA VAL K 1257 -3.49 1.98 -24.17
C VAL K 1257 -2.05 1.52 -24.01
N VAL K 1258 -1.88 0.23 -23.76
CA VAL K 1258 -0.56 -0.42 -23.68
C VAL K 1258 -0.55 -1.56 -24.68
N THR K 1259 0.35 -1.47 -25.66
CA THR K 1259 0.37 -2.38 -26.80
C THR K 1259 1.16 -3.65 -26.44
N ASP K 1260 0.76 -4.76 -27.06
CA ASP K 1260 1.35 -6.07 -26.78
C ASP K 1260 2.80 -6.18 -27.27
N ASP K 1261 3.30 -5.23 -28.06
CA ASP K 1261 4.67 -5.28 -28.53
C ASP K 1261 5.64 -5.32 -27.37
N ALA K 1262 6.51 -6.34 -27.35
CA ALA K 1262 7.30 -6.65 -26.17
C ALA K 1262 8.29 -5.54 -25.84
N LYS K 1263 8.88 -4.92 -26.85
CA LYS K 1263 9.89 -3.89 -26.62
C LYS K 1263 9.31 -2.70 -25.86
N LYS K 1264 8.10 -2.28 -26.23
CA LYS K 1264 7.46 -1.17 -25.52
C LYS K 1264 7.20 -1.54 -24.06
N ARG K 1265 6.62 -2.71 -23.82
CA ARG K 1265 6.34 -3.11 -22.45
C ARG K 1265 7.61 -3.20 -21.63
N TYR K 1266 8.70 -3.67 -22.24
CA TYR K 1266 9.98 -3.67 -21.54
C TYR K 1266 10.43 -2.26 -21.20
N LYS K 1267 10.24 -1.31 -22.12
CA LYS K 1267 10.69 0.06 -21.86
C LYS K 1267 9.91 0.70 -20.72
N ILE K 1268 8.58 0.58 -20.72
CA ILE K 1268 7.80 1.10 -19.60
C ILE K 1268 8.12 0.35 -18.30
N ARG K 1269 8.40 -0.96 -18.39
CA ARG K 1269 8.79 -1.69 -17.19
C ARG K 1269 10.08 -1.13 -16.59
N LEU K 1270 11.07 -0.88 -17.44
CA LEU K 1270 12.33 -0.32 -16.95
C LEU K 1270 12.13 1.07 -16.38
N GLN K 1271 11.32 1.89 -17.05
CA GLN K 1271 11.08 3.25 -16.56
C GLN K 1271 10.39 3.23 -15.20
N ARG K 1272 9.39 2.37 -15.03
CA ARG K 1272 8.70 2.29 -13.75
C ARG K 1272 9.65 1.79 -12.66
N PHE K 1273 10.50 0.81 -12.98
CA PHE K 1273 11.45 0.32 -11.99
C PHE K 1273 12.43 1.41 -11.59
N ARG K 1274 12.89 2.21 -12.54
CA ARG K 1274 13.73 3.34 -12.19
C ARG K 1274 12.99 4.34 -11.33
N THR K 1275 11.72 4.61 -11.66
CA THR K 1275 10.97 5.64 -10.97
C THR K 1275 10.72 5.27 -9.52
N HIS K 1276 10.26 4.04 -9.28
CA HIS K 1276 9.94 3.65 -7.91
C HIS K 1276 11.19 3.47 -7.07
N VAL K 1277 12.18 2.75 -7.59
CA VAL K 1277 13.45 2.57 -6.91
C VAL K 1277 14.57 3.12 -7.78
N PRO K 1278 15.03 4.34 -7.51
CA PRO K 1278 16.11 4.92 -8.31
C PRO K 1278 17.46 4.47 -7.81
N LYS K 1279 18.44 4.49 -8.72
CA LYS K 1279 19.77 4.01 -8.40
C LYS K 1279 20.51 4.94 -7.45
N ILE K 1280 20.01 6.17 -7.27
CA ILE K 1280 20.76 7.14 -6.48
C ILE K 1280 20.41 7.06 -5.00
N LYS K 1281 19.13 7.05 -4.62
CA LYS K 1281 18.81 7.01 -3.19
C LYS K 1281 18.66 5.60 -2.65
N VAL K 1282 18.74 4.58 -3.52
CA VAL K 1282 18.84 3.22 -3.04
C VAL K 1282 20.12 3.04 -2.22
N LEU K 1283 21.12 3.88 -2.48
CA LEU K 1283 22.33 3.86 -1.67
C LEU K 1283 22.14 4.65 -0.38
N LYS K 1284 21.66 5.89 -0.49
CA LYS K 1284 21.63 6.76 0.67
C LYS K 1284 20.51 6.38 1.64
N LYS K 1285 19.27 6.41 1.17
CA LYS K 1285 18.14 6.23 2.07
C LYS K 1285 18.00 4.80 2.56
N LEU K 1286 18.63 3.84 1.88
CA LEU K 1286 18.66 2.44 2.28
C LEU K 1286 17.23 1.90 2.48
N ILE K 1287 16.45 1.98 1.42
CA ILE K 1287 15.04 1.64 1.50
C ILE K 1287 14.87 0.12 1.63
N ASP K 1288 13.80 -0.28 2.31
CA ASP K 1288 13.50 -1.70 2.47
C ASP K 1288 12.87 -2.24 1.19
N PRO K 1289 13.31 -3.39 0.69
CA PRO K 1289 12.70 -3.98 -0.51
C PRO K 1289 11.46 -4.81 -0.24
N ASN K 1290 10.90 -4.77 0.96
CA ASN K 1290 9.76 -5.59 1.32
C ASN K 1290 8.42 -4.88 1.18
N ARG K 1291 8.41 -3.65 0.68
CA ARG K 1291 7.17 -2.95 0.43
C ARG K 1291 6.38 -3.67 -0.65
N MET K 1292 5.05 -3.72 -0.48
CA MET K 1292 4.22 -4.48 -1.40
C MET K 1292 4.33 -3.98 -2.83
N THR K 1293 4.48 -2.66 -3.01
CA THR K 1293 4.52 -2.09 -4.35
C THR K 1293 5.77 -2.54 -5.11
N VAL K 1294 6.93 -2.50 -4.46
CA VAL K 1294 8.17 -2.84 -5.15
C VAL K 1294 8.19 -4.33 -5.50
N ARG K 1295 7.64 -5.17 -4.63
CA ARG K 1295 7.52 -6.58 -4.97
C ARG K 1295 6.54 -6.80 -6.12
N ASN K 1296 5.44 -6.06 -6.13
CA ASN K 1296 4.46 -6.19 -7.21
C ASN K 1296 5.06 -5.75 -8.54
N LEU K 1297 6.05 -4.84 -8.51
CA LEU K 1297 6.70 -4.39 -9.73
C LEU K 1297 7.38 -5.50 -10.51
N GLU K 1298 7.66 -6.65 -9.87
CA GLU K 1298 8.46 -7.68 -10.52
C GLU K 1298 7.78 -8.25 -11.76
N ASN K 1299 6.49 -8.54 -11.67
CA ASN K 1299 5.77 -9.17 -12.78
C ASN K 1299 4.53 -8.37 -13.17
N GLN K 1300 4.58 -7.05 -13.02
CA GLN K 1300 3.40 -6.23 -13.23
C GLN K 1300 3.08 -6.05 -14.71
N PHE K 1301 4.12 -5.89 -15.54
CA PHE K 1301 3.96 -5.65 -16.97
C PHE K 1301 4.74 -6.67 -17.79
N VAL K 1302 4.66 -7.93 -17.39
CA VAL K 1302 5.35 -8.99 -18.11
C VAL K 1302 4.40 -9.63 -19.11
#